data_2MEJ
#
_entry.id   2MEJ
#
_cell.length_a   1.000
_cell.length_b   1.000
_cell.length_c   1.000
_cell.angle_alpha   90.00
_cell.angle_beta   90.00
_cell.angle_gamma   90.00
#
_symmetry.space_group_name_H-M   'P 1'
#
loop_
_entity.id
_entity.type
_entity.pdbx_description
1 polymer 'Bcl-2-like protein 1'
2 polymer 'Cellular tumor antigen p53'
3 non-polymer 'ZINC ION'
#
loop_
_entity_poly.entity_id
_entity_poly.type
_entity_poly.pdbx_seq_one_letter_code
_entity_poly.pdbx_strand_id
1 'polypeptide(L)'
;GHSMSQSNRELVVDFLSYKLSQKGYSWSQFSDVEENRTEAPEGTESEMETPSAINGNPSWHLADSPAVNGATGHSSSLDA
REVIPMAAVKQALREAGDEFELRYRRAFSDLTSQLHITPGTAYQSFEQVVNELFRDGVNWGRIVAFFSFGGALCVESVDK
EMQVLVSRIAAWMATYLNDHLEPWIQENGGWDTFVELYGNNAAAESRKGQER
;
A
2 'polypeptide(L)'
;SVPSQKTYQGSYGFRLGFLHSGTAKSVTCTYSPALNKMFCQLAKTCPVQLWVDSTPPPGTRVRAMAIYKQSQHMTEVVRR
CPHHERCSDSDGLAPPQHLIRVEGNLRVEYLDDRNTFRHSVVVPYEPPEVGSDCTTIHYNYMCNSSCMGGMNRRPILTII
TLEDSSGNLLGRNSFEVRVCACPGRDRRTEEENLRKKGEPHHELPPGSTKRALPNNT
;
B
#
loop_
_chem_comp.id
_chem_comp.type
_chem_comp.name
_chem_comp.formula
ZN non-polymer 'ZINC ION' 'Zn 2'
#
# COMPACT_ATOMS: atom_id res chain seq x y z
N MET A 4 -32.18 -23.86 7.80
CA MET A 4 -31.03 -22.96 7.60
C MET A 4 -29.92 -23.65 6.80
N SER A 5 -29.98 -23.47 5.48
CA SER A 5 -29.00 -24.07 4.59
C SER A 5 -27.72 -23.25 4.55
N GLN A 6 -27.83 -22.02 5.06
CA GLN A 6 -26.69 -21.09 5.10
C GLN A 6 -26.22 -20.75 3.69
N SER A 7 -27.17 -20.68 2.78
CA SER A 7 -26.89 -20.37 1.38
C SER A 7 -26.26 -18.97 1.26
N ASN A 8 -26.68 -18.08 2.14
CA ASN A 8 -26.17 -16.72 2.16
C ASN A 8 -24.74 -16.72 2.69
N ARG A 9 -24.56 -17.36 3.85
CA ARG A 9 -23.25 -17.44 4.49
C ARG A 9 -22.24 -18.15 3.59
N GLU A 10 -22.72 -19.18 2.88
CA GLU A 10 -21.87 -19.95 1.99
C GLU A 10 -21.44 -19.12 0.78
N LEU A 11 -22.39 -18.42 0.16
CA LEU A 11 -22.09 -17.63 -1.02
C LEU A 11 -21.10 -16.50 -0.71
N VAL A 12 -21.26 -15.86 0.43
CA VAL A 12 -20.37 -14.77 0.83
C VAL A 12 -18.92 -15.24 0.93
N VAL A 13 -18.70 -16.34 1.65
CA VAL A 13 -17.36 -16.87 1.83
C VAL A 13 -16.84 -17.51 0.54
N ASP A 14 -17.76 -18.04 -0.28
CA ASP A 14 -17.40 -18.66 -1.54
C ASP A 14 -16.82 -17.61 -2.50
N PHE A 15 -17.54 -16.50 -2.64
CA PHE A 15 -17.10 -15.42 -3.50
C PHE A 15 -15.76 -14.86 -3.01
N LEU A 16 -15.63 -14.75 -1.69
CA LEU A 16 -14.41 -14.25 -1.08
C LEU A 16 -13.24 -15.15 -1.42
N SER A 17 -13.43 -16.46 -1.27
CA SER A 17 -12.40 -17.44 -1.57
C SER A 17 -12.06 -17.42 -3.05
N TYR A 18 -13.06 -17.16 -3.89
CA TYR A 18 -12.87 -17.09 -5.33
C TYR A 18 -11.91 -15.96 -5.69
N LYS A 19 -12.12 -14.79 -5.07
CA LYS A 19 -11.26 -13.64 -5.33
C LYS A 19 -9.91 -13.84 -4.67
N LEU A 20 -9.89 -14.55 -3.55
CA LEU A 20 -8.66 -14.83 -2.82
C LEU A 20 -7.76 -15.75 -3.64
N SER A 21 -8.32 -16.32 -4.69
CA SER A 21 -7.58 -17.22 -5.57
C SER A 21 -7.10 -16.49 -6.82
N GLN A 22 -7.08 -15.16 -6.76
CA GLN A 22 -6.65 -14.35 -7.90
C GLN A 22 -5.15 -14.48 -8.16
N LYS A 23 -4.35 -13.71 -7.43
CA LYS A 23 -2.90 -13.73 -7.59
C LYS A 23 -2.25 -13.15 -6.34
N GLY A 24 -1.23 -13.84 -5.83
CA GLY A 24 -0.54 -13.38 -4.65
C GLY A 24 -1.15 -13.92 -3.38
N TYR A 25 -1.45 -15.22 -3.37
CA TYR A 25 -2.05 -15.84 -2.20
C TYR A 25 -1.20 -16.99 -1.67
N SER A 26 -0.92 -16.95 -0.38
CA SER A 26 -0.12 -17.98 0.26
C SER A 26 -0.98 -18.88 1.15
N TRP A 27 -1.39 -18.35 2.30
CA TRP A 27 -2.21 -19.10 3.24
C TRP A 27 -3.58 -19.45 2.68
N SER A 28 -4.06 -18.63 1.75
CA SER A 28 -5.36 -18.87 1.13
C SER A 28 -5.30 -20.01 0.11
N GLN A 29 -4.10 -20.54 -0.10
CA GLN A 29 -3.91 -21.64 -1.04
C GLN A 29 -3.84 -22.96 -0.30
N PHE A 30 -3.28 -22.93 0.90
CA PHE A 30 -3.13 -24.14 1.70
C PHE A 30 -4.21 -24.22 2.78
N SER A 31 -4.82 -23.09 3.09
CA SER A 31 -5.86 -23.04 4.10
C SER A 31 -6.95 -22.05 3.71
N MET A 86 -32.23 -23.91 -8.16
CA MET A 86 -31.33 -22.89 -7.64
C MET A 86 -31.63 -21.55 -8.29
N ALA A 87 -30.99 -20.50 -7.80
CA ALA A 87 -31.17 -19.16 -8.35
C ALA A 87 -29.92 -18.70 -9.07
N ALA A 88 -28.90 -19.56 -9.09
CA ALA A 88 -27.63 -19.27 -9.76
C ALA A 88 -26.97 -18.02 -9.16
N VAL A 89 -27.10 -17.87 -7.85
CA VAL A 89 -26.54 -16.73 -7.14
C VAL A 89 -25.01 -16.70 -7.29
N LYS A 90 -24.41 -17.88 -7.31
CA LYS A 90 -22.96 -18.00 -7.46
C LYS A 90 -22.51 -17.43 -8.79
N GLN A 91 -23.23 -17.80 -9.85
CA GLN A 91 -22.91 -17.32 -11.19
C GLN A 91 -23.14 -15.82 -11.31
N ALA A 92 -24.26 -15.35 -10.75
CA ALA A 92 -24.61 -13.93 -10.78
C ALA A 92 -23.54 -13.10 -10.09
N LEU A 93 -23.10 -13.55 -8.92
CA LEU A 93 -22.08 -12.85 -8.17
C LEU A 93 -20.71 -12.98 -8.84
N ARG A 94 -20.49 -14.12 -9.49
CA ARG A 94 -19.23 -14.37 -10.17
C ARG A 94 -19.02 -13.40 -11.32
N GLU A 95 -20.03 -13.28 -12.18
CA GLU A 95 -19.94 -12.40 -13.34
C GLU A 95 -19.82 -10.93 -12.94
N ALA A 96 -20.81 -10.44 -12.21
CA ALA A 96 -20.81 -9.04 -11.77
C ALA A 96 -19.63 -8.72 -10.87
N GLY A 97 -19.31 -9.63 -9.96
CA GLY A 97 -18.23 -9.40 -9.03
C GLY A 97 -16.86 -9.38 -9.70
N ASP A 98 -16.66 -10.26 -10.67
CA ASP A 98 -15.38 -10.32 -11.38
C ASP A 98 -15.14 -9.08 -12.23
N GLU A 99 -16.21 -8.63 -12.89
CA GLU A 99 -16.12 -7.45 -13.74
C GLU A 99 -15.86 -6.19 -12.91
N PHE A 100 -16.38 -6.19 -11.69
CA PHE A 100 -16.18 -5.07 -10.79
C PHE A 100 -14.78 -5.11 -10.18
N GLU A 101 -14.33 -6.32 -9.85
CA GLU A 101 -13.02 -6.52 -9.25
C GLU A 101 -11.90 -5.94 -10.11
N LEU A 102 -11.98 -6.17 -11.42
CA LEU A 102 -10.97 -5.66 -12.34
C LEU A 102 -10.85 -4.14 -12.30
N ARG A 103 -11.93 -3.48 -11.90
CA ARG A 103 -11.94 -2.02 -11.81
C ARG A 103 -11.39 -1.57 -10.45
N TYR A 104 -11.56 -2.43 -9.46
CA TYR A 104 -11.10 -2.11 -8.11
C TYR A 104 -9.62 -2.44 -7.92
N ARG A 105 -9.13 -3.40 -8.69
CA ARG A 105 -7.73 -3.80 -8.60
C ARG A 105 -6.81 -2.83 -9.34
N ARG A 106 -7.26 -1.60 -9.53
CA ARG A 106 -6.48 -0.58 -10.21
C ARG A 106 -5.79 0.30 -9.17
N ALA A 107 -5.94 -0.08 -7.90
CA ALA A 107 -5.36 0.64 -6.76
C ALA A 107 -6.10 1.95 -6.50
N PHE A 108 -6.02 2.87 -7.45
CA PHE A 108 -6.69 4.16 -7.33
C PHE A 108 -8.15 4.05 -7.75
N SER A 109 -8.91 3.30 -6.97
CA SER A 109 -10.32 3.11 -7.22
C SER A 109 -11.14 3.56 -6.03
N ASP A 110 -12.35 3.02 -5.88
CA ASP A 110 -13.22 3.39 -4.77
C ASP A 110 -12.62 2.91 -3.45
N LEU A 111 -11.83 1.86 -3.52
CA LEU A 111 -11.19 1.27 -2.35
C LEU A 111 -10.30 2.29 -1.64
N THR A 112 -9.53 3.04 -2.41
CA THR A 112 -8.62 4.04 -1.87
C THR A 112 -9.36 5.13 -1.09
N SER A 113 -10.53 5.52 -1.58
CA SER A 113 -11.32 6.55 -0.93
C SER A 113 -12.15 5.98 0.22
N GLN A 114 -12.46 4.69 0.15
CA GLN A 114 -13.24 4.04 1.18
C GLN A 114 -12.37 3.68 2.38
N LEU A 115 -11.30 2.95 2.13
CA LEU A 115 -10.40 2.53 3.19
C LEU A 115 -9.44 3.67 3.56
N HIS A 116 -8.77 4.20 2.54
CA HIS A 116 -7.81 5.30 2.71
C HIS A 116 -6.70 4.91 3.70
N ILE A 117 -6.43 3.61 3.78
CA ILE A 117 -5.41 3.07 4.67
C ILE A 117 -5.66 3.53 6.11
N THR A 118 -6.70 2.95 6.70
CA THR A 118 -7.09 3.26 8.06
C THR A 118 -6.06 2.72 9.06
N PRO A 119 -5.72 3.51 10.09
CA PRO A 119 -4.76 3.12 11.14
C PRO A 119 -5.36 2.09 12.10
N GLY A 120 -5.94 1.04 11.52
CA GLY A 120 -6.55 -0.01 12.29
C GLY A 120 -7.24 -0.98 11.36
N THR A 121 -6.48 -1.41 10.35
CA THR A 121 -6.98 -2.32 9.33
C THR A 121 -7.16 -3.74 9.87
N ALA A 122 -8.17 -3.91 10.70
CA ALA A 122 -8.50 -5.18 11.32
C ALA A 122 -9.90 -5.11 11.89
N TYR A 123 -10.24 -3.96 12.46
CA TYR A 123 -11.54 -3.74 13.04
C TYR A 123 -12.20 -2.50 12.46
N GLN A 124 -11.42 -1.44 12.25
CA GLN A 124 -11.93 -0.20 11.70
C GLN A 124 -12.34 -0.40 10.24
N SER A 125 -11.60 -1.25 9.55
CA SER A 125 -11.87 -1.55 8.16
C SER A 125 -13.20 -2.29 8.03
N PHE A 126 -13.51 -3.12 9.01
CA PHE A 126 -14.75 -3.89 9.02
C PHE A 126 -15.94 -2.94 9.10
N GLU A 127 -15.90 -2.05 10.08
CA GLU A 127 -16.97 -1.07 10.27
C GLU A 127 -17.14 -0.21 9.02
N GLN A 128 -16.02 0.19 8.43
CA GLN A 128 -16.03 1.02 7.23
C GLN A 128 -16.79 0.34 6.08
N VAL A 129 -16.46 -0.92 5.82
CA VAL A 129 -17.10 -1.67 4.74
C VAL A 129 -18.57 -1.98 5.08
N VAL A 130 -18.81 -2.43 6.29
CA VAL A 130 -20.17 -2.77 6.73
C VAL A 130 -21.08 -1.55 6.73
N ASN A 131 -20.57 -0.43 7.23
CA ASN A 131 -21.36 0.80 7.28
C ASN A 131 -21.75 1.26 5.89
N GLU A 132 -20.87 1.00 4.91
CA GLU A 132 -21.12 1.37 3.52
C GLU A 132 -22.45 0.80 3.03
N LEU A 133 -22.70 -0.46 3.37
CA LEU A 133 -23.94 -1.12 2.96
C LEU A 133 -25.13 -0.45 3.64
N PHE A 134 -24.97 -0.14 4.93
CA PHE A 134 -26.04 0.49 5.69
C PHE A 134 -26.21 1.96 5.32
N ARG A 135 -25.27 2.49 4.55
CA ARG A 135 -25.34 3.88 4.09
C ARG A 135 -26.40 4.01 3.02
N ASP A 136 -26.83 2.88 2.49
CA ASP A 136 -27.88 2.83 1.48
C ASP A 136 -29.04 2.01 2.00
N GLY A 137 -28.70 0.86 2.58
CA GLY A 137 -29.72 -0.02 3.12
C GLY A 137 -29.87 -1.26 2.28
N VAL A 138 -31.08 -1.76 2.18
CA VAL A 138 -31.34 -2.95 1.38
C VAL A 138 -31.38 -2.58 -0.10
N ASN A 139 -30.23 -2.29 -0.66
CA ASN A 139 -30.12 -1.91 -2.05
C ASN A 139 -29.34 -2.94 -2.84
N TRP A 140 -29.98 -3.48 -3.87
CA TRP A 140 -29.38 -4.50 -4.72
C TRP A 140 -28.23 -3.92 -5.53
N GLY A 141 -28.22 -2.60 -5.68
CA GLY A 141 -27.15 -1.95 -6.42
C GLY A 141 -25.97 -1.69 -5.52
N ARG A 142 -26.23 -1.51 -4.23
CA ARG A 142 -25.18 -1.25 -3.26
C ARG A 142 -24.50 -2.54 -2.83
N ILE A 143 -25.26 -3.63 -2.79
CA ILE A 143 -24.71 -4.93 -2.40
C ILE A 143 -23.59 -5.37 -3.35
N VAL A 144 -23.69 -4.97 -4.61
CA VAL A 144 -22.67 -5.30 -5.60
C VAL A 144 -21.37 -4.64 -5.22
N ALA A 145 -21.44 -3.35 -4.88
CA ALA A 145 -20.26 -2.59 -4.49
C ALA A 145 -19.68 -3.15 -3.19
N PHE A 146 -20.58 -3.55 -2.28
CA PHE A 146 -20.18 -4.13 -1.00
C PHE A 146 -19.30 -5.35 -1.22
N PHE A 147 -19.76 -6.25 -2.08
CA PHE A 147 -19.02 -7.46 -2.40
C PHE A 147 -17.71 -7.13 -3.12
N SER A 148 -17.75 -6.08 -3.94
CA SER A 148 -16.58 -5.65 -4.69
C SER A 148 -15.50 -5.13 -3.76
N PHE A 149 -15.90 -4.35 -2.75
CA PHE A 149 -14.97 -3.79 -1.78
C PHE A 149 -14.21 -4.90 -1.07
N GLY A 150 -14.95 -5.83 -0.47
CA GLY A 150 -14.34 -6.93 0.25
C GLY A 150 -13.56 -7.86 -0.67
N GLY A 151 -14.13 -8.11 -1.86
CA GLY A 151 -13.48 -8.98 -2.81
C GLY A 151 -12.10 -8.49 -3.22
N ALA A 152 -12.01 -7.22 -3.59
CA ALA A 152 -10.73 -6.65 -4.02
C ALA A 152 -9.78 -6.50 -2.83
N LEU A 153 -10.34 -6.13 -1.68
CA LEU A 153 -9.55 -5.93 -0.47
C LEU A 153 -8.89 -7.22 0.00
N CYS A 154 -9.62 -8.33 -0.04
CA CYS A 154 -9.09 -9.61 0.39
C CYS A 154 -7.86 -10.03 -0.40
N VAL A 155 -7.88 -9.77 -1.72
CA VAL A 155 -6.75 -10.12 -2.58
C VAL A 155 -5.51 -9.35 -2.17
N GLU A 156 -5.65 -8.05 -1.98
CA GLU A 156 -4.53 -7.21 -1.59
C GLU A 156 -4.11 -7.47 -0.14
N SER A 157 -4.99 -8.09 0.63
CA SER A 157 -4.69 -8.38 2.03
C SER A 157 -3.68 -9.52 2.13
N VAL A 158 -3.79 -10.50 1.24
CA VAL A 158 -2.87 -11.62 1.22
C VAL A 158 -1.64 -11.28 0.38
N ASP A 159 -1.88 -10.52 -0.68
CA ASP A 159 -0.82 -10.09 -1.60
C ASP A 159 0.21 -9.25 -0.87
N LYS A 160 -0.23 -8.54 0.17
CA LYS A 160 0.65 -7.71 0.97
C LYS A 160 1.02 -8.39 2.28
N GLU A 161 0.69 -9.68 2.38
CA GLU A 161 0.97 -10.50 3.57
C GLU A 161 0.53 -9.83 4.87
N MET A 162 -0.59 -9.14 4.84
CA MET A 162 -1.10 -8.47 6.03
C MET A 162 -1.81 -9.48 6.92
N GLN A 163 -2.59 -10.35 6.29
CA GLN A 163 -3.33 -11.41 6.97
C GLN A 163 -4.44 -10.90 7.90
N VAL A 164 -4.04 -10.29 9.02
CA VAL A 164 -4.97 -9.77 10.03
C VAL A 164 -6.13 -8.97 9.42
N LEU A 165 -5.87 -8.28 8.32
CA LEU A 165 -6.88 -7.48 7.64
C LEU A 165 -8.09 -8.34 7.27
N VAL A 166 -7.88 -9.31 6.39
CA VAL A 166 -8.97 -10.18 5.93
C VAL A 166 -9.36 -11.22 6.99
N SER A 167 -8.39 -11.72 7.74
CA SER A 167 -8.66 -12.73 8.76
C SER A 167 -9.65 -12.23 9.82
N ARG A 168 -9.57 -10.97 10.17
CA ARG A 168 -10.46 -10.41 11.17
C ARG A 168 -11.80 -10.01 10.56
N ILE A 169 -11.75 -9.28 9.44
CA ILE A 169 -12.98 -8.83 8.77
C ILE A 169 -13.89 -10.00 8.43
N ALA A 170 -13.32 -11.05 7.84
CA ALA A 170 -14.09 -12.23 7.45
C ALA A 170 -14.74 -12.88 8.67
N ALA A 171 -14.02 -12.90 9.79
CA ALA A 171 -14.53 -13.49 11.02
C ALA A 171 -15.74 -12.72 11.54
N TRP A 172 -15.61 -11.41 11.64
CA TRP A 172 -16.70 -10.57 12.12
C TRP A 172 -17.87 -10.63 11.14
N MET A 173 -17.55 -10.56 9.85
CA MET A 173 -18.56 -10.60 8.79
C MET A 173 -19.37 -11.88 8.83
N ALA A 174 -18.69 -13.02 8.89
CA ALA A 174 -19.35 -14.32 8.94
C ALA A 174 -20.25 -14.44 10.17
N THR A 175 -19.81 -13.84 11.27
CA THR A 175 -20.57 -13.86 12.51
C THR A 175 -21.87 -13.07 12.36
N TYR A 176 -21.76 -11.79 12.01
CA TYR A 176 -22.94 -10.94 11.85
C TYR A 176 -23.82 -11.44 10.71
N LEU A 177 -23.19 -12.11 9.74
CA LEU A 177 -23.90 -12.65 8.60
C LEU A 177 -24.98 -13.62 9.06
N ASN A 178 -24.58 -14.70 9.71
CA ASN A 178 -25.55 -15.69 10.19
C ASN A 178 -26.35 -15.16 11.37
N ASP A 179 -25.79 -14.20 12.08
CA ASP A 179 -26.45 -13.62 13.25
C ASP A 179 -27.64 -12.75 12.89
N HIS A 180 -27.49 -11.90 11.88
CA HIS A 180 -28.58 -11.01 11.49
C HIS A 180 -28.82 -10.92 9.99
N LEU A 181 -27.75 -10.90 9.21
CA LEU A 181 -27.85 -10.77 7.75
C LEU A 181 -28.63 -11.91 7.08
N GLU A 182 -28.32 -13.16 7.44
CA GLU A 182 -28.99 -14.32 6.85
C GLU A 182 -30.52 -14.27 7.05
N PRO A 183 -31.01 -14.19 8.31
CA PRO A 183 -32.45 -14.12 8.56
C PRO A 183 -33.10 -12.86 7.98
N TRP A 184 -32.28 -11.85 7.73
CA TRP A 184 -32.75 -10.60 7.14
C TRP A 184 -32.99 -10.79 5.65
N ILE A 185 -31.98 -11.35 4.98
CA ILE A 185 -32.06 -11.61 3.54
C ILE A 185 -33.17 -12.62 3.26
N GLN A 186 -33.18 -13.69 4.05
CA GLN A 186 -34.20 -14.75 3.91
C GLN A 186 -35.50 -14.32 4.57
N GLU A 187 -36.00 -13.16 4.15
CA GLU A 187 -37.24 -12.60 4.67
C GLU A 187 -37.62 -11.37 3.86
N ASN A 188 -36.70 -10.41 3.80
CA ASN A 188 -36.93 -9.18 3.06
C ASN A 188 -36.62 -9.37 1.59
N GLY A 189 -35.48 -10.00 1.31
CA GLY A 189 -35.07 -10.23 -0.06
C GLY A 189 -33.66 -9.72 -0.31
N GLY A 190 -32.81 -10.61 -0.80
CA GLY A 190 -31.45 -10.24 -1.09
C GLY A 190 -31.02 -10.74 -2.46
N TRP A 191 -30.13 -11.73 -2.46
CA TRP A 191 -29.63 -12.30 -3.71
C TRP A 191 -30.75 -12.93 -4.52
N ASP A 192 -31.78 -13.41 -3.82
CA ASP A 192 -32.93 -14.04 -4.45
C ASP A 192 -33.65 -13.06 -5.36
N THR A 193 -33.79 -11.82 -4.89
CA THR A 193 -34.46 -10.79 -5.65
C THR A 193 -33.48 -10.17 -6.65
N PHE A 194 -32.19 -10.26 -6.33
CA PHE A 194 -31.15 -9.71 -7.20
C PHE A 194 -31.14 -10.45 -8.54
N VAL A 195 -31.23 -11.78 -8.48
CA VAL A 195 -31.23 -12.59 -9.69
C VAL A 195 -32.46 -12.26 -10.53
N GLU A 196 -33.57 -11.94 -9.87
CA GLU A 196 -34.81 -11.60 -10.56
C GLU A 196 -34.62 -10.48 -11.56
N LEU A 197 -33.86 -9.46 -11.19
CA LEU A 197 -33.63 -8.32 -12.07
C LEU A 197 -32.33 -8.42 -12.84
N TYR A 198 -31.47 -9.37 -12.46
CA TYR A 198 -30.18 -9.53 -13.11
C TYR A 198 -30.19 -10.62 -14.19
N GLY A 199 -30.69 -11.80 -13.86
CA GLY A 199 -30.69 -12.88 -14.83
C GLY A 199 -32.04 -13.55 -15.01
N ASN A 200 -33.09 -12.97 -14.47
CA ASN A 200 -34.44 -13.54 -14.59
C ASN A 200 -35.43 -12.49 -15.04
N ASN A 201 -34.92 -11.37 -15.53
CA ASN A 201 -35.76 -10.27 -15.97
C ASN A 201 -35.74 -10.17 -17.49
N SER B 1 25.00 -5.71 -8.06
CA SER B 1 25.68 -4.45 -7.78
C SER B 1 25.17 -3.82 -6.49
N VAL B 2 26.04 -3.74 -5.50
CA VAL B 2 25.68 -3.16 -4.21
C VAL B 2 26.15 -1.71 -4.15
N PRO B 3 25.20 -0.75 -4.09
CA PRO B 3 25.52 0.68 -4.03
C PRO B 3 26.28 1.04 -2.75
N SER B 4 27.13 2.06 -2.86
CA SER B 4 27.92 2.53 -1.73
C SER B 4 27.02 3.15 -0.67
N GLN B 5 26.71 2.38 0.37
CA GLN B 5 25.85 2.86 1.45
C GLN B 5 26.67 3.56 2.54
N LYS B 6 27.61 4.38 2.10
CA LYS B 6 28.46 5.12 3.03
C LYS B 6 27.85 6.49 3.28
N THR B 7 27.84 6.90 4.54
CA THR B 7 27.30 8.21 4.90
C THR B 7 28.24 9.30 4.42
N TYR B 8 28.02 9.74 3.20
CA TYR B 8 28.84 10.76 2.59
C TYR B 8 28.26 12.14 2.87
N GLN B 9 28.75 12.78 3.91
CA GLN B 9 28.29 14.10 4.27
C GLN B 9 28.80 15.11 3.26
N GLY B 10 30.04 14.90 2.83
CA GLY B 10 30.66 15.77 1.85
C GLY B 10 30.87 17.18 2.36
N SER B 11 31.23 18.07 1.43
CA SER B 11 31.47 19.46 1.76
C SER B 11 30.14 20.20 1.95
N TYR B 12 29.13 19.74 1.26
CA TYR B 12 27.80 20.35 1.31
C TYR B 12 27.04 19.97 2.56
N GLY B 13 27.53 18.95 3.27
CA GLY B 13 26.88 18.51 4.49
C GLY B 13 25.49 17.96 4.21
N PHE B 14 25.43 16.84 3.51
CA PHE B 14 24.17 16.22 3.16
C PHE B 14 23.58 15.43 4.33
N ARG B 15 22.77 16.10 5.14
CA ARG B 15 22.13 15.47 6.27
C ARG B 15 20.66 15.18 5.95
N LEU B 16 20.12 14.12 6.52
CA LEU B 16 18.73 13.75 6.27
C LEU B 16 17.83 14.25 7.39
N GLY B 17 16.75 14.91 7.00
CA GLY B 17 15.81 15.42 7.96
C GLY B 17 14.43 14.83 7.75
N PHE B 18 13.77 14.47 8.83
CA PHE B 18 12.43 13.89 8.74
C PHE B 18 11.50 14.53 9.76
N LEU B 19 10.22 14.45 9.49
CA LEU B 19 9.22 15.02 10.39
C LEU B 19 8.90 14.06 11.52
N HIS B 20 8.98 14.55 12.75
CA HIS B 20 8.69 13.73 13.92
C HIS B 20 7.21 13.82 14.27
N SER B 21 6.41 12.99 13.62
CA SER B 21 4.97 12.97 13.83
C SER B 21 4.61 12.32 15.17
N GLY B 22 5.57 11.63 15.77
CA GLY B 22 5.32 10.99 17.05
C GLY B 22 5.02 9.51 16.93
N THR B 23 4.46 8.93 17.99
CA THR B 23 4.13 7.51 18.01
C THR B 23 2.61 7.34 17.99
N ALA B 24 1.92 8.35 17.49
CA ALA B 24 0.47 8.32 17.40
C ALA B 24 0.01 7.24 16.44
N LYS B 25 -1.11 6.63 16.76
CA LYS B 25 -1.66 5.57 15.93
C LYS B 25 -2.20 6.13 14.62
N SER B 26 -2.88 7.27 14.71
CA SER B 26 -3.45 7.91 13.54
C SER B 26 -2.43 8.82 12.87
N VAL B 27 -1.60 8.24 12.02
CA VAL B 27 -0.60 8.99 11.30
C VAL B 27 -0.30 8.34 9.95
N THR B 28 -0.09 9.16 8.93
CA THR B 28 0.20 8.68 7.60
C THR B 28 1.65 8.19 7.47
N CYS B 29 2.54 8.83 8.21
CA CYS B 29 3.95 8.48 8.19
C CYS B 29 4.66 9.07 9.41
N THR B 30 5.65 8.35 9.92
CA THR B 30 6.41 8.81 11.07
C THR B 30 7.83 8.26 11.03
N TYR B 31 8.78 9.04 11.53
CA TYR B 31 10.17 8.63 11.55
C TYR B 31 10.68 8.39 12.96
N SER B 32 11.40 7.30 13.14
CA SER B 32 11.97 6.94 14.43
C SER B 32 13.47 7.21 14.44
N PRO B 33 13.90 8.25 15.16
CA PRO B 33 15.32 8.62 15.27
C PRO B 33 16.09 7.66 16.17
N ALA B 34 15.35 6.79 16.85
CA ALA B 34 15.92 5.81 17.75
C ALA B 34 16.63 4.69 16.98
N LEU B 35 16.15 4.43 15.77
CA LEU B 35 16.74 3.37 14.94
C LEU B 35 16.93 3.84 13.50
N ASN B 36 16.69 5.13 13.25
CA ASN B 36 16.82 5.70 11.91
C ASN B 36 15.91 4.96 10.94
N LYS B 37 14.70 4.67 11.42
CA LYS B 37 13.72 3.93 10.65
C LYS B 37 12.47 4.75 10.42
N MET B 38 12.03 4.85 9.18
CA MET B 38 10.84 5.60 8.82
C MET B 38 9.69 4.65 8.54
N PHE B 39 8.55 4.91 9.15
CA PHE B 39 7.37 4.08 8.98
C PHE B 39 6.38 4.82 8.07
N CYS B 40 5.95 4.17 7.01
CA CYS B 40 5.03 4.79 6.07
C CYS B 40 3.80 3.93 5.82
N GLN B 41 2.79 4.53 5.20
CA GLN B 41 1.56 3.83 4.87
C GLN B 41 1.53 3.54 3.37
N LEU B 42 0.63 2.65 2.97
CA LEU B 42 0.51 2.28 1.57
C LEU B 42 -0.07 3.43 0.72
N ALA B 43 0.69 3.80 -0.32
CA ALA B 43 0.29 4.85 -1.26
C ALA B 43 0.15 6.22 -0.59
N LYS B 44 0.80 6.40 0.55
CA LYS B 44 0.74 7.66 1.27
C LYS B 44 1.98 8.48 1.04
N THR B 45 1.83 9.80 1.11
CA THR B 45 2.94 10.72 0.90
C THR B 45 3.84 10.82 2.12
N CYS B 46 5.14 10.66 1.90
CA CYS B 46 6.12 10.76 2.97
C CYS B 46 7.06 11.94 2.71
N PRO B 47 6.97 12.99 3.53
CA PRO B 47 7.79 14.19 3.39
C PRO B 47 9.21 14.00 3.94
N VAL B 48 10.20 14.10 3.05
CA VAL B 48 11.60 13.96 3.42
C VAL B 48 12.31 15.30 3.23
N GLN B 49 13.09 15.70 4.22
CA GLN B 49 13.80 16.98 4.14
C GLN B 49 15.29 16.79 3.94
N LEU B 50 15.87 17.63 3.10
CA LEU B 50 17.29 17.59 2.84
C LEU B 50 17.99 18.69 3.64
N TRP B 51 18.60 18.29 4.75
CA TRP B 51 19.30 19.24 5.61
C TRP B 51 20.72 19.47 5.11
N VAL B 52 20.85 20.29 4.09
CA VAL B 52 22.14 20.59 3.51
C VAL B 52 22.83 21.75 4.23
N ASP B 53 24.02 21.49 4.74
CA ASP B 53 24.80 22.49 5.47
C ASP B 53 25.20 23.62 4.52
N SER B 54 25.46 23.26 3.28
CA SER B 54 25.83 24.21 2.25
C SER B 54 24.91 24.02 1.05
N THR B 55 24.29 25.11 0.60
CA THR B 55 23.38 25.07 -0.53
C THR B 55 24.08 24.61 -1.81
N PRO B 56 23.66 23.46 -2.35
CA PRO B 56 24.23 22.93 -3.60
C PRO B 56 23.73 23.69 -4.81
N PRO B 57 24.50 23.72 -5.90
CA PRO B 57 24.11 24.41 -7.13
C PRO B 57 22.79 23.90 -7.68
N PRO B 58 21.81 24.79 -7.86
CA PRO B 58 20.48 24.43 -8.38
C PRO B 58 20.58 23.68 -9.70
N GLY B 59 19.96 22.52 -9.75
CA GLY B 59 19.98 21.71 -10.95
C GLY B 59 20.64 20.37 -10.70
N THR B 60 21.06 20.14 -9.46
CA THR B 60 21.69 18.90 -9.07
C THR B 60 20.70 17.73 -9.17
N ARG B 61 21.18 16.51 -9.05
CA ARG B 61 20.33 15.33 -9.17
C ARG B 61 20.20 14.57 -7.86
N VAL B 62 18.98 14.45 -7.36
CA VAL B 62 18.71 13.71 -6.15
C VAL B 62 18.29 12.29 -6.54
N ARG B 63 19.16 11.33 -6.26
CA ARG B 63 18.91 9.95 -6.61
C ARG B 63 18.54 9.14 -5.37
N ALA B 64 17.45 8.39 -5.47
CA ALA B 64 17.00 7.57 -4.36
C ALA B 64 16.82 6.12 -4.79
N MET B 65 17.62 5.24 -4.21
CA MET B 65 17.55 3.82 -4.52
C MET B 65 17.38 3.02 -3.23
N ALA B 66 16.40 2.14 -3.21
CA ALA B 66 16.14 1.34 -2.03
C ALA B 66 16.69 -0.07 -2.16
N ILE B 67 17.34 -0.52 -1.11
CA ILE B 67 17.90 -1.86 -1.05
C ILE B 67 17.37 -2.56 0.19
N TYR B 68 17.73 -3.82 0.39
CA TYR B 68 17.25 -4.56 1.55
C TYR B 68 18.21 -4.38 2.72
N LYS B 69 17.67 -4.42 3.93
CA LYS B 69 18.48 -4.27 5.14
C LYS B 69 19.44 -5.44 5.30
N GLN B 70 18.97 -6.63 4.96
CA GLN B 70 19.78 -7.84 5.06
C GLN B 70 20.89 -7.80 4.01
N SER B 71 22.13 -7.88 4.48
CA SER B 71 23.30 -7.85 3.62
C SER B 71 23.25 -8.91 2.53
N GLN B 72 22.81 -10.11 2.89
CA GLN B 72 22.73 -11.22 1.95
C GLN B 72 21.60 -11.04 0.94
N HIS B 73 20.71 -10.10 1.23
CA HIS B 73 19.58 -9.85 0.34
C HIS B 73 19.75 -8.52 -0.38
N MET B 74 20.90 -7.88 -0.18
CA MET B 74 21.19 -6.60 -0.82
C MET B 74 21.37 -6.76 -2.32
N THR B 75 21.64 -7.99 -2.75
CA THR B 75 21.82 -8.29 -4.16
C THR B 75 20.49 -8.28 -4.89
N GLU B 76 19.40 -8.25 -4.14
CA GLU B 76 18.07 -8.23 -4.72
C GLU B 76 17.55 -6.80 -4.84
N VAL B 77 16.57 -6.60 -5.70
CA VAL B 77 15.99 -5.29 -5.91
C VAL B 77 14.60 -5.22 -5.28
N VAL B 78 14.27 -4.09 -4.69
CA VAL B 78 12.98 -3.89 -4.05
C VAL B 78 11.90 -3.72 -5.12
N ARG B 79 11.01 -4.69 -5.21
CA ARG B 79 9.94 -4.65 -6.20
C ARG B 79 8.58 -4.82 -5.55
N ARG B 80 7.54 -4.76 -6.38
CA ARG B 80 6.17 -4.89 -5.90
C ARG B 80 5.79 -6.35 -5.72
N CYS B 81 4.60 -6.57 -5.18
CA CYS B 81 4.10 -7.92 -4.95
C CYS B 81 3.35 -8.43 -6.18
N PRO B 82 3.04 -9.75 -6.22
CA PRO B 82 2.33 -10.39 -7.35
C PRO B 82 1.14 -9.59 -7.87
N HIS B 83 0.28 -9.13 -6.97
CA HIS B 83 -0.89 -8.37 -7.38
C HIS B 83 -0.69 -6.88 -7.08
N HIS B 84 0.09 -6.23 -7.93
CA HIS B 84 0.37 -4.80 -7.78
C HIS B 84 0.89 -4.19 -9.07
N GLU B 85 1.71 -4.94 -9.80
CA GLU B 85 2.28 -4.45 -11.06
C GLU B 85 1.22 -4.38 -12.15
N ARG B 86 0.39 -5.42 -12.24
CA ARG B 86 -0.67 -5.48 -13.23
C ARG B 86 -1.89 -4.68 -12.80
N CYS B 87 -1.75 -3.91 -11.73
CA CYS B 87 -2.86 -3.11 -11.22
C CYS B 87 -3.12 -1.90 -12.11
N SER B 88 -2.12 -1.49 -12.88
CA SER B 88 -2.24 -0.34 -13.76
C SER B 88 -2.48 0.93 -12.95
N ASP B 89 -1.70 1.10 -11.89
CA ASP B 89 -1.82 2.26 -11.01
C ASP B 89 -0.99 3.43 -11.52
N SER B 90 -0.59 3.34 -12.79
CA SER B 90 0.20 4.38 -13.41
C SER B 90 -0.65 5.59 -13.75
N ASP B 91 -0.15 6.77 -13.43
CA ASP B 91 -0.85 8.01 -13.71
C ASP B 91 -0.50 8.51 -15.10
N GLY B 92 0.67 8.08 -15.59
CA GLY B 92 1.14 8.49 -16.88
C GLY B 92 2.58 8.95 -16.81
N LEU B 93 2.99 9.37 -15.63
CA LEU B 93 4.34 9.83 -15.39
C LEU B 93 5.10 8.77 -14.61
N ALA B 94 4.40 8.19 -13.65
CA ALA B 94 4.98 7.15 -12.81
C ALA B 94 4.67 5.76 -13.38
N PRO B 95 5.72 4.94 -13.57
CA PRO B 95 5.57 3.58 -14.11
C PRO B 95 5.02 2.62 -13.06
N PRO B 96 4.31 1.56 -13.51
CA PRO B 96 3.72 0.56 -12.61
C PRO B 96 4.75 -0.37 -11.98
N GLN B 97 5.97 -0.36 -12.49
CA GLN B 97 7.03 -1.21 -11.97
C GLN B 97 7.78 -0.58 -10.81
N HIS B 98 7.81 0.75 -10.78
CA HIS B 98 8.53 1.48 -9.74
C HIS B 98 7.72 1.55 -8.44
N LEU B 99 8.38 1.19 -7.35
CA LEU B 99 7.77 1.19 -6.03
C LEU B 99 7.79 2.58 -5.41
N ILE B 100 8.89 3.28 -5.61
CA ILE B 100 9.05 4.63 -5.06
C ILE B 100 8.73 5.68 -6.11
N ARG B 101 7.85 6.60 -5.76
CA ARG B 101 7.47 7.67 -6.66
C ARG B 101 7.59 9.02 -5.96
N VAL B 102 7.52 10.10 -6.73
CA VAL B 102 7.62 11.43 -6.16
C VAL B 102 6.33 12.23 -6.40
N GLU B 103 5.90 12.95 -5.38
CA GLU B 103 4.70 13.76 -5.45
C GLU B 103 5.06 15.23 -5.24
N GLY B 104 4.14 16.13 -5.56
CA GLY B 104 4.39 17.54 -5.38
C GLY B 104 5.25 18.14 -6.48
N ASN B 105 6.45 17.61 -6.64
CA ASN B 105 7.37 18.08 -7.66
C ASN B 105 7.07 17.42 -9.00
N LEU B 106 6.70 18.23 -9.98
CA LEU B 106 6.36 17.73 -11.31
C LEU B 106 7.62 17.25 -12.03
N ARG B 107 8.77 17.76 -11.62
CA ARG B 107 10.04 17.38 -12.21
C ARG B 107 10.51 16.06 -11.60
N VAL B 108 9.91 14.97 -12.04
CA VAL B 108 10.26 13.66 -11.54
C VAL B 108 10.69 12.73 -12.67
N GLU B 109 11.83 12.10 -12.50
CA GLU B 109 12.37 11.16 -13.47
C GLU B 109 12.66 9.84 -12.78
N TYR B 110 12.59 8.75 -13.53
CA TYR B 110 12.85 7.44 -12.98
C TYR B 110 14.02 6.79 -13.71
N LEU B 111 15.05 6.45 -12.97
CA LEU B 111 16.24 5.84 -13.54
C LEU B 111 16.19 4.33 -13.38
N ASP B 112 16.02 3.65 -14.50
CA ASP B 112 15.94 2.20 -14.49
C ASP B 112 17.27 1.60 -14.96
N ASP B 113 17.99 0.99 -14.03
CA ASP B 113 19.28 0.37 -14.32
C ASP B 113 19.07 -0.93 -15.07
N ARG B 114 19.78 -1.11 -16.17
CA ARG B 114 19.66 -2.33 -16.97
C ARG B 114 20.78 -3.32 -16.69
N ASN B 115 21.63 -3.01 -15.71
CA ASN B 115 22.74 -3.89 -15.38
C ASN B 115 22.30 -4.91 -14.32
N THR B 116 21.59 -4.43 -13.32
CA THR B 116 21.11 -5.29 -12.25
C THR B 116 19.63 -5.05 -11.96
N PHE B 117 18.98 -4.32 -12.88
CA PHE B 117 17.56 -4.00 -12.77
C PHE B 117 17.28 -3.16 -11.53
N ARG B 118 18.19 -2.24 -11.23
CA ARG B 118 18.06 -1.38 -10.08
C ARG B 118 17.09 -0.23 -10.35
N HIS B 119 15.92 -0.31 -9.73
CA HIS B 119 14.92 0.74 -9.88
C HIS B 119 15.24 1.88 -8.92
N SER B 120 15.42 3.08 -9.47
CA SER B 120 15.73 4.23 -8.65
C SER B 120 15.07 5.49 -9.20
N VAL B 121 14.67 6.38 -8.31
CA VAL B 121 14.04 7.62 -8.72
C VAL B 121 15.06 8.76 -8.66
N VAL B 122 14.98 9.67 -9.61
CA VAL B 122 15.89 10.79 -9.66
C VAL B 122 15.16 12.09 -9.96
N VAL B 123 15.28 13.05 -9.06
CA VAL B 123 14.62 14.34 -9.22
C VAL B 123 15.63 15.48 -9.15
N PRO B 124 15.43 16.53 -9.94
CA PRO B 124 16.32 17.70 -9.93
C PRO B 124 16.19 18.47 -8.62
N TYR B 125 17.30 19.01 -8.15
CA TYR B 125 17.31 19.77 -6.91
C TYR B 125 16.50 21.07 -7.05
N GLU B 126 15.44 21.17 -6.26
CA GLU B 126 14.58 22.34 -6.27
C GLU B 126 15.14 23.41 -5.34
N PRO B 127 15.26 24.65 -5.82
CA PRO B 127 15.78 25.77 -5.03
C PRO B 127 14.88 26.12 -3.84
N PRO B 128 15.46 26.17 -2.63
CA PRO B 128 14.71 26.50 -1.42
C PRO B 128 14.16 27.92 -1.45
N GLU B 129 12.83 28.03 -1.43
CA GLU B 129 12.17 29.33 -1.47
C GLU B 129 12.11 29.95 -0.08
N VAL B 130 11.57 31.17 -0.01
CA VAL B 130 11.44 31.88 1.24
C VAL B 130 10.57 31.07 2.20
N GLY B 131 11.08 30.82 3.39
CA GLY B 131 10.34 30.05 4.37
C GLY B 131 10.71 28.58 4.33
N SER B 132 11.38 28.18 3.27
CA SER B 132 11.82 26.81 3.10
C SER B 132 13.31 26.69 3.38
N ASP B 133 13.66 26.32 4.60
CA ASP B 133 15.05 26.16 4.99
C ASP B 133 15.63 24.89 4.40
N CYS B 134 14.89 23.80 4.57
CA CYS B 134 15.33 22.50 4.09
C CYS B 134 14.44 22.05 2.94
N THR B 135 15.08 21.57 1.87
CA THR B 135 14.37 21.08 0.71
C THR B 135 13.51 19.88 1.08
N THR B 136 12.20 20.07 1.09
CA THR B 136 11.28 19.01 1.43
C THR B 136 10.72 18.36 0.17
N ILE B 137 10.98 17.07 0.01
CA ILE B 137 10.51 16.32 -1.14
C ILE B 137 9.46 15.31 -0.71
N HIS B 138 8.43 15.14 -1.51
CA HIS B 138 7.37 14.20 -1.20
C HIS B 138 7.62 12.86 -1.88
N TYR B 139 7.94 11.85 -1.08
CA TYR B 139 8.18 10.51 -1.60
C TYR B 139 7.00 9.62 -1.30
N ASN B 140 6.53 8.87 -2.29
CA ASN B 140 5.38 8.00 -2.10
C ASN B 140 5.75 6.53 -2.29
N TYR B 141 5.48 5.73 -1.27
CA TYR B 141 5.75 4.29 -1.33
C TYR B 141 4.49 3.56 -1.76
N MET B 142 4.52 2.99 -2.95
CA MET B 142 3.35 2.30 -3.50
C MET B 142 3.27 0.82 -3.12
N CYS B 143 3.99 0.43 -2.08
CA CYS B 143 3.99 -0.96 -1.62
C CYS B 143 4.34 -1.05 -0.14
N ASN B 144 4.01 -2.17 0.48
CA ASN B 144 4.30 -2.39 1.88
C ASN B 144 5.52 -3.29 2.03
N SER B 145 6.17 -3.22 3.18
CA SER B 145 7.36 -4.01 3.44
C SER B 145 7.00 -5.50 3.61
N SER B 146 5.74 -5.77 3.85
CA SER B 146 5.27 -7.13 4.03
C SER B 146 4.84 -7.75 2.69
N CYS B 147 4.80 -6.94 1.65
CA CYS B 147 4.39 -7.41 0.32
C CYS B 147 5.21 -8.61 -0.13
N MET B 148 4.54 -9.75 -0.22
CA MET B 148 5.19 -11.01 -0.62
C MET B 148 5.73 -10.90 -2.04
N GLY B 149 6.72 -11.72 -2.35
CA GLY B 149 7.31 -11.69 -3.68
C GLY B 149 8.38 -10.62 -3.81
N GLY B 150 8.00 -9.38 -3.59
CA GLY B 150 8.93 -8.28 -3.66
C GLY B 150 9.74 -8.14 -2.39
N MET B 151 9.28 -7.28 -1.50
CA MET B 151 9.96 -7.07 -0.22
C MET B 151 9.92 -8.34 0.61
N ASN B 152 8.84 -9.09 0.48
CA ASN B 152 8.65 -10.37 1.17
C ASN B 152 8.87 -10.28 2.67
N ARG B 153 8.24 -9.30 3.30
CA ARG B 153 8.35 -9.11 4.75
C ARG B 153 9.79 -8.84 5.18
N ARG B 154 10.47 -7.95 4.47
CA ARG B 154 11.85 -7.61 4.78
C ARG B 154 12.04 -6.10 4.84
N PRO B 155 12.77 -5.59 5.83
CA PRO B 155 13.03 -4.15 5.98
C PRO B 155 13.95 -3.66 4.87
N ILE B 156 13.71 -2.43 4.42
CA ILE B 156 14.52 -1.86 3.34
C ILE B 156 15.29 -0.62 3.79
N LEU B 157 16.33 -0.31 3.03
CA LEU B 157 17.16 0.85 3.28
C LEU B 157 17.16 1.75 2.05
N THR B 158 16.56 2.92 2.18
CA THR B 158 16.50 3.85 1.05
C THR B 158 17.71 4.77 1.06
N ILE B 159 18.54 4.65 0.03
CA ILE B 159 19.74 5.46 -0.09
C ILE B 159 19.42 6.74 -0.84
N ILE B 160 19.49 7.86 -0.12
CA ILE B 160 19.23 9.17 -0.70
C ILE B 160 20.58 9.81 -1.00
N THR B 161 20.87 10.01 -2.28
CA THR B 161 22.13 10.60 -2.66
C THR B 161 21.93 11.83 -3.55
N LEU B 162 22.92 12.70 -3.55
CA LEU B 162 22.87 13.92 -4.34
C LEU B 162 24.11 14.04 -5.22
N GLU B 163 23.90 13.90 -6.52
CA GLU B 163 24.98 14.00 -7.49
C GLU B 163 24.78 15.23 -8.35
N ASP B 164 25.84 15.68 -9.01
CA ASP B 164 25.74 16.85 -9.87
C ASP B 164 25.06 16.46 -11.18
N SER B 165 24.92 17.43 -12.08
CA SER B 165 24.28 17.19 -13.37
C SER B 165 25.00 16.10 -14.17
N SER B 166 26.27 15.91 -13.89
CA SER B 166 27.07 14.90 -14.56
C SER B 166 26.98 13.56 -13.85
N GLY B 167 27.19 13.58 -12.53
CA GLY B 167 27.11 12.36 -11.76
C GLY B 167 28.14 12.28 -10.65
N ASN B 168 28.66 13.43 -10.25
CA ASN B 168 29.66 13.50 -9.18
C ASN B 168 28.96 13.47 -7.82
N LEU B 169 29.43 12.59 -6.95
CA LEU B 169 28.85 12.44 -5.62
C LEU B 169 29.16 13.63 -4.73
N LEU B 170 28.12 14.35 -4.33
CA LEU B 170 28.27 15.52 -3.47
C LEU B 170 27.82 15.20 -2.05
N GLY B 171 26.89 14.27 -1.93
CA GLY B 171 26.39 13.86 -0.63
C GLY B 171 25.56 12.60 -0.75
N ARG B 172 25.61 11.75 0.27
CA ARG B 172 24.86 10.49 0.25
C ARG B 172 24.50 10.04 1.66
N ASN B 173 23.23 9.76 1.89
CA ASN B 173 22.75 9.32 3.19
C ASN B 173 21.83 8.12 3.02
N SER B 174 21.48 7.46 4.10
CA SER B 174 20.60 6.29 4.04
C SER B 174 19.80 6.11 5.33
N PHE B 175 18.60 5.54 5.21
CA PHE B 175 17.74 5.29 6.36
C PHE B 175 16.91 4.05 6.13
N GLU B 176 16.48 3.41 7.22
CA GLU B 176 15.68 2.20 7.13
C GLU B 176 14.21 2.56 6.99
N VAL B 177 13.47 1.80 6.18
CA VAL B 177 12.07 2.07 5.96
C VAL B 177 11.20 0.84 6.21
N ARG B 178 10.02 1.09 6.76
CA ARG B 178 9.04 0.05 7.03
C ARG B 178 7.66 0.56 6.63
N VAL B 179 7.15 0.10 5.51
CA VAL B 179 5.86 0.52 5.01
C VAL B 179 4.78 -0.50 5.37
N CYS B 180 3.71 -0.02 5.98
CA CYS B 180 2.60 -0.87 6.37
C CYS B 180 1.28 -0.11 6.24
N ALA B 181 0.38 -0.34 7.18
CA ALA B 181 -0.92 0.33 7.16
C ALA B 181 -1.13 1.13 8.45
N CYS B 182 -0.25 0.92 9.42
CA CYS B 182 -0.35 1.62 10.69
C CYS B 182 1.05 1.89 11.25
N PRO B 183 1.65 3.05 10.88
CA PRO B 183 3.00 3.42 11.33
C PRO B 183 3.12 3.44 12.85
N GLY B 184 2.08 3.92 13.52
CA GLY B 184 2.09 3.99 14.96
C GLY B 184 2.11 2.62 15.61
N ARG B 185 1.44 1.66 14.97
CA ARG B 185 1.37 0.29 15.50
C ARG B 185 2.72 -0.42 15.32
N ASP B 186 3.20 -0.42 14.09
CA ASP B 186 4.45 -1.07 13.75
C ASP B 186 5.65 -0.45 14.47
N ARG B 187 5.57 0.85 14.73
CA ARG B 187 6.64 1.55 15.42
C ARG B 187 6.80 0.99 16.84
N ARG B 188 5.67 0.64 17.45
CA ARG B 188 5.67 0.10 18.80
C ARG B 188 6.15 -1.36 18.80
N THR B 189 6.26 -1.95 17.63
CA THR B 189 6.71 -3.32 17.50
C THR B 189 8.24 -3.38 17.39
N GLU B 190 8.85 -2.27 17.03
CA GLU B 190 10.30 -2.22 16.87
C GLU B 190 10.95 -1.25 17.87
N GLU B 191 10.65 0.04 17.71
CA GLU B 191 11.23 1.07 18.57
C GLU B 191 10.87 0.86 20.05
N GLU B 192 9.58 0.71 20.32
CA GLU B 192 9.10 0.51 21.69
C GLU B 192 9.50 -0.88 22.22
N ASN B 193 10.08 -1.70 21.36
CA ASN B 193 10.49 -3.05 21.75
C ASN B 193 12.01 -3.12 21.91
N LEU B 194 12.71 -2.07 21.50
CA LEU B 194 14.17 -2.04 21.60
C LEU B 194 14.62 -1.19 22.77
N ARG B 195 13.66 -0.60 23.47
CA ARG B 195 13.96 0.25 24.62
C ARG B 195 13.15 -0.22 25.83
ZN ZN C . 2.73 -5.00 -3.12
N MET A 4 -31.76 -24.70 7.86
CA MET A 4 -30.80 -23.61 7.52
C MET A 4 -29.70 -24.14 6.63
N SER A 5 -29.74 -23.77 5.35
CA SER A 5 -28.75 -24.21 4.39
C SER A 5 -27.55 -23.26 4.37
N GLN A 6 -27.78 -22.06 4.90
CA GLN A 6 -26.75 -21.01 4.97
C GLN A 6 -26.33 -20.61 3.56
N SER A 7 -27.31 -20.51 2.67
CA SER A 7 -27.07 -20.13 1.29
C SER A 7 -26.40 -18.76 1.22
N ASN A 8 -26.70 -17.91 2.19
CA ASN A 8 -26.12 -16.57 2.26
C ASN A 8 -24.68 -16.67 2.74
N ARG A 9 -24.49 -17.38 3.84
CA ARG A 9 -23.16 -17.58 4.43
C ARG A 9 -22.22 -18.28 3.46
N GLU A 10 -22.74 -19.25 2.73
CA GLU A 10 -21.97 -20.01 1.76
C GLU A 10 -21.55 -19.14 0.59
N LEU A 11 -22.46 -18.30 0.12
CA LEU A 11 -22.19 -17.42 -1.00
C LEU A 11 -21.10 -16.41 -0.65
N VAL A 12 -21.19 -15.83 0.53
CA VAL A 12 -20.22 -14.84 0.98
C VAL A 12 -18.80 -15.43 1.02
N VAL A 13 -18.65 -16.59 1.64
CA VAL A 13 -17.33 -17.22 1.73
C VAL A 13 -16.87 -17.75 0.37
N ASP A 14 -17.81 -18.11 -0.49
CA ASP A 14 -17.49 -18.61 -1.81
C ASP A 14 -16.86 -17.51 -2.66
N PHE A 15 -17.52 -16.35 -2.66
CA PHE A 15 -17.05 -15.19 -3.41
C PHE A 15 -15.69 -14.75 -2.86
N LEU A 16 -15.54 -14.82 -1.53
CA LEU A 16 -14.31 -14.43 -0.88
C LEU A 16 -13.16 -15.31 -1.36
N SER A 17 -13.37 -16.62 -1.30
CA SER A 17 -12.36 -17.58 -1.74
C SER A 17 -12.04 -17.41 -3.22
N TYR A 18 -13.06 -17.05 -4.00
CA TYR A 18 -12.90 -16.84 -5.43
C TYR A 18 -11.93 -15.70 -5.70
N LYS A 19 -11.92 -14.70 -4.83
CA LYS A 19 -11.02 -13.57 -4.98
C LYS A 19 -9.67 -13.84 -4.34
N LEU A 20 -9.67 -14.63 -3.28
CA LEU A 20 -8.44 -14.99 -2.57
C LEU A 20 -7.55 -15.87 -3.45
N SER A 21 -8.13 -16.42 -4.50
CA SER A 21 -7.39 -17.28 -5.41
C SER A 21 -6.99 -16.52 -6.68
N GLN A 22 -7.04 -15.19 -6.61
CA GLN A 22 -6.68 -14.34 -7.75
C GLN A 22 -5.18 -14.30 -7.95
N LYS A 23 -4.50 -13.49 -7.13
CA LYS A 23 -3.06 -13.36 -7.21
C LYS A 23 -2.53 -12.90 -5.86
N GLY A 24 -1.36 -13.38 -5.48
CA GLY A 24 -0.79 -13.01 -4.20
C GLY A 24 -1.25 -13.95 -3.11
N TYR A 25 -1.71 -15.13 -3.52
CA TYR A 25 -2.20 -16.12 -2.58
C TYR A 25 -1.05 -16.90 -1.94
N SER A 26 -1.15 -17.09 -0.63
CA SER A 26 -0.14 -17.82 0.09
C SER A 26 -0.79 -18.91 0.94
N TRP A 27 -1.19 -18.55 2.15
CA TRP A 27 -1.83 -19.47 3.07
C TRP A 27 -3.27 -19.73 2.67
N SER A 28 -3.82 -18.83 1.85
CA SER A 28 -5.20 -18.94 1.39
C SER A 28 -5.37 -20.10 0.40
N GLN A 29 -4.25 -20.59 -0.12
CA GLN A 29 -4.28 -21.70 -1.06
C GLN A 29 -4.25 -23.04 -0.31
N PHE A 30 -3.87 -22.99 0.96
CA PHE A 30 -3.79 -24.20 1.78
C PHE A 30 -4.92 -24.23 2.81
N SER A 31 -5.08 -23.14 3.54
CA SER A 31 -6.11 -23.06 4.56
C SER A 31 -7.22 -22.11 4.14
N MET A 86 -31.87 -24.07 -8.69
CA MET A 86 -31.02 -23.05 -8.10
C MET A 86 -31.11 -21.75 -8.89
N ALA A 87 -31.07 -20.64 -8.18
CA ALA A 87 -31.15 -19.32 -8.82
C ALA A 87 -29.81 -18.90 -9.41
N ALA A 88 -28.79 -19.75 -9.25
CA ALA A 88 -27.45 -19.49 -9.77
C ALA A 88 -26.88 -18.21 -9.19
N VAL A 89 -27.00 -18.06 -7.87
CA VAL A 89 -26.50 -16.88 -7.19
C VAL A 89 -24.98 -16.76 -7.31
N LYS A 90 -24.30 -17.91 -7.27
CA LYS A 90 -22.85 -17.93 -7.39
C LYS A 90 -22.43 -17.42 -8.77
N GLN A 91 -23.19 -17.81 -9.79
CA GLN A 91 -22.91 -17.39 -11.15
C GLN A 91 -23.11 -15.89 -11.30
N ALA A 92 -24.22 -15.39 -10.77
CA ALA A 92 -24.53 -13.97 -10.82
C ALA A 92 -23.46 -13.14 -10.13
N LEU A 93 -23.05 -13.60 -8.95
CA LEU A 93 -22.02 -12.91 -8.18
C LEU A 93 -20.65 -13.01 -8.84
N ARG A 94 -20.42 -14.12 -9.55
CA ARG A 94 -19.14 -14.33 -10.22
C ARG A 94 -18.99 -13.35 -11.39
N GLU A 95 -19.99 -13.32 -12.26
CA GLU A 95 -19.98 -12.46 -13.43
C GLU A 95 -19.82 -10.99 -13.06
N ALA A 96 -20.69 -10.50 -12.18
CA ALA A 96 -20.66 -9.11 -11.75
C ALA A 96 -19.46 -8.82 -10.87
N GLY A 97 -19.15 -9.74 -9.96
CA GLY A 97 -18.04 -9.56 -9.05
C GLY A 97 -16.69 -9.44 -9.75
N ASP A 98 -16.45 -10.31 -10.73
CA ASP A 98 -15.19 -10.29 -11.46
C ASP A 98 -15.06 -9.01 -12.27
N GLU A 99 -16.19 -8.56 -12.82
CA GLU A 99 -16.24 -7.34 -13.62
C GLU A 99 -15.88 -6.13 -12.79
N PHE A 100 -16.40 -6.08 -11.57
CA PHE A 100 -16.13 -4.96 -10.68
C PHE A 100 -14.74 -5.05 -10.07
N GLU A 101 -14.29 -6.28 -9.80
CA GLU A 101 -12.97 -6.50 -9.21
C GLU A 101 -11.86 -5.93 -10.07
N LEU A 102 -11.88 -6.22 -11.36
CA LEU A 102 -10.85 -5.73 -12.28
C LEU A 102 -10.78 -4.20 -12.28
N ARG A 103 -11.91 -3.56 -12.02
CA ARG A 103 -12.00 -2.11 -11.98
C ARG A 103 -11.56 -1.59 -10.62
N TYR A 104 -11.67 -2.43 -9.60
CA TYR A 104 -11.29 -2.07 -8.25
C TYR A 104 -9.80 -2.29 -7.99
N ARG A 105 -9.23 -3.31 -8.64
CA ARG A 105 -7.82 -3.64 -8.47
C ARG A 105 -6.89 -2.70 -9.25
N ARG A 106 -7.34 -1.47 -9.49
CA ARG A 106 -6.53 -0.50 -10.21
C ARG A 106 -5.68 0.30 -9.23
N ALA A 107 -5.90 0.05 -7.93
CA ALA A 107 -5.16 0.71 -6.84
C ALA A 107 -5.53 2.19 -6.72
N PHE A 108 -6.47 2.64 -7.54
CA PHE A 108 -6.91 4.02 -7.52
C PHE A 108 -8.40 4.09 -7.80
N SER A 109 -9.13 3.18 -7.19
CA SER A 109 -10.58 3.11 -7.34
C SER A 109 -11.27 3.56 -6.06
N ASP A 110 -12.56 3.23 -5.94
CA ASP A 110 -13.35 3.60 -4.77
C ASP A 110 -12.81 2.95 -3.50
N LEU A 111 -12.16 1.80 -3.66
CA LEU A 111 -11.59 1.07 -2.52
C LEU A 111 -10.55 1.93 -1.80
N THR A 112 -9.74 2.63 -2.57
CA THR A 112 -8.70 3.50 -2.02
C THR A 112 -9.30 4.65 -1.22
N SER A 113 -10.37 5.24 -1.74
CA SER A 113 -11.02 6.36 -1.08
C SER A 113 -11.83 5.90 0.14
N GLN A 114 -12.38 4.70 0.05
CA GLN A 114 -13.17 4.13 1.13
C GLN A 114 -12.29 3.79 2.33
N LEU A 115 -11.28 2.95 2.10
CA LEU A 115 -10.38 2.54 3.16
C LEU A 115 -9.43 3.67 3.56
N HIS A 116 -8.75 4.23 2.56
CA HIS A 116 -7.79 5.33 2.77
C HIS A 116 -6.62 4.90 3.65
N ILE A 117 -6.45 3.58 3.76
CA ILE A 117 -5.39 2.99 4.58
C ILE A 117 -5.53 3.45 6.03
N THR A 118 -6.57 2.95 6.68
CA THR A 118 -6.85 3.29 8.06
C THR A 118 -5.86 2.61 9.01
N PRO A 119 -5.38 3.35 10.03
CA PRO A 119 -4.42 2.84 11.02
C PRO A 119 -5.07 1.88 12.02
N GLY A 120 -5.92 1.02 11.51
CA GLY A 120 -6.61 0.04 12.32
C GLY A 120 -7.33 -0.94 11.43
N THR A 121 -6.59 -1.49 10.48
CA THR A 121 -7.12 -2.43 9.49
C THR A 121 -7.45 -3.80 10.08
N ALA A 122 -7.80 -3.85 11.35
CA ALA A 122 -8.16 -5.08 12.02
C ALA A 122 -9.61 -4.99 12.52
N TYR A 123 -10.17 -3.79 12.43
CA TYR A 123 -11.53 -3.53 12.87
C TYR A 123 -12.16 -2.39 12.09
N GLN A 124 -11.40 -1.29 11.93
CA GLN A 124 -11.88 -0.12 11.22
C GLN A 124 -12.16 -0.45 9.76
N SER A 125 -11.45 -1.43 9.22
CA SER A 125 -11.63 -1.85 7.84
C SER A 125 -13.01 -2.45 7.65
N PHE A 126 -13.40 -3.31 8.59
CA PHE A 126 -14.70 -3.96 8.54
C PHE A 126 -15.82 -2.94 8.69
N GLU A 127 -15.69 -2.07 9.69
CA GLU A 127 -16.69 -1.03 9.95
C GLU A 127 -16.90 -0.16 8.72
N GLN A 128 -15.79 0.22 8.07
CA GLN A 128 -15.84 1.07 6.90
C GLN A 128 -16.64 0.43 5.76
N VAL A 129 -16.42 -0.85 5.53
CA VAL A 129 -17.10 -1.57 4.46
C VAL A 129 -18.57 -1.85 4.80
N VAL A 130 -18.81 -2.32 6.02
CA VAL A 130 -20.18 -2.63 6.46
C VAL A 130 -21.03 -1.37 6.54
N ASN A 131 -20.43 -0.27 7.01
CA ASN A 131 -21.14 1.00 7.12
C ASN A 131 -21.63 1.45 5.76
N GLU A 132 -20.87 1.11 4.71
CA GLU A 132 -21.23 1.46 3.34
C GLU A 132 -22.60 0.92 2.97
N LEU A 133 -22.88 -0.31 3.37
CA LEU A 133 -24.17 -0.93 3.08
C LEU A 133 -25.28 -0.24 3.85
N PHE A 134 -24.98 0.16 5.09
CA PHE A 134 -25.95 0.84 5.94
C PHE A 134 -26.14 2.30 5.50
N ARG A 135 -25.30 2.75 4.58
CA ARG A 135 -25.38 4.12 4.07
C ARG A 135 -26.45 4.19 2.97
N ASP A 136 -27.03 3.05 2.64
CA ASP A 136 -28.06 2.98 1.61
C ASP A 136 -29.24 2.14 2.11
N GLY A 137 -28.93 0.98 2.67
CA GLY A 137 -29.96 0.10 3.16
C GLY A 137 -30.01 -1.17 2.35
N VAL A 138 -31.19 -1.75 2.20
CA VAL A 138 -31.34 -2.97 1.42
C VAL A 138 -31.42 -2.62 -0.08
N ASN A 139 -30.28 -2.25 -0.63
CA ASN A 139 -30.20 -1.89 -2.03
C ASN A 139 -29.43 -2.95 -2.81
N TRP A 140 -30.10 -3.55 -3.78
CA TRP A 140 -29.49 -4.59 -4.62
C TRP A 140 -28.33 -4.03 -5.42
N GLY A 141 -28.34 -2.72 -5.68
CA GLY A 141 -27.28 -2.10 -6.43
C GLY A 141 -26.09 -1.76 -5.54
N ARG A 142 -26.36 -1.58 -4.26
CA ARG A 142 -25.31 -1.25 -3.29
C ARG A 142 -24.62 -2.52 -2.78
N ILE A 143 -25.37 -3.61 -2.70
CA ILE A 143 -24.82 -4.88 -2.23
C ILE A 143 -23.70 -5.38 -3.14
N VAL A 144 -23.81 -5.06 -4.43
CA VAL A 144 -22.80 -5.47 -5.40
C VAL A 144 -21.48 -4.79 -5.08
N ALA A 145 -21.56 -3.50 -4.74
CA ALA A 145 -20.39 -2.72 -4.38
C ALA A 145 -19.79 -3.24 -3.08
N PHE A 146 -20.67 -3.61 -2.15
CA PHE A 146 -20.24 -4.14 -0.85
C PHE A 146 -19.34 -5.35 -1.04
N PHE A 147 -19.78 -6.28 -1.89
CA PHE A 147 -19.02 -7.49 -2.18
C PHE A 147 -17.74 -7.14 -2.91
N SER A 148 -17.82 -6.18 -3.81
CA SER A 148 -16.67 -5.73 -4.60
C SER A 148 -15.60 -5.13 -3.70
N PHE A 149 -16.02 -4.32 -2.72
CA PHE A 149 -15.10 -3.68 -1.79
C PHE A 149 -14.29 -4.74 -1.04
N GLY A 150 -14.98 -5.65 -0.38
CA GLY A 150 -14.32 -6.69 0.38
C GLY A 150 -13.54 -7.63 -0.52
N GLY A 151 -14.08 -7.91 -1.70
CA GLY A 151 -13.43 -8.80 -2.64
C GLY A 151 -12.07 -8.28 -3.07
N ALA A 152 -12.01 -7.05 -3.54
CA ALA A 152 -10.75 -6.46 -3.98
C ALA A 152 -9.79 -6.28 -2.81
N LEU A 153 -10.34 -5.94 -1.65
CA LEU A 153 -9.53 -5.72 -0.46
C LEU A 153 -8.87 -7.01 0.02
N CYS A 154 -9.63 -8.10 0.05
CA CYS A 154 -9.09 -9.39 0.52
C CYS A 154 -7.90 -9.85 -0.31
N VAL A 155 -7.94 -9.60 -1.62
CA VAL A 155 -6.86 -10.00 -2.51
C VAL A 155 -5.57 -9.28 -2.11
N GLU A 156 -5.66 -7.97 -1.95
CA GLU A 156 -4.51 -7.17 -1.58
C GLU A 156 -4.09 -7.42 -0.13
N SER A 157 -5.00 -7.99 0.66
CA SER A 157 -4.71 -8.29 2.05
C SER A 157 -3.71 -9.44 2.16
N VAL A 158 -3.90 -10.47 1.34
CA VAL A 158 -3.01 -11.63 1.35
C VAL A 158 -1.77 -11.35 0.48
N ASP A 159 -1.99 -10.60 -0.59
CA ASP A 159 -0.92 -10.23 -1.52
C ASP A 159 0.16 -9.40 -0.82
N LYS A 160 -0.24 -8.68 0.21
CA LYS A 160 0.70 -7.87 0.97
C LYS A 160 1.08 -8.54 2.29
N GLU A 161 0.73 -9.82 2.41
CA GLU A 161 1.03 -10.62 3.61
C GLU A 161 0.61 -9.91 4.89
N MET A 162 -0.59 -9.34 4.89
CA MET A 162 -1.10 -8.64 6.07
C MET A 162 -1.79 -9.60 7.02
N GLN A 163 -2.43 -10.62 6.44
CA GLN A 163 -3.13 -11.66 7.20
C GLN A 163 -4.33 -11.13 8.00
N VAL A 164 -4.04 -10.47 9.12
CA VAL A 164 -5.06 -9.93 10.03
C VAL A 164 -6.18 -9.19 9.33
N LEU A 165 -5.86 -8.46 8.25
CA LEU A 165 -6.86 -7.70 7.51
C LEU A 165 -8.04 -8.58 7.07
N VAL A 166 -7.76 -9.59 6.27
CA VAL A 166 -8.81 -10.47 5.78
C VAL A 166 -9.31 -11.43 6.86
N SER A 167 -8.41 -11.88 7.73
CA SER A 167 -8.76 -12.81 8.79
C SER A 167 -9.80 -12.21 9.74
N ARG A 168 -9.63 -10.95 10.09
CA ARG A 168 -10.56 -10.29 11.00
C ARG A 168 -11.88 -10.00 10.31
N ILE A 169 -11.82 -9.43 9.10
CA ILE A 169 -13.03 -9.10 8.35
C ILE A 169 -13.90 -10.33 8.13
N ALA A 170 -13.28 -11.44 7.71
CA ALA A 170 -14.01 -12.68 7.47
C ALA A 170 -14.71 -13.15 8.74
N ALA A 171 -14.00 -13.06 9.86
CA ALA A 171 -14.55 -13.48 11.14
C ALA A 171 -15.73 -12.62 11.55
N TRP A 172 -15.55 -11.30 11.51
CA TRP A 172 -16.60 -10.37 11.88
C TRP A 172 -17.81 -10.52 10.96
N MET A 173 -17.54 -10.64 9.66
CA MET A 173 -18.59 -10.76 8.66
C MET A 173 -19.42 -12.03 8.86
N ALA A 174 -18.73 -13.17 9.01
CA ALA A 174 -19.41 -14.45 9.20
C ALA A 174 -20.32 -14.41 10.41
N THR A 175 -19.83 -13.79 11.49
CA THR A 175 -20.59 -13.69 12.72
C THR A 175 -21.84 -12.82 12.54
N TYR A 176 -21.64 -11.59 12.05
CA TYR A 176 -22.74 -10.66 11.84
C TYR A 176 -23.75 -11.19 10.81
N LEU A 177 -23.23 -11.87 9.80
CA LEU A 177 -24.06 -12.43 8.75
C LEU A 177 -25.03 -13.49 9.30
N ASN A 178 -24.48 -14.51 9.93
CA ASN A 178 -25.29 -15.59 10.49
C ASN A 178 -26.14 -15.10 11.67
N ASP A 179 -25.69 -14.01 12.30
CA ASP A 179 -26.39 -13.43 13.44
C ASP A 179 -27.77 -12.90 13.05
N HIS A 180 -27.82 -11.97 12.11
CA HIS A 180 -29.08 -11.38 11.70
C HIS A 180 -29.20 -11.16 10.19
N LEU A 181 -28.06 -11.04 9.51
CA LEU A 181 -28.07 -10.80 8.07
C LEU A 181 -28.73 -11.93 7.27
N GLU A 182 -28.39 -13.18 7.60
CA GLU A 182 -28.97 -14.33 6.90
C GLU A 182 -30.50 -14.33 6.96
N PRO A 183 -31.12 -14.33 8.16
CA PRO A 183 -32.59 -14.30 8.29
C PRO A 183 -33.19 -13.05 7.65
N TRP A 184 -32.48 -11.93 7.73
CA TRP A 184 -32.96 -10.67 7.15
C TRP A 184 -33.10 -10.81 5.64
N ILE A 185 -32.10 -11.41 5.00
CA ILE A 185 -32.13 -11.61 3.56
C ILE A 185 -33.30 -12.53 3.18
N GLN A 186 -33.53 -13.54 3.99
CA GLN A 186 -34.60 -14.50 3.75
C GLN A 186 -35.95 -14.00 4.27
N GLU A 187 -36.00 -12.74 4.67
CA GLU A 187 -37.24 -12.15 5.16
C GLU A 187 -37.61 -10.90 4.36
N ASN A 188 -36.59 -10.18 3.91
CA ASN A 188 -36.80 -8.97 3.13
C ASN A 188 -36.53 -9.21 1.66
N GLY A 189 -35.46 -9.92 1.37
CA GLY A 189 -35.09 -10.21 0.01
C GLY A 189 -33.72 -9.64 -0.31
N GLY A 190 -32.82 -10.49 -0.78
CA GLY A 190 -31.48 -10.07 -1.11
C GLY A 190 -31.02 -10.64 -2.44
N TRP A 191 -30.08 -11.57 -2.40
CA TRP A 191 -29.56 -12.20 -3.60
C TRP A 191 -30.67 -12.90 -4.39
N ASP A 192 -31.67 -13.40 -3.65
CA ASP A 192 -32.81 -14.09 -4.25
C ASP A 192 -33.59 -13.15 -5.15
N THR A 193 -33.73 -11.90 -4.72
CA THR A 193 -34.46 -10.91 -5.47
C THR A 193 -33.55 -10.30 -6.55
N PHE A 194 -32.25 -10.27 -6.26
CA PHE A 194 -31.26 -9.73 -7.18
C PHE A 194 -31.25 -10.55 -8.48
N VAL A 195 -31.32 -11.86 -8.34
CA VAL A 195 -31.31 -12.77 -9.49
C VAL A 195 -32.49 -12.47 -10.42
N GLU A 196 -33.63 -12.15 -9.82
CA GLU A 196 -34.85 -11.85 -10.57
C GLU A 196 -34.65 -10.68 -11.51
N LEU A 197 -33.92 -9.66 -11.07
CA LEU A 197 -33.69 -8.48 -11.89
C LEU A 197 -32.35 -8.52 -12.61
N TYR A 198 -31.62 -9.62 -12.45
CA TYR A 198 -30.30 -9.76 -13.09
C TYR A 198 -30.33 -10.76 -14.24
N GLY A 199 -30.71 -12.00 -13.95
CA GLY A 199 -30.73 -13.02 -14.97
C GLY A 199 -32.14 -13.41 -15.37
N ASN A 200 -33.11 -13.15 -14.52
CA ASN A 200 -34.49 -13.51 -14.81
C ASN A 200 -35.29 -12.30 -15.33
N ASN A 201 -34.59 -11.24 -15.65
CA ASN A 201 -35.24 -10.03 -16.15
C ASN A 201 -34.66 -9.63 -17.50
N SER B 1 24.64 -6.16 -7.65
CA SER B 1 25.49 -5.00 -7.43
C SER B 1 24.94 -4.13 -6.31
N VAL B 2 25.62 -4.16 -5.17
CA VAL B 2 25.22 -3.38 -4.02
C VAL B 2 25.81 -1.96 -4.10
N PRO B 3 24.95 -0.94 -4.06
CA PRO B 3 25.39 0.46 -4.13
C PRO B 3 26.23 0.86 -2.92
N SER B 4 27.05 1.89 -3.09
CA SER B 4 27.90 2.38 -2.01
C SER B 4 27.09 3.08 -0.93
N GLN B 5 26.73 2.32 0.11
CA GLN B 5 25.95 2.84 1.22
C GLN B 5 26.86 3.50 2.26
N LYS B 6 27.55 4.54 1.84
CA LYS B 6 28.46 5.27 2.71
C LYS B 6 27.84 6.61 3.10
N THR B 7 28.02 6.99 4.36
CA THR B 7 27.50 8.25 4.87
C THR B 7 28.36 9.40 4.36
N TYR B 8 28.21 9.71 3.09
CA TYR B 8 28.96 10.77 2.44
C TYR B 8 28.31 12.11 2.70
N GLN B 9 28.78 12.82 3.70
CA GLN B 9 28.24 14.12 4.04
C GLN B 9 28.82 15.16 3.08
N GLY B 10 30.09 14.99 2.75
CA GLY B 10 30.77 15.88 1.83
C GLY B 10 30.87 17.31 2.36
N SER B 11 31.23 18.23 1.47
CA SER B 11 31.37 19.62 1.83
C SER B 11 30.01 20.33 1.79
N TYR B 12 28.99 19.58 1.41
CA TYR B 12 27.64 20.12 1.33
C TYR B 12 26.82 19.77 2.57
N GLY B 13 27.37 18.88 3.39
CA GLY B 13 26.69 18.46 4.60
C GLY B 13 25.33 17.88 4.33
N PHE B 14 25.29 16.84 3.50
CA PHE B 14 24.02 16.20 3.15
C PHE B 14 23.44 15.43 4.32
N ARG B 15 22.61 16.08 5.12
CA ARG B 15 21.99 15.44 6.26
C ARG B 15 20.52 15.17 5.97
N LEU B 16 19.99 14.10 6.54
CA LEU B 16 18.60 13.74 6.33
C LEU B 16 17.73 14.20 7.49
N GLY B 17 16.64 14.86 7.15
CA GLY B 17 15.71 15.34 8.15
C GLY B 17 14.32 14.83 7.88
N PHE B 18 13.61 14.44 8.92
CA PHE B 18 12.26 13.92 8.77
C PHE B 18 11.32 14.59 9.76
N LEU B 19 10.04 14.33 9.63
CA LEU B 19 9.04 14.91 10.50
C LEU B 19 8.87 14.08 11.78
N HIS B 20 8.74 14.77 12.90
CA HIS B 20 8.59 14.11 14.18
C HIS B 20 7.11 13.98 14.55
N SER B 21 6.41 13.11 13.83
CA SER B 21 4.99 12.89 14.06
C SER B 21 4.75 12.24 15.42
N GLY B 22 5.66 11.36 15.82
CA GLY B 22 5.54 10.70 17.12
C GLY B 22 5.08 9.26 16.99
N THR B 23 4.64 8.68 18.11
CA THR B 23 4.17 7.30 18.12
C THR B 23 2.65 7.24 18.00
N ALA B 24 2.07 8.31 17.47
CA ALA B 24 0.63 8.41 17.29
C ALA B 24 0.10 7.30 16.39
N LYS B 25 -1.04 6.73 16.77
CA LYS B 25 -1.66 5.66 16.00
C LYS B 25 -2.15 6.17 14.64
N SER B 26 -3.06 7.13 14.67
CA SER B 26 -3.60 7.69 13.44
C SER B 26 -2.63 8.69 12.83
N VAL B 27 -1.75 8.19 11.97
CA VAL B 27 -0.77 9.04 11.30
C VAL B 27 -0.41 8.44 9.94
N THR B 28 -0.13 9.32 8.97
CA THR B 28 0.22 8.91 7.64
C THR B 28 1.64 8.36 7.56
N CYS B 29 2.57 9.03 8.24
CA CYS B 29 3.96 8.62 8.24
C CYS B 29 4.66 9.17 9.49
N THR B 30 5.64 8.43 9.97
CA THR B 30 6.39 8.84 11.15
C THR B 30 7.83 8.32 11.07
N TYR B 31 8.76 9.05 11.68
CA TYR B 31 10.16 8.64 11.66
C TYR B 31 10.69 8.36 13.05
N SER B 32 11.42 7.26 13.18
CA SER B 32 12.01 6.85 14.43
C SER B 32 13.50 7.22 14.44
N PRO B 33 13.88 8.24 15.23
CA PRO B 33 15.27 8.68 15.30
C PRO B 33 16.12 7.75 16.18
N ALA B 34 15.43 6.90 16.93
CA ALA B 34 16.12 5.97 17.81
C ALA B 34 16.79 4.85 17.02
N LEU B 35 16.15 4.44 15.93
CA LEU B 35 16.70 3.38 15.09
C LEU B 35 16.91 3.83 13.65
N ASN B 36 16.68 5.11 13.39
CA ASN B 36 16.82 5.67 12.03
C ASN B 36 15.92 4.88 11.07
N LYS B 37 14.70 4.65 11.52
CA LYS B 37 13.73 3.90 10.74
C LYS B 37 12.48 4.73 10.48
N MET B 38 12.09 4.81 9.23
CA MET B 38 10.90 5.56 8.85
C MET B 38 9.74 4.62 8.59
N PHE B 39 8.61 4.91 9.20
CA PHE B 39 7.41 4.10 9.03
C PHE B 39 6.43 4.82 8.13
N CYS B 40 6.11 4.21 6.99
CA CYS B 40 5.22 4.81 6.02
C CYS B 40 3.97 3.96 5.80
N GLN B 41 2.99 4.55 5.15
CA GLN B 41 1.74 3.85 4.85
C GLN B 41 1.66 3.55 3.37
N LEU B 42 0.75 2.65 3.00
CA LEU B 42 0.58 2.27 1.61
C LEU B 42 -0.06 3.40 0.79
N ALA B 43 0.64 3.79 -0.29
CA ALA B 43 0.17 4.84 -1.19
C ALA B 43 0.06 6.20 -0.51
N LYS B 44 0.85 6.40 0.53
CA LYS B 44 0.84 7.67 1.25
C LYS B 44 2.13 8.44 1.01
N THR B 45 2.01 9.76 1.00
CA THR B 45 3.14 10.63 0.77
C THR B 45 4.02 10.77 2.02
N CYS B 46 5.32 10.60 1.83
CA CYS B 46 6.27 10.71 2.92
C CYS B 46 7.17 11.93 2.70
N PRO B 47 7.00 12.97 3.52
CA PRO B 47 7.78 14.21 3.42
C PRO B 47 9.20 14.05 3.97
N VAL B 48 10.17 14.13 3.07
CA VAL B 48 11.58 14.02 3.45
C VAL B 48 12.25 15.39 3.28
N GLN B 49 12.92 15.85 4.33
CA GLN B 49 13.57 17.14 4.29
C GLN B 49 15.08 16.99 4.14
N LEU B 50 15.63 17.64 3.13
CA LEU B 50 17.07 17.59 2.88
C LEU B 50 17.75 18.68 3.69
N TRP B 51 18.36 18.29 4.79
CA TRP B 51 19.05 19.22 5.66
C TRP B 51 20.48 19.40 5.18
N VAL B 52 20.66 20.24 4.18
CA VAL B 52 21.97 20.51 3.62
C VAL B 52 22.68 21.60 4.40
N ASP B 53 23.97 21.41 4.64
CA ASP B 53 24.76 22.38 5.36
C ASP B 53 25.25 23.45 4.40
N SER B 54 25.43 23.07 3.16
CA SER B 54 25.88 23.98 2.12
C SER B 54 24.91 23.93 0.95
N THR B 55 24.51 25.10 0.47
CA THR B 55 23.58 25.19 -0.65
C THR B 55 24.23 24.67 -1.93
N PRO B 56 23.70 23.57 -2.49
CA PRO B 56 24.21 22.97 -3.72
C PRO B 56 23.85 23.79 -4.96
N PRO B 57 24.67 23.72 -6.01
CA PRO B 57 24.42 24.45 -7.25
C PRO B 57 23.18 23.93 -7.97
N PRO B 58 22.34 24.84 -8.49
CA PRO B 58 21.11 24.48 -9.21
C PRO B 58 21.39 23.53 -10.37
N GLY B 59 20.52 22.55 -10.53
CA GLY B 59 20.70 21.58 -11.59
C GLY B 59 21.23 20.27 -11.06
N THR B 60 21.19 20.12 -9.74
CA THR B 60 21.67 18.91 -9.09
C THR B 60 20.61 17.80 -9.21
N ARG B 61 21.02 16.56 -9.02
CA ARG B 61 20.10 15.44 -9.12
C ARG B 61 20.04 14.63 -7.83
N VAL B 62 18.85 14.54 -7.27
CA VAL B 62 18.63 13.77 -6.05
C VAL B 62 18.12 12.39 -6.44
N ARG B 63 18.91 11.37 -6.16
CA ARG B 63 18.55 10.01 -6.51
C ARG B 63 18.25 9.18 -5.27
N ALA B 64 17.17 8.41 -5.33
CA ALA B 64 16.77 7.56 -4.21
C ALA B 64 16.67 6.11 -4.67
N MET B 65 17.53 5.28 -4.11
CA MET B 65 17.54 3.85 -4.44
C MET B 65 17.40 3.02 -3.18
N ALA B 66 16.35 2.22 -3.11
CA ALA B 66 16.11 1.40 -1.93
C ALA B 66 16.68 -0.01 -2.09
N ILE B 67 17.34 -0.49 -1.06
CA ILE B 67 17.90 -1.83 -1.05
C ILE B 67 17.35 -2.58 0.16
N TYR B 68 17.85 -3.79 0.40
CA TYR B 68 17.38 -4.57 1.53
C TYR B 68 18.33 -4.41 2.72
N LYS B 69 17.79 -4.54 3.93
CA LYS B 69 18.59 -4.40 5.14
C LYS B 69 19.61 -5.54 5.25
N GLN B 70 19.17 -6.75 4.96
CA GLN B 70 20.03 -7.91 5.03
C GLN B 70 21.10 -7.82 3.95
N SER B 71 22.36 -7.79 4.37
CA SER B 71 23.50 -7.68 3.47
C SER B 71 23.53 -8.79 2.42
N GLN B 72 23.10 -9.99 2.83
CA GLN B 72 23.08 -11.14 1.94
C GLN B 72 21.87 -11.10 1.00
N HIS B 73 20.95 -10.18 1.25
CA HIS B 73 19.76 -10.06 0.43
C HIS B 73 19.77 -8.75 -0.35
N MET B 74 20.87 -8.00 -0.22
CA MET B 74 21.00 -6.72 -0.91
C MET B 74 21.13 -6.90 -2.42
N THR B 75 21.37 -8.14 -2.84
CA THR B 75 21.52 -8.47 -4.24
C THR B 75 20.18 -8.40 -4.97
N GLU B 76 19.09 -8.44 -4.21
CA GLU B 76 17.75 -8.39 -4.79
C GLU B 76 17.31 -6.95 -5.03
N VAL B 77 16.28 -6.79 -5.84
CA VAL B 77 15.75 -5.46 -6.16
C VAL B 77 14.39 -5.27 -5.49
N VAL B 78 14.19 -4.10 -4.91
CA VAL B 78 12.94 -3.79 -4.23
C VAL B 78 11.83 -3.52 -5.24
N ARG B 79 10.92 -4.47 -5.39
CA ARG B 79 9.81 -4.33 -6.31
C ARG B 79 8.48 -4.59 -5.62
N ARG B 80 7.40 -4.52 -6.37
CA ARG B 80 6.06 -4.73 -5.84
C ARG B 80 5.76 -6.21 -5.61
N CYS B 81 4.57 -6.49 -5.13
CA CYS B 81 4.14 -7.85 -4.87
C CYS B 81 3.39 -8.42 -6.08
N PRO B 82 3.14 -9.76 -6.09
CA PRO B 82 2.44 -10.44 -7.18
C PRO B 82 1.23 -9.67 -7.73
N HIS B 83 0.34 -9.24 -6.86
CA HIS B 83 -0.83 -8.49 -7.29
C HIS B 83 -0.64 -7.00 -7.02
N HIS B 84 0.14 -6.35 -7.87
CA HIS B 84 0.41 -4.93 -7.73
C HIS B 84 0.97 -4.33 -9.03
N GLU B 85 1.82 -5.09 -9.70
CA GLU B 85 2.42 -4.63 -10.95
C GLU B 85 1.37 -4.52 -12.06
N ARG B 86 0.48 -5.50 -12.12
CA ARG B 86 -0.58 -5.52 -13.13
C ARG B 86 -1.77 -4.65 -12.73
N CYS B 87 -1.68 -4.01 -11.57
CA CYS B 87 -2.78 -3.16 -11.09
C CYS B 87 -3.02 -1.97 -12.00
N SER B 88 -1.96 -1.52 -12.69
CA SER B 88 -2.05 -0.38 -13.59
C SER B 88 -2.42 0.90 -12.86
N ASP B 89 -1.62 1.22 -11.83
CA ASP B 89 -1.85 2.41 -11.02
C ASP B 89 -1.02 3.57 -11.54
N SER B 90 -0.51 3.41 -12.75
CA SER B 90 0.30 4.44 -13.39
C SER B 90 -0.51 5.69 -13.69
N ASP B 91 0.03 6.85 -13.33
CA ASP B 91 -0.64 8.12 -13.57
C ASP B 91 -0.40 8.59 -14.99
N GLY B 92 0.73 8.16 -15.55
CA GLY B 92 1.09 8.54 -16.89
C GLY B 92 2.57 8.88 -16.97
N LEU B 93 3.13 9.28 -15.85
CA LEU B 93 4.54 9.61 -15.76
C LEU B 93 5.25 8.58 -14.90
N ALA B 94 4.56 8.12 -13.87
CA ALA B 94 5.09 7.12 -12.96
C ALA B 94 4.67 5.72 -13.40
N PRO B 95 5.64 4.87 -13.76
CA PRO B 95 5.37 3.50 -14.21
C PRO B 95 4.84 2.63 -13.07
N PRO B 96 4.04 1.60 -13.41
CA PRO B 96 3.46 0.68 -12.42
C PRO B 96 4.49 -0.25 -11.78
N GLN B 97 5.69 -0.27 -12.34
CA GLN B 97 6.75 -1.13 -11.81
C GLN B 97 7.56 -0.44 -10.71
N HIS B 98 7.48 0.88 -10.66
CA HIS B 98 8.22 1.64 -9.66
C HIS B 98 7.50 1.67 -8.33
N LEU B 99 8.23 1.30 -7.29
CA LEU B 99 7.69 1.27 -5.93
C LEU B 99 7.74 2.65 -5.29
N ILE B 100 8.82 3.37 -5.54
CA ILE B 100 9.00 4.70 -4.97
C ILE B 100 8.74 5.78 -6.02
N ARG B 101 7.76 6.63 -5.73
CA ARG B 101 7.40 7.71 -6.62
C ARG B 101 7.57 9.05 -5.92
N VAL B 102 7.26 10.15 -6.60
CA VAL B 102 7.40 11.48 -6.01
C VAL B 102 6.14 12.32 -6.24
N GLU B 103 5.69 12.99 -5.19
CA GLU B 103 4.51 13.85 -5.27
C GLU B 103 4.91 15.30 -5.04
N GLY B 104 4.08 16.22 -5.52
CA GLY B 104 4.35 17.63 -5.35
C GLY B 104 5.36 18.18 -6.34
N ASN B 105 6.51 17.53 -6.42
CA ASN B 105 7.56 17.96 -7.34
C ASN B 105 7.14 17.70 -8.78
N LEU B 106 7.05 18.77 -9.56
CA LEU B 106 6.66 18.67 -10.96
C LEU B 106 7.78 18.02 -11.77
N ARG B 107 9.01 18.20 -11.30
CA ARG B 107 10.16 17.64 -11.95
C ARG B 107 10.46 16.25 -11.41
N VAL B 108 9.77 15.26 -11.97
CA VAL B 108 9.95 13.88 -11.54
C VAL B 108 10.43 12.99 -12.68
N GLU B 109 11.55 12.32 -12.46
CA GLU B 109 12.13 11.42 -13.45
C GLU B 109 12.58 10.14 -12.79
N TYR B 110 12.55 9.05 -13.53
CA TYR B 110 12.96 7.75 -12.99
C TYR B 110 14.13 7.20 -13.78
N LEU B 111 15.01 6.50 -13.10
CA LEU B 111 16.19 5.91 -13.74
C LEU B 111 16.18 4.39 -13.56
N ASP B 112 15.93 3.69 -14.65
CA ASP B 112 15.90 2.23 -14.62
C ASP B 112 17.23 1.66 -15.09
N ASP B 113 18.06 1.25 -14.15
CA ASP B 113 19.35 0.66 -14.48
C ASP B 113 19.13 -0.65 -15.23
N ARG B 114 19.98 -0.91 -16.23
CA ARG B 114 19.84 -2.12 -17.02
C ARG B 114 20.92 -3.15 -16.68
N ASN B 115 21.84 -2.79 -15.80
CA ASN B 115 22.91 -3.70 -15.41
C ASN B 115 22.41 -4.72 -14.40
N THR B 116 21.88 -4.22 -13.28
CA THR B 116 21.34 -5.06 -12.24
C THR B 116 19.87 -4.74 -12.02
N PHE B 117 19.33 -3.93 -12.92
CA PHE B 117 17.93 -3.51 -12.87
C PHE B 117 17.64 -2.72 -11.60
N ARG B 118 18.58 -1.86 -11.24
CA ARG B 118 18.43 -1.05 -10.05
C ARG B 118 17.49 0.12 -10.30
N HIS B 119 16.21 -0.11 -10.09
CA HIS B 119 15.20 0.93 -10.28
C HIS B 119 15.38 2.01 -9.21
N SER B 120 15.53 3.25 -9.64
CA SER B 120 15.71 4.35 -8.71
C SER B 120 15.11 5.63 -9.26
N VAL B 121 14.56 6.45 -8.37
CA VAL B 121 13.97 7.71 -8.78
C VAL B 121 15.02 8.82 -8.71
N VAL B 122 15.01 9.70 -9.68
CA VAL B 122 15.97 10.80 -9.72
C VAL B 122 15.27 12.12 -10.04
N VAL B 123 15.20 13.00 -9.06
CA VAL B 123 14.55 14.29 -9.24
C VAL B 123 15.56 15.42 -9.07
N PRO B 124 15.37 16.53 -9.81
CA PRO B 124 16.26 17.69 -9.71
C PRO B 124 16.18 18.32 -8.33
N TYR B 125 17.25 18.95 -7.90
CA TYR B 125 17.28 19.58 -6.59
C TYR B 125 16.52 20.90 -6.61
N GLU B 126 15.37 20.90 -5.96
CA GLU B 126 14.54 22.10 -5.88
C GLU B 126 15.19 23.12 -4.93
N PRO B 127 15.47 24.32 -5.44
CA PRO B 127 16.09 25.39 -4.64
C PRO B 127 15.23 25.79 -3.44
N PRO B 128 15.86 26.08 -2.29
CA PRO B 128 15.15 26.50 -1.08
C PRO B 128 14.48 27.85 -1.26
N GLU B 129 13.16 27.83 -1.46
CA GLU B 129 12.41 29.06 -1.65
C GLU B 129 12.12 29.74 -0.32
N VAL B 130 11.46 30.88 -0.39
CA VAL B 130 11.12 31.64 0.80
C VAL B 130 10.19 30.84 1.71
N GLY B 131 10.67 30.55 2.92
CA GLY B 131 9.87 29.79 3.87
C GLY B 131 10.32 28.34 3.96
N SER B 132 11.10 27.91 2.98
CA SER B 132 11.59 26.54 2.96
C SER B 132 13.12 26.53 3.09
N ASP B 133 13.58 26.51 4.33
CA ASP B 133 15.02 26.49 4.61
C ASP B 133 15.64 25.17 4.18
N CYS B 134 14.85 24.11 4.26
CA CYS B 134 15.30 22.79 3.88
C CYS B 134 14.42 22.26 2.75
N THR B 135 15.05 21.78 1.68
CA THR B 135 14.31 21.24 0.55
C THR B 135 13.48 20.04 0.97
N THR B 136 12.17 20.19 0.90
CA THR B 136 11.26 19.12 1.28
C THR B 136 10.74 18.36 0.05
N ILE B 137 11.09 17.08 -0.04
CA ILE B 137 10.65 16.25 -1.15
C ILE B 137 9.67 15.20 -0.64
N HIS B 138 8.56 15.07 -1.34
CA HIS B 138 7.53 14.12 -0.95
C HIS B 138 7.66 12.82 -1.74
N TYR B 139 8.07 11.76 -1.07
CA TYR B 139 8.24 10.46 -1.71
C TYR B 139 6.99 9.62 -1.48
N ASN B 140 6.72 8.71 -2.41
CA ASN B 140 5.54 7.86 -2.30
C ASN B 140 5.92 6.39 -2.33
N TYR B 141 5.45 5.65 -1.34
CA TYR B 141 5.70 4.22 -1.27
C TYR B 141 4.43 3.47 -1.68
N MET B 142 4.43 2.94 -2.89
CA MET B 142 3.27 2.25 -3.43
C MET B 142 3.19 0.77 -3.02
N CYS B 143 3.96 0.39 -2.02
CA CYS B 143 3.97 -0.99 -1.55
C CYS B 143 4.38 -1.07 -0.08
N ASN B 144 4.01 -2.16 0.57
CA ASN B 144 4.33 -2.37 1.97
C ASN B 144 5.55 -3.26 2.10
N SER B 145 6.23 -3.19 3.24
CA SER B 145 7.43 -4.00 3.47
C SER B 145 7.06 -5.47 3.65
N SER B 146 5.80 -5.73 3.95
CA SER B 146 5.33 -7.09 4.14
C SER B 146 4.91 -7.72 2.83
N CYS B 147 4.86 -6.91 1.77
CA CYS B 147 4.47 -7.37 0.44
C CYS B 147 5.30 -8.56 -0.01
N MET B 148 4.62 -9.70 -0.21
CA MET B 148 5.27 -10.92 -0.64
C MET B 148 5.83 -10.76 -2.05
N GLY B 149 6.81 -11.59 -2.40
CA GLY B 149 7.40 -11.52 -3.73
C GLY B 149 8.61 -10.63 -3.76
N GLY B 150 8.39 -9.33 -3.90
CA GLY B 150 9.49 -8.39 -3.94
C GLY B 150 10.19 -8.28 -2.59
N MET B 151 9.66 -7.42 -1.73
CA MET B 151 10.25 -7.23 -0.40
C MET B 151 10.15 -8.51 0.41
N ASN B 152 9.03 -9.20 0.28
CA ASN B 152 8.79 -10.47 0.95
C ASN B 152 8.97 -10.40 2.46
N ARG B 153 8.29 -9.44 3.08
CA ARG B 153 8.34 -9.24 4.53
C ARG B 153 9.75 -8.96 5.03
N ARG B 154 10.43 -8.03 4.36
CA ARG B 154 11.80 -7.67 4.74
C ARG B 154 11.97 -6.17 4.76
N PRO B 155 12.72 -5.64 5.74
CA PRO B 155 12.96 -4.20 5.86
C PRO B 155 13.89 -3.70 4.77
N ILE B 156 13.65 -2.48 4.31
CA ILE B 156 14.46 -1.91 3.25
C ILE B 156 15.26 -0.70 3.73
N LEU B 157 16.26 -0.35 2.94
CA LEU B 157 17.12 0.79 3.23
C LEU B 157 17.14 1.71 2.02
N THR B 158 16.49 2.86 2.14
CA THR B 158 16.43 3.81 1.06
C THR B 158 17.66 4.71 1.05
N ILE B 159 18.48 4.57 0.03
CA ILE B 159 19.69 5.36 -0.10
C ILE B 159 19.39 6.66 -0.85
N ILE B 160 19.44 7.76 -0.13
CA ILE B 160 19.20 9.07 -0.70
C ILE B 160 20.54 9.69 -1.04
N THR B 161 20.75 10.02 -2.29
CA THR B 161 22.01 10.59 -2.71
C THR B 161 21.82 11.85 -3.55
N LEU B 162 22.81 12.72 -3.50
CA LEU B 162 22.79 13.97 -4.24
C LEU B 162 23.98 14.03 -5.19
N GLU B 163 23.70 13.87 -6.48
CA GLU B 163 24.73 13.90 -7.49
C GLU B 163 24.61 15.19 -8.30
N ASP B 164 25.73 15.64 -8.85
CA ASP B 164 25.72 16.84 -9.67
C ASP B 164 25.16 16.53 -11.05
N SER B 165 25.05 17.55 -11.90
CA SER B 165 24.52 17.36 -13.25
C SER B 165 25.35 16.35 -14.05
N SER B 166 26.63 16.27 -13.75
CA SER B 166 27.52 15.33 -14.43
C SER B 166 27.33 13.92 -13.88
N GLY B 167 27.27 13.82 -12.55
CA GLY B 167 27.07 12.53 -11.91
C GLY B 167 28.04 12.31 -10.75
N ASN B 168 28.61 13.40 -10.26
CA ASN B 168 29.56 13.33 -9.16
C ASN B 168 28.83 13.27 -7.83
N LEU B 169 29.36 12.43 -6.94
CA LEU B 169 28.78 12.26 -5.62
C LEU B 169 29.09 13.45 -4.72
N LEU B 170 28.06 14.17 -4.33
CA LEU B 170 28.22 15.34 -3.47
C LEU B 170 27.76 15.03 -2.05
N GLY B 171 26.79 14.12 -1.94
CA GLY B 171 26.26 13.72 -0.65
C GLY B 171 25.45 12.45 -0.75
N ARG B 172 25.54 11.59 0.25
CA ARG B 172 24.80 10.33 0.25
C ARG B 172 24.48 9.88 1.67
N ASN B 173 23.26 9.41 1.86
CA ASN B 173 22.82 8.93 3.17
C ASN B 173 21.85 7.77 2.98
N SER B 174 21.53 7.06 4.08
CA SER B 174 20.63 5.92 4.00
C SER B 174 19.87 5.75 5.32
N PHE B 175 18.62 5.29 5.22
CA PHE B 175 17.79 5.08 6.39
C PHE B 175 16.92 3.83 6.22
N GLU B 176 16.53 3.23 7.34
CA GLU B 176 15.71 2.03 7.33
C GLU B 176 14.25 2.41 7.13
N VAL B 177 13.54 1.66 6.31
CA VAL B 177 12.14 1.95 6.03
C VAL B 177 11.24 0.73 6.27
N ARG B 178 10.08 1.00 6.84
CA ARG B 178 9.08 -0.03 7.10
C ARG B 178 7.71 0.50 6.70
N VAL B 179 7.20 0.04 5.57
CA VAL B 179 5.91 0.49 5.08
C VAL B 179 4.83 -0.50 5.48
N CYS B 180 3.75 0.02 6.08
CA CYS B 180 2.65 -0.81 6.51
C CYS B 180 1.32 -0.06 6.36
N ALA B 181 0.39 -0.31 7.26
CA ALA B 181 -0.89 0.37 7.23
C ALA B 181 -1.14 1.12 8.53
N CYS B 182 -0.22 0.97 9.48
CA CYS B 182 -0.33 1.63 10.77
C CYS B 182 1.06 1.95 11.31
N PRO B 183 1.63 3.09 10.91
CA PRO B 183 2.98 3.51 11.33
C PRO B 183 3.12 3.57 12.86
N GLY B 184 2.11 4.11 13.52
CA GLY B 184 2.13 4.23 14.96
C GLY B 184 2.10 2.89 15.66
N ARG B 185 1.36 1.94 15.09
CA ARG B 185 1.25 0.60 15.67
C ARG B 185 2.53 -0.20 15.44
N ASP B 186 3.00 -0.20 14.20
CA ASP B 186 4.21 -0.94 13.84
C ASP B 186 5.44 -0.39 14.54
N ARG B 187 5.48 0.94 14.73
CA ARG B 187 6.60 1.58 15.41
C ARG B 187 6.75 1.06 16.84
N ARG B 188 5.63 0.77 17.48
CA ARG B 188 5.62 0.28 18.85
C ARG B 188 6.12 -1.16 18.91
N THR B 189 6.12 -1.82 17.76
CA THR B 189 6.56 -3.19 17.67
C THR B 189 8.05 -3.26 17.30
N GLU B 190 8.65 -2.09 17.06
CA GLU B 190 10.05 -2.02 16.70
C GLU B 190 10.83 -1.13 17.65
N GLU B 191 10.65 0.19 17.53
CA GLU B 191 11.35 1.14 18.37
C GLU B 191 10.99 0.96 19.84
N GLU B 192 9.70 0.93 20.12
CA GLU B 192 9.21 0.77 21.49
C GLU B 192 9.51 -0.63 22.03
N ASN B 193 9.82 -1.56 21.12
CA ASN B 193 10.13 -2.93 21.50
C ASN B 193 11.62 -3.09 21.80
N LEU B 194 12.40 -2.11 21.34
CA LEU B 194 13.84 -2.14 21.56
C LEU B 194 14.19 -1.62 22.95
N ARG B 195 13.49 -0.57 23.36
CA ARG B 195 13.72 0.04 24.66
C ARG B 195 12.76 -0.52 25.71
ZN ZN C . 2.71 -5.01 -3.13
N MET A 4 -31.04 -25.10 8.56
CA MET A 4 -30.44 -23.88 7.98
C MET A 4 -29.32 -24.24 7.02
N SER A 5 -29.54 -24.06 5.72
CA SER A 5 -28.54 -24.38 4.72
C SER A 5 -27.45 -23.32 4.65
N GLN A 6 -27.79 -22.11 5.08
CA GLN A 6 -26.85 -20.99 5.08
C GLN A 6 -26.36 -20.67 3.67
N SER A 7 -27.31 -20.50 2.76
CA SER A 7 -27.00 -20.18 1.37
C SER A 7 -26.30 -18.83 1.27
N ASN A 8 -26.61 -17.93 2.19
CA ASN A 8 -26.01 -16.60 2.21
C ASN A 8 -24.56 -16.71 2.69
N ARG A 9 -24.36 -17.44 3.79
CA ARG A 9 -23.03 -17.63 4.35
C ARG A 9 -22.13 -18.32 3.33
N GLU A 10 -22.71 -19.23 2.56
CA GLU A 10 -21.98 -19.97 1.54
C GLU A 10 -21.51 -19.03 0.44
N LEU A 11 -22.42 -18.17 -0.03
CA LEU A 11 -22.11 -17.23 -1.09
C LEU A 11 -21.00 -16.26 -0.67
N VAL A 12 -21.11 -15.75 0.56
CA VAL A 12 -20.12 -14.82 1.09
C VAL A 12 -18.71 -15.42 1.12
N VAL A 13 -18.59 -16.63 1.66
CA VAL A 13 -17.29 -17.27 1.75
C VAL A 13 -16.77 -17.71 0.39
N ASP A 14 -17.68 -18.11 -0.50
CA ASP A 14 -17.30 -18.56 -1.84
C ASP A 14 -16.75 -17.40 -2.65
N PHE A 15 -17.48 -16.28 -2.62
CA PHE A 15 -17.06 -15.09 -3.35
C PHE A 15 -15.68 -14.63 -2.85
N LEU A 16 -15.52 -14.68 -1.54
CA LEU A 16 -14.26 -14.28 -0.92
C LEU A 16 -13.13 -15.20 -1.39
N SER A 17 -13.40 -16.50 -1.39
CA SER A 17 -12.42 -17.49 -1.82
C SER A 17 -12.05 -17.28 -3.30
N TYR A 18 -13.06 -16.98 -4.11
CA TYR A 18 -12.86 -16.75 -5.54
C TYR A 18 -11.87 -15.61 -5.78
N LYS A 19 -11.90 -14.62 -4.92
CA LYS A 19 -11.00 -13.48 -5.04
C LYS A 19 -9.65 -13.78 -4.39
N LEU A 20 -9.68 -14.55 -3.32
CA LEU A 20 -8.45 -14.92 -2.61
C LEU A 20 -7.57 -15.84 -3.45
N SER A 21 -8.16 -16.41 -4.49
CA SER A 21 -7.43 -17.31 -5.39
C SER A 21 -7.03 -16.60 -6.68
N GLN A 22 -6.95 -15.27 -6.61
CA GLN A 22 -6.58 -14.47 -7.78
C GLN A 22 -5.07 -14.49 -8.01
N LYS A 23 -4.36 -13.67 -7.26
CA LYS A 23 -2.91 -13.57 -7.36
C LYS A 23 -2.36 -13.09 -6.03
N GLY A 24 -1.16 -13.54 -5.69
CA GLY A 24 -0.55 -13.13 -4.44
C GLY A 24 -1.15 -13.89 -3.26
N TYR A 25 -1.55 -15.12 -3.50
CA TYR A 25 -2.15 -15.94 -2.48
C TYR A 25 -1.15 -16.90 -1.86
N SER A 26 -1.16 -16.99 -0.55
CA SER A 26 -0.26 -17.87 0.17
C SER A 26 -1.06 -18.80 1.09
N TRP A 27 -1.36 -18.33 2.29
CA TRP A 27 -2.12 -19.12 3.26
C TRP A 27 -3.56 -19.31 2.81
N SER A 28 -4.01 -18.50 1.87
CA SER A 28 -5.36 -18.59 1.35
C SER A 28 -5.52 -19.82 0.47
N GLN A 29 -4.39 -20.40 0.08
CA GLN A 29 -4.38 -21.59 -0.75
C GLN A 29 -4.28 -22.83 0.13
N PHE A 30 -3.53 -22.71 1.21
CA PHE A 30 -3.33 -23.81 2.14
C PHE A 30 -4.53 -23.99 3.06
N SER A 31 -5.06 -22.88 3.55
CA SER A 31 -6.22 -22.92 4.44
C SER A 31 -7.20 -21.79 4.11
N MET A 86 -32.31 -23.88 -8.73
CA MET A 86 -31.38 -22.94 -8.14
C MET A 86 -31.38 -21.63 -8.92
N ALA A 87 -31.25 -20.52 -8.20
CA ALA A 87 -31.25 -19.20 -8.83
C ALA A 87 -29.89 -18.90 -9.46
N ALA A 88 -28.91 -19.76 -9.17
CA ALA A 88 -27.55 -19.61 -9.67
C ALA A 88 -26.91 -18.33 -9.17
N VAL A 89 -27.04 -18.10 -7.87
CA VAL A 89 -26.49 -16.91 -7.24
C VAL A 89 -24.97 -16.84 -7.41
N LYS A 90 -24.31 -17.99 -7.37
CA LYS A 90 -22.87 -18.06 -7.52
C LYS A 90 -22.46 -17.61 -8.93
N GLN A 91 -23.32 -17.91 -9.89
CA GLN A 91 -23.07 -17.54 -11.28
C GLN A 91 -23.25 -16.03 -11.44
N ALA A 92 -24.32 -15.51 -10.88
CA ALA A 92 -24.62 -14.08 -10.96
C ALA A 92 -23.55 -13.25 -10.28
N LEU A 93 -23.14 -13.68 -9.08
CA LEU A 93 -22.13 -12.98 -8.31
C LEU A 93 -20.74 -13.06 -8.94
N ARG A 94 -20.43 -14.19 -9.57
CA ARG A 94 -19.13 -14.38 -10.20
C ARG A 94 -18.91 -13.38 -11.34
N GLU A 95 -19.91 -13.28 -12.22
CA GLU A 95 -19.83 -12.38 -13.37
C GLU A 95 -19.70 -10.92 -12.94
N ALA A 96 -20.70 -10.41 -12.23
CA ALA A 96 -20.71 -9.03 -11.78
C ALA A 96 -19.54 -8.72 -10.83
N GLY A 97 -19.27 -9.65 -9.93
CA GLY A 97 -18.20 -9.47 -8.95
C GLY A 97 -16.83 -9.35 -9.59
N ASP A 98 -16.55 -10.20 -10.56
CA ASP A 98 -15.26 -10.18 -11.24
C ASP A 98 -15.11 -8.90 -12.06
N GLU A 99 -16.19 -8.50 -12.71
CA GLU A 99 -16.21 -7.29 -13.52
C GLU A 99 -15.87 -6.06 -12.69
N PHE A 100 -16.41 -6.01 -11.49
CA PHE A 100 -16.16 -4.89 -10.59
C PHE A 100 -14.78 -4.98 -9.96
N GLU A 101 -14.35 -6.21 -9.66
CA GLU A 101 -13.05 -6.44 -9.04
C GLU A 101 -11.91 -5.91 -9.90
N LEU A 102 -11.94 -6.23 -11.20
CA LEU A 102 -10.89 -5.78 -12.11
C LEU A 102 -10.85 -4.26 -12.20
N ARG A 103 -11.96 -3.62 -11.87
CA ARG A 103 -12.04 -2.17 -11.90
C ARG A 103 -11.54 -1.59 -10.58
N TYR A 104 -11.64 -2.38 -9.51
CA TYR A 104 -11.21 -1.95 -8.19
C TYR A 104 -9.71 -2.17 -7.96
N ARG A 105 -9.14 -3.13 -8.65
CA ARG A 105 -7.71 -3.43 -8.51
C ARG A 105 -6.82 -2.44 -9.25
N ARG A 106 -7.31 -1.22 -9.46
CA ARG A 106 -6.55 -0.21 -10.16
C ARG A 106 -5.72 0.63 -9.19
N ALA A 107 -5.88 0.33 -7.89
CA ALA A 107 -5.16 1.02 -6.82
C ALA A 107 -5.60 2.48 -6.62
N PHE A 108 -6.55 2.92 -7.43
CA PHE A 108 -7.07 4.28 -7.34
C PHE A 108 -8.57 4.30 -7.51
N SER A 109 -9.19 3.15 -7.27
CA SER A 109 -10.63 3.02 -7.42
C SER A 109 -11.37 3.33 -6.11
N ASP A 110 -12.68 3.02 -6.10
CA ASP A 110 -13.54 3.26 -4.95
C ASP A 110 -12.97 2.69 -3.66
N LEU A 111 -12.36 1.50 -3.77
CA LEU A 111 -11.77 0.82 -2.62
C LEU A 111 -10.78 1.71 -1.87
N THR A 112 -9.88 2.34 -2.61
CA THR A 112 -8.86 3.21 -2.03
C THR A 112 -9.48 4.40 -1.31
N SER A 113 -10.53 4.98 -1.89
CA SER A 113 -11.20 6.13 -1.30
C SER A 113 -12.03 5.71 -0.09
N GLN A 114 -12.54 4.49 -0.12
CA GLN A 114 -13.34 3.96 0.97
C GLN A 114 -12.49 3.64 2.19
N LEU A 115 -11.39 2.93 1.96
CA LEU A 115 -10.50 2.54 3.03
C LEU A 115 -9.59 3.68 3.46
N HIS A 116 -8.88 4.28 2.49
CA HIS A 116 -7.95 5.38 2.74
C HIS A 116 -6.79 4.94 3.64
N ILE A 117 -6.62 3.62 3.76
CA ILE A 117 -5.58 3.04 4.58
C ILE A 117 -5.73 3.48 6.04
N THR A 118 -6.72 2.90 6.70
CA THR A 118 -7.01 3.22 8.09
C THR A 118 -5.99 2.58 9.03
N PRO A 119 -5.50 3.35 10.02
CA PRO A 119 -4.52 2.88 11.01
C PRO A 119 -5.19 1.96 12.05
N GLY A 120 -5.88 0.97 11.54
CA GLY A 120 -6.58 0.01 12.37
C GLY A 120 -7.34 -0.95 11.49
N THR A 121 -6.64 -1.46 10.49
CA THR A 121 -7.21 -2.37 9.50
C THR A 121 -7.51 -3.77 10.07
N ALA A 122 -7.75 -3.84 11.36
CA ALA A 122 -8.08 -5.10 12.01
C ALA A 122 -9.52 -5.03 12.54
N TYR A 123 -10.10 -3.83 12.49
CA TYR A 123 -11.46 -3.64 12.97
C TYR A 123 -12.13 -2.45 12.29
N GLN A 124 -11.37 -1.36 12.12
CA GLN A 124 -11.90 -0.14 11.48
C GLN A 124 -12.26 -0.41 10.03
N SER A 125 -11.52 -1.32 9.40
CA SER A 125 -11.77 -1.69 8.01
C SER A 125 -13.13 -2.36 7.88
N PHE A 126 -13.42 -3.25 8.82
CA PHE A 126 -14.70 -3.97 8.83
C PHE A 126 -15.85 -2.97 8.93
N GLU A 127 -15.73 -2.06 9.88
CA GLU A 127 -16.75 -1.04 10.10
C GLU A 127 -16.94 -0.17 8.86
N GLN A 128 -15.84 0.34 8.34
CA GLN A 128 -15.86 1.21 7.17
C GLN A 128 -16.53 0.55 5.96
N VAL A 129 -16.22 -0.72 5.73
CA VAL A 129 -16.78 -1.45 4.60
C VAL A 129 -18.25 -1.83 4.82
N VAL A 130 -18.56 -2.41 5.98
CA VAL A 130 -19.92 -2.85 6.28
C VAL A 130 -20.89 -1.66 6.41
N ASN A 131 -20.39 -0.56 6.98
CA ASN A 131 -21.23 0.64 7.15
C ASN A 131 -21.73 1.16 5.80
N GLU A 132 -20.97 0.89 4.74
CA GLU A 132 -21.33 1.31 3.40
C GLU A 132 -22.71 0.76 3.00
N LEU A 133 -22.99 -0.46 3.44
CA LEU A 133 -24.28 -1.09 3.14
C LEU A 133 -25.41 -0.41 3.90
N PHE A 134 -25.11 -0.01 5.14
CA PHE A 134 -26.10 0.66 5.99
C PHE A 134 -26.31 2.11 5.56
N ARG A 135 -25.38 2.62 4.76
CA ARG A 135 -25.45 3.99 4.26
C ARG A 135 -26.55 4.11 3.21
N ASP A 136 -27.09 2.99 2.78
CA ASP A 136 -28.13 2.96 1.78
C ASP A 136 -29.32 2.14 2.27
N GLY A 137 -29.04 0.94 2.74
CA GLY A 137 -30.09 0.08 3.25
C GLY A 137 -30.15 -1.21 2.45
N VAL A 138 -31.35 -1.65 2.12
CA VAL A 138 -31.52 -2.86 1.33
C VAL A 138 -31.46 -2.53 -0.15
N ASN A 139 -30.27 -2.18 -0.60
CA ASN A 139 -30.05 -1.82 -1.99
C ASN A 139 -29.36 -2.96 -2.73
N TRP A 140 -30.11 -3.63 -3.59
CA TRP A 140 -29.61 -4.78 -4.35
C TRP A 140 -28.52 -4.36 -5.35
N GLY A 141 -28.46 -3.07 -5.66
CA GLY A 141 -27.46 -2.59 -6.59
C GLY A 141 -26.17 -2.22 -5.87
N ARG A 142 -26.31 -1.71 -4.66
CA ARG A 142 -25.17 -1.30 -3.86
C ARG A 142 -24.52 -2.50 -3.18
N ILE A 143 -25.29 -3.57 -2.98
CA ILE A 143 -24.77 -4.77 -2.34
C ILE A 143 -23.65 -5.38 -3.20
N VAL A 144 -23.74 -5.18 -4.51
CA VAL A 144 -22.74 -5.68 -5.44
C VAL A 144 -21.41 -4.98 -5.19
N ALA A 145 -21.49 -3.67 -5.00
CA ALA A 145 -20.32 -2.85 -4.73
C ALA A 145 -19.74 -3.24 -3.37
N PHE A 146 -20.64 -3.51 -2.42
CA PHE A 146 -20.24 -3.91 -1.07
C PHE A 146 -19.40 -5.18 -1.13
N PHE A 147 -19.88 -6.16 -1.88
CA PHE A 147 -19.15 -7.42 -2.03
C PHE A 147 -17.82 -7.19 -2.74
N SER A 148 -17.85 -6.32 -3.74
CA SER A 148 -16.65 -5.99 -4.50
C SER A 148 -15.59 -5.33 -3.62
N PHE A 149 -16.03 -4.52 -2.66
CA PHE A 149 -15.13 -3.84 -1.74
C PHE A 149 -14.32 -4.88 -0.96
N GLY A 150 -15.02 -5.79 -0.30
CA GLY A 150 -14.35 -6.82 0.48
C GLY A 150 -13.58 -7.78 -0.40
N GLY A 151 -14.14 -8.08 -1.57
CA GLY A 151 -13.50 -8.99 -2.49
C GLY A 151 -12.15 -8.50 -2.95
N ALA A 152 -12.10 -7.27 -3.46
CA ALA A 152 -10.86 -6.69 -3.93
C ALA A 152 -9.88 -6.47 -2.78
N LEU A 153 -10.41 -6.14 -1.61
CA LEU A 153 -9.59 -5.89 -0.45
C LEU A 153 -8.90 -7.16 0.05
N CYS A 154 -9.63 -8.28 0.04
CA CYS A 154 -9.08 -9.54 0.51
C CYS A 154 -7.87 -9.99 -0.32
N VAL A 155 -7.91 -9.71 -1.62
CA VAL A 155 -6.82 -10.08 -2.51
C VAL A 155 -5.54 -9.37 -2.10
N GLU A 156 -5.65 -8.06 -1.87
CA GLU A 156 -4.51 -7.25 -1.48
C GLU A 156 -4.12 -7.52 -0.03
N SER A 157 -5.01 -8.15 0.73
CA SER A 157 -4.75 -8.47 2.12
C SER A 157 -3.73 -9.59 2.22
N VAL A 158 -3.82 -10.56 1.33
CA VAL A 158 -2.89 -11.68 1.31
C VAL A 158 -1.67 -11.34 0.45
N ASP A 159 -1.90 -10.60 -0.62
CA ASP A 159 -0.85 -10.18 -1.53
C ASP A 159 0.21 -9.35 -0.82
N LYS A 160 -0.22 -8.58 0.18
CA LYS A 160 0.69 -7.75 0.95
C LYS A 160 1.04 -8.42 2.27
N GLU A 161 0.69 -9.69 2.39
CA GLU A 161 0.95 -10.50 3.58
C GLU A 161 0.57 -9.77 4.87
N MET A 162 -0.67 -9.31 4.93
CA MET A 162 -1.17 -8.62 6.11
C MET A 162 -1.88 -9.60 7.01
N GLN A 163 -2.62 -10.52 6.39
CA GLN A 163 -3.37 -11.56 7.08
C GLN A 163 -4.50 -11.03 7.97
N VAL A 164 -4.12 -10.40 9.08
CA VAL A 164 -5.08 -9.86 10.06
C VAL A 164 -6.24 -9.09 9.42
N LEU A 165 -5.97 -8.43 8.30
CA LEU A 165 -6.99 -7.66 7.60
C LEU A 165 -8.20 -8.54 7.26
N VAL A 166 -7.98 -9.55 6.42
CA VAL A 166 -9.04 -10.44 6.01
C VAL A 166 -9.43 -11.44 7.11
N SER A 167 -8.45 -11.85 7.92
CA SER A 167 -8.69 -12.79 9.01
C SER A 167 -9.62 -12.23 10.08
N ARG A 168 -9.78 -10.91 10.09
CA ARG A 168 -10.67 -10.28 11.07
C ARG A 168 -12.00 -9.91 10.44
N ILE A 169 -11.95 -9.24 9.28
CA ILE A 169 -13.17 -8.81 8.59
C ILE A 169 -14.06 -10.02 8.27
N ALA A 170 -13.46 -11.08 7.74
CA ALA A 170 -14.23 -12.28 7.40
C ALA A 170 -14.87 -12.89 8.63
N ALA A 171 -14.14 -12.90 9.74
CA ALA A 171 -14.65 -13.47 10.98
C ALA A 171 -15.84 -12.66 11.50
N TRP A 172 -15.65 -11.36 11.64
CA TRP A 172 -16.69 -10.48 12.12
C TRP A 172 -17.92 -10.52 11.22
N MET A 173 -17.67 -10.41 9.91
CA MET A 173 -18.73 -10.42 8.91
C MET A 173 -19.52 -11.71 8.93
N ALA A 174 -18.83 -12.84 8.96
CA ALA A 174 -19.49 -14.15 8.98
C ALA A 174 -20.34 -14.33 10.23
N THR A 175 -19.84 -13.84 11.35
CA THR A 175 -20.58 -13.95 12.62
C THR A 175 -21.85 -13.10 12.59
N TYR A 176 -21.73 -11.84 12.18
CA TYR A 176 -22.88 -10.95 12.11
C TYR A 176 -23.83 -11.38 11.00
N LEU A 177 -23.27 -12.01 9.98
CA LEU A 177 -24.03 -12.50 8.84
C LEU A 177 -25.11 -13.48 9.29
N ASN A 178 -24.71 -14.58 9.90
CA ASN A 178 -25.65 -15.58 10.36
C ASN A 178 -26.53 -15.08 11.50
N ASP A 179 -26.00 -14.13 12.25
CA ASP A 179 -26.71 -13.56 13.40
C ASP A 179 -27.91 -12.72 12.97
N HIS A 180 -27.72 -11.88 11.96
CA HIS A 180 -28.79 -11.01 11.50
C HIS A 180 -28.97 -10.99 9.99
N LEU A 181 -27.88 -10.81 9.26
CA LEU A 181 -27.92 -10.72 7.80
C LEU A 181 -28.64 -11.88 7.10
N GLU A 182 -28.22 -13.12 7.38
CA GLU A 182 -28.82 -14.31 6.75
C GLU A 182 -30.34 -14.34 6.86
N PRO A 183 -30.92 -14.35 8.09
CA PRO A 183 -32.37 -14.39 8.28
C PRO A 183 -33.06 -13.17 7.68
N TRP A 184 -32.40 -12.01 7.75
CA TRP A 184 -32.95 -10.78 7.21
C TRP A 184 -33.01 -10.81 5.68
N ILE A 185 -31.91 -11.23 5.06
CA ILE A 185 -31.83 -11.32 3.61
C ILE A 185 -32.89 -12.26 3.05
N GLN A 186 -33.09 -13.39 3.70
CA GLN A 186 -34.07 -14.36 3.24
C GLN A 186 -35.49 -14.03 3.68
N GLU A 187 -35.63 -12.97 4.46
CA GLU A 187 -36.95 -12.55 4.94
C GLU A 187 -37.47 -11.39 4.09
N ASN A 188 -36.59 -10.43 3.83
CA ASN A 188 -36.96 -9.25 3.04
C ASN A 188 -36.68 -9.49 1.55
N GLY A 189 -35.60 -10.21 1.29
CA GLY A 189 -35.21 -10.48 -0.08
C GLY A 189 -33.86 -9.88 -0.39
N GLY A 190 -32.91 -10.71 -0.80
CA GLY A 190 -31.58 -10.23 -1.11
C GLY A 190 -31.10 -10.72 -2.45
N TRP A 191 -30.20 -11.71 -2.44
CA TRP A 191 -29.67 -12.26 -3.67
C TRP A 191 -30.77 -12.89 -4.52
N ASP A 192 -31.80 -13.37 -3.84
CA ASP A 192 -32.95 -13.98 -4.49
C ASP A 192 -33.69 -12.95 -5.34
N THR A 193 -33.76 -11.73 -4.81
CA THR A 193 -34.42 -10.64 -5.51
C THR A 193 -33.47 -10.05 -6.57
N PHE A 194 -32.18 -10.13 -6.29
CA PHE A 194 -31.16 -9.64 -7.19
C PHE A 194 -31.20 -10.40 -8.52
N VAL A 195 -31.30 -11.72 -8.44
CA VAL A 195 -31.36 -12.56 -9.63
C VAL A 195 -32.60 -12.25 -10.46
N GLU A 196 -33.69 -11.88 -9.78
CA GLU A 196 -34.95 -11.55 -10.44
C GLU A 196 -34.78 -10.43 -11.46
N LEU A 197 -33.93 -9.46 -11.15
CA LEU A 197 -33.70 -8.34 -12.05
C LEU A 197 -32.39 -8.46 -12.81
N TYR A 198 -31.53 -9.41 -12.40
CA TYR A 198 -30.24 -9.59 -13.04
C TYR A 198 -30.28 -10.64 -14.15
N GLY A 199 -30.85 -11.80 -13.85
CA GLY A 199 -30.90 -12.86 -14.85
C GLY A 199 -32.30 -13.19 -15.30
N ASN A 200 -33.28 -12.95 -14.43
CA ASN A 200 -34.67 -13.25 -14.74
C ASN A 200 -35.37 -12.05 -15.39
N ASN A 201 -34.59 -11.02 -15.72
CA ASN A 201 -35.14 -9.83 -16.34
C ASN A 201 -34.30 -9.45 -17.55
N SER B 1 25.07 -6.51 -7.44
CA SER B 1 25.71 -5.20 -7.45
C SER B 1 25.05 -4.27 -6.44
N VAL B 2 25.73 -4.03 -5.32
CA VAL B 2 25.19 -3.17 -4.27
C VAL B 2 25.88 -1.81 -4.29
N PRO B 3 25.10 -0.73 -4.45
CA PRO B 3 25.63 0.64 -4.49
C PRO B 3 26.19 1.06 -3.13
N SER B 4 26.96 2.14 -3.13
CA SER B 4 27.56 2.65 -1.91
C SER B 4 26.48 3.16 -0.96
N GLN B 5 26.36 2.50 0.19
CA GLN B 5 25.37 2.87 1.19
C GLN B 5 25.99 3.75 2.27
N LYS B 6 27.31 3.82 2.25
CA LYS B 6 28.05 4.59 3.24
C LYS B 6 27.65 6.07 3.22
N THR B 7 27.55 6.66 4.40
CA THR B 7 27.18 8.04 4.54
C THR B 7 28.28 8.95 4.00
N TYR B 8 27.89 9.94 3.21
CA TYR B 8 28.84 10.86 2.59
C TYR B 8 28.36 12.29 2.76
N GLN B 9 29.03 13.05 3.62
CA GLN B 9 28.65 14.43 3.86
C GLN B 9 29.35 15.35 2.87
N GLY B 10 30.58 14.99 2.50
CA GLY B 10 31.36 15.79 1.58
C GLY B 10 31.58 17.20 2.09
N SER B 11 31.38 18.18 1.21
CA SER B 11 31.54 19.57 1.59
C SER B 11 30.19 20.30 1.56
N TYR B 12 29.13 19.54 1.39
CA TYR B 12 27.80 20.11 1.34
C TYR B 12 26.98 19.75 2.57
N GLY B 13 27.47 18.77 3.33
CA GLY B 13 26.76 18.34 4.53
C GLY B 13 25.37 17.84 4.23
N PHE B 14 25.30 16.80 3.39
CA PHE B 14 24.03 16.22 3.02
C PHE B 14 23.44 15.40 4.16
N ARG B 15 22.72 16.07 5.04
CA ARG B 15 22.08 15.41 6.17
C ARG B 15 20.62 15.12 5.85
N LEU B 16 20.04 14.16 6.54
CA LEU B 16 18.65 13.79 6.32
C LEU B 16 17.77 14.21 7.48
N GLY B 17 16.67 14.86 7.16
CA GLY B 17 15.73 15.30 8.16
C GLY B 17 14.33 14.85 7.83
N PHE B 18 13.61 14.38 8.83
CA PHE B 18 12.25 13.91 8.61
C PHE B 18 11.29 14.56 9.59
N LEU B 19 10.00 14.38 9.37
CA LEU B 19 8.98 14.96 10.23
C LEU B 19 8.73 14.05 11.43
N HIS B 20 8.66 14.65 12.61
CA HIS B 20 8.42 13.90 13.83
C HIS B 20 6.98 14.04 14.28
N SER B 21 6.15 13.11 13.86
CA SER B 21 4.73 13.12 14.22
C SER B 21 4.50 12.47 15.57
N GLY B 22 5.37 11.53 15.93
CA GLY B 22 5.25 10.84 17.19
C GLY B 22 4.90 9.38 17.01
N THR B 23 4.52 8.72 18.10
CA THR B 23 4.16 7.30 18.05
C THR B 23 2.64 7.12 18.09
N ALA B 24 1.92 8.09 17.52
CA ALA B 24 0.46 8.05 17.49
C ALA B 24 -0.03 6.96 16.54
N LYS B 25 -1.10 6.28 16.94
CA LYS B 25 -1.68 5.21 16.14
C LYS B 25 -2.14 5.74 14.77
N SER B 26 -2.92 6.81 14.79
CA SER B 26 -3.42 7.41 13.57
C SER B 26 -2.41 8.41 13.00
N VAL B 27 -1.61 7.95 12.05
CA VAL B 27 -0.61 8.80 11.42
C VAL B 27 -0.29 8.30 10.01
N THR B 28 -0.05 9.23 9.10
CA THR B 28 0.27 8.90 7.71
C THR B 28 1.69 8.37 7.59
N CYS B 29 2.59 8.93 8.38
CA CYS B 29 4.00 8.53 8.37
C CYS B 29 4.70 9.01 9.63
N THR B 30 5.67 8.23 10.09
CA THR B 30 6.42 8.58 11.29
C THR B 30 7.88 8.14 11.13
N TYR B 31 8.80 8.89 11.74
CA TYR B 31 10.21 8.56 11.66
C TYR B 31 10.80 8.30 13.03
N SER B 32 11.53 7.20 13.14
CA SER B 32 12.18 6.83 14.38
C SER B 32 13.63 7.31 14.38
N PRO B 33 13.96 8.28 15.24
CA PRO B 33 15.32 8.82 15.34
C PRO B 33 16.20 7.93 16.21
N ALA B 34 15.66 6.78 16.59
CA ALA B 34 16.40 5.84 17.43
C ALA B 34 17.07 4.78 16.56
N LEU B 35 16.31 4.22 15.62
CA LEU B 35 16.84 3.20 14.73
C LEU B 35 17.01 3.71 13.31
N ASN B 36 16.75 5.01 13.12
CA ASN B 36 16.85 5.65 11.81
C ASN B 36 15.92 4.93 10.83
N LYS B 37 14.72 4.65 11.30
CA LYS B 37 13.74 3.95 10.51
C LYS B 37 12.48 4.78 10.29
N MET B 38 12.06 4.87 9.04
CA MET B 38 10.86 5.62 8.70
C MET B 38 9.71 4.66 8.43
N PHE B 39 8.60 4.89 9.10
CA PHE B 39 7.42 4.04 8.94
C PHE B 39 6.39 4.78 8.08
N CYS B 40 6.06 4.19 6.94
CA CYS B 40 5.12 4.81 6.02
C CYS B 40 3.88 3.94 5.79
N GLN B 41 2.89 4.52 5.13
CA GLN B 41 1.66 3.82 4.81
C GLN B 41 1.60 3.50 3.32
N LEU B 42 0.66 2.66 2.94
CA LEU B 42 0.51 2.28 1.54
C LEU B 42 -0.06 3.42 0.70
N ALA B 43 0.67 3.78 -0.35
CA ALA B 43 0.26 4.83 -1.29
C ALA B 43 0.13 6.19 -0.62
N LYS B 44 0.88 6.41 0.44
CA LYS B 44 0.83 7.68 1.15
C LYS B 44 2.09 8.50 0.90
N THR B 45 1.93 9.82 0.90
CA THR B 45 3.04 10.73 0.66
C THR B 45 3.88 10.92 1.92
N CYS B 46 5.18 10.74 1.78
CA CYS B 46 6.11 10.89 2.89
C CYS B 46 7.08 12.04 2.60
N PRO B 47 6.94 13.16 3.32
CA PRO B 47 7.78 14.33 3.15
C PRO B 47 9.17 14.16 3.77
N VAL B 48 10.19 14.20 2.93
CA VAL B 48 11.58 14.06 3.37
C VAL B 48 12.29 15.39 3.17
N GLN B 49 13.05 15.82 4.17
CA GLN B 49 13.77 17.07 4.07
C GLN B 49 15.28 16.87 3.95
N LEU B 50 15.88 17.58 3.01
CA LEU B 50 17.32 17.52 2.81
C LEU B 50 17.99 18.59 3.65
N TRP B 51 18.54 18.17 4.78
CA TRP B 51 19.21 19.10 5.69
C TRP B 51 20.65 19.34 5.25
N VAL B 52 20.81 20.03 4.13
CA VAL B 52 22.12 20.34 3.61
C VAL B 52 22.77 21.48 4.40
N ASP B 53 24.01 21.28 4.80
CA ASP B 53 24.75 22.29 5.56
C ASP B 53 25.15 23.43 4.63
N SER B 54 25.59 23.06 3.44
CA SER B 54 25.99 24.02 2.44
C SER B 54 24.96 24.06 1.33
N THR B 55 24.81 25.21 0.69
CA THR B 55 23.84 25.37 -0.40
C THR B 55 24.41 24.82 -1.70
N PRO B 56 23.80 23.74 -2.23
CA PRO B 56 24.22 23.12 -3.48
C PRO B 56 23.74 23.91 -4.69
N PRO B 57 24.48 23.86 -5.81
CA PRO B 57 24.11 24.57 -7.03
C PRO B 57 22.83 24.02 -7.64
N PRO B 58 21.89 24.90 -8.00
CA PRO B 58 20.60 24.52 -8.59
C PRO B 58 20.80 23.67 -9.85
N GLY B 59 20.10 22.55 -9.92
CA GLY B 59 20.24 21.68 -11.07
C GLY B 59 20.90 20.37 -10.72
N THR B 60 21.16 20.17 -9.43
CA THR B 60 21.77 18.95 -8.95
C THR B 60 20.80 17.78 -9.09
N ARG B 61 21.29 16.56 -8.96
CA ARG B 61 20.45 15.38 -9.10
C ARG B 61 20.31 14.59 -7.80
N VAL B 62 19.10 14.53 -7.29
CA VAL B 62 18.82 13.77 -6.07
C VAL B 62 18.29 12.40 -6.47
N ARG B 63 19.05 11.37 -6.17
CA ARG B 63 18.66 10.01 -6.51
C ARG B 63 18.34 9.19 -5.28
N ALA B 64 17.30 8.37 -5.37
CA ALA B 64 16.88 7.53 -4.27
C ALA B 64 16.72 6.09 -4.72
N MET B 65 17.56 5.22 -4.19
CA MET B 65 17.50 3.80 -4.52
C MET B 65 17.35 3.00 -3.23
N ALA B 66 16.37 2.11 -3.20
CA ALA B 66 16.13 1.31 -2.00
C ALA B 66 16.68 -0.09 -2.12
N ILE B 67 17.34 -0.53 -1.04
CA ILE B 67 17.90 -1.87 -0.97
C ILE B 67 17.29 -2.57 0.24
N TYR B 68 17.76 -3.76 0.55
CA TYR B 68 17.23 -4.49 1.70
C TYR B 68 18.16 -4.35 2.90
N LYS B 69 17.61 -4.48 4.10
CA LYS B 69 18.40 -4.36 5.31
C LYS B 69 19.41 -5.50 5.42
N GLN B 70 18.96 -6.70 5.08
CA GLN B 70 19.81 -7.87 5.12
C GLN B 70 20.96 -7.72 4.12
N SER B 71 22.18 -7.73 4.63
CA SER B 71 23.38 -7.56 3.81
C SER B 71 23.45 -8.54 2.63
N GLN B 72 23.10 -9.79 2.88
CA GLN B 72 23.14 -10.81 1.84
C GLN B 72 21.96 -10.69 0.89
N HIS B 73 21.00 -9.85 1.25
CA HIS B 73 19.81 -9.66 0.43
C HIS B 73 19.85 -8.31 -0.27
N MET B 74 20.94 -7.56 -0.05
CA MET B 74 21.11 -6.25 -0.66
C MET B 74 21.27 -6.34 -2.17
N THR B 75 21.58 -7.55 -2.64
CA THR B 75 21.76 -7.80 -4.06
C THR B 75 20.41 -7.76 -4.78
N GLU B 76 19.34 -7.92 -4.02
CA GLU B 76 17.99 -7.91 -4.57
C GLU B 76 17.50 -6.48 -4.75
N VAL B 77 16.50 -6.31 -5.61
CA VAL B 77 15.93 -5.00 -5.86
C VAL B 77 14.52 -4.94 -5.28
N VAL B 78 14.25 -3.88 -4.52
CA VAL B 78 12.95 -3.69 -3.91
C VAL B 78 11.88 -3.51 -4.99
N ARG B 79 10.98 -4.47 -5.09
CA ARG B 79 9.92 -4.43 -6.09
C ARG B 79 8.56 -4.65 -5.46
N ARG B 80 7.52 -4.59 -6.29
CA ARG B 80 6.15 -4.76 -5.83
C ARG B 80 5.82 -6.23 -5.61
N CYS B 81 4.61 -6.48 -5.12
CA CYS B 81 4.14 -7.83 -4.86
C CYS B 81 3.38 -8.38 -6.06
N PRO B 82 3.16 -9.71 -6.11
CA PRO B 82 2.45 -10.41 -7.18
C PRO B 82 1.23 -9.68 -7.73
N HIS B 83 0.36 -9.18 -6.85
CA HIS B 83 -0.82 -8.45 -7.30
C HIS B 83 -0.67 -6.96 -7.03
N HIS B 84 0.08 -6.29 -7.89
CA HIS B 84 0.33 -4.87 -7.74
C HIS B 84 0.86 -4.25 -9.03
N GLU B 85 1.56 -5.06 -9.82
CA GLU B 85 2.13 -4.61 -11.08
C GLU B 85 1.06 -4.40 -12.13
N ARG B 86 0.16 -5.37 -12.26
CA ARG B 86 -0.91 -5.32 -13.24
C ARG B 86 -2.04 -4.42 -12.77
N CYS B 87 -1.88 -3.81 -11.61
CA CYS B 87 -2.89 -2.91 -11.05
C CYS B 87 -3.12 -1.72 -11.96
N SER B 88 -2.09 -1.37 -12.73
CA SER B 88 -2.15 -0.24 -13.65
C SER B 88 -2.41 1.07 -12.91
N ASP B 89 -1.64 1.30 -11.86
CA ASP B 89 -1.77 2.50 -11.06
C ASP B 89 -0.90 3.62 -11.66
N SER B 90 -0.51 3.42 -12.90
CA SER B 90 0.29 4.38 -13.62
C SER B 90 -0.54 5.58 -14.04
N ASP B 91 -0.12 6.76 -13.64
CA ASP B 91 -0.83 7.99 -13.98
C ASP B 91 -0.48 8.43 -15.40
N GLY B 92 0.63 7.93 -15.89
CA GLY B 92 1.10 8.27 -17.21
C GLY B 92 2.57 8.58 -17.20
N LEU B 93 3.05 9.06 -16.05
CA LEU B 93 4.46 9.39 -15.87
C LEU B 93 5.10 8.36 -14.95
N ALA B 94 4.35 7.95 -13.93
CA ALA B 94 4.82 6.97 -12.97
C ALA B 94 4.60 5.56 -13.48
N PRO B 95 5.69 4.82 -13.74
CA PRO B 95 5.63 3.44 -14.24
C PRO B 95 5.08 2.49 -13.17
N PRO B 96 4.36 1.45 -13.60
CA PRO B 96 3.75 0.45 -12.69
C PRO B 96 4.79 -0.41 -11.97
N GLN B 97 6.02 -0.39 -12.46
CA GLN B 97 7.09 -1.18 -11.86
C GLN B 97 7.76 -0.42 -10.73
N HIS B 98 7.75 0.91 -10.80
CA HIS B 98 8.37 1.74 -9.78
C HIS B 98 7.58 1.78 -8.49
N LEU B 99 8.24 1.38 -7.41
CA LEU B 99 7.63 1.35 -6.09
C LEU B 99 7.69 2.73 -5.44
N ILE B 100 8.83 3.39 -5.57
CA ILE B 100 9.03 4.70 -5.00
C ILE B 100 8.82 5.78 -6.05
N ARG B 101 7.92 6.71 -5.76
CA ARG B 101 7.62 7.79 -6.67
C ARG B 101 7.75 9.13 -5.95
N VAL B 102 7.60 10.23 -6.68
CA VAL B 102 7.71 11.55 -6.09
C VAL B 102 6.49 12.41 -6.40
N GLU B 103 5.95 13.04 -5.37
CA GLU B 103 4.80 13.92 -5.50
C GLU B 103 5.24 15.37 -5.29
N GLY B 104 4.34 16.30 -5.55
CA GLY B 104 4.65 17.71 -5.37
C GLY B 104 5.49 18.27 -6.50
N ASN B 105 6.64 17.67 -6.73
CA ASN B 105 7.54 18.12 -7.79
C ASN B 105 7.15 17.51 -9.13
N LEU B 106 6.89 18.36 -10.11
CA LEU B 106 6.50 17.89 -11.44
C LEU B 106 7.72 17.40 -12.22
N ARG B 107 8.90 17.71 -11.72
CA ARG B 107 10.14 17.29 -12.35
C ARG B 107 10.55 15.91 -11.83
N VAL B 108 9.63 14.97 -11.92
CA VAL B 108 9.88 13.61 -11.45
C VAL B 108 10.39 12.71 -12.57
N GLU B 109 11.66 12.33 -12.48
CA GLU B 109 12.27 11.47 -13.47
C GLU B 109 12.64 10.14 -12.82
N TYR B 110 12.73 9.09 -13.62
CA TYR B 110 13.06 7.77 -13.10
C TYR B 110 14.30 7.23 -13.80
N LEU B 111 15.09 6.45 -13.07
CA LEU B 111 16.30 5.87 -13.60
C LEU B 111 16.28 4.36 -13.46
N ASP B 112 16.03 3.67 -14.56
CA ASP B 112 15.97 2.21 -14.55
C ASP B 112 17.28 1.64 -15.07
N ASP B 113 18.07 1.07 -14.17
CA ASP B 113 19.34 0.47 -14.52
C ASP B 113 19.12 -0.88 -15.20
N ARG B 114 19.80 -1.09 -16.32
CA ARG B 114 19.66 -2.34 -17.06
C ARG B 114 20.81 -3.31 -16.78
N ASN B 115 21.63 -2.97 -15.80
CA ASN B 115 22.76 -3.81 -15.44
C ASN B 115 22.32 -4.87 -14.45
N THR B 116 21.71 -4.43 -13.36
CA THR B 116 21.23 -5.32 -12.32
C THR B 116 19.74 -5.06 -12.05
N PHE B 117 19.11 -4.32 -12.97
CA PHE B 117 17.70 -3.97 -12.85
C PHE B 117 17.44 -3.10 -11.63
N ARG B 118 18.34 -2.16 -11.40
CA ARG B 118 18.24 -1.25 -10.27
C ARG B 118 17.27 -0.12 -10.56
N HIS B 119 16.05 -0.25 -10.07
CA HIS B 119 15.04 0.79 -10.27
C HIS B 119 15.23 1.88 -9.23
N SER B 120 15.33 3.12 -9.68
CA SER B 120 15.53 4.24 -8.77
C SER B 120 14.90 5.51 -9.32
N VAL B 121 14.63 6.46 -8.44
CA VAL B 121 14.04 7.73 -8.84
C VAL B 121 15.11 8.84 -8.80
N VAL B 122 14.99 9.80 -9.71
CA VAL B 122 15.95 10.90 -9.77
C VAL B 122 15.22 12.22 -10.03
N VAL B 123 15.37 13.15 -9.11
CA VAL B 123 14.74 14.45 -9.23
C VAL B 123 15.76 15.57 -9.12
N PRO B 124 15.54 16.69 -9.82
CA PRO B 124 16.44 17.84 -9.76
C PRO B 124 16.34 18.56 -8.42
N TYR B 125 17.44 19.09 -7.94
CA TYR B 125 17.47 19.81 -6.68
C TYR B 125 16.79 21.17 -6.81
N GLU B 126 15.72 21.36 -6.04
CA GLU B 126 14.98 22.61 -6.05
C GLU B 126 15.63 23.59 -5.08
N PRO B 127 15.83 24.84 -5.53
CA PRO B 127 16.43 25.88 -4.68
C PRO B 127 15.55 26.21 -3.48
N PRO B 128 16.18 26.52 -2.32
CA PRO B 128 15.46 26.84 -1.08
C PRO B 128 14.34 27.87 -1.30
N GLU B 129 13.10 27.41 -1.12
CA GLU B 129 11.93 28.26 -1.31
C GLU B 129 11.76 29.24 -0.15
N VAL B 130 10.88 30.21 -0.33
CA VAL B 130 10.60 31.20 0.71
C VAL B 130 9.98 30.51 1.93
N GLY B 131 10.66 30.62 3.07
CA GLY B 131 10.16 30.00 4.28
C GLY B 131 10.51 28.53 4.34
N SER B 132 11.47 28.12 3.53
CA SER B 132 11.91 26.74 3.50
C SER B 132 13.42 26.65 3.64
N ASP B 133 13.88 26.40 4.86
CA ASP B 133 15.31 26.29 5.14
C ASP B 133 15.86 24.99 4.56
N CYS B 134 15.06 23.94 4.63
CA CYS B 134 15.46 22.64 4.13
C CYS B 134 14.60 22.23 2.94
N THR B 135 15.23 21.65 1.92
CA THR B 135 14.52 21.20 0.74
C THR B 135 13.58 20.05 1.09
N THR B 136 12.29 20.27 0.91
CA THR B 136 11.29 19.26 1.21
C THR B 136 10.82 18.54 -0.04
N ILE B 137 11.03 17.23 -0.08
CA ILE B 137 10.61 16.42 -1.22
C ILE B 137 9.58 15.39 -0.76
N HIS B 138 8.54 15.21 -1.55
CA HIS B 138 7.48 14.27 -1.22
C HIS B 138 7.72 12.93 -1.91
N TYR B 139 8.02 11.90 -1.11
CA TYR B 139 8.25 10.56 -1.66
C TYR B 139 7.03 9.69 -1.43
N ASN B 140 6.77 8.78 -2.35
CA ASN B 140 5.61 7.91 -2.24
C ASN B 140 6.01 6.44 -2.30
N TYR B 141 5.47 5.66 -1.37
CA TYR B 141 5.74 4.22 -1.33
C TYR B 141 4.46 3.48 -1.73
N MET B 142 4.46 2.94 -2.95
CA MET B 142 3.29 2.25 -3.47
C MET B 142 3.23 0.76 -3.09
N CYS B 143 3.88 0.39 -2.00
CA CYS B 143 3.88 -0.99 -1.53
C CYS B 143 4.20 -1.07 -0.06
N ASN B 144 4.04 -2.24 0.53
CA ASN B 144 4.31 -2.45 1.94
C ASN B 144 5.53 -3.35 2.10
N SER B 145 6.21 -3.24 3.23
CA SER B 145 7.40 -4.05 3.49
C SER B 145 7.03 -5.51 3.73
N SER B 146 5.75 -5.77 3.94
CA SER B 146 5.27 -7.12 4.17
C SER B 146 4.87 -7.79 2.86
N CYS B 147 4.79 -6.98 1.79
CA CYS B 147 4.40 -7.47 0.47
C CYS B 147 5.18 -8.71 0.05
N MET B 148 4.47 -9.82 -0.12
CA MET B 148 5.07 -11.08 -0.51
C MET B 148 5.67 -10.98 -1.91
N GLY B 149 6.57 -11.90 -2.25
CA GLY B 149 7.16 -11.88 -3.57
C GLY B 149 8.37 -10.96 -3.64
N GLY B 150 8.13 -9.67 -3.46
CA GLY B 150 9.21 -8.71 -3.51
C GLY B 150 9.96 -8.61 -2.19
N MET B 151 9.45 -7.78 -1.30
CA MET B 151 10.06 -7.59 0.01
C MET B 151 9.93 -8.83 0.87
N ASN B 152 8.74 -9.41 0.85
CA ASN B 152 8.45 -10.63 1.62
C ASN B 152 8.72 -10.46 3.10
N ARG B 153 8.17 -9.40 3.68
CA ARG B 153 8.34 -9.09 5.11
C ARG B 153 9.81 -8.85 5.46
N ARG B 154 10.44 -7.96 4.72
CA ARG B 154 11.83 -7.61 4.94
C ARG B 154 12.00 -6.09 4.93
N PRO B 155 12.69 -5.53 5.94
CA PRO B 155 12.93 -4.09 6.03
C PRO B 155 13.86 -3.62 4.91
N ILE B 156 13.61 -2.41 4.41
CA ILE B 156 14.41 -1.86 3.33
C ILE B 156 15.22 -0.65 3.78
N LEU B 157 16.19 -0.29 2.96
CA LEU B 157 17.06 0.85 3.22
C LEU B 157 17.10 1.74 1.98
N THR B 158 16.50 2.92 2.08
CA THR B 158 16.48 3.85 0.97
C THR B 158 17.71 4.77 1.01
N ILE B 159 18.54 4.66 -0.01
CA ILE B 159 19.74 5.47 -0.12
C ILE B 159 19.45 6.76 -0.88
N ILE B 160 19.51 7.87 -0.18
CA ILE B 160 19.28 9.18 -0.76
C ILE B 160 20.63 9.80 -1.10
N THR B 161 20.90 9.99 -2.37
CA THR B 161 22.17 10.56 -2.78
C THR B 161 21.99 11.86 -3.55
N LEU B 162 23.00 12.72 -3.45
CA LEU B 162 23.00 13.99 -4.13
C LEU B 162 24.23 14.10 -5.03
N GLU B 163 24.01 13.99 -6.32
CA GLU B 163 25.07 14.09 -7.30
C GLU B 163 24.82 15.27 -8.20
N ASP B 164 25.83 15.69 -8.94
CA ASP B 164 25.67 16.82 -9.85
C ASP B 164 24.92 16.38 -11.11
N SER B 165 24.67 17.31 -12.03
CA SER B 165 23.97 17.01 -13.26
C SER B 165 24.67 15.91 -14.07
N SER B 166 25.98 15.80 -13.90
CA SER B 166 26.76 14.79 -14.61
C SER B 166 26.74 13.47 -13.83
N GLY B 167 27.20 13.51 -12.59
CA GLY B 167 27.23 12.31 -11.77
C GLY B 167 28.30 12.34 -10.69
N ASN B 168 28.74 13.54 -10.33
CA ASN B 168 29.76 13.70 -9.30
C ASN B 168 29.12 13.62 -7.93
N LEU B 169 29.63 12.72 -7.08
CA LEU B 169 29.10 12.52 -5.75
C LEU B 169 29.38 13.74 -4.86
N LEU B 170 28.32 14.39 -4.41
CA LEU B 170 28.45 15.56 -3.55
C LEU B 170 28.03 15.23 -2.13
N GLY B 171 27.04 14.35 -2.02
CA GLY B 171 26.55 13.94 -0.71
C GLY B 171 25.71 12.68 -0.82
N ARG B 172 25.59 11.95 0.26
CA ARG B 172 24.82 10.71 0.26
C ARG B 172 24.44 10.31 1.69
N ASN B 173 23.18 9.94 1.88
CA ASN B 173 22.69 9.53 3.19
C ASN B 173 21.72 8.36 3.03
N SER B 174 21.55 7.56 4.06
CA SER B 174 20.66 6.41 4.00
C SER B 174 19.85 6.23 5.28
N PHE B 175 18.67 5.64 5.13
CA PHE B 175 17.77 5.39 6.26
C PHE B 175 16.97 4.12 6.04
N GLU B 176 16.49 3.52 7.12
CA GLU B 176 15.71 2.30 7.04
C GLU B 176 14.24 2.63 6.86
N VAL B 177 13.51 1.81 6.11
CA VAL B 177 12.10 2.06 5.86
C VAL B 177 11.24 0.83 6.13
N ARG B 178 10.06 1.06 6.68
CA ARG B 178 9.09 0.02 6.96
C ARG B 178 7.71 0.54 6.60
N VAL B 179 7.18 0.05 5.49
CA VAL B 179 5.88 0.48 5.03
C VAL B 179 4.81 -0.52 5.43
N CYS B 180 3.75 -0.04 6.04
CA CYS B 180 2.66 -0.90 6.49
C CYS B 180 1.32 -0.17 6.39
N ALA B 181 0.41 -0.49 7.29
CA ALA B 181 -0.91 0.15 7.31
C ALA B 181 -1.06 1.03 8.54
N CYS B 182 -0.25 0.78 9.55
CA CYS B 182 -0.29 1.57 10.78
C CYS B 182 1.12 1.89 11.25
N PRO B 183 1.69 3.01 10.79
CA PRO B 183 3.06 3.42 11.14
C PRO B 183 3.23 3.59 12.66
N GLY B 184 2.21 4.13 13.30
CA GLY B 184 2.27 4.34 14.74
C GLY B 184 2.22 3.03 15.52
N ARG B 185 1.60 2.03 14.93
CA ARG B 185 1.50 0.72 15.56
C ARG B 185 2.76 -0.08 15.35
N ASP B 186 3.18 -0.17 14.09
CA ASP B 186 4.37 -0.93 13.72
C ASP B 186 5.63 -0.37 14.35
N ARG B 187 5.63 0.93 14.65
CA ARG B 187 6.78 1.57 15.28
C ARG B 187 6.96 1.02 16.69
N ARG B 188 5.86 0.56 17.28
CA ARG B 188 5.87 0.02 18.62
C ARG B 188 6.47 -1.37 18.64
N THR B 189 6.23 -2.14 17.60
CA THR B 189 6.75 -3.49 17.49
C THR B 189 8.26 -3.51 17.32
N GLU B 190 8.82 -2.39 16.86
CA GLU B 190 10.26 -2.31 16.66
C GLU B 190 10.94 -1.36 17.64
N GLU B 191 10.69 -0.06 17.48
CA GLU B 191 11.32 0.95 18.33
C GLU B 191 10.91 0.82 19.80
N GLU B 192 9.61 0.78 20.06
CA GLU B 192 9.10 0.68 21.42
C GLU B 192 9.48 -0.65 22.07
N ASN B 193 9.60 -1.70 21.26
CA ASN B 193 9.96 -3.01 21.77
C ASN B 193 11.48 -3.16 21.93
N LEU B 194 12.23 -2.25 21.33
CA LEU B 194 13.69 -2.28 21.41
C LEU B 194 14.17 -1.75 22.75
N ARG B 195 13.42 -0.81 23.31
CA ARG B 195 13.78 -0.21 24.59
C ARG B 195 13.21 -1.00 25.77
ZN ZN C . 2.72 -5.00 -3.13
N MET A 4 -31.17 -25.15 8.22
CA MET A 4 -30.47 -23.91 7.81
C MET A 4 -29.36 -24.25 6.82
N SER A 5 -29.61 -24.03 5.53
CA SER A 5 -28.62 -24.33 4.51
C SER A 5 -27.53 -23.27 4.43
N GLN A 6 -27.80 -22.10 5.00
CA GLN A 6 -26.85 -20.99 5.00
C GLN A 6 -26.47 -20.59 3.58
N SER A 7 -27.47 -20.49 2.71
CA SER A 7 -27.26 -20.14 1.32
C SER A 7 -26.58 -18.79 1.19
N ASN A 8 -26.75 -17.93 2.18
CA ASN A 8 -26.15 -16.62 2.18
C ASN A 8 -24.69 -16.70 2.61
N ARG A 9 -24.46 -17.31 3.77
CA ARG A 9 -23.10 -17.46 4.30
C ARG A 9 -22.21 -18.28 3.36
N GLU A 10 -22.79 -19.29 2.75
CA GLU A 10 -22.07 -20.16 1.82
C GLU A 10 -21.58 -19.39 0.60
N LEU A 11 -22.43 -18.49 0.10
CA LEU A 11 -22.08 -17.69 -1.07
C LEU A 11 -21.05 -16.62 -0.74
N VAL A 12 -21.19 -16.02 0.45
CA VAL A 12 -20.27 -14.97 0.88
C VAL A 12 -18.85 -15.50 0.98
N VAL A 13 -18.66 -16.62 1.66
CA VAL A 13 -17.34 -17.21 1.82
C VAL A 13 -16.82 -17.77 0.50
N ASP A 14 -17.74 -18.16 -0.37
CA ASP A 14 -17.40 -18.70 -1.68
C ASP A 14 -16.76 -17.63 -2.56
N PHE A 15 -17.47 -16.51 -2.69
CA PHE A 15 -16.99 -15.39 -3.50
C PHE A 15 -15.67 -14.86 -2.95
N LEU A 16 -15.57 -14.79 -1.63
CA LEU A 16 -14.36 -14.30 -0.98
C LEU A 16 -13.18 -15.19 -1.32
N SER A 17 -13.35 -16.50 -1.17
CA SER A 17 -12.30 -17.46 -1.47
C SER A 17 -11.95 -17.44 -2.96
N TYR A 18 -12.94 -17.14 -3.78
CA TYR A 18 -12.76 -17.08 -5.23
C TYR A 18 -11.83 -15.94 -5.59
N LYS A 19 -11.95 -14.83 -4.87
CA LYS A 19 -11.10 -13.67 -5.12
C LYS A 19 -9.74 -13.84 -4.43
N LEU A 20 -9.74 -14.52 -3.30
CA LEU A 20 -8.51 -14.77 -2.54
C LEU A 20 -7.55 -15.65 -3.34
N SER A 21 -8.04 -16.25 -4.41
CA SER A 21 -7.23 -17.11 -5.24
C SER A 21 -6.91 -16.45 -6.59
N GLN A 22 -6.88 -15.12 -6.61
CA GLN A 22 -6.59 -14.38 -7.83
C GLN A 22 -5.08 -14.29 -8.07
N LYS A 23 -4.41 -13.49 -7.25
CA LYS A 23 -2.97 -13.30 -7.37
C LYS A 23 -2.39 -12.96 -6.00
N GLY A 24 -1.24 -13.55 -5.68
CA GLY A 24 -0.62 -13.29 -4.39
C GLY A 24 -1.31 -14.07 -3.29
N TYR A 25 -1.50 -15.36 -3.51
CA TYR A 25 -2.15 -16.23 -2.54
C TYR A 25 -1.19 -17.19 -1.88
N SER A 26 -1.03 -17.06 -0.56
CA SER A 26 -0.14 -17.94 0.18
C SER A 26 -0.96 -18.84 1.11
N TRP A 27 -1.32 -18.31 2.27
CA TRP A 27 -2.10 -19.06 3.25
C TRP A 27 -3.54 -19.28 2.76
N SER A 28 -3.95 -18.49 1.79
CA SER A 28 -5.29 -18.60 1.23
C SER A 28 -5.40 -19.81 0.31
N GLN A 29 -4.26 -20.43 0.02
CA GLN A 29 -4.23 -21.61 -0.82
C GLN A 29 -4.21 -22.87 0.04
N PHE A 30 -3.57 -22.77 1.20
CA PHE A 30 -3.49 -23.91 2.12
C PHE A 30 -4.74 -24.01 2.97
N SER A 31 -5.32 -22.87 3.31
CA SER A 31 -6.52 -22.84 4.13
C SER A 31 -7.53 -21.83 3.59
N MET A 86 -32.63 -23.31 -8.86
CA MET A 86 -31.55 -22.48 -8.36
C MET A 86 -31.50 -21.15 -9.10
N ALA A 87 -31.27 -20.06 -8.37
CA ALA A 87 -31.21 -18.74 -8.96
C ALA A 87 -29.82 -18.46 -9.55
N ALA A 88 -28.93 -19.44 -9.41
CA ALA A 88 -27.56 -19.34 -9.93
C ALA A 88 -26.83 -18.15 -9.30
N VAL A 89 -27.06 -17.93 -8.02
CA VAL A 89 -26.44 -16.83 -7.29
C VAL A 89 -24.91 -16.90 -7.32
N LYS A 90 -24.38 -18.13 -7.30
CA LYS A 90 -22.94 -18.33 -7.32
C LYS A 90 -22.34 -17.83 -8.64
N GLN A 91 -23.04 -18.08 -9.73
CA GLN A 91 -22.58 -17.64 -11.05
C GLN A 91 -22.88 -16.16 -11.26
N ALA A 92 -24.05 -15.73 -10.78
CA ALA A 92 -24.48 -14.34 -10.92
C ALA A 92 -23.50 -13.40 -10.23
N LEU A 93 -23.12 -13.73 -9.01
CA LEU A 93 -22.18 -12.91 -8.24
C LEU A 93 -20.80 -12.96 -8.86
N ARG A 94 -20.47 -14.07 -9.50
CA ARG A 94 -19.17 -14.23 -10.14
C ARG A 94 -19.05 -13.33 -11.36
N GLU A 95 -20.05 -13.37 -12.24
CA GLU A 95 -20.05 -12.57 -13.46
C GLU A 95 -19.97 -11.08 -13.19
N ALA A 96 -20.67 -10.62 -12.16
CA ALA A 96 -20.68 -9.20 -11.82
C ALA A 96 -19.49 -8.83 -10.94
N GLY A 97 -19.26 -9.63 -9.89
CA GLY A 97 -18.19 -9.35 -8.95
C GLY A 97 -16.81 -9.38 -9.58
N ASP A 98 -16.58 -10.29 -10.51
CA ASP A 98 -15.27 -10.38 -11.15
C ASP A 98 -14.99 -9.17 -12.03
N GLU A 99 -16.02 -8.73 -12.74
CA GLU A 99 -15.90 -7.57 -13.62
C GLU A 99 -15.64 -6.30 -12.82
N PHE A 100 -16.16 -6.28 -11.60
CA PHE A 100 -15.98 -5.13 -10.73
C PHE A 100 -14.61 -5.17 -10.08
N GLU A 101 -14.14 -6.37 -9.76
CA GLU A 101 -12.83 -6.57 -9.14
C GLU A 101 -11.73 -5.98 -9.99
N LEU A 102 -11.74 -6.29 -11.28
CA LEU A 102 -10.72 -5.80 -12.20
C LEU A 102 -10.70 -4.27 -12.29
N ARG A 103 -11.83 -3.65 -11.95
CA ARG A 103 -11.92 -2.19 -11.98
C ARG A 103 -11.43 -1.60 -10.66
N TYR A 104 -11.61 -2.37 -9.58
CA TYR A 104 -11.21 -1.92 -8.25
C TYR A 104 -9.73 -2.17 -7.98
N ARG A 105 -9.15 -3.16 -8.64
CA ARG A 105 -7.74 -3.48 -8.46
C ARG A 105 -6.82 -2.53 -9.22
N ARG A 106 -7.31 -1.32 -9.48
CA ARG A 106 -6.53 -0.32 -10.20
C ARG A 106 -5.65 0.47 -9.22
N ALA A 107 -5.85 0.19 -7.92
CA ALA A 107 -5.09 0.84 -6.84
C ALA A 107 -5.46 2.31 -6.67
N PHE A 108 -6.36 2.80 -7.52
CA PHE A 108 -6.79 4.19 -7.46
C PHE A 108 -8.29 4.28 -7.75
N SER A 109 -9.02 3.28 -7.26
CA SER A 109 -10.47 3.23 -7.44
C SER A 109 -11.18 3.64 -6.14
N ASP A 110 -12.47 3.33 -6.06
CA ASP A 110 -13.28 3.68 -4.87
C ASP A 110 -12.77 3.00 -3.62
N LEU A 111 -12.12 1.84 -3.79
CA LEU A 111 -11.59 1.08 -2.67
C LEU A 111 -10.57 1.91 -1.89
N THR A 112 -9.72 2.61 -2.62
CA THR A 112 -8.68 3.44 -2.01
C THR A 112 -9.29 4.59 -1.20
N SER A 113 -10.42 5.10 -1.66
CA SER A 113 -11.10 6.20 -0.98
C SER A 113 -11.89 5.69 0.22
N GLN A 114 -12.50 4.52 0.06
CA GLN A 114 -13.30 3.90 1.11
C GLN A 114 -12.42 3.50 2.30
N LEU A 115 -11.32 2.79 2.00
CA LEU A 115 -10.41 2.35 3.05
C LEU A 115 -9.45 3.47 3.46
N HIS A 116 -8.74 4.03 2.47
CA HIS A 116 -7.78 5.12 2.70
C HIS A 116 -6.65 4.69 3.64
N ILE A 117 -6.47 3.37 3.78
CA ILE A 117 -5.45 2.82 4.65
C ILE A 117 -5.67 3.29 6.10
N THR A 118 -6.78 2.86 6.67
CA THR A 118 -7.14 3.22 8.03
C THR A 118 -6.15 2.64 9.04
N PRO A 119 -5.78 3.43 10.06
CA PRO A 119 -4.85 3.00 11.13
C PRO A 119 -5.48 2.00 12.09
N GLY A 120 -6.24 1.08 11.54
CA GLY A 120 -6.90 0.06 12.32
C GLY A 120 -7.49 -0.99 11.40
N THR A 121 -6.65 -1.42 10.46
CA THR A 121 -7.02 -2.41 9.46
C THR A 121 -7.15 -3.82 10.05
N ALA A 122 -8.14 -3.98 10.92
CA ALA A 122 -8.41 -5.24 11.59
C ALA A 122 -9.84 -5.22 12.13
N TYR A 123 -10.28 -4.02 12.52
CA TYR A 123 -11.62 -3.85 13.06
C TYR A 123 -12.30 -2.62 12.44
N GLN A 124 -11.56 -1.53 12.33
CA GLN A 124 -12.08 -0.30 11.74
C GLN A 124 -12.41 -0.50 10.27
N SER A 125 -11.59 -1.29 9.60
CA SER A 125 -11.78 -1.58 8.19
C SER A 125 -13.12 -2.30 7.98
N PHE A 126 -13.42 -3.21 8.90
CA PHE A 126 -14.66 -3.97 8.85
C PHE A 126 -15.85 -3.02 8.95
N GLU A 127 -15.81 -2.16 9.95
CA GLU A 127 -16.88 -1.19 10.17
C GLU A 127 -17.03 -0.26 8.98
N GLN A 128 -15.91 0.21 8.44
CA GLN A 128 -15.91 1.11 7.29
C GLN A 128 -16.61 0.49 6.09
N VAL A 129 -16.31 -0.77 5.81
CA VAL A 129 -16.92 -1.47 4.68
C VAL A 129 -18.40 -1.76 4.92
N VAL A 130 -18.72 -2.29 6.10
CA VAL A 130 -20.10 -2.62 6.44
C VAL A 130 -20.96 -1.36 6.52
N ASN A 131 -20.35 -0.25 6.93
CA ASN A 131 -21.05 1.03 7.04
C ASN A 131 -21.60 1.45 5.69
N GLU A 132 -20.95 1.01 4.61
CA GLU A 132 -21.38 1.33 3.26
C GLU A 132 -22.79 0.82 2.99
N LEU A 133 -23.07 -0.38 3.51
CA LEU A 133 -24.39 -0.99 3.34
C LEU A 133 -25.42 -0.22 4.16
N PHE A 134 -24.96 0.43 5.23
CA PHE A 134 -25.83 1.21 6.09
C PHE A 134 -26.03 2.61 5.53
N ARG A 135 -25.27 2.93 4.48
CA ARG A 135 -25.37 4.23 3.83
C ARG A 135 -26.42 4.21 2.74
N ASP A 136 -27.13 3.09 2.66
CA ASP A 136 -28.18 2.89 1.67
C ASP A 136 -29.32 2.11 2.27
N GLY A 137 -28.99 0.95 2.83
CA GLY A 137 -29.98 0.10 3.43
C GLY A 137 -30.21 -1.14 2.60
N VAL A 138 -31.46 -1.47 2.33
CA VAL A 138 -31.78 -2.63 1.54
C VAL A 138 -31.69 -2.28 0.06
N ASN A 139 -30.51 -2.42 -0.50
CA ASN A 139 -30.28 -2.10 -1.90
C ASN A 139 -29.41 -3.15 -2.55
N TRP A 140 -29.95 -3.81 -3.56
CA TRP A 140 -29.24 -4.85 -4.30
C TRP A 140 -28.08 -4.26 -5.09
N GLY A 141 -28.22 -2.99 -5.46
CA GLY A 141 -27.17 -2.32 -6.20
C GLY A 141 -26.00 -1.96 -5.30
N ARG A 142 -26.29 -1.85 -4.00
CA ARG A 142 -25.27 -1.50 -3.03
C ARG A 142 -24.53 -2.74 -2.57
N ILE A 143 -25.24 -3.88 -2.50
CA ILE A 143 -24.63 -5.14 -2.07
C ILE A 143 -23.55 -5.59 -3.06
N VAL A 144 -23.73 -5.27 -4.34
CA VAL A 144 -22.76 -5.62 -5.35
C VAL A 144 -21.45 -4.88 -5.09
N ALA A 145 -21.57 -3.60 -4.78
CA ALA A 145 -20.41 -2.77 -4.48
C ALA A 145 -19.75 -3.26 -3.20
N PHE A 146 -20.58 -3.65 -2.23
CA PHE A 146 -20.12 -4.15 -0.95
C PHE A 146 -19.24 -5.39 -1.17
N PHE A 147 -19.73 -6.31 -1.99
CA PHE A 147 -18.99 -7.53 -2.31
C PHE A 147 -17.70 -7.19 -3.05
N SER A 148 -17.78 -6.19 -3.91
CA SER A 148 -16.62 -5.76 -4.70
C SER A 148 -15.53 -5.19 -3.79
N PHE A 149 -15.95 -4.39 -2.80
CA PHE A 149 -15.00 -3.78 -1.86
C PHE A 149 -14.23 -4.85 -1.11
N GLY A 150 -14.97 -5.77 -0.50
CA GLY A 150 -14.33 -6.84 0.26
C GLY A 150 -13.56 -7.79 -0.64
N GLY A 151 -14.12 -8.06 -1.82
CA GLY A 151 -13.48 -8.95 -2.76
C GLY A 151 -12.12 -8.46 -3.20
N ALA A 152 -12.03 -7.21 -3.61
CA ALA A 152 -10.77 -6.65 -4.06
C ALA A 152 -9.79 -6.49 -2.89
N LEU A 153 -10.34 -6.16 -1.72
CA LEU A 153 -9.53 -5.96 -0.52
C LEU A 153 -8.89 -7.25 -0.05
N CYS A 154 -9.64 -8.34 -0.06
CA CYS A 154 -9.14 -9.63 0.41
C CYS A 154 -7.90 -10.08 -0.36
N VAL A 155 -7.88 -9.86 -1.67
CA VAL A 155 -6.75 -10.25 -2.49
C VAL A 155 -5.50 -9.48 -2.09
N GLU A 156 -5.66 -8.18 -1.92
CA GLU A 156 -4.55 -7.32 -1.55
C GLU A 156 -4.14 -7.53 -0.08
N SER A 157 -5.03 -8.14 0.69
CA SER A 157 -4.75 -8.42 2.10
C SER A 157 -3.74 -9.55 2.23
N VAL A 158 -3.86 -10.55 1.38
CA VAL A 158 -2.94 -11.68 1.40
C VAL A 158 -1.70 -11.37 0.57
N ASP A 159 -1.90 -10.70 -0.56
CA ASP A 159 -0.82 -10.32 -1.46
C ASP A 159 0.20 -9.43 -0.76
N LYS A 160 -0.29 -8.59 0.15
CA LYS A 160 0.60 -7.70 0.92
C LYS A 160 1.02 -8.35 2.22
N GLU A 161 0.67 -9.62 2.39
CA GLU A 161 1.00 -10.40 3.59
C GLU A 161 0.59 -9.68 4.88
N MET A 162 -0.59 -9.07 4.86
CA MET A 162 -1.09 -8.38 6.04
C MET A 162 -1.75 -9.37 6.98
N GLN A 163 -2.44 -10.34 6.39
CA GLN A 163 -3.12 -11.40 7.13
C GLN A 163 -4.28 -10.91 8.01
N VAL A 164 -3.94 -10.25 9.11
CA VAL A 164 -4.90 -9.73 10.08
C VAL A 164 -6.08 -8.98 9.44
N LEU A 165 -5.83 -8.34 8.31
CA LEU A 165 -6.86 -7.60 7.60
C LEU A 165 -8.06 -8.47 7.26
N VAL A 166 -7.87 -9.42 6.35
CA VAL A 166 -8.95 -10.30 5.92
C VAL A 166 -9.28 -11.36 6.96
N SER A 167 -8.27 -11.87 7.67
CA SER A 167 -8.47 -12.89 8.69
C SER A 167 -9.38 -12.42 9.82
N ARG A 168 -9.51 -11.11 9.99
CA ARG A 168 -10.35 -10.56 11.03
C ARG A 168 -11.70 -10.12 10.49
N ILE A 169 -11.70 -9.37 9.39
CA ILE A 169 -12.94 -8.89 8.79
C ILE A 169 -13.90 -10.04 8.48
N ALA A 170 -13.37 -11.11 7.92
CA ALA A 170 -14.16 -12.28 7.57
C ALA A 170 -14.80 -12.90 8.83
N ALA A 171 -14.07 -12.85 9.93
CA ALA A 171 -14.55 -13.40 11.19
C ALA A 171 -15.73 -12.61 11.73
N TRP A 172 -15.59 -11.28 11.77
CA TRP A 172 -16.66 -10.42 12.25
C TRP A 172 -17.86 -10.52 11.31
N MET A 173 -17.58 -10.47 10.01
CA MET A 173 -18.61 -10.53 8.99
C MET A 173 -19.42 -11.81 9.06
N ALA A 174 -18.74 -12.95 9.10
CA ALA A 174 -19.41 -14.26 9.17
C ALA A 174 -20.32 -14.36 10.39
N THR A 175 -19.90 -13.73 11.49
CA THR A 175 -20.67 -13.76 12.72
C THR A 175 -21.97 -12.97 12.59
N TYR A 176 -21.87 -11.71 12.21
CA TYR A 176 -23.05 -10.84 12.05
C TYR A 176 -23.92 -11.33 10.89
N LEU A 177 -23.27 -11.91 9.89
CA LEU A 177 -23.96 -12.42 8.71
C LEU A 177 -25.05 -13.42 9.09
N ASN A 178 -24.68 -14.50 9.76
CA ASN A 178 -25.65 -15.52 10.14
C ASN A 178 -26.62 -15.04 11.21
N ASP A 179 -26.17 -14.13 12.06
CA ASP A 179 -27.00 -13.62 13.15
C ASP A 179 -28.16 -12.77 12.64
N HIS A 180 -27.87 -11.78 11.79
CA HIS A 180 -28.90 -10.88 11.30
C HIS A 180 -29.09 -10.92 9.79
N LEU A 181 -28.00 -10.83 9.04
CA LEU A 181 -28.06 -10.80 7.58
C LEU A 181 -28.76 -12.00 6.93
N GLU A 182 -28.33 -13.22 7.27
CA GLU A 182 -28.92 -14.43 6.70
C GLU A 182 -30.45 -14.47 6.78
N PRO A 183 -31.04 -14.38 8.00
CA PRO A 183 -32.50 -14.41 8.15
C PRO A 183 -33.17 -13.19 7.50
N TRP A 184 -32.49 -12.05 7.54
CA TRP A 184 -33.03 -10.82 6.96
C TRP A 184 -33.10 -10.92 5.44
N ILE A 185 -32.03 -11.42 4.83
CA ILE A 185 -31.96 -11.57 3.39
C ILE A 185 -33.06 -12.51 2.89
N GLN A 186 -33.30 -13.58 3.63
CA GLN A 186 -34.33 -14.54 3.26
C GLN A 186 -35.73 -14.06 3.63
N GLU A 187 -35.79 -12.97 4.38
CA GLU A 187 -37.07 -12.41 4.80
C GLU A 187 -37.51 -11.30 3.85
N ASN A 188 -36.68 -10.27 3.74
CA ASN A 188 -36.97 -9.13 2.89
C ASN A 188 -36.65 -9.42 1.43
N GLY A 189 -35.53 -10.09 1.21
CA GLY A 189 -35.12 -10.42 -0.14
C GLY A 189 -33.75 -9.85 -0.46
N GLY A 190 -32.82 -10.72 -0.80
CA GLY A 190 -31.48 -10.28 -1.11
C GLY A 190 -31.02 -10.79 -2.46
N TRP A 191 -30.18 -11.82 -2.44
CA TRP A 191 -29.67 -12.41 -3.68
C TRP A 191 -30.80 -13.01 -4.50
N ASP A 192 -31.83 -13.48 -3.80
CA ASP A 192 -33.00 -14.07 -4.44
C ASP A 192 -33.73 -13.03 -5.28
N THR A 193 -33.81 -11.82 -4.76
CA THR A 193 -34.47 -10.73 -5.45
C THR A 193 -33.54 -10.10 -6.48
N PHE A 194 -32.25 -10.11 -6.17
CA PHE A 194 -31.24 -9.56 -7.07
C PHE A 194 -31.27 -10.28 -8.41
N VAL A 195 -31.46 -11.60 -8.37
CA VAL A 195 -31.51 -12.40 -9.58
C VAL A 195 -32.72 -12.00 -10.45
N GLU A 196 -33.82 -11.63 -9.81
CA GLU A 196 -35.03 -11.22 -10.51
C GLU A 196 -34.80 -10.02 -11.41
N LEU A 197 -33.83 -9.18 -11.04
CA LEU A 197 -33.50 -8.00 -11.82
C LEU A 197 -32.14 -8.14 -12.48
N TYR A 198 -31.65 -9.37 -12.59
CA TYR A 198 -30.35 -9.62 -13.18
C TYR A 198 -30.38 -10.79 -14.16
N GLY A 199 -30.72 -11.97 -13.66
CA GLY A 199 -30.77 -13.15 -14.51
C GLY A 199 -32.20 -13.58 -14.83
N ASN A 200 -33.16 -12.76 -14.44
CA ASN A 200 -34.56 -13.04 -14.70
C ASN A 200 -35.30 -11.76 -15.08
N ASN A 201 -34.59 -10.87 -15.77
CA ASN A 201 -35.16 -9.60 -16.19
C ASN A 201 -34.74 -9.32 -17.63
N SER B 1 24.35 -6.25 -7.53
CA SER B 1 25.35 -5.22 -7.32
C SER B 1 24.93 -4.29 -6.19
N VAL B 2 25.74 -4.26 -5.14
CA VAL B 2 25.45 -3.41 -3.99
C VAL B 2 26.20 -2.08 -4.11
N PRO B 3 25.46 -0.96 -4.04
CA PRO B 3 26.05 0.38 -4.13
C PRO B 3 26.66 0.81 -2.81
N SER B 4 27.16 2.05 -2.75
CA SER B 4 27.75 2.57 -1.54
C SER B 4 26.68 2.96 -0.53
N GLN B 5 26.61 2.21 0.56
CA GLN B 5 25.62 2.46 1.61
C GLN B 5 26.26 3.17 2.80
N LYS B 6 27.43 3.77 2.55
CA LYS B 6 28.15 4.49 3.59
C LYS B 6 27.76 5.95 3.57
N THR B 7 27.76 6.58 4.73
CA THR B 7 27.40 7.99 4.83
C THR B 7 28.44 8.88 4.18
N TYR B 8 27.98 9.83 3.38
CA TYR B 8 28.85 10.77 2.69
C TYR B 8 28.32 12.19 2.90
N GLN B 9 28.89 12.90 3.86
CA GLN B 9 28.47 14.26 4.14
C GLN B 9 28.97 15.23 3.08
N GLY B 10 30.23 15.07 2.70
CA GLY B 10 30.84 15.92 1.70
C GLY B 10 31.02 17.34 2.19
N SER B 11 31.29 18.25 1.26
CA SER B 11 31.48 19.65 1.58
C SER B 11 30.15 20.39 1.58
N TYR B 12 29.09 19.69 1.19
CA TYR B 12 27.76 20.28 1.13
C TYR B 12 26.94 19.94 2.37
N GLY B 13 27.43 19.01 3.17
CA GLY B 13 26.73 18.61 4.38
C GLY B 13 25.37 18.02 4.09
N PHE B 14 25.36 16.84 3.48
CA PHE B 14 24.13 16.16 3.14
C PHE B 14 23.55 15.40 4.34
N ARG B 15 22.66 16.06 5.06
CA ARG B 15 22.03 15.45 6.22
C ARG B 15 20.56 15.15 5.91
N LEU B 16 20.02 14.09 6.51
CA LEU B 16 18.63 13.72 6.27
C LEU B 16 17.74 14.10 7.44
N GLY B 17 16.75 14.95 7.15
CA GLY B 17 15.82 15.39 8.16
C GLY B 17 14.43 14.88 7.89
N PHE B 18 13.72 14.48 8.93
CA PHE B 18 12.37 13.97 8.79
C PHE B 18 11.43 14.64 9.79
N LEU B 19 10.13 14.59 9.48
CA LEU B 19 9.14 15.18 10.36
C LEU B 19 8.84 14.27 11.53
N HIS B 20 8.96 14.80 12.74
CA HIS B 20 8.70 14.02 13.94
C HIS B 20 7.23 14.05 14.29
N SER B 21 6.48 13.09 13.77
CA SER B 21 5.06 12.98 14.03
C SER B 21 4.79 12.29 15.36
N GLY B 22 5.73 11.47 15.80
CA GLY B 22 5.57 10.77 17.06
C GLY B 22 5.05 9.35 16.86
N THR B 23 4.85 8.65 17.96
CA THR B 23 4.36 7.27 17.92
C THR B 23 2.82 7.24 17.97
N ALA B 24 2.20 8.12 17.19
CA ALA B 24 0.75 8.21 17.14
C ALA B 24 0.17 7.08 16.31
N LYS B 25 -0.89 6.46 16.81
CA LYS B 25 -1.55 5.35 16.12
C LYS B 25 -2.09 5.80 14.76
N SER B 26 -2.84 6.89 14.77
CA SER B 26 -3.42 7.41 13.55
C SER B 26 -2.48 8.44 12.92
N VAL B 27 -1.73 8.00 11.92
CA VAL B 27 -0.79 8.88 11.22
C VAL B 27 -0.45 8.28 9.86
N THR B 28 -0.05 9.13 8.92
CA THR B 28 0.30 8.68 7.58
C THR B 28 1.74 8.18 7.53
N CYS B 29 2.63 8.86 8.24
CA CYS B 29 4.04 8.51 8.27
C CYS B 29 4.69 8.98 9.57
N THR B 30 5.72 8.28 10.01
CA THR B 30 6.44 8.62 11.22
C THR B 30 7.91 8.22 11.09
N TYR B 31 8.77 8.78 11.91
CA TYR B 31 10.19 8.47 11.87
C TYR B 31 10.77 8.33 13.28
N SER B 32 11.53 7.27 13.47
CA SER B 32 12.18 7.02 14.75
C SER B 32 13.66 7.35 14.64
N PRO B 33 14.09 8.48 15.20
CA PRO B 33 15.48 8.93 15.15
C PRO B 33 16.46 7.98 15.83
N ALA B 34 15.99 7.30 16.88
CA ALA B 34 16.82 6.37 17.63
C ALA B 34 17.32 5.21 16.78
N LEU B 35 16.48 4.77 15.83
CA LEU B 35 16.84 3.65 14.98
C LEU B 35 17.07 4.08 13.53
N ASN B 36 16.80 5.36 13.26
CA ASN B 36 16.96 5.90 11.90
C ASN B 36 16.04 5.14 10.94
N LYS B 37 14.84 4.84 11.42
CA LYS B 37 13.87 4.10 10.64
C LYS B 37 12.59 4.91 10.44
N MET B 38 12.13 4.95 9.20
CA MET B 38 10.91 5.67 8.86
C MET B 38 9.79 4.69 8.57
N PHE B 39 8.63 4.95 9.15
CA PHE B 39 7.46 4.10 8.97
C PHE B 39 6.44 4.82 8.10
N CYS B 40 6.05 4.19 7.00
CA CYS B 40 5.11 4.81 6.08
C CYS B 40 3.89 3.91 5.84
N GLN B 41 2.90 4.48 5.16
CA GLN B 41 1.67 3.77 4.83
C GLN B 41 1.62 3.50 3.34
N LEU B 42 0.70 2.64 2.93
CA LEU B 42 0.54 2.30 1.52
C LEU B 42 -0.03 3.46 0.71
N ALA B 43 0.70 3.85 -0.34
CA ALA B 43 0.30 4.92 -1.24
C ALA B 43 0.26 6.30 -0.57
N LYS B 44 0.85 6.41 0.61
CA LYS B 44 0.87 7.67 1.33
C LYS B 44 2.16 8.42 1.05
N THR B 45 2.04 9.73 0.88
CA THR B 45 3.18 10.58 0.59
C THR B 45 3.97 10.87 1.88
N CYS B 46 5.29 10.71 1.80
CA CYS B 46 6.16 10.94 2.93
C CYS B 46 7.09 12.12 2.65
N PRO B 47 6.98 13.20 3.45
CA PRO B 47 7.79 14.40 3.29
C PRO B 47 9.19 14.25 3.91
N VAL B 48 10.19 14.24 3.05
CA VAL B 48 11.58 14.12 3.48
C VAL B 48 12.29 15.46 3.26
N GLN B 49 13.06 15.90 4.26
CA GLN B 49 13.75 17.17 4.15
C GLN B 49 15.26 16.99 4.01
N LEU B 50 15.83 17.64 3.00
CA LEU B 50 17.26 17.56 2.77
C LEU B 50 17.96 18.66 3.57
N TRP B 51 18.50 18.28 4.72
CA TRP B 51 19.18 19.23 5.58
C TRP B 51 20.61 19.46 5.12
N VAL B 52 20.77 20.33 4.14
CA VAL B 52 22.09 20.63 3.61
C VAL B 52 22.74 21.79 4.35
N ASP B 53 24.00 21.61 4.70
CA ASP B 53 24.76 22.64 5.40
C ASP B 53 25.29 23.68 4.43
N SER B 54 25.50 23.24 3.21
CA SER B 54 25.97 24.09 2.13
C SER B 54 25.06 23.92 0.93
N THR B 55 24.36 24.98 0.54
CA THR B 55 23.45 24.93 -0.58
C THR B 55 24.17 24.59 -1.88
N PRO B 56 23.87 23.42 -2.47
CA PRO B 56 24.48 22.97 -3.71
C PRO B 56 23.96 23.75 -4.91
N PRO B 57 24.77 23.90 -5.96
CA PRO B 57 24.39 24.61 -7.17
C PRO B 57 23.14 24.02 -7.79
N PRO B 58 22.14 24.87 -8.08
CA PRO B 58 20.87 24.44 -8.68
C PRO B 58 21.11 23.63 -9.95
N GLY B 59 20.35 22.56 -10.09
CA GLY B 59 20.50 21.69 -11.25
C GLY B 59 21.06 20.35 -10.85
N THR B 60 21.19 20.15 -9.54
CA THR B 60 21.70 18.92 -8.99
C THR B 60 20.65 17.82 -9.13
N ARG B 61 21.07 16.56 -9.09
CA ARG B 61 20.16 15.44 -9.25
C ARG B 61 20.07 14.60 -7.98
N VAL B 62 18.89 14.59 -7.37
CA VAL B 62 18.65 13.81 -6.16
C VAL B 62 18.15 12.43 -6.58
N ARG B 63 19.01 11.43 -6.44
CA ARG B 63 18.66 10.08 -6.83
C ARG B 63 18.43 9.21 -5.59
N ALA B 64 17.39 8.41 -5.63
CA ALA B 64 17.07 7.52 -4.52
C ALA B 64 16.91 6.08 -4.98
N MET B 65 17.62 5.19 -4.32
CA MET B 65 17.58 3.76 -4.64
C MET B 65 17.29 2.97 -3.37
N ALA B 66 16.44 1.97 -3.47
CA ALA B 66 16.09 1.18 -2.29
C ALA B 66 16.70 -0.22 -2.33
N ILE B 67 17.23 -0.64 -1.20
CA ILE B 67 17.84 -1.96 -1.05
C ILE B 67 17.25 -2.64 0.18
N TYR B 68 17.66 -3.87 0.45
CA TYR B 68 17.16 -4.59 1.61
C TYR B 68 18.11 -4.43 2.79
N LYS B 69 17.59 -4.62 3.99
CA LYS B 69 18.42 -4.48 5.20
C LYS B 69 19.39 -5.65 5.33
N GLN B 70 18.93 -6.83 4.94
CA GLN B 70 19.77 -8.03 4.99
C GLN B 70 20.91 -7.90 3.99
N SER B 71 22.13 -7.88 4.51
CA SER B 71 23.33 -7.72 3.70
C SER B 71 23.40 -8.71 2.52
N GLN B 72 23.02 -9.95 2.77
CA GLN B 72 23.06 -10.98 1.73
C GLN B 72 21.90 -10.86 0.75
N HIS B 73 20.88 -10.11 1.14
CA HIS B 73 19.71 -9.93 0.30
C HIS B 73 19.75 -8.59 -0.43
N MET B 74 20.85 -7.86 -0.25
CA MET B 74 21.01 -6.56 -0.87
C MET B 74 21.20 -6.68 -2.38
N THR B 75 21.45 -7.90 -2.83
CA THR B 75 21.64 -8.18 -4.25
C THR B 75 20.30 -8.17 -4.99
N GLU B 76 19.21 -8.24 -4.22
CA GLU B 76 17.87 -8.23 -4.79
C GLU B 76 17.40 -6.79 -4.99
N VAL B 77 16.41 -6.62 -5.84
CA VAL B 77 15.87 -5.31 -6.12
C VAL B 77 14.49 -5.18 -5.50
N VAL B 78 14.26 -4.09 -4.78
CA VAL B 78 12.97 -3.85 -4.14
C VAL B 78 11.89 -3.56 -5.18
N ARG B 79 10.96 -4.49 -5.32
CA ARG B 79 9.88 -4.36 -6.28
C ARG B 79 8.54 -4.60 -5.62
N ARG B 80 7.48 -4.57 -6.42
CA ARG B 80 6.12 -4.76 -5.91
C ARG B 80 5.82 -6.24 -5.69
N CYS B 81 4.66 -6.51 -5.12
CA CYS B 81 4.23 -7.88 -4.83
C CYS B 81 3.51 -8.47 -6.05
N PRO B 82 3.29 -9.82 -6.05
CA PRO B 82 2.61 -10.53 -7.14
C PRO B 82 1.34 -9.85 -7.64
N HIS B 83 0.54 -9.30 -6.74
CA HIS B 83 -0.69 -8.62 -7.14
C HIS B 83 -0.56 -7.12 -6.90
N HIS B 84 0.14 -6.46 -7.81
CA HIS B 84 0.36 -5.01 -7.73
C HIS B 84 0.84 -4.44 -9.05
N GLU B 85 1.45 -5.28 -9.87
CA GLU B 85 1.94 -4.86 -11.17
C GLU B 85 0.79 -4.72 -12.18
N ARG B 86 -0.12 -5.68 -12.15
CA ARG B 86 -1.27 -5.68 -13.04
C ARG B 86 -2.30 -4.61 -12.63
N CYS B 87 -2.07 -4.00 -11.48
CA CYS B 87 -2.97 -2.97 -10.97
C CYS B 87 -3.09 -1.79 -11.93
N SER B 88 -2.00 -1.50 -12.63
CA SER B 88 -1.95 -0.40 -13.59
C SER B 88 -2.27 0.94 -12.92
N ASP B 89 -1.52 1.26 -11.87
CA ASP B 89 -1.71 2.49 -11.12
C ASP B 89 -0.87 3.62 -11.69
N SER B 90 -0.37 3.42 -12.90
CA SER B 90 0.45 4.40 -13.58
C SER B 90 -0.39 5.61 -13.98
N ASP B 91 -0.03 6.78 -13.45
CA ASP B 91 -0.73 8.02 -13.76
C ASP B 91 -0.41 8.49 -15.17
N GLY B 92 0.72 8.02 -15.68
CA GLY B 92 1.16 8.39 -17.00
C GLY B 92 2.63 8.78 -16.98
N LEU B 93 3.06 9.28 -15.84
CA LEU B 93 4.46 9.68 -15.65
C LEU B 93 5.16 8.65 -14.77
N ALA B 94 4.47 8.24 -13.72
CA ALA B 94 5.00 7.26 -12.79
C ALA B 94 4.74 5.85 -13.29
N PRO B 95 5.80 5.06 -13.50
CA PRO B 95 5.70 3.68 -13.97
C PRO B 95 5.10 2.75 -12.91
N PRO B 96 4.31 1.76 -13.33
CA PRO B 96 3.68 0.80 -12.42
C PRO B 96 4.67 -0.17 -11.80
N GLN B 97 5.90 -0.19 -12.30
CA GLN B 97 6.93 -1.07 -11.77
C GLN B 97 7.70 -0.39 -10.65
N HIS B 98 7.66 0.93 -10.61
CA HIS B 98 8.38 1.69 -9.61
C HIS B 98 7.63 1.70 -8.28
N LEU B 99 8.34 1.31 -7.23
CA LEU B 99 7.79 1.26 -5.89
C LEU B 99 7.82 2.64 -5.23
N ILE B 100 8.92 3.36 -5.46
CA ILE B 100 9.09 4.69 -4.89
C ILE B 100 8.86 5.76 -5.93
N ARG B 101 7.88 6.62 -5.68
CA ARG B 101 7.55 7.71 -6.59
C ARG B 101 7.73 9.04 -5.87
N VAL B 102 7.47 10.14 -6.56
CA VAL B 102 7.61 11.46 -5.97
C VAL B 102 6.43 12.36 -6.34
N GLU B 103 5.87 13.02 -5.33
CA GLU B 103 4.76 13.93 -5.53
C GLU B 103 5.22 15.36 -5.26
N GLY B 104 4.39 16.33 -5.64
CA GLY B 104 4.73 17.72 -5.42
C GLY B 104 5.64 18.28 -6.50
N ASN B 105 6.71 17.54 -6.79
CA ASN B 105 7.66 17.96 -7.81
C ASN B 105 7.25 17.43 -9.17
N LEU B 106 6.92 18.34 -10.08
CA LEU B 106 6.50 17.95 -11.43
C LEU B 106 7.70 17.49 -12.26
N ARG B 107 8.89 17.76 -11.76
CA ARG B 107 10.13 17.38 -12.43
C ARG B 107 10.56 15.98 -12.00
N VAL B 108 9.61 15.18 -11.56
CA VAL B 108 9.91 13.83 -11.10
C VAL B 108 10.32 12.92 -12.26
N GLU B 109 11.56 12.47 -12.24
CA GLU B 109 12.08 11.61 -13.27
C GLU B 109 12.41 10.24 -12.68
N TYR B 110 12.41 9.23 -13.52
CA TYR B 110 12.71 7.87 -13.07
C TYR B 110 13.87 7.30 -13.89
N LEU B 111 14.68 6.46 -13.27
CA LEU B 111 15.82 5.87 -13.94
C LEU B 111 15.89 4.37 -13.69
N ASP B 112 15.74 3.60 -14.75
CA ASP B 112 15.79 2.15 -14.64
C ASP B 112 17.15 1.64 -15.12
N ASP B 113 17.98 1.22 -14.19
CA ASP B 113 19.30 0.71 -14.53
C ASP B 113 19.19 -0.61 -15.29
N ARG B 114 19.93 -0.73 -16.38
CA ARG B 114 19.89 -1.94 -17.19
C ARG B 114 20.99 -2.94 -16.81
N ASN B 115 21.82 -2.58 -15.84
CA ASN B 115 22.89 -3.47 -15.42
C ASN B 115 22.39 -4.52 -14.43
N THR B 116 21.88 -4.06 -13.30
CA THR B 116 21.36 -4.96 -12.29
C THR B 116 19.86 -4.74 -12.10
N PHE B 117 19.27 -3.99 -13.03
CA PHE B 117 17.85 -3.67 -13.01
C PHE B 117 17.49 -2.88 -11.76
N ARG B 118 18.35 -1.93 -11.41
CA ARG B 118 18.14 -1.10 -10.24
C ARG B 118 17.18 0.04 -10.54
N HIS B 119 15.92 -0.16 -10.20
CA HIS B 119 14.90 0.86 -10.41
C HIS B 119 15.08 1.97 -9.39
N SER B 120 15.47 3.15 -9.85
CA SER B 120 15.70 4.27 -8.95
C SER B 120 14.97 5.52 -9.44
N VAL B 121 14.65 6.40 -8.51
CA VAL B 121 13.98 7.64 -8.84
C VAL B 121 14.98 8.79 -8.78
N VAL B 122 14.83 9.77 -9.66
CA VAL B 122 15.73 10.91 -9.70
C VAL B 122 14.97 12.22 -9.90
N VAL B 123 15.13 13.13 -8.95
CA VAL B 123 14.46 14.42 -9.02
C VAL B 123 15.47 15.55 -8.92
N PRO B 124 15.28 16.62 -9.69
CA PRO B 124 16.16 17.78 -9.66
C PRO B 124 16.10 18.48 -8.31
N TYR B 125 17.24 18.96 -7.85
CA TYR B 125 17.32 19.65 -6.57
C TYR B 125 16.53 20.95 -6.61
N GLU B 126 15.52 21.04 -5.76
CA GLU B 126 14.69 22.23 -5.68
C GLU B 126 15.35 23.25 -4.75
N PRO B 127 15.61 24.45 -5.26
CA PRO B 127 16.23 25.53 -4.48
C PRO B 127 15.35 25.95 -3.31
N PRO B 128 15.97 26.41 -2.20
CA PRO B 128 15.24 26.85 -1.01
C PRO B 128 14.25 27.96 -1.33
N GLU B 129 12.97 27.65 -1.21
CA GLU B 129 11.92 28.61 -1.48
C GLU B 129 11.69 29.50 -0.28
N VAL B 130 10.81 30.48 -0.42
CA VAL B 130 10.50 31.40 0.66
C VAL B 130 9.84 30.65 1.82
N GLY B 131 10.48 30.71 2.98
CA GLY B 131 9.96 30.04 4.15
C GLY B 131 10.43 28.60 4.25
N SER B 132 11.27 28.18 3.31
CA SER B 132 11.78 26.82 3.30
C SER B 132 13.22 26.78 3.80
N ASP B 133 13.43 26.11 4.93
CA ASP B 133 14.76 26.00 5.50
C ASP B 133 15.51 24.86 4.83
N CYS B 134 14.79 23.82 4.47
CA CYS B 134 15.38 22.66 3.83
C CYS B 134 14.47 22.14 2.72
N THR B 135 15.09 21.70 1.62
CA THR B 135 14.36 21.18 0.49
C THR B 135 13.50 19.98 0.93
N THR B 136 12.20 20.14 0.87
CA THR B 136 11.29 19.09 1.27
C THR B 136 10.73 18.37 0.04
N ILE B 137 11.06 17.08 -0.07
CA ILE B 137 10.59 16.28 -1.18
C ILE B 137 9.58 15.25 -0.69
N HIS B 138 8.51 15.07 -1.44
CA HIS B 138 7.47 14.13 -1.07
C HIS B 138 7.65 12.81 -1.82
N TYR B 139 8.00 11.76 -1.09
CA TYR B 139 8.20 10.45 -1.66
C TYR B 139 6.96 9.59 -1.47
N ASN B 140 6.71 8.68 -2.39
CA ASN B 140 5.55 7.81 -2.32
C ASN B 140 5.95 6.34 -2.32
N TYR B 141 5.44 5.60 -1.35
CA TYR B 141 5.70 4.17 -1.25
C TYR B 141 4.45 3.41 -1.70
N MET B 142 4.51 2.86 -2.90
CA MET B 142 3.36 2.15 -3.47
C MET B 142 3.26 0.69 -3.05
N CYS B 143 4.01 0.29 -2.03
CA CYS B 143 3.98 -1.08 -1.54
C CYS B 143 4.35 -1.16 -0.07
N ASN B 144 3.98 -2.25 0.57
CA ASN B 144 4.28 -2.46 1.99
C ASN B 144 5.49 -3.38 2.12
N SER B 145 6.21 -3.24 3.22
CA SER B 145 7.40 -4.06 3.44
C SER B 145 7.05 -5.53 3.68
N SER B 146 5.77 -5.79 3.93
CA SER B 146 5.31 -7.15 4.16
C SER B 146 4.93 -7.83 2.85
N CYS B 147 4.75 -7.04 1.79
CA CYS B 147 4.36 -7.55 0.49
C CYS B 147 5.30 -8.66 0.00
N MET B 148 4.73 -9.83 -0.24
CA MET B 148 5.50 -10.99 -0.70
C MET B 148 6.06 -10.79 -2.10
N GLY B 149 6.88 -11.74 -2.55
CA GLY B 149 7.47 -11.65 -3.87
C GLY B 149 8.71 -10.78 -3.89
N GLY B 150 8.52 -9.50 -3.62
CA GLY B 150 9.63 -8.57 -3.59
C GLY B 150 10.26 -8.51 -2.22
N MET B 151 9.72 -7.64 -1.38
CA MET B 151 10.24 -7.47 -0.02
C MET B 151 10.06 -8.76 0.77
N ASN B 152 8.87 -9.36 0.67
CA ASN B 152 8.55 -10.60 1.35
C ASN B 152 8.75 -10.53 2.86
N ARG B 153 8.20 -9.47 3.47
CA ARG B 153 8.30 -9.26 4.92
C ARG B 153 9.72 -8.95 5.36
N ARG B 154 10.48 -8.26 4.53
CA ARG B 154 11.85 -7.90 4.85
C ARG B 154 12.02 -6.38 4.91
N PRO B 155 12.80 -5.89 5.88
CA PRO B 155 13.04 -4.45 6.04
C PRO B 155 13.90 -3.90 4.89
N ILE B 156 13.65 -2.66 4.51
CA ILE B 156 14.38 -2.05 3.40
C ILE B 156 15.14 -0.80 3.83
N LEU B 157 16.09 -0.41 3.01
CA LEU B 157 16.91 0.77 3.25
C LEU B 157 16.89 1.66 2.00
N THR B 158 16.45 2.90 2.17
CA THR B 158 16.40 3.83 1.06
C THR B 158 17.63 4.73 1.04
N ILE B 159 18.40 4.64 -0.03
CA ILE B 159 19.61 5.42 -0.19
C ILE B 159 19.30 6.71 -0.94
N ILE B 160 19.47 7.83 -0.26
CA ILE B 160 19.24 9.14 -0.85
C ILE B 160 20.59 9.75 -1.19
N THR B 161 20.82 10.02 -2.47
CA THR B 161 22.08 10.59 -2.89
C THR B 161 21.89 11.85 -3.72
N LEU B 162 22.87 12.74 -3.64
CA LEU B 162 22.84 13.99 -4.37
C LEU B 162 24.03 14.08 -5.31
N GLU B 163 23.77 13.87 -6.59
CA GLU B 163 24.81 13.93 -7.60
C GLU B 163 24.66 15.21 -8.42
N ASP B 164 25.76 15.68 -8.99
CA ASP B 164 25.72 16.88 -9.80
C ASP B 164 25.09 16.58 -11.16
N SER B 165 24.93 17.61 -11.99
CA SER B 165 24.33 17.45 -13.31
C SER B 165 25.08 16.41 -14.17
N SER B 166 26.36 16.23 -13.90
CA SER B 166 27.17 15.28 -14.64
C SER B 166 27.05 13.89 -14.02
N GLY B 167 27.29 13.80 -12.73
CA GLY B 167 27.21 12.52 -12.03
C GLY B 167 28.22 12.40 -10.91
N ASN B 168 28.69 13.54 -10.42
CA ASN B 168 29.66 13.56 -9.33
C ASN B 168 28.96 13.50 -7.98
N LEU B 169 29.47 12.66 -7.09
CA LEU B 169 28.87 12.49 -5.77
C LEU B 169 29.19 13.67 -4.85
N LEU B 170 28.13 14.34 -4.40
CA LEU B 170 28.27 15.49 -3.51
C LEU B 170 27.82 15.13 -2.10
N GLY B 171 26.86 14.22 -2.02
CA GLY B 171 26.34 13.79 -0.74
C GLY B 171 25.55 12.50 -0.87
N ARG B 172 25.66 11.62 0.12
CA ARG B 172 24.95 10.35 0.08
C ARG B 172 24.62 9.87 1.48
N ASN B 173 23.36 9.50 1.70
CA ASN B 173 22.92 9.02 3.02
C ASN B 173 21.87 7.94 2.84
N SER B 174 21.53 7.24 3.92
CA SER B 174 20.55 6.17 3.86
C SER B 174 19.80 6.04 5.18
N PHE B 175 18.63 5.41 5.13
CA PHE B 175 17.81 5.20 6.32
C PHE B 175 16.94 3.96 6.14
N GLU B 176 16.50 3.37 7.24
CA GLU B 176 15.67 2.17 7.18
C GLU B 176 14.21 2.55 7.02
N VAL B 177 13.45 1.75 6.29
CA VAL B 177 12.05 2.03 6.05
C VAL B 177 11.16 0.82 6.29
N ARG B 178 9.97 1.07 6.80
CA ARG B 178 8.98 0.03 7.05
C ARG B 178 7.61 0.55 6.64
N VAL B 179 7.11 0.06 5.53
CA VAL B 179 5.82 0.50 5.03
C VAL B 179 4.74 -0.50 5.40
N CYS B 180 3.69 -0.02 6.04
CA CYS B 180 2.59 -0.87 6.47
C CYS B 180 1.26 -0.13 6.34
N ALA B 181 0.35 -0.39 7.26
CA ALA B 181 -0.96 0.26 7.25
C ALA B 181 -1.17 1.08 8.52
N CYS B 182 -0.25 0.94 9.47
CA CYS B 182 -0.33 1.66 10.74
C CYS B 182 1.07 1.95 11.26
N PRO B 183 1.67 3.07 10.82
CA PRO B 183 3.03 3.47 11.23
C PRO B 183 3.19 3.55 12.74
N GLY B 184 2.20 4.12 13.41
CA GLY B 184 2.25 4.26 14.86
C GLY B 184 2.17 2.93 15.57
N ARG B 185 1.54 1.95 14.93
CA ARG B 185 1.38 0.63 15.52
C ARG B 185 2.67 -0.17 15.36
N ASP B 186 3.13 -0.27 14.12
CA ASP B 186 4.34 -1.02 13.79
C ASP B 186 5.57 -0.43 14.48
N ARG B 187 5.55 0.88 14.73
CA ARG B 187 6.66 1.54 15.38
C ARG B 187 6.80 1.04 16.82
N ARG B 188 5.70 0.55 17.38
CA ARG B 188 5.69 0.03 18.73
C ARG B 188 6.25 -1.38 18.79
N THR B 189 6.21 -2.07 17.65
CA THR B 189 6.71 -3.43 17.56
C THR B 189 8.23 -3.43 17.41
N GLU B 190 8.79 -2.30 16.97
CA GLU B 190 10.23 -2.20 16.78
C GLU B 190 10.88 -1.20 17.73
N GLU B 191 10.62 0.08 17.51
CA GLU B 191 11.21 1.15 18.32
C GLU B 191 10.78 1.06 19.78
N GLU B 192 9.48 1.05 20.02
CA GLU B 192 8.94 0.97 21.37
C GLU B 192 9.32 -0.34 22.05
N ASN B 193 9.54 -1.38 21.24
CA ASN B 193 9.90 -2.70 21.76
C ASN B 193 11.40 -2.81 22.00
N LEU B 194 12.16 -1.83 21.53
CA LEU B 194 13.61 -1.84 21.70
C LEU B 194 14.02 -1.20 23.01
N ARG B 195 13.13 -0.40 23.59
CA ARG B 195 13.41 0.26 24.86
C ARG B 195 12.72 -0.44 26.01
ZN ZN C . 2.72 -5.01 -3.10
N MET A 4 -31.01 -25.22 8.37
CA MET A 4 -30.39 -23.97 7.86
C MET A 4 -29.28 -24.30 6.88
N SER A 5 -29.56 -24.15 5.60
CA SER A 5 -28.59 -24.44 4.54
C SER A 5 -27.50 -23.38 4.46
N GLN A 6 -27.79 -22.19 5.00
CA GLN A 6 -26.84 -21.08 5.00
C GLN A 6 -26.46 -20.69 3.57
N SER A 7 -27.48 -20.60 2.72
CA SER A 7 -27.29 -20.24 1.32
C SER A 7 -26.62 -18.88 1.16
N ASN A 8 -26.81 -18.01 2.15
CA ASN A 8 -26.24 -16.69 2.13
C ASN A 8 -24.78 -16.74 2.56
N ARG A 9 -24.54 -17.34 3.73
CA ARG A 9 -23.19 -17.46 4.27
C ARG A 9 -22.28 -18.27 3.34
N GLU A 10 -22.83 -19.30 2.70
CA GLU A 10 -22.07 -20.14 1.79
C GLU A 10 -21.58 -19.34 0.59
N LEU A 11 -22.44 -18.51 0.03
CA LEU A 11 -22.08 -17.71 -1.12
C LEU A 11 -21.07 -16.62 -0.75
N VAL A 12 -21.25 -16.02 0.42
CA VAL A 12 -20.35 -14.97 0.88
C VAL A 12 -18.92 -15.49 1.01
N VAL A 13 -18.76 -16.64 1.63
CA VAL A 13 -17.43 -17.22 1.80
C VAL A 13 -16.86 -17.73 0.47
N ASP A 14 -17.75 -18.20 -0.40
CA ASP A 14 -17.35 -18.70 -1.71
C ASP A 14 -16.76 -17.59 -2.56
N PHE A 15 -17.51 -16.49 -2.67
CA PHE A 15 -17.07 -15.34 -3.44
C PHE A 15 -15.74 -14.80 -2.91
N LEU A 16 -15.62 -14.80 -1.59
CA LEU A 16 -14.40 -14.32 -0.94
C LEU A 16 -13.22 -15.21 -1.32
N SER A 17 -13.41 -16.52 -1.23
CA SER A 17 -12.36 -17.48 -1.56
C SER A 17 -11.98 -17.38 -3.04
N TYR A 18 -12.98 -17.10 -3.87
CA TYR A 18 -12.79 -16.95 -5.31
C TYR A 18 -11.84 -15.80 -5.61
N LYS A 19 -11.91 -14.75 -4.79
CA LYS A 19 -11.05 -13.59 -4.96
C LYS A 19 -9.70 -13.79 -4.29
N LEU A 20 -9.72 -14.48 -3.15
CA LEU A 20 -8.50 -14.75 -2.39
C LEU A 20 -7.52 -15.63 -3.17
N SER A 21 -8.02 -16.27 -4.22
CA SER A 21 -7.20 -17.16 -5.03
C SER A 21 -6.76 -16.48 -6.35
N GLN A 22 -6.91 -15.16 -6.41
CA GLN A 22 -6.53 -14.40 -7.61
C GLN A 22 -5.02 -14.47 -7.86
N LYS A 23 -4.27 -13.66 -7.12
CA LYS A 23 -2.83 -13.61 -7.24
C LYS A 23 -2.23 -13.11 -5.93
N GLY A 24 -1.20 -13.79 -5.46
CA GLY A 24 -0.56 -13.40 -4.21
C GLY A 24 -1.01 -14.27 -3.06
N TYR A 25 -1.83 -15.26 -3.39
CA TYR A 25 -2.36 -16.18 -2.39
C TYR A 25 -1.26 -17.02 -1.75
N SER A 26 -1.10 -16.85 -0.44
CA SER A 26 -0.09 -17.59 0.29
C SER A 26 -0.75 -18.62 1.21
N TRP A 27 -1.09 -18.19 2.43
CA TRP A 27 -1.72 -19.07 3.40
C TRP A 27 -3.16 -19.41 3.01
N SER A 28 -3.77 -18.55 2.21
CA SER A 28 -5.13 -18.74 1.75
C SER A 28 -5.25 -19.98 0.85
N GLN A 29 -4.14 -20.36 0.24
CA GLN A 29 -4.11 -21.52 -0.65
C GLN A 29 -4.22 -22.80 0.17
N PHE A 30 -3.62 -22.80 1.35
CA PHE A 30 -3.63 -23.96 2.21
C PHE A 30 -4.85 -23.94 3.14
N SER A 31 -5.14 -22.77 3.68
CA SER A 31 -6.28 -22.60 4.59
C SER A 31 -7.05 -21.34 4.26
N MET A 86 -32.32 -23.81 -8.98
CA MET A 86 -31.35 -22.88 -8.43
C MET A 86 -31.43 -21.54 -9.15
N ALA A 87 -31.14 -20.46 -8.43
CA ALA A 87 -31.16 -19.13 -9.01
C ALA A 87 -29.79 -18.76 -9.58
N ALA A 88 -28.84 -19.69 -9.45
CA ALA A 88 -27.47 -19.49 -9.93
C ALA A 88 -26.85 -18.24 -9.30
N VAL A 89 -27.03 -18.11 -7.99
CA VAL A 89 -26.50 -16.98 -7.25
C VAL A 89 -24.97 -16.89 -7.37
N LYS A 90 -24.30 -18.03 -7.33
CA LYS A 90 -22.84 -18.05 -7.44
C LYS A 90 -22.43 -17.57 -8.82
N GLN A 91 -23.17 -18.01 -9.83
CA GLN A 91 -22.88 -17.63 -11.21
C GLN A 91 -23.05 -16.13 -11.40
N ALA A 92 -24.20 -15.62 -10.95
CA ALA A 92 -24.51 -14.20 -11.06
C ALA A 92 -23.47 -13.36 -10.33
N LEU A 93 -23.11 -13.78 -9.12
CA LEU A 93 -22.13 -13.06 -8.32
C LEU A 93 -20.74 -13.13 -8.95
N ARG A 94 -20.43 -14.26 -9.58
CA ARG A 94 -19.14 -14.44 -10.23
C ARG A 94 -18.99 -13.52 -11.43
N GLU A 95 -19.98 -13.53 -12.31
CA GLU A 95 -19.96 -12.72 -13.52
C GLU A 95 -19.82 -11.22 -13.21
N ALA A 96 -20.67 -10.73 -12.33
CA ALA A 96 -20.64 -9.31 -11.97
C ALA A 96 -19.45 -8.96 -11.08
N GLY A 97 -19.21 -9.82 -10.09
CA GLY A 97 -18.11 -9.59 -9.16
C GLY A 97 -16.75 -9.52 -9.82
N ASP A 98 -16.50 -10.41 -10.77
CA ASP A 98 -15.22 -10.44 -11.47
C ASP A 98 -15.01 -9.17 -12.28
N GLU A 99 -16.07 -8.74 -12.97
CA GLU A 99 -16.03 -7.53 -13.78
C GLU A 99 -15.80 -6.30 -12.92
N PHE A 100 -16.30 -6.34 -11.69
CA PHE A 100 -16.14 -5.22 -10.79
C PHE A 100 -14.76 -5.22 -10.13
N GLU A 101 -14.32 -6.41 -9.70
CA GLU A 101 -13.02 -6.57 -9.05
C GLU A 101 -11.87 -6.01 -9.89
N LEU A 102 -11.87 -6.34 -11.18
CA LEU A 102 -10.82 -5.87 -12.08
C LEU A 102 -10.77 -4.34 -12.18
N ARG A 103 -11.87 -3.68 -11.80
CA ARG A 103 -11.94 -2.23 -11.83
C ARG A 103 -11.46 -1.65 -10.49
N TYR A 104 -11.64 -2.42 -9.44
CA TYR A 104 -11.24 -2.01 -8.10
C TYR A 104 -9.74 -2.20 -7.88
N ARG A 105 -9.17 -3.22 -8.52
CA ARG A 105 -7.75 -3.52 -8.37
C ARG A 105 -6.86 -2.60 -9.22
N ARG A 106 -7.29 -1.36 -9.43
CA ARG A 106 -6.50 -0.40 -10.20
C ARG A 106 -5.57 0.36 -9.27
N ALA A 107 -5.76 0.16 -7.97
CA ALA A 107 -4.95 0.81 -6.92
C ALA A 107 -5.30 2.29 -6.77
N PHE A 108 -6.24 2.76 -7.56
CA PHE A 108 -6.69 4.15 -7.51
C PHE A 108 -8.19 4.24 -7.74
N SER A 109 -8.90 3.21 -7.30
CA SER A 109 -10.34 3.16 -7.44
C SER A 109 -11.02 3.66 -6.18
N ASP A 110 -12.33 3.44 -6.07
CA ASP A 110 -13.10 3.88 -4.91
C ASP A 110 -12.74 3.10 -3.67
N LEU A 111 -12.22 1.89 -3.86
CA LEU A 111 -11.81 1.03 -2.74
C LEU A 111 -10.73 1.75 -1.93
N THR A 112 -9.78 2.36 -2.65
CA THR A 112 -8.69 3.09 -2.03
C THR A 112 -9.21 4.28 -1.23
N SER A 113 -10.22 4.96 -1.76
CA SER A 113 -10.81 6.11 -1.11
C SER A 113 -11.62 5.69 0.11
N GLN A 114 -12.37 4.59 -0.04
CA GLN A 114 -13.19 4.06 1.04
C GLN A 114 -12.34 3.67 2.24
N LEU A 115 -11.30 2.89 1.98
CA LEU A 115 -10.41 2.45 3.05
C LEU A 115 -9.51 3.59 3.51
N HIS A 116 -8.84 4.23 2.55
CA HIS A 116 -7.93 5.35 2.82
C HIS A 116 -6.74 4.93 3.68
N ILE A 117 -6.51 3.62 3.75
CA ILE A 117 -5.43 3.06 4.55
C ILE A 117 -5.61 3.46 6.02
N THR A 118 -6.62 2.87 6.65
CA THR A 118 -6.93 3.15 8.03
C THR A 118 -5.90 2.50 8.96
N PRO A 119 -5.44 3.25 9.98
CA PRO A 119 -4.46 2.76 10.97
C PRO A 119 -5.09 1.79 11.96
N GLY A 120 -5.93 0.92 11.45
CA GLY A 120 -6.61 -0.08 12.25
C GLY A 120 -7.27 -1.07 11.33
N THR A 121 -6.50 -1.49 10.33
CA THR A 121 -6.96 -2.42 9.32
C THR A 121 -7.13 -3.84 9.87
N ALA A 122 -8.14 -3.99 10.71
CA ALA A 122 -8.47 -5.26 11.33
C ALA A 122 -9.89 -5.19 11.86
N TYR A 123 -10.21 -4.07 12.49
CA TYR A 123 -11.53 -3.86 13.05
C TYR A 123 -12.20 -2.65 12.41
N GLN A 124 -11.44 -1.56 12.23
CA GLN A 124 -11.97 -0.34 11.64
C GLN A 124 -12.34 -0.56 10.18
N SER A 125 -11.53 -1.36 9.48
CA SER A 125 -11.76 -1.67 8.09
C SER A 125 -13.10 -2.38 7.90
N PHE A 126 -13.40 -3.28 8.84
CA PHE A 126 -14.64 -4.04 8.81
C PHE A 126 -15.84 -3.09 8.85
N GLU A 127 -15.83 -2.20 9.84
CA GLU A 127 -16.91 -1.23 10.00
C GLU A 127 -16.98 -0.28 8.82
N GLN A 128 -15.83 0.15 8.33
CA GLN A 128 -15.77 1.07 7.20
C GLN A 128 -16.45 0.50 5.95
N VAL A 129 -16.21 -0.78 5.70
CA VAL A 129 -16.79 -1.45 4.54
C VAL A 129 -18.27 -1.81 4.77
N VAL A 130 -18.56 -2.38 5.94
CA VAL A 130 -19.93 -2.78 6.27
C VAL A 130 -20.85 -1.56 6.38
N ASN A 131 -20.32 -0.45 6.89
CA ASN A 131 -21.11 0.77 7.05
C ASN A 131 -21.62 1.27 5.71
N GLU A 132 -20.92 0.91 4.63
CA GLU A 132 -21.30 1.31 3.28
C GLU A 132 -22.71 0.81 2.95
N LEU A 133 -23.03 -0.39 3.45
CA LEU A 133 -24.33 -0.99 3.22
C LEU A 133 -25.40 -0.21 3.99
N PHE A 134 -25.05 0.16 5.22
CA PHE A 134 -25.97 0.90 6.09
C PHE A 134 -26.17 2.32 5.58
N ARG A 135 -25.28 2.77 4.71
CA ARG A 135 -25.37 4.12 4.14
C ARG A 135 -26.45 4.18 3.07
N ASP A 136 -26.82 3.02 2.54
CA ASP A 136 -27.83 2.93 1.51
C ASP A 136 -29.09 2.25 2.03
N GLY A 137 -28.90 1.10 2.65
CA GLY A 137 -30.01 0.34 3.19
C GLY A 137 -30.26 -0.89 2.38
N VAL A 138 -31.51 -1.16 2.05
CA VAL A 138 -31.85 -2.32 1.27
C VAL A 138 -31.79 -2.01 -0.22
N ASN A 139 -30.58 -1.98 -0.75
CA ASN A 139 -30.37 -1.69 -2.17
C ASN A 139 -29.50 -2.77 -2.80
N TRP A 140 -30.08 -3.48 -3.75
CA TRP A 140 -29.38 -4.56 -4.45
C TRP A 140 -28.21 -4.02 -5.25
N GLY A 141 -28.32 -2.77 -5.69
CA GLY A 141 -27.25 -2.17 -6.46
C GLY A 141 -26.05 -1.87 -5.57
N ARG A 142 -26.31 -1.62 -4.29
CA ARG A 142 -25.25 -1.31 -3.34
C ARG A 142 -24.57 -2.58 -2.84
N ILE A 143 -25.34 -3.66 -2.74
CA ILE A 143 -24.79 -4.93 -2.26
C ILE A 143 -23.70 -5.46 -3.19
N VAL A 144 -23.83 -5.16 -4.49
CA VAL A 144 -22.85 -5.58 -5.48
C VAL A 144 -21.54 -4.86 -5.19
N ALA A 145 -21.63 -3.56 -4.93
CA ALA A 145 -20.44 -2.76 -4.64
C ALA A 145 -19.84 -3.22 -3.31
N PHE A 146 -20.70 -3.54 -2.36
CA PHE A 146 -20.27 -4.02 -1.05
C PHE A 146 -19.38 -5.24 -1.19
N PHE A 147 -19.84 -6.20 -1.98
CA PHE A 147 -19.08 -7.43 -2.21
C PHE A 147 -17.79 -7.12 -2.98
N SER A 148 -17.87 -6.16 -3.89
CA SER A 148 -16.72 -5.77 -4.68
C SER A 148 -15.64 -5.11 -3.80
N PHE A 149 -16.08 -4.30 -2.85
CA PHE A 149 -15.17 -3.62 -1.92
C PHE A 149 -14.36 -4.64 -1.14
N GLY A 150 -15.06 -5.56 -0.49
CA GLY A 150 -14.40 -6.59 0.30
C GLY A 150 -13.63 -7.56 -0.57
N GLY A 151 -14.16 -7.84 -1.75
CA GLY A 151 -13.51 -8.75 -2.67
C GLY A 151 -12.12 -8.30 -3.07
N ALA A 152 -12.03 -7.07 -3.56
CA ALA A 152 -10.74 -6.53 -3.98
C ALA A 152 -9.82 -6.32 -2.79
N LEU A 153 -10.41 -5.97 -1.66
CA LEU A 153 -9.66 -5.74 -0.43
C LEU A 153 -8.97 -7.00 0.05
N CYS A 154 -9.69 -8.11 0.07
CA CYS A 154 -9.14 -9.38 0.53
C CYS A 154 -7.96 -9.84 -0.31
N VAL A 155 -8.02 -9.58 -1.62
CA VAL A 155 -6.94 -9.97 -2.53
C VAL A 155 -5.65 -9.25 -2.16
N GLU A 156 -5.76 -7.93 -1.97
CA GLU A 156 -4.60 -7.13 -1.62
C GLU A 156 -4.17 -7.38 -0.17
N SER A 157 -5.06 -7.97 0.62
CA SER A 157 -4.75 -8.27 2.01
C SER A 157 -3.77 -9.43 2.12
N VAL A 158 -3.92 -10.41 1.24
CA VAL A 158 -3.02 -11.57 1.22
C VAL A 158 -1.79 -11.28 0.37
N ASP A 159 -2.00 -10.52 -0.70
CA ASP A 159 -0.93 -10.14 -1.62
C ASP A 159 0.13 -9.31 -0.89
N LYS A 160 -0.31 -8.49 0.06
CA LYS A 160 0.62 -7.66 0.83
C LYS A 160 0.98 -8.34 2.15
N GLU A 161 0.56 -9.60 2.29
CA GLU A 161 0.82 -10.40 3.48
C GLU A 161 0.46 -9.66 4.76
N MET A 162 -0.74 -9.09 4.80
CA MET A 162 -1.20 -8.37 5.98
C MET A 162 -1.88 -9.31 6.94
N GLN A 163 -2.58 -10.31 6.38
CA GLN A 163 -3.29 -11.34 7.15
C GLN A 163 -4.43 -10.80 8.00
N VAL A 164 -4.08 -10.17 9.13
CA VAL A 164 -5.04 -9.62 10.08
C VAL A 164 -6.21 -8.87 9.43
N LEU A 165 -5.95 -8.20 8.32
CA LEU A 165 -6.97 -7.45 7.61
C LEU A 165 -8.16 -8.35 7.24
N VAL A 166 -7.90 -9.35 6.41
CA VAL A 166 -8.95 -10.26 5.96
C VAL A 166 -9.33 -11.29 7.02
N SER A 167 -8.35 -11.74 7.79
CA SER A 167 -8.57 -12.74 8.84
C SER A 167 -9.54 -12.24 9.92
N ARG A 168 -9.65 -10.94 10.07
CA ARG A 168 -10.55 -10.38 11.08
C ARG A 168 -11.89 -10.01 10.48
N ILE A 169 -11.87 -9.33 9.34
CA ILE A 169 -13.10 -8.91 8.67
C ILE A 169 -14.01 -10.11 8.38
N ALA A 170 -13.43 -11.17 7.84
CA ALA A 170 -14.18 -12.37 7.50
C ALA A 170 -14.83 -13.00 8.73
N ALA A 171 -14.13 -12.93 9.87
CA ALA A 171 -14.63 -13.50 11.11
C ALA A 171 -15.84 -12.73 11.62
N TRP A 172 -15.71 -11.42 11.73
CA TRP A 172 -16.80 -10.57 12.22
C TRP A 172 -17.96 -10.60 11.23
N MET A 173 -17.64 -10.59 9.95
CA MET A 173 -18.63 -10.61 8.89
C MET A 173 -19.47 -11.87 8.97
N ALA A 174 -18.82 -13.03 9.09
CA ALA A 174 -19.52 -14.31 9.18
C ALA A 174 -20.40 -14.36 10.42
N THR A 175 -19.90 -13.82 11.53
CA THR A 175 -20.64 -13.82 12.78
C THR A 175 -21.94 -13.00 12.66
N TYR A 176 -21.80 -11.75 12.23
CA TYR A 176 -22.96 -10.87 12.07
C TYR A 176 -23.85 -11.33 10.91
N LEU A 177 -23.25 -12.02 9.96
CA LEU A 177 -23.97 -12.53 8.80
C LEU A 177 -25.09 -13.47 9.23
N ASN A 178 -24.73 -14.55 9.91
CA ASN A 178 -25.72 -15.52 10.36
C ASN A 178 -26.61 -14.96 11.46
N ASP A 179 -26.09 -13.97 12.19
CA ASP A 179 -26.82 -13.35 13.28
C ASP A 179 -27.97 -12.49 12.80
N HIS A 180 -27.72 -11.66 11.79
CA HIS A 180 -28.76 -10.76 11.29
C HIS A 180 -28.92 -10.80 9.77
N LEU A 181 -27.81 -10.66 9.05
CA LEU A 181 -27.83 -10.62 7.59
C LEU A 181 -28.56 -11.80 6.93
N GLU A 182 -28.19 -13.02 7.29
CA GLU A 182 -28.81 -14.22 6.71
C GLU A 182 -30.33 -14.22 6.84
N PRO A 183 -30.88 -14.19 8.08
CA PRO A 183 -32.33 -14.18 8.28
C PRO A 183 -33.01 -12.97 7.65
N TRP A 184 -32.31 -11.84 7.64
CA TRP A 184 -32.85 -10.61 7.07
C TRP A 184 -32.97 -10.72 5.54
N ILE A 185 -31.96 -11.31 4.92
CA ILE A 185 -31.96 -11.50 3.47
C ILE A 185 -33.13 -12.37 3.05
N GLN A 186 -33.42 -13.39 3.87
CA GLN A 186 -34.51 -14.30 3.58
C GLN A 186 -35.83 -13.79 4.18
N GLU A 187 -35.82 -12.55 4.65
CA GLU A 187 -36.99 -11.95 5.24
C GLU A 187 -37.58 -10.88 4.32
N ASN A 188 -36.71 -10.01 3.84
CA ASN A 188 -37.14 -8.93 2.95
C ASN A 188 -36.73 -9.21 1.50
N GLY A 189 -35.64 -9.93 1.34
CA GLY A 189 -35.15 -10.26 0.01
C GLY A 189 -33.73 -9.78 -0.17
N GLY A 190 -32.89 -10.63 -0.73
CA GLY A 190 -31.51 -10.27 -0.95
C GLY A 190 -31.01 -10.75 -2.30
N TRP A 191 -30.05 -11.67 -2.27
CA TRP A 191 -29.49 -12.22 -3.51
C TRP A 191 -30.56 -12.91 -4.35
N ASP A 192 -31.58 -13.44 -3.67
CA ASP A 192 -32.68 -14.12 -4.33
C ASP A 192 -33.47 -13.14 -5.19
N THR A 193 -33.58 -11.90 -4.73
CA THR A 193 -34.29 -10.87 -5.47
C THR A 193 -33.35 -10.24 -6.49
N PHE A 194 -32.06 -10.25 -6.18
CA PHE A 194 -31.05 -9.70 -7.07
C PHE A 194 -31.06 -10.45 -8.39
N VAL A 195 -31.10 -11.78 -8.31
CA VAL A 195 -31.13 -12.61 -9.49
C VAL A 195 -32.38 -12.33 -10.33
N GLU A 196 -33.48 -12.03 -9.63
CA GLU A 196 -34.75 -11.74 -10.28
C GLU A 196 -34.63 -10.56 -11.24
N LEU A 197 -33.74 -9.62 -10.93
CA LEU A 197 -33.56 -8.45 -11.78
C LEU A 197 -32.23 -8.49 -12.54
N TYR A 198 -31.50 -9.58 -12.38
CA TYR A 198 -30.21 -9.73 -13.06
C TYR A 198 -30.23 -10.87 -14.08
N GLY A 199 -30.65 -12.04 -13.65
CA GLY A 199 -30.69 -13.20 -14.53
C GLY A 199 -32.10 -13.59 -14.91
N ASN A 200 -33.08 -13.18 -14.12
CA ASN A 200 -34.47 -13.50 -14.40
C ASN A 200 -35.21 -12.28 -14.93
N ASN A 201 -34.44 -11.32 -15.44
CA ASN A 201 -35.00 -10.10 -15.98
C ASN A 201 -34.17 -9.66 -17.17
N SER B 1 24.80 -6.36 -7.59
CA SER B 1 25.63 -5.18 -7.41
C SER B 1 25.06 -4.27 -6.33
N VAL B 2 25.70 -4.26 -5.17
CA VAL B 2 25.27 -3.44 -4.06
C VAL B 2 25.89 -2.04 -4.17
N PRO B 3 25.05 -1.00 -4.22
CA PRO B 3 25.53 0.38 -4.32
C PRO B 3 26.19 0.86 -3.02
N SER B 4 26.99 1.90 -3.13
CA SER B 4 27.68 2.47 -1.98
C SER B 4 26.69 3.06 -0.98
N GLN B 5 26.51 2.37 0.13
CA GLN B 5 25.57 2.78 1.17
C GLN B 5 26.29 3.47 2.33
N LYS B 6 27.41 4.11 2.02
CA LYS B 6 28.20 4.81 3.03
C LYS B 6 27.75 6.25 3.15
N THR B 7 27.61 6.72 4.38
CA THR B 7 27.22 8.09 4.65
C THR B 7 28.28 9.04 4.11
N TYR B 8 27.88 9.90 3.19
CA TYR B 8 28.80 10.85 2.58
C TYR B 8 28.33 12.28 2.80
N GLN B 9 29.07 13.01 3.63
CA GLN B 9 28.73 14.40 3.91
C GLN B 9 29.32 15.31 2.84
N GLY B 10 30.51 14.93 2.36
CA GLY B 10 31.17 15.72 1.35
C GLY B 10 31.51 17.11 1.83
N SER B 11 31.12 18.11 1.06
CA SER B 11 31.37 19.49 1.42
C SER B 11 30.06 20.28 1.47
N TYR B 12 28.95 19.57 1.53
CA TYR B 12 27.64 20.21 1.57
C TYR B 12 26.82 19.76 2.78
N GLY B 13 27.30 18.74 3.47
CA GLY B 13 26.58 18.22 4.62
C GLY B 13 25.20 17.72 4.25
N PHE B 14 25.17 16.66 3.46
CA PHE B 14 23.91 16.08 3.02
C PHE B 14 23.27 15.22 4.12
N ARG B 15 22.58 15.87 5.04
CA ARG B 15 21.93 15.19 6.13
C ARG B 15 20.46 14.96 5.79
N LEU B 16 19.86 13.92 6.35
CA LEU B 16 18.46 13.62 6.08
C LEU B 16 17.57 14.15 7.20
N GLY B 17 16.52 14.85 6.81
CA GLY B 17 15.60 15.40 7.78
C GLY B 17 14.21 14.86 7.60
N PHE B 18 13.52 14.60 8.71
CA PHE B 18 12.16 14.07 8.66
C PHE B 18 11.29 14.80 9.68
N LEU B 19 9.99 14.83 9.43
CA LEU B 19 9.06 15.49 10.33
C LEU B 19 8.63 14.54 11.44
N HIS B 20 8.94 14.90 12.67
CA HIS B 20 8.59 14.07 13.82
C HIS B 20 7.10 14.19 14.14
N SER B 21 6.30 13.31 13.56
CA SER B 21 4.87 13.30 13.79
C SER B 21 4.56 12.76 15.19
N GLY B 22 5.35 11.81 15.63
CA GLY B 22 5.16 11.22 16.94
C GLY B 22 4.92 9.73 16.89
N THR B 23 4.57 9.15 18.03
CA THR B 23 4.30 7.72 18.11
C THR B 23 2.80 7.46 18.04
N ALA B 24 2.07 8.43 17.48
CA ALA B 24 0.63 8.33 17.33
C ALA B 24 0.24 7.14 16.48
N LYS B 25 -0.87 6.51 16.85
CA LYS B 25 -1.37 5.34 16.15
C LYS B 25 -1.96 5.75 14.81
N SER B 26 -2.81 6.77 14.85
CA SER B 26 -3.45 7.28 13.64
C SER B 26 -2.59 8.33 12.97
N VAL B 27 -1.72 7.88 12.08
CA VAL B 27 -0.83 8.78 11.36
C VAL B 27 -0.46 8.19 10.00
N THR B 28 -0.22 9.05 9.02
CA THR B 28 0.13 8.63 7.68
C THR B 28 1.58 8.18 7.58
N CYS B 29 2.46 8.84 8.33
CA CYS B 29 3.87 8.50 8.31
C CYS B 29 4.55 9.00 9.58
N THR B 30 5.63 8.32 9.97
CA THR B 30 6.39 8.69 11.15
C THR B 30 7.84 8.22 11.02
N TYR B 31 8.74 8.85 11.76
CA TYR B 31 10.15 8.49 11.71
C TYR B 31 10.71 8.26 13.10
N SER B 32 11.51 7.21 13.25
CA SER B 32 12.12 6.87 14.52
C SER B 32 13.60 7.23 14.51
N PRO B 33 14.02 8.23 15.32
CA PRO B 33 15.42 8.66 15.38
C PRO B 33 16.32 7.64 16.06
N ALA B 34 15.74 6.82 16.92
CA ALA B 34 16.48 5.80 17.65
C ALA B 34 16.98 4.69 16.74
N LEU B 35 16.17 4.32 15.76
CA LEU B 35 16.54 3.26 14.83
C LEU B 35 16.76 3.78 13.44
N ASN B 36 16.59 5.08 13.25
CA ASN B 36 16.76 5.72 11.93
C ASN B 36 15.85 5.03 10.93
N LYS B 37 14.65 4.70 11.37
CA LYS B 37 13.69 3.99 10.55
C LYS B 37 12.43 4.82 10.32
N MET B 38 12.01 4.89 9.07
CA MET B 38 10.81 5.64 8.71
C MET B 38 9.67 4.67 8.44
N PHE B 39 8.54 4.94 9.06
CA PHE B 39 7.36 4.11 8.90
C PHE B 39 6.33 4.84 8.03
N CYS B 40 5.99 4.24 6.91
CA CYS B 40 5.05 4.85 5.99
C CYS B 40 3.85 3.95 5.74
N GLN B 41 2.79 4.55 5.21
CA GLN B 41 1.58 3.81 4.88
C GLN B 41 1.57 3.48 3.39
N LEU B 42 0.63 2.64 2.99
CA LEU B 42 0.50 2.24 1.59
C LEU B 42 -0.05 3.38 0.75
N ALA B 43 0.72 3.76 -0.28
CA ALA B 43 0.33 4.82 -1.21
C ALA B 43 0.13 6.17 -0.52
N LYS B 44 0.96 6.44 0.49
CA LYS B 44 0.88 7.70 1.22
C LYS B 44 2.12 8.55 1.00
N THR B 45 1.89 9.85 0.81
CA THR B 45 2.95 10.80 0.58
C THR B 45 3.81 10.96 1.84
N CYS B 46 5.11 10.74 1.69
CA CYS B 46 6.04 10.86 2.79
C CYS B 46 6.98 12.05 2.57
N PRO B 47 6.87 13.08 3.41
CA PRO B 47 7.71 14.29 3.30
C PRO B 47 9.12 14.10 3.86
N VAL B 48 10.11 14.17 2.97
CA VAL B 48 11.50 14.02 3.36
C VAL B 48 12.25 15.34 3.09
N GLN B 49 12.98 15.82 4.07
CA GLN B 49 13.73 17.06 3.92
C GLN B 49 15.21 16.82 3.73
N LEU B 50 15.82 17.61 2.86
CA LEU B 50 17.24 17.50 2.60
C LEU B 50 17.97 18.53 3.45
N TRP B 51 18.33 18.14 4.67
CA TRP B 51 19.03 19.01 5.59
C TRP B 51 20.48 19.20 5.16
N VAL B 52 20.72 20.19 4.33
CA VAL B 52 22.06 20.47 3.85
C VAL B 52 22.69 21.61 4.66
N ASP B 53 23.96 21.47 4.96
CA ASP B 53 24.69 22.48 5.71
C ASP B 53 25.22 23.54 4.77
N SER B 54 25.42 23.14 3.53
CA SER B 54 25.91 24.02 2.49
C SER B 54 25.05 23.85 1.25
N THR B 55 24.39 24.93 0.84
CA THR B 55 23.53 24.90 -0.33
C THR B 55 24.29 24.50 -1.60
N PRO B 56 23.87 23.41 -2.24
CA PRO B 56 24.49 22.92 -3.47
C PRO B 56 24.00 23.70 -4.69
N PRO B 57 24.81 23.73 -5.77
CA PRO B 57 24.46 24.44 -7.00
C PRO B 57 23.15 23.94 -7.59
N PRO B 58 22.24 24.88 -7.95
CA PRO B 58 20.93 24.55 -8.54
C PRO B 58 21.08 23.71 -9.80
N GLY B 59 20.44 22.55 -9.79
CA GLY B 59 20.53 21.66 -10.93
C GLY B 59 21.12 20.32 -10.55
N THR B 60 21.30 20.11 -9.26
CA THR B 60 21.85 18.87 -8.75
C THR B 60 20.83 17.75 -8.90
N ARG B 61 21.28 16.51 -8.86
CA ARG B 61 20.40 15.37 -9.02
C ARG B 61 20.25 14.57 -7.74
N VAL B 62 19.03 14.49 -7.24
CA VAL B 62 18.74 13.73 -6.04
C VAL B 62 18.25 12.35 -6.44
N ARG B 63 19.05 11.34 -6.19
CA ARG B 63 18.70 9.97 -6.54
C ARG B 63 18.36 9.15 -5.31
N ALA B 64 17.28 8.40 -5.39
CA ALA B 64 16.84 7.56 -4.30
C ALA B 64 16.71 6.11 -4.76
N MET B 65 17.51 5.23 -4.17
CA MET B 65 17.49 3.82 -4.49
C MET B 65 17.32 3.01 -3.21
N ALA B 66 16.36 2.10 -3.20
CA ALA B 66 16.10 1.29 -2.02
C ALA B 66 16.63 -0.13 -2.16
N ILE B 67 17.25 -0.61 -1.11
CA ILE B 67 17.79 -1.96 -1.06
C ILE B 67 17.19 -2.68 0.14
N TYR B 68 17.59 -3.92 0.36
CA TYR B 68 17.06 -4.69 1.49
C TYR B 68 17.98 -4.57 2.70
N LYS B 69 17.41 -4.67 3.90
CA LYS B 69 18.16 -4.59 5.14
C LYS B 69 19.18 -5.71 5.25
N GLN B 70 18.79 -6.90 4.83
CA GLN B 70 19.66 -8.07 4.88
C GLN B 70 20.82 -7.88 3.91
N SER B 71 22.04 -7.92 4.43
CA SER B 71 23.24 -7.72 3.63
C SER B 71 23.39 -8.77 2.54
N GLN B 72 22.92 -9.98 2.81
CA GLN B 72 23.02 -11.06 1.84
C GLN B 72 21.87 -11.01 0.83
N HIS B 73 20.92 -10.13 1.07
CA HIS B 73 19.77 -9.98 0.17
C HIS B 73 19.82 -8.62 -0.52
N MET B 74 20.91 -7.90 -0.32
CA MET B 74 21.06 -6.57 -0.92
C MET B 74 21.23 -6.64 -2.42
N THR B 75 21.50 -7.84 -2.93
CA THR B 75 21.66 -8.05 -4.35
C THR B 75 20.31 -8.04 -5.06
N GLU B 76 19.23 -8.11 -4.29
CA GLU B 76 17.89 -8.10 -4.83
C GLU B 76 17.40 -6.67 -5.01
N VAL B 77 16.44 -6.49 -5.91
CA VAL B 77 15.88 -5.17 -6.17
C VAL B 77 14.48 -5.08 -5.60
N VAL B 78 14.20 -4.00 -4.87
CA VAL B 78 12.89 -3.80 -4.26
C VAL B 78 11.83 -3.58 -5.34
N ARG B 79 10.94 -4.56 -5.47
CA ARG B 79 9.88 -4.49 -6.46
C ARG B 79 8.52 -4.70 -5.80
N ARG B 80 7.47 -4.64 -6.60
CA ARG B 80 6.11 -4.81 -6.09
C ARG B 80 5.77 -6.28 -5.85
N CYS B 81 4.57 -6.51 -5.31
CA CYS B 81 4.12 -7.86 -5.02
C CYS B 81 3.32 -8.44 -6.20
N PRO B 82 3.04 -9.76 -6.18
CA PRO B 82 2.31 -10.45 -7.25
C PRO B 82 1.08 -9.71 -7.77
N HIS B 83 0.28 -9.13 -6.88
CA HIS B 83 -0.91 -8.40 -7.31
C HIS B 83 -0.74 -6.91 -7.06
N HIS B 84 0.01 -6.27 -7.94
CA HIS B 84 0.28 -4.84 -7.84
C HIS B 84 0.79 -4.28 -9.16
N GLU B 85 1.60 -5.08 -9.85
CA GLU B 85 2.16 -4.67 -11.14
C GLU B 85 1.08 -4.61 -12.23
N ARG B 86 0.19 -5.60 -12.23
CA ARG B 86 -0.88 -5.66 -13.21
C ARG B 86 -2.02 -4.73 -12.83
N CYS B 87 -1.96 -4.17 -11.63
CA CYS B 87 -2.98 -3.26 -11.15
C CYS B 87 -3.07 -2.04 -12.06
N SER B 88 -1.93 -1.66 -12.63
CA SER B 88 -1.84 -0.52 -13.53
C SER B 88 -2.29 0.77 -12.85
N ASP B 89 -1.41 1.31 -12.01
CA ASP B 89 -1.69 2.54 -11.28
C ASP B 89 -0.86 3.69 -11.83
N SER B 90 -0.47 3.57 -13.08
CA SER B 90 0.32 4.58 -13.75
C SER B 90 -0.49 5.83 -14.01
N ASP B 91 0.03 6.97 -13.57
CA ASP B 91 -0.65 8.25 -13.76
C ASP B 91 -0.27 8.86 -15.10
N GLY B 92 0.79 8.32 -15.68
CA GLY B 92 1.27 8.82 -16.96
C GLY B 92 2.75 9.14 -16.88
N LEU B 93 3.16 9.66 -15.73
CA LEU B 93 4.55 10.01 -15.51
C LEU B 93 5.25 8.89 -14.76
N ALA B 94 4.56 8.36 -13.76
CA ALA B 94 5.09 7.29 -12.93
C ALA B 94 4.67 5.92 -13.47
N PRO B 95 5.63 5.02 -13.71
CA PRO B 95 5.36 3.68 -14.21
C PRO B 95 4.81 2.77 -13.10
N PRO B 96 3.99 1.78 -13.47
CA PRO B 96 3.37 0.85 -12.51
C PRO B 96 4.37 -0.16 -11.91
N GLN B 97 5.60 -0.15 -12.39
CA GLN B 97 6.61 -1.06 -11.88
C GLN B 97 7.45 -0.42 -10.78
N HIS B 98 7.37 0.90 -10.66
CA HIS B 98 8.14 1.62 -9.65
C HIS B 98 7.42 1.64 -8.31
N LEU B 99 8.16 1.25 -7.27
CA LEU B 99 7.62 1.20 -5.92
C LEU B 99 7.69 2.58 -5.27
N ILE B 100 8.78 3.29 -5.52
CA ILE B 100 8.99 4.62 -4.95
C ILE B 100 8.76 5.69 -6.01
N ARG B 101 7.83 6.58 -5.72
CA ARG B 101 7.51 7.67 -6.64
C ARG B 101 7.64 9.01 -5.92
N VAL B 102 7.51 10.09 -6.66
CA VAL B 102 7.62 11.42 -6.08
C VAL B 102 6.34 12.21 -6.35
N GLU B 103 5.85 12.88 -5.32
CA GLU B 103 4.64 13.67 -5.43
C GLU B 103 4.96 15.14 -5.21
N GLY B 104 4.00 16.01 -5.52
CA GLY B 104 4.20 17.44 -5.33
C GLY B 104 5.02 18.07 -6.45
N ASN B 105 6.27 17.65 -6.56
CA ASN B 105 7.17 18.17 -7.59
C ASN B 105 6.89 17.55 -8.94
N LEU B 106 6.56 18.38 -9.92
CA LEU B 106 6.28 17.93 -11.28
C LEU B 106 7.54 17.39 -11.94
N ARG B 107 8.69 17.85 -11.49
CA ARG B 107 9.97 17.39 -12.01
C ARG B 107 10.36 16.06 -11.40
N VAL B 108 9.64 15.02 -11.78
CA VAL B 108 9.90 13.68 -11.26
C VAL B 108 10.39 12.75 -12.38
N GLU B 109 11.69 12.51 -12.41
CA GLU B 109 12.28 11.63 -13.40
C GLU B 109 12.67 10.30 -12.76
N TYR B 110 12.70 9.25 -13.56
CA TYR B 110 13.05 7.94 -13.06
C TYR B 110 14.27 7.39 -13.79
N LEU B 111 15.04 6.58 -13.09
CA LEU B 111 16.24 5.98 -13.66
C LEU B 111 16.23 4.47 -13.47
N ASP B 112 16.06 3.75 -14.57
CA ASP B 112 16.03 2.29 -14.52
C ASP B 112 17.36 1.72 -15.00
N ASP B 113 18.07 1.05 -14.10
CA ASP B 113 19.35 0.45 -14.45
C ASP B 113 19.13 -0.90 -15.16
N ARG B 114 19.98 -1.19 -16.13
CA ARG B 114 19.87 -2.43 -16.88
C ARG B 114 20.95 -3.43 -16.48
N ASN B 115 21.89 -2.98 -15.65
CA ASN B 115 22.99 -3.84 -15.21
C ASN B 115 22.50 -4.84 -14.17
N THR B 116 21.84 -4.34 -13.14
CA THR B 116 21.31 -5.18 -12.08
C THR B 116 19.82 -4.95 -11.91
N PHE B 117 19.24 -4.25 -12.89
CA PHE B 117 17.81 -3.93 -12.89
C PHE B 117 17.46 -3.05 -11.69
N ARG B 118 18.38 -2.17 -11.34
CA ARG B 118 18.20 -1.27 -10.22
C ARG B 118 17.22 -0.15 -10.56
N HIS B 119 16.05 -0.19 -9.95
CA HIS B 119 15.03 0.83 -10.17
C HIS B 119 15.23 1.95 -9.16
N SER B 120 15.38 3.17 -9.65
CA SER B 120 15.57 4.31 -8.77
C SER B 120 14.93 5.57 -9.34
N VAL B 121 14.68 6.53 -8.47
CA VAL B 121 14.08 7.80 -8.88
C VAL B 121 15.13 8.91 -8.81
N VAL B 122 15.07 9.84 -9.74
CA VAL B 122 16.02 10.94 -9.78
C VAL B 122 15.30 12.26 -10.05
N VAL B 123 15.30 13.13 -9.04
CA VAL B 123 14.64 14.41 -9.17
C VAL B 123 15.66 15.55 -9.05
N PRO B 124 15.41 16.67 -9.74
CA PRO B 124 16.30 17.82 -9.70
C PRO B 124 16.22 18.50 -8.34
N TYR B 125 17.35 19.03 -7.87
CA TYR B 125 17.39 19.70 -6.59
C TYR B 125 16.70 21.05 -6.65
N GLU B 126 15.55 21.14 -6.01
CA GLU B 126 14.78 22.37 -5.96
C GLU B 126 15.41 23.33 -4.96
N PRO B 127 15.54 24.61 -5.33
CA PRO B 127 16.13 25.63 -4.46
C PRO B 127 15.25 25.93 -3.24
N PRO B 128 15.87 26.20 -2.08
CA PRO B 128 15.16 26.53 -0.84
C PRO B 128 14.29 27.77 -1.01
N GLU B 129 12.98 27.56 -1.09
CA GLU B 129 12.04 28.67 -1.27
C GLU B 129 11.85 29.48 -0.01
N VAL B 130 11.24 30.64 -0.17
CA VAL B 130 10.97 31.55 0.93
C VAL B 130 10.11 30.87 2.00
N GLY B 131 10.67 30.71 3.19
CA GLY B 131 9.94 30.06 4.27
C GLY B 131 10.28 28.59 4.38
N SER B 132 11.15 28.11 3.51
CA SER B 132 11.57 26.72 3.52
C SER B 132 13.08 26.61 3.65
N ASP B 133 13.54 26.33 4.87
CA ASP B 133 14.97 26.21 5.14
C ASP B 133 15.63 25.13 4.28
N CYS B 134 15.05 23.94 4.30
CA CYS B 134 15.58 22.83 3.53
C CYS B 134 14.53 22.30 2.56
N THR B 135 14.97 21.93 1.36
CA THR B 135 14.09 21.41 0.34
C THR B 135 13.34 20.16 0.84
N THR B 136 12.03 20.19 0.74
CA THR B 136 11.21 19.08 1.16
C THR B 136 10.65 18.32 -0.05
N ILE B 137 11.06 17.07 -0.19
CA ILE B 137 10.61 16.25 -1.30
C ILE B 137 9.61 15.21 -0.79
N HIS B 138 8.55 15.00 -1.55
CA HIS B 138 7.52 14.06 -1.16
C HIS B 138 7.69 12.73 -1.88
N TYR B 139 8.06 11.71 -1.14
CA TYR B 139 8.26 10.38 -1.69
C TYR B 139 7.04 9.50 -1.39
N ASN B 140 6.62 8.74 -2.38
CA ASN B 140 5.45 7.88 -2.20
C ASN B 140 5.82 6.41 -2.33
N TYR B 141 5.47 5.64 -1.30
CA TYR B 141 5.73 4.20 -1.29
C TYR B 141 4.46 3.47 -1.70
N MET B 142 4.48 2.92 -2.91
CA MET B 142 3.32 2.22 -3.45
C MET B 142 3.23 0.75 -3.05
N CYS B 143 4.00 0.35 -2.05
CA CYS B 143 3.98 -1.03 -1.59
C CYS B 143 4.39 -1.12 -0.13
N ASN B 144 4.04 -2.22 0.52
CA ASN B 144 4.36 -2.43 1.92
C ASN B 144 5.58 -3.33 2.05
N SER B 145 6.23 -3.29 3.21
CA SER B 145 7.42 -4.10 3.44
C SER B 145 7.05 -5.57 3.65
N SER B 146 5.78 -5.82 3.88
CA SER B 146 5.29 -7.16 4.10
C SER B 146 4.90 -7.83 2.78
N CYS B 147 4.85 -7.03 1.71
CA CYS B 147 4.47 -7.52 0.39
C CYS B 147 5.32 -8.71 -0.05
N MET B 148 4.68 -9.88 -0.12
CA MET B 148 5.36 -11.10 -0.52
C MET B 148 5.79 -11.01 -1.99
N GLY B 149 6.75 -11.83 -2.37
CA GLY B 149 7.22 -11.82 -3.75
C GLY B 149 8.33 -10.81 -3.95
N GLY B 150 8.05 -9.56 -3.59
CA GLY B 150 9.05 -8.52 -3.72
C GLY B 150 9.86 -8.36 -2.44
N MET B 151 9.36 -7.54 -1.53
CA MET B 151 10.04 -7.32 -0.26
C MET B 151 10.07 -8.59 0.56
N ASN B 152 8.96 -9.31 0.55
CA ASN B 152 8.82 -10.58 1.25
C ASN B 152 9.05 -10.46 2.76
N ARG B 153 8.41 -9.46 3.36
CA ARG B 153 8.50 -9.22 4.80
C ARG B 153 9.93 -8.88 5.23
N ARG B 154 10.62 -8.12 4.40
CA ARG B 154 11.98 -7.71 4.69
C ARG B 154 12.07 -6.19 4.66
N PRO B 155 12.66 -5.58 5.70
CA PRO B 155 12.82 -4.12 5.78
C PRO B 155 13.73 -3.61 4.67
N ILE B 156 13.50 -2.39 4.22
CA ILE B 156 14.30 -1.82 3.16
C ILE B 156 15.13 -0.64 3.64
N LEU B 157 16.14 -0.31 2.86
CA LEU B 157 17.03 0.81 3.16
C LEU B 157 17.08 1.73 1.96
N THR B 158 16.44 2.90 2.08
CA THR B 158 16.42 3.86 0.99
C THR B 158 17.64 4.77 1.04
N ILE B 159 18.46 4.68 0.01
CA ILE B 159 19.66 5.49 -0.08
C ILE B 159 19.38 6.78 -0.86
N ILE B 160 19.47 7.90 -0.17
CA ILE B 160 19.24 9.19 -0.78
C ILE B 160 20.60 9.81 -1.09
N THR B 161 20.88 10.02 -2.37
CA THR B 161 22.15 10.57 -2.77
C THR B 161 21.98 11.87 -3.56
N LEU B 162 22.99 12.72 -3.46
CA LEU B 162 22.98 14.00 -4.15
C LEU B 162 24.22 14.10 -5.06
N GLU B 163 23.98 13.97 -6.35
CA GLU B 163 25.06 14.06 -7.32
C GLU B 163 24.86 15.30 -8.18
N ASP B 164 25.91 15.74 -8.84
CA ASP B 164 25.82 16.91 -9.70
C ASP B 164 25.07 16.56 -10.99
N SER B 165 24.87 17.55 -11.85
CA SER B 165 24.16 17.35 -13.11
C SER B 165 24.84 16.27 -13.99
N SER B 166 26.14 16.07 -13.76
CA SER B 166 26.90 15.08 -14.50
C SER B 166 26.80 13.73 -13.79
N GLY B 167 27.22 13.70 -12.53
CA GLY B 167 27.17 12.46 -11.76
C GLY B 167 28.19 12.43 -10.64
N ASN B 168 28.75 13.59 -10.31
CA ASN B 168 29.75 13.69 -9.26
C ASN B 168 29.08 13.59 -7.90
N LEU B 169 29.53 12.63 -7.09
CA LEU B 169 28.98 12.41 -5.76
C LEU B 169 29.33 13.58 -4.84
N LEU B 170 28.32 14.33 -4.45
CA LEU B 170 28.52 15.48 -3.57
C LEU B 170 28.10 15.14 -2.15
N GLY B 171 27.08 14.29 -2.03
CA GLY B 171 26.60 13.89 -0.73
C GLY B 171 25.72 12.65 -0.84
N ARG B 172 25.61 11.89 0.24
CA ARG B 172 24.81 10.68 0.25
C ARG B 172 24.43 10.28 1.67
N ASN B 173 23.16 9.96 1.87
CA ASN B 173 22.68 9.55 3.19
C ASN B 173 21.74 8.35 3.03
N SER B 174 21.40 7.69 4.13
CA SER B 174 20.53 6.53 4.07
C SER B 174 19.74 6.36 5.36
N PHE B 175 18.63 5.62 5.28
CA PHE B 175 17.78 5.36 6.43
C PHE B 175 16.98 4.07 6.22
N GLU B 176 16.51 3.49 7.31
CA GLU B 176 15.74 2.26 7.26
C GLU B 176 14.27 2.60 7.02
N VAL B 177 13.58 1.78 6.24
CA VAL B 177 12.18 2.04 5.94
C VAL B 177 11.29 0.82 6.19
N ARG B 178 10.09 1.08 6.71
CA ARG B 178 9.11 0.04 6.96
C ARG B 178 7.73 0.56 6.56
N VAL B 179 7.20 0.04 5.47
CA VAL B 179 5.91 0.48 4.98
C VAL B 179 4.82 -0.51 5.39
N CYS B 180 3.78 0.00 6.02
CA CYS B 180 2.68 -0.83 6.48
C CYS B 180 1.35 -0.06 6.36
N ALA B 181 0.45 -0.29 7.31
CA ALA B 181 -0.83 0.39 7.32
C ALA B 181 -1.01 1.21 8.61
N CYS B 182 -0.22 0.88 9.61
CA CYS B 182 -0.28 1.58 10.89
C CYS B 182 1.13 1.89 11.39
N PRO B 183 1.70 3.03 10.95
CA PRO B 183 3.06 3.45 11.33
C PRO B 183 3.26 3.50 12.84
N GLY B 184 2.25 4.02 13.56
CA GLY B 184 2.34 4.11 15.00
C GLY B 184 2.34 2.76 15.68
N ARG B 185 1.60 1.82 15.10
CA ARG B 185 1.50 0.46 15.65
C ARG B 185 2.80 -0.31 15.41
N ASP B 186 3.21 -0.35 14.16
CA ASP B 186 4.42 -1.07 13.76
C ASP B 186 5.67 -0.52 14.43
N ARG B 187 5.65 0.79 14.73
CA ARG B 187 6.78 1.43 15.39
C ARG B 187 6.95 0.88 16.81
N ARG B 188 5.83 0.52 17.42
CA ARG B 188 5.83 0.00 18.78
C ARG B 188 6.37 -1.43 18.82
N THR B 189 6.37 -2.09 17.66
CA THR B 189 6.87 -3.45 17.56
C THR B 189 8.38 -3.45 17.37
N GLU B 190 8.94 -2.29 17.04
CA GLU B 190 10.37 -2.17 16.83
C GLU B 190 11.02 -1.18 17.81
N GLU B 191 10.82 0.11 17.57
CA GLU B 191 11.41 1.14 18.41
C GLU B 191 10.98 1.01 19.87
N GLU B 192 9.68 0.76 20.07
CA GLU B 192 9.13 0.61 21.43
C GLU B 192 9.45 -0.77 22.00
N ASN B 193 10.08 -1.63 21.20
CA ASN B 193 10.42 -2.97 21.65
C ASN B 193 11.89 -3.07 22.02
N LEU B 194 12.72 -2.28 21.34
CA LEU B 194 14.16 -2.29 21.59
C LEU B 194 14.52 -1.35 22.75
N ARG B 195 13.56 -1.09 23.60
CA ARG B 195 13.77 -0.23 24.76
C ARG B 195 12.84 -0.64 25.89
ZN ZN C . 2.70 -4.99 -3.14
N MET A 4 -31.63 -24.46 8.24
CA MET A 4 -30.78 -23.34 7.75
C MET A 4 -29.57 -23.87 7.02
N SER A 5 -29.64 -23.89 5.70
CA SER A 5 -28.55 -24.39 4.86
C SER A 5 -27.44 -23.35 4.74
N GLN A 6 -27.74 -22.12 5.18
CA GLN A 6 -26.80 -21.01 5.14
C GLN A 6 -26.39 -20.69 3.72
N SER A 7 -27.36 -20.60 2.83
CA SER A 7 -27.12 -20.29 1.44
C SER A 7 -26.48 -18.92 1.28
N ASN A 8 -26.81 -18.03 2.20
CA ASN A 8 -26.27 -16.68 2.20
C ASN A 8 -24.83 -16.69 2.65
N ARG A 9 -24.57 -17.31 3.80
CA ARG A 9 -23.23 -17.40 4.34
C ARG A 9 -22.30 -18.17 3.41
N GLU A 10 -22.83 -19.20 2.78
CA GLU A 10 -22.05 -20.02 1.85
C GLU A 10 -21.62 -19.20 0.64
N LEU A 11 -22.54 -18.39 0.11
CA LEU A 11 -22.25 -17.57 -1.07
C LEU A 11 -21.21 -16.50 -0.74
N VAL A 12 -21.31 -15.91 0.44
CA VAL A 12 -20.38 -14.87 0.87
C VAL A 12 -18.95 -15.41 0.98
N VAL A 13 -18.79 -16.54 1.67
CA VAL A 13 -17.46 -17.13 1.83
C VAL A 13 -16.92 -17.65 0.51
N ASP A 14 -17.81 -18.12 -0.36
CA ASP A 14 -17.43 -18.63 -1.66
C ASP A 14 -16.84 -17.53 -2.52
N PHE A 15 -17.57 -16.41 -2.61
CA PHE A 15 -17.12 -15.27 -3.40
C PHE A 15 -15.76 -14.77 -2.89
N LEU A 16 -15.60 -14.78 -1.58
CA LEU A 16 -14.36 -14.36 -0.96
C LEU A 16 -13.21 -15.28 -1.37
N SER A 17 -13.48 -16.58 -1.36
CA SER A 17 -12.48 -17.58 -1.73
C SER A 17 -12.14 -17.47 -3.21
N TYR A 18 -13.14 -17.14 -4.01
CA TYR A 18 -12.96 -16.98 -5.44
C TYR A 18 -11.97 -15.85 -5.73
N LYS A 19 -12.09 -14.76 -4.99
CA LYS A 19 -11.20 -13.61 -5.17
C LYS A 19 -9.84 -13.89 -4.55
N LEU A 20 -9.82 -14.70 -3.50
CA LEU A 20 -8.58 -15.06 -2.80
C LEU A 20 -7.70 -15.94 -3.68
N SER A 21 -8.20 -16.30 -4.85
CA SER A 21 -7.46 -17.13 -5.79
C SER A 21 -7.07 -16.34 -7.03
N GLN A 22 -6.94 -15.02 -6.87
CA GLN A 22 -6.57 -14.14 -7.98
C GLN A 22 -5.08 -14.24 -8.27
N LYS A 23 -4.27 -13.57 -7.46
CA LYS A 23 -2.82 -13.59 -7.61
C LYS A 23 -2.18 -13.12 -6.31
N GLY A 24 -1.25 -13.90 -5.80
CA GLY A 24 -0.58 -13.55 -4.57
C GLY A 24 -1.26 -14.15 -3.37
N TYR A 25 -1.50 -15.46 -3.42
CA TYR A 25 -2.15 -16.16 -2.32
C TYR A 25 -1.24 -17.20 -1.70
N SER A 26 -0.91 -17.00 -0.44
CA SER A 26 -0.05 -17.93 0.27
C SER A 26 -0.87 -18.84 1.18
N TRP A 27 -1.19 -18.36 2.37
CA TRP A 27 -1.96 -19.14 3.33
C TRP A 27 -3.40 -19.33 2.89
N SER A 28 -3.87 -18.49 1.98
CA SER A 28 -5.23 -18.57 1.47
C SER A 28 -5.41 -19.77 0.54
N GLN A 29 -4.29 -20.33 0.07
CA GLN A 29 -4.34 -21.47 -0.82
C GLN A 29 -4.25 -22.78 -0.03
N PHE A 30 -3.40 -22.78 1.00
CA PHE A 30 -3.21 -23.97 1.82
C PHE A 30 -4.35 -24.16 2.82
N SER A 31 -4.92 -23.05 3.27
CA SER A 31 -6.00 -23.11 4.25
C SER A 31 -7.35 -22.79 3.62
N MET A 86 -32.23 -24.03 -8.81
CA MET A 86 -31.31 -23.06 -8.24
C MET A 86 -31.35 -21.75 -9.03
N ALA A 87 -31.15 -20.64 -8.35
CA ALA A 87 -31.16 -19.32 -8.99
C ALA A 87 -29.79 -18.99 -9.56
N ALA A 88 -28.80 -19.85 -9.25
CA ALA A 88 -27.43 -19.67 -9.72
C ALA A 88 -26.84 -18.36 -9.20
N VAL A 89 -27.10 -18.07 -7.93
CA VAL A 89 -26.62 -16.86 -7.29
C VAL A 89 -25.09 -16.78 -7.33
N LYS A 90 -24.43 -17.91 -7.19
CA LYS A 90 -22.98 -17.97 -7.22
C LYS A 90 -22.45 -17.49 -8.56
N GLN A 91 -23.05 -17.98 -9.64
CA GLN A 91 -22.62 -17.60 -10.98
C GLN A 91 -22.99 -16.15 -11.27
N ALA A 92 -24.17 -15.74 -10.81
CA ALA A 92 -24.63 -14.37 -11.01
C ALA A 92 -23.68 -13.40 -10.31
N LEU A 93 -23.33 -13.72 -9.07
CA LEU A 93 -22.42 -12.89 -8.29
C LEU A 93 -21.02 -12.92 -8.89
N ARG A 94 -20.64 -14.08 -9.43
CA ARG A 94 -19.33 -14.24 -10.04
C ARG A 94 -19.16 -13.30 -11.23
N GLU A 95 -20.15 -13.31 -12.12
CA GLU A 95 -20.12 -12.47 -13.31
C GLU A 95 -19.96 -11.00 -12.96
N ALA A 96 -20.83 -10.49 -12.09
CA ALA A 96 -20.78 -9.09 -11.69
C ALA A 96 -19.52 -8.79 -10.87
N GLY A 97 -19.18 -9.70 -9.97
CA GLY A 97 -18.01 -9.52 -9.11
C GLY A 97 -16.71 -9.43 -9.88
N ASP A 98 -16.53 -10.28 -10.88
CA ASP A 98 -15.30 -10.28 -11.66
C ASP A 98 -15.16 -9.01 -12.48
N GLU A 99 -16.28 -8.54 -13.02
CA GLU A 99 -16.31 -7.32 -13.82
C GLU A 99 -16.02 -6.09 -12.96
N PHE A 100 -16.42 -6.15 -11.70
CA PHE A 100 -16.19 -5.04 -10.78
C PHE A 100 -14.79 -5.08 -10.20
N GLU A 101 -14.34 -6.27 -9.83
CA GLU A 101 -13.01 -6.45 -9.25
C GLU A 101 -11.90 -5.87 -10.13
N LEU A 102 -12.00 -6.11 -11.43
CA LEU A 102 -10.99 -5.61 -12.36
C LEU A 102 -10.86 -4.09 -12.31
N ARG A 103 -11.94 -3.42 -11.95
CA ARG A 103 -11.93 -1.96 -11.86
C ARG A 103 -11.38 -1.52 -10.51
N TYR A 104 -11.58 -2.34 -9.49
CA TYR A 104 -11.12 -2.03 -8.15
C TYR A 104 -9.64 -2.35 -7.95
N ARG A 105 -9.13 -3.31 -8.69
CA ARG A 105 -7.72 -3.70 -8.56
C ARG A 105 -6.80 -2.74 -9.32
N ARG A 106 -7.22 -1.50 -9.48
CA ARG A 106 -6.43 -0.50 -10.18
C ARG A 106 -5.66 0.38 -9.20
N ALA A 107 -5.92 0.18 -7.91
CA ALA A 107 -5.27 0.92 -6.83
C ALA A 107 -5.72 2.39 -6.77
N PHE A 108 -6.66 2.75 -7.62
CA PHE A 108 -7.18 4.12 -7.66
C PHE A 108 -8.69 4.10 -7.82
N SER A 109 -9.31 3.10 -7.22
CA SER A 109 -10.76 2.94 -7.28
C SER A 109 -11.41 3.36 -5.97
N ASP A 110 -12.71 3.08 -5.84
CA ASP A 110 -13.46 3.43 -4.64
C ASP A 110 -12.88 2.81 -3.38
N LEU A 111 -12.30 1.61 -3.53
CA LEU A 111 -11.70 0.90 -2.41
C LEU A 111 -10.65 1.74 -1.71
N THR A 112 -9.80 2.38 -2.51
CA THR A 112 -8.74 3.21 -1.99
C THR A 112 -9.29 4.44 -1.25
N SER A 113 -10.32 5.06 -1.81
CA SER A 113 -10.92 6.23 -1.21
C SER A 113 -11.70 5.87 0.05
N GLN A 114 -12.40 4.74 0.00
CA GLN A 114 -13.20 4.26 1.12
C GLN A 114 -12.31 3.89 2.29
N LEU A 115 -11.34 3.02 2.05
CA LEU A 115 -10.43 2.57 3.11
C LEU A 115 -9.51 3.70 3.54
N HIS A 116 -8.89 4.37 2.55
CA HIS A 116 -7.96 5.48 2.80
C HIS A 116 -6.79 5.03 3.67
N ILE A 117 -6.54 3.73 3.69
CA ILE A 117 -5.48 3.14 4.49
C ILE A 117 -5.64 3.52 5.96
N THR A 118 -6.71 3.01 6.55
CA THR A 118 -7.03 3.28 7.94
C THR A 118 -6.01 2.63 8.89
N PRO A 119 -5.47 3.40 9.83
CA PRO A 119 -4.49 2.93 10.83
C PRO A 119 -5.16 2.05 11.89
N GLY A 120 -5.84 1.03 11.43
CA GLY A 120 -6.52 0.09 12.30
C GLY A 120 -7.32 -0.87 11.46
N THR A 121 -6.65 -1.44 10.47
CA THR A 121 -7.27 -2.37 9.53
C THR A 121 -7.62 -3.73 10.15
N ALA A 122 -7.78 -3.77 11.45
CA ALA A 122 -8.13 -5.00 12.15
C ALA A 122 -9.57 -4.92 12.66
N TYR A 123 -10.17 -3.74 12.53
CA TYR A 123 -11.54 -3.53 12.99
C TYR A 123 -12.20 -2.34 12.28
N GLN A 124 -11.45 -1.26 12.11
CA GLN A 124 -11.96 -0.06 11.44
C GLN A 124 -12.32 -0.35 9.99
N SER A 125 -11.55 -1.24 9.37
CA SER A 125 -11.77 -1.62 7.98
C SER A 125 -13.11 -2.34 7.84
N PHE A 126 -13.35 -3.26 8.77
CA PHE A 126 -14.60 -4.03 8.78
C PHE A 126 -15.81 -3.11 8.85
N GLU A 127 -15.80 -2.23 9.84
CA GLU A 127 -16.89 -1.28 10.03
C GLU A 127 -17.04 -0.37 8.82
N GLN A 128 -15.93 0.12 8.29
CA GLN A 128 -15.95 1.01 7.15
C GLN A 128 -16.62 0.38 5.93
N VAL A 129 -16.33 -0.89 5.70
CA VAL A 129 -16.90 -1.60 4.56
C VAL A 129 -18.36 -1.98 4.81
N VAL A 130 -18.64 -2.54 5.99
CA VAL A 130 -20.00 -2.96 6.34
C VAL A 130 -20.94 -1.78 6.46
N ASN A 131 -20.44 -0.67 6.98
CA ASN A 131 -21.25 0.54 7.15
C ASN A 131 -21.73 1.08 5.81
N GLU A 132 -21.01 0.74 4.74
CA GLU A 132 -21.37 1.17 3.39
C GLU A 132 -22.77 0.68 3.03
N LEU A 133 -23.10 -0.52 3.47
CA LEU A 133 -24.40 -1.09 3.19
C LEU A 133 -25.48 -0.35 3.99
N PHE A 134 -25.11 0.06 5.19
CA PHE A 134 -26.02 0.79 6.07
C PHE A 134 -26.10 2.26 5.67
N ARG A 135 -25.36 2.62 4.62
CA ARG A 135 -25.36 3.98 4.12
C ARG A 135 -26.37 4.09 2.99
N ASP A 136 -27.01 2.96 2.69
CA ASP A 136 -28.02 2.88 1.63
C ASP A 136 -29.27 2.19 2.16
N GLY A 137 -29.07 1.06 2.84
CA GLY A 137 -30.18 0.32 3.39
C GLY A 137 -30.48 -0.92 2.57
N VAL A 138 -31.70 -1.01 2.07
CA VAL A 138 -32.11 -2.13 1.24
C VAL A 138 -31.91 -1.77 -0.23
N ASN A 139 -30.76 -2.12 -0.76
CA ASN A 139 -30.45 -1.81 -2.14
C ASN A 139 -29.64 -2.94 -2.78
N TRP A 140 -30.20 -3.51 -3.83
CA TRP A 140 -29.54 -4.61 -4.53
C TRP A 140 -28.35 -4.11 -5.35
N GLY A 141 -28.27 -2.80 -5.53
CA GLY A 141 -27.16 -2.23 -6.27
C GLY A 141 -25.98 -1.96 -5.36
N ARG A 142 -26.26 -1.60 -4.11
CA ARG A 142 -25.22 -1.31 -3.15
C ARG A 142 -24.52 -2.59 -2.68
N ILE A 143 -25.28 -3.69 -2.67
CA ILE A 143 -24.71 -4.98 -2.25
C ILE A 143 -23.61 -5.44 -3.20
N VAL A 144 -23.72 -5.05 -4.47
CA VAL A 144 -22.71 -5.40 -5.47
C VAL A 144 -21.41 -4.70 -5.12
N ALA A 145 -21.49 -3.42 -4.83
CA ALA A 145 -20.32 -2.62 -4.47
C ALA A 145 -19.72 -3.15 -3.17
N PHE A 146 -20.60 -3.56 -2.25
CA PHE A 146 -20.18 -4.11 -0.97
C PHE A 146 -19.28 -5.33 -1.19
N PHE A 147 -19.74 -6.24 -2.03
CA PHE A 147 -18.98 -7.45 -2.34
C PHE A 147 -17.69 -7.09 -3.07
N SER A 148 -17.76 -6.07 -3.92
CA SER A 148 -16.60 -5.63 -4.68
C SER A 148 -15.53 -5.04 -3.75
N PHE A 149 -15.97 -4.30 -2.74
CA PHE A 149 -15.05 -3.71 -1.77
C PHE A 149 -14.26 -4.79 -1.05
N GLY A 150 -14.97 -5.75 -0.48
CA GLY A 150 -14.32 -6.84 0.24
C GLY A 150 -13.56 -7.76 -0.69
N GLY A 151 -14.09 -7.97 -1.89
CA GLY A 151 -13.46 -8.84 -2.85
C GLY A 151 -12.07 -8.38 -3.26
N ALA A 152 -11.93 -7.10 -3.55
CA ALA A 152 -10.64 -6.55 -3.95
C ALA A 152 -9.72 -6.41 -2.73
N LEU A 153 -10.33 -6.16 -1.58
CA LEU A 153 -9.59 -5.98 -0.34
C LEU A 153 -8.94 -7.28 0.13
N CYS A 154 -9.68 -8.38 0.06
CA CYS A 154 -9.15 -9.67 0.51
C CYS A 154 -7.92 -10.10 -0.28
N VAL A 155 -7.93 -9.82 -1.58
CA VAL A 155 -6.80 -10.17 -2.45
C VAL A 155 -5.56 -9.41 -2.03
N GLU A 156 -5.70 -8.10 -1.84
CA GLU A 156 -4.58 -7.26 -1.45
C GLU A 156 -4.16 -7.52 -0.01
N SER A 157 -5.04 -8.16 0.76
CA SER A 157 -4.73 -8.48 2.15
C SER A 157 -3.70 -9.59 2.25
N VAL A 158 -3.79 -10.57 1.35
CA VAL A 158 -2.84 -11.68 1.32
C VAL A 158 -1.65 -11.33 0.45
N ASP A 159 -1.90 -10.58 -0.62
CA ASP A 159 -0.86 -10.15 -1.54
C ASP A 159 0.17 -9.27 -0.83
N LYS A 160 -0.29 -8.50 0.15
CA LYS A 160 0.59 -7.63 0.91
C LYS A 160 1.01 -8.30 2.21
N GLU A 161 0.67 -9.58 2.33
CA GLU A 161 0.99 -10.39 3.52
C GLU A 161 0.61 -9.69 4.83
N MET A 162 -0.62 -9.19 4.88
CA MET A 162 -1.09 -8.53 6.09
C MET A 162 -1.82 -9.53 6.97
N GLN A 163 -2.56 -10.43 6.31
CA GLN A 163 -3.32 -11.48 6.98
C GLN A 163 -4.47 -10.97 7.85
N VAL A 164 -4.12 -10.34 8.97
CA VAL A 164 -5.08 -9.82 9.94
C VAL A 164 -6.26 -9.07 9.28
N LEU A 165 -5.97 -8.34 8.21
CA LEU A 165 -6.98 -7.57 7.50
C LEU A 165 -8.17 -8.45 7.10
N VAL A 166 -7.93 -9.40 6.22
CA VAL A 166 -8.98 -10.28 5.74
C VAL A 166 -9.42 -11.30 6.79
N SER A 167 -8.46 -11.80 7.57
CA SER A 167 -8.74 -12.79 8.59
C SER A 167 -9.73 -12.27 9.65
N ARG A 168 -9.60 -11.00 10.03
CA ARG A 168 -10.49 -10.42 11.01
C ARG A 168 -11.84 -10.06 10.40
N ILE A 169 -11.80 -9.37 9.27
CA ILE A 169 -13.01 -8.95 8.58
C ILE A 169 -13.92 -10.14 8.25
N ALA A 170 -13.35 -11.18 7.67
CA ALA A 170 -14.11 -12.37 7.30
C ALA A 170 -14.78 -13.00 8.52
N ALA A 171 -14.04 -13.04 9.63
CA ALA A 171 -14.55 -13.61 10.86
C ALA A 171 -15.71 -12.79 11.41
N TRP A 172 -15.49 -11.48 11.54
CA TRP A 172 -16.52 -10.58 12.06
C TRP A 172 -17.74 -10.56 11.14
N MET A 173 -17.49 -10.57 9.85
CA MET A 173 -18.56 -10.55 8.86
C MET A 173 -19.40 -11.81 8.96
N ALA A 174 -18.75 -12.96 9.09
CA ALA A 174 -19.45 -14.24 9.21
C ALA A 174 -20.37 -14.24 10.42
N THR A 175 -19.91 -13.65 11.51
CA THR A 175 -20.69 -13.58 12.73
C THR A 175 -21.95 -12.75 12.54
N TYR A 176 -21.78 -11.51 12.08
CA TYR A 176 -22.93 -10.61 11.86
C TYR A 176 -23.83 -11.12 10.75
N LEU A 177 -23.24 -11.84 9.80
CA LEU A 177 -23.98 -12.38 8.68
C LEU A 177 -25.09 -13.31 9.17
N ASN A 178 -24.70 -14.37 9.87
CA ASN A 178 -25.68 -15.32 10.38
C ASN A 178 -26.45 -14.74 11.56
N ASP A 179 -25.87 -13.71 12.17
CA ASP A 179 -26.48 -13.04 13.32
C ASP A 179 -27.82 -12.42 12.95
N HIS A 180 -27.88 -11.74 11.82
CA HIS A 180 -29.11 -11.09 11.39
C HIS A 180 -29.23 -10.98 9.87
N LEU A 181 -28.11 -10.80 9.18
CA LEU A 181 -28.12 -10.66 7.73
C LEU A 181 -28.77 -11.83 7.00
N GLU A 182 -28.38 -13.05 7.36
CA GLU A 182 -28.95 -14.25 6.73
C GLU A 182 -30.48 -14.30 6.81
N PRO A 183 -31.06 -14.31 8.03
CA PRO A 183 -32.52 -14.33 8.18
C PRO A 183 -33.18 -13.12 7.53
N TRP A 184 -32.49 -11.98 7.56
CA TRP A 184 -33.01 -10.75 6.97
C TRP A 184 -33.17 -10.91 5.45
N ILE A 185 -32.18 -11.52 4.83
CA ILE A 185 -32.21 -11.75 3.39
C ILE A 185 -33.37 -12.67 3.02
N GLN A 186 -33.58 -13.69 3.84
CA GLN A 186 -34.66 -14.65 3.60
C GLN A 186 -36.01 -14.12 4.07
N GLU A 187 -36.01 -12.92 4.65
CA GLU A 187 -37.23 -12.31 5.15
C GLU A 187 -37.67 -11.17 4.24
N ASN A 188 -36.74 -10.28 3.94
CA ASN A 188 -37.02 -9.12 3.09
C ASN A 188 -36.66 -9.40 1.64
N GLY A 189 -35.46 -9.96 1.43
CA GLY A 189 -34.99 -10.24 0.09
C GLY A 189 -33.58 -9.73 -0.11
N GLY A 190 -32.75 -10.56 -0.74
CA GLY A 190 -31.38 -10.17 -1.00
C GLY A 190 -30.88 -10.69 -2.33
N TRP A 191 -29.95 -11.65 -2.28
CA TRP A 191 -29.39 -12.23 -3.50
C TRP A 191 -30.48 -12.92 -4.33
N ASP A 192 -31.47 -13.46 -3.63
CA ASP A 192 -32.58 -14.16 -4.27
C ASP A 192 -33.41 -13.20 -5.11
N THR A 193 -33.43 -11.94 -4.71
CA THR A 193 -34.18 -10.93 -5.43
C THR A 193 -33.29 -10.25 -6.47
N PHE A 194 -31.99 -10.21 -6.19
CA PHE A 194 -31.03 -9.60 -7.10
C PHE A 194 -31.00 -10.35 -8.43
N VAL A 195 -31.03 -11.68 -8.36
CA VAL A 195 -30.99 -12.50 -9.56
C VAL A 195 -32.22 -12.23 -10.43
N GLU A 196 -33.34 -11.94 -9.77
CA GLU A 196 -34.60 -11.66 -10.45
C GLU A 196 -34.49 -10.44 -11.36
N LEU A 197 -33.85 -9.40 -10.86
CA LEU A 197 -33.68 -8.17 -11.63
C LEU A 197 -32.42 -8.17 -12.49
N TYR A 198 -31.80 -9.34 -12.62
CA TYR A 198 -30.58 -9.46 -13.41
C TYR A 198 -30.70 -10.58 -14.44
N GLY A 199 -30.66 -11.82 -13.99
CA GLY A 199 -30.74 -12.96 -14.89
C GLY A 199 -32.16 -13.38 -15.19
N ASN A 200 -33.07 -13.09 -14.27
CA ASN A 200 -34.47 -13.46 -14.45
C ASN A 200 -35.27 -12.33 -15.10
N ASN A 201 -34.57 -11.22 -15.37
CA ASN A 201 -35.20 -10.07 -15.99
C ASN A 201 -35.13 -10.17 -17.50
N SER B 1 24.88 -6.25 -7.57
CA SER B 1 25.69 -5.05 -7.38
C SER B 1 25.07 -4.14 -6.32
N VAL B 2 25.74 -4.04 -5.18
CA VAL B 2 25.26 -3.19 -4.10
C VAL B 2 25.98 -1.85 -4.13
N PRO B 3 25.24 -0.75 -4.35
CA PRO B 3 25.80 0.60 -4.41
C PRO B 3 26.44 1.02 -3.08
N SER B 4 27.31 2.02 -3.15
CA SER B 4 27.98 2.53 -1.96
C SER B 4 26.98 3.16 -1.00
N GLN B 5 26.75 2.49 0.13
CA GLN B 5 25.81 2.98 1.13
C GLN B 5 26.54 3.71 2.25
N LYS B 6 27.81 4.01 2.01
CA LYS B 6 28.64 4.71 2.97
C LYS B 6 28.16 6.14 3.14
N THR B 7 27.95 6.56 4.38
CA THR B 7 27.48 7.90 4.67
C THR B 7 28.52 8.94 4.23
N TYR B 8 28.17 9.70 3.21
CA TYR B 8 29.05 10.72 2.67
C TYR B 8 28.42 12.09 2.84
N GLN B 9 28.98 12.87 3.78
CA GLN B 9 28.48 14.20 4.06
C GLN B 9 28.85 15.16 2.94
N GLY B 10 30.12 15.14 2.55
CA GLY B 10 30.59 16.01 1.51
C GLY B 10 30.82 17.43 1.99
N SER B 11 31.27 18.29 1.09
CA SER B 11 31.54 19.68 1.40
C SER B 11 30.24 20.46 1.62
N TYR B 12 29.14 19.92 1.12
CA TYR B 12 27.84 20.57 1.24
C TYR B 12 27.07 20.07 2.47
N GLY B 13 27.56 19.00 3.07
CA GLY B 13 26.91 18.44 4.24
C GLY B 13 25.51 17.92 3.95
N PHE B 14 25.44 16.81 3.24
CA PHE B 14 24.16 16.21 2.88
C PHE B 14 23.60 15.37 4.04
N ARG B 15 22.72 15.96 4.84
CA ARG B 15 22.10 15.27 5.95
C ARG B 15 20.63 15.01 5.66
N LEU B 16 20.06 14.02 6.32
CA LEU B 16 18.65 13.69 6.13
C LEU B 16 17.81 14.20 7.29
N GLY B 17 16.74 14.90 6.98
CA GLY B 17 15.86 15.42 8.00
C GLY B 17 14.44 14.93 7.80
N PHE B 18 13.80 14.52 8.89
CA PHE B 18 12.44 14.02 8.82
C PHE B 18 11.56 14.73 9.84
N LEU B 19 10.26 14.54 9.74
CA LEU B 19 9.31 15.16 10.65
C LEU B 19 8.89 14.16 11.74
N HIS B 20 9.13 14.52 12.99
CA HIS B 20 8.75 13.67 14.11
C HIS B 20 7.28 13.87 14.44
N SER B 21 6.43 13.12 13.76
CA SER B 21 4.99 13.20 13.95
C SER B 21 4.58 12.63 15.31
N GLY B 22 5.18 11.51 15.68
CA GLY B 22 4.86 10.89 16.96
C GLY B 22 4.54 9.42 16.82
N THR B 23 4.25 8.79 17.94
CA THR B 23 3.92 7.37 17.97
C THR B 23 2.41 7.15 17.91
N ALA B 24 1.69 8.17 17.45
CA ALA B 24 0.24 8.11 17.34
C ALA B 24 -0.19 6.99 16.40
N LYS B 25 -1.17 6.21 16.85
CA LYS B 25 -1.69 5.09 16.07
C LYS B 25 -2.20 5.56 14.71
N SER B 26 -2.97 6.64 14.73
CA SER B 26 -3.53 7.18 13.50
C SER B 26 -2.62 8.28 12.92
N VAL B 27 -1.67 7.85 12.09
CA VAL B 27 -0.75 8.79 11.46
C VAL B 27 -0.39 8.30 10.06
N THR B 28 -0.21 9.24 9.14
CA THR B 28 0.13 8.91 7.76
C THR B 28 1.55 8.34 7.66
N CYS B 29 2.46 8.91 8.43
CA CYS B 29 3.85 8.47 8.42
C CYS B 29 4.55 8.93 9.70
N THR B 30 5.54 8.15 10.14
CA THR B 30 6.30 8.48 11.34
C THR B 30 7.76 8.07 11.14
N TYR B 31 8.66 8.67 11.91
CA TYR B 31 10.07 8.36 11.79
C TYR B 31 10.72 8.11 13.14
N SER B 32 11.50 7.06 13.23
CA SER B 32 12.20 6.69 14.44
C SER B 32 13.59 7.31 14.45
N PRO B 33 13.83 8.29 15.34
CA PRO B 33 15.14 8.95 15.43
C PRO B 33 16.16 8.10 16.17
N ALA B 34 15.69 7.02 16.79
CA ALA B 34 16.56 6.13 17.54
C ALA B 34 17.20 5.08 16.63
N LEU B 35 16.38 4.43 15.82
CA LEU B 35 16.88 3.39 14.92
C LEU B 35 17.06 3.89 13.50
N ASN B 36 16.67 5.14 13.27
CA ASN B 36 16.77 5.75 11.94
C ASN B 36 15.93 4.96 10.95
N LYS B 37 14.69 4.70 11.35
CA LYS B 37 13.76 3.94 10.55
C LYS B 37 12.46 4.71 10.35
N MET B 38 12.05 4.86 9.11
CA MET B 38 10.83 5.57 8.78
C MET B 38 9.70 4.58 8.54
N PHE B 39 8.55 4.86 9.12
CA PHE B 39 7.38 4.00 8.96
C PHE B 39 6.33 4.74 8.13
N CYS B 40 6.04 4.20 6.96
CA CYS B 40 5.08 4.82 6.06
C CYS B 40 3.88 3.93 5.81
N GLN B 41 2.86 4.49 5.19
CA GLN B 41 1.65 3.74 4.87
C GLN B 41 1.61 3.42 3.38
N LEU B 42 0.64 2.63 2.97
CA LEU B 42 0.50 2.24 1.57
C LEU B 42 -0.05 3.39 0.73
N ALA B 43 0.72 3.78 -0.29
CA ALA B 43 0.33 4.85 -1.22
C ALA B 43 0.22 6.21 -0.52
N LYS B 44 0.92 6.38 0.58
CA LYS B 44 0.89 7.64 1.31
C LYS B 44 2.16 8.43 1.08
N THR B 45 2.00 9.74 0.91
CA THR B 45 3.13 10.63 0.67
C THR B 45 3.97 10.81 1.92
N CYS B 46 5.27 10.60 1.78
CA CYS B 46 6.21 10.74 2.87
C CYS B 46 7.10 11.96 2.65
N PRO B 47 6.99 12.97 3.52
CA PRO B 47 7.77 14.20 3.40
C PRO B 47 9.19 14.04 3.94
N VAL B 48 10.17 14.07 3.04
CA VAL B 48 11.56 13.94 3.41
C VAL B 48 12.27 15.28 3.16
N GLN B 49 13.04 15.74 4.13
CA GLN B 49 13.73 17.02 3.99
C GLN B 49 15.24 16.84 3.87
N LEU B 50 15.84 17.58 2.96
CA LEU B 50 17.28 17.53 2.76
C LEU B 50 17.95 18.60 3.59
N TRP B 51 18.52 18.20 4.72
CA TRP B 51 19.19 19.12 5.60
C TRP B 51 20.64 19.32 5.15
N VAL B 52 20.83 20.29 4.27
CA VAL B 52 22.16 20.57 3.75
C VAL B 52 22.86 21.67 4.54
N ASP B 53 24.14 21.48 4.78
CA ASP B 53 24.95 22.45 5.52
C ASP B 53 25.24 23.65 4.62
N SER B 54 25.41 23.37 3.34
CA SER B 54 25.68 24.38 2.35
C SER B 54 24.78 24.16 1.14
N THR B 55 24.26 25.24 0.58
CA THR B 55 23.38 25.17 -0.56
C THR B 55 24.10 24.69 -1.81
N PRO B 56 23.72 23.52 -2.33
CA PRO B 56 24.31 22.95 -3.55
C PRO B 56 23.88 23.73 -4.79
N PRO B 57 24.69 23.69 -5.86
CA PRO B 57 24.38 24.39 -7.10
C PRO B 57 23.07 23.91 -7.71
N PRO B 58 22.14 24.83 -7.98
CA PRO B 58 20.83 24.51 -8.57
C PRO B 58 20.98 23.70 -9.85
N GLY B 59 20.35 22.54 -9.87
CA GLY B 59 20.43 21.68 -11.02
C GLY B 59 21.03 20.34 -10.66
N THR B 60 21.24 20.13 -9.37
CA THR B 60 21.79 18.89 -8.87
C THR B 60 20.77 17.77 -9.02
N ARG B 61 21.24 16.53 -9.06
CA ARG B 61 20.37 15.38 -9.24
C ARG B 61 20.25 14.56 -7.96
N VAL B 62 19.06 14.52 -7.39
CA VAL B 62 18.81 13.76 -6.18
C VAL B 62 18.28 12.38 -6.56
N ARG B 63 19.00 11.34 -6.19
CA ARG B 63 18.59 9.98 -6.53
C ARG B 63 18.27 9.18 -5.28
N ALA B 64 17.23 8.36 -5.36
CA ALA B 64 16.83 7.53 -4.25
C ALA B 64 16.70 6.07 -4.68
N MET B 65 17.56 5.24 -4.14
CA MET B 65 17.56 3.81 -4.45
C MET B 65 17.43 3.03 -3.16
N ALA B 66 16.50 2.09 -3.11
CA ALA B 66 16.28 1.30 -1.91
C ALA B 66 16.83 -0.11 -2.02
N ILE B 67 17.44 -0.56 -0.93
CA ILE B 67 17.99 -1.90 -0.84
C ILE B 67 17.36 -2.60 0.36
N TYR B 68 17.92 -3.72 0.79
CA TYR B 68 17.36 -4.44 1.93
C TYR B 68 18.28 -4.35 3.14
N LYS B 69 17.70 -4.52 4.33
CA LYS B 69 18.47 -4.45 5.58
C LYS B 69 19.47 -5.59 5.64
N GLN B 70 19.06 -6.76 5.18
CA GLN B 70 19.91 -7.93 5.17
C GLN B 70 20.94 -7.82 4.05
N SER B 71 22.22 -7.80 4.42
CA SER B 71 23.30 -7.67 3.45
C SER B 71 23.30 -8.82 2.44
N GLN B 72 22.87 -10.00 2.88
CA GLN B 72 22.83 -11.17 2.01
C GLN B 72 21.68 -11.08 1.02
N HIS B 73 20.77 -10.14 1.26
CA HIS B 73 19.62 -9.96 0.38
C HIS B 73 19.69 -8.61 -0.34
N MET B 74 20.80 -7.91 -0.19
CA MET B 74 20.99 -6.62 -0.82
C MET B 74 21.18 -6.76 -2.32
N THR B 75 21.35 -7.99 -2.78
CA THR B 75 21.53 -8.29 -4.19
C THR B 75 20.18 -8.18 -4.93
N GLU B 76 19.10 -8.09 -4.16
CA GLU B 76 17.77 -7.97 -4.74
C GLU B 76 17.36 -6.52 -4.87
N VAL B 77 16.36 -6.27 -5.70
CA VAL B 77 15.85 -4.93 -5.91
C VAL B 77 14.44 -4.84 -5.31
N VAL B 78 14.15 -3.71 -4.68
CA VAL B 78 12.84 -3.50 -4.07
C VAL B 78 11.76 -3.37 -5.14
N ARG B 79 10.99 -4.42 -5.31
CA ARG B 79 9.92 -4.44 -6.29
C ARG B 79 8.57 -4.68 -5.63
N ARG B 80 7.51 -4.58 -6.41
CA ARG B 80 6.16 -4.76 -5.91
C ARG B 80 5.84 -6.24 -5.65
N CYS B 81 4.65 -6.48 -5.13
CA CYS B 81 4.19 -7.83 -4.82
C CYS B 81 3.41 -8.40 -6.01
N PRO B 82 3.09 -9.72 -5.97
CA PRO B 82 2.35 -10.42 -7.04
C PRO B 82 1.18 -9.62 -7.62
N HIS B 83 0.28 -9.16 -6.78
CA HIS B 83 -0.87 -8.40 -7.27
C HIS B 83 -0.72 -6.91 -6.94
N HIS B 84 0.09 -6.23 -7.74
CA HIS B 84 0.33 -4.80 -7.54
C HIS B 84 0.88 -4.14 -8.79
N GLU B 85 1.76 -4.85 -9.49
CA GLU B 85 2.37 -4.31 -10.70
C GLU B 85 1.36 -4.24 -11.85
N ARG B 86 0.61 -5.32 -12.03
CA ARG B 86 -0.39 -5.40 -13.08
C ARG B 86 -1.63 -4.58 -12.76
N CYS B 87 -1.66 -3.97 -11.58
CA CYS B 87 -2.79 -3.16 -11.17
C CYS B 87 -2.99 -1.97 -12.09
N SER B 88 -1.89 -1.52 -12.69
CA SER B 88 -1.91 -0.39 -13.61
C SER B 88 -2.33 0.90 -12.90
N ASP B 89 -1.55 1.26 -11.89
CA ASP B 89 -1.79 2.46 -11.09
C ASP B 89 -0.93 3.61 -11.59
N SER B 90 -0.50 3.51 -12.83
CA SER B 90 0.33 4.52 -13.45
C SER B 90 -0.49 5.73 -13.87
N ASP B 91 -0.01 6.91 -13.52
CA ASP B 91 -0.69 8.16 -13.86
C ASP B 91 -0.32 8.59 -15.27
N GLY B 92 0.80 8.08 -15.75
CA GLY B 92 1.30 8.42 -17.06
C GLY B 92 2.76 8.78 -17.00
N LEU B 93 3.19 9.22 -15.83
CA LEU B 93 4.58 9.58 -15.61
C LEU B 93 5.26 8.55 -14.72
N ALA B 94 4.55 8.14 -13.69
CA ALA B 94 5.04 7.15 -12.75
C ALA B 94 4.72 5.75 -13.24
N PRO B 95 5.75 4.97 -13.58
CA PRO B 95 5.58 3.59 -14.08
C PRO B 95 5.04 2.65 -12.99
N PRO B 96 4.30 1.62 -13.41
CA PRO B 96 3.72 0.64 -12.48
C PRO B 96 4.76 -0.30 -11.87
N GLN B 97 5.96 -0.31 -12.43
CA GLN B 97 7.03 -1.17 -11.92
C GLN B 97 7.78 -0.52 -10.76
N HIS B 98 7.74 0.80 -10.68
CA HIS B 98 8.43 1.52 -9.63
C HIS B 98 7.64 1.54 -8.33
N LEU B 99 8.34 1.25 -7.24
CA LEU B 99 7.73 1.21 -5.92
C LEU B 99 7.79 2.59 -5.27
N ILE B 100 8.90 3.28 -5.47
CA ILE B 100 9.10 4.61 -4.90
C ILE B 100 8.85 5.68 -5.95
N ARG B 101 7.88 6.53 -5.69
CA ARG B 101 7.52 7.60 -6.60
C ARG B 101 7.68 8.95 -5.89
N VAL B 102 7.39 10.03 -6.60
CA VAL B 102 7.51 11.37 -6.04
C VAL B 102 6.29 12.21 -6.38
N GLU B 103 5.73 12.87 -5.37
CA GLU B 103 4.57 13.73 -5.55
C GLU B 103 4.98 15.18 -5.33
N GLY B 104 4.04 16.09 -5.57
CA GLY B 104 4.31 17.51 -5.38
C GLY B 104 5.12 18.12 -6.52
N ASN B 105 6.25 17.51 -6.81
CA ASN B 105 7.14 17.98 -7.87
C ASN B 105 6.78 17.31 -9.19
N LEU B 106 6.66 18.10 -10.25
CA LEU B 106 6.33 17.57 -11.56
C LEU B 106 7.59 17.23 -12.35
N ARG B 107 8.74 17.60 -11.82
CA ARG B 107 10.02 17.34 -12.46
C ARG B 107 10.57 15.98 -12.04
N VAL B 108 9.68 15.08 -11.67
CA VAL B 108 10.07 13.74 -11.23
C VAL B 108 10.49 12.86 -12.41
N GLU B 109 11.72 12.35 -12.33
CA GLU B 109 12.26 11.48 -13.37
C GLU B 109 12.56 10.11 -12.76
N TYR B 110 12.57 9.08 -13.59
CA TYR B 110 12.84 7.73 -13.12
C TYR B 110 14.00 7.11 -13.89
N LEU B 111 14.90 6.46 -13.17
CA LEU B 111 16.07 5.84 -13.77
C LEU B 111 16.04 4.33 -13.56
N ASP B 112 16.10 3.59 -14.65
CA ASP B 112 16.07 2.14 -14.60
C ASP B 112 17.39 1.57 -15.08
N ASP B 113 18.13 0.98 -14.15
CA ASP B 113 19.41 0.37 -14.47
C ASP B 113 19.20 -0.98 -15.16
N ARG B 114 20.03 -1.30 -16.14
CA ARG B 114 19.91 -2.56 -16.86
C ARG B 114 21.03 -3.53 -16.50
N ASN B 115 21.90 -3.13 -15.58
CA ASN B 115 22.99 -3.99 -15.14
C ASN B 115 22.50 -4.97 -14.09
N THR B 116 21.81 -4.45 -13.10
CA THR B 116 21.27 -5.27 -12.03
C THR B 116 19.78 -5.00 -11.86
N PHE B 117 19.24 -4.19 -12.78
CA PHE B 117 17.83 -3.82 -12.76
C PHE B 117 17.51 -2.95 -11.55
N ARG B 118 18.43 -2.05 -11.23
CA ARG B 118 18.27 -1.15 -10.11
C ARG B 118 17.31 -0.02 -10.44
N HIS B 119 16.04 -0.21 -10.09
CA HIS B 119 15.03 0.81 -10.32
C HIS B 119 15.18 1.91 -9.29
N SER B 120 15.36 3.15 -9.73
CA SER B 120 15.52 4.26 -8.81
C SER B 120 14.87 5.54 -9.34
N VAL B 121 14.52 6.42 -8.43
CA VAL B 121 13.90 7.69 -8.80
C VAL B 121 14.92 8.81 -8.72
N VAL B 122 14.82 9.79 -9.61
CA VAL B 122 15.73 10.91 -9.64
C VAL B 122 14.98 12.22 -9.84
N VAL B 123 15.23 13.19 -8.97
CA VAL B 123 14.59 14.49 -9.06
C VAL B 123 15.62 15.60 -8.96
N PRO B 124 15.39 16.72 -9.66
CA PRO B 124 16.29 17.87 -9.64
C PRO B 124 16.22 18.58 -8.29
N TYR B 125 17.34 19.15 -7.87
CA TYR B 125 17.40 19.87 -6.60
C TYR B 125 16.59 21.16 -6.66
N GLU B 126 15.52 21.19 -5.89
CA GLU B 126 14.66 22.36 -5.82
C GLU B 126 15.30 23.43 -4.93
N PRO B 127 15.36 24.67 -5.40
CA PRO B 127 15.94 25.77 -4.64
C PRO B 127 15.10 26.10 -3.39
N PRO B 128 15.75 26.50 -2.30
CA PRO B 128 15.05 26.85 -1.05
C PRO B 128 14.06 27.98 -1.27
N GLU B 129 12.78 27.69 -1.09
CA GLU B 129 11.74 28.68 -1.28
C GLU B 129 11.52 29.52 -0.02
N VAL B 130 10.50 30.37 -0.07
CA VAL B 130 10.17 31.25 1.04
C VAL B 130 9.89 30.45 2.32
N GLY B 131 10.73 30.63 3.31
CA GLY B 131 10.57 29.93 4.57
C GLY B 131 10.97 28.47 4.50
N SER B 132 11.68 28.11 3.44
CA SER B 132 12.13 26.74 3.27
C SER B 132 13.63 26.64 3.49
N ASP B 133 14.01 26.27 4.71
CA ASP B 133 15.42 26.14 5.06
C ASP B 133 15.96 24.81 4.55
N CYS B 134 15.12 23.80 4.55
CA CYS B 134 15.49 22.48 4.09
C CYS B 134 14.58 22.04 2.94
N THR B 135 15.18 21.59 1.85
CA THR B 135 14.44 21.14 0.69
C THR B 135 13.52 19.98 1.06
N THR B 136 12.23 20.15 0.83
CA THR B 136 11.26 19.11 1.16
C THR B 136 10.78 18.38 -0.10
N ILE B 137 11.02 17.08 -0.13
CA ILE B 137 10.61 16.24 -1.24
C ILE B 137 9.57 15.23 -0.78
N HIS B 138 8.52 15.07 -1.55
CA HIS B 138 7.46 14.13 -1.20
C HIS B 138 7.65 12.80 -1.90
N TYR B 139 8.01 11.78 -1.14
CA TYR B 139 8.23 10.44 -1.70
C TYR B 139 6.99 9.58 -1.48
N ASN B 140 6.74 8.66 -2.39
CA ASN B 140 5.57 7.80 -2.30
C ASN B 140 5.93 6.33 -2.35
N TYR B 141 5.51 5.58 -1.34
CA TYR B 141 5.77 4.16 -1.29
C TYR B 141 4.49 3.42 -1.71
N MET B 142 4.49 2.89 -2.92
CA MET B 142 3.33 2.21 -3.47
C MET B 142 3.19 0.76 -3.02
N CYS B 143 3.98 0.34 -2.05
CA CYS B 143 3.91 -1.03 -1.55
C CYS B 143 4.35 -1.11 -0.09
N ASN B 144 3.90 -2.15 0.58
CA ASN B 144 4.24 -2.36 1.99
C ASN B 144 5.46 -3.25 2.11
N SER B 145 6.17 -3.15 3.22
CA SER B 145 7.36 -3.94 3.44
C SER B 145 7.00 -5.41 3.70
N SER B 146 5.73 -5.66 4.01
CA SER B 146 5.26 -7.00 4.26
C SER B 146 4.91 -7.71 2.95
N CYS B 147 4.78 -6.93 1.87
CA CYS B 147 4.43 -7.47 0.56
C CYS B 147 5.43 -8.53 0.11
N MET B 148 4.96 -9.78 0.06
CA MET B 148 5.80 -10.90 -0.35
C MET B 148 6.19 -10.80 -1.82
N GLY B 149 7.08 -11.67 -2.27
CA GLY B 149 7.53 -11.64 -3.65
C GLY B 149 8.62 -10.62 -3.84
N GLY B 150 8.27 -9.35 -3.65
CA GLY B 150 9.24 -8.29 -3.79
C GLY B 150 10.02 -8.10 -2.50
N MET B 151 9.46 -7.30 -1.60
CA MET B 151 10.10 -7.04 -0.32
C MET B 151 10.12 -8.31 0.53
N ASN B 152 9.04 -9.08 0.45
CA ASN B 152 8.90 -10.35 1.17
C ASN B 152 9.10 -10.22 2.68
N ARG B 153 8.40 -9.27 3.28
CA ARG B 153 8.48 -9.04 4.73
C ARG B 153 9.91 -8.72 5.19
N ARG B 154 10.61 -7.94 4.39
CA ARG B 154 11.98 -7.56 4.70
C ARG B 154 12.12 -6.05 4.72
N PRO B 155 12.71 -5.50 5.79
CA PRO B 155 12.92 -4.05 5.93
C PRO B 155 13.85 -3.53 4.84
N ILE B 156 13.53 -2.35 4.30
CA ILE B 156 14.31 -1.77 3.23
C ILE B 156 15.15 -0.59 3.70
N LEU B 157 16.20 -0.30 2.96
CA LEU B 157 17.10 0.80 3.24
C LEU B 157 17.14 1.74 2.04
N THR B 158 16.50 2.88 2.17
CA THR B 158 16.46 3.85 1.09
C THR B 158 17.69 4.74 1.13
N ILE B 159 18.49 4.67 0.08
CA ILE B 159 19.70 5.46 -0.03
C ILE B 159 19.41 6.75 -0.79
N ILE B 160 19.47 7.86 -0.09
CA ILE B 160 19.23 9.17 -0.69
C ILE B 160 20.57 9.78 -1.04
N THR B 161 20.82 9.96 -2.33
CA THR B 161 22.09 10.52 -2.77
C THR B 161 21.90 11.80 -3.58
N LEU B 162 22.93 12.63 -3.56
CA LEU B 162 22.91 13.89 -4.28
C LEU B 162 24.12 13.98 -5.20
N GLU B 163 23.88 13.90 -6.49
CA GLU B 163 24.94 13.98 -7.48
C GLU B 163 24.76 15.26 -8.31
N ASP B 164 25.83 15.71 -8.94
CA ASP B 164 25.76 16.90 -9.79
C ASP B 164 25.07 16.56 -11.10
N SER B 165 24.88 17.56 -11.96
CA SER B 165 24.22 17.36 -13.24
C SER B 165 24.95 16.32 -14.11
N SER B 166 26.25 16.14 -13.86
CA SER B 166 27.06 15.17 -14.59
C SER B 166 26.97 13.78 -13.96
N GLY B 167 27.25 13.72 -12.66
CA GLY B 167 27.20 12.45 -11.96
C GLY B 167 28.20 12.36 -10.82
N ASN B 168 28.68 13.51 -10.37
CA ASN B 168 29.65 13.58 -9.27
C ASN B 168 28.95 13.48 -7.93
N LEU B 169 29.47 12.64 -7.05
CA LEU B 169 28.89 12.44 -5.73
C LEU B 169 29.18 13.63 -4.82
N LEU B 170 28.12 14.36 -4.46
CA LEU B 170 28.26 15.52 -3.58
C LEU B 170 27.84 15.18 -2.15
N GLY B 171 26.90 14.25 -2.03
CA GLY B 171 26.43 13.83 -0.73
C GLY B 171 25.62 12.56 -0.84
N ARG B 172 25.66 11.73 0.19
CA ARG B 172 24.91 10.47 0.18
C ARG B 172 24.58 10.01 1.59
N ASN B 173 23.29 9.76 1.83
CA ASN B 173 22.84 9.32 3.14
C ASN B 173 21.94 8.09 2.98
N SER B 174 21.56 7.47 4.09
CA SER B 174 20.72 6.28 4.04
C SER B 174 19.89 6.13 5.32
N PHE B 175 18.69 5.57 5.18
CA PHE B 175 17.81 5.34 6.30
C PHE B 175 16.94 4.11 6.05
N GLU B 176 16.49 3.47 7.11
CA GLU B 176 15.67 2.27 6.97
C GLU B 176 14.20 2.64 6.86
N VAL B 177 13.43 1.87 6.11
CA VAL B 177 12.02 2.13 5.93
C VAL B 177 11.17 0.88 6.13
N ARG B 178 10.01 1.06 6.75
CA ARG B 178 9.07 -0.02 6.98
C ARG B 178 7.68 0.47 6.62
N VAL B 179 7.23 0.08 5.44
CA VAL B 179 5.91 0.49 4.96
C VAL B 179 4.85 -0.50 5.42
N CYS B 180 3.79 0.02 6.01
CA CYS B 180 2.71 -0.80 6.51
C CYS B 180 1.37 -0.07 6.37
N ALA B 181 0.43 -0.40 7.23
CA ALA B 181 -0.88 0.23 7.19
C ALA B 181 -1.11 1.01 8.48
N CYS B 182 -0.21 0.84 9.43
CA CYS B 182 -0.31 1.53 10.72
C CYS B 182 1.09 1.84 11.26
N PRO B 183 1.66 2.99 10.84
CA PRO B 183 3.01 3.40 11.25
C PRO B 183 3.13 3.54 12.76
N GLY B 184 2.11 4.12 13.38
CA GLY B 184 2.11 4.32 14.82
C GLY B 184 2.07 3.02 15.59
N ARG B 185 1.53 1.98 14.97
CA ARG B 185 1.42 0.68 15.60
C ARG B 185 2.69 -0.14 15.35
N ASP B 186 3.10 -0.21 14.10
CA ASP B 186 4.29 -0.97 13.71
C ASP B 186 5.55 -0.43 14.35
N ARG B 187 5.59 0.88 14.58
CA ARG B 187 6.74 1.53 15.21
C ARG B 187 6.96 0.97 16.62
N ARG B 188 5.86 0.59 17.26
CA ARG B 188 5.92 0.05 18.61
C ARG B 188 6.48 -1.37 18.60
N THR B 189 6.34 -2.04 17.47
CA THR B 189 6.82 -3.40 17.31
C THR B 189 8.34 -3.43 17.08
N GLU B 190 8.93 -2.27 16.85
CA GLU B 190 10.37 -2.20 16.61
C GLU B 190 11.07 -1.25 17.58
N GLU B 191 10.92 0.05 17.35
CA GLU B 191 11.57 1.06 18.20
C GLU B 191 11.15 0.95 19.66
N GLU B 192 9.85 0.96 19.91
CA GLU B 192 9.32 0.88 21.27
C GLU B 192 9.64 -0.47 21.91
N ASN B 193 9.80 -1.49 21.07
CA ASN B 193 10.09 -2.84 21.54
C ASN B 193 11.57 -3.00 21.89
N LEU B 194 12.40 -2.09 21.39
CA LEU B 194 13.84 -2.15 21.63
C LEU B 194 14.24 -1.39 22.90
N ARG B 195 13.26 -1.02 23.69
CA ARG B 195 13.51 -0.30 24.93
C ARG B 195 12.56 -0.77 26.02
ZN ZN C . 2.76 -4.99 -3.11
N MET A 4 -31.72 -24.84 7.84
CA MET A 4 -30.81 -23.71 7.51
C MET A 4 -29.66 -24.18 6.62
N SER A 5 -29.75 -23.85 5.34
CA SER A 5 -28.73 -24.22 4.37
C SER A 5 -27.56 -23.24 4.45
N GLN A 6 -27.83 -22.05 4.99
CA GLN A 6 -26.83 -21.00 5.12
C GLN A 6 -26.31 -20.59 3.75
N SER A 7 -27.24 -20.52 2.80
CA SER A 7 -26.91 -20.15 1.43
C SER A 7 -26.27 -18.78 1.36
N ASN A 8 -26.64 -17.91 2.29
CA ASN A 8 -26.09 -16.56 2.34
C ASN A 8 -24.63 -16.63 2.77
N ARG A 9 -24.39 -17.33 3.88
CA ARG A 9 -23.04 -17.49 4.42
C ARG A 9 -22.17 -18.27 3.44
N GLU A 10 -22.78 -19.23 2.75
CA GLU A 10 -22.07 -20.05 1.78
C GLU A 10 -21.59 -19.21 0.59
N LEU A 11 -22.48 -18.41 0.03
CA LEU A 11 -22.14 -17.56 -1.11
C LEU A 11 -21.09 -16.52 -0.74
N VAL A 12 -21.18 -15.99 0.47
CA VAL A 12 -20.24 -14.97 0.94
C VAL A 12 -18.81 -15.53 0.98
N VAL A 13 -18.64 -16.69 1.61
CA VAL A 13 -17.31 -17.30 1.71
C VAL A 13 -16.85 -17.84 0.36
N ASP A 14 -17.80 -18.24 -0.47
CA ASP A 14 -17.52 -18.76 -1.80
C ASP A 14 -16.91 -17.66 -2.67
N PHE A 15 -17.61 -16.53 -2.73
CA PHE A 15 -17.14 -15.39 -3.52
C PHE A 15 -15.79 -14.91 -3.00
N LEU A 16 -15.63 -14.94 -1.68
CA LEU A 16 -14.39 -14.53 -1.04
C LEU A 16 -13.23 -15.42 -1.48
N SER A 17 -13.44 -16.73 -1.41
CA SER A 17 -12.42 -17.70 -1.81
C SER A 17 -12.09 -17.57 -3.29
N TYR A 18 -13.08 -17.20 -4.09
CA TYR A 18 -12.89 -17.02 -5.53
C TYR A 18 -11.95 -15.85 -5.80
N LYS A 19 -12.01 -14.83 -4.94
CA LYS A 19 -11.15 -13.67 -5.08
C LYS A 19 -9.79 -13.92 -4.45
N LEU A 20 -9.78 -14.69 -3.36
CA LEU A 20 -8.54 -15.03 -2.67
C LEU A 20 -7.65 -15.92 -3.55
N SER A 21 -8.21 -16.39 -4.66
CA SER A 21 -7.49 -17.24 -5.58
C SER A 21 -7.11 -16.47 -6.85
N GLN A 22 -7.03 -15.15 -6.74
CA GLN A 22 -6.66 -14.31 -7.89
C GLN A 22 -5.16 -14.34 -8.13
N LYS A 23 -4.44 -13.49 -7.40
CA LYS A 23 -2.99 -13.41 -7.53
C LYS A 23 -2.37 -12.94 -6.22
N GLY A 24 -1.23 -13.50 -5.87
CA GLY A 24 -0.57 -13.13 -4.63
C GLY A 24 -1.19 -13.83 -3.44
N TYR A 25 -1.46 -15.12 -3.60
CA TYR A 25 -2.06 -15.92 -2.54
C TYR A 25 -1.07 -16.93 -1.98
N SER A 26 -0.90 -16.90 -0.66
CA SER A 26 0.01 -17.81 0.01
C SER A 26 -0.77 -18.82 0.87
N TRP A 27 -1.09 -18.41 2.09
CA TRP A 27 -1.81 -19.27 3.02
C TRP A 27 -3.26 -19.49 2.58
N SER A 28 -3.78 -18.59 1.75
CA SER A 28 -5.15 -18.69 1.28
C SER A 28 -5.34 -19.90 0.35
N GLN A 29 -4.23 -20.39 -0.20
CA GLN A 29 -4.27 -21.53 -1.10
C GLN A 29 -4.25 -22.85 -0.31
N PHE A 30 -3.76 -22.78 0.92
CA PHE A 30 -3.68 -23.96 1.77
C PHE A 30 -4.85 -24.01 2.74
N SER A 31 -5.24 -22.86 3.26
CA SER A 31 -6.34 -22.77 4.20
C SER A 31 -7.68 -22.75 3.46
N MET A 86 -32.32 -24.03 -8.67
CA MET A 86 -31.42 -23.03 -8.09
C MET A 86 -31.63 -21.69 -8.78
N ALA A 87 -30.92 -20.66 -8.33
CA ALA A 87 -31.03 -19.33 -8.91
C ALA A 87 -29.69 -18.91 -9.52
N ALA A 88 -28.72 -19.83 -9.48
CA ALA A 88 -27.39 -19.58 -10.02
C ALA A 88 -26.74 -18.35 -9.36
N VAL A 89 -27.05 -18.14 -8.09
CA VAL A 89 -26.52 -17.00 -7.34
C VAL A 89 -24.99 -16.96 -7.36
N LYS A 90 -24.38 -18.14 -7.31
CA LYS A 90 -22.92 -18.25 -7.33
C LYS A 90 -22.37 -17.68 -8.64
N GLN A 91 -23.02 -18.01 -9.75
CA GLN A 91 -22.58 -17.54 -11.05
C GLN A 91 -22.89 -16.06 -11.23
N ALA A 92 -24.06 -15.65 -10.74
CA ALA A 92 -24.47 -14.25 -10.83
C ALA A 92 -23.46 -13.35 -10.11
N LEU A 93 -23.02 -13.80 -8.94
CA LEU A 93 -22.04 -13.06 -8.15
C LEU A 93 -20.67 -13.14 -8.80
N ARG A 94 -20.39 -14.27 -9.45
CA ARG A 94 -19.12 -14.48 -10.12
C ARG A 94 -18.96 -13.53 -11.29
N GLU A 95 -19.96 -13.52 -12.17
CA GLU A 95 -19.94 -12.66 -13.35
C GLU A 95 -19.85 -11.18 -12.98
N ALA A 96 -20.82 -10.71 -12.20
CA ALA A 96 -20.87 -9.31 -11.79
C ALA A 96 -19.69 -8.92 -10.90
N GLY A 97 -19.32 -9.81 -9.98
CA GLY A 97 -18.23 -9.54 -9.07
C GLY A 97 -16.87 -9.48 -9.74
N ASP A 98 -16.62 -10.41 -10.65
CA ASP A 98 -15.33 -10.45 -11.35
C ASP A 98 -15.17 -9.25 -12.26
N GLU A 99 -16.27 -8.80 -12.84
CA GLU A 99 -16.26 -7.66 -13.74
C GLU A 99 -16.02 -6.36 -12.97
N PHE A 100 -16.43 -6.33 -11.71
CA PHE A 100 -16.26 -5.15 -10.89
C PHE A 100 -14.89 -5.12 -10.22
N GLU A 101 -14.44 -6.28 -9.77
CA GLU A 101 -13.15 -6.41 -9.10
C GLU A 101 -12.01 -5.83 -9.93
N LEU A 102 -12.02 -6.10 -11.24
CA LEU A 102 -10.98 -5.62 -12.14
C LEU A 102 -10.89 -4.08 -12.15
N ARG A 103 -11.96 -3.42 -11.74
CA ARG A 103 -12.00 -1.96 -11.70
C ARG A 103 -11.54 -1.46 -10.34
N TYR A 104 -11.66 -2.32 -9.34
CA TYR A 104 -11.26 -1.98 -7.98
C TYR A 104 -9.78 -2.23 -7.75
N ARG A 105 -9.24 -3.26 -8.41
CA ARG A 105 -7.83 -3.61 -8.27
C ARG A 105 -6.92 -2.71 -9.09
N ARG A 106 -7.38 -1.48 -9.36
CA ARG A 106 -6.61 -0.54 -10.15
C ARG A 106 -5.77 0.35 -9.23
N ALA A 107 -5.76 0.01 -7.94
CA ALA A 107 -5.02 0.75 -6.92
C ALA A 107 -5.68 2.08 -6.57
N PHE A 108 -6.10 2.81 -7.60
CA PHE A 108 -6.77 4.09 -7.42
C PHE A 108 -8.25 3.96 -7.81
N SER A 109 -9.04 3.42 -6.90
CA SER A 109 -10.47 3.23 -7.15
C SER A 109 -11.28 3.68 -5.93
N ASP A 110 -12.53 3.26 -5.85
CA ASP A 110 -13.40 3.63 -4.72
C ASP A 110 -12.87 2.99 -3.44
N LEU A 111 -12.29 1.80 -3.58
CA LEU A 111 -11.73 1.07 -2.44
C LEU A 111 -10.69 1.92 -1.73
N THR A 112 -9.87 2.62 -2.51
CA THR A 112 -8.83 3.48 -1.97
C THR A 112 -9.42 4.61 -1.14
N SER A 113 -10.48 5.21 -1.63
CA SER A 113 -11.13 6.32 -0.93
C SER A 113 -11.96 5.80 0.26
N GLN A 114 -12.44 4.57 0.14
CA GLN A 114 -13.23 3.95 1.18
C GLN A 114 -12.37 3.58 2.38
N LEU A 115 -11.32 2.80 2.12
CA LEU A 115 -10.41 2.36 3.17
C LEU A 115 -9.49 3.49 3.60
N HIS A 116 -8.89 4.17 2.63
CA HIS A 116 -7.97 5.28 2.88
C HIS A 116 -6.77 4.84 3.73
N ILE A 117 -6.53 3.53 3.77
CA ILE A 117 -5.45 2.97 4.56
C ILE A 117 -5.65 3.34 6.02
N THR A 118 -6.69 2.76 6.60
CA THR A 118 -7.05 3.01 7.99
C THR A 118 -6.01 2.46 8.95
N PRO A 119 -5.65 3.25 9.98
CA PRO A 119 -4.68 2.85 11.00
C PRO A 119 -5.29 1.86 12.00
N GLY A 120 -5.88 0.80 11.46
CA GLY A 120 -6.51 -0.22 12.25
C GLY A 120 -7.25 -1.18 11.37
N THR A 121 -6.54 -1.67 10.35
CA THR A 121 -7.07 -2.58 9.36
C THR A 121 -7.29 -3.98 9.94
N ALA A 122 -8.18 -4.06 10.92
CA ALA A 122 -8.52 -5.30 11.59
C ALA A 122 -9.93 -5.20 12.15
N TYR A 123 -10.34 -3.98 12.46
CA TYR A 123 -11.66 -3.72 13.00
C TYR A 123 -12.28 -2.48 12.35
N GLN A 124 -11.46 -1.44 12.19
CA GLN A 124 -11.92 -0.20 11.56
C GLN A 124 -12.29 -0.43 10.10
N SER A 125 -11.55 -1.31 9.45
CA SER A 125 -11.80 -1.65 8.05
C SER A 125 -13.14 -2.37 7.91
N PHE A 126 -13.42 -3.26 8.86
CA PHE A 126 -14.66 -4.02 8.86
C PHE A 126 -15.85 -3.08 8.93
N GLU A 127 -15.82 -2.17 9.89
CA GLU A 127 -16.88 -1.20 10.08
C GLU A 127 -17.06 -0.32 8.85
N GLN A 128 -15.93 0.10 8.28
CA GLN A 128 -15.94 0.96 7.11
C GLN A 128 -16.64 0.31 5.91
N VAL A 129 -16.40 -0.97 5.71
CA VAL A 129 -17.01 -1.70 4.60
C VAL A 129 -18.48 -2.01 4.88
N VAL A 130 -18.76 -2.53 6.06
CA VAL A 130 -20.13 -2.88 6.44
C VAL A 130 -21.05 -1.67 6.47
N ASN A 131 -20.54 -0.56 6.99
CA ASN A 131 -21.32 0.67 7.07
C ASN A 131 -21.71 1.18 5.68
N GLU A 132 -20.89 0.84 4.68
CA GLU A 132 -21.16 1.26 3.30
C GLU A 132 -22.52 0.75 2.84
N LEU A 133 -22.84 -0.48 3.21
CA LEU A 133 -24.12 -1.08 2.85
C LEU A 133 -25.25 -0.37 3.60
N PHE A 134 -25.00 -0.09 4.88
CA PHE A 134 -25.99 0.58 5.72
C PHE A 134 -26.17 2.04 5.32
N ARG A 135 -25.25 2.55 4.51
CA ARG A 135 -25.33 3.93 4.04
C ARG A 135 -26.44 4.06 3.01
N ASP A 136 -26.78 2.94 2.39
CA ASP A 136 -27.84 2.90 1.38
C ASP A 136 -29.05 2.15 1.93
N GLY A 137 -28.79 0.97 2.46
CA GLY A 137 -29.85 0.15 3.02
C GLY A 137 -30.05 -1.10 2.20
N VAL A 138 -31.30 -1.53 2.07
CA VAL A 138 -31.60 -2.72 1.29
C VAL A 138 -31.57 -2.39 -0.20
N ASN A 139 -30.38 -2.26 -0.74
CA ASN A 139 -30.20 -1.95 -2.15
C ASN A 139 -29.45 -3.07 -2.85
N TRP A 140 -30.12 -3.70 -3.80
CA TRP A 140 -29.54 -4.80 -4.55
C TRP A 140 -28.41 -4.33 -5.45
N GLY A 141 -28.40 -3.04 -5.77
CA GLY A 141 -27.35 -2.49 -6.59
C GLY A 141 -26.15 -2.10 -5.78
N ARG A 142 -26.39 -1.81 -4.50
CA ARG A 142 -25.32 -1.41 -3.59
C ARG A 142 -24.61 -2.63 -3.04
N ILE A 143 -25.34 -3.73 -2.87
CA ILE A 143 -24.77 -4.97 -2.36
C ILE A 143 -23.64 -5.48 -3.27
N VAL A 144 -23.77 -5.20 -4.57
CA VAL A 144 -22.76 -5.60 -5.54
C VAL A 144 -21.46 -4.89 -5.24
N ALA A 145 -21.55 -3.60 -4.97
CA ALA A 145 -20.39 -2.79 -4.64
C ALA A 145 -19.79 -3.24 -3.32
N PHE A 146 -20.68 -3.58 -2.38
CA PHE A 146 -20.27 -4.04 -1.06
C PHE A 146 -19.37 -5.27 -1.18
N PHE A 147 -19.81 -6.24 -1.97
CA PHE A 147 -19.03 -7.45 -2.19
C PHE A 147 -17.75 -7.15 -2.95
N SER A 148 -17.81 -6.20 -3.86
CA SER A 148 -16.66 -5.81 -4.64
C SER A 148 -15.58 -5.18 -3.76
N PHE A 149 -16.00 -4.38 -2.79
CA PHE A 149 -15.09 -3.73 -1.85
C PHE A 149 -14.28 -4.77 -1.09
N GLY A 150 -14.99 -5.69 -0.45
CA GLY A 150 -14.32 -6.73 0.32
C GLY A 150 -13.56 -7.71 -0.57
N GLY A 151 -14.10 -7.96 -1.75
CA GLY A 151 -13.47 -8.87 -2.68
C GLY A 151 -12.07 -8.42 -3.07
N ALA A 152 -11.94 -7.19 -3.53
CA ALA A 152 -10.65 -6.66 -3.95
C ALA A 152 -9.73 -6.48 -2.74
N LEU A 153 -10.32 -6.15 -1.60
CA LEU A 153 -9.57 -5.94 -0.38
C LEU A 153 -8.91 -7.24 0.12
N CYS A 154 -9.66 -8.33 0.10
CA CYS A 154 -9.13 -9.61 0.57
C CYS A 154 -7.92 -10.08 -0.24
N VAL A 155 -7.93 -9.79 -1.54
CA VAL A 155 -6.83 -10.18 -2.42
C VAL A 155 -5.56 -9.46 -2.01
N GLU A 156 -5.66 -8.15 -1.83
CA GLU A 156 -4.52 -7.34 -1.45
C GLU A 156 -4.11 -7.59 0.00
N SER A 157 -5.01 -8.22 0.76
CA SER A 157 -4.73 -8.53 2.15
C SER A 157 -3.69 -9.64 2.26
N VAL A 158 -3.79 -10.63 1.38
CA VAL A 158 -2.85 -11.74 1.37
C VAL A 158 -1.64 -11.39 0.51
N ASP A 159 -1.89 -10.64 -0.55
CA ASP A 159 -0.84 -10.21 -1.48
C ASP A 159 0.20 -9.35 -0.76
N LYS A 160 -0.23 -8.67 0.30
CA LYS A 160 0.66 -7.82 1.08
C LYS A 160 1.07 -8.52 2.38
N GLU A 161 0.76 -9.82 2.47
CA GLU A 161 1.08 -10.63 3.64
C GLU A 161 0.72 -9.94 4.96
N MET A 162 -0.50 -9.44 5.05
CA MET A 162 -0.95 -8.77 6.26
C MET A 162 -1.69 -9.74 7.17
N GLN A 163 -2.46 -10.64 6.56
CA GLN A 163 -3.24 -11.66 7.27
C GLN A 163 -4.39 -11.07 8.09
N VAL A 164 -4.04 -10.38 9.17
CA VAL A 164 -4.98 -9.77 10.10
C VAL A 164 -6.13 -9.03 9.39
N LEU A 165 -5.83 -8.39 8.27
CA LEU A 165 -6.83 -7.64 7.51
C LEU A 165 -8.04 -8.52 7.16
N VAL A 166 -7.80 -9.59 6.42
CA VAL A 166 -8.87 -10.48 6.00
C VAL A 166 -9.26 -11.48 7.09
N SER A 167 -8.27 -11.94 7.87
CA SER A 167 -8.53 -12.92 8.93
C SER A 167 -9.43 -12.36 10.04
N ARG A 168 -9.57 -11.05 10.08
CA ARG A 168 -10.43 -10.43 11.08
C ARG A 168 -11.78 -10.07 10.49
N ILE A 169 -11.76 -9.37 9.36
CA ILE A 169 -13.00 -8.95 8.70
C ILE A 169 -13.89 -10.14 8.38
N ALA A 170 -13.30 -11.20 7.85
CA ALA A 170 -14.05 -12.41 7.51
C ALA A 170 -14.63 -13.07 8.76
N ALA A 171 -13.91 -12.96 9.86
CA ALA A 171 -14.34 -13.55 11.13
C ALA A 171 -15.55 -12.80 11.69
N TRP A 172 -15.46 -11.48 11.74
CA TRP A 172 -16.55 -10.67 12.25
C TRP A 172 -17.77 -10.75 11.34
N MET A 173 -17.51 -10.75 10.04
CA MET A 173 -18.58 -10.82 9.05
C MET A 173 -19.32 -12.14 9.11
N ALA A 174 -18.57 -13.24 9.30
CA ALA A 174 -19.17 -14.58 9.37
C ALA A 174 -20.20 -14.68 10.49
N THR A 175 -19.92 -14.02 11.61
CA THR A 175 -20.81 -14.05 12.75
C THR A 175 -21.97 -13.07 12.56
N TYR A 176 -21.62 -11.84 12.21
CA TYR A 176 -22.61 -10.79 11.99
C TYR A 176 -23.61 -11.16 10.90
N LEU A 177 -23.11 -11.81 9.86
CA LEU A 177 -23.95 -12.24 8.74
C LEU A 177 -25.03 -13.22 9.19
N ASN A 178 -24.61 -14.35 9.74
CA ASN A 178 -25.56 -15.37 10.19
C ASN A 178 -26.48 -14.86 11.29
N ASP A 179 -25.98 -13.93 12.09
CA ASP A 179 -26.76 -13.37 13.20
C ASP A 179 -27.98 -12.57 12.72
N HIS A 180 -27.75 -11.55 11.92
CA HIS A 180 -28.85 -10.69 11.45
C HIS A 180 -29.04 -10.72 9.94
N LEU A 181 -27.94 -10.60 9.20
CA LEU A 181 -28.01 -10.56 7.74
C LEU A 181 -28.68 -11.76 7.08
N GLU A 182 -28.26 -12.97 7.44
CA GLU A 182 -28.82 -14.19 6.86
C GLU A 182 -30.36 -14.24 6.94
N PRO A 183 -30.95 -14.16 8.16
CA PRO A 183 -32.41 -14.17 8.30
C PRO A 183 -33.07 -12.97 7.63
N TRP A 184 -32.37 -11.83 7.64
CA TRP A 184 -32.89 -10.61 7.03
C TRP A 184 -32.98 -10.74 5.52
N ILE A 185 -32.01 -11.41 4.92
CA ILE A 185 -31.98 -11.62 3.48
C ILE A 185 -33.21 -12.43 3.04
N GLN A 186 -33.55 -13.43 3.84
CA GLN A 186 -34.71 -14.27 3.55
C GLN A 186 -35.99 -13.64 4.09
N GLU A 187 -35.84 -12.48 4.70
CA GLU A 187 -36.97 -11.75 5.27
C GLU A 187 -37.45 -10.67 4.31
N ASN A 188 -36.53 -9.83 3.86
CA ASN A 188 -36.85 -8.74 2.95
C ASN A 188 -36.56 -9.11 1.51
N GLY A 189 -35.55 -9.94 1.30
CA GLY A 189 -35.17 -10.33 -0.04
C GLY A 189 -33.79 -9.82 -0.40
N GLY A 190 -32.90 -10.73 -0.75
CA GLY A 190 -31.55 -10.35 -1.11
C GLY A 190 -31.13 -10.90 -2.44
N TRP A 191 -30.25 -11.91 -2.41
CA TRP A 191 -29.77 -12.55 -3.63
C TRP A 191 -30.91 -13.17 -4.42
N ASP A 192 -31.95 -13.58 -3.70
CA ASP A 192 -33.13 -14.17 -4.30
C ASP A 192 -33.80 -13.18 -5.24
N THR A 193 -33.88 -11.93 -4.81
CA THR A 193 -34.48 -10.89 -5.62
C THR A 193 -33.48 -10.36 -6.64
N PHE A 194 -32.21 -10.34 -6.25
CA PHE A 194 -31.14 -9.87 -7.13
C PHE A 194 -31.12 -10.63 -8.45
N VAL A 195 -31.26 -11.95 -8.39
CA VAL A 195 -31.26 -12.77 -9.59
C VAL A 195 -32.42 -12.38 -10.52
N GLU A 196 -33.56 -12.04 -9.93
CA GLU A 196 -34.73 -11.65 -10.68
C GLU A 196 -34.53 -10.32 -11.39
N LEU A 197 -33.76 -9.43 -10.78
CA LEU A 197 -33.48 -8.13 -11.38
C LEU A 197 -32.12 -8.12 -12.08
N TYR A 198 -31.62 -9.32 -12.37
CA TYR A 198 -30.33 -9.46 -13.04
C TYR A 198 -30.44 -10.36 -14.26
N GLY A 199 -30.70 -11.64 -14.02
CA GLY A 199 -30.80 -12.58 -15.12
C GLY A 199 -32.24 -12.87 -15.51
N ASN A 200 -33.14 -12.82 -14.55
CA ASN A 200 -34.55 -13.08 -14.81
C ASN A 200 -35.34 -11.78 -14.95
N ASN A 201 -34.64 -10.74 -15.38
CA ASN A 201 -35.26 -9.44 -15.58
C ASN A 201 -35.71 -9.29 -17.03
N SER B 1 24.52 -6.42 -7.57
CA SER B 1 25.47 -5.36 -7.27
C SER B 1 24.98 -4.51 -6.12
N VAL B 2 25.74 -4.51 -5.03
CA VAL B 2 25.39 -3.71 -3.86
C VAL B 2 25.93 -2.30 -4.01
N PRO B 3 25.04 -1.29 -4.08
CA PRO B 3 25.42 0.11 -4.23
C PRO B 3 26.09 0.65 -2.97
N SER B 4 26.98 1.63 -3.15
CA SER B 4 27.68 2.24 -2.04
C SER B 4 26.71 3.01 -1.15
N GLN B 5 26.47 2.46 0.03
CA GLN B 5 25.57 3.07 1.00
C GLN B 5 26.36 3.86 2.04
N LYS B 6 27.63 4.10 1.73
CA LYS B 6 28.52 4.84 2.61
C LYS B 6 28.03 6.27 2.80
N THR B 7 27.97 6.69 4.05
CA THR B 7 27.54 8.04 4.39
C THR B 7 28.57 9.04 3.91
N TYR B 8 28.18 9.91 3.00
CA TYR B 8 29.06 10.92 2.45
C TYR B 8 28.49 12.29 2.73
N GLN B 9 29.03 12.97 3.73
CA GLN B 9 28.56 14.30 4.09
C GLN B 9 29.13 15.34 3.14
N GLY B 10 30.44 15.21 2.87
CA GLY B 10 31.11 16.13 1.97
C GLY B 10 31.13 17.56 2.48
N SER B 11 31.51 18.48 1.61
CA SER B 11 31.59 19.89 1.97
C SER B 11 30.20 20.52 1.95
N TYR B 12 29.24 19.82 1.35
CA TYR B 12 27.88 20.30 1.26
C TYR B 12 27.09 19.99 2.53
N GLY B 13 27.52 18.98 3.27
CA GLY B 13 26.84 18.60 4.49
C GLY B 13 25.47 18.04 4.21
N PHE B 14 25.44 16.89 3.53
CA PHE B 14 24.18 16.26 3.18
C PHE B 14 23.62 15.44 4.33
N ARG B 15 22.73 16.06 5.10
CA ARG B 15 22.10 15.40 6.22
C ARG B 15 20.63 15.12 5.90
N LEU B 16 20.07 14.09 6.52
CA LEU B 16 18.68 13.74 6.28
C LEU B 16 17.79 14.22 7.43
N GLY B 17 16.69 14.87 7.08
CA GLY B 17 15.76 15.35 8.07
C GLY B 17 14.36 14.88 7.78
N PHE B 18 13.59 14.61 8.83
CA PHE B 18 12.23 14.14 8.67
C PHE B 18 11.32 14.78 9.70
N LEU B 19 10.02 14.68 9.48
CA LEU B 19 9.04 15.26 10.40
C LEU B 19 8.76 14.30 11.54
N HIS B 20 8.90 14.78 12.77
CA HIS B 20 8.65 13.97 13.95
C HIS B 20 7.18 14.04 14.35
N SER B 21 6.39 13.09 13.88
CA SER B 21 4.98 13.03 14.18
C SER B 21 4.73 12.30 15.50
N GLY B 22 5.76 11.63 15.99
CA GLY B 22 5.64 10.90 17.23
C GLY B 22 5.18 9.47 17.03
N THR B 23 4.48 8.92 18.00
CA THR B 23 3.99 7.55 17.92
C THR B 23 2.48 7.52 17.70
N ALA B 24 1.96 8.57 17.05
CA ALA B 24 0.54 8.69 16.77
C ALA B 24 0.06 7.50 15.93
N LYS B 25 -0.99 6.85 16.41
CA LYS B 25 -1.56 5.69 15.74
C LYS B 25 -2.13 6.06 14.37
N SER B 26 -2.97 7.09 14.36
CA SER B 26 -3.61 7.54 13.13
C SER B 26 -2.74 8.55 12.37
N VAL B 27 -1.53 8.15 12.01
CA VAL B 27 -0.63 9.02 11.29
C VAL B 27 -0.29 8.45 9.91
N THR B 28 -0.07 9.34 8.96
CA THR B 28 0.27 8.95 7.60
C THR B 28 1.70 8.42 7.51
N CYS B 29 2.59 9.04 8.26
CA CYS B 29 4.00 8.63 8.27
C CYS B 29 4.69 9.14 9.54
N THR B 30 5.72 8.43 9.96
CA THR B 30 6.48 8.79 11.14
C THR B 30 7.94 8.36 10.99
N TYR B 31 8.83 9.00 11.72
CA TYR B 31 10.25 8.67 11.65
C TYR B 31 10.84 8.45 13.04
N SER B 32 11.66 7.42 13.14
CA SER B 32 12.34 7.08 14.38
C SER B 32 13.82 7.46 14.27
N PRO B 33 14.24 8.53 14.96
CA PRO B 33 15.63 9.00 14.92
C PRO B 33 16.57 8.06 15.69
N ALA B 34 16.00 7.20 16.53
CA ALA B 34 16.78 6.26 17.32
C ALA B 34 17.36 5.16 16.45
N LEU B 35 16.49 4.52 15.67
CA LEU B 35 16.93 3.44 14.79
C LEU B 35 17.11 3.91 13.36
N ASN B 36 16.86 5.20 13.13
CA ASN B 36 16.97 5.79 11.80
C ASN B 36 16.06 5.04 10.84
N LYS B 37 14.83 4.84 11.27
CA LYS B 37 13.84 4.11 10.49
C LYS B 37 12.57 4.92 10.32
N MET B 38 12.09 4.98 9.09
CA MET B 38 10.88 5.71 8.77
C MET B 38 9.73 4.73 8.53
N PHE B 39 8.59 5.01 9.12
CA PHE B 39 7.40 4.17 8.97
C PHE B 39 6.40 4.89 8.09
N CYS B 40 6.04 4.28 6.98
CA CYS B 40 5.11 4.89 6.05
C CYS B 40 3.87 4.03 5.82
N GLN B 41 2.85 4.63 5.24
CA GLN B 41 1.61 3.93 4.93
C GLN B 41 1.55 3.60 3.44
N LEU B 42 0.70 2.65 3.09
CA LEU B 42 0.55 2.24 1.70
C LEU B 42 -0.06 3.35 0.85
N ALA B 43 0.64 3.69 -0.23
CA ALA B 43 0.19 4.72 -1.18
C ALA B 43 0.06 6.09 -0.53
N LYS B 44 0.85 6.34 0.50
CA LYS B 44 0.80 7.62 1.19
C LYS B 44 2.06 8.43 0.92
N THR B 45 1.90 9.74 0.82
CA THR B 45 3.00 10.64 0.56
C THR B 45 3.85 10.85 1.82
N CYS B 46 5.15 10.65 1.68
CA CYS B 46 6.07 10.82 2.79
C CYS B 46 6.97 12.04 2.58
N PRO B 47 6.91 13.02 3.49
CA PRO B 47 7.70 14.24 3.40
C PRO B 47 9.15 14.04 3.88
N VAL B 48 10.08 14.15 2.96
CA VAL B 48 11.50 14.01 3.26
C VAL B 48 12.18 15.36 3.13
N GLN B 49 12.97 15.73 4.13
CA GLN B 49 13.67 17.01 4.11
C GLN B 49 15.16 16.84 3.91
N LEU B 50 15.72 17.60 2.98
CA LEU B 50 17.14 17.56 2.70
C LEU B 50 17.84 18.63 3.52
N TRP B 51 18.43 18.22 4.62
CA TRP B 51 19.13 19.13 5.51
C TRP B 51 20.57 19.35 5.01
N VAL B 52 20.75 20.39 4.22
CA VAL B 52 22.06 20.70 3.67
C VAL B 52 22.75 21.82 4.45
N ASP B 53 24.04 21.66 4.67
CA ASP B 53 24.84 22.66 5.37
C ASP B 53 25.23 23.78 4.42
N SER B 54 25.59 23.40 3.21
CA SER B 54 25.98 24.34 2.18
C SER B 54 25.03 24.20 0.99
N THR B 55 24.50 25.32 0.52
CA THR B 55 23.58 25.33 -0.60
C THR B 55 24.25 24.84 -1.88
N PRO B 56 23.85 23.66 -2.39
CA PRO B 56 24.40 23.07 -3.61
C PRO B 56 23.88 23.80 -4.85
N PRO B 57 24.62 23.72 -5.97
CA PRO B 57 24.21 24.36 -7.22
C PRO B 57 22.92 23.76 -7.75
N PRO B 58 21.91 24.62 -8.01
CA PRO B 58 20.61 24.18 -8.53
C PRO B 58 20.75 23.37 -9.81
N GLY B 59 19.92 22.36 -9.96
CA GLY B 59 19.98 21.52 -11.13
C GLY B 59 20.71 20.22 -10.83
N THR B 60 21.01 19.99 -9.56
CA THR B 60 21.68 18.79 -9.12
C THR B 60 20.72 17.60 -9.21
N ARG B 61 21.23 16.39 -9.01
CA ARG B 61 20.38 15.21 -9.11
C ARG B 61 20.25 14.46 -7.80
N VAL B 62 19.03 14.42 -7.28
CA VAL B 62 18.74 13.71 -6.05
C VAL B 62 18.27 12.31 -6.42
N ARG B 63 19.12 11.32 -6.18
CA ARG B 63 18.81 9.95 -6.53
C ARG B 63 18.43 9.15 -5.29
N ALA B 64 17.34 8.41 -5.38
CA ALA B 64 16.87 7.59 -4.29
C ALA B 64 16.72 6.14 -4.72
N MET B 65 17.48 5.25 -4.09
CA MET B 65 17.43 3.83 -4.41
C MET B 65 17.26 3.03 -3.12
N ALA B 66 16.29 2.15 -3.10
CA ALA B 66 16.03 1.34 -1.91
C ALA B 66 16.62 -0.06 -2.03
N ILE B 67 17.28 -0.49 -0.96
CA ILE B 67 17.86 -1.82 -0.89
C ILE B 67 17.27 -2.54 0.33
N TYR B 68 17.75 -3.73 0.61
CA TYR B 68 17.24 -4.49 1.76
C TYR B 68 18.17 -4.34 2.96
N LYS B 69 17.59 -4.46 4.16
CA LYS B 69 18.36 -4.35 5.39
C LYS B 69 19.36 -5.50 5.49
N GLN B 70 18.89 -6.69 5.16
CA GLN B 70 19.74 -7.88 5.19
C GLN B 70 20.83 -7.76 4.14
N SER B 71 22.08 -7.77 4.59
CA SER B 71 23.24 -7.65 3.70
C SER B 71 23.27 -8.76 2.67
N GLN B 72 22.84 -9.96 3.07
CA GLN B 72 22.83 -11.11 2.18
C GLN B 72 21.74 -10.98 1.13
N HIS B 73 20.77 -10.10 1.39
CA HIS B 73 19.66 -9.89 0.47
C HIS B 73 19.77 -8.53 -0.22
N MET B 74 20.89 -7.85 -0.03
CA MET B 74 21.10 -6.53 -0.63
C MET B 74 21.25 -6.64 -2.14
N THR B 75 21.51 -7.85 -2.61
CA THR B 75 21.67 -8.10 -4.03
C THR B 75 20.32 -8.15 -4.75
N GLU B 76 19.25 -8.16 -3.98
CA GLU B 76 17.90 -8.20 -4.53
C GLU B 76 17.40 -6.78 -4.79
N VAL B 77 16.43 -6.66 -5.70
CA VAL B 77 15.85 -5.38 -6.04
C VAL B 77 14.46 -5.26 -5.42
N VAL B 78 14.18 -4.11 -4.82
CA VAL B 78 12.88 -3.86 -4.20
C VAL B 78 11.81 -3.64 -5.26
N ARG B 79 10.89 -4.59 -5.36
CA ARG B 79 9.82 -4.51 -6.33
C ARG B 79 8.46 -4.70 -5.65
N ARG B 80 7.40 -4.63 -6.43
CA ARG B 80 6.06 -4.77 -5.91
C ARG B 80 5.66 -6.24 -5.77
N CYS B 81 4.56 -6.48 -5.09
CA CYS B 81 4.06 -7.83 -4.88
C CYS B 81 3.33 -8.34 -6.12
N PRO B 82 3.11 -9.68 -6.20
CA PRO B 82 2.43 -10.33 -7.34
C PRO B 82 1.20 -9.57 -7.83
N HIS B 83 0.32 -9.18 -6.92
CA HIS B 83 -0.88 -8.45 -7.31
C HIS B 83 -0.72 -6.97 -7.00
N HIS B 84 0.07 -6.29 -7.81
CA HIS B 84 0.31 -4.86 -7.65
C HIS B 84 0.82 -4.23 -8.94
N GLU B 85 1.66 -4.96 -9.67
CA GLU B 85 2.21 -4.46 -10.92
C GLU B 85 1.13 -4.40 -12.00
N ARG B 86 0.34 -5.47 -12.10
CA ARG B 86 -0.72 -5.56 -13.09
C ARG B 86 -1.93 -4.68 -12.71
N CYS B 87 -1.85 -4.05 -11.54
CA CYS B 87 -2.94 -3.20 -11.07
C CYS B 87 -3.15 -2.01 -12.01
N SER B 88 -2.08 -1.65 -12.73
CA SER B 88 -2.13 -0.55 -13.68
C SER B 88 -2.44 0.78 -12.99
N ASP B 89 -1.57 1.15 -12.05
CA ASP B 89 -1.74 2.40 -11.30
C ASP B 89 -0.86 3.49 -11.89
N SER B 90 -0.73 3.48 -13.22
CA SER B 90 0.09 4.44 -13.92
C SER B 90 -0.66 5.77 -14.09
N ASP B 91 -0.10 6.82 -13.49
CA ASP B 91 -0.70 8.14 -13.58
C ASP B 91 -0.30 8.80 -14.91
N GLY B 92 0.78 8.32 -15.47
CA GLY B 92 1.29 8.85 -16.71
C GLY B 92 2.79 9.03 -16.66
N LEU B 93 3.27 9.59 -15.55
CA LEU B 93 4.69 9.81 -15.36
C LEU B 93 5.25 8.70 -14.48
N ALA B 94 4.44 8.28 -13.52
CA ALA B 94 4.82 7.21 -12.62
C ALA B 94 4.51 5.84 -13.19
N PRO B 95 5.56 5.03 -13.43
CA PRO B 95 5.40 3.67 -13.98
C PRO B 95 4.91 2.69 -12.92
N PRO B 96 4.11 1.69 -13.33
CA PRO B 96 3.55 0.69 -12.41
C PRO B 96 4.60 -0.30 -11.90
N GLN B 97 5.78 -0.27 -12.50
CA GLN B 97 6.86 -1.18 -12.08
C GLN B 97 7.69 -0.57 -10.96
N HIS B 98 7.70 0.75 -10.87
CA HIS B 98 8.47 1.42 -9.83
C HIS B 98 7.71 1.50 -8.52
N LEU B 99 8.40 1.25 -7.43
CA LEU B 99 7.81 1.27 -6.11
C LEU B 99 7.87 2.67 -5.49
N ILE B 100 9.00 3.34 -5.66
CA ILE B 100 9.19 4.67 -5.11
C ILE B 100 8.91 5.73 -6.16
N ARG B 101 7.98 6.62 -5.84
CA ARG B 101 7.60 7.70 -6.74
C ARG B 101 7.75 9.03 -6.02
N VAL B 102 7.57 10.12 -6.76
CA VAL B 102 7.69 11.46 -6.19
C VAL B 102 6.44 12.27 -6.47
N GLU B 103 5.93 12.93 -5.45
CA GLU B 103 4.74 13.76 -5.57
C GLU B 103 5.08 15.22 -5.28
N GLY B 104 4.11 16.10 -5.49
CA GLY B 104 4.32 17.51 -5.26
C GLY B 104 5.01 18.19 -6.43
N ASN B 105 6.20 17.72 -6.77
CA ASN B 105 6.95 18.28 -7.87
C ASN B 105 6.62 17.54 -9.16
N LEU B 106 6.40 18.30 -10.24
CA LEU B 106 6.08 17.70 -11.53
C LEU B 106 7.37 17.24 -12.23
N ARG B 107 8.50 17.74 -11.75
CA ARG B 107 9.79 17.38 -12.29
C ARG B 107 10.29 16.10 -11.62
N VAL B 108 9.75 14.98 -12.05
CA VAL B 108 10.14 13.69 -11.50
C VAL B 108 10.55 12.71 -12.59
N GLU B 109 11.81 12.31 -12.56
CA GLU B 109 12.33 11.36 -13.53
C GLU B 109 12.71 10.07 -12.83
N TYR B 110 12.60 8.97 -13.55
CA TYR B 110 12.92 7.67 -12.99
C TYR B 110 14.15 7.09 -13.67
N LEU B 111 15.03 6.48 -12.88
CA LEU B 111 16.25 5.90 -13.40
C LEU B 111 16.20 4.38 -13.31
N ASP B 112 15.94 3.75 -14.44
CA ASP B 112 15.87 2.30 -14.49
C ASP B 112 17.20 1.73 -14.97
N ASP B 113 17.99 1.22 -14.03
CA ASP B 113 19.28 0.64 -14.37
C ASP B 113 19.10 -0.70 -15.07
N ARG B 114 19.87 -0.93 -16.12
CA ARG B 114 19.78 -2.18 -16.89
C ARG B 114 20.94 -3.12 -16.55
N ASN B 115 21.74 -2.76 -15.57
CA ASN B 115 22.87 -3.59 -15.17
C ASN B 115 22.40 -4.64 -14.17
N THR B 116 21.74 -4.18 -13.12
CA THR B 116 21.24 -5.06 -12.09
C THR B 116 19.76 -4.78 -11.86
N PHE B 117 19.16 -4.04 -12.79
CA PHE B 117 17.75 -3.67 -12.72
C PHE B 117 17.45 -2.86 -11.47
N ARG B 118 18.36 -1.95 -11.16
CA ARG B 118 18.21 -1.10 -9.99
C ARG B 118 17.20 0.02 -10.25
N HIS B 119 15.94 -0.27 -9.98
CA HIS B 119 14.86 0.70 -10.16
C HIS B 119 15.01 1.81 -9.11
N SER B 120 15.32 3.01 -9.57
CA SER B 120 15.49 4.13 -8.66
C SER B 120 14.86 5.41 -9.22
N VAL B 121 14.62 6.37 -8.36
CA VAL B 121 14.03 7.63 -8.80
C VAL B 121 15.07 8.74 -8.68
N VAL B 122 15.01 9.71 -9.60
CA VAL B 122 15.96 10.81 -9.59
C VAL B 122 15.27 12.13 -9.94
N VAL B 123 15.30 13.07 -9.01
CA VAL B 123 14.68 14.37 -9.21
C VAL B 123 15.71 15.49 -9.15
N PRO B 124 15.45 16.61 -9.84
CA PRO B 124 16.34 17.75 -9.84
C PRO B 124 16.26 18.50 -8.51
N TYR B 125 17.40 18.97 -8.04
CA TYR B 125 17.45 19.70 -6.78
C TYR B 125 16.88 21.10 -6.93
N GLU B 126 15.73 21.33 -6.32
CA GLU B 126 15.08 22.63 -6.36
C GLU B 126 15.66 23.53 -5.28
N PRO B 127 15.82 24.82 -5.58
CA PRO B 127 16.37 25.80 -4.62
C PRO B 127 15.44 26.01 -3.43
N PRO B 128 16.02 26.33 -2.26
CA PRO B 128 15.24 26.57 -1.04
C PRO B 128 14.28 27.76 -1.20
N GLU B 129 13.01 27.50 -0.99
CA GLU B 129 11.99 28.53 -1.12
C GLU B 129 11.98 29.49 0.07
N VAL B 130 11.12 30.50 0.00
CA VAL B 130 11.01 31.49 1.06
C VAL B 130 10.46 30.87 2.33
N GLY B 131 11.29 30.85 3.37
CA GLY B 131 10.88 30.29 4.64
C GLY B 131 11.17 28.80 4.72
N SER B 132 11.66 28.25 3.61
CA SER B 132 11.99 26.84 3.55
C SER B 132 13.48 26.62 3.62
N ASP B 133 13.99 26.48 4.85
CA ASP B 133 15.42 26.27 5.07
C ASP B 133 15.88 24.99 4.41
N CYS B 134 15.24 23.89 4.76
CA CYS B 134 15.58 22.59 4.20
C CYS B 134 14.61 22.21 3.09
N THR B 135 15.15 21.81 1.94
CA THR B 135 14.34 21.41 0.81
C THR B 135 13.48 20.20 1.15
N THR B 136 12.17 20.34 1.00
CA THR B 136 11.26 19.25 1.31
C THR B 136 10.74 18.59 0.04
N ILE B 137 10.95 17.28 -0.07
CA ILE B 137 10.51 16.52 -1.22
C ILE B 137 9.52 15.45 -0.76
N HIS B 138 8.51 15.19 -1.57
CA HIS B 138 7.50 14.20 -1.22
C HIS B 138 7.73 12.89 -1.97
N TYR B 139 7.97 11.83 -1.22
CA TYR B 139 8.20 10.52 -1.80
C TYR B 139 6.99 9.63 -1.57
N ASN B 140 6.70 8.74 -2.51
CA ASN B 140 5.55 7.87 -2.39
C ASN B 140 5.95 6.40 -2.40
N TYR B 141 5.49 5.66 -1.40
CA TYR B 141 5.76 4.24 -1.31
C TYR B 141 4.50 3.48 -1.72
N MET B 142 4.49 2.98 -2.93
CA MET B 142 3.33 2.28 -3.47
C MET B 142 3.24 0.81 -3.06
N CYS B 143 3.98 0.43 -2.03
CA CYS B 143 3.96 -0.95 -1.55
C CYS B 143 4.36 -1.04 -0.08
N ASN B 144 3.95 -2.12 0.56
CA ASN B 144 4.25 -2.33 1.97
C ASN B 144 5.47 -3.23 2.10
N SER B 145 6.16 -3.13 3.24
CA SER B 145 7.35 -3.94 3.47
C SER B 145 6.99 -5.41 3.69
N SER B 146 5.72 -5.67 3.91
CA SER B 146 5.25 -7.03 4.13
C SER B 146 4.82 -7.67 2.80
N CYS B 147 4.69 -6.85 1.76
CA CYS B 147 4.27 -7.32 0.45
C CYS B 147 5.17 -8.45 -0.05
N MET B 148 4.57 -9.61 -0.31
CA MET B 148 5.30 -10.78 -0.77
C MET B 148 5.89 -10.56 -2.16
N GLY B 149 6.76 -11.46 -2.58
CA GLY B 149 7.37 -11.34 -3.88
C GLY B 149 8.60 -10.46 -3.85
N GLY B 150 8.39 -9.16 -3.68
CA GLY B 150 9.49 -8.22 -3.64
C GLY B 150 10.13 -8.18 -2.27
N MET B 151 9.63 -7.30 -1.41
CA MET B 151 10.16 -7.16 -0.06
C MET B 151 9.99 -8.47 0.72
N ASN B 152 8.80 -9.05 0.62
CA ASN B 152 8.49 -10.32 1.27
C ASN B 152 8.76 -10.30 2.77
N ARG B 153 8.19 -9.32 3.46
CA ARG B 153 8.35 -9.18 4.91
C ARG B 153 9.80 -8.90 5.30
N ARG B 154 10.43 -7.97 4.60
CA ARG B 154 11.81 -7.61 4.86
C ARG B 154 11.96 -6.09 4.90
N PRO B 155 12.72 -5.57 5.88
CA PRO B 155 12.95 -4.12 6.02
C PRO B 155 13.84 -3.60 4.90
N ILE B 156 13.57 -2.39 4.43
CA ILE B 156 14.35 -1.81 3.36
C ILE B 156 15.16 -0.60 3.81
N LEU B 157 16.17 -0.26 3.04
CA LEU B 157 17.02 0.88 3.32
C LEU B 157 17.05 1.78 2.10
N THR B 158 16.45 2.95 2.21
CA THR B 158 16.42 3.88 1.09
C THR B 158 17.65 4.79 1.10
N ILE B 159 18.46 4.65 0.07
CA ILE B 159 19.67 5.44 -0.06
C ILE B 159 19.36 6.74 -0.79
N ILE B 160 19.45 7.83 -0.07
CA ILE B 160 19.21 9.16 -0.63
C ILE B 160 20.55 9.80 -0.94
N THR B 161 20.83 10.00 -2.20
CA THR B 161 22.10 10.58 -2.59
C THR B 161 21.93 11.83 -3.45
N LEU B 162 22.88 12.73 -3.37
CA LEU B 162 22.85 13.96 -4.11
C LEU B 162 24.06 14.03 -5.03
N GLU B 163 23.82 13.84 -6.32
CA GLU B 163 24.87 13.89 -7.31
C GLU B 163 24.72 15.16 -8.13
N ASP B 164 25.77 15.54 -8.85
CA ASP B 164 25.72 16.73 -9.68
C ASP B 164 24.92 16.44 -10.95
N SER B 165 24.78 17.43 -11.82
CA SER B 165 24.02 17.27 -13.05
C SER B 165 24.61 16.18 -13.95
N SER B 166 25.89 15.88 -13.77
CA SER B 166 26.55 14.84 -14.54
C SER B 166 26.44 13.49 -13.85
N GLY B 167 26.92 13.40 -12.60
CA GLY B 167 26.85 12.17 -11.86
C GLY B 167 27.92 12.04 -10.80
N ASN B 168 28.41 13.17 -10.31
CA ASN B 168 29.45 13.18 -9.29
C ASN B 168 28.83 13.19 -7.90
N LEU B 169 29.29 12.30 -7.04
CA LEU B 169 28.78 12.19 -5.68
C LEU B 169 29.16 13.40 -4.83
N LEU B 170 28.16 14.19 -4.46
CA LEU B 170 28.40 15.38 -3.64
C LEU B 170 28.00 15.10 -2.19
N GLY B 171 27.00 14.23 -2.03
CA GLY B 171 26.53 13.86 -0.71
C GLY B 171 25.68 12.60 -0.78
N ARG B 172 25.76 11.76 0.23
CA ARG B 172 25.00 10.51 0.24
C ARG B 172 24.63 10.10 1.66
N ASN B 173 23.36 9.77 1.85
CA ASN B 173 22.87 9.35 3.16
C ASN B 173 21.92 8.17 2.98
N SER B 174 21.49 7.55 4.08
CA SER B 174 20.59 6.41 4.00
C SER B 174 19.78 6.26 5.28
N PHE B 175 18.61 5.62 5.17
CA PHE B 175 17.74 5.40 6.32
C PHE B 175 16.89 4.15 6.08
N GLU B 176 16.48 3.50 7.16
CA GLU B 176 15.66 2.29 7.07
C GLU B 176 14.19 2.66 6.92
N VAL B 177 13.43 1.84 6.22
CA VAL B 177 12.01 2.11 6.00
C VAL B 177 11.15 0.88 6.27
N ARG B 178 9.96 1.12 6.82
CA ARG B 178 8.99 0.07 7.10
C ARG B 178 7.62 0.59 6.70
N VAL B 179 7.15 0.15 5.55
CA VAL B 179 5.84 0.58 5.05
C VAL B 179 4.76 -0.41 5.44
N CYS B 180 3.73 0.09 6.09
CA CYS B 180 2.63 -0.76 6.54
C CYS B 180 1.30 0.01 6.40
N ALA B 181 0.38 -0.23 7.33
CA ALA B 181 -0.90 0.44 7.31
C ALA B 181 -1.10 1.27 8.59
N CYS B 182 -0.19 1.11 9.53
CA CYS B 182 -0.27 1.84 10.80
C CYS B 182 1.13 2.15 11.33
N PRO B 183 1.72 3.27 10.88
CA PRO B 183 3.08 3.68 11.29
C PRO B 183 3.21 3.83 12.80
N GLY B 184 2.18 4.38 13.44
CA GLY B 184 2.20 4.57 14.88
C GLY B 184 2.06 3.27 15.64
N ARG B 185 1.62 2.22 14.96
CA ARG B 185 1.44 0.92 15.58
C ARG B 185 2.70 0.09 15.41
N ASP B 186 3.15 -0.03 14.18
CA ASP B 186 4.34 -0.82 13.85
C ASP B 186 5.59 -0.27 14.53
N ARG B 187 5.58 1.01 14.85
CA ARG B 187 6.72 1.63 15.53
C ARG B 187 6.88 1.01 16.92
N ARG B 188 5.79 0.48 17.44
CA ARG B 188 5.80 -0.15 18.76
C ARG B 188 6.24 -1.61 18.67
N THR B 189 6.32 -2.12 17.46
CA THR B 189 6.74 -3.49 17.23
C THR B 189 8.26 -3.57 17.08
N GLU B 190 8.88 -2.43 16.81
CA GLU B 190 10.33 -2.37 16.65
C GLU B 190 10.99 -1.43 17.67
N GLU B 191 10.75 -0.13 17.51
CA GLU B 191 11.34 0.87 18.41
C GLU B 191 10.91 0.66 19.85
N GLU B 192 9.61 0.48 20.07
CA GLU B 192 9.07 0.26 21.41
C GLU B 192 9.37 -1.16 21.91
N ASN B 193 9.99 -1.95 21.05
CA ASN B 193 10.32 -3.33 21.40
C ASN B 193 11.83 -3.49 21.57
N LEU B 194 12.53 -2.37 21.59
CA LEU B 194 13.99 -2.38 21.76
C LEU B 194 14.39 -1.54 22.96
N ARG B 195 13.39 -1.15 23.75
CA ARG B 195 13.62 -0.35 24.95
C ARG B 195 12.67 -0.78 26.04
ZN ZN C . 2.68 -4.95 -3.05
N MET A 4 -31.53 -24.76 8.31
CA MET A 4 -30.69 -23.63 7.86
C MET A 4 -29.61 -24.13 6.92
N SER A 5 -29.80 -23.88 5.63
CA SER A 5 -28.84 -24.30 4.61
C SER A 5 -27.63 -23.38 4.60
N GLN A 6 -27.84 -22.14 5.06
CA GLN A 6 -26.77 -21.13 5.10
C GLN A 6 -26.29 -20.79 3.70
N SER A 7 -27.23 -20.76 2.76
CA SER A 7 -26.91 -20.46 1.37
C SER A 7 -26.30 -19.06 1.24
N ASN A 8 -26.66 -18.18 2.16
CA ASN A 8 -26.16 -16.81 2.16
C ASN A 8 -24.73 -16.79 2.69
N ARG A 9 -24.54 -17.36 3.88
CA ARG A 9 -23.22 -17.41 4.51
C ARG A 9 -22.21 -18.16 3.65
N GLU A 10 -22.65 -19.26 3.04
CA GLU A 10 -21.79 -20.06 2.19
C GLU A 10 -21.38 -19.31 0.93
N LEU A 11 -22.32 -18.54 0.37
CA LEU A 11 -22.06 -17.78 -0.84
C LEU A 11 -21.09 -16.62 -0.59
N VAL A 12 -21.21 -15.99 0.58
CA VAL A 12 -20.35 -14.88 0.93
C VAL A 12 -18.89 -15.33 1.02
N VAL A 13 -18.66 -16.44 1.72
CA VAL A 13 -17.30 -16.95 1.86
C VAL A 13 -16.81 -17.56 0.55
N ASP A 14 -17.76 -17.99 -0.28
CA ASP A 14 -17.45 -18.57 -1.59
C ASP A 14 -16.84 -17.51 -2.48
N PHE A 15 -17.54 -16.39 -2.61
CA PHE A 15 -17.09 -15.27 -3.43
C PHE A 15 -15.76 -14.75 -2.91
N LEU A 16 -15.62 -14.71 -1.58
CA LEU A 16 -14.40 -14.24 -0.94
C LEU A 16 -13.22 -15.11 -1.36
N SER A 17 -13.41 -16.42 -1.28
CA SER A 17 -12.36 -17.38 -1.64
C SER A 17 -12.06 -17.31 -3.14
N TYR A 18 -13.06 -16.95 -3.94
CA TYR A 18 -12.91 -16.84 -5.38
C TYR A 18 -11.91 -15.72 -5.69
N LYS A 19 -11.94 -14.66 -4.89
CA LYS A 19 -11.03 -13.54 -5.07
C LYS A 19 -9.71 -13.80 -4.36
N LEU A 20 -9.75 -14.54 -3.26
CA LEU A 20 -8.55 -14.87 -2.50
C LEU A 20 -7.60 -15.72 -3.32
N SER A 21 -8.12 -16.34 -4.38
CA SER A 21 -7.32 -17.17 -5.26
C SER A 21 -6.98 -16.44 -6.55
N GLN A 22 -6.90 -15.11 -6.48
CA GLN A 22 -6.56 -14.29 -7.65
C GLN A 22 -5.07 -14.35 -7.94
N LYS A 23 -4.30 -13.60 -7.16
CA LYS A 23 -2.84 -13.55 -7.30
C LYS A 23 -2.23 -13.06 -5.99
N GLY A 24 -1.10 -13.65 -5.63
CA GLY A 24 -0.45 -13.27 -4.39
C GLY A 24 -1.00 -14.05 -3.21
N TYR A 25 -1.63 -15.18 -3.51
CA TYR A 25 -2.22 -16.02 -2.48
C TYR A 25 -1.19 -16.97 -1.88
N SER A 26 -0.99 -16.85 -0.58
CA SER A 26 -0.06 -17.71 0.12
C SER A 26 -0.82 -18.70 1.00
N TRP A 27 -1.26 -18.24 2.16
CA TRP A 27 -2.00 -19.08 3.09
C TRP A 27 -3.43 -19.30 2.64
N SER A 28 -3.91 -18.43 1.75
CA SER A 28 -5.27 -18.53 1.23
C SER A 28 -5.44 -19.73 0.32
N GLN A 29 -4.33 -20.28 -0.16
CA GLN A 29 -4.37 -21.45 -1.03
C GLN A 29 -4.29 -22.72 -0.21
N PHE A 30 -3.55 -22.66 0.89
CA PHE A 30 -3.37 -23.81 1.75
C PHE A 30 -4.51 -23.97 2.75
N SER A 31 -4.97 -22.86 3.29
CA SER A 31 -6.06 -22.87 4.26
C SER A 31 -7.33 -22.26 3.67
N MET A 86 -32.45 -23.55 -9.06
CA MET A 86 -31.40 -22.75 -8.46
C MET A 86 -31.34 -21.38 -9.12
N ALA A 87 -31.19 -20.34 -8.31
CA ALA A 87 -31.13 -18.97 -8.81
C ALA A 87 -29.74 -18.67 -9.39
N ALA A 88 -28.82 -19.61 -9.23
CA ALA A 88 -27.45 -19.45 -9.73
C ALA A 88 -26.77 -18.23 -9.12
N VAL A 89 -26.93 -18.08 -7.81
CA VAL A 89 -26.35 -16.95 -7.09
C VAL A 89 -24.82 -16.94 -7.20
N LYS A 90 -24.21 -18.12 -7.22
CA LYS A 90 -22.77 -18.23 -7.32
C LYS A 90 -22.28 -17.69 -8.67
N GLN A 91 -23.01 -18.01 -9.72
CA GLN A 91 -22.65 -17.56 -11.06
C GLN A 91 -22.95 -16.08 -11.23
N ALA A 92 -24.09 -15.65 -10.69
CA ALA A 92 -24.50 -14.25 -10.78
C ALA A 92 -23.47 -13.34 -10.12
N LEU A 93 -22.99 -13.77 -8.95
CA LEU A 93 -21.98 -13.00 -8.22
C LEU A 93 -20.60 -13.17 -8.85
N ARG A 94 -20.43 -14.24 -9.61
CA ARG A 94 -19.16 -14.52 -10.28
C ARG A 94 -18.93 -13.52 -11.41
N GLU A 95 -19.91 -13.40 -12.29
CA GLU A 95 -19.83 -12.49 -13.42
C GLU A 95 -19.64 -11.04 -12.96
N ALA A 96 -20.60 -10.53 -12.21
CA ALA A 96 -20.55 -9.16 -11.71
C ALA A 96 -19.34 -8.94 -10.81
N GLY A 97 -18.99 -9.97 -10.04
CA GLY A 97 -17.85 -9.87 -9.15
C GLY A 97 -16.55 -9.67 -9.88
N ASP A 98 -16.31 -10.48 -10.90
CA ASP A 98 -15.08 -10.38 -11.69
C ASP A 98 -15.08 -9.08 -12.49
N GLU A 99 -16.25 -8.71 -13.00
CA GLU A 99 -16.43 -7.49 -13.77
C GLU A 99 -16.02 -6.27 -12.94
N PHE A 100 -16.54 -6.18 -11.73
CA PHE A 100 -16.24 -5.06 -10.86
C PHE A 100 -14.81 -5.10 -10.33
N GLU A 101 -14.37 -6.28 -9.92
CA GLU A 101 -13.02 -6.45 -9.37
C GLU A 101 -11.92 -5.92 -10.28
N LEU A 102 -12.04 -6.17 -11.59
CA LEU A 102 -11.03 -5.72 -12.54
C LEU A 102 -10.83 -4.20 -12.50
N ARG A 103 -11.86 -3.46 -12.09
CA ARG A 103 -11.78 -2.01 -11.99
C ARG A 103 -11.29 -1.60 -10.61
N TYR A 104 -11.61 -2.42 -9.62
CA TYR A 104 -11.21 -2.14 -8.23
C TYR A 104 -9.73 -2.42 -8.02
N ARG A 105 -9.20 -3.40 -8.75
CA ARG A 105 -7.78 -3.76 -8.63
C ARG A 105 -6.88 -2.80 -9.39
N ARG A 106 -7.39 -1.62 -9.70
CA ARG A 106 -6.62 -0.62 -10.43
C ARG A 106 -5.91 0.31 -9.44
N ALA A 107 -5.94 -0.08 -8.17
CA ALA A 107 -5.31 0.68 -7.07
C ALA A 107 -6.06 1.96 -6.79
N PHE A 108 -6.03 2.90 -7.73
CA PHE A 108 -6.71 4.17 -7.57
C PHE A 108 -8.17 4.04 -7.96
N SER A 109 -8.92 3.36 -7.10
CA SER A 109 -10.34 3.15 -7.33
C SER A 109 -11.14 3.62 -6.11
N ASP A 110 -12.36 3.12 -5.98
CA ASP A 110 -13.23 3.49 -4.86
C ASP A 110 -12.66 2.99 -3.54
N LEU A 111 -11.90 1.89 -3.60
CA LEU A 111 -11.29 1.30 -2.42
C LEU A 111 -10.36 2.29 -1.72
N THR A 112 -9.62 3.06 -2.50
CA THR A 112 -8.69 4.04 -1.95
C THR A 112 -9.42 5.15 -1.18
N SER A 113 -10.54 5.60 -1.72
CA SER A 113 -11.32 6.65 -1.09
C SER A 113 -12.08 6.13 0.12
N GLN A 114 -12.58 4.90 0.00
CA GLN A 114 -13.35 4.27 1.08
C GLN A 114 -12.46 3.91 2.26
N LEU A 115 -11.48 3.05 2.03
CA LEU A 115 -10.58 2.61 3.09
C LEU A 115 -9.58 3.71 3.46
N HIS A 116 -8.87 4.20 2.45
CA HIS A 116 -7.86 5.26 2.63
C HIS A 116 -6.74 4.82 3.57
N ILE A 117 -6.56 3.51 3.68
CA ILE A 117 -5.54 2.93 4.55
C ILE A 117 -5.77 3.35 6.00
N THR A 118 -6.79 2.75 6.61
CA THR A 118 -7.15 3.04 7.98
C THR A 118 -6.10 2.50 8.95
N PRO A 119 -5.68 3.32 9.93
CA PRO A 119 -4.68 2.93 10.93
C PRO A 119 -5.26 1.97 11.97
N GLY A 120 -5.90 0.94 11.46
CA GLY A 120 -6.52 -0.07 12.29
C GLY A 120 -7.22 -1.07 11.41
N THR A 121 -6.49 -1.52 10.40
CA THR A 121 -7.01 -2.46 9.41
C THR A 121 -7.15 -3.87 9.98
N ALA A 122 -8.13 -4.01 10.86
CA ALA A 122 -8.45 -5.28 11.51
C ALA A 122 -9.84 -5.20 12.09
N TYR A 123 -10.21 -4.01 12.55
CA TYR A 123 -11.53 -3.77 13.13
C TYR A 123 -12.18 -2.55 12.50
N GLN A 124 -11.42 -1.48 12.34
CA GLN A 124 -11.93 -0.25 11.74
C GLN A 124 -12.26 -0.45 10.27
N SER A 125 -11.52 -1.35 9.63
CA SER A 125 -11.73 -1.67 8.23
C SER A 125 -13.07 -2.36 8.03
N PHE A 126 -13.42 -3.22 8.99
CA PHE A 126 -14.68 -3.95 8.95
C PHE A 126 -15.85 -2.96 9.00
N GLU A 127 -15.79 -2.04 9.95
CA GLU A 127 -16.83 -1.03 10.10
C GLU A 127 -16.94 -0.19 8.83
N GLN A 128 -15.80 0.11 8.22
CA GLN A 128 -15.77 0.92 7.01
C GLN A 128 -16.57 0.28 5.88
N VAL A 129 -16.42 -1.03 5.71
CA VAL A 129 -17.12 -1.75 4.67
C VAL A 129 -18.60 -1.94 5.02
N VAL A 130 -18.87 -2.35 6.25
CA VAL A 130 -20.24 -2.58 6.70
C VAL A 130 -21.06 -1.30 6.70
N ASN A 131 -20.45 -0.21 7.15
CA ASN A 131 -21.12 1.08 7.20
C ASN A 131 -21.56 1.53 5.81
N GLU A 132 -20.80 1.12 4.80
CA GLU A 132 -21.12 1.46 3.41
C GLU A 132 -22.49 0.91 3.02
N LEU A 133 -22.78 -0.31 3.46
CA LEU A 133 -24.06 -0.94 3.16
C LEU A 133 -25.18 -0.21 3.89
N PHE A 134 -24.89 0.23 5.11
CA PHE A 134 -25.86 0.96 5.93
C PHE A 134 -26.07 2.37 5.43
N ARG A 135 -25.25 2.79 4.47
CA ARG A 135 -25.36 4.13 3.91
C ARG A 135 -26.43 4.16 2.82
N ASP A 136 -26.96 2.99 2.50
CA ASP A 136 -28.00 2.86 1.49
C ASP A 136 -29.16 2.03 2.03
N GLY A 137 -28.83 0.90 2.64
CA GLY A 137 -29.84 0.02 3.19
C GLY A 137 -29.98 -1.24 2.36
N VAL A 138 -31.22 -1.69 2.21
CA VAL A 138 -31.50 -2.89 1.44
C VAL A 138 -31.49 -2.59 -0.06
N ASN A 139 -30.33 -2.22 -0.57
CA ASN A 139 -30.17 -1.91 -1.97
C ASN A 139 -29.42 -3.03 -2.68
N TRP A 140 -30.11 -3.70 -3.59
CA TRP A 140 -29.53 -4.80 -4.33
C TRP A 140 -28.41 -4.33 -5.25
N GLY A 141 -28.35 -3.04 -5.51
CA GLY A 141 -27.29 -2.49 -6.34
C GLY A 141 -26.09 -2.10 -5.52
N ARG A 142 -26.33 -1.77 -4.25
CA ARG A 142 -25.26 -1.38 -3.34
C ARG A 142 -24.53 -2.61 -2.83
N ILE A 143 -25.24 -3.72 -2.69
CA ILE A 143 -24.64 -4.96 -2.20
C ILE A 143 -23.54 -5.45 -3.16
N VAL A 144 -23.68 -5.11 -4.44
CA VAL A 144 -22.69 -5.50 -5.44
C VAL A 144 -21.37 -4.81 -5.14
N ALA A 145 -21.44 -3.51 -4.87
CA ALA A 145 -20.24 -2.75 -4.55
C ALA A 145 -19.67 -3.20 -3.21
N PHE A 146 -20.57 -3.52 -2.29
CA PHE A 146 -20.18 -4.00 -0.96
C PHE A 146 -19.29 -5.23 -1.08
N PHE A 147 -19.73 -6.19 -1.90
CA PHE A 147 -18.96 -7.40 -2.12
C PHE A 147 -17.67 -7.10 -2.89
N SER A 148 -17.76 -6.14 -3.80
CA SER A 148 -16.61 -5.76 -4.60
C SER A 148 -15.51 -5.16 -3.72
N PHE A 149 -15.90 -4.35 -2.73
CA PHE A 149 -14.96 -3.74 -1.81
C PHE A 149 -14.18 -4.80 -1.07
N GLY A 150 -14.90 -5.72 -0.42
CA GLY A 150 -14.26 -6.77 0.33
C GLY A 150 -13.49 -7.72 -0.56
N GLY A 151 -14.03 -7.99 -1.74
CA GLY A 151 -13.39 -8.89 -2.69
C GLY A 151 -12.02 -8.40 -3.11
N ALA A 152 -11.94 -7.15 -3.56
CA ALA A 152 -10.66 -6.59 -3.98
C ALA A 152 -9.72 -6.41 -2.80
N LEU A 153 -10.29 -6.08 -1.65
CA LEU A 153 -9.50 -5.87 -0.44
C LEU A 153 -8.84 -7.15 0.05
N CYS A 154 -9.57 -8.26 0.02
CA CYS A 154 -9.04 -9.54 0.48
C CYS A 154 -7.80 -9.97 -0.33
N VAL A 155 -7.81 -9.68 -1.62
CA VAL A 155 -6.68 -10.02 -2.48
C VAL A 155 -5.43 -9.28 -2.05
N GLU A 156 -5.57 -7.97 -1.87
CA GLU A 156 -4.45 -7.12 -1.46
C GLU A 156 -4.07 -7.36 0.00
N SER A 157 -4.92 -8.07 0.73
CA SER A 157 -4.66 -8.37 2.13
C SER A 157 -3.62 -9.49 2.24
N VAL A 158 -3.70 -10.45 1.32
CA VAL A 158 -2.76 -11.57 1.30
C VAL A 158 -1.55 -11.22 0.43
N ASP A 159 -1.82 -10.46 -0.63
CA ASP A 159 -0.78 -10.02 -1.57
C ASP A 159 0.26 -9.16 -0.85
N LYS A 160 -0.18 -8.48 0.22
CA LYS A 160 0.71 -7.63 0.99
C LYS A 160 1.04 -8.28 2.33
N GLU A 161 0.79 -9.59 2.42
CA GLU A 161 1.05 -10.39 3.62
C GLU A 161 0.66 -9.69 4.92
N MET A 162 -0.59 -9.29 5.02
CA MET A 162 -1.07 -8.63 6.23
C MET A 162 -1.82 -9.62 7.11
N GLN A 163 -2.58 -10.51 6.47
CA GLN A 163 -3.35 -11.55 7.15
C GLN A 163 -4.49 -11.01 8.00
N VAL A 164 -4.13 -10.37 9.12
CA VAL A 164 -5.08 -9.82 10.09
C VAL A 164 -6.22 -9.01 9.44
N LEU A 165 -5.92 -8.38 8.31
CA LEU A 165 -6.91 -7.58 7.60
C LEU A 165 -8.14 -8.42 7.22
N VAL A 166 -7.93 -9.41 6.36
CA VAL A 166 -9.00 -10.26 5.89
C VAL A 166 -9.41 -11.30 6.94
N SER A 167 -8.44 -11.83 7.67
CA SER A 167 -8.71 -12.84 8.68
C SER A 167 -9.66 -12.36 9.77
N ARG A 168 -9.59 -11.07 10.10
CA ARG A 168 -10.48 -10.52 11.12
C ARG A 168 -11.83 -10.12 10.53
N ILE A 169 -11.80 -9.40 9.42
CA ILE A 169 -13.01 -8.95 8.76
C ILE A 169 -13.95 -10.13 8.44
N ALA A 170 -13.38 -11.20 7.90
CA ALA A 170 -14.15 -12.39 7.55
C ALA A 170 -14.83 -12.97 8.79
N ALA A 171 -14.11 -12.98 9.91
CA ALA A 171 -14.64 -13.51 11.15
C ALA A 171 -15.81 -12.66 11.65
N TRP A 172 -15.61 -11.36 11.69
CA TRP A 172 -16.66 -10.44 12.14
C TRP A 172 -17.87 -10.53 11.21
N MET A 173 -17.60 -10.49 9.91
CA MET A 173 -18.65 -10.55 8.90
C MET A 173 -19.48 -11.82 9.01
N ALA A 174 -18.82 -12.96 9.10
CA ALA A 174 -19.51 -14.24 9.20
C ALA A 174 -20.40 -14.31 10.44
N THR A 175 -19.89 -13.80 11.56
CA THR A 175 -20.63 -13.80 12.81
C THR A 175 -21.87 -12.90 12.74
N TYR A 176 -21.73 -11.74 12.13
CA TYR A 176 -22.84 -10.79 12.00
C TYR A 176 -23.81 -11.25 10.91
N LEU A 177 -23.27 -11.92 9.90
CA LEU A 177 -24.06 -12.42 8.78
C LEU A 177 -25.07 -13.46 9.26
N ASN A 178 -24.60 -14.48 9.93
CA ASN A 178 -25.48 -15.54 10.43
C ASN A 178 -26.30 -15.06 11.62
N ASP A 179 -25.91 -13.91 12.17
CA ASP A 179 -26.60 -13.31 13.30
C ASP A 179 -27.99 -12.84 12.90
N HIS A 180 -28.06 -11.85 12.02
CA HIS A 180 -29.33 -11.31 11.57
C HIS A 180 -29.40 -11.10 10.07
N LEU A 181 -28.24 -10.94 9.42
CA LEU A 181 -28.19 -10.71 7.98
C LEU A 181 -28.84 -11.84 7.18
N GLU A 182 -28.46 -13.08 7.47
CA GLU A 182 -29.03 -14.24 6.78
C GLU A 182 -30.56 -14.27 6.88
N PRO A 183 -31.13 -14.27 8.12
CA PRO A 183 -32.59 -14.27 8.31
C PRO A 183 -33.25 -13.08 7.61
N TRP A 184 -32.59 -11.92 7.65
CA TRP A 184 -33.12 -10.71 7.01
C TRP A 184 -33.23 -10.92 5.51
N ILE A 185 -32.17 -11.45 4.91
CA ILE A 185 -32.13 -11.70 3.47
C ILE A 185 -33.18 -12.74 3.08
N GLN A 186 -33.32 -13.79 3.89
CA GLN A 186 -34.28 -14.86 3.62
C GLN A 186 -35.71 -14.46 3.97
N GLU A 187 -35.90 -13.23 4.44
CA GLU A 187 -37.23 -12.76 4.79
C GLU A 187 -37.61 -11.54 3.96
N ASN A 188 -36.75 -10.54 3.94
CA ASN A 188 -36.99 -9.31 3.19
C ASN A 188 -36.67 -9.50 1.71
N GLY A 189 -35.57 -10.19 1.44
CA GLY A 189 -35.16 -10.41 0.07
C GLY A 189 -33.79 -9.81 -0.20
N GLY A 190 -32.87 -10.63 -0.66
CA GLY A 190 -31.53 -10.16 -0.93
C GLY A 190 -31.03 -10.64 -2.28
N TRP A 191 -30.21 -11.69 -2.26
CA TRP A 191 -29.66 -12.23 -3.49
C TRP A 191 -30.74 -12.82 -4.37
N ASP A 192 -31.83 -13.26 -3.73
CA ASP A 192 -32.96 -13.84 -4.45
C ASP A 192 -33.61 -12.77 -5.32
N THR A 193 -33.79 -11.58 -4.75
CA THR A 193 -34.41 -10.48 -5.46
C THR A 193 -33.42 -9.91 -6.49
N PHE A 194 -32.14 -10.03 -6.18
CA PHE A 194 -31.09 -9.56 -7.07
C PHE A 194 -31.13 -10.34 -8.38
N VAL A 195 -31.33 -11.64 -8.28
CA VAL A 195 -31.40 -12.50 -9.46
C VAL A 195 -32.61 -12.12 -10.32
N GLU A 196 -33.71 -11.73 -9.67
CA GLU A 196 -34.94 -11.35 -10.36
C GLU A 196 -34.69 -10.21 -11.34
N LEU A 197 -33.73 -9.36 -11.02
CA LEU A 197 -33.41 -8.22 -11.87
C LEU A 197 -32.06 -8.43 -12.57
N TYR A 198 -31.52 -9.63 -12.45
CA TYR A 198 -30.24 -9.95 -13.07
C TYR A 198 -30.40 -10.99 -14.17
N GLY A 199 -30.55 -12.25 -13.78
CA GLY A 199 -30.68 -13.32 -14.75
C GLY A 199 -32.11 -13.80 -14.90
N ASN A 200 -33.03 -13.13 -14.25
CA ASN A 200 -34.44 -13.49 -14.33
C ASN A 200 -35.27 -12.29 -14.79
N ASN A 201 -34.62 -11.38 -15.49
CA ASN A 201 -35.28 -10.18 -16.00
C ASN A 201 -35.02 -10.05 -17.48
N SER B 1 25.18 -6.57 -7.67
CA SER B 1 25.98 -5.40 -7.37
C SER B 1 25.29 -4.53 -6.32
N VAL B 2 26.00 -4.20 -5.25
CA VAL B 2 25.45 -3.38 -4.18
C VAL B 2 26.02 -1.96 -4.24
N PRO B 3 25.15 -0.94 -4.35
CA PRO B 3 25.58 0.46 -4.42
C PRO B 3 26.28 0.92 -3.14
N SER B 4 27.08 1.97 -3.27
CA SER B 4 27.81 2.51 -2.13
C SER B 4 26.86 3.04 -1.07
N GLN B 5 26.76 2.31 0.03
CA GLN B 5 25.89 2.67 1.14
C GLN B 5 26.66 3.42 2.23
N LYS B 6 27.86 3.83 1.89
CA LYS B 6 28.72 4.55 2.82
C LYS B 6 28.21 5.98 3.01
N THR B 7 28.12 6.40 4.27
CA THR B 7 27.65 7.74 4.59
C THR B 7 28.66 8.78 4.13
N TYR B 8 28.23 9.68 3.27
CA TYR B 8 29.08 10.73 2.75
C TYR B 8 28.43 12.08 2.95
N GLN B 9 28.94 12.85 3.89
CA GLN B 9 28.40 14.17 4.18
C GLN B 9 28.91 15.18 3.16
N GLY B 10 30.17 15.01 2.77
CA GLY B 10 30.77 15.90 1.81
C GLY B 10 30.99 17.28 2.38
N SER B 11 31.38 18.22 1.53
CA SER B 11 31.61 19.58 1.96
C SER B 11 30.30 20.35 2.08
N TYR B 12 29.23 19.76 1.55
CA TYR B 12 27.93 20.39 1.59
C TYR B 12 27.13 19.99 2.83
N GLY B 13 27.64 19.02 3.57
CA GLY B 13 26.96 18.56 4.77
C GLY B 13 25.59 18.01 4.46
N PHE B 14 25.55 16.90 3.72
CA PHE B 14 24.29 16.27 3.34
C PHE B 14 23.67 15.53 4.52
N ARG B 15 22.81 16.23 5.26
CA ARG B 15 22.13 15.62 6.39
C ARG B 15 20.68 15.32 6.03
N LEU B 16 20.07 14.40 6.74
CA LEU B 16 18.68 14.04 6.47
C LEU B 16 17.75 14.54 7.57
N GLY B 17 16.60 15.03 7.18
CA GLY B 17 15.62 15.53 8.13
C GLY B 17 14.26 14.95 7.85
N PHE B 18 13.55 14.56 8.90
CA PHE B 18 12.23 13.98 8.75
C PHE B 18 11.26 14.63 9.71
N LEU B 19 9.98 14.29 9.56
CA LEU B 19 8.94 14.85 10.41
C LEU B 19 8.74 13.99 11.64
N HIS B 20 8.87 14.59 12.81
CA HIS B 20 8.69 13.88 14.07
C HIS B 20 7.21 13.89 14.45
N SER B 21 6.43 13.07 13.78
CA SER B 21 4.99 12.97 14.01
C SER B 21 4.67 12.18 15.28
N GLY B 22 5.68 11.55 15.86
CA GLY B 22 5.48 10.77 17.07
C GLY B 22 4.92 9.40 16.79
N THR B 23 4.55 8.69 17.85
CA THR B 23 4.01 7.35 17.72
C THR B 23 2.48 7.38 17.59
N ALA B 24 1.98 8.39 16.88
CA ALA B 24 0.54 8.54 16.67
C ALA B 24 -0.04 7.37 15.91
N LYS B 25 -1.12 6.81 16.42
CA LYS B 25 -1.78 5.66 15.79
C LYS B 25 -2.29 6.05 14.40
N SER B 26 -3.05 7.13 14.33
CA SER B 26 -3.60 7.61 13.08
C SER B 26 -2.64 8.58 12.40
N VAL B 27 -1.57 8.05 11.83
CA VAL B 27 -0.59 8.88 11.15
C VAL B 27 -0.23 8.30 9.78
N THR B 28 0.06 9.17 8.83
CA THR B 28 0.42 8.76 7.48
C THR B 28 1.85 8.25 7.43
N CYS B 29 2.72 8.88 8.21
CA CYS B 29 4.12 8.51 8.25
C CYS B 29 4.76 9.00 9.55
N THR B 30 5.72 8.23 10.04
CA THR B 30 6.44 8.57 11.26
C THR B 30 7.89 8.15 11.14
N TYR B 31 8.78 8.88 11.79
CA TYR B 31 10.20 8.58 11.74
C TYR B 31 10.75 8.26 13.12
N SER B 32 11.50 7.17 13.21
CA SER B 32 12.12 6.75 14.43
C SER B 32 13.57 7.20 14.45
N PRO B 33 13.89 8.24 15.24
CA PRO B 33 15.25 8.76 15.33
C PRO B 33 16.16 7.86 16.17
N ALA B 34 15.56 6.92 16.87
CA ALA B 34 16.30 6.01 17.71
C ALA B 34 17.03 4.94 16.90
N LEU B 35 16.37 4.47 15.84
CA LEU B 35 16.96 3.44 14.99
C LEU B 35 17.11 3.92 13.55
N ASN B 36 16.75 5.17 13.30
CA ASN B 36 16.82 5.77 11.96
C ASN B 36 15.94 4.98 11.00
N LYS B 37 14.71 4.73 11.43
CA LYS B 37 13.76 3.97 10.64
C LYS B 37 12.50 4.78 10.39
N MET B 38 12.12 4.88 9.13
CA MET B 38 10.92 5.63 8.75
C MET B 38 9.78 4.65 8.46
N PHE B 39 8.63 4.91 9.08
CA PHE B 39 7.45 4.08 8.90
C PHE B 39 6.45 4.81 8.05
N CYS B 40 6.03 4.20 6.95
CA CYS B 40 5.09 4.84 6.03
C CYS B 40 3.86 3.97 5.81
N GLN B 41 2.87 4.56 5.14
CA GLN B 41 1.63 3.87 4.83
C GLN B 41 1.59 3.54 3.34
N LEU B 42 0.66 2.70 2.94
CA LEU B 42 0.52 2.31 1.55
C LEU B 42 -0.05 3.45 0.71
N ALA B 43 0.72 3.88 -0.30
CA ALA B 43 0.30 4.94 -1.21
C ALA B 43 0.04 6.27 -0.49
N LYS B 44 0.90 6.59 0.48
CA LYS B 44 0.75 7.83 1.22
C LYS B 44 1.98 8.72 1.06
N THR B 45 1.74 10.02 1.01
CA THR B 45 2.80 11.00 0.84
C THR B 45 3.73 11.05 2.04
N CYS B 46 5.01 10.81 1.80
CA CYS B 46 6.02 10.84 2.85
C CYS B 46 7.03 11.97 2.59
N PRO B 47 6.91 13.09 3.32
CA PRO B 47 7.79 14.25 3.16
C PRO B 47 9.17 14.04 3.78
N VAL B 48 10.20 14.12 2.94
CA VAL B 48 11.58 13.96 3.39
C VAL B 48 12.32 15.28 3.17
N GLN B 49 13.05 15.72 4.18
CA GLN B 49 13.78 16.98 4.08
C GLN B 49 15.28 16.77 3.94
N LEU B 50 15.88 17.53 3.05
CA LEU B 50 17.33 17.46 2.83
C LEU B 50 17.99 18.57 3.62
N TRP B 51 18.44 18.24 4.83
CA TRP B 51 19.09 19.22 5.69
C TRP B 51 20.54 19.44 5.30
N VAL B 52 20.75 20.11 4.18
CA VAL B 52 22.08 20.39 3.69
C VAL B 52 22.66 21.60 4.40
N ASP B 53 23.88 21.45 4.91
CA ASP B 53 24.55 22.53 5.62
C ASP B 53 25.00 23.61 4.64
N SER B 54 25.29 23.19 3.42
CA SER B 54 25.72 24.08 2.37
C SER B 54 24.88 23.84 1.12
N THR B 55 24.24 24.89 0.63
CA THR B 55 23.40 24.80 -0.56
C THR B 55 24.20 24.49 -1.81
N PRO B 56 23.95 23.32 -2.43
CA PRO B 56 24.64 22.92 -3.65
C PRO B 56 24.13 23.70 -4.86
N PRO B 57 24.92 23.75 -5.95
CA PRO B 57 24.54 24.47 -7.17
C PRO B 57 23.22 23.95 -7.74
N PRO B 58 22.27 24.86 -7.99
CA PRO B 58 20.95 24.52 -8.54
C PRO B 58 21.08 23.75 -9.85
N GLY B 59 20.24 22.74 -10.00
CA GLY B 59 20.29 21.90 -11.20
C GLY B 59 20.96 20.58 -10.91
N THR B 60 21.08 20.27 -9.63
CA THR B 60 21.69 19.02 -9.18
C THR B 60 20.68 17.88 -9.29
N ARG B 61 21.13 16.65 -9.05
CA ARG B 61 20.27 15.49 -9.14
C ARG B 61 20.15 14.73 -7.82
N VAL B 62 18.93 14.63 -7.31
CA VAL B 62 18.67 13.91 -6.08
C VAL B 62 18.16 12.51 -6.45
N ARG B 63 18.91 11.49 -6.09
CA ARG B 63 18.55 10.13 -6.43
C ARG B 63 18.25 9.31 -5.18
N ALA B 64 17.24 8.46 -5.27
CA ALA B 64 16.85 7.61 -4.16
C ALA B 64 16.73 6.16 -4.61
N MET B 65 17.54 5.29 -4.03
CA MET B 65 17.52 3.87 -4.36
C MET B 65 17.38 3.06 -3.09
N ALA B 66 16.41 2.17 -3.04
CA ALA B 66 16.18 1.35 -1.87
C ALA B 66 16.77 -0.05 -2.01
N ILE B 67 17.42 -0.51 -0.96
CA ILE B 67 18.00 -1.84 -0.92
C ILE B 67 17.43 -2.59 0.27
N TYR B 68 17.86 -3.82 0.49
CA TYR B 68 17.37 -4.61 1.61
C TYR B 68 18.31 -4.52 2.80
N LYS B 69 17.76 -4.69 4.00
CA LYS B 69 18.55 -4.63 5.23
C LYS B 69 19.57 -5.76 5.26
N GLN B 70 19.11 -6.96 4.90
CA GLN B 70 19.97 -8.14 4.88
C GLN B 70 21.08 -7.96 3.84
N SER B 71 22.32 -8.03 4.29
CA SER B 71 23.48 -7.85 3.42
C SER B 71 23.51 -8.88 2.29
N GLN B 72 23.03 -10.08 2.57
CA GLN B 72 23.01 -11.15 1.57
C GLN B 72 21.81 -11.01 0.63
N HIS B 73 20.91 -10.11 0.97
CA HIS B 73 19.72 -9.89 0.15
C HIS B 73 19.77 -8.53 -0.53
N MET B 74 20.89 -7.83 -0.34
CA MET B 74 21.07 -6.51 -0.93
C MET B 74 21.17 -6.57 -2.45
N THR B 75 21.46 -7.76 -2.97
CA THR B 75 21.58 -7.96 -4.41
C THR B 75 20.22 -7.83 -5.09
N GLU B 76 19.16 -8.10 -4.34
CA GLU B 76 17.81 -8.03 -4.87
C GLU B 76 17.33 -6.58 -4.95
N VAL B 77 16.36 -6.33 -5.82
CA VAL B 77 15.81 -5.00 -5.99
C VAL B 77 14.42 -4.92 -5.39
N VAL B 78 14.14 -3.86 -4.64
CA VAL B 78 12.85 -3.68 -4.01
C VAL B 78 11.77 -3.49 -5.08
N ARG B 79 10.89 -4.49 -5.20
CA ARG B 79 9.83 -4.44 -6.20
C ARG B 79 8.46 -4.63 -5.55
N ARG B 80 7.42 -4.59 -6.38
CA ARG B 80 6.05 -4.73 -5.91
C ARG B 80 5.69 -6.20 -5.66
N CYS B 81 4.45 -6.42 -5.26
CA CYS B 81 3.97 -7.76 -4.99
C CYS B 81 3.25 -8.36 -6.22
N PRO B 82 2.96 -9.69 -6.20
CA PRO B 82 2.29 -10.40 -7.30
C PRO B 82 1.05 -9.70 -7.84
N HIS B 83 0.31 -9.04 -6.97
CA HIS B 83 -0.90 -8.33 -7.37
C HIS B 83 -0.72 -6.83 -7.10
N HIS B 84 0.07 -6.17 -7.92
CA HIS B 84 0.33 -4.74 -7.78
C HIS B 84 0.92 -4.17 -9.07
N GLU B 85 1.81 -4.92 -9.70
CA GLU B 85 2.43 -4.49 -10.94
C GLU B 85 1.42 -4.44 -12.07
N ARG B 86 0.51 -5.40 -12.07
CA ARG B 86 -0.54 -5.48 -13.08
C ARG B 86 -1.78 -4.69 -12.65
N CYS B 87 -1.64 -3.85 -11.65
CA CYS B 87 -2.75 -3.04 -11.17
C CYS B 87 -3.02 -1.86 -12.09
N SER B 88 -2.06 -1.53 -12.94
CA SER B 88 -2.18 -0.42 -13.89
C SER B 88 -2.41 0.90 -13.16
N ASP B 89 -1.65 1.13 -12.10
CA ASP B 89 -1.77 2.34 -11.30
C ASP B 89 -0.91 3.47 -11.84
N SER B 90 -0.41 3.29 -13.06
CA SER B 90 0.42 4.28 -13.71
C SER B 90 -0.39 5.52 -14.08
N ASP B 91 0.01 6.67 -13.55
CA ASP B 91 -0.67 7.93 -13.82
C ASP B 91 -0.29 8.43 -15.21
N GLY B 92 0.85 7.96 -15.69
CA GLY B 92 1.34 8.35 -16.99
C GLY B 92 2.81 8.67 -16.92
N LEU B 93 3.20 9.40 -15.87
CA LEU B 93 4.58 9.78 -15.67
C LEU B 93 5.26 8.73 -14.79
N ALA B 94 4.53 8.26 -13.80
CA ALA B 94 5.06 7.25 -12.89
C ALA B 94 4.73 5.85 -13.38
N PRO B 95 5.76 5.06 -13.70
CA PRO B 95 5.58 3.68 -14.18
C PRO B 95 5.04 2.76 -13.09
N PRO B 96 4.26 1.74 -13.48
CA PRO B 96 3.66 0.78 -12.53
C PRO B 96 4.68 -0.20 -11.93
N GLN B 97 5.90 -0.16 -12.43
CA GLN B 97 6.95 -1.05 -11.94
C GLN B 97 7.73 -0.41 -10.79
N HIS B 98 7.66 0.91 -10.70
CA HIS B 98 8.39 1.63 -9.66
C HIS B 98 7.63 1.66 -8.35
N LEU B 99 8.33 1.36 -7.27
CA LEU B 99 7.75 1.34 -5.94
C LEU B 99 7.79 2.72 -5.29
N ILE B 100 8.91 3.41 -5.44
CA ILE B 100 9.08 4.73 -4.86
C ILE B 100 8.86 5.81 -5.91
N ARG B 101 7.84 6.61 -5.70
CA ARG B 101 7.51 7.69 -6.62
C ARG B 101 7.63 9.03 -5.91
N VAL B 102 7.55 10.12 -6.66
CA VAL B 102 7.64 11.45 -6.07
C VAL B 102 6.36 12.24 -6.32
N GLU B 103 5.90 12.93 -5.28
CA GLU B 103 4.69 13.72 -5.36
C GLU B 103 5.01 15.19 -5.09
N GLY B 104 4.08 16.07 -5.43
CA GLY B 104 4.28 17.49 -5.21
C GLY B 104 5.09 18.14 -6.31
N ASN B 105 6.32 17.67 -6.49
CA ASN B 105 7.20 18.20 -7.52
C ASN B 105 6.92 17.55 -8.86
N LEU B 106 6.60 18.36 -9.85
CA LEU B 106 6.31 17.86 -11.19
C LEU B 106 7.58 17.40 -11.90
N ARG B 107 8.72 17.91 -11.43
CA ARG B 107 10.01 17.54 -12.01
C ARG B 107 10.46 16.21 -11.42
N VAL B 108 9.82 15.14 -11.86
CA VAL B 108 10.13 13.80 -11.38
C VAL B 108 10.54 12.88 -12.52
N GLU B 109 11.68 12.23 -12.36
CA GLU B 109 12.17 11.30 -13.35
C GLU B 109 12.52 9.98 -12.69
N TYR B 110 12.55 8.92 -13.46
CA TYR B 110 12.87 7.59 -12.93
C TYR B 110 14.03 6.98 -13.68
N LEU B 111 14.90 6.31 -12.95
CA LEU B 111 16.07 5.67 -13.53
C LEU B 111 16.02 4.16 -13.39
N ASP B 112 16.11 3.47 -14.50
CA ASP B 112 16.09 2.02 -14.51
C ASP B 112 17.42 1.48 -14.99
N ASP B 113 18.21 0.97 -14.07
CA ASP B 113 19.52 0.42 -14.40
C ASP B 113 19.36 -0.89 -15.19
N ARG B 114 20.01 -0.97 -16.34
CA ARG B 114 19.92 -2.15 -17.19
C ARG B 114 20.96 -3.21 -16.84
N ASN B 115 21.71 -3.01 -15.78
CA ASN B 115 22.73 -3.98 -15.38
C ASN B 115 22.18 -4.95 -14.35
N THR B 116 21.69 -4.42 -13.25
CA THR B 116 21.12 -5.23 -12.19
C THR B 116 19.64 -4.93 -11.97
N PHE B 117 19.07 -4.18 -12.91
CA PHE B 117 17.65 -3.80 -12.85
C PHE B 117 17.36 -2.95 -11.62
N ARG B 118 18.30 -2.05 -11.31
CA ARG B 118 18.17 -1.18 -10.15
C ARG B 118 17.20 -0.04 -10.44
N HIS B 119 15.94 -0.23 -10.04
CA HIS B 119 14.92 0.78 -10.23
C HIS B 119 15.07 1.85 -9.15
N SER B 120 15.29 3.08 -9.58
CA SER B 120 15.47 4.18 -8.64
C SER B 120 14.83 5.46 -9.17
N VAL B 121 14.50 6.36 -8.26
CA VAL B 121 13.89 7.63 -8.64
C VAL B 121 14.94 8.74 -8.59
N VAL B 122 14.85 9.69 -9.51
CA VAL B 122 15.78 10.81 -9.56
C VAL B 122 15.06 12.11 -9.89
N VAL B 123 15.22 13.10 -9.03
CA VAL B 123 14.58 14.40 -9.24
C VAL B 123 15.61 15.52 -9.15
N PRO B 124 15.40 16.61 -9.90
CA PRO B 124 16.31 17.76 -9.86
C PRO B 124 16.24 18.44 -8.50
N TYR B 125 17.37 18.95 -8.03
CA TYR B 125 17.42 19.62 -6.74
C TYR B 125 16.60 20.90 -6.76
N GLU B 126 15.58 20.94 -5.92
CA GLU B 126 14.72 22.11 -5.83
C GLU B 126 15.36 23.13 -4.88
N PRO B 127 15.51 24.37 -5.35
CA PRO B 127 16.12 25.44 -4.54
C PRO B 127 15.23 25.82 -3.35
N PRO B 128 15.86 26.20 -2.21
CA PRO B 128 15.14 26.57 -0.99
C PRO B 128 14.13 27.70 -1.24
N GLU B 129 12.85 27.34 -1.20
CA GLU B 129 11.77 28.28 -1.42
C GLU B 129 11.66 29.27 -0.27
N VAL B 130 10.80 30.27 -0.45
CA VAL B 130 10.58 31.28 0.56
C VAL B 130 9.99 30.65 1.82
N GLY B 131 10.79 30.59 2.88
CA GLY B 131 10.33 30.02 4.11
C GLY B 131 10.78 28.58 4.27
N SER B 132 11.51 28.07 3.29
CA SER B 132 12.00 26.71 3.33
C SER B 132 13.49 26.68 3.61
N ASP B 133 13.85 26.38 4.86
CA ASP B 133 15.26 26.31 5.25
C ASP B 133 15.96 25.13 4.58
N CYS B 134 15.20 24.06 4.36
CA CYS B 134 15.72 22.87 3.71
C CYS B 134 14.70 22.33 2.72
N THR B 135 15.19 21.83 1.59
CA THR B 135 14.34 21.28 0.55
C THR B 135 13.53 20.08 1.06
N THR B 136 12.22 20.14 0.89
CA THR B 136 11.34 19.05 1.31
C THR B 136 10.75 18.36 0.08
N ILE B 137 11.11 17.11 -0.11
CA ILE B 137 10.62 16.34 -1.24
C ILE B 137 9.62 15.29 -0.75
N HIS B 138 8.51 15.14 -1.46
CA HIS B 138 7.49 14.19 -1.08
C HIS B 138 7.68 12.87 -1.83
N TYR B 139 7.99 11.82 -1.08
CA TYR B 139 8.17 10.50 -1.65
C TYR B 139 6.96 9.64 -1.35
N ASN B 140 6.49 8.91 -2.35
CA ASN B 140 5.32 8.07 -2.18
C ASN B 140 5.67 6.59 -2.33
N TYR B 141 5.49 5.84 -1.25
CA TYR B 141 5.75 4.41 -1.27
C TYR B 141 4.49 3.66 -1.70
N MET B 142 4.54 3.10 -2.90
CA MET B 142 3.38 2.40 -3.46
C MET B 142 3.28 0.93 -3.06
N CYS B 143 4.01 0.53 -2.02
CA CYS B 143 3.99 -0.85 -1.55
C CYS B 143 4.35 -0.95 -0.07
N ASN B 144 4.09 -2.10 0.51
CA ASN B 144 4.38 -2.32 1.93
C ASN B 144 5.59 -3.23 2.07
N SER B 145 6.26 -3.18 3.22
CA SER B 145 7.43 -4.00 3.46
C SER B 145 7.06 -5.47 3.61
N SER B 146 5.79 -5.72 3.89
CA SER B 146 5.29 -7.07 4.04
C SER B 146 4.83 -7.65 2.70
N CYS B 147 4.81 -6.81 1.66
CA CYS B 147 4.39 -7.22 0.34
C CYS B 147 5.17 -8.44 -0.14
N MET B 148 4.46 -9.53 -0.35
CA MET B 148 5.08 -10.78 -0.80
C MET B 148 5.57 -10.64 -2.23
N GLY B 149 6.34 -11.61 -2.70
CA GLY B 149 6.85 -11.57 -4.06
C GLY B 149 8.06 -10.65 -4.19
N GLY B 150 7.89 -9.40 -3.82
CA GLY B 150 8.98 -8.44 -3.89
C GLY B 150 9.78 -8.40 -2.61
N MET B 151 9.34 -7.59 -1.67
CA MET B 151 10.02 -7.45 -0.39
C MET B 151 9.94 -8.74 0.42
N ASN B 152 8.76 -9.34 0.44
CA ASN B 152 8.53 -10.59 1.16
C ASN B 152 8.84 -10.47 2.66
N ARG B 153 8.22 -9.46 3.30
CA ARG B 153 8.40 -9.22 4.73
C ARG B 153 9.88 -8.98 5.07
N ARG B 154 10.51 -8.07 4.35
CA ARG B 154 11.91 -7.74 4.59
C ARG B 154 12.09 -6.23 4.67
N PRO B 155 12.75 -5.75 5.73
CA PRO B 155 13.01 -4.32 5.92
C PRO B 155 13.95 -3.77 4.84
N ILE B 156 13.67 -2.57 4.37
CA ILE B 156 14.47 -1.96 3.33
C ILE B 156 15.24 -0.73 3.81
N LEU B 157 16.27 -0.39 3.07
CA LEU B 157 17.11 0.76 3.37
C LEU B 157 17.14 1.68 2.16
N THR B 158 16.52 2.84 2.29
CA THR B 158 16.48 3.80 1.19
C THR B 158 17.71 4.70 1.24
N ILE B 159 18.50 4.66 0.17
CA ILE B 159 19.69 5.46 0.07
C ILE B 159 19.41 6.74 -0.71
N ILE B 160 19.55 7.88 -0.04
CA ILE B 160 19.33 9.17 -0.66
C ILE B 160 20.69 9.75 -1.03
N THR B 161 20.90 10.00 -2.30
CA THR B 161 22.17 10.53 -2.77
C THR B 161 21.98 11.80 -3.57
N LEU B 162 22.97 12.68 -3.49
CA LEU B 162 22.95 13.94 -4.19
C LEU B 162 24.11 14.00 -5.17
N GLU B 163 23.79 13.95 -6.45
CA GLU B 163 24.79 14.01 -7.49
C GLU B 163 24.63 15.28 -8.30
N ASP B 164 25.67 15.69 -8.99
CA ASP B 164 25.60 16.90 -9.81
C ASP B 164 24.91 16.59 -11.14
N SER B 165 24.82 17.59 -12.01
CA SER B 165 24.19 17.43 -13.31
C SER B 165 24.89 16.36 -14.15
N SER B 166 26.21 16.23 -13.97
CA SER B 166 26.99 15.24 -14.70
C SER B 166 26.82 13.85 -14.07
N GLY B 167 27.07 13.76 -12.77
CA GLY B 167 26.95 12.49 -12.08
C GLY B 167 27.98 12.32 -10.98
N ASN B 168 28.49 13.42 -10.47
CA ASN B 168 29.49 13.40 -9.41
C ASN B 168 28.80 13.34 -8.05
N LEU B 169 29.31 12.49 -7.17
CA LEU B 169 28.75 12.33 -5.84
C LEU B 169 29.14 13.50 -4.96
N LEU B 170 28.14 14.20 -4.41
CA LEU B 170 28.38 15.34 -3.54
C LEU B 170 28.00 14.99 -2.11
N GLY B 171 26.99 14.15 -1.95
CA GLY B 171 26.54 13.75 -0.64
C GLY B 171 25.67 12.52 -0.72
N ARG B 172 25.67 11.70 0.32
CA ARG B 172 24.88 10.48 0.33
C ARG B 172 24.61 10.00 1.75
N ASN B 173 23.35 9.68 2.03
CA ASN B 173 22.95 9.19 3.34
C ASN B 173 21.89 8.10 3.18
N SER B 174 21.64 7.32 4.21
CA SER B 174 20.66 6.24 4.13
C SER B 174 19.87 6.09 5.43
N PHE B 175 18.70 5.48 5.32
CA PHE B 175 17.84 5.23 6.47
C PHE B 175 16.98 3.99 6.22
N GLU B 176 16.48 3.38 7.29
CA GLU B 176 15.65 2.18 7.16
C GLU B 176 14.20 2.57 6.96
N VAL B 177 13.47 1.77 6.19
CA VAL B 177 12.07 2.07 5.92
C VAL B 177 11.18 0.85 6.14
N ARG B 178 10.02 1.09 6.74
CA ARG B 178 9.03 0.06 7.00
C ARG B 178 7.66 0.60 6.60
N VAL B 179 7.12 0.08 5.52
CA VAL B 179 5.83 0.52 5.04
C VAL B 179 4.74 -0.48 5.39
N CYS B 180 3.68 0.00 6.01
CA CYS B 180 2.57 -0.85 6.41
C CYS B 180 1.25 -0.08 6.28
N ALA B 181 0.32 -0.35 7.18
CA ALA B 181 -0.97 0.34 7.17
C ALA B 181 -1.16 1.16 8.43
N CYS B 182 -0.30 0.94 9.41
CA CYS B 182 -0.38 1.66 10.68
C CYS B 182 1.03 1.94 11.21
N PRO B 183 1.65 3.03 10.74
CA PRO B 183 3.02 3.41 11.15
C PRO B 183 3.15 3.57 12.66
N GLY B 184 2.14 4.19 13.27
CA GLY B 184 2.15 4.40 14.70
C GLY B 184 2.07 3.11 15.47
N ARG B 185 1.42 2.10 14.90
CA ARG B 185 1.27 0.82 15.56
C ARG B 185 2.52 -0.03 15.37
N ASP B 186 2.97 -0.13 14.12
CA ASP B 186 4.15 -0.93 13.79
C ASP B 186 5.42 -0.39 14.45
N ARG B 187 5.49 0.93 14.62
CA ARG B 187 6.66 1.54 15.27
C ARG B 187 6.76 1.06 16.71
N ARG B 188 5.61 0.74 17.30
CA ARG B 188 5.56 0.28 18.68
C ARG B 188 6.02 -1.18 18.77
N THR B 189 6.06 -1.85 17.63
CA THR B 189 6.48 -3.24 17.58
C THR B 189 7.98 -3.33 17.26
N GLU B 190 8.62 -2.17 17.10
CA GLU B 190 10.05 -2.12 16.82
C GLU B 190 10.78 -1.20 17.79
N GLU B 191 10.65 0.11 17.57
CA GLU B 191 11.30 1.09 18.41
C GLU B 191 10.82 0.99 19.86
N GLU B 192 9.52 0.93 20.04
CA GLU B 192 8.92 0.84 21.37
C GLU B 192 9.07 -0.56 21.97
N ASN B 193 9.59 -1.48 21.17
CA ASN B 193 9.78 -2.85 21.63
C ASN B 193 11.24 -3.11 21.97
N LEU B 194 12.13 -2.30 21.42
CA LEU B 194 13.56 -2.46 21.65
C LEU B 194 14.01 -1.71 22.90
N ARG B 195 13.05 -1.11 23.60
CA ARG B 195 13.36 -0.37 24.82
C ARG B 195 12.45 -0.83 25.97
ZN ZN C . 2.71 -4.96 -3.19
N MET A 4 -30.87 -25.34 8.48
CA MET A 4 -30.23 -24.11 7.96
C MET A 4 -29.31 -24.42 6.79
N SER A 5 -29.67 -23.91 5.62
CA SER A 5 -28.89 -24.14 4.41
C SER A 5 -27.65 -23.25 4.36
N GLN A 6 -27.77 -22.05 4.92
CA GLN A 6 -26.68 -21.07 4.95
C GLN A 6 -26.27 -20.68 3.54
N SER A 7 -27.22 -20.66 2.62
CA SER A 7 -26.95 -20.30 1.23
C SER A 7 -26.35 -18.90 1.13
N ASN A 8 -26.72 -18.04 2.05
CA ASN A 8 -26.23 -16.67 2.07
C ASN A 8 -24.77 -16.66 2.51
N ARG A 9 -24.49 -17.34 3.62
CA ARG A 9 -23.14 -17.43 4.16
C ARG A 9 -22.22 -18.17 3.20
N GLU A 10 -22.77 -19.20 2.56
CA GLU A 10 -22.01 -20.01 1.61
C GLU A 10 -21.58 -19.18 0.40
N LEU A 11 -22.46 -18.30 -0.05
CA LEU A 11 -22.17 -17.45 -1.19
C LEU A 11 -21.15 -16.37 -0.84
N VAL A 12 -21.28 -15.79 0.35
CA VAL A 12 -20.36 -14.75 0.79
C VAL A 12 -18.93 -15.28 0.87
N VAL A 13 -18.75 -16.44 1.50
CA VAL A 13 -17.42 -17.02 1.62
C VAL A 13 -16.92 -17.54 0.27
N ASP A 14 -17.86 -17.90 -0.60
CA ASP A 14 -17.53 -18.40 -1.93
C ASP A 14 -16.85 -17.31 -2.75
N PHE A 15 -17.52 -16.17 -2.85
CA PHE A 15 -16.99 -15.03 -3.59
C PHE A 15 -15.67 -14.56 -2.99
N LEU A 16 -15.59 -14.62 -1.66
CA LEU A 16 -14.39 -14.21 -0.95
C LEU A 16 -13.22 -15.10 -1.34
N SER A 17 -13.44 -16.41 -1.32
CA SER A 17 -12.40 -17.37 -1.69
C SER A 17 -12.04 -17.25 -3.17
N TYR A 18 -13.05 -16.94 -3.98
CA TYR A 18 -12.86 -16.78 -5.42
C TYR A 18 -11.87 -15.66 -5.71
N LYS A 19 -11.95 -14.59 -4.90
CA LYS A 19 -11.05 -13.46 -5.07
C LYS A 19 -9.73 -13.69 -4.35
N LEU A 20 -9.79 -14.39 -3.22
CA LEU A 20 -8.60 -14.69 -2.43
C LEU A 20 -7.61 -15.57 -3.19
N SER A 21 -8.07 -16.15 -4.30
CA SER A 21 -7.24 -17.00 -5.13
C SER A 21 -6.84 -16.31 -6.44
N GLN A 22 -6.87 -14.98 -6.43
CA GLN A 22 -6.51 -14.20 -7.61
C GLN A 22 -5.01 -14.27 -7.87
N LYS A 23 -4.25 -13.50 -7.12
CA LYS A 23 -2.80 -13.46 -7.25
C LYS A 23 -2.17 -13.02 -5.94
N GLY A 24 -1.12 -13.73 -5.53
CA GLY A 24 -0.46 -13.40 -4.28
C GLY A 24 -1.12 -14.08 -3.11
N TYR A 25 -1.50 -15.34 -3.29
CA TYR A 25 -2.15 -16.10 -2.25
C TYR A 25 -1.22 -17.14 -1.64
N SER A 26 -0.96 -17.00 -0.35
CA SER A 26 -0.10 -17.92 0.36
C SER A 26 -0.90 -18.86 1.26
N TRP A 27 -1.24 -18.38 2.46
CA TRP A 27 -2.00 -19.16 3.42
C TRP A 27 -3.42 -19.44 2.96
N SER A 28 -3.93 -18.59 2.07
CA SER A 28 -5.27 -18.74 1.53
C SER A 28 -5.35 -19.98 0.63
N GLN A 29 -4.21 -20.39 0.10
CA GLN A 29 -4.14 -21.56 -0.77
C GLN A 29 -4.08 -22.83 0.07
N PHE A 30 -3.41 -22.75 1.21
CA PHE A 30 -3.27 -23.89 2.10
C PHE A 30 -4.53 -24.11 2.92
N SER A 31 -4.98 -23.06 3.60
CA SER A 31 -6.17 -23.14 4.43
C SER A 31 -7.39 -22.60 3.69
N MET A 86 -32.37 -23.64 -7.84
CA MET A 86 -31.29 -22.68 -7.62
C MET A 86 -31.48 -21.46 -8.50
N ALA A 87 -31.07 -20.30 -8.00
CA ALA A 87 -31.19 -19.06 -8.74
C ALA A 87 -29.87 -18.70 -9.41
N ALA A 88 -28.88 -19.58 -9.25
CA ALA A 88 -27.55 -19.37 -9.82
C ALA A 88 -26.93 -18.07 -9.30
N VAL A 89 -27.10 -17.83 -8.00
CA VAL A 89 -26.58 -16.64 -7.36
C VAL A 89 -25.05 -16.62 -7.41
N LYS A 90 -24.44 -17.80 -7.29
CA LYS A 90 -22.99 -17.91 -7.31
C LYS A 90 -22.48 -17.50 -8.69
N GLN A 91 -23.20 -17.92 -9.73
CA GLN A 91 -22.86 -17.60 -11.10
C GLN A 91 -22.97 -16.10 -11.33
N ALA A 92 -24.07 -15.52 -10.88
CA ALA A 92 -24.32 -14.09 -11.02
C ALA A 92 -23.26 -13.27 -10.30
N LEU A 93 -22.93 -13.70 -9.08
CA LEU A 93 -21.93 -13.01 -8.27
C LEU A 93 -20.55 -13.10 -8.90
N ARG A 94 -20.25 -14.23 -9.54
CA ARG A 94 -18.96 -14.41 -10.18
C ARG A 94 -18.81 -13.48 -11.37
N GLU A 95 -19.78 -13.52 -12.28
CA GLU A 95 -19.77 -12.70 -13.48
C GLU A 95 -19.67 -11.21 -13.16
N ALA A 96 -20.62 -10.71 -12.37
CA ALA A 96 -20.64 -9.30 -12.02
C ALA A 96 -19.49 -8.92 -11.09
N GLY A 97 -19.23 -9.76 -10.10
CA GLY A 97 -18.18 -9.50 -9.14
C GLY A 97 -16.79 -9.43 -9.75
N ASP A 98 -16.49 -10.36 -10.66
CA ASP A 98 -15.18 -10.39 -11.29
C ASP A 98 -14.98 -9.16 -12.16
N GLU A 99 -16.06 -8.76 -12.85
CA GLU A 99 -16.03 -7.58 -13.71
C GLU A 99 -15.82 -6.31 -12.88
N PHE A 100 -16.27 -6.34 -11.64
CA PHE A 100 -16.13 -5.19 -10.77
C PHE A 100 -14.75 -5.17 -10.12
N GLU A 101 -14.26 -6.34 -9.72
CA GLU A 101 -12.95 -6.45 -9.07
C GLU A 101 -11.84 -5.90 -9.95
N LEU A 102 -11.87 -6.22 -11.25
CA LEU A 102 -10.86 -5.74 -12.18
C LEU A 102 -10.85 -4.21 -12.27
N ARG A 103 -11.95 -3.59 -11.87
CA ARG A 103 -12.08 -2.15 -11.88
C ARG A 103 -11.57 -1.57 -10.56
N TYR A 104 -11.53 -2.41 -9.53
CA TYR A 104 -11.09 -2.01 -8.21
C TYR A 104 -9.60 -2.28 -7.99
N ARG A 105 -9.08 -3.29 -8.68
CA ARG A 105 -7.67 -3.66 -8.55
C ARG A 105 -6.75 -2.71 -9.32
N ARG A 106 -7.19 -1.47 -9.51
CA ARG A 106 -6.39 -0.49 -10.23
C ARG A 106 -5.57 0.35 -9.25
N ALA A 107 -5.82 0.13 -7.95
CA ALA A 107 -5.12 0.86 -6.88
C ALA A 107 -5.54 2.33 -6.82
N PHE A 108 -6.52 2.69 -7.63
CA PHE A 108 -7.04 4.06 -7.69
C PHE A 108 -8.54 4.04 -7.91
N SER A 109 -9.21 3.16 -7.19
CA SER A 109 -10.66 3.02 -7.32
C SER A 109 -11.36 3.44 -6.02
N ASP A 110 -12.65 3.11 -5.91
CA ASP A 110 -13.44 3.47 -4.73
C ASP A 110 -12.91 2.82 -3.46
N LEU A 111 -12.33 1.62 -3.62
CA LEU A 111 -11.79 0.88 -2.48
C LEU A 111 -10.69 1.67 -1.78
N THR A 112 -9.81 2.29 -2.57
CA THR A 112 -8.72 3.07 -2.03
C THR A 112 -9.22 4.25 -1.18
N SER A 113 -10.24 4.93 -1.68
CA SER A 113 -10.80 6.07 -0.97
C SER A 113 -11.64 5.62 0.22
N GLN A 114 -12.30 4.48 0.08
CA GLN A 114 -13.14 3.92 1.14
C GLN A 114 -12.29 3.53 2.34
N LEU A 115 -11.23 2.78 2.09
CA LEU A 115 -10.34 2.34 3.15
C LEU A 115 -9.44 3.47 3.61
N HIS A 116 -8.83 4.17 2.65
CA HIS A 116 -7.94 5.29 2.91
C HIS A 116 -6.74 4.86 3.76
N ILE A 117 -6.51 3.56 3.83
CA ILE A 117 -5.42 2.98 4.61
C ILE A 117 -5.58 3.40 6.07
N THR A 118 -6.64 2.90 6.68
CA THR A 118 -6.96 3.19 8.06
C THR A 118 -5.96 2.55 9.02
N PRO A 119 -5.52 3.31 10.05
CA PRO A 119 -4.56 2.83 11.04
C PRO A 119 -5.19 1.87 12.05
N GLY A 120 -5.96 0.93 11.52
CA GLY A 120 -6.63 -0.05 12.34
C GLY A 120 -7.36 -1.03 11.46
N THR A 121 -6.62 -1.55 10.48
CA THR A 121 -7.16 -2.48 9.50
C THR A 121 -7.40 -3.89 10.08
N ALA A 122 -7.85 -3.93 11.33
CA ALA A 122 -8.15 -5.19 12.00
C ALA A 122 -9.59 -5.19 12.50
N TYR A 123 -10.22 -4.02 12.47
CA TYR A 123 -11.60 -3.86 12.92
C TYR A 123 -12.24 -2.61 12.30
N GLN A 124 -11.49 -1.51 12.27
CA GLN A 124 -11.98 -0.26 11.70
C GLN A 124 -12.31 -0.44 10.22
N SER A 125 -11.53 -1.28 9.56
CA SER A 125 -11.73 -1.55 8.14
C SER A 125 -13.05 -2.28 7.92
N PHE A 126 -13.32 -3.27 8.78
CA PHE A 126 -14.54 -4.04 8.71
C PHE A 126 -15.75 -3.13 8.85
N GLU A 127 -15.74 -2.31 9.89
CA GLU A 127 -16.83 -1.38 10.15
C GLU A 127 -16.99 -0.41 8.99
N GLN A 128 -15.88 0.05 8.43
CA GLN A 128 -15.88 0.98 7.32
C GLN A 128 -16.59 0.39 6.10
N VAL A 129 -16.26 -0.85 5.79
CA VAL A 129 -16.85 -1.54 4.63
C VAL A 129 -18.34 -1.81 4.86
N VAL A 130 -18.67 -2.36 6.02
CA VAL A 130 -20.07 -2.67 6.34
C VAL A 130 -20.90 -1.40 6.45
N ASN A 131 -20.28 -0.31 6.88
CA ASN A 131 -20.96 0.97 7.02
C ASN A 131 -21.53 1.43 5.69
N GLU A 132 -20.83 1.07 4.61
CA GLU A 132 -21.26 1.45 3.26
C GLU A 132 -22.64 0.87 2.96
N LEU A 133 -22.91 -0.32 3.48
CA LEU A 133 -24.19 -0.96 3.28
C LEU A 133 -25.27 -0.21 4.04
N PHE A 134 -24.90 0.27 5.22
CA PHE A 134 -25.83 1.02 6.07
C PHE A 134 -26.07 2.41 5.50
N ARG A 135 -25.19 2.82 4.58
CA ARG A 135 -25.29 4.12 3.93
C ARG A 135 -26.34 4.09 2.82
N ASP A 136 -26.98 2.94 2.66
CA ASP A 136 -28.03 2.77 1.65
C ASP A 136 -29.18 1.97 2.22
N GLY A 137 -28.86 0.81 2.77
CA GLY A 137 -29.89 -0.04 3.35
C GLY A 137 -30.24 -1.20 2.45
N VAL A 138 -31.52 -1.32 2.15
CA VAL A 138 -31.98 -2.40 1.27
C VAL A 138 -31.86 -1.99 -0.18
N ASN A 139 -30.72 -2.31 -0.78
CA ASN A 139 -30.46 -1.98 -2.17
C ASN A 139 -29.51 -2.98 -2.81
N TRP A 140 -29.98 -3.64 -3.86
CA TRP A 140 -29.20 -4.64 -4.57
C TRP A 140 -28.00 -4.00 -5.26
N GLY A 141 -28.16 -2.75 -5.69
CA GLY A 141 -27.08 -2.05 -6.35
C GLY A 141 -25.93 -1.79 -5.39
N ARG A 142 -26.26 -1.60 -4.13
CA ARG A 142 -25.27 -1.34 -3.11
C ARG A 142 -24.55 -2.63 -2.68
N ILE A 143 -25.29 -3.73 -2.64
CA ILE A 143 -24.71 -5.01 -2.25
C ILE A 143 -23.62 -5.46 -3.23
N VAL A 144 -23.78 -5.10 -4.50
CA VAL A 144 -22.78 -5.43 -5.51
C VAL A 144 -21.47 -4.72 -5.20
N ALA A 145 -21.57 -3.44 -4.90
CA ALA A 145 -20.41 -2.63 -4.56
C ALA A 145 -19.79 -3.14 -3.26
N PHE A 146 -20.65 -3.53 -2.33
CA PHE A 146 -20.21 -4.05 -1.03
C PHE A 146 -19.32 -5.28 -1.23
N PHE A 147 -19.80 -6.22 -2.06
CA PHE A 147 -19.03 -7.44 -2.34
C PHE A 147 -17.74 -7.09 -3.06
N SER A 148 -17.81 -6.09 -3.94
CA SER A 148 -16.63 -5.65 -4.68
C SER A 148 -15.57 -5.06 -3.76
N PHE A 149 -16.02 -4.30 -2.76
CA PHE A 149 -15.11 -3.70 -1.79
C PHE A 149 -14.33 -4.77 -1.05
N GLY A 150 -15.05 -5.74 -0.49
CA GLY A 150 -14.41 -6.81 0.25
C GLY A 150 -13.59 -7.72 -0.65
N GLY A 151 -14.10 -7.97 -1.84
CA GLY A 151 -13.41 -8.83 -2.79
C GLY A 151 -12.05 -8.30 -3.18
N ALA A 152 -11.99 -7.03 -3.56
CA ALA A 152 -10.73 -6.42 -3.97
C ALA A 152 -9.80 -6.26 -2.76
N LEU A 153 -10.40 -6.07 -1.59
CA LEU A 153 -9.63 -5.88 -0.37
C LEU A 153 -8.97 -7.17 0.09
N CYS A 154 -9.68 -8.28 0.04
CA CYS A 154 -9.13 -9.57 0.48
C CYS A 154 -7.91 -9.98 -0.34
N VAL A 155 -7.95 -9.70 -1.64
CA VAL A 155 -6.82 -10.04 -2.52
C VAL A 155 -5.58 -9.29 -2.09
N GLU A 156 -5.71 -7.98 -1.92
CA GLU A 156 -4.60 -7.14 -1.52
C GLU A 156 -4.19 -7.41 -0.06
N SER A 157 -5.08 -8.03 0.70
CA SER A 157 -4.79 -8.34 2.09
C SER A 157 -3.76 -9.47 2.19
N VAL A 158 -3.90 -10.47 1.33
CA VAL A 158 -2.97 -11.59 1.32
C VAL A 158 -1.74 -11.26 0.46
N ASP A 159 -1.97 -10.52 -0.62
CA ASP A 159 -0.91 -10.12 -1.54
C ASP A 159 0.14 -9.26 -0.80
N LYS A 160 -0.32 -8.48 0.17
CA LYS A 160 0.57 -7.64 0.95
C LYS A 160 0.93 -8.31 2.28
N GLU A 161 0.53 -9.58 2.41
CA GLU A 161 0.79 -10.37 3.61
C GLU A 161 0.44 -9.63 4.89
N MET A 162 -0.80 -9.16 4.98
CA MET A 162 -1.23 -8.43 6.15
C MET A 162 -1.90 -9.36 7.17
N GLN A 163 -2.41 -10.50 6.67
CA GLN A 163 -3.05 -11.51 7.51
C GLN A 163 -4.29 -11.01 8.27
N VAL A 164 -4.04 -10.39 9.43
CA VAL A 164 -5.09 -9.89 10.31
C VAL A 164 -6.22 -9.14 9.59
N LEU A 165 -5.88 -8.45 8.50
CA LEU A 165 -6.85 -7.69 7.74
C LEU A 165 -8.06 -8.54 7.34
N VAL A 166 -7.82 -9.56 6.54
CA VAL A 166 -8.90 -10.44 6.08
C VAL A 166 -9.32 -11.45 7.15
N SER A 167 -8.35 -11.88 7.96
CA SER A 167 -8.62 -12.85 9.01
C SER A 167 -9.65 -12.34 10.02
N ARG A 168 -9.72 -11.04 10.20
CA ARG A 168 -10.68 -10.46 11.13
C ARG A 168 -11.97 -10.03 10.44
N ILE A 169 -11.85 -9.37 9.30
CA ILE A 169 -13.02 -8.91 8.56
C ILE A 169 -13.95 -10.08 8.21
N ALA A 170 -13.36 -11.15 7.69
CA ALA A 170 -14.12 -12.34 7.31
C ALA A 170 -14.79 -12.98 8.54
N ALA A 171 -14.05 -13.01 9.64
CA ALA A 171 -14.56 -13.60 10.87
C ALA A 171 -15.76 -12.82 11.40
N TRP A 172 -15.61 -11.50 11.51
CA TRP A 172 -16.68 -10.65 12.01
C TRP A 172 -17.88 -10.69 11.06
N MET A 173 -17.60 -10.60 9.77
CA MET A 173 -18.65 -10.62 8.75
C MET A 173 -19.44 -11.92 8.78
N ALA A 174 -18.72 -13.04 8.84
CA ALA A 174 -19.38 -14.36 8.86
C ALA A 174 -20.27 -14.51 10.09
N THR A 175 -19.78 -14.03 11.22
CA THR A 175 -20.53 -14.12 12.47
C THR A 175 -21.79 -13.25 12.41
N TYR A 176 -21.61 -11.99 12.00
CA TYR A 176 -22.72 -11.04 11.90
C TYR A 176 -23.72 -11.48 10.83
N LEU A 177 -23.20 -12.07 9.76
CA LEU A 177 -24.02 -12.54 8.66
C LEU A 177 -25.04 -13.57 9.14
N ASN A 178 -24.55 -14.64 9.76
CA ASN A 178 -25.42 -15.70 10.25
C ASN A 178 -26.23 -15.23 11.47
N ASP A 179 -25.75 -14.19 12.12
CA ASP A 179 -26.42 -13.66 13.31
C ASP A 179 -27.79 -13.07 12.96
N HIS A 180 -27.81 -12.12 12.02
CA HIS A 180 -29.08 -11.48 11.65
C HIS A 180 -29.19 -11.18 10.15
N LEU A 181 -28.06 -11.12 9.45
CA LEU A 181 -28.07 -10.82 8.02
C LEU A 181 -28.75 -11.91 7.19
N GLU A 182 -28.35 -13.16 7.41
CA GLU A 182 -28.93 -14.29 6.68
C GLU A 182 -30.46 -14.33 6.81
N PRO A 183 -31.01 -14.32 8.06
CA PRO A 183 -32.47 -14.32 8.26
C PRO A 183 -33.14 -13.13 7.59
N TRP A 184 -32.50 -11.97 7.62
CA TRP A 184 -33.04 -10.76 7.00
C TRP A 184 -33.16 -10.93 5.49
N ILE A 185 -32.15 -11.53 4.88
CA ILE A 185 -32.14 -11.75 3.43
C ILE A 185 -33.29 -12.66 3.02
N GLN A 186 -33.55 -13.68 3.83
CA GLN A 186 -34.64 -14.61 3.55
C GLN A 186 -35.97 -14.09 4.08
N GLU A 187 -35.95 -12.90 4.68
CA GLU A 187 -37.15 -12.28 5.23
C GLU A 187 -37.66 -11.22 4.27
N ASN A 188 -36.85 -10.21 4.00
CA ASN A 188 -37.26 -9.13 3.11
C ASN A 188 -36.79 -9.40 1.69
N GLY A 189 -35.51 -9.71 1.53
CA GLY A 189 -34.98 -9.98 0.23
C GLY A 189 -33.51 -9.70 0.15
N GLY A 190 -32.84 -10.37 -0.78
CA GLY A 190 -31.42 -10.20 -0.97
C GLY A 190 -31.00 -10.76 -2.32
N TRP A 191 -30.32 -11.89 -2.31
CA TRP A 191 -29.86 -12.52 -3.54
C TRP A 191 -31.04 -13.09 -4.32
N ASP A 192 -32.13 -13.36 -3.61
CA ASP A 192 -33.33 -13.91 -4.21
C ASP A 192 -33.93 -12.93 -5.23
N THR A 193 -33.92 -11.66 -4.85
CA THR A 193 -34.44 -10.62 -5.71
C THR A 193 -33.36 -10.08 -6.65
N PHE A 194 -32.10 -10.28 -6.25
CA PHE A 194 -30.97 -9.83 -7.06
C PHE A 194 -30.95 -10.58 -8.40
N VAL A 195 -31.16 -11.89 -8.32
CA VAL A 195 -31.17 -12.72 -9.52
C VAL A 195 -32.36 -12.33 -10.41
N GLU A 196 -33.45 -11.94 -9.77
CA GLU A 196 -34.65 -11.52 -10.48
C GLU A 196 -34.35 -10.39 -11.45
N LEU A 197 -33.75 -9.33 -10.93
CA LEU A 197 -33.41 -8.17 -11.74
C LEU A 197 -32.04 -8.32 -12.43
N TYR A 198 -31.57 -9.54 -12.57
CA TYR A 198 -30.29 -9.79 -13.20
C TYR A 198 -30.39 -10.85 -14.31
N GLY A 199 -30.94 -12.01 -13.97
CA GLY A 199 -31.05 -13.07 -14.95
C GLY A 199 -32.45 -13.63 -15.10
N ASN A 200 -33.38 -13.18 -14.26
CA ASN A 200 -34.76 -13.68 -14.34
C ASN A 200 -35.62 -12.75 -15.18
N ASN A 201 -35.12 -11.56 -15.44
CA ASN A 201 -35.85 -10.58 -16.23
C ASN A 201 -34.97 -10.08 -17.36
N SER B 1 24.53 -6.21 -7.60
CA SER B 1 25.48 -5.14 -7.35
C SER B 1 25.00 -4.25 -6.21
N VAL B 2 25.70 -4.28 -5.10
CA VAL B 2 25.35 -3.49 -3.93
C VAL B 2 26.01 -2.11 -4.02
N PRO B 3 25.20 -1.05 -4.14
CA PRO B 3 25.71 0.32 -4.25
C PRO B 3 26.34 0.80 -2.95
N SER B 4 27.13 1.87 -3.04
CA SER B 4 27.79 2.43 -1.88
C SER B 4 26.77 3.10 -0.97
N GLN B 5 26.41 2.44 0.11
CA GLN B 5 25.44 2.96 1.07
C GLN B 5 26.13 3.74 2.17
N LYS B 6 27.43 3.89 2.05
CA LYS B 6 28.23 4.61 3.02
C LYS B 6 27.81 6.07 3.12
N THR B 7 27.63 6.56 4.33
CA THR B 7 27.24 7.94 4.57
C THR B 7 28.36 8.88 4.11
N TYR B 8 28.03 9.78 3.20
CA TYR B 8 28.99 10.73 2.67
C TYR B 8 28.47 12.15 2.85
N GLN B 9 29.13 12.88 3.74
CA GLN B 9 28.74 14.26 4.02
C GLN B 9 29.33 15.22 3.00
N GLY B 10 30.63 15.10 2.76
CA GLY B 10 31.30 15.96 1.81
C GLY B 10 31.38 17.39 2.30
N SER B 11 31.65 18.32 1.39
CA SER B 11 31.74 19.72 1.73
C SER B 11 30.36 20.37 1.76
N TYR B 12 29.34 19.60 1.39
CA TYR B 12 27.97 20.08 1.36
C TYR B 12 27.22 19.75 2.64
N GLY B 13 27.64 18.69 3.31
CA GLY B 13 26.97 18.29 4.53
C GLY B 13 25.57 17.79 4.26
N PHE B 14 25.48 16.65 3.59
CA PHE B 14 24.19 16.08 3.24
C PHE B 14 23.60 15.28 4.40
N ARG B 15 22.73 15.93 5.16
CA ARG B 15 22.06 15.28 6.28
C ARG B 15 20.58 15.09 5.95
N LEU B 16 19.96 14.10 6.57
CA LEU B 16 18.56 13.81 6.32
C LEU B 16 17.70 14.22 7.51
N GLY B 17 16.59 14.88 7.22
CA GLY B 17 15.68 15.30 8.26
C GLY B 17 14.29 14.78 7.99
N PHE B 18 13.57 14.41 9.04
CA PHE B 18 12.23 13.89 8.90
C PHE B 18 11.32 14.48 9.96
N LEU B 19 10.04 14.58 9.64
CA LEU B 19 9.05 15.13 10.56
C LEU B 19 8.75 14.13 11.68
N HIS B 20 8.88 14.59 12.92
CA HIS B 20 8.61 13.74 14.07
C HIS B 20 7.14 13.86 14.46
N SER B 21 6.31 13.03 13.86
CA SER B 21 4.88 13.01 14.13
C SER B 21 4.56 12.26 15.41
N GLY B 22 5.54 11.52 15.93
CA GLY B 22 5.34 10.78 17.16
C GLY B 22 4.89 9.36 16.88
N THR B 23 4.49 8.65 17.93
CA THR B 23 4.03 7.28 17.81
C THR B 23 2.50 7.21 17.80
N ALA B 24 1.89 8.24 17.23
CA ALA B 24 0.44 8.32 17.14
C ALA B 24 -0.12 7.23 16.23
N LYS B 25 -1.20 6.60 16.66
CA LYS B 25 -1.85 5.53 15.91
C LYS B 25 -2.29 6.02 14.54
N SER B 26 -3.14 7.04 14.53
CA SER B 26 -3.66 7.60 13.30
C SER B 26 -2.68 8.60 12.67
N VAL B 27 -1.73 8.08 11.92
CA VAL B 27 -0.75 8.92 11.26
C VAL B 27 -0.40 8.36 9.88
N THR B 28 -0.15 9.26 8.94
CA THR B 28 0.18 8.86 7.58
C THR B 28 1.61 8.38 7.47
N CYS B 29 2.51 9.02 8.19
CA CYS B 29 3.92 8.66 8.18
C CYS B 29 4.61 9.18 9.44
N THR B 30 5.63 8.46 9.88
CA THR B 30 6.38 8.84 11.06
C THR B 30 7.82 8.34 10.92
N TYR B 31 8.72 8.87 11.73
CA TYR B 31 10.13 8.47 11.68
C TYR B 31 10.69 8.24 13.07
N SER B 32 11.42 7.15 13.22
CA SER B 32 12.04 6.79 14.49
C SER B 32 13.52 7.16 14.48
N PRO B 33 13.89 8.22 15.21
CA PRO B 33 15.29 8.69 15.28
C PRO B 33 16.17 7.78 16.13
N ALA B 34 15.53 6.87 16.86
CA ALA B 34 16.25 5.95 17.71
C ALA B 34 16.88 4.80 16.92
N LEU B 35 16.24 4.43 15.81
CA LEU B 35 16.74 3.35 14.98
C LEU B 35 16.95 3.78 13.54
N ASN B 36 16.76 5.07 13.27
CA ASN B 36 16.91 5.63 11.92
C ASN B 36 16.02 4.88 10.93
N LYS B 37 14.76 4.68 11.33
CA LYS B 37 13.80 3.97 10.52
C LYS B 37 12.54 4.79 10.30
N MET B 38 12.10 4.89 9.06
CA MET B 38 10.91 5.64 8.72
C MET B 38 9.74 4.68 8.49
N PHE B 39 8.59 5.01 9.07
CA PHE B 39 7.39 4.20 8.93
C PHE B 39 6.39 4.94 8.05
N CYS B 40 5.97 4.30 6.97
CA CYS B 40 5.04 4.93 6.04
C CYS B 40 3.82 4.06 5.79
N GLN B 41 2.80 4.65 5.19
CA GLN B 41 1.57 3.96 4.86
C GLN B 41 1.51 3.69 3.35
N LEU B 42 0.66 2.76 2.95
CA LEU B 42 0.50 2.42 1.56
C LEU B 42 -0.06 3.57 0.74
N ALA B 43 0.68 3.98 -0.29
CA ALA B 43 0.28 5.06 -1.21
C ALA B 43 0.22 6.44 -0.55
N LYS B 44 0.78 6.56 0.65
CA LYS B 44 0.78 7.84 1.36
C LYS B 44 2.08 8.59 1.11
N THR B 45 1.99 9.91 1.03
CA THR B 45 3.15 10.75 0.78
C THR B 45 4.03 10.87 2.02
N CYS B 46 5.34 10.76 1.82
CA CYS B 46 6.30 10.86 2.89
C CYS B 46 7.21 12.07 2.67
N PRO B 47 7.11 13.08 3.55
CA PRO B 47 7.91 14.31 3.45
C PRO B 47 9.34 14.10 3.97
N VAL B 48 10.31 14.18 3.06
CA VAL B 48 11.71 14.02 3.41
C VAL B 48 12.42 15.37 3.29
N GLN B 49 13.11 15.77 4.35
CA GLN B 49 13.83 17.03 4.35
C GLN B 49 15.31 16.84 4.09
N LEU B 50 15.84 17.59 3.16
CA LEU B 50 17.26 17.53 2.84
C LEU B 50 18.00 18.62 3.62
N TRP B 51 18.59 18.23 4.74
CA TRP B 51 19.31 19.18 5.57
C TRP B 51 20.74 19.35 5.07
N VAL B 52 20.90 20.26 4.11
CA VAL B 52 22.21 20.53 3.55
C VAL B 52 22.90 21.68 4.28
N ASP B 53 24.11 21.43 4.75
CA ASP B 53 24.87 22.43 5.46
C ASP B 53 25.33 23.53 4.50
N SER B 54 25.81 23.10 3.35
CA SER B 54 26.25 24.02 2.31
C SER B 54 25.32 23.92 1.10
N THR B 55 24.85 25.06 0.63
CA THR B 55 23.94 25.12 -0.51
C THR B 55 24.58 24.53 -1.77
N PRO B 56 23.97 23.48 -2.34
CA PRO B 56 24.46 22.82 -3.54
C PRO B 56 24.12 23.62 -4.79
N PRO B 57 24.97 23.52 -5.83
CA PRO B 57 24.76 24.24 -7.09
C PRO B 57 23.48 23.78 -7.79
N PRO B 58 22.67 24.74 -8.29
CA PRO B 58 21.41 24.44 -8.98
C PRO B 58 21.61 23.48 -10.14
N GLY B 59 20.63 22.60 -10.35
CA GLY B 59 20.72 21.63 -11.42
C GLY B 59 21.25 20.30 -10.93
N THR B 60 21.33 20.15 -9.62
CA THR B 60 21.81 18.92 -9.01
C THR B 60 20.78 17.81 -9.16
N ARG B 61 21.22 16.57 -9.00
CA ARG B 61 20.34 15.43 -9.15
C ARG B 61 20.20 14.63 -7.85
N VAL B 62 18.98 14.55 -7.36
CA VAL B 62 18.69 13.80 -6.14
C VAL B 62 18.23 12.40 -6.54
N ARG B 63 19.07 11.41 -6.29
CA ARG B 63 18.76 10.04 -6.65
C ARG B 63 18.40 9.23 -5.41
N ALA B 64 17.30 8.51 -5.50
CA ALA B 64 16.85 7.68 -4.38
C ALA B 64 16.75 6.22 -4.80
N MET B 65 17.61 5.40 -4.22
CA MET B 65 17.62 3.97 -4.52
C MET B 65 17.47 3.17 -3.24
N ALA B 66 16.47 2.31 -3.19
CA ALA B 66 16.22 1.51 -2.00
C ALA B 66 16.76 0.09 -2.15
N ILE B 67 17.37 -0.39 -1.07
CA ILE B 67 17.92 -1.74 -1.03
C ILE B 67 17.31 -2.48 0.16
N TYR B 68 17.82 -3.64 0.49
CA TYR B 68 17.29 -4.42 1.60
C TYR B 68 18.20 -4.29 2.82
N LYS B 69 17.61 -4.41 4.01
CA LYS B 69 18.38 -4.32 5.25
C LYS B 69 19.38 -5.46 5.34
N GLN B 70 18.97 -6.63 4.89
CA GLN B 70 19.84 -7.81 4.90
C GLN B 70 20.95 -7.65 3.88
N SER B 71 22.19 -7.64 4.35
CA SER B 71 23.35 -7.49 3.48
C SER B 71 23.42 -8.60 2.44
N GLN B 72 23.06 -9.81 2.85
CA GLN B 72 23.08 -10.96 1.97
C GLN B 72 21.95 -10.92 0.95
N HIS B 73 20.93 -10.10 1.22
CA HIS B 73 19.78 -9.99 0.34
C HIS B 73 19.80 -8.66 -0.43
N MET B 74 20.90 -7.94 -0.33
CA MET B 74 21.04 -6.64 -0.99
C MET B 74 21.15 -6.79 -2.50
N THR B 75 21.44 -8.00 -2.96
CA THR B 75 21.56 -8.28 -4.38
C THR B 75 20.21 -8.16 -5.08
N GLU B 76 19.14 -8.33 -4.30
CA GLU B 76 17.79 -8.25 -4.83
C GLU B 76 17.36 -6.80 -5.04
N VAL B 77 16.39 -6.62 -5.92
CA VAL B 77 15.85 -5.30 -6.20
C VAL B 77 14.48 -5.16 -5.57
N VAL B 78 14.25 -4.04 -4.89
CA VAL B 78 12.97 -3.79 -4.24
C VAL B 78 11.88 -3.57 -5.27
N ARG B 79 10.94 -4.52 -5.35
CA ARG B 79 9.84 -4.42 -6.30
C ARG B 79 8.49 -4.62 -5.63
N ARG B 80 7.43 -4.52 -6.41
CA ARG B 80 6.08 -4.68 -5.90
C ARG B 80 5.72 -6.14 -5.72
N CYS B 81 4.58 -6.38 -5.10
CA CYS B 81 4.10 -7.73 -4.86
C CYS B 81 3.32 -8.25 -6.06
N PRO B 82 3.10 -9.59 -6.13
CA PRO B 82 2.39 -10.26 -7.23
C PRO B 82 1.15 -9.50 -7.73
N HIS B 83 0.32 -9.00 -6.83
CA HIS B 83 -0.87 -8.27 -7.23
C HIS B 83 -0.70 -6.78 -6.94
N HIS B 84 0.09 -6.12 -7.78
CA HIS B 84 0.34 -4.68 -7.63
C HIS B 84 0.84 -4.07 -8.94
N GLU B 85 1.64 -4.83 -9.68
CA GLU B 85 2.18 -4.37 -10.95
C GLU B 85 1.11 -4.35 -12.04
N ARG B 86 0.30 -5.39 -12.08
CA ARG B 86 -0.76 -5.53 -13.07
C ARG B 86 -1.95 -4.63 -12.72
N CYS B 87 -1.85 -3.94 -11.59
CA CYS B 87 -2.90 -3.05 -11.15
C CYS B 87 -3.05 -1.88 -12.11
N SER B 88 -1.96 -1.54 -12.81
CA SER B 88 -1.96 -0.44 -13.76
C SER B 88 -2.30 0.88 -13.07
N ASP B 89 -1.54 1.23 -12.06
CA ASP B 89 -1.77 2.45 -11.31
C ASP B 89 -0.92 3.60 -11.84
N SER B 90 -0.48 3.46 -13.09
CA SER B 90 0.33 4.47 -13.73
C SER B 90 -0.51 5.70 -14.07
N ASP B 91 -0.01 6.87 -13.68
CA ASP B 91 -0.71 8.12 -13.94
C ASP B 91 -0.32 8.68 -15.30
N GLY B 92 0.72 8.09 -15.88
CA GLY B 92 1.20 8.52 -17.17
C GLY B 92 2.68 8.84 -17.09
N LEU B 93 3.11 9.26 -15.90
CA LEU B 93 4.50 9.60 -15.66
C LEU B 93 5.11 8.54 -14.74
N ALA B 94 4.35 8.16 -13.73
CA ALA B 94 4.80 7.15 -12.78
C ALA B 94 4.48 5.76 -13.27
N PRO B 95 5.52 4.94 -13.52
CA PRO B 95 5.35 3.57 -14.00
C PRO B 95 4.82 2.64 -12.90
N PRO B 96 4.00 1.65 -13.28
CA PRO B 96 3.41 0.70 -12.32
C PRO B 96 4.43 -0.29 -11.74
N GLN B 97 5.65 -0.26 -12.26
CA GLN B 97 6.69 -1.15 -11.79
C GLN B 97 7.54 -0.51 -10.69
N HIS B 98 7.53 0.81 -10.64
CA HIS B 98 8.30 1.54 -9.65
C HIS B 98 7.58 1.61 -8.30
N LEU B 99 8.32 1.30 -7.26
CA LEU B 99 7.77 1.31 -5.91
C LEU B 99 7.84 2.71 -5.31
N ILE B 100 8.92 3.43 -5.60
CA ILE B 100 9.12 4.76 -5.08
C ILE B 100 8.75 5.81 -6.12
N ARG B 101 7.88 6.73 -5.75
CA ARG B 101 7.45 7.80 -6.63
C ARG B 101 7.60 9.14 -5.92
N VAL B 102 7.32 10.22 -6.64
CA VAL B 102 7.43 11.57 -6.07
C VAL B 102 6.15 12.36 -6.34
N GLU B 103 5.67 13.05 -5.31
CA GLU B 103 4.47 13.86 -5.42
C GLU B 103 4.81 15.34 -5.33
N GLY B 104 3.85 16.17 -5.71
CA GLY B 104 4.05 17.61 -5.65
C GLY B 104 4.89 18.13 -6.80
N ASN B 105 6.18 17.84 -6.74
CA ASN B 105 7.11 18.29 -7.77
C ASN B 105 6.86 17.57 -9.08
N LEU B 106 6.58 18.35 -10.12
CA LEU B 106 6.30 17.80 -11.45
C LEU B 106 7.58 17.34 -12.13
N ARG B 107 8.72 17.76 -11.58
CA ARG B 107 10.01 17.39 -12.13
C ARG B 107 10.48 16.07 -11.52
N VAL B 108 9.86 14.98 -11.96
CA VAL B 108 10.20 13.66 -11.46
C VAL B 108 10.55 12.71 -12.60
N GLU B 109 11.81 12.28 -12.62
CA GLU B 109 12.29 11.36 -13.64
C GLU B 109 12.62 10.01 -13.00
N TYR B 110 12.40 8.94 -13.75
CA TYR B 110 12.67 7.60 -13.25
C TYR B 110 13.88 6.99 -13.94
N LEU B 111 14.82 6.53 -13.13
CA LEU B 111 16.05 5.95 -13.63
C LEU B 111 16.03 4.42 -13.52
N ASP B 112 16.01 3.77 -14.66
CA ASP B 112 16.00 2.31 -14.70
C ASP B 112 17.36 1.81 -15.14
N ASP B 113 18.12 1.29 -14.19
CA ASP B 113 19.44 0.75 -14.47
C ASP B 113 19.34 -0.57 -15.22
N ARG B 114 20.17 -0.74 -16.25
CA ARG B 114 20.14 -1.97 -17.03
C ARG B 114 21.22 -2.95 -16.58
N ASN B 115 22.09 -2.50 -15.67
CA ASN B 115 23.17 -3.35 -15.18
C ASN B 115 22.64 -4.40 -14.22
N THR B 116 21.92 -3.96 -13.21
CA THR B 116 21.36 -4.87 -12.22
C THR B 116 19.86 -4.63 -12.06
N PHE B 117 19.30 -3.89 -13.03
CA PHE B 117 17.87 -3.57 -13.02
C PHE B 117 17.50 -2.77 -11.77
N ARG B 118 18.40 -1.88 -11.38
CA ARG B 118 18.20 -1.05 -10.21
C ARG B 118 17.22 0.08 -10.49
N HIS B 119 15.94 -0.18 -10.26
CA HIS B 119 14.91 0.83 -10.48
C HIS B 119 15.00 1.89 -9.39
N SER B 120 15.29 3.12 -9.78
CA SER B 120 15.41 4.21 -8.83
C SER B 120 14.81 5.49 -9.38
N VAL B 121 14.54 6.44 -8.50
CA VAL B 121 13.97 7.71 -8.91
C VAL B 121 15.02 8.81 -8.81
N VAL B 122 14.99 9.75 -9.76
CA VAL B 122 15.93 10.85 -9.78
C VAL B 122 15.22 12.16 -10.11
N VAL B 123 15.30 13.10 -9.19
CA VAL B 123 14.65 14.40 -9.37
C VAL B 123 15.67 15.53 -9.26
N PRO B 124 15.45 16.63 -10.00
CA PRO B 124 16.33 17.79 -9.95
C PRO B 124 16.21 18.48 -8.59
N TYR B 125 17.34 18.96 -8.08
CA TYR B 125 17.34 19.64 -6.78
C TYR B 125 16.52 20.92 -6.85
N GLU B 126 15.46 20.96 -6.07
CA GLU B 126 14.59 22.11 -6.01
C GLU B 126 15.21 23.18 -5.10
N PRO B 127 15.25 24.43 -5.55
CA PRO B 127 15.82 25.54 -4.78
C PRO B 127 15.00 25.85 -3.53
N PRO B 128 15.66 26.30 -2.45
CA PRO B 128 15.00 26.65 -1.19
C PRO B 128 14.02 27.82 -1.37
N GLU B 129 12.74 27.52 -1.24
CA GLU B 129 11.70 28.53 -1.39
C GLU B 129 11.53 29.34 -0.11
N VAL B 130 10.73 30.40 -0.19
CA VAL B 130 10.47 31.26 0.95
C VAL B 130 9.84 30.46 2.09
N GLY B 131 10.60 30.25 3.15
CA GLY B 131 10.10 29.51 4.29
C GLY B 131 10.61 28.07 4.30
N SER B 132 11.26 27.67 3.23
CA SER B 132 11.79 26.32 3.12
C SER B 132 13.30 26.32 3.30
N ASP B 133 13.75 26.28 4.55
CA ASP B 133 15.18 26.26 4.85
C ASP B 133 15.77 24.92 4.41
N CYS B 134 15.05 23.85 4.72
CA CYS B 134 15.48 22.51 4.36
C CYS B 134 14.60 21.99 3.23
N THR B 135 15.21 21.69 2.10
CA THR B 135 14.49 21.20 0.93
C THR B 135 13.64 19.98 1.28
N THR B 136 12.33 20.15 1.25
CA THR B 136 11.41 19.07 1.57
C THR B 136 10.81 18.47 0.31
N ILE B 137 11.08 17.19 0.08
CA ILE B 137 10.55 16.48 -1.08
C ILE B 137 9.54 15.44 -0.63
N HIS B 138 8.49 15.27 -1.42
CA HIS B 138 7.44 14.32 -1.09
C HIS B 138 7.63 13.01 -1.86
N TYR B 139 7.99 11.96 -1.14
CA TYR B 139 8.20 10.65 -1.75
C TYR B 139 6.98 9.76 -1.50
N ASN B 140 6.79 8.77 -2.35
CA ASN B 140 5.65 7.86 -2.22
C ASN B 140 6.08 6.41 -2.26
N TYR B 141 5.51 5.61 -1.38
CA TYR B 141 5.80 4.18 -1.34
C TYR B 141 4.54 3.43 -1.77
N MET B 142 4.59 2.86 -2.96
CA MET B 142 3.44 2.15 -3.53
C MET B 142 3.38 0.68 -3.12
N CYS B 143 4.01 0.34 -1.99
CA CYS B 143 4.01 -1.04 -1.50
C CYS B 143 4.36 -1.08 -0.02
N ASN B 144 4.08 -2.21 0.61
CA ASN B 144 4.35 -2.39 2.01
C ASN B 144 5.56 -3.29 2.19
N SER B 145 6.17 -3.27 3.36
CA SER B 145 7.34 -4.10 3.63
C SER B 145 6.96 -5.56 3.80
N SER B 146 5.69 -5.81 4.06
CA SER B 146 5.20 -7.17 4.24
C SER B 146 4.80 -7.78 2.90
N CYS B 147 4.70 -6.95 1.86
CA CYS B 147 4.31 -7.39 0.53
C CYS B 147 5.20 -8.53 0.04
N MET B 148 4.57 -9.69 -0.18
CA MET B 148 5.29 -10.88 -0.65
C MET B 148 5.82 -10.66 -2.06
N GLY B 149 6.72 -11.55 -2.50
CA GLY B 149 7.27 -11.44 -3.83
C GLY B 149 8.38 -10.41 -3.91
N GLY B 150 8.08 -9.18 -3.53
CA GLY B 150 9.07 -8.12 -3.56
C GLY B 150 9.88 -8.11 -2.27
N MET B 151 9.45 -7.30 -1.32
CA MET B 151 10.14 -7.20 -0.04
C MET B 151 10.02 -8.51 0.71
N ASN B 152 8.84 -9.13 0.63
CA ASN B 152 8.56 -10.40 1.27
C ASN B 152 8.84 -10.38 2.77
N ARG B 153 8.26 -9.40 3.45
CA ARG B 153 8.41 -9.25 4.90
C ARG B 153 9.83 -8.89 5.32
N ARG B 154 10.53 -8.15 4.46
CA ARG B 154 11.91 -7.75 4.75
C ARG B 154 12.01 -6.22 4.73
N PRO B 155 12.68 -5.65 5.75
CA PRO B 155 12.85 -4.20 5.84
C PRO B 155 13.80 -3.67 4.76
N ILE B 156 13.52 -2.48 4.26
CA ILE B 156 14.35 -1.90 3.21
C ILE B 156 15.16 -0.70 3.71
N LEU B 157 16.17 -0.33 2.93
CA LEU B 157 17.03 0.80 3.24
C LEU B 157 17.04 1.74 2.04
N THR B 158 16.43 2.90 2.18
CA THR B 158 16.40 3.87 1.10
C THR B 158 17.62 4.76 1.14
N ILE B 159 18.42 4.71 0.08
CA ILE B 159 19.62 5.52 -0.01
C ILE B 159 19.35 6.80 -0.80
N ILE B 160 19.46 7.92 -0.12
CA ILE B 160 19.24 9.21 -0.73
C ILE B 160 20.59 9.81 -1.07
N THR B 161 20.87 9.98 -2.35
CA THR B 161 22.14 10.52 -2.76
C THR B 161 21.97 11.79 -3.58
N LEU B 162 22.94 12.68 -3.46
CA LEU B 162 22.93 13.93 -4.18
C LEU B 162 24.12 13.99 -5.12
N GLU B 163 23.83 13.85 -6.41
CA GLU B 163 24.86 13.91 -7.43
C GLU B 163 24.73 15.20 -8.21
N ASP B 164 25.80 15.63 -8.85
CA ASP B 164 25.77 16.84 -9.67
C ASP B 164 25.09 16.57 -11.00
N SER B 165 25.04 17.57 -11.87
CA SER B 165 24.43 17.43 -13.18
C SER B 165 25.12 16.34 -14.01
N SER B 166 26.43 16.18 -13.80
CA SER B 166 27.20 15.18 -14.54
C SER B 166 27.01 13.79 -13.93
N GLY B 167 27.19 13.70 -12.61
CA GLY B 167 27.02 12.42 -11.92
C GLY B 167 28.05 12.22 -10.82
N ASN B 168 28.54 13.33 -10.26
CA ASN B 168 29.53 13.29 -9.19
C ASN B 168 28.85 13.23 -7.83
N LEU B 169 29.31 12.33 -6.99
CA LEU B 169 28.77 12.16 -5.65
C LEU B 169 29.12 13.36 -4.77
N LEU B 170 28.12 14.14 -4.40
CA LEU B 170 28.33 15.30 -3.55
C LEU B 170 27.95 14.98 -2.12
N GLY B 171 26.96 14.12 -1.95
CA GLY B 171 26.50 13.73 -0.63
C GLY B 171 25.62 12.50 -0.71
N ARG B 172 25.64 11.67 0.32
CA ARG B 172 24.85 10.45 0.32
C ARG B 172 24.48 10.03 1.74
N ASN B 173 23.23 9.66 1.94
CA ASN B 173 22.75 9.25 3.26
C ASN B 173 21.75 8.09 3.11
N SER B 174 21.76 7.15 4.05
CA SER B 174 20.87 6.01 3.97
C SER B 174 20.09 5.81 5.28
N PHE B 175 18.83 5.40 5.17
CA PHE B 175 17.98 5.17 6.33
C PHE B 175 17.07 3.95 6.08
N GLU B 176 16.60 3.34 7.16
CA GLU B 176 15.74 2.17 7.07
C GLU B 176 14.28 2.59 6.92
N VAL B 177 13.50 1.80 6.18
CA VAL B 177 12.10 2.11 5.95
C VAL B 177 11.19 0.90 6.17
N ARG B 178 10.02 1.15 6.75
CA ARG B 178 9.02 0.12 6.99
C ARG B 178 7.66 0.67 6.58
N VAL B 179 7.10 0.11 5.52
CA VAL B 179 5.81 0.56 5.03
C VAL B 179 4.72 -0.43 5.40
N CYS B 180 3.64 0.07 5.97
CA CYS B 180 2.53 -0.76 6.40
C CYS B 180 1.22 0.01 6.28
N ALA B 181 0.31 -0.21 7.23
CA ALA B 181 -0.97 0.47 7.23
C ALA B 181 -1.18 1.23 8.53
N CYS B 182 -0.25 1.05 9.48
CA CYS B 182 -0.35 1.72 10.77
C CYS B 182 1.04 2.05 11.29
N PRO B 183 1.62 3.17 10.86
CA PRO B 183 2.98 3.59 11.27
C PRO B 183 3.11 3.73 12.78
N GLY B 184 2.07 4.26 13.41
CA GLY B 184 2.09 4.45 14.85
C GLY B 184 2.04 3.14 15.61
N ARG B 185 1.39 2.14 15.02
CA ARG B 185 1.28 0.83 15.65
C ARG B 185 2.53 0.01 15.41
N ASP B 186 2.96 -0.05 14.14
CA ASP B 186 4.13 -0.81 13.75
C ASP B 186 5.42 -0.28 14.39
N ARG B 187 5.42 1.00 14.72
CA ARG B 187 6.58 1.60 15.36
C ARG B 187 6.76 1.05 16.77
N ARG B 188 5.65 0.61 17.36
CA ARG B 188 5.65 0.04 18.70
C ARG B 188 6.22 -1.37 18.69
N THR B 189 6.22 -2.00 17.53
CA THR B 189 6.75 -3.35 17.39
C THR B 189 8.23 -3.34 17.03
N GLU B 190 8.80 -2.14 16.85
CA GLU B 190 10.21 -2.02 16.51
C GLU B 190 10.94 -1.10 17.48
N GLU B 191 10.71 0.21 17.35
CA GLU B 191 11.37 1.18 18.21
C GLU B 191 10.92 1.03 19.66
N GLU B 192 9.61 0.87 19.86
CA GLU B 192 9.05 0.71 21.20
C GLU B 192 9.20 -0.72 21.70
N ASN B 193 10.00 -1.52 20.99
CA ASN B 193 10.22 -2.91 21.35
C ASN B 193 11.67 -3.13 21.76
N LEU B 194 12.49 -2.10 21.58
CA LEU B 194 13.91 -2.18 21.93
C LEU B 194 14.25 -1.27 23.09
N ARG B 195 13.22 -0.72 23.73
CA ARG B 195 13.42 0.17 24.86
C ARG B 195 12.34 -0.10 25.90
ZN ZN C . 2.63 -4.89 -3.11
N MET A 4 -31.45 -24.83 7.95
CA MET A 4 -30.60 -23.67 7.60
C MET A 4 -29.47 -24.09 6.69
N SER A 5 -29.71 -24.01 5.37
CA SER A 5 -28.70 -24.38 4.39
C SER A 5 -27.58 -23.34 4.34
N GLN A 6 -27.87 -22.15 4.85
CA GLN A 6 -26.91 -21.06 4.87
C GLN A 6 -26.46 -20.68 3.48
N SER A 7 -27.42 -20.59 2.55
CA SER A 7 -27.12 -20.23 1.17
C SER A 7 -26.41 -18.88 1.09
N ASN A 8 -26.74 -18.01 2.04
CA ASN A 8 -26.12 -16.69 2.12
C ASN A 8 -24.68 -16.82 2.59
N ARG A 9 -24.49 -17.49 3.72
CA ARG A 9 -23.16 -17.69 4.30
C ARG A 9 -22.25 -18.43 3.32
N GLU A 10 -22.79 -19.43 2.65
CA GLU A 10 -22.04 -20.23 1.70
C GLU A 10 -21.57 -19.40 0.51
N LEU A 11 -22.44 -18.55 0.00
CA LEU A 11 -22.11 -17.71 -1.15
C LEU A 11 -21.09 -16.63 -0.79
N VAL A 12 -21.25 -16.04 0.40
CA VAL A 12 -20.34 -15.00 0.85
C VAL A 12 -18.91 -15.52 0.93
N VAL A 13 -18.72 -16.66 1.57
CA VAL A 13 -17.39 -17.24 1.71
C VAL A 13 -16.89 -17.78 0.37
N ASP A 14 -17.82 -18.18 -0.50
CA ASP A 14 -17.47 -18.69 -1.81
C ASP A 14 -16.88 -17.59 -2.67
N PHE A 15 -17.58 -16.46 -2.71
CA PHE A 15 -17.12 -15.31 -3.48
C PHE A 15 -15.76 -14.83 -2.97
N LEU A 16 -15.60 -14.87 -1.65
CA LEU A 16 -14.35 -14.46 -1.03
C LEU A 16 -13.22 -15.38 -1.46
N SER A 17 -13.48 -16.69 -1.43
CA SER A 17 -12.48 -17.68 -1.83
C SER A 17 -12.15 -17.55 -3.31
N TYR A 18 -13.16 -17.18 -4.10
CA TYR A 18 -12.98 -16.99 -5.53
C TYR A 18 -12.06 -15.81 -5.81
N LYS A 19 -12.09 -14.82 -4.93
CA LYS A 19 -11.24 -13.65 -5.07
C LYS A 19 -9.88 -13.88 -4.44
N LEU A 20 -9.86 -14.66 -3.37
CA LEU A 20 -8.61 -14.98 -2.67
C LEU A 20 -7.67 -15.77 -3.57
N SER A 21 -8.26 -16.50 -4.52
CA SER A 21 -7.49 -17.30 -5.45
C SER A 21 -7.23 -16.52 -6.74
N GLN A 22 -6.93 -15.24 -6.60
CA GLN A 22 -6.65 -14.37 -7.74
C GLN A 22 -5.17 -14.35 -8.08
N LYS A 23 -4.42 -13.52 -7.37
CA LYS A 23 -2.98 -13.39 -7.58
C LYS A 23 -2.31 -12.95 -6.28
N GLY A 24 -1.40 -13.77 -5.79
CA GLY A 24 -0.69 -13.44 -4.56
C GLY A 24 -1.33 -14.10 -3.35
N TYR A 25 -1.59 -15.40 -3.47
CA TYR A 25 -2.20 -16.16 -2.37
C TYR A 25 -1.20 -17.14 -1.77
N SER A 26 -0.86 -16.93 -0.51
CA SER A 26 0.06 -17.80 0.19
C SER A 26 -0.67 -18.83 1.05
N TRP A 27 -1.06 -18.42 2.24
CA TRP A 27 -1.77 -19.29 3.17
C TRP A 27 -3.21 -19.53 2.76
N SER A 28 -3.71 -18.68 1.87
CA SER A 28 -5.08 -18.78 1.39
C SER A 28 -5.28 -20.06 0.57
N GLN A 29 -4.18 -20.65 0.13
CA GLN A 29 -4.22 -21.87 -0.67
C GLN A 29 -4.06 -23.09 0.22
N PHE A 30 -3.67 -22.86 1.47
CA PHE A 30 -3.47 -23.95 2.42
C PHE A 30 -4.61 -24.01 3.42
N SER A 31 -5.01 -22.85 3.92
CA SER A 31 -6.09 -22.78 4.90
C SER A 31 -7.44 -22.54 4.23
N MET A 86 -31.93 -23.98 -8.81
CA MET A 86 -31.02 -23.04 -8.17
C MET A 86 -31.15 -21.67 -8.83
N ALA A 87 -31.02 -20.62 -8.04
CA ALA A 87 -31.11 -19.26 -8.54
C ALA A 87 -29.85 -18.88 -9.30
N ALA A 88 -28.81 -19.71 -9.17
CA ALA A 88 -27.53 -19.47 -9.82
C ALA A 88 -26.87 -18.20 -9.28
N VAL A 89 -27.03 -18.00 -7.98
CA VAL A 89 -26.47 -16.83 -7.31
C VAL A 89 -24.95 -16.80 -7.43
N LYS A 90 -24.35 -17.99 -7.44
CA LYS A 90 -22.89 -18.10 -7.56
C LYS A 90 -22.44 -17.54 -8.90
N GLN A 91 -23.18 -17.86 -9.96
CA GLN A 91 -22.86 -17.39 -11.29
C GLN A 91 -23.06 -15.89 -11.39
N ALA A 92 -24.17 -15.41 -10.84
CA ALA A 92 -24.49 -13.98 -10.86
C ALA A 92 -23.42 -13.17 -10.13
N LEU A 93 -22.98 -13.69 -8.99
CA LEU A 93 -21.96 -13.03 -8.19
C LEU A 93 -20.61 -13.11 -8.87
N ARG A 94 -20.36 -14.20 -9.58
CA ARG A 94 -19.10 -14.38 -10.29
C ARG A 94 -19.00 -13.38 -11.43
N GLU A 95 -20.06 -13.28 -12.22
CA GLU A 95 -20.10 -12.37 -13.35
C GLU A 95 -19.93 -10.91 -12.93
N ALA A 96 -20.86 -10.42 -12.13
CA ALA A 96 -20.82 -9.03 -11.67
C ALA A 96 -19.62 -8.77 -10.77
N GLY A 97 -19.30 -9.72 -9.92
CA GLY A 97 -18.18 -9.57 -9.01
C GLY A 97 -16.85 -9.45 -9.71
N ASP A 98 -16.60 -10.32 -10.69
CA ASP A 98 -15.35 -10.30 -11.43
C ASP A 98 -15.25 -9.05 -12.30
N GLU A 99 -16.38 -8.66 -12.87
CA GLU A 99 -16.46 -7.48 -13.73
C GLU A 99 -16.12 -6.21 -12.95
N PHE A 100 -16.53 -6.18 -11.69
CA PHE A 100 -16.28 -5.02 -10.84
C PHE A 100 -14.87 -5.08 -10.26
N GLU A 101 -14.46 -6.27 -9.83
CA GLU A 101 -13.14 -6.46 -9.23
C GLU A 101 -12.01 -5.96 -10.13
N LEU A 102 -12.11 -6.20 -11.42
CA LEU A 102 -11.09 -5.76 -12.37
C LEU A 102 -10.90 -4.25 -12.35
N ARG A 103 -11.94 -3.53 -11.94
CA ARG A 103 -11.88 -2.08 -11.86
C ARG A 103 -11.39 -1.65 -10.47
N TYR A 104 -11.68 -2.48 -9.47
CA TYR A 104 -11.28 -2.20 -8.11
C TYR A 104 -9.80 -2.49 -7.89
N ARG A 105 -9.26 -3.42 -8.67
CA ARG A 105 -7.85 -3.79 -8.56
C ARG A 105 -6.96 -2.78 -9.28
N ARG A 106 -7.48 -1.58 -9.51
CA ARG A 106 -6.72 -0.53 -10.17
C ARG A 106 -5.98 0.31 -9.15
N ALA A 107 -6.14 -0.06 -7.88
CA ALA A 107 -5.51 0.63 -6.74
C ALA A 107 -6.20 1.95 -6.44
N PHE A 108 -6.19 2.87 -7.41
CA PHE A 108 -6.80 4.18 -7.24
C PHE A 108 -8.29 4.13 -7.57
N SER A 109 -8.99 3.15 -7.02
CA SER A 109 -10.40 2.99 -7.26
C SER A 109 -11.21 3.51 -6.07
N ASP A 110 -12.44 3.02 -5.90
CA ASP A 110 -13.30 3.44 -4.81
C ASP A 110 -12.78 2.90 -3.48
N LEU A 111 -12.00 1.82 -3.57
CA LEU A 111 -11.42 1.18 -2.40
C LEU A 111 -10.54 2.17 -1.62
N THR A 112 -9.73 2.92 -2.34
CA THR A 112 -8.82 3.90 -1.74
C THR A 112 -9.60 5.00 -1.03
N SER A 113 -10.70 5.42 -1.62
CA SER A 113 -11.53 6.49 -1.05
C SER A 113 -12.36 5.96 0.12
N GLN A 114 -12.58 4.66 0.15
CA GLN A 114 -13.35 4.04 1.22
C GLN A 114 -12.46 3.72 2.40
N LEU A 115 -11.44 2.91 2.18
CA LEU A 115 -10.52 2.50 3.24
C LEU A 115 -9.60 3.65 3.65
N HIS A 116 -8.97 4.27 2.65
CA HIS A 116 -8.03 5.38 2.87
C HIS A 116 -6.84 4.96 3.73
N ILE A 117 -6.62 3.65 3.81
CA ILE A 117 -5.54 3.09 4.61
C ILE A 117 -5.71 3.51 6.07
N THR A 118 -6.76 3.00 6.67
CA THR A 118 -7.09 3.30 8.06
C THR A 118 -6.04 2.74 9.02
N PRO A 119 -5.66 3.52 10.04
CA PRO A 119 -4.67 3.13 11.06
C PRO A 119 -5.24 2.11 12.04
N GLY A 120 -5.89 1.09 11.50
CA GLY A 120 -6.49 0.04 12.29
C GLY A 120 -7.17 -0.94 11.38
N THR A 121 -6.42 -1.44 10.40
CA THR A 121 -6.92 -2.37 9.41
C THR A 121 -7.15 -3.77 9.99
N ALA A 122 -8.06 -3.84 10.94
CA ALA A 122 -8.41 -5.10 11.59
C ALA A 122 -9.88 -5.02 12.01
N TYR A 123 -10.26 -3.88 12.57
CA TYR A 123 -11.62 -3.67 13.02
C TYR A 123 -12.23 -2.43 12.36
N GLN A 124 -11.42 -1.39 12.22
CA GLN A 124 -11.86 -0.14 11.59
C GLN A 124 -12.18 -0.37 10.12
N SER A 125 -11.43 -1.29 9.50
CA SER A 125 -11.63 -1.61 8.11
C SER A 125 -12.99 -2.27 7.92
N PHE A 126 -13.33 -3.16 8.84
CA PHE A 126 -14.61 -3.86 8.81
C PHE A 126 -15.75 -2.86 8.95
N GLU A 127 -15.61 -1.97 9.93
CA GLU A 127 -16.61 -0.94 10.18
C GLU A 127 -16.78 -0.05 8.96
N GLN A 128 -15.67 0.33 8.35
CA GLN A 128 -15.69 1.20 7.18
C GLN A 128 -16.39 0.55 5.99
N VAL A 129 -16.11 -0.72 5.75
CA VAL A 129 -16.70 -1.44 4.63
C VAL A 129 -18.20 -1.70 4.83
N VAL A 130 -18.57 -2.27 5.98
CA VAL A 130 -19.96 -2.58 6.27
C VAL A 130 -20.82 -1.31 6.31
N ASN A 131 -20.21 -0.20 6.72
CA ASN A 131 -20.91 1.08 6.81
C ASN A 131 -21.49 1.49 5.46
N GLU A 132 -20.80 1.13 4.38
CA GLU A 132 -21.24 1.46 3.03
C GLU A 132 -22.63 0.91 2.74
N LEU A 133 -22.91 -0.29 3.24
CA LEU A 133 -24.21 -0.92 3.03
C LEU A 133 -25.31 -0.18 3.79
N PHE A 134 -24.97 0.25 5.01
CA PHE A 134 -25.92 0.97 5.86
C PHE A 134 -26.15 2.39 5.36
N ARG A 135 -25.32 2.84 4.42
CA ARG A 135 -25.45 4.17 3.86
C ARG A 135 -26.52 4.19 2.78
N ASP A 136 -27.06 3.01 2.47
CA ASP A 136 -28.09 2.87 1.46
C ASP A 136 -29.26 2.06 2.00
N GLY A 137 -28.97 0.87 2.46
CA GLY A 137 -30.00 -0.01 3.00
C GLY A 137 -30.10 -1.29 2.20
N VAL A 138 -31.31 -1.84 2.10
CA VAL A 138 -31.54 -3.07 1.36
C VAL A 138 -31.56 -2.78 -0.15
N ASN A 139 -30.41 -2.39 -0.68
CA ASN A 139 -30.29 -2.09 -2.09
C ASN A 139 -29.39 -3.09 -2.78
N TRP A 140 -29.94 -3.79 -3.76
CA TRP A 140 -29.21 -4.80 -4.51
C TRP A 140 -28.07 -4.19 -5.31
N GLY A 141 -28.21 -2.91 -5.65
CA GLY A 141 -27.18 -2.22 -6.38
C GLY A 141 -26.00 -1.88 -5.49
N ARG A 142 -26.27 -1.83 -4.18
CA ARG A 142 -25.23 -1.51 -3.21
C ARG A 142 -24.52 -2.77 -2.74
N ILE A 143 -25.26 -3.87 -2.66
CA ILE A 143 -24.68 -5.14 -2.21
C ILE A 143 -23.58 -5.61 -3.16
N VAL A 144 -23.73 -5.32 -4.45
CA VAL A 144 -22.73 -5.70 -5.44
C VAL A 144 -21.43 -4.95 -5.15
N ALA A 145 -21.55 -3.66 -4.89
CA ALA A 145 -20.41 -2.82 -4.58
C ALA A 145 -19.78 -3.28 -3.28
N PHE A 146 -20.63 -3.61 -2.31
CA PHE A 146 -20.18 -4.08 -1.00
C PHE A 146 -19.31 -5.32 -1.15
N PHE A 147 -19.78 -6.27 -1.94
CA PHE A 147 -19.03 -7.50 -2.20
C PHE A 147 -17.74 -7.19 -2.94
N SER A 148 -17.79 -6.21 -3.84
CA SER A 148 -16.63 -5.81 -4.61
C SER A 148 -15.57 -5.17 -3.72
N PHE A 149 -16.03 -4.37 -2.75
CA PHE A 149 -15.13 -3.71 -1.80
C PHE A 149 -14.34 -4.75 -1.02
N GLY A 150 -15.04 -5.69 -0.43
CA GLY A 150 -14.40 -6.73 0.35
C GLY A 150 -13.61 -7.70 -0.51
N GLY A 151 -14.14 -7.98 -1.70
CA GLY A 151 -13.49 -8.89 -2.62
C GLY A 151 -12.13 -8.41 -3.06
N ALA A 152 -12.03 -7.15 -3.47
CA ALA A 152 -10.75 -6.60 -3.90
C ALA A 152 -9.82 -6.40 -2.72
N LEU A 153 -10.41 -6.12 -1.56
CA LEU A 153 -9.64 -5.89 -0.35
C LEU A 153 -8.98 -7.17 0.15
N CYS A 154 -9.71 -8.28 0.13
CA CYS A 154 -9.16 -9.55 0.60
C CYS A 154 -7.96 -10.01 -0.22
N VAL A 155 -7.98 -9.71 -1.52
CA VAL A 155 -6.88 -10.07 -2.41
C VAL A 155 -5.61 -9.32 -2.00
N GLU A 156 -5.74 -8.02 -1.84
CA GLU A 156 -4.60 -7.19 -1.46
C GLU A 156 -4.18 -7.45 -0.02
N SER A 157 -5.07 -8.05 0.76
CA SER A 157 -4.78 -8.37 2.15
C SER A 157 -3.73 -9.47 2.25
N VAL A 158 -3.84 -10.47 1.40
CA VAL A 158 -2.88 -11.57 1.40
C VAL A 158 -1.67 -11.23 0.53
N ASP A 159 -1.92 -10.52 -0.56
CA ASP A 159 -0.87 -10.09 -1.48
C ASP A 159 0.17 -9.23 -0.77
N LYS A 160 -0.27 -8.46 0.23
CA LYS A 160 0.63 -7.61 0.99
C LYS A 160 1.04 -8.29 2.30
N GLU A 161 0.71 -9.58 2.42
CA GLU A 161 1.03 -10.39 3.60
C GLU A 161 0.62 -9.70 4.91
N MET A 162 -0.55 -9.06 4.90
CA MET A 162 -1.04 -8.39 6.09
C MET A 162 -1.71 -9.40 7.00
N GLN A 163 -2.48 -10.30 6.39
CA GLN A 163 -3.19 -11.36 7.10
C GLN A 163 -4.33 -10.85 7.99
N VAL A 164 -3.97 -10.14 9.05
CA VAL A 164 -4.93 -9.61 10.03
C VAL A 164 -6.12 -8.89 9.38
N LEU A 165 -5.88 -8.25 8.24
CA LEU A 165 -6.92 -7.53 7.51
C LEU A 165 -8.11 -8.43 7.20
N VAL A 166 -7.90 -9.41 6.32
CA VAL A 166 -8.96 -10.32 5.92
C VAL A 166 -9.31 -11.33 7.01
N SER A 167 -8.32 -11.73 7.80
CA SER A 167 -8.53 -12.70 8.87
C SER A 167 -9.44 -12.17 9.98
N ARG A 168 -9.68 -10.86 10.01
CA ARG A 168 -10.54 -10.28 11.02
C ARG A 168 -11.88 -9.85 10.44
N ILE A 169 -11.85 -9.15 9.31
CA ILE A 169 -13.07 -8.69 8.65
C ILE A 169 -14.00 -9.86 8.34
N ALA A 170 -13.44 -10.91 7.73
CA ALA A 170 -14.22 -12.08 7.36
C ALA A 170 -14.83 -12.75 8.58
N ALA A 171 -14.11 -12.72 9.69
CA ALA A 171 -14.58 -13.33 10.93
C ALA A 171 -15.79 -12.60 11.47
N TRP A 172 -15.67 -11.28 11.63
CA TRP A 172 -16.77 -10.47 12.15
C TRP A 172 -17.95 -10.52 11.19
N MET A 173 -17.65 -10.43 9.89
CA MET A 173 -18.68 -10.46 8.86
C MET A 173 -19.46 -11.77 8.88
N ALA A 174 -18.75 -12.88 8.94
CA ALA A 174 -19.38 -14.20 8.96
C ALA A 174 -20.25 -14.37 10.20
N THR A 175 -19.82 -13.77 11.30
CA THR A 175 -20.56 -13.85 12.55
C THR A 175 -21.85 -13.02 12.48
N TYR A 176 -21.74 -11.80 11.99
CA TYR A 176 -22.90 -10.92 11.88
C TYR A 176 -23.83 -11.39 10.76
N LEU A 177 -23.24 -12.06 9.77
CA LEU A 177 -23.98 -12.59 8.64
C LEU A 177 -25.07 -13.55 9.12
N ASN A 178 -24.66 -14.60 9.80
CA ASN A 178 -25.61 -15.58 10.30
C ASN A 178 -26.38 -15.04 11.49
N ASP A 179 -25.86 -13.97 12.08
CA ASP A 179 -26.50 -13.33 13.23
C ASP A 179 -27.86 -12.78 12.86
N HIS A 180 -27.92 -12.00 11.79
CA HIS A 180 -29.18 -11.42 11.34
C HIS A 180 -29.23 -11.21 9.83
N LEU A 181 -28.07 -11.04 9.20
CA LEU A 181 -28.02 -10.83 7.75
C LEU A 181 -28.69 -11.96 6.97
N GLU A 182 -28.35 -13.20 7.31
CA GLU A 182 -28.93 -14.36 6.62
C GLU A 182 -30.47 -14.37 6.72
N PRO A 183 -31.04 -14.40 7.94
CA PRO A 183 -32.50 -14.41 8.10
C PRO A 183 -33.15 -13.16 7.49
N TRP A 184 -32.50 -12.02 7.59
CA TRP A 184 -33.03 -10.78 7.03
C TRP A 184 -33.12 -10.87 5.51
N ILE A 185 -32.07 -11.39 4.89
CA ILE A 185 -32.03 -11.54 3.44
C ILE A 185 -33.11 -12.51 2.97
N GLN A 186 -33.31 -13.58 3.73
CA GLN A 186 -34.31 -14.58 3.38
C GLN A 186 -35.73 -14.13 3.70
N GLU A 187 -35.85 -13.24 4.68
CA GLU A 187 -37.15 -12.73 5.09
C GLU A 187 -37.61 -11.57 4.21
N ASN A 188 -36.76 -10.57 4.05
CA ASN A 188 -37.08 -9.41 3.24
C ASN A 188 -36.80 -9.65 1.76
N GLY A 189 -35.58 -10.03 1.46
CA GLY A 189 -35.19 -10.28 0.08
C GLY A 189 -33.82 -9.74 -0.22
N GLY A 190 -32.94 -10.60 -0.71
CA GLY A 190 -31.59 -10.19 -1.03
C GLY A 190 -31.14 -10.72 -2.37
N TRP A 191 -30.25 -11.69 -2.37
CA TRP A 191 -29.73 -12.28 -3.60
C TRP A 191 -30.85 -12.93 -4.41
N ASP A 192 -31.87 -13.41 -3.71
CA ASP A 192 -33.03 -14.04 -4.35
C ASP A 192 -33.73 -13.05 -5.24
N THR A 193 -33.84 -11.82 -4.77
CA THR A 193 -34.49 -10.76 -5.52
C THR A 193 -33.53 -10.18 -6.55
N PHE A 194 -32.25 -10.18 -6.21
CA PHE A 194 -31.21 -9.64 -7.11
C PHE A 194 -31.20 -10.43 -8.42
N VAL A 195 -31.23 -11.75 -8.32
CA VAL A 195 -31.23 -12.61 -9.50
C VAL A 195 -32.47 -12.35 -10.35
N GLU A 196 -33.58 -12.05 -9.68
CA GLU A 196 -34.85 -11.79 -10.36
C GLU A 196 -34.77 -10.57 -11.27
N LEU A 197 -33.88 -9.63 -10.93
CA LEU A 197 -33.73 -8.41 -11.72
C LEU A 197 -32.39 -8.34 -12.43
N TYR A 198 -31.67 -9.46 -12.46
CA TYR A 198 -30.37 -9.50 -13.12
C TYR A 198 -30.28 -10.65 -14.11
N GLY A 199 -30.69 -11.84 -13.67
CA GLY A 199 -30.63 -13.00 -14.52
C GLY A 199 -32.00 -13.40 -15.04
N ASN A 200 -33.02 -13.24 -14.20
CA ASN A 200 -34.38 -13.60 -14.58
C ASN A 200 -35.14 -12.37 -15.09
N ASN A 201 -34.39 -11.40 -15.60
CA ASN A 201 -34.97 -10.18 -16.11
C ASN A 201 -34.17 -9.72 -17.31
N SER B 1 24.75 -6.09 -7.81
CA SER B 1 25.51 -4.87 -7.62
C SER B 1 24.98 -4.07 -6.44
N VAL B 2 25.72 -4.12 -5.34
CA VAL B 2 25.34 -3.39 -4.12
C VAL B 2 25.99 -2.02 -4.11
N PRO B 3 25.18 -0.96 -4.08
CA PRO B 3 25.68 0.42 -4.07
C PRO B 3 26.29 0.82 -2.72
N SER B 4 26.94 1.97 -2.70
CA SER B 4 27.55 2.47 -1.49
C SER B 4 26.52 3.13 -0.59
N GLN B 5 26.19 2.47 0.52
CA GLN B 5 25.21 2.99 1.45
C GLN B 5 25.88 3.78 2.57
N LYS B 6 27.21 3.80 2.55
CA LYS B 6 27.98 4.52 3.56
C LYS B 6 27.69 6.01 3.48
N THR B 7 27.44 6.61 4.63
CA THR B 7 27.15 8.03 4.71
C THR B 7 28.32 8.88 4.22
N TYR B 8 28.04 9.81 3.32
CA TYR B 8 29.05 10.70 2.76
C TYR B 8 28.53 12.12 2.78
N GLN B 9 29.02 12.90 3.73
CA GLN B 9 28.59 14.30 3.87
C GLN B 9 29.25 15.20 2.85
N GLY B 10 30.52 14.93 2.56
CA GLY B 10 31.25 15.74 1.61
C GLY B 10 31.41 17.16 2.08
N SER B 11 31.50 18.10 1.14
CA SER B 11 31.66 19.50 1.47
C SER B 11 30.31 20.22 1.47
N TYR B 12 29.24 19.46 1.28
CA TYR B 12 27.90 20.03 1.24
C TYR B 12 27.12 19.73 2.52
N GLY B 13 27.49 18.65 3.20
CA GLY B 13 26.81 18.26 4.42
C GLY B 13 25.40 17.80 4.15
N PHE B 14 25.26 16.66 3.49
CA PHE B 14 23.96 16.11 3.15
C PHE B 14 23.35 15.36 4.32
N ARG B 15 22.62 16.07 5.17
CA ARG B 15 21.95 15.45 6.32
C ARG B 15 20.50 15.15 5.98
N LEU B 16 20.00 14.02 6.44
CA LEU B 16 18.61 13.65 6.19
C LEU B 16 17.70 14.12 7.31
N GLY B 17 16.75 14.96 6.95
CA GLY B 17 15.82 15.49 7.92
C GLY B 17 14.42 14.97 7.69
N PHE B 18 13.77 14.53 8.75
CA PHE B 18 12.42 14.01 8.64
C PHE B 18 11.53 14.67 9.69
N LEU B 19 10.22 14.54 9.51
CA LEU B 19 9.26 15.13 10.44
C LEU B 19 8.93 14.13 11.54
N HIS B 20 9.08 14.58 12.78
CA HIS B 20 8.81 13.73 13.93
C HIS B 20 7.37 13.91 14.41
N SER B 21 6.49 13.03 13.96
CA SER B 21 5.10 13.08 14.36
C SER B 21 4.90 12.40 15.71
N GLY B 22 5.70 11.36 15.96
CA GLY B 22 5.61 10.64 17.22
C GLY B 22 5.14 9.21 17.04
N THR B 23 4.65 8.62 18.12
CA THR B 23 4.16 7.26 18.12
C THR B 23 2.66 7.20 17.85
N ALA B 24 2.13 8.31 17.32
CA ALA B 24 0.71 8.42 17.03
C ALA B 24 0.24 7.26 16.15
N LYS B 25 -0.81 6.59 16.59
CA LYS B 25 -1.36 5.46 15.86
C LYS B 25 -1.95 5.91 14.54
N SER B 26 -2.75 6.97 14.60
CA SER B 26 -3.38 7.51 13.42
C SER B 26 -2.47 8.51 12.71
N VAL B 27 -1.40 8.00 12.12
CA VAL B 27 -0.45 8.83 11.40
C VAL B 27 -0.16 8.25 10.03
N THR B 28 0.07 9.12 9.06
CA THR B 28 0.36 8.72 7.69
C THR B 28 1.81 8.28 7.55
N CYS B 29 2.70 8.98 8.25
CA CYS B 29 4.11 8.68 8.21
C CYS B 29 4.79 9.22 9.46
N THR B 30 5.80 8.49 9.93
CA THR B 30 6.54 8.89 11.12
C THR B 30 7.98 8.35 11.04
N TYR B 31 8.92 9.08 11.61
CA TYR B 31 10.32 8.67 11.58
C TYR B 31 10.86 8.36 12.97
N SER B 32 11.64 7.29 13.07
CA SER B 32 12.25 6.89 14.32
C SER B 32 13.72 7.29 14.33
N PRO B 33 14.09 8.28 15.15
CA PRO B 33 15.47 8.74 15.25
C PRO B 33 16.34 7.79 16.07
N ALA B 34 15.69 6.88 16.79
CA ALA B 34 16.38 5.91 17.62
C ALA B 34 16.95 4.77 16.78
N LEU B 35 16.18 4.31 15.80
CA LEU B 35 16.62 3.21 14.95
C LEU B 35 16.86 3.66 13.50
N ASN B 36 16.71 4.97 13.25
CA ASN B 36 16.91 5.53 11.90
C ASN B 36 15.97 4.82 10.92
N LYS B 37 14.74 4.58 11.37
CA LYS B 37 13.76 3.88 10.58
C LYS B 37 12.52 4.74 10.36
N MET B 38 12.12 4.89 9.12
CA MET B 38 10.95 5.67 8.77
C MET B 38 9.78 4.74 8.48
N PHE B 39 8.66 5.01 9.12
CA PHE B 39 7.47 4.20 8.95
C PHE B 39 6.48 4.93 8.05
N CYS B 40 6.01 4.27 7.01
CA CYS B 40 5.10 4.89 6.07
C CYS B 40 3.87 4.01 5.83
N GLN B 41 2.86 4.59 5.21
CA GLN B 41 1.63 3.87 4.88
C GLN B 41 1.58 3.56 3.40
N LEU B 42 0.65 2.70 3.01
CA LEU B 42 0.51 2.32 1.62
C LEU B 42 -0.07 3.46 0.78
N ALA B 43 0.66 3.86 -0.26
CA ALA B 43 0.24 4.92 -1.17
C ALA B 43 0.06 6.25 -0.47
N LYS B 44 0.88 6.51 0.54
CA LYS B 44 0.80 7.77 1.27
C LYS B 44 2.07 8.60 1.06
N THR B 45 1.88 9.91 0.97
CA THR B 45 2.97 10.85 0.76
C THR B 45 3.86 10.92 2.00
N CYS B 46 5.16 10.75 1.79
CA CYS B 46 6.14 10.80 2.87
C CYS B 46 7.05 12.01 2.70
N PRO B 47 7.04 12.93 3.68
CA PRO B 47 7.85 14.15 3.66
C PRO B 47 9.31 13.93 4.04
N VAL B 48 10.21 14.19 3.10
CA VAL B 48 11.64 14.03 3.33
C VAL B 48 12.32 15.38 3.13
N GLN B 49 13.06 15.84 4.13
CA GLN B 49 13.73 17.13 4.05
C GLN B 49 15.24 16.96 3.88
N LEU B 50 15.81 17.76 3.01
CA LEU B 50 17.25 17.72 2.76
C LEU B 50 17.94 18.80 3.59
N TRP B 51 18.53 18.39 4.70
CA TRP B 51 19.21 19.31 5.59
C TRP B 51 20.66 19.50 5.14
N VAL B 52 20.85 20.29 4.10
CA VAL B 52 22.18 20.54 3.56
C VAL B 52 22.85 21.69 4.30
N ASP B 53 24.09 21.44 4.72
CA ASP B 53 24.87 22.44 5.44
C ASP B 53 25.22 23.58 4.49
N SER B 54 25.90 23.22 3.41
CA SER B 54 26.29 24.19 2.40
C SER B 54 25.28 24.15 1.25
N THR B 55 24.95 25.31 0.72
CA THR B 55 23.99 25.39 -0.37
C THR B 55 24.55 24.77 -1.67
N PRO B 56 23.89 23.72 -2.17
CA PRO B 56 24.31 23.04 -3.40
C PRO B 56 23.94 23.84 -4.64
N PRO B 57 24.61 23.59 -5.76
CA PRO B 57 24.34 24.30 -7.03
C PRO B 57 23.05 23.78 -7.66
N PRO B 58 22.17 24.71 -8.09
CA PRO B 58 20.89 24.35 -8.74
C PRO B 58 21.13 23.53 -10.00
N GLY B 59 20.34 22.48 -10.19
CA GLY B 59 20.51 21.63 -11.34
C GLY B 59 21.17 20.32 -10.98
N THR B 60 21.18 20.01 -9.70
CA THR B 60 21.77 18.78 -9.20
C THR B 60 20.74 17.65 -9.28
N ARG B 61 21.18 16.42 -9.10
CA ARG B 61 20.28 15.28 -9.19
C ARG B 61 20.20 14.50 -7.88
N VAL B 62 18.99 14.36 -7.36
CA VAL B 62 18.74 13.62 -6.14
C VAL B 62 18.22 12.24 -6.50
N ARG B 63 19.01 11.22 -6.22
CA ARG B 63 18.64 9.85 -6.54
C ARG B 63 18.26 9.06 -5.30
N ALA B 64 17.19 8.30 -5.39
CA ALA B 64 16.73 7.48 -4.28
C ALA B 64 16.61 6.03 -4.70
N MET B 65 17.48 5.20 -4.15
CA MET B 65 17.49 3.78 -4.46
C MET B 65 17.33 2.98 -3.18
N ALA B 66 16.35 2.08 -3.16
CA ALA B 66 16.11 1.28 -1.97
C ALA B 66 16.67 -0.14 -2.11
N ILE B 67 17.30 -0.60 -1.05
CA ILE B 67 17.86 -1.94 -1.00
C ILE B 67 17.28 -2.66 0.22
N TYR B 68 17.69 -3.90 0.46
CA TYR B 68 17.20 -4.64 1.59
C TYR B 68 18.15 -4.52 2.77
N LYS B 69 17.63 -4.65 3.98
CA LYS B 69 18.45 -4.55 5.18
C LYS B 69 19.46 -5.68 5.26
N GLN B 70 19.02 -6.88 4.91
CA GLN B 70 19.88 -8.06 4.93
C GLN B 70 21.01 -7.90 3.92
N SER B 71 22.24 -7.90 4.41
CA SER B 71 23.42 -7.72 3.57
C SER B 71 23.52 -8.78 2.46
N GLN B 72 23.07 -9.98 2.76
CA GLN B 72 23.10 -11.08 1.80
C GLN B 72 21.97 -10.95 0.78
N HIS B 73 21.02 -10.08 1.07
CA HIS B 73 19.87 -9.87 0.19
C HIS B 73 19.92 -8.49 -0.44
N MET B 74 21.02 -7.77 -0.23
CA MET B 74 21.20 -6.43 -0.76
C MET B 74 21.33 -6.45 -2.29
N THR B 75 21.60 -7.63 -2.83
CA THR B 75 21.75 -7.78 -4.27
C THR B 75 20.39 -7.81 -4.95
N GLU B 76 19.34 -8.02 -4.16
CA GLU B 76 17.99 -8.07 -4.67
C GLU B 76 17.45 -6.67 -4.89
N VAL B 77 16.50 -6.53 -5.79
CA VAL B 77 15.90 -5.24 -6.10
C VAL B 77 14.50 -5.16 -5.51
N VAL B 78 14.22 -4.07 -4.82
CA VAL B 78 12.91 -3.86 -4.20
C VAL B 78 11.84 -3.66 -5.27
N ARG B 79 11.01 -4.67 -5.44
CA ARG B 79 9.94 -4.61 -6.42
C ARG B 79 8.58 -4.76 -5.75
N ARG B 80 7.51 -4.66 -6.53
CA ARG B 80 6.16 -4.78 -6.02
C ARG B 80 5.78 -6.23 -5.78
N CYS B 81 4.58 -6.43 -5.24
CA CYS B 81 4.09 -7.78 -4.94
C CYS B 81 3.29 -8.34 -6.12
N PRO B 82 3.01 -9.67 -6.12
CA PRO B 82 2.27 -10.37 -7.18
C PRO B 82 1.03 -9.63 -7.68
N HIS B 83 0.27 -9.01 -6.78
CA HIS B 83 -0.93 -8.28 -7.20
C HIS B 83 -0.75 -6.79 -6.94
N HIS B 84 -0.03 -6.13 -7.83
CA HIS B 84 0.24 -4.70 -7.73
C HIS B 84 0.76 -4.15 -9.06
N GLU B 85 1.48 -4.99 -9.79
CA GLU B 85 2.05 -4.59 -11.07
C GLU B 85 0.97 -4.40 -12.14
N ARG B 86 0.05 -5.36 -12.22
CA ARG B 86 -1.03 -5.32 -13.19
C ARG B 86 -2.17 -4.41 -12.74
N CYS B 87 -2.01 -3.82 -11.57
CA CYS B 87 -3.03 -2.92 -11.03
C CYS B 87 -3.25 -1.72 -11.94
N SER B 88 -2.22 -1.34 -12.69
CA SER B 88 -2.29 -0.21 -13.61
C SER B 88 -2.55 1.08 -12.85
N ASP B 89 -1.78 1.28 -11.78
CA ASP B 89 -1.91 2.47 -10.94
C ASP B 89 -1.07 3.61 -11.48
N SER B 90 -0.66 3.47 -12.73
CA SER B 90 0.17 4.46 -13.39
C SER B 90 -0.66 5.69 -13.77
N ASP B 91 -0.15 6.86 -13.43
CA ASP B 91 -0.83 8.11 -13.74
C ASP B 91 -0.48 8.56 -15.15
N GLY B 92 0.66 8.07 -15.63
CA GLY B 92 1.13 8.42 -16.96
C GLY B 92 2.62 8.69 -16.94
N LEU B 93 3.06 9.41 -15.92
CA LEU B 93 4.47 9.72 -15.76
C LEU B 93 5.12 8.72 -14.82
N ALA B 94 4.36 8.31 -13.83
CA ALA B 94 4.84 7.34 -12.85
C ALA B 94 4.58 5.91 -13.34
N PRO B 95 5.65 5.15 -13.60
CA PRO B 95 5.55 3.77 -14.09
C PRO B 95 5.00 2.82 -13.03
N PRO B 96 4.29 1.76 -13.46
CA PRO B 96 3.70 0.78 -12.54
C PRO B 96 4.74 -0.17 -11.95
N GLN B 97 5.95 -0.18 -12.51
CA GLN B 97 7.02 -1.05 -12.03
C GLN B 97 7.73 -0.44 -10.83
N HIS B 98 7.77 0.89 -10.79
CA HIS B 98 8.45 1.60 -9.72
C HIS B 98 7.64 1.62 -8.44
N LEU B 99 8.32 1.32 -7.33
CA LEU B 99 7.69 1.29 -6.02
C LEU B 99 7.72 2.66 -5.36
N ILE B 100 8.84 3.37 -5.53
CA ILE B 100 9.01 4.69 -4.95
C ILE B 100 8.79 5.77 -6.00
N ARG B 101 7.80 6.61 -5.77
CA ARG B 101 7.49 7.70 -6.68
C ARG B 101 7.60 9.04 -5.97
N VAL B 102 7.45 10.12 -6.70
CA VAL B 102 7.52 11.45 -6.12
C VAL B 102 6.21 12.19 -6.35
N GLU B 103 5.72 12.87 -5.31
CA GLU B 103 4.48 13.60 -5.39
C GLU B 103 4.65 15.03 -4.85
N GLY B 104 4.05 16.00 -5.53
CA GLY B 104 4.13 17.37 -5.09
C GLY B 104 4.98 18.25 -6.00
N ASN B 105 5.82 17.62 -6.80
CA ASN B 105 6.68 18.37 -7.72
C ASN B 105 6.44 17.95 -9.16
N LEU B 106 6.53 18.90 -10.07
CA LEU B 106 6.32 18.64 -11.49
C LEU B 106 7.58 18.05 -12.11
N ARG B 107 8.72 18.33 -11.50
CA ARG B 107 9.99 17.82 -11.99
C ARG B 107 10.33 16.50 -11.32
N VAL B 108 9.90 15.42 -11.94
CA VAL B 108 10.14 14.08 -11.41
C VAL B 108 10.51 13.13 -12.54
N GLU B 109 11.66 12.48 -12.40
CA GLU B 109 12.13 11.52 -13.39
C GLU B 109 12.54 10.23 -12.73
N TYR B 110 12.52 9.15 -13.50
CA TYR B 110 12.88 7.84 -12.99
C TYR B 110 14.05 7.28 -13.77
N LEU B 111 14.83 6.42 -13.13
CA LEU B 111 16.00 5.83 -13.78
C LEU B 111 16.08 4.34 -13.48
N ASP B 112 16.02 3.54 -14.53
CA ASP B 112 16.08 2.09 -14.40
C ASP B 112 17.45 1.59 -14.84
N ASP B 113 18.20 1.03 -13.90
CA ASP B 113 19.51 0.49 -14.20
C ASP B 113 19.38 -0.82 -14.98
N ARG B 114 20.25 -1.02 -15.96
CA ARG B 114 20.20 -2.22 -16.79
C ARG B 114 21.25 -3.26 -16.37
N ASN B 115 22.05 -2.94 -15.36
CA ASN B 115 23.08 -3.85 -14.89
C ASN B 115 22.49 -4.90 -13.97
N THR B 116 21.67 -4.43 -13.03
CA THR B 116 21.02 -5.31 -12.08
C THR B 116 19.54 -4.99 -11.98
N PHE B 117 19.06 -4.21 -12.94
CA PHE B 117 17.65 -3.81 -12.99
C PHE B 117 17.28 -3.01 -11.75
N ARG B 118 18.19 -2.12 -11.34
CA ARG B 118 17.99 -1.28 -10.19
C ARG B 118 17.01 -0.16 -10.49
N HIS B 119 15.79 -0.31 -10.01
CA HIS B 119 14.76 0.70 -10.21
C HIS B 119 14.96 1.82 -9.19
N SER B 120 15.19 3.03 -9.65
CA SER B 120 15.41 4.15 -8.77
C SER B 120 14.81 5.44 -9.32
N VAL B 121 14.46 6.35 -8.43
CA VAL B 121 13.89 7.63 -8.82
C VAL B 121 14.96 8.71 -8.76
N VAL B 122 14.89 9.67 -9.66
CA VAL B 122 15.87 10.75 -9.69
C VAL B 122 15.19 12.09 -10.00
N VAL B 123 15.20 12.98 -9.01
CA VAL B 123 14.59 14.28 -9.17
C VAL B 123 15.62 15.39 -9.11
N PRO B 124 15.37 16.51 -9.77
CA PRO B 124 16.29 17.66 -9.75
C PRO B 124 16.22 18.38 -8.42
N TYR B 125 17.34 18.93 -7.99
CA TYR B 125 17.39 19.65 -6.72
C TYR B 125 16.70 21.00 -6.83
N GLU B 126 15.54 21.11 -6.20
CA GLU B 126 14.79 22.35 -6.19
C GLU B 126 15.45 23.34 -5.23
N PRO B 127 15.72 24.57 -5.69
CA PRO B 127 16.36 25.60 -4.87
C PRO B 127 15.51 25.96 -3.65
N PRO B 128 16.16 26.25 -2.51
CA PRO B 128 15.47 26.63 -1.27
C PRO B 128 14.47 27.76 -1.49
N GLU B 129 13.25 27.56 -1.02
CA GLU B 129 12.19 28.53 -1.19
C GLU B 129 12.05 29.44 0.03
N VAL B 130 11.26 30.49 -0.11
CA VAL B 130 11.04 31.43 0.97
C VAL B 130 10.30 30.73 2.12
N GLY B 131 10.87 30.78 3.31
CA GLY B 131 10.26 30.15 4.46
C GLY B 131 10.53 28.66 4.48
N SER B 132 11.20 28.17 3.46
CA SER B 132 11.51 26.76 3.35
C SER B 132 13.02 26.56 3.23
N ASP B 133 13.69 26.63 4.37
CA ASP B 133 15.14 26.46 4.43
C ASP B 133 15.52 25.04 4.02
N CYS B 134 14.78 24.08 4.55
CA CYS B 134 15.03 22.69 4.25
C CYS B 134 14.15 22.19 3.12
N THR B 135 14.77 21.87 1.99
CA THR B 135 14.05 21.38 0.82
C THR B 135 13.24 20.14 1.19
N THR B 136 11.93 20.27 1.12
CA THR B 136 11.03 19.18 1.46
C THR B 136 10.52 18.47 0.20
N ILE B 137 10.95 17.24 0.01
CA ILE B 137 10.53 16.44 -1.12
C ILE B 137 9.63 15.32 -0.62
N HIS B 138 8.50 15.13 -1.27
CA HIS B 138 7.55 14.10 -0.86
C HIS B 138 7.64 12.86 -1.74
N TYR B 139 7.95 11.73 -1.11
CA TYR B 139 8.06 10.46 -1.81
C TYR B 139 6.84 9.61 -1.50
N ASN B 140 6.41 8.81 -2.46
CA ASN B 140 5.24 7.96 -2.28
C ASN B 140 5.60 6.49 -2.42
N TYR B 141 5.38 5.73 -1.35
CA TYR B 141 5.65 4.31 -1.34
C TYR B 141 4.40 3.57 -1.80
N MET B 142 4.45 2.99 -2.99
CA MET B 142 3.31 2.30 -3.56
C MET B 142 3.21 0.83 -3.14
N CYS B 143 3.95 0.45 -2.11
CA CYS B 143 3.92 -0.93 -1.62
C CYS B 143 4.32 -1.00 -0.16
N ASN B 144 4.03 -2.12 0.48
CA ASN B 144 4.34 -2.33 1.88
C ASN B 144 5.56 -3.23 2.01
N SER B 145 6.27 -3.12 3.13
CA SER B 145 7.45 -3.94 3.35
C SER B 145 7.08 -5.39 3.59
N SER B 146 5.81 -5.63 3.86
CA SER B 146 5.32 -6.97 4.11
C SER B 146 4.92 -7.65 2.79
N CYS B 147 4.75 -6.84 1.73
CA CYS B 147 4.35 -7.34 0.43
C CYS B 147 5.24 -8.50 -0.02
N MET B 148 4.61 -9.64 -0.30
CA MET B 148 5.33 -10.83 -0.72
C MET B 148 5.95 -10.66 -2.11
N GLY B 149 6.75 -11.64 -2.50
CA GLY B 149 7.39 -11.58 -3.79
C GLY B 149 8.68 -10.80 -3.74
N GLY B 150 8.56 -9.48 -3.67
CA GLY B 150 9.73 -8.62 -3.61
C GLY B 150 10.31 -8.55 -2.22
N MET B 151 9.78 -7.64 -1.41
CA MET B 151 10.26 -7.46 -0.04
C MET B 151 10.04 -8.73 0.77
N ASN B 152 8.82 -9.22 0.77
CA ASN B 152 8.45 -10.45 1.49
C ASN B 152 8.73 -10.36 2.98
N ARG B 153 8.20 -9.30 3.60
CA ARG B 153 8.35 -9.09 5.04
C ARG B 153 9.80 -8.79 5.45
N ARG B 154 10.53 -8.11 4.57
CA ARG B 154 11.91 -7.75 4.83
C ARG B 154 12.07 -6.24 4.86
N PRO B 155 12.79 -5.71 5.87
CA PRO B 155 13.03 -4.26 6.00
C PRO B 155 13.92 -3.75 4.87
N ILE B 156 13.66 -2.52 4.43
CA ILE B 156 14.43 -1.94 3.35
C ILE B 156 15.22 -0.71 3.80
N LEU B 157 16.24 -0.39 3.03
CA LEU B 157 17.11 0.75 3.28
C LEU B 157 17.10 1.64 2.06
N THR B 158 16.53 2.82 2.19
CA THR B 158 16.48 3.76 1.07
C THR B 158 17.68 4.70 1.11
N ILE B 159 18.47 4.65 0.05
CA ILE B 159 19.65 5.50 -0.07
C ILE B 159 19.32 6.78 -0.83
N ILE B 160 19.41 7.89 -0.13
CA ILE B 160 19.15 9.20 -0.72
C ILE B 160 20.50 9.84 -1.04
N THR B 161 20.78 10.00 -2.31
CA THR B 161 22.04 10.57 -2.72
C THR B 161 21.87 11.81 -3.58
N LEU B 162 22.85 12.71 -3.51
CA LEU B 162 22.84 13.93 -4.28
C LEU B 162 24.07 13.99 -5.18
N GLU B 163 23.85 13.88 -6.48
CA GLU B 163 24.92 13.92 -7.45
C GLU B 163 24.82 15.21 -8.27
N ASP B 164 25.92 15.59 -8.88
CA ASP B 164 25.94 16.80 -9.70
C ASP B 164 25.23 16.54 -11.03
N SER B 165 25.12 17.56 -11.86
CA SER B 165 24.45 17.45 -13.16
C SER B 165 25.05 16.34 -14.02
N SER B 166 26.35 16.09 -13.85
CA SER B 166 27.04 15.07 -14.60
C SER B 166 26.85 13.69 -13.95
N GLY B 167 27.19 13.58 -12.67
CA GLY B 167 27.05 12.33 -11.96
C GLY B 167 28.07 12.16 -10.86
N ASN B 168 28.67 13.27 -10.44
CA ASN B 168 29.67 13.24 -9.39
C ASN B 168 28.98 13.24 -8.03
N LEU B 169 29.38 12.32 -7.16
CA LEU B 169 28.79 12.20 -5.84
C LEU B 169 29.17 13.37 -4.94
N LEU B 170 28.18 14.16 -4.55
CA LEU B 170 28.39 15.31 -3.68
C LEU B 170 28.02 14.99 -2.24
N GLY B 171 26.98 14.18 -2.08
CA GLY B 171 26.53 13.80 -0.74
C GLY B 171 25.64 12.56 -0.81
N ARG B 172 25.77 11.69 0.16
CA ARG B 172 24.97 10.46 0.18
C ARG B 172 24.59 10.09 1.62
N ASN B 173 23.33 9.75 1.81
CA ASN B 173 22.83 9.37 3.13
C ASN B 173 21.83 8.22 2.99
N SER B 174 21.73 7.36 4.00
CA SER B 174 20.82 6.22 3.93
C SER B 174 20.03 6.05 5.23
N PHE B 175 18.79 5.58 5.10
CA PHE B 175 17.94 5.36 6.26
C PHE B 175 17.07 4.10 6.06
N GLU B 176 16.60 3.52 7.15
CA GLU B 176 15.79 2.32 7.10
C GLU B 176 14.32 2.70 6.94
N VAL B 177 13.56 1.87 6.22
CA VAL B 177 12.15 2.16 6.00
C VAL B 177 11.27 0.94 6.25
N ARG B 178 10.08 1.19 6.78
CA ARG B 178 9.10 0.14 7.05
C ARG B 178 7.72 0.66 6.63
N VAL B 179 7.23 0.16 5.51
CA VAL B 179 5.94 0.58 5.00
C VAL B 179 4.86 -0.43 5.35
N CYS B 180 3.81 0.05 6.00
CA CYS B 180 2.70 -0.81 6.40
C CYS B 180 1.38 -0.06 6.28
N ALA B 181 0.47 -0.31 7.20
CA ALA B 181 -0.83 0.37 7.19
C ALA B 181 -1.01 1.20 8.46
N CYS B 182 -0.13 1.01 9.42
CA CYS B 182 -0.20 1.74 10.68
C CYS B 182 1.21 2.01 11.22
N PRO B 183 1.83 3.11 10.79
CA PRO B 183 3.19 3.47 11.21
C PRO B 183 3.32 3.60 12.73
N GLY B 184 2.31 4.16 13.36
CA GLY B 184 2.32 4.31 14.80
C GLY B 184 2.22 2.99 15.54
N ARG B 185 1.62 2.01 14.87
CA ARG B 185 1.44 0.68 15.45
C ARG B 185 2.73 -0.12 15.31
N ASP B 186 3.19 -0.23 14.07
CA ASP B 186 4.41 -0.99 13.77
C ASP B 186 5.63 -0.43 14.47
N ARG B 187 5.57 0.84 14.84
CA ARG B 187 6.68 1.49 15.54
C ARG B 187 6.84 0.91 16.94
N ARG B 188 5.75 0.34 17.46
CA ARG B 188 5.75 -0.24 18.79
C ARG B 188 6.36 -1.64 18.77
N THR B 189 6.38 -2.25 17.60
CA THR B 189 6.94 -3.58 17.45
C THR B 189 8.45 -3.52 17.18
N GLU B 190 8.95 -2.31 16.99
CA GLU B 190 10.37 -2.11 16.72
C GLU B 190 11.02 -1.13 17.70
N GLU B 191 10.81 0.17 17.46
CA GLU B 191 11.39 1.21 18.32
C GLU B 191 10.93 1.06 19.77
N GLU B 192 9.62 0.96 19.97
CA GLU B 192 9.05 0.84 21.30
C GLU B 192 9.25 -0.57 21.87
N ASN B 193 9.85 -1.44 21.07
CA ASN B 193 10.09 -2.82 21.50
C ASN B 193 11.54 -3.02 21.89
N LEU B 194 12.38 -2.06 21.57
CA LEU B 194 13.80 -2.14 21.88
C LEU B 194 14.10 -1.39 23.17
N ARG B 195 13.05 -0.95 23.85
CA ARG B 195 13.19 -0.22 25.10
C ARG B 195 12.09 -0.65 26.05
ZN ZN C . 2.67 -4.93 -3.09
N MET A 4 -31.50 -24.87 8.11
CA MET A 4 -30.67 -23.72 7.69
C MET A 4 -29.46 -24.19 6.90
N SER A 5 -29.49 -23.96 5.60
CA SER A 5 -28.39 -24.36 4.72
C SER A 5 -27.34 -23.26 4.64
N GLN A 6 -27.70 -22.06 5.12
CA GLN A 6 -26.82 -20.90 5.10
C GLN A 6 -26.44 -20.54 3.67
N SER A 7 -27.46 -20.41 2.83
CA SER A 7 -27.26 -20.07 1.43
C SER A 7 -26.53 -18.73 1.27
N ASN A 8 -26.77 -17.82 2.21
CA ASN A 8 -26.13 -16.51 2.18
C ASN A 8 -24.68 -16.63 2.60
N ARG A 9 -24.46 -17.28 3.73
CA ARG A 9 -23.12 -17.48 4.27
C ARG A 9 -22.24 -18.23 3.28
N GLU A 10 -22.81 -19.23 2.63
CA GLU A 10 -22.08 -20.03 1.66
C GLU A 10 -21.61 -19.19 0.48
N LEU A 11 -22.49 -18.32 -0.01
CA LEU A 11 -22.16 -17.47 -1.14
C LEU A 11 -21.09 -16.44 -0.78
N VAL A 12 -21.16 -15.92 0.44
CA VAL A 12 -20.19 -14.94 0.90
C VAL A 12 -18.78 -15.52 0.90
N VAL A 13 -18.62 -16.68 1.53
CA VAL A 13 -17.32 -17.33 1.61
C VAL A 13 -16.89 -17.86 0.24
N ASP A 14 -17.87 -18.16 -0.60
CA ASP A 14 -17.63 -18.65 -1.95
C ASP A 14 -16.92 -17.58 -2.77
N PHE A 15 -17.54 -16.40 -2.81
CA PHE A 15 -16.99 -15.28 -3.56
C PHE A 15 -15.65 -14.86 -2.97
N LEU A 16 -15.56 -14.90 -1.64
CA LEU A 16 -14.33 -14.55 -0.93
C LEU A 16 -13.18 -15.44 -1.36
N SER A 17 -13.37 -16.75 -1.27
CA SER A 17 -12.35 -17.71 -1.65
C SER A 17 -12.03 -17.59 -3.13
N TYR A 18 -13.05 -17.29 -3.93
CA TYR A 18 -12.88 -17.12 -5.37
C TYR A 18 -11.92 -15.98 -5.68
N LYS A 19 -12.11 -14.84 -5.01
CA LYS A 19 -11.25 -13.70 -5.22
C LYS A 19 -9.88 -13.90 -4.57
N LEU A 20 -9.86 -14.64 -3.47
CA LEU A 20 -8.62 -14.92 -2.76
C LEU A 20 -7.71 -15.80 -3.62
N SER A 21 -8.26 -16.37 -4.68
CA SER A 21 -7.51 -17.23 -5.58
C SER A 21 -7.09 -16.47 -6.84
N GLN A 22 -7.06 -15.14 -6.73
CA GLN A 22 -6.64 -14.29 -7.86
C GLN A 22 -5.14 -14.42 -8.10
N LYS A 23 -4.35 -13.76 -7.27
CA LYS A 23 -2.90 -13.81 -7.39
C LYS A 23 -2.26 -13.29 -6.10
N GLY A 24 -1.26 -14.00 -5.61
CA GLY A 24 -0.59 -13.59 -4.39
C GLY A 24 -1.22 -14.24 -3.17
N TYR A 25 -1.64 -15.48 -3.31
CA TYR A 25 -2.26 -16.20 -2.20
C TYR A 25 -1.28 -17.15 -1.53
N SER A 26 -0.80 -16.77 -0.36
CA SER A 26 0.14 -17.59 0.39
C SER A 26 -0.58 -18.60 1.26
N TRP A 27 -1.24 -18.11 2.30
CA TRP A 27 -1.96 -18.98 3.24
C TRP A 27 -3.28 -19.46 2.65
N SER A 28 -3.91 -18.61 1.85
CA SER A 28 -5.21 -18.92 1.24
C SER A 28 -5.11 -20.10 0.28
N GLN A 29 -3.89 -20.49 -0.07
CA GLN A 29 -3.66 -21.59 -0.97
C GLN A 29 -3.95 -22.92 -0.28
N PHE A 30 -3.77 -22.94 1.04
CA PHE A 30 -4.00 -24.15 1.81
C PHE A 30 -5.14 -23.97 2.82
N SER A 31 -5.14 -22.83 3.49
CA SER A 31 -6.16 -22.54 4.49
C SER A 31 -7.47 -22.05 3.85
N MET A 86 -32.41 -23.52 -9.99
CA MET A 86 -31.31 -22.87 -9.29
C MET A 86 -31.28 -21.38 -9.60
N ALA A 87 -31.08 -20.57 -8.57
CA ALA A 87 -31.03 -19.12 -8.73
C ALA A 87 -29.74 -18.71 -9.42
N ALA A 88 -28.76 -19.60 -9.40
CA ALA A 88 -27.45 -19.35 -10.02
C ALA A 88 -26.77 -18.13 -9.39
N VAL A 89 -27.00 -17.93 -8.11
CA VAL A 89 -26.43 -16.81 -7.38
C VAL A 89 -24.90 -16.82 -7.44
N LYS A 90 -24.32 -18.02 -7.43
CA LYS A 90 -22.87 -18.18 -7.49
C LYS A 90 -22.35 -17.66 -8.83
N GLN A 91 -23.09 -17.97 -9.89
CA GLN A 91 -22.72 -17.53 -11.24
C GLN A 91 -22.93 -16.03 -11.38
N ALA A 92 -24.07 -15.56 -10.89
CA ALA A 92 -24.41 -14.14 -10.96
C ALA A 92 -23.36 -13.29 -10.26
N LEU A 93 -22.99 -13.70 -9.05
CA LEU A 93 -21.99 -12.98 -8.27
C LEU A 93 -20.61 -13.11 -8.89
N ARG A 94 -20.38 -14.20 -9.61
CA ARG A 94 -19.09 -14.43 -10.26
C ARG A 94 -18.90 -13.45 -11.41
N GLU A 95 -19.91 -13.34 -12.27
CA GLU A 95 -19.84 -12.44 -13.41
C GLU A 95 -19.72 -10.98 -12.97
N ALA A 96 -20.72 -10.52 -12.21
CA ALA A 96 -20.73 -9.14 -11.74
C ALA A 96 -19.56 -8.82 -10.81
N GLY A 97 -19.21 -9.79 -9.97
CA GLY A 97 -18.13 -9.61 -9.04
C GLY A 97 -16.78 -9.46 -9.72
N ASP A 98 -16.49 -10.33 -10.68
CA ASP A 98 -15.22 -10.27 -11.40
C ASP A 98 -15.14 -9.00 -12.24
N GLU A 99 -16.28 -8.62 -12.82
CA GLU A 99 -16.37 -7.43 -13.65
C GLU A 99 -15.98 -6.18 -12.87
N PHE A 100 -16.43 -6.10 -11.63
CA PHE A 100 -16.13 -4.95 -10.79
C PHE A 100 -14.73 -5.07 -10.19
N GLU A 101 -14.33 -6.29 -9.86
CA GLU A 101 -13.02 -6.55 -9.27
C GLU A 101 -11.88 -5.99 -10.13
N LEU A 102 -11.93 -6.25 -11.44
CA LEU A 102 -10.90 -5.77 -12.35
C LEU A 102 -10.80 -4.25 -12.36
N ARG A 103 -11.90 -3.59 -12.01
CA ARG A 103 -11.94 -2.13 -11.97
C ARG A 103 -11.47 -1.63 -10.60
N TYR A 104 -11.61 -2.48 -9.59
CA TYR A 104 -11.20 -2.15 -8.23
C TYR A 104 -9.72 -2.41 -8.01
N ARG A 105 -9.18 -3.39 -8.72
CA ARG A 105 -7.76 -3.74 -8.60
C ARG A 105 -6.85 -2.77 -9.34
N ARG A 106 -7.36 -1.58 -9.65
CA ARG A 106 -6.58 -0.58 -10.35
C ARG A 106 -5.84 0.31 -9.36
N ALA A 107 -5.89 -0.09 -8.08
CA ALA A 107 -5.25 0.62 -6.98
C ALA A 107 -5.96 1.93 -6.66
N PHE A 108 -5.93 2.87 -7.59
CA PHE A 108 -6.56 4.16 -7.41
C PHE A 108 -8.04 4.09 -7.83
N SER A 109 -8.80 3.30 -7.10
CA SER A 109 -10.23 3.13 -7.36
C SER A 109 -11.03 3.61 -6.17
N ASP A 110 -12.26 3.11 -6.04
CA ASP A 110 -13.13 3.50 -4.93
C ASP A 110 -12.63 2.90 -3.62
N LEU A 111 -11.89 1.80 -3.74
CA LEU A 111 -11.34 1.11 -2.57
C LEU A 111 -10.39 2.04 -1.80
N THR A 112 -9.56 2.78 -2.54
CA THR A 112 -8.61 3.69 -1.93
C THR A 112 -9.31 4.78 -1.12
N SER A 113 -10.40 5.30 -1.66
CA SER A 113 -11.15 6.35 -0.99
C SER A 113 -12.00 5.77 0.14
N GLN A 114 -12.47 4.55 -0.04
CA GLN A 114 -13.30 3.88 0.94
C GLN A 114 -12.50 3.55 2.20
N LEU A 115 -11.37 2.89 2.04
CA LEU A 115 -10.54 2.50 3.17
C LEU A 115 -9.62 3.64 3.60
N HIS A 116 -8.96 4.27 2.62
CA HIS A 116 -8.03 5.38 2.86
C HIS A 116 -6.84 4.94 3.72
N ILE A 117 -6.62 3.62 3.81
CA ILE A 117 -5.55 3.04 4.60
C ILE A 117 -5.70 3.47 6.06
N THR A 118 -6.73 2.94 6.69
CA THR A 118 -7.02 3.24 8.09
C THR A 118 -5.96 2.65 9.02
N PRO A 119 -5.56 3.42 10.05
CA PRO A 119 -4.54 2.98 11.03
C PRO A 119 -5.11 1.96 12.03
N GLY A 120 -5.94 1.07 11.52
CA GLY A 120 -6.54 0.04 12.32
C GLY A 120 -7.18 -0.99 11.43
N THR A 121 -6.42 -1.43 10.43
CA THR A 121 -6.89 -2.39 9.45
C THR A 121 -7.03 -3.80 10.04
N ALA A 122 -7.99 -3.93 10.94
CA ALA A 122 -8.30 -5.18 11.61
C ALA A 122 -9.72 -5.09 12.15
N TYR A 123 -10.08 -3.89 12.59
CA TYR A 123 -11.42 -3.64 13.12
C TYR A 123 -12.05 -2.44 12.44
N GLN A 124 -11.24 -1.42 12.16
CA GLN A 124 -11.73 -0.21 11.50
C GLN A 124 -12.09 -0.50 10.06
N SER A 125 -11.37 -1.44 9.46
CA SER A 125 -11.60 -1.83 8.07
C SER A 125 -12.99 -2.47 7.94
N PHE A 126 -13.38 -3.23 8.96
CA PHE A 126 -14.67 -3.89 8.96
C PHE A 126 -15.79 -2.85 9.01
N GLU A 127 -15.71 -1.95 9.99
CA GLU A 127 -16.69 -0.89 10.14
C GLU A 127 -16.73 0.02 8.91
N GLN A 128 -15.56 0.23 8.33
CA GLN A 128 -15.41 1.07 7.15
C GLN A 128 -16.22 0.53 5.98
N VAL A 129 -16.15 -0.78 5.78
CA VAL A 129 -16.86 -1.43 4.68
C VAL A 129 -18.33 -1.69 5.03
N VAL A 130 -18.57 -2.17 6.24
CA VAL A 130 -19.94 -2.48 6.68
C VAL A 130 -20.82 -1.23 6.70
N ASN A 131 -20.23 -0.09 7.05
CA ASN A 131 -20.97 1.17 7.09
C ASN A 131 -21.50 1.54 5.71
N GLU A 132 -20.79 1.08 4.68
CA GLU A 132 -21.18 1.33 3.29
C GLU A 132 -22.59 0.81 3.01
N LEU A 133 -22.89 -0.38 3.52
CA LEU A 133 -24.20 -0.98 3.33
C LEU A 133 -25.27 -0.17 4.07
N PHE A 134 -24.92 0.31 5.25
CA PHE A 134 -25.85 1.10 6.07
C PHE A 134 -26.07 2.49 5.48
N ARG A 135 -25.29 2.84 4.46
CA ARG A 135 -25.41 4.14 3.81
C ARG A 135 -26.53 4.12 2.79
N ASP A 136 -27.00 2.92 2.47
CA ASP A 136 -28.09 2.76 1.51
C ASP A 136 -29.21 1.91 2.09
N GLY A 137 -28.84 0.88 2.82
CA GLY A 137 -29.82 0.00 3.42
C GLY A 137 -30.07 -1.20 2.55
N VAL A 138 -31.34 -1.49 2.28
CA VAL A 138 -31.70 -2.63 1.45
C VAL A 138 -31.62 -2.22 -0.03
N ASN A 139 -30.41 -2.25 -0.57
CA ASN A 139 -30.18 -1.89 -1.96
C ASN A 139 -29.47 -3.02 -2.69
N TRP A 140 -30.14 -3.55 -3.71
CA TRP A 140 -29.60 -4.65 -4.50
C TRP A 140 -28.43 -4.23 -5.36
N GLY A 141 -28.29 -2.93 -5.59
CA GLY A 141 -27.18 -2.44 -6.37
C GLY A 141 -25.97 -2.14 -5.49
N ARG A 142 -26.24 -1.58 -4.31
CA ARG A 142 -25.19 -1.24 -3.37
C ARG A 142 -24.49 -2.50 -2.85
N ILE A 143 -25.24 -3.59 -2.74
CA ILE A 143 -24.69 -4.84 -2.25
C ILE A 143 -23.62 -5.39 -3.21
N VAL A 144 -23.76 -5.10 -4.50
CA VAL A 144 -22.80 -5.54 -5.50
C VAL A 144 -21.46 -4.85 -5.24
N ALA A 145 -21.53 -3.55 -4.99
CA ALA A 145 -20.33 -2.76 -4.71
C ALA A 145 -19.72 -3.23 -3.39
N PHE A 146 -20.60 -3.50 -2.41
CA PHE A 146 -20.17 -3.98 -1.10
C PHE A 146 -19.31 -5.23 -1.22
N PHE A 147 -19.79 -6.19 -2.02
CA PHE A 147 -19.07 -7.43 -2.25
C PHE A 147 -17.76 -7.17 -2.97
N SER A 148 -17.80 -6.22 -3.90
CA SER A 148 -16.62 -5.86 -4.67
C SER A 148 -15.56 -5.22 -3.78
N PHE A 149 -16.00 -4.39 -2.84
CA PHE A 149 -15.09 -3.73 -1.91
C PHE A 149 -14.30 -4.75 -1.10
N GLY A 150 -15.02 -5.67 -0.46
CA GLY A 150 -14.39 -6.70 0.33
C GLY A 150 -13.59 -7.67 -0.52
N GLY A 151 -14.13 -7.98 -1.70
CA GLY A 151 -13.47 -8.89 -2.62
C GLY A 151 -12.09 -8.40 -3.05
N ALA A 152 -12.03 -7.17 -3.52
CA ALA A 152 -10.76 -6.58 -3.96
C ALA A 152 -9.81 -6.38 -2.78
N LEU A 153 -10.38 -6.00 -1.64
CA LEU A 153 -9.60 -5.76 -0.43
C LEU A 153 -8.93 -7.03 0.06
N CYS A 154 -9.66 -8.15 0.07
CA CYS A 154 -9.12 -9.41 0.54
C CYS A 154 -7.93 -9.87 -0.30
N VAL A 155 -7.98 -9.62 -1.60
CA VAL A 155 -6.89 -10.02 -2.50
C VAL A 155 -5.60 -9.30 -2.12
N GLU A 156 -5.70 -7.99 -1.93
CA GLU A 156 -4.53 -7.19 -1.58
C GLU A 156 -4.11 -7.44 -0.12
N SER A 157 -5.01 -8.06 0.66
CA SER A 157 -4.71 -8.36 2.05
C SER A 157 -3.74 -9.53 2.15
N VAL A 158 -3.87 -10.49 1.24
CA VAL A 158 -2.99 -11.65 1.22
C VAL A 158 -1.75 -11.35 0.38
N ASP A 159 -1.95 -10.58 -0.69
CA ASP A 159 -0.87 -10.19 -1.59
C ASP A 159 0.18 -9.36 -0.84
N LYS A 160 -0.25 -8.67 0.20
CA LYS A 160 0.65 -7.85 1.00
C LYS A 160 1.00 -8.55 2.31
N GLU A 161 0.67 -9.83 2.39
CA GLU A 161 0.94 -10.66 3.58
C GLU A 161 0.55 -9.98 4.89
N MET A 162 -0.60 -9.30 4.88
CA MET A 162 -1.07 -8.62 6.08
C MET A 162 -1.78 -9.60 7.00
N GLN A 163 -2.61 -10.46 6.39
CA GLN A 163 -3.37 -11.48 7.12
C GLN A 163 -4.46 -10.92 8.01
N VAL A 164 -4.04 -10.25 9.10
CA VAL A 164 -4.96 -9.67 10.08
C VAL A 164 -6.13 -8.91 9.44
N LEU A 165 -5.86 -8.25 8.31
CA LEU A 165 -6.89 -7.49 7.61
C LEU A 165 -8.09 -8.36 7.24
N VAL A 166 -7.86 -9.34 6.38
CA VAL A 166 -8.92 -10.23 5.92
C VAL A 166 -9.34 -11.24 7.00
N SER A 167 -8.38 -11.74 7.76
CA SER A 167 -8.65 -12.72 8.81
C SER A 167 -9.64 -12.21 9.85
N ARG A 168 -9.58 -10.91 10.14
CA ARG A 168 -10.48 -10.33 11.11
C ARG A 168 -11.84 -10.01 10.50
N ILE A 169 -11.83 -9.30 9.37
CA ILE A 169 -13.07 -8.92 8.69
C ILE A 169 -13.95 -10.13 8.41
N ALA A 170 -13.35 -11.20 7.87
CA ALA A 170 -14.09 -12.41 7.55
C ALA A 170 -14.73 -13.01 8.79
N ALA A 171 -13.99 -13.00 9.90
CA ALA A 171 -14.49 -13.56 11.17
C ALA A 171 -15.71 -12.79 11.67
N TRP A 172 -15.60 -11.47 11.73
CA TRP A 172 -16.69 -10.64 12.21
C TRP A 172 -17.89 -10.76 11.29
N MET A 173 -17.62 -10.69 9.99
CA MET A 173 -18.66 -10.78 8.97
C MET A 173 -19.42 -12.10 9.05
N ALA A 174 -18.67 -13.20 9.15
CA ALA A 174 -19.28 -14.54 9.23
C ALA A 174 -20.21 -14.65 10.43
N THR A 175 -19.85 -13.97 11.51
CA THR A 175 -20.65 -14.01 12.73
C THR A 175 -21.91 -13.15 12.58
N TYR A 176 -21.73 -11.89 12.20
CA TYR A 176 -22.83 -10.96 12.03
C TYR A 176 -23.78 -11.41 10.92
N LEU A 177 -23.24 -12.11 9.93
CA LEU A 177 -24.03 -12.60 8.82
C LEU A 177 -25.12 -13.55 9.30
N ASN A 178 -24.73 -14.64 9.91
CA ASN A 178 -25.70 -15.63 10.41
C ASN A 178 -26.49 -15.07 11.59
N ASP A 179 -25.94 -14.05 12.23
CA ASP A 179 -26.58 -13.42 13.37
C ASP A 179 -27.93 -12.82 13.00
N HIS A 180 -27.92 -11.86 12.08
CA HIS A 180 -29.16 -11.21 11.68
C HIS A 180 -29.25 -10.97 10.17
N LEU A 181 -28.09 -10.83 9.52
CA LEU A 181 -28.05 -10.59 8.08
C LEU A 181 -28.74 -11.69 7.27
N GLU A 182 -28.33 -12.94 7.50
CA GLU A 182 -28.91 -14.09 6.79
C GLU A 182 -30.44 -14.13 6.91
N PRO A 183 -31.00 -14.14 8.15
CA PRO A 183 -32.44 -14.17 8.35
C PRO A 183 -33.15 -13.00 7.66
N TRP A 184 -32.54 -11.82 7.73
CA TRP A 184 -33.10 -10.63 7.11
C TRP A 184 -33.12 -10.76 5.58
N ILE A 185 -32.01 -11.19 5.01
CA ILE A 185 -31.90 -11.37 3.58
C ILE A 185 -32.89 -12.41 3.08
N GLN A 186 -33.07 -13.48 3.84
CA GLN A 186 -33.99 -14.55 3.48
C GLN A 186 -35.42 -14.23 3.88
N GLU A 187 -35.66 -13.00 4.30
CA GLU A 187 -36.98 -12.57 4.70
C GLU A 187 -37.49 -11.47 3.78
N ASN A 188 -36.72 -10.39 3.69
CA ASN A 188 -37.09 -9.26 2.84
C ASN A 188 -36.68 -9.50 1.39
N GLY A 189 -35.54 -10.17 1.22
CA GLY A 189 -35.04 -10.43 -0.10
C GLY A 189 -33.68 -9.82 -0.33
N GLY A 190 -32.76 -10.60 -0.87
CA GLY A 190 -31.42 -10.11 -1.13
C GLY A 190 -30.88 -10.65 -2.43
N TRP A 191 -30.00 -11.66 -2.33
CA TRP A 191 -29.41 -12.26 -3.52
C TRP A 191 -30.46 -12.95 -4.37
N ASP A 192 -31.52 -13.41 -3.71
CA ASP A 192 -32.62 -14.08 -4.36
C ASP A 192 -33.38 -13.11 -5.27
N THR A 193 -33.58 -11.90 -4.78
CA THR A 193 -34.27 -10.88 -5.56
C THR A 193 -33.33 -10.26 -6.58
N PHE A 194 -32.03 -10.31 -6.28
CA PHE A 194 -31.02 -9.76 -7.18
C PHE A 194 -31.06 -10.49 -8.51
N VAL A 195 -31.21 -11.81 -8.45
CA VAL A 195 -31.26 -12.63 -9.66
C VAL A 195 -32.48 -12.25 -10.50
N GLU A 196 -33.55 -11.84 -9.82
CA GLU A 196 -34.79 -11.44 -10.48
C GLU A 196 -34.56 -10.23 -11.37
N LEU A 197 -33.70 -9.31 -10.93
CA LEU A 197 -33.40 -8.11 -11.69
C LEU A 197 -32.07 -8.23 -12.42
N TYR A 198 -31.59 -9.46 -12.57
CA TYR A 198 -30.32 -9.70 -13.24
C TYR A 198 -30.46 -10.76 -14.34
N GLY A 199 -30.76 -11.98 -13.94
CA GLY A 199 -30.89 -13.06 -14.89
C GLY A 199 -32.34 -13.34 -15.27
N ASN A 200 -33.21 -13.26 -14.28
CA ASN A 200 -34.64 -13.52 -14.49
C ASN A 200 -35.36 -12.23 -14.90
N ASN A 201 -34.61 -11.30 -15.47
CA ASN A 201 -35.15 -10.04 -15.91
C ASN A 201 -35.16 -9.99 -17.43
N SER B 1 24.17 -6.03 -7.81
CA SER B 1 25.19 -5.03 -7.49
C SER B 1 24.75 -4.18 -6.30
N VAL B 2 25.51 -4.27 -5.22
CA VAL B 2 25.21 -3.52 -4.01
C VAL B 2 25.81 -2.12 -4.07
N PRO B 3 24.96 -1.09 -4.06
CA PRO B 3 25.39 0.30 -4.10
C PRO B 3 26.05 0.72 -2.79
N SER B 4 26.83 1.79 -2.85
CA SER B 4 27.52 2.30 -1.67
C SER B 4 26.54 2.96 -0.71
N GLN B 5 26.37 2.37 0.46
CA GLN B 5 25.47 2.89 1.48
C GLN B 5 26.23 3.69 2.52
N LYS B 6 27.54 3.79 2.33
CA LYS B 6 28.41 4.53 3.24
C LYS B 6 27.98 5.99 3.33
N THR B 7 27.73 6.46 4.54
CA THR B 7 27.32 7.84 4.77
C THR B 7 28.41 8.82 4.34
N TYR B 8 28.06 9.72 3.44
CA TYR B 8 28.97 10.72 2.92
C TYR B 8 28.28 12.08 2.94
N GLN B 9 28.73 12.94 3.83
CA GLN B 9 28.15 14.27 3.96
C GLN B 9 28.61 15.17 2.81
N GLY B 10 29.88 15.04 2.46
CA GLY B 10 30.42 15.82 1.36
C GLY B 10 30.76 17.24 1.76
N SER B 11 31.01 18.08 0.77
CA SER B 11 31.36 19.47 1.00
C SER B 11 30.13 20.31 1.27
N TYR B 12 28.96 19.72 1.06
CA TYR B 12 27.70 20.45 1.27
C TYR B 12 26.98 19.94 2.51
N GLY B 13 27.57 18.97 3.18
CA GLY B 13 26.97 18.41 4.39
C GLY B 13 25.57 17.87 4.15
N PHE B 14 25.47 16.86 3.31
CA PHE B 14 24.19 16.26 2.98
C PHE B 14 23.65 15.41 4.13
N ARG B 15 22.80 16.02 4.95
CA ARG B 15 22.19 15.32 6.08
C ARG B 15 20.72 15.07 5.78
N LEU B 16 20.12 14.13 6.47
CA LEU B 16 18.71 13.82 6.27
C LEU B 16 17.86 14.29 7.43
N GLY B 17 16.78 14.99 7.10
CA GLY B 17 15.88 15.49 8.10
C GLY B 17 14.48 14.94 7.88
N PHE B 18 13.86 14.46 8.93
CA PHE B 18 12.52 13.90 8.82
C PHE B 18 11.59 14.55 9.83
N LEU B 19 10.33 14.68 9.46
CA LEU B 19 9.34 15.28 10.32
C LEU B 19 8.90 14.29 11.39
N HIS B 20 9.36 14.51 12.61
CA HIS B 20 9.02 13.65 13.73
C HIS B 20 7.58 13.89 14.18
N SER B 21 6.65 13.14 13.60
CA SER B 21 5.26 13.27 13.94
C SER B 21 5.01 12.77 15.36
N GLY B 22 5.42 11.54 15.63
CA GLY B 22 5.23 10.97 16.95
C GLY B 22 4.91 9.50 16.87
N THR B 23 4.57 8.90 18.00
CA THR B 23 4.24 7.49 18.06
C THR B 23 2.71 7.31 17.98
N ALA B 24 2.05 8.29 17.39
CA ALA B 24 0.61 8.26 17.23
C ALA B 24 0.19 7.15 16.29
N LYS B 25 -0.86 6.43 16.67
CA LYS B 25 -1.36 5.33 15.86
C LYS B 25 -1.96 5.85 14.56
N SER B 26 -2.83 6.84 14.67
CA SER B 26 -3.47 7.45 13.52
C SER B 26 -2.56 8.49 12.89
N VAL B 27 -1.63 8.03 12.07
CA VAL B 27 -0.70 8.92 11.39
C VAL B 27 -0.38 8.41 9.99
N THR B 28 -0.15 9.34 9.06
CA THR B 28 0.16 8.99 7.69
C THR B 28 1.58 8.44 7.57
N CYS B 29 2.48 8.96 8.39
CA CYS B 29 3.87 8.53 8.36
C CYS B 29 4.60 9.00 9.62
N THR B 30 5.56 8.23 10.06
CA THR B 30 6.35 8.57 11.24
C THR B 30 7.80 8.16 11.02
N TYR B 31 8.69 8.62 11.89
CA TYR B 31 10.10 8.28 11.77
C TYR B 31 10.75 8.07 13.12
N SER B 32 11.57 7.04 13.21
CA SER B 32 12.29 6.70 14.42
C SER B 32 13.70 7.29 14.36
N PRO B 33 13.97 8.32 15.18
CA PRO B 33 15.28 8.98 15.22
C PRO B 33 16.27 8.21 16.08
N ALA B 34 15.85 7.04 16.55
CA ALA B 34 16.69 6.21 17.39
C ALA B 34 17.29 5.06 16.58
N LEU B 35 16.48 4.48 15.70
CA LEU B 35 16.94 3.37 14.88
C LEU B 35 17.11 3.78 13.42
N ASN B 36 16.89 5.07 13.15
CA ASN B 36 16.99 5.62 11.79
C ASN B 36 16.06 4.86 10.85
N LYS B 37 14.85 4.58 11.34
CA LYS B 37 13.87 3.85 10.56
C LYS B 37 12.59 4.66 10.38
N MET B 38 12.16 4.81 9.14
CA MET B 38 10.95 5.55 8.82
C MET B 38 9.79 4.58 8.59
N PHE B 39 8.63 4.91 9.13
CA PHE B 39 7.44 4.08 8.98
C PHE B 39 6.41 4.81 8.13
N CYS B 40 6.09 4.25 6.98
CA CYS B 40 5.15 4.88 6.07
C CYS B 40 3.92 4.02 5.85
N GLN B 41 2.92 4.60 5.20
CA GLN B 41 1.67 3.90 4.89
C GLN B 41 1.62 3.57 3.41
N LEU B 42 0.63 2.76 3.02
CA LEU B 42 0.48 2.37 1.63
C LEU B 42 -0.08 3.50 0.78
N ALA B 43 0.69 3.89 -0.24
CA ALA B 43 0.29 4.95 -1.16
C ALA B 43 0.12 6.30 -0.46
N LYS B 44 0.93 6.54 0.56
CA LYS B 44 0.85 7.80 1.29
C LYS B 44 2.09 8.65 1.07
N THR B 45 1.89 9.95 0.97
CA THR B 45 2.95 10.91 0.75
C THR B 45 3.85 11.03 1.99
N CYS B 46 5.14 10.78 1.80
CA CYS B 46 6.11 10.86 2.88
C CYS B 46 7.07 12.04 2.62
N PRO B 47 6.99 13.09 3.44
CA PRO B 47 7.85 14.27 3.30
C PRO B 47 9.25 14.06 3.87
N VAL B 48 10.25 14.10 2.99
CA VAL B 48 11.64 13.94 3.40
C VAL B 48 12.37 15.26 3.18
N GLN B 49 13.10 15.72 4.18
CA GLN B 49 13.83 16.97 4.08
C GLN B 49 15.32 16.76 3.91
N LEU B 50 15.91 17.51 3.00
CA LEU B 50 17.34 17.46 2.75
C LEU B 50 18.04 18.53 3.57
N TRP B 51 18.54 18.16 4.73
CA TRP B 51 19.22 19.09 5.62
C TRP B 51 20.66 19.28 5.18
N VAL B 52 20.89 20.19 4.25
CA VAL B 52 22.21 20.46 3.74
C VAL B 52 22.92 21.54 4.57
N ASP B 53 24.18 21.30 4.87
CA ASP B 53 24.99 22.23 5.64
C ASP B 53 25.42 23.40 4.77
N SER B 54 25.40 23.18 3.47
CA SER B 54 25.77 24.19 2.50
C SER B 54 24.90 24.03 1.26
N THR B 55 24.48 25.14 0.68
CA THR B 55 23.61 25.10 -0.50
C THR B 55 24.34 24.57 -1.73
N PRO B 56 23.87 23.44 -2.27
CA PRO B 56 24.46 22.81 -3.45
C PRO B 56 23.97 23.51 -4.72
N PRO B 57 24.69 23.35 -5.84
CA PRO B 57 24.32 23.97 -7.13
C PRO B 57 22.91 23.58 -7.55
N PRO B 58 22.00 24.58 -7.66
CA PRO B 58 20.62 24.35 -8.05
C PRO B 58 20.54 23.61 -9.38
N GLY B 59 19.86 22.47 -9.37
CA GLY B 59 19.73 21.67 -10.56
C GLY B 59 20.45 20.35 -10.44
N THR B 60 20.91 20.04 -9.23
CA THR B 60 21.61 18.80 -8.96
C THR B 60 20.65 17.61 -9.11
N ARG B 61 21.17 16.40 -8.99
CA ARG B 61 20.35 15.21 -9.15
C ARG B 61 20.20 14.43 -7.85
N VAL B 62 18.98 14.42 -7.31
CA VAL B 62 18.68 13.69 -6.09
C VAL B 62 18.19 12.31 -6.48
N ARG B 63 19.00 11.30 -6.18
CA ARG B 63 18.66 9.93 -6.54
C ARG B 63 18.30 9.11 -5.31
N ALA B 64 17.22 8.36 -5.39
CA ALA B 64 16.77 7.54 -4.29
C ALA B 64 16.60 6.09 -4.74
N MET B 65 17.40 5.20 -4.17
CA MET B 65 17.34 3.79 -4.51
C MET B 65 17.19 2.98 -3.23
N ALA B 66 16.20 2.10 -3.19
CA ALA B 66 15.96 1.30 -2.00
C ALA B 66 16.52 -0.11 -2.15
N ILE B 67 17.22 -0.56 -1.12
CA ILE B 67 17.80 -1.89 -1.07
C ILE B 67 17.23 -2.62 0.15
N TYR B 68 17.73 -3.80 0.43
CA TYR B 68 17.25 -4.56 1.58
C TYR B 68 18.22 -4.46 2.75
N LYS B 69 17.70 -4.57 3.96
CA LYS B 69 18.53 -4.49 5.16
C LYS B 69 19.43 -5.71 5.24
N GLN B 70 18.88 -6.86 4.88
CA GLN B 70 19.61 -8.10 4.89
C GLN B 70 20.83 -8.01 3.98
N SER B 71 22.01 -8.05 4.57
CA SER B 71 23.26 -7.94 3.82
C SER B 71 23.42 -9.04 2.78
N GLN B 72 22.82 -10.20 3.04
CA GLN B 72 22.91 -11.32 2.10
C GLN B 72 21.85 -11.20 1.01
N HIS B 73 20.96 -10.22 1.15
CA HIS B 73 19.89 -9.99 0.17
C HIS B 73 19.97 -8.58 -0.40
N MET B 74 21.08 -7.89 -0.15
CA MET B 74 21.25 -6.52 -0.62
C MET B 74 21.35 -6.45 -2.14
N THR B 75 21.64 -7.57 -2.77
CA THR B 75 21.75 -7.64 -4.22
C THR B 75 20.37 -7.55 -4.88
N GLU B 76 19.34 -7.95 -4.12
CA GLU B 76 17.97 -7.91 -4.62
C GLU B 76 17.45 -6.49 -4.75
N VAL B 77 16.52 -6.28 -5.67
CA VAL B 77 15.93 -4.97 -5.90
C VAL B 77 14.51 -4.94 -5.34
N VAL B 78 14.20 -3.88 -4.60
CA VAL B 78 12.88 -3.71 -4.02
C VAL B 78 11.84 -3.52 -5.12
N ARG B 79 10.85 -4.40 -5.13
CA ARG B 79 9.80 -4.35 -6.13
C ARG B 79 8.42 -4.55 -5.52
N ARG B 80 7.40 -4.52 -6.35
CA ARG B 80 6.02 -4.69 -5.90
C ARG B 80 5.67 -6.14 -5.65
N CYS B 81 4.44 -6.37 -5.21
CA CYS B 81 3.94 -7.70 -4.92
C CYS B 81 3.30 -8.32 -6.16
N PRO B 82 3.07 -9.66 -6.16
CA PRO B 82 2.46 -10.38 -7.28
C PRO B 82 1.19 -9.71 -7.82
N HIS B 83 0.41 -9.11 -6.94
CA HIS B 83 -0.80 -8.42 -7.35
C HIS B 83 -0.68 -6.93 -7.04
N HIS B 84 0.09 -6.23 -7.87
CA HIS B 84 0.30 -4.79 -7.70
C HIS B 84 0.89 -4.18 -8.96
N GLU B 85 1.74 -4.94 -9.63
CA GLU B 85 2.37 -4.48 -10.86
C GLU B 85 1.33 -4.35 -11.98
N ARG B 86 0.46 -5.35 -12.06
CA ARG B 86 -0.58 -5.38 -13.07
C ARG B 86 -1.78 -4.55 -12.66
N CYS B 87 -1.67 -3.86 -11.53
CA CYS B 87 -2.76 -3.01 -11.03
C CYS B 87 -3.04 -1.86 -11.99
N SER B 88 -2.01 -1.47 -12.76
CA SER B 88 -2.12 -0.38 -13.72
C SER B 88 -2.46 0.93 -13.03
N ASP B 89 -1.69 1.26 -11.99
CA ASP B 89 -1.90 2.48 -11.23
C ASP B 89 -1.03 3.61 -11.77
N SER B 90 -0.50 3.40 -12.97
CA SER B 90 0.33 4.37 -13.63
C SER B 90 -0.47 5.61 -14.04
N ASP B 91 0.00 6.77 -13.63
CA ASP B 91 -0.67 8.03 -13.94
C ASP B 91 -0.22 8.55 -15.31
N GLY B 92 0.84 7.93 -15.82
CA GLY B 92 1.38 8.33 -17.11
C GLY B 92 2.87 8.58 -16.98
N LEU B 93 3.25 9.29 -15.93
CA LEU B 93 4.65 9.60 -15.69
C LEU B 93 5.25 8.56 -14.77
N ALA B 94 4.48 8.16 -13.77
CA ALA B 94 4.92 7.17 -12.81
C ALA B 94 4.70 5.75 -13.34
N PRO B 95 5.78 4.98 -13.49
CA PRO B 95 5.71 3.60 -13.99
C PRO B 95 5.04 2.67 -12.97
N PRO B 96 4.29 1.67 -13.45
CA PRO B 96 3.60 0.71 -12.59
C PRO B 96 4.55 -0.27 -11.91
N GLN B 97 5.80 -0.30 -12.36
CA GLN B 97 6.79 -1.20 -11.79
C GLN B 97 7.61 -0.51 -10.71
N HIS B 98 7.60 0.82 -10.72
CA HIS B 98 8.37 1.58 -9.74
C HIS B 98 7.63 1.71 -8.42
N LEU B 99 8.30 1.31 -7.35
CA LEU B 99 7.73 1.35 -6.01
C LEU B 99 7.83 2.74 -5.41
N ILE B 100 8.96 3.40 -5.64
CA ILE B 100 9.19 4.74 -5.10
C ILE B 100 8.83 5.80 -6.12
N ARG B 101 7.86 6.63 -5.78
CA ARG B 101 7.41 7.70 -6.66
C ARG B 101 7.55 9.04 -5.94
N VAL B 102 7.50 10.13 -6.70
CA VAL B 102 7.63 11.45 -6.12
C VAL B 102 6.37 12.28 -6.35
N GLU B 103 5.97 13.01 -5.31
CA GLU B 103 4.79 13.85 -5.37
C GLU B 103 5.21 15.30 -5.12
N GLY B 104 4.28 16.23 -5.31
CA GLY B 104 4.57 17.63 -5.10
C GLY B 104 5.32 18.26 -6.25
N ASN B 105 6.54 17.80 -6.47
CA ASN B 105 7.37 18.32 -7.55
C ASN B 105 7.04 17.63 -8.87
N LEU B 106 6.69 18.43 -9.88
CA LEU B 106 6.33 17.90 -11.19
C LEU B 106 7.56 17.41 -11.94
N ARG B 107 8.74 17.87 -11.52
CA ARG B 107 9.98 17.47 -12.14
C ARG B 107 10.45 16.14 -11.56
N VAL B 108 9.71 15.08 -11.86
CA VAL B 108 10.03 13.75 -11.36
C VAL B 108 10.45 12.81 -12.49
N GLU B 109 11.67 12.30 -12.40
CA GLU B 109 12.19 11.39 -13.40
C GLU B 109 12.52 10.05 -12.74
N TYR B 110 12.43 8.98 -13.51
CA TYR B 110 12.71 7.66 -13.00
C TYR B 110 13.87 7.03 -13.76
N LEU B 111 14.79 6.44 -13.02
CA LEU B 111 15.96 5.80 -13.63
C LEU B 111 15.88 4.28 -13.47
N ASP B 112 15.78 3.59 -14.59
CA ASP B 112 15.70 2.14 -14.57
C ASP B 112 17.04 1.56 -15.01
N ASP B 113 17.83 1.15 -14.03
CA ASP B 113 19.15 0.57 -14.31
C ASP B 113 19.00 -0.73 -15.10
N ARG B 114 19.78 -0.84 -16.17
CA ARG B 114 19.72 -2.03 -17.01
C ARG B 114 20.81 -3.04 -16.64
N ASN B 115 21.62 -2.72 -15.64
CA ASN B 115 22.69 -3.63 -15.22
C ASN B 115 22.13 -4.70 -14.28
N THR B 116 21.50 -4.25 -13.21
CA THR B 116 20.94 -5.16 -12.23
C THR B 116 19.46 -4.84 -12.00
N PHE B 117 18.88 -4.09 -12.93
CA PHE B 117 17.47 -3.70 -12.86
C PHE B 117 17.17 -2.90 -11.60
N ARG B 118 18.10 -2.01 -11.26
CA ARG B 118 17.96 -1.16 -10.08
C ARG B 118 17.00 -0.02 -10.32
N HIS B 119 15.74 -0.20 -9.93
CA HIS B 119 14.74 0.84 -10.09
C HIS B 119 15.01 1.95 -9.08
N SER B 120 15.31 3.14 -9.57
CA SER B 120 15.59 4.26 -8.70
C SER B 120 14.97 5.54 -9.23
N VAL B 121 14.55 6.42 -8.34
CA VAL B 121 13.95 7.68 -8.74
C VAL B 121 14.99 8.80 -8.67
N VAL B 122 14.90 9.75 -9.59
CA VAL B 122 15.84 10.86 -9.63
C VAL B 122 15.13 12.17 -9.94
N VAL B 123 15.27 13.14 -9.07
CA VAL B 123 14.64 14.44 -9.25
C VAL B 123 15.66 15.56 -9.12
N PRO B 124 15.47 16.66 -9.87
CA PRO B 124 16.38 17.80 -9.80
C PRO B 124 16.26 18.49 -8.44
N TYR B 125 17.39 18.96 -7.93
CA TYR B 125 17.41 19.64 -6.64
C TYR B 125 16.64 20.97 -6.71
N GLU B 126 15.49 20.98 -6.06
CA GLU B 126 14.64 22.16 -6.02
C GLU B 126 15.26 23.22 -5.10
N PRO B 127 15.44 24.44 -5.60
CA PRO B 127 16.01 25.54 -4.82
C PRO B 127 15.08 25.94 -3.67
N PRO B 128 15.65 26.33 -2.52
CA PRO B 128 14.87 26.73 -1.35
C PRO B 128 13.95 27.91 -1.65
N GLU B 129 12.66 27.70 -1.44
CA GLU B 129 11.65 28.72 -1.66
C GLU B 129 11.51 29.60 -0.42
N VAL B 130 10.74 30.67 -0.53
CA VAL B 130 10.53 31.57 0.59
C VAL B 130 9.77 30.86 1.71
N GLY B 131 10.46 30.60 2.81
CA GLY B 131 9.84 29.92 3.92
C GLY B 131 10.26 28.47 3.99
N SER B 132 11.05 28.03 3.01
CA SER B 132 11.53 26.66 2.96
C SER B 132 12.97 26.59 3.46
N ASP B 133 13.11 26.43 4.77
CA ASP B 133 14.43 26.35 5.40
C ASP B 133 15.22 25.17 4.85
N CYS B 134 14.56 24.04 4.69
CA CYS B 134 15.20 22.84 4.17
C CYS B 134 14.37 22.27 3.02
N THR B 135 15.06 21.84 1.97
CA THR B 135 14.39 21.26 0.80
C THR B 135 13.57 20.04 1.18
N THR B 136 12.26 20.15 1.01
CA THR B 136 11.37 19.06 1.35
C THR B 136 10.85 18.38 0.08
N ILE B 137 11.09 17.08 -0.03
CA ILE B 137 10.64 16.31 -1.18
C ILE B 137 9.63 15.27 -0.72
N HIS B 138 8.56 15.13 -1.49
CA HIS B 138 7.50 14.18 -1.15
C HIS B 138 7.71 12.85 -1.86
N TYR B 139 7.99 11.81 -1.10
CA TYR B 139 8.20 10.48 -1.65
C TYR B 139 7.00 9.61 -1.34
N ASN B 140 6.53 8.87 -2.33
CA ASN B 140 5.38 8.00 -2.15
C ASN B 140 5.75 6.53 -2.28
N TYR B 141 5.44 5.75 -1.25
CA TYR B 141 5.71 4.33 -1.26
C TYR B 141 4.46 3.58 -1.68
N MET B 142 4.49 3.01 -2.88
CA MET B 142 3.34 2.31 -3.43
C MET B 142 3.23 0.86 -2.98
N CYS B 143 4.01 0.45 -1.99
CA CYS B 143 3.96 -0.91 -1.49
C CYS B 143 4.39 -0.98 -0.03
N ASN B 144 3.98 -2.04 0.64
CA ASN B 144 4.31 -2.25 2.04
C ASN B 144 5.51 -3.18 2.16
N SER B 145 6.26 -3.06 3.24
CA SER B 145 7.44 -3.90 3.43
C SER B 145 7.06 -5.37 3.66
N SER B 146 5.79 -5.59 3.97
CA SER B 146 5.30 -6.93 4.20
C SER B 146 4.80 -7.58 2.92
N CYS B 147 4.75 -6.80 1.84
CA CYS B 147 4.27 -7.29 0.55
C CYS B 147 5.10 -8.47 0.06
N MET B 148 4.42 -9.60 -0.14
CA MET B 148 5.06 -10.82 -0.61
C MET B 148 5.61 -10.65 -2.03
N GLY B 149 6.52 -11.52 -2.43
CA GLY B 149 7.09 -11.44 -3.75
C GLY B 149 8.39 -10.66 -3.76
N GLY B 150 8.27 -9.35 -3.76
CA GLY B 150 9.45 -8.49 -3.77
C GLY B 150 10.09 -8.41 -2.41
N MET B 151 9.54 -7.56 -1.55
CA MET B 151 10.07 -7.38 -0.20
C MET B 151 9.90 -8.66 0.61
N ASN B 152 8.70 -9.20 0.59
CA ASN B 152 8.37 -10.45 1.29
C ASN B 152 8.64 -10.36 2.78
N ARG B 153 8.13 -9.31 3.41
CA ARG B 153 8.29 -9.10 4.85
C ARG B 153 9.75 -8.89 5.23
N ARG B 154 10.42 -8.03 4.48
CA ARG B 154 11.83 -7.71 4.72
C ARG B 154 12.01 -6.21 4.78
N PRO B 155 12.77 -5.73 5.78
CA PRO B 155 13.04 -4.28 5.95
C PRO B 155 13.92 -3.75 4.81
N ILE B 156 13.62 -2.55 4.36
CA ILE B 156 14.37 -1.95 3.26
C ILE B 156 15.18 -0.73 3.71
N LEU B 157 16.18 -0.39 2.92
CA LEU B 157 17.03 0.75 3.18
C LEU B 157 17.02 1.68 1.98
N THR B 158 16.44 2.86 2.13
CA THR B 158 16.37 3.82 1.05
C THR B 158 17.60 4.71 1.04
N ILE B 159 18.39 4.60 -0.02
CA ILE B 159 19.60 5.39 -0.16
C ILE B 159 19.30 6.69 -0.90
N ILE B 160 19.46 7.80 -0.20
CA ILE B 160 19.23 9.12 -0.77
C ILE B 160 20.59 9.73 -1.09
N THR B 161 20.85 9.90 -2.37
CA THR B 161 22.12 10.46 -2.80
C THR B 161 21.94 11.74 -3.61
N LEU B 162 22.95 12.60 -3.57
CA LEU B 162 22.92 13.86 -4.28
C LEU B 162 24.13 13.98 -5.20
N GLU B 163 23.89 13.78 -6.48
CA GLU B 163 24.95 13.89 -7.47
C GLU B 163 24.72 15.14 -8.30
N ASP B 164 25.76 15.61 -8.97
CA ASP B 164 25.63 16.79 -9.82
C ASP B 164 25.00 16.41 -11.16
N SER B 165 24.83 17.39 -12.04
CA SER B 165 24.24 17.16 -13.35
C SER B 165 25.05 16.14 -14.16
N SER B 166 26.33 16.01 -13.83
CA SER B 166 27.20 15.06 -14.52
C SER B 166 27.14 13.69 -13.85
N GLY B 167 27.36 13.65 -12.54
CA GLY B 167 27.34 12.40 -11.81
C GLY B 167 28.33 12.36 -10.66
N ASN B 168 28.78 13.53 -10.24
CA ASN B 168 29.73 13.64 -9.15
C ASN B 168 29.01 13.53 -7.81
N LEU B 169 29.51 12.65 -6.95
CA LEU B 169 28.92 12.43 -5.65
C LEU B 169 29.21 13.60 -4.71
N LEU B 170 28.17 14.36 -4.41
CA LEU B 170 28.30 15.51 -3.52
C LEU B 170 27.89 15.14 -2.10
N GLY B 171 26.93 14.22 -2.00
CA GLY B 171 26.44 13.77 -0.70
C GLY B 171 25.64 12.50 -0.85
N ARG B 172 25.67 11.65 0.17
CA ARG B 172 24.94 10.38 0.13
C ARG B 172 24.59 9.92 1.55
N ASN B 173 23.31 9.61 1.75
CA ASN B 173 22.84 9.14 3.05
C ASN B 173 21.87 7.98 2.86
N SER B 174 21.55 7.28 3.94
CA SER B 174 20.64 6.14 3.86
C SER B 174 19.87 5.94 5.16
N PHE B 175 18.62 5.51 5.05
CA PHE B 175 17.79 5.27 6.22
C PHE B 175 16.92 4.02 6.01
N GLU B 176 16.54 3.38 7.11
CA GLU B 176 15.72 2.18 7.06
C GLU B 176 14.25 2.55 6.93
N VAL B 177 13.49 1.76 6.18
CA VAL B 177 12.08 2.05 5.97
C VAL B 177 11.20 0.82 6.20
N ARG B 178 10.07 1.05 6.82
CA ARG B 178 9.09 0.01 7.08
C ARG B 178 7.71 0.53 6.71
N VAL B 179 7.24 0.13 5.54
CA VAL B 179 5.94 0.58 5.05
C VAL B 179 4.86 -0.41 5.47
N CYS B 180 3.83 0.10 6.11
CA CYS B 180 2.73 -0.74 6.57
C CYS B 180 1.39 0.00 6.44
N ALA B 181 0.47 -0.29 7.33
CA ALA B 181 -0.83 0.36 7.32
C ALA B 181 -1.05 1.17 8.59
N CYS B 182 -0.15 1.01 9.55
CA CYS B 182 -0.23 1.73 10.81
C CYS B 182 1.17 2.05 11.32
N PRO B 183 1.76 3.16 10.86
CA PRO B 183 3.12 3.59 11.24
C PRO B 183 3.30 3.68 12.75
N GLY B 184 2.33 4.26 13.44
CA GLY B 184 2.42 4.41 14.88
C GLY B 184 2.33 3.08 15.61
N ARG B 185 1.66 2.12 15.00
CA ARG B 185 1.48 0.80 15.58
C ARG B 185 2.75 -0.04 15.41
N ASP B 186 3.23 -0.10 14.17
CA ASP B 186 4.43 -0.87 13.86
C ASP B 186 5.65 -0.32 14.57
N ARG B 187 5.67 0.98 14.81
CA ARG B 187 6.78 1.62 15.51
C ARG B 187 6.87 1.07 16.93
N ARG B 188 5.73 0.67 17.46
CA ARG B 188 5.65 0.12 18.81
C ARG B 188 6.11 -1.33 18.84
N THR B 189 6.23 -1.93 17.67
CA THR B 189 6.67 -3.30 17.55
C THR B 189 8.18 -3.39 17.38
N GLU B 190 8.80 -2.28 16.99
CA GLU B 190 10.24 -2.25 16.79
C GLU B 190 10.94 -1.31 17.76
N GLU B 191 10.83 -0.02 17.52
CA GLU B 191 11.48 0.99 18.37
C GLU B 191 10.97 0.90 19.81
N GLU B 192 9.66 0.90 19.97
CA GLU B 192 9.03 0.84 21.29
C GLU B 192 9.17 -0.55 21.91
N ASN B 193 9.80 -1.47 21.19
CA ASN B 193 10.01 -2.82 21.69
C ASN B 193 11.45 -3.04 22.12
N LEU B 194 12.36 -2.31 21.50
CA LEU B 194 13.78 -2.42 21.81
C LEU B 194 14.13 -1.64 23.07
N ARG B 195 13.57 -0.44 23.21
CA ARG B 195 13.85 0.39 24.37
C ARG B 195 13.07 -0.09 25.59
ZN ZN C . 2.67 -4.93 -3.08
N MET A 4 -31.91 -24.45 7.96
CA MET A 4 -31.06 -23.32 7.50
C MET A 4 -29.77 -23.87 6.90
N SER A 5 -29.72 -23.90 5.58
CA SER A 5 -28.56 -24.43 4.87
C SER A 5 -27.45 -23.37 4.75
N GLN A 6 -27.78 -22.14 5.14
CA GLN A 6 -26.83 -21.03 5.09
C GLN A 6 -26.44 -20.71 3.65
N SER A 7 -27.44 -20.60 2.79
CA SER A 7 -27.24 -20.31 1.39
C SER A 7 -26.57 -18.94 1.23
N ASN A 8 -26.77 -18.08 2.21
CA ASN A 8 -26.18 -16.75 2.19
C ASN A 8 -24.73 -16.82 2.63
N ARG A 9 -24.50 -17.45 3.78
CA ARG A 9 -23.15 -17.61 4.34
C ARG A 9 -22.23 -18.35 3.38
N GLU A 10 -22.75 -19.39 2.75
CA GLU A 10 -21.97 -20.19 1.81
C GLU A 10 -21.51 -19.36 0.62
N LEU A 11 -22.42 -18.56 0.07
CA LEU A 11 -22.11 -17.71 -1.08
C LEU A 11 -21.09 -16.64 -0.73
N VAL A 12 -21.24 -16.04 0.44
CA VAL A 12 -20.33 -14.98 0.88
C VAL A 12 -18.89 -15.48 0.96
N VAL A 13 -18.68 -16.62 1.62
CA VAL A 13 -17.34 -17.17 1.76
C VAL A 13 -16.82 -17.72 0.43
N ASP A 14 -17.74 -18.23 -0.39
CA ASP A 14 -17.38 -18.77 -1.70
C ASP A 14 -16.85 -17.67 -2.61
N PHE A 15 -17.58 -16.55 -2.67
CA PHE A 15 -17.18 -15.41 -3.47
C PHE A 15 -15.83 -14.87 -3.00
N LEU A 16 -15.66 -14.85 -1.68
CA LEU A 16 -14.43 -14.37 -1.09
C LEU A 16 -13.26 -15.25 -1.53
N SER A 17 -13.47 -16.56 -1.48
CA SER A 17 -12.44 -17.52 -1.88
C SER A 17 -12.09 -17.37 -3.36
N TYR A 18 -13.09 -16.97 -4.14
CA TYR A 18 -12.92 -16.77 -5.58
C TYR A 18 -11.92 -15.65 -5.86
N LYS A 19 -11.92 -14.64 -5.00
CA LYS A 19 -11.00 -13.52 -5.16
C LYS A 19 -9.69 -13.76 -4.43
N LEU A 20 -9.75 -14.49 -3.33
CA LEU A 20 -8.56 -14.81 -2.54
C LEU A 20 -7.57 -15.68 -3.31
N SER A 21 -8.03 -16.23 -4.42
CA SER A 21 -7.20 -17.09 -5.25
C SER A 21 -6.82 -16.38 -6.55
N GLN A 22 -6.95 -15.05 -6.57
CA GLN A 22 -6.61 -14.26 -7.75
C GLN A 22 -5.11 -14.25 -8.00
N LYS A 23 -4.38 -13.65 -7.07
CA LYS A 23 -2.93 -13.56 -7.17
C LYS A 23 -2.36 -13.20 -5.80
N GLY A 24 -1.22 -13.80 -5.46
CA GLY A 24 -0.60 -13.53 -4.17
C GLY A 24 -1.22 -14.37 -3.08
N TYR A 25 -1.74 -15.54 -3.47
CA TYR A 25 -2.38 -16.46 -2.55
C TYR A 25 -1.37 -17.35 -1.83
N SER A 26 -1.04 -16.99 -0.61
CA SER A 26 -0.11 -17.76 0.18
C SER A 26 -0.89 -18.76 1.05
N TRP A 27 -1.32 -18.30 2.22
CA TRP A 27 -2.08 -19.15 3.13
C TRP A 27 -3.51 -19.36 2.64
N SER A 28 -3.94 -18.53 1.70
CA SER A 28 -5.27 -18.61 1.13
C SER A 28 -5.39 -19.81 0.20
N GLN A 29 -4.25 -20.38 -0.19
CA GLN A 29 -4.24 -21.55 -1.05
C GLN A 29 -4.22 -22.82 -0.20
N PHE A 30 -3.62 -22.69 0.97
CA PHE A 30 -3.51 -23.81 1.90
C PHE A 30 -4.81 -23.97 2.69
N SER A 31 -5.21 -22.91 3.35
CA SER A 31 -6.44 -22.93 4.14
C SER A 31 -7.53 -22.09 3.49
N MET A 86 -32.34 -23.88 -8.77
CA MET A 86 -31.25 -23.02 -8.33
C MET A 86 -31.30 -21.69 -9.05
N ALA A 87 -31.08 -20.61 -8.32
CA ALA A 87 -31.11 -19.27 -8.87
C ALA A 87 -29.78 -18.89 -9.51
N ALA A 88 -28.79 -19.77 -9.33
CA ALA A 88 -27.45 -19.56 -9.88
C ALA A 88 -26.79 -18.33 -9.28
N VAL A 89 -27.07 -18.11 -8.00
CA VAL A 89 -26.52 -16.97 -7.27
C VAL A 89 -24.99 -16.95 -7.31
N LYS A 90 -24.39 -18.14 -7.27
CA LYS A 90 -22.95 -18.26 -7.31
C LYS A 90 -22.38 -17.70 -8.61
N GLN A 91 -22.98 -18.08 -9.72
CA GLN A 91 -22.54 -17.62 -11.04
C GLN A 91 -22.85 -16.14 -11.23
N ALA A 92 -24.02 -15.72 -10.74
CA ALA A 92 -24.44 -14.33 -10.84
C ALA A 92 -23.43 -13.41 -10.14
N LEU A 93 -23.02 -13.81 -8.95
CA LEU A 93 -22.05 -13.03 -8.18
C LEU A 93 -20.65 -13.16 -8.79
N ARG A 94 -20.41 -14.28 -9.44
CA ARG A 94 -19.13 -14.52 -10.09
C ARG A 94 -18.89 -13.53 -11.21
N GLU A 95 -19.88 -13.39 -12.09
CA GLU A 95 -19.79 -12.47 -13.21
C GLU A 95 -19.68 -11.03 -12.75
N ALA A 96 -20.66 -10.57 -11.99
CA ALA A 96 -20.68 -9.20 -11.49
C ALA A 96 -19.46 -8.90 -10.63
N GLY A 97 -19.07 -9.86 -9.81
CA GLY A 97 -17.93 -9.68 -8.94
C GLY A 97 -16.63 -9.54 -9.70
N ASP A 98 -16.47 -10.32 -10.76
CA ASP A 98 -15.25 -10.26 -11.57
C ASP A 98 -15.21 -8.97 -12.38
N GLU A 99 -16.37 -8.57 -12.90
CA GLU A 99 -16.50 -7.35 -13.67
C GLU A 99 -16.14 -6.13 -12.85
N PHE A 100 -16.58 -6.12 -11.59
CA PHE A 100 -16.30 -5.00 -10.70
C PHE A 100 -14.88 -5.05 -10.17
N GLU A 101 -14.40 -6.26 -9.86
CA GLU A 101 -13.05 -6.43 -9.32
C GLU A 101 -11.98 -5.85 -10.25
N LEU A 102 -12.11 -6.08 -11.54
CA LEU A 102 -11.13 -5.58 -12.51
C LEU A 102 -11.00 -4.05 -12.46
N ARG A 103 -12.03 -3.39 -11.95
CA ARG A 103 -12.02 -1.95 -11.83
C ARG A 103 -11.51 -1.53 -10.45
N TYR A 104 -11.70 -2.40 -9.47
CA TYR A 104 -11.27 -2.15 -8.10
C TYR A 104 -9.78 -2.45 -7.92
N ARG A 105 -9.27 -3.42 -8.68
CA ARG A 105 -7.86 -3.79 -8.60
C ARG A 105 -6.98 -2.81 -9.36
N ARG A 106 -7.51 -1.64 -9.66
CA ARG A 106 -6.77 -0.62 -10.39
C ARG A 106 -6.00 0.26 -9.41
N ALA A 107 -6.02 -0.13 -8.14
CA ALA A 107 -5.34 0.57 -7.06
C ALA A 107 -6.05 1.87 -6.69
N PHE A 108 -6.07 2.82 -7.63
CA PHE A 108 -6.73 4.09 -7.40
C PHE A 108 -8.21 4.01 -7.77
N SER A 109 -8.97 3.33 -6.94
CA SER A 109 -10.40 3.16 -7.16
C SER A 109 -11.18 3.66 -5.94
N ASP A 110 -12.40 3.17 -5.76
CA ASP A 110 -13.22 3.58 -4.62
C ASP A 110 -12.68 2.98 -3.33
N LEU A 111 -11.90 1.92 -3.46
CA LEU A 111 -11.31 1.24 -2.31
C LEU A 111 -10.37 2.19 -1.58
N THR A 112 -9.59 2.95 -2.34
CA THR A 112 -8.64 3.90 -1.79
C THR A 112 -9.34 5.05 -1.05
N SER A 113 -10.51 5.43 -1.54
CA SER A 113 -11.26 6.52 -0.93
C SER A 113 -12.08 6.02 0.25
N GLN A 114 -12.44 4.74 0.20
CA GLN A 114 -13.22 4.10 1.25
C GLN A 114 -12.36 3.81 2.47
N LEU A 115 -11.32 3.03 2.27
CA LEU A 115 -10.42 2.66 3.35
C LEU A 115 -9.43 3.77 3.66
N HIS A 116 -8.75 4.25 2.61
CA HIS A 116 -7.75 5.32 2.73
C HIS A 116 -6.63 4.92 3.69
N ILE A 117 -6.43 3.62 3.84
CA ILE A 117 -5.40 3.08 4.73
C ILE A 117 -5.61 3.59 6.15
N THR A 118 -6.62 3.04 6.81
CA THR A 118 -6.98 3.41 8.17
C THR A 118 -6.04 2.74 9.18
N PRO A 119 -5.69 3.47 10.26
CA PRO A 119 -4.80 2.96 11.32
C PRO A 119 -5.47 1.93 12.22
N GLY A 120 -6.04 0.91 11.60
CA GLY A 120 -6.72 -0.14 12.33
C GLY A 120 -7.44 -1.05 11.38
N THR A 121 -6.68 -1.60 10.43
CA THR A 121 -7.22 -2.49 9.41
C THR A 121 -7.62 -3.86 9.96
N ALA A 122 -7.74 -3.97 11.27
CA ALA A 122 -8.14 -5.21 11.92
C ALA A 122 -9.56 -5.09 12.45
N TYR A 123 -10.13 -3.89 12.37
CA TYR A 123 -11.49 -3.66 12.85
C TYR A 123 -12.15 -2.47 12.15
N GLN A 124 -11.39 -1.39 11.95
CA GLN A 124 -11.92 -0.20 11.30
C GLN A 124 -12.29 -0.48 9.85
N SER A 125 -11.55 -1.38 9.22
CA SER A 125 -11.80 -1.76 7.84
C SER A 125 -13.18 -2.41 7.74
N PHE A 126 -13.48 -3.27 8.71
CA PHE A 126 -14.76 -3.97 8.76
C PHE A 126 -15.88 -2.96 8.91
N GLU A 127 -15.70 -2.03 9.84
CA GLU A 127 -16.68 -0.99 10.09
C GLU A 127 -16.94 -0.15 8.84
N GLN A 128 -15.85 0.27 8.20
CA GLN A 128 -15.92 1.09 7.00
C GLN A 128 -16.68 0.39 5.87
N VAL A 129 -16.41 -0.90 5.69
CA VAL A 129 -17.07 -1.69 4.65
C VAL A 129 -18.54 -1.94 4.97
N VAL A 130 -18.81 -2.37 6.21
CA VAL A 130 -20.19 -2.67 6.62
C VAL A 130 -21.04 -1.39 6.65
N ASN A 131 -20.44 -0.28 7.07
CA ASN A 131 -21.14 0.99 7.14
C ASN A 131 -21.59 1.43 5.74
N GLU A 132 -20.85 1.00 4.73
CA GLU A 132 -21.17 1.33 3.34
C GLU A 132 -22.55 0.81 2.95
N LEU A 133 -22.85 -0.40 3.37
CA LEU A 133 -24.14 -1.01 3.09
C LEU A 133 -25.24 -0.25 3.81
N PHE A 134 -24.95 0.14 5.06
CA PHE A 134 -25.90 0.87 5.88
C PHE A 134 -26.09 2.30 5.36
N ARG A 135 -25.14 2.77 4.55
CA ARG A 135 -25.21 4.12 3.98
C ARG A 135 -26.32 4.20 2.93
N ASP A 136 -26.69 3.04 2.40
CA ASP A 136 -27.74 2.97 1.39
C ASP A 136 -28.96 2.25 1.95
N GLY A 137 -28.77 0.99 2.28
CA GLY A 137 -29.85 0.17 2.81
C GLY A 137 -29.96 -1.13 2.04
N VAL A 138 -31.18 -1.66 1.95
CA VAL A 138 -31.40 -2.91 1.23
C VAL A 138 -31.51 -2.64 -0.27
N ASN A 139 -30.44 -2.12 -0.83
CA ASN A 139 -30.39 -1.81 -2.26
C ASN A 139 -29.49 -2.81 -2.97
N TRP A 140 -30.04 -3.49 -3.96
CA TRP A 140 -29.31 -4.48 -4.73
C TRP A 140 -28.12 -3.87 -5.45
N GLY A 141 -28.23 -2.59 -5.80
CA GLY A 141 -27.14 -1.93 -6.48
C GLY A 141 -25.96 -1.70 -5.55
N ARG A 142 -26.26 -1.53 -4.26
CA ARG A 142 -25.22 -1.30 -3.27
C ARG A 142 -24.59 -2.60 -2.78
N ILE A 143 -25.39 -3.66 -2.73
CA ILE A 143 -24.89 -4.96 -2.27
C ILE A 143 -23.77 -5.48 -3.17
N VAL A 144 -23.86 -5.17 -4.47
CA VAL A 144 -22.84 -5.58 -5.43
C VAL A 144 -21.52 -4.89 -5.11
N ALA A 145 -21.61 -3.59 -4.82
CA ALA A 145 -20.44 -2.80 -4.47
C ALA A 145 -19.84 -3.29 -3.15
N PHE A 146 -20.72 -3.65 -2.22
CA PHE A 146 -20.31 -4.14 -0.91
C PHE A 146 -19.40 -5.37 -1.07
N PHE A 147 -19.83 -6.31 -1.90
CA PHE A 147 -19.05 -7.52 -2.15
C PHE A 147 -17.78 -7.19 -2.91
N SER A 148 -17.87 -6.23 -3.82
CA SER A 148 -16.72 -5.82 -4.62
C SER A 148 -15.63 -5.19 -3.74
N PHE A 149 -16.05 -4.38 -2.78
CA PHE A 149 -15.12 -3.73 -1.85
C PHE A 149 -14.30 -4.77 -1.10
N GLY A 150 -14.99 -5.71 -0.47
CA GLY A 150 -14.32 -6.74 0.29
C GLY A 150 -13.54 -7.70 -0.60
N GLY A 151 -14.09 -7.95 -1.79
CA GLY A 151 -13.44 -8.85 -2.73
C GLY A 151 -12.06 -8.38 -3.13
N ALA A 152 -11.96 -7.13 -3.56
CA ALA A 152 -10.67 -6.57 -3.97
C ALA A 152 -9.75 -6.40 -2.77
N LEU A 153 -10.34 -6.07 -1.64
CA LEU A 153 -9.58 -5.86 -0.40
C LEU A 153 -8.91 -7.15 0.07
N CYS A 154 -9.65 -8.26 0.04
CA CYS A 154 -9.12 -9.54 0.49
C CYS A 154 -7.89 -9.96 -0.31
N VAL A 155 -7.89 -9.67 -1.61
CA VAL A 155 -6.77 -10.03 -2.47
C VAL A 155 -5.52 -9.28 -2.04
N GLU A 156 -5.66 -7.98 -1.86
CA GLU A 156 -4.53 -7.14 -1.45
C GLU A 156 -4.16 -7.37 0.02
N SER A 157 -5.02 -8.07 0.75
CA SER A 157 -4.76 -8.38 2.15
C SER A 157 -3.75 -9.51 2.27
N VAL A 158 -3.88 -10.51 1.40
CA VAL A 158 -2.97 -11.65 1.39
C VAL A 158 -1.76 -11.35 0.52
N ASP A 159 -1.98 -10.60 -0.55
CA ASP A 159 -0.93 -10.20 -1.47
C ASP A 159 0.11 -9.31 -0.77
N LYS A 160 -0.33 -8.58 0.24
CA LYS A 160 0.56 -7.71 1.00
C LYS A 160 0.94 -8.35 2.33
N GLU A 161 0.63 -9.65 2.46
CA GLU A 161 0.93 -10.44 3.65
C GLU A 161 0.57 -9.72 4.95
N MET A 162 -0.66 -9.27 5.07
CA MET A 162 -1.10 -8.57 6.27
C MET A 162 -1.78 -9.54 7.23
N GLN A 163 -2.41 -10.56 6.68
CA GLN A 163 -3.09 -11.60 7.45
C GLN A 163 -4.28 -11.08 8.27
N VAL A 164 -3.98 -10.46 9.40
CA VAL A 164 -4.99 -9.93 10.34
C VAL A 164 -6.13 -9.16 9.66
N LEU A 165 -5.82 -8.50 8.54
CA LEU A 165 -6.81 -7.72 7.80
C LEU A 165 -8.05 -8.56 7.46
N VAL A 166 -7.90 -9.46 6.50
CA VAL A 166 -9.01 -10.31 6.07
C VAL A 166 -9.38 -11.33 7.14
N SER A 167 -8.40 -11.73 7.95
CA SER A 167 -8.63 -12.72 9.00
C SER A 167 -9.59 -12.19 10.08
N ARG A 168 -9.72 -10.87 10.17
CA ARG A 168 -10.61 -10.29 11.15
C ARG A 168 -11.94 -9.91 10.52
N ILE A 169 -11.87 -9.25 9.36
CA ILE A 169 -13.09 -8.83 8.64
C ILE A 169 -14.00 -10.02 8.37
N ALA A 170 -13.43 -11.09 7.83
CA ALA A 170 -14.19 -12.29 7.50
C ALA A 170 -14.75 -12.93 8.77
N ALA A 171 -14.00 -12.84 9.86
CA ALA A 171 -14.44 -13.40 11.14
C ALA A 171 -15.66 -12.66 11.68
N TRP A 172 -15.55 -11.34 11.76
CA TRP A 172 -16.64 -10.52 12.26
C TRP A 172 -17.85 -10.62 11.34
N MET A 173 -17.60 -10.56 10.04
CA MET A 173 -18.66 -10.63 9.03
C MET A 173 -19.43 -11.93 9.11
N ALA A 174 -18.71 -13.04 9.25
CA ALA A 174 -19.34 -14.36 9.31
C ALA A 174 -20.34 -14.45 10.46
N THR A 175 -19.94 -13.92 11.62
CA THR A 175 -20.81 -13.95 12.80
C THR A 175 -22.02 -13.04 12.60
N TYR A 176 -21.77 -11.82 12.15
CA TYR A 176 -22.83 -10.83 11.93
C TYR A 176 -23.81 -11.32 10.86
N LEU A 177 -23.27 -12.04 9.88
CA LEU A 177 -24.05 -12.57 8.79
C LEU A 177 -25.10 -13.56 9.30
N ASN A 178 -24.64 -14.63 9.93
CA ASN A 178 -25.54 -15.66 10.45
C ASN A 178 -26.41 -15.13 11.60
N ASP A 179 -25.98 -14.03 12.19
CA ASP A 179 -26.70 -13.43 13.31
C ASP A 179 -27.97 -12.74 12.84
N HIS A 180 -27.84 -11.72 12.00
CA HIS A 180 -29.00 -10.98 11.54
C HIS A 180 -29.09 -10.90 10.01
N LEU A 181 -27.96 -10.75 9.35
CA LEU A 181 -27.93 -10.62 7.88
C LEU A 181 -28.64 -11.75 7.14
N GLU A 182 -28.30 -13.00 7.47
CA GLU A 182 -28.91 -14.16 6.81
C GLU A 182 -30.45 -14.16 6.87
N PRO A 183 -31.05 -14.17 8.09
CA PRO A 183 -32.51 -14.15 8.23
C PRO A 183 -33.15 -12.91 7.58
N TRP A 184 -32.45 -11.78 7.68
CA TRP A 184 -32.94 -10.54 7.09
C TRP A 184 -33.04 -10.66 5.58
N ILE A 185 -31.99 -11.20 4.96
CA ILE A 185 -31.95 -11.39 3.51
C ILE A 185 -33.02 -12.38 3.06
N GLN A 186 -33.16 -13.47 3.81
CA GLN A 186 -34.14 -14.51 3.47
C GLN A 186 -35.58 -14.04 3.63
N GLU A 187 -35.82 -13.08 4.52
CA GLU A 187 -37.17 -12.59 4.76
C GLU A 187 -37.50 -11.33 3.98
N ASN A 188 -36.58 -10.37 3.94
CA ASN A 188 -36.81 -9.11 3.24
C ASN A 188 -36.47 -9.22 1.75
N GLY A 189 -35.63 -10.18 1.40
CA GLY A 189 -35.24 -10.35 0.02
C GLY A 189 -33.87 -9.79 -0.25
N GLY A 190 -32.98 -10.63 -0.76
CA GLY A 190 -31.63 -10.21 -1.06
C GLY A 190 -31.14 -10.73 -2.38
N TRP A 191 -30.23 -11.69 -2.34
CA TRP A 191 -29.67 -12.27 -3.55
C TRP A 191 -30.74 -12.98 -4.39
N ASP A 192 -31.78 -13.45 -3.71
CA ASP A 192 -32.88 -14.13 -4.38
C ASP A 192 -33.62 -13.16 -5.29
N THR A 193 -33.83 -11.95 -4.81
CA THR A 193 -34.51 -10.92 -5.57
C THR A 193 -33.55 -10.32 -6.60
N PHE A 194 -32.26 -10.32 -6.24
CA PHE A 194 -31.22 -9.80 -7.11
C PHE A 194 -31.17 -10.61 -8.41
N VAL A 195 -31.26 -11.93 -8.27
CA VAL A 195 -31.23 -12.82 -9.42
C VAL A 195 -32.41 -12.53 -10.36
N GLU A 196 -33.55 -12.18 -9.78
CA GLU A 196 -34.75 -11.87 -10.55
C GLU A 196 -34.52 -10.70 -11.50
N LEU A 197 -33.93 -9.63 -11.00
CA LEU A 197 -33.68 -8.44 -11.81
C LEU A 197 -32.36 -8.52 -12.57
N TYR A 198 -31.63 -9.60 -12.39
CA TYR A 198 -30.34 -9.77 -13.06
C TYR A 198 -30.38 -10.87 -14.12
N GLY A 199 -30.60 -12.09 -13.68
CA GLY A 199 -30.62 -13.21 -14.60
C GLY A 199 -32.00 -13.51 -15.16
N ASN A 200 -33.04 -13.30 -14.35
CA ASN A 200 -34.41 -13.57 -14.80
C ASN A 200 -35.05 -12.31 -15.39
N ASN A 201 -34.23 -11.35 -15.76
CA ASN A 201 -34.71 -10.12 -16.37
C ASN A 201 -33.83 -9.73 -17.53
N SER B 1 24.99 -6.41 -7.84
CA SER B 1 25.75 -5.22 -7.52
C SER B 1 25.06 -4.42 -6.42
N VAL B 2 25.76 -4.22 -5.32
CA VAL B 2 25.22 -3.47 -4.19
C VAL B 2 25.77 -2.05 -4.20
N PRO B 3 24.88 -1.05 -4.30
CA PRO B 3 25.27 0.37 -4.33
C PRO B 3 25.97 0.79 -3.04
N SER B 4 26.79 1.83 -3.13
CA SER B 4 27.51 2.34 -1.98
C SER B 4 26.56 2.96 -0.97
N GLN B 5 26.43 2.30 0.17
CA GLN B 5 25.54 2.76 1.24
C GLN B 5 26.31 3.55 2.30
N LYS B 6 27.61 3.67 2.09
CA LYS B 6 28.49 4.39 3.00
C LYS B 6 28.10 5.86 3.06
N THR B 7 27.66 6.31 4.24
CA THR B 7 27.24 7.68 4.44
C THR B 7 28.34 8.67 4.07
N TYR B 8 28.02 9.61 3.20
CA TYR B 8 28.95 10.61 2.74
C TYR B 8 28.37 12.00 2.95
N GLN B 9 28.94 12.74 3.90
CA GLN B 9 28.45 14.07 4.21
C GLN B 9 28.88 15.06 3.13
N GLY B 10 30.11 14.92 2.65
CA GLY B 10 30.63 15.79 1.63
C GLY B 10 30.87 17.19 2.16
N SER B 11 31.20 18.11 1.26
CA SER B 11 31.45 19.50 1.64
C SER B 11 30.13 20.26 1.76
N TYR B 12 29.05 19.62 1.36
CA TYR B 12 27.72 20.23 1.41
C TYR B 12 26.96 19.83 2.66
N GLY B 13 27.50 18.86 3.40
CA GLY B 13 26.84 18.40 4.61
C GLY B 13 25.47 17.82 4.32
N PHE B 14 25.43 16.77 3.51
CA PHE B 14 24.19 16.13 3.14
C PHE B 14 23.59 15.36 4.30
N ARG B 15 22.74 16.03 5.07
CA ARG B 15 22.08 15.41 6.21
C ARG B 15 20.62 15.16 5.88
N LEU B 16 20.05 14.12 6.46
CA LEU B 16 18.64 13.78 6.22
C LEU B 16 17.76 14.32 7.33
N GLY B 17 16.59 14.83 6.94
CA GLY B 17 15.66 15.36 7.90
C GLY B 17 14.26 14.84 7.64
N PHE B 18 13.54 14.53 8.70
CA PHE B 18 12.19 14.00 8.57
C PHE B 18 11.26 14.67 9.57
N LEU B 19 9.97 14.45 9.40
CA LEU B 19 8.97 15.02 10.29
C LEU B 19 8.75 14.10 11.49
N HIS B 20 9.10 14.57 12.66
CA HIS B 20 8.94 13.77 13.88
C HIS B 20 7.52 13.89 14.41
N SER B 21 6.61 13.15 13.81
CA SER B 21 5.21 13.15 14.21
C SER B 21 5.04 12.41 15.53
N GLY B 22 5.92 11.45 15.79
CA GLY B 22 5.85 10.70 17.01
C GLY B 22 5.06 9.41 16.85
N THR B 23 4.92 8.67 17.94
CA THR B 23 4.18 7.42 17.93
C THR B 23 2.68 7.66 18.07
N ALA B 24 2.04 7.93 16.94
CA ALA B 24 0.61 8.18 16.93
C ALA B 24 -0.09 7.09 16.13
N LYS B 25 -1.26 6.67 16.61
CA LYS B 25 -2.03 5.63 15.94
C LYS B 25 -2.44 6.09 14.55
N SER B 26 -3.18 7.19 14.52
CA SER B 26 -3.66 7.75 13.26
C SER B 26 -2.66 8.74 12.67
N VAL B 27 -1.74 8.23 11.87
CA VAL B 27 -0.73 9.05 11.23
C VAL B 27 -0.36 8.46 9.87
N THR B 28 -0.05 9.32 8.92
CA THR B 28 0.30 8.89 7.58
C THR B 28 1.74 8.39 7.50
N CYS B 29 2.62 9.02 8.28
CA CYS B 29 4.02 8.64 8.29
C CYS B 29 4.69 9.11 9.58
N THR B 30 5.69 8.38 10.02
CA THR B 30 6.41 8.73 11.25
C THR B 30 7.88 8.29 11.13
N TYR B 31 8.76 9.04 11.78
CA TYR B 31 10.18 8.71 11.74
C TYR B 31 10.70 8.40 13.14
N SER B 32 11.49 7.34 13.24
CA SER B 32 12.07 6.92 14.50
C SER B 32 13.56 7.21 14.53
N PRO B 33 13.98 8.28 15.23
CA PRO B 33 15.39 8.67 15.31
C PRO B 33 16.21 7.72 16.19
N ALA B 34 15.52 6.85 16.91
CA ALA B 34 16.18 5.89 17.79
C ALA B 34 16.86 4.77 16.99
N LEU B 35 16.43 4.59 15.75
CA LEU B 35 16.99 3.54 14.90
C LEU B 35 17.14 4.01 13.46
N ASN B 36 16.83 5.29 13.21
CA ASN B 36 16.90 5.86 11.86
C ASN B 36 15.98 5.09 10.91
N LYS B 37 14.79 4.78 11.41
CA LYS B 37 13.81 4.03 10.65
C LYS B 37 12.54 4.85 10.43
N MET B 38 12.10 4.92 9.19
CA MET B 38 10.90 5.66 8.83
C MET B 38 9.75 4.70 8.53
N PHE B 39 8.60 4.98 9.13
CA PHE B 39 7.41 4.16 8.93
C PHE B 39 6.43 4.90 8.05
N CYS B 40 6.01 4.28 6.97
CA CYS B 40 5.09 4.91 6.03
C CYS B 40 3.86 4.04 5.79
N GLN B 41 2.86 4.63 5.15
CA GLN B 41 1.63 3.93 4.82
C GLN B 41 1.57 3.63 3.33
N LEU B 42 0.63 2.78 2.93
CA LEU B 42 0.48 2.41 1.54
C LEU B 42 -0.10 3.55 0.71
N ALA B 43 0.63 3.94 -0.33
CA ALA B 43 0.21 5.01 -1.25
C ALA B 43 -0.01 6.35 -0.54
N LYS B 44 0.86 6.64 0.43
CA LYS B 44 0.76 7.89 1.16
C LYS B 44 1.98 8.77 0.89
N THR B 45 1.73 10.04 0.67
CA THR B 45 2.78 11.02 0.40
C THR B 45 3.64 11.24 1.65
N CYS B 46 4.91 10.88 1.57
CA CYS B 46 5.83 11.05 2.68
C CYS B 46 6.85 12.16 2.39
N PRO B 47 6.79 13.26 3.17
CA PRO B 47 7.69 14.40 3.00
C PRO B 47 9.06 14.18 3.64
N VAL B 48 10.10 14.23 2.82
CA VAL B 48 11.47 14.05 3.27
C VAL B 48 12.23 15.36 3.08
N GLN B 49 12.98 15.78 4.08
CA GLN B 49 13.73 17.03 4.00
C GLN B 49 15.21 16.79 3.84
N LEU B 50 15.84 17.61 3.02
CA LEU B 50 17.28 17.51 2.80
C LEU B 50 17.96 18.59 3.62
N TRP B 51 18.40 18.21 4.82
CA TRP B 51 19.05 19.15 5.74
C TRP B 51 20.49 19.43 5.33
N VAL B 52 20.68 19.88 4.11
CA VAL B 52 22.01 20.19 3.59
C VAL B 52 22.56 21.45 4.27
N ASP B 53 23.77 21.35 4.76
CA ASP B 53 24.41 22.48 5.43
C ASP B 53 24.82 23.53 4.41
N SER B 54 25.54 23.08 3.39
CA SER B 54 25.99 23.96 2.33
C SER B 54 25.08 23.78 1.12
N THR B 55 24.48 24.87 0.66
CA THR B 55 23.57 24.83 -0.48
C THR B 55 24.26 24.39 -1.76
N PRO B 56 23.79 23.28 -2.36
CA PRO B 56 24.36 22.76 -3.60
C PRO B 56 23.91 23.58 -4.81
N PRO B 57 24.71 23.58 -5.89
CA PRO B 57 24.39 24.32 -7.12
C PRO B 57 23.09 23.85 -7.74
N PRO B 58 22.27 24.80 -8.24
CA PRO B 58 20.98 24.48 -8.87
C PRO B 58 21.14 23.53 -10.05
N GLY B 59 20.29 22.52 -10.11
CA GLY B 59 20.36 21.56 -11.18
C GLY B 59 20.97 20.25 -10.72
N THR B 60 21.04 20.07 -9.42
CA THR B 60 21.59 18.86 -8.83
C THR B 60 20.61 17.70 -9.01
N ARG B 61 21.13 16.48 -9.03
CA ARG B 61 20.31 15.31 -9.22
C ARG B 61 20.20 14.48 -7.93
N VAL B 62 19.02 14.44 -7.36
CA VAL B 62 18.77 13.68 -6.15
C VAL B 62 18.27 12.29 -6.53
N ARG B 63 19.09 11.29 -6.32
CA ARG B 63 18.72 9.92 -6.66
C ARG B 63 18.44 9.11 -5.40
N ALA B 64 17.34 8.38 -5.42
CA ALA B 64 16.96 7.55 -4.30
C ALA B 64 16.78 6.10 -4.73
N MET B 65 17.62 5.23 -4.20
CA MET B 65 17.55 3.81 -4.51
C MET B 65 17.42 3.01 -3.22
N ALA B 66 16.45 2.11 -3.18
CA ALA B 66 16.23 1.32 -1.98
C ALA B 66 16.78 -0.09 -2.11
N ILE B 67 17.41 -0.55 -1.04
CA ILE B 67 17.97 -1.90 -0.98
C ILE B 67 17.40 -2.61 0.24
N TYR B 68 17.84 -3.83 0.49
CA TYR B 68 17.35 -4.59 1.65
C TYR B 68 18.32 -4.50 2.81
N LYS B 69 17.80 -4.66 4.02
CA LYS B 69 18.63 -4.60 5.23
C LYS B 69 19.60 -5.77 5.29
N GLN B 70 19.10 -6.95 4.93
CA GLN B 70 19.92 -8.16 4.93
C GLN B 70 21.03 -8.04 3.89
N SER B 71 22.27 -8.17 4.35
CA SER B 71 23.44 -8.07 3.47
C SER B 71 23.38 -9.11 2.34
N GLN B 72 22.88 -10.30 2.67
CA GLN B 72 22.78 -11.38 1.70
C GLN B 72 21.62 -11.19 0.74
N HIS B 73 20.80 -10.17 0.99
CA HIS B 73 19.65 -9.89 0.15
C HIS B 73 19.75 -8.50 -0.47
N MET B 74 20.88 -7.84 -0.28
CA MET B 74 21.10 -6.49 -0.80
C MET B 74 21.19 -6.49 -2.33
N THR B 75 21.43 -7.67 -2.90
CA THR B 75 21.55 -7.82 -4.34
C THR B 75 20.17 -7.77 -5.01
N GLU B 76 19.13 -7.98 -4.21
CA GLU B 76 17.76 -7.96 -4.72
C GLU B 76 17.27 -6.53 -4.91
N VAL B 77 16.27 -6.38 -5.75
CA VAL B 77 15.68 -5.07 -6.02
C VAL B 77 14.31 -4.99 -5.36
N VAL B 78 14.02 -3.84 -4.75
CA VAL B 78 12.74 -3.63 -4.08
C VAL B 78 11.63 -3.43 -5.12
N ARG B 79 10.84 -4.48 -5.34
CA ARG B 79 9.75 -4.43 -6.29
C ARG B 79 8.41 -4.66 -5.61
N ARG B 80 7.34 -4.60 -6.39
CA ARG B 80 5.99 -4.77 -5.87
C ARG B 80 5.66 -6.24 -5.61
N CYS B 81 4.45 -6.47 -5.11
CA CYS B 81 3.98 -7.82 -4.80
C CYS B 81 3.26 -8.42 -6.02
N PRO B 82 2.98 -9.74 -6.00
CA PRO B 82 2.31 -10.45 -7.10
C PRO B 82 1.11 -9.70 -7.68
N HIS B 83 0.23 -9.20 -6.82
CA HIS B 83 -0.93 -8.46 -7.29
C HIS B 83 -0.77 -6.96 -7.02
N HIS B 84 -0.04 -6.30 -7.90
CA HIS B 84 0.20 -4.86 -7.77
C HIS B 84 0.75 -4.28 -9.08
N GLU B 85 1.54 -5.08 -9.77
CA GLU B 85 2.15 -4.68 -11.03
C GLU B 85 1.09 -4.47 -12.12
N ARG B 86 0.17 -5.43 -12.21
CA ARG B 86 -0.89 -5.38 -13.21
C ARG B 86 -2.04 -4.48 -12.77
N CYS B 87 -1.88 -3.81 -11.64
CA CYS B 87 -2.91 -2.91 -11.13
C CYS B 87 -3.10 -1.72 -12.07
N SER B 88 -2.06 -1.40 -12.83
CA SER B 88 -2.10 -0.29 -13.78
C SER B 88 -2.41 1.03 -13.07
N ASP B 89 -1.63 1.31 -12.03
CA ASP B 89 -1.79 2.52 -11.25
C ASP B 89 -0.90 3.63 -11.79
N SER B 90 -0.46 3.45 -13.02
CA SER B 90 0.39 4.41 -13.69
C SER B 90 -0.40 5.66 -14.06
N ASP B 91 0.07 6.82 -13.60
CA ASP B 91 -0.57 8.08 -13.90
C ASP B 91 -0.14 8.58 -15.27
N GLY B 92 1.04 8.16 -15.68
CA GLY B 92 1.59 8.56 -16.96
C GLY B 92 3.07 8.81 -16.85
N LEU B 93 3.47 9.41 -15.73
CA LEU B 93 4.87 9.70 -15.46
C LEU B 93 5.43 8.62 -14.55
N ALA B 94 4.61 8.19 -13.61
CA ALA B 94 5.00 7.16 -12.66
C ALA B 94 4.66 5.78 -13.20
N PRO B 95 5.68 4.97 -13.50
CA PRO B 95 5.50 3.61 -14.03
C PRO B 95 5.01 2.64 -12.95
N PRO B 96 4.18 1.67 -13.34
CA PRO B 96 3.64 0.68 -12.40
C PRO B 96 4.69 -0.30 -11.90
N GLN B 97 5.87 -0.27 -12.52
CA GLN B 97 6.96 -1.16 -12.14
C GLN B 97 7.78 -0.57 -11.00
N HIS B 98 7.71 0.75 -10.84
CA HIS B 98 8.46 1.43 -9.79
C HIS B 98 7.68 1.50 -8.49
N LEU B 99 8.37 1.21 -7.39
CA LEU B 99 7.74 1.22 -6.07
C LEU B 99 7.82 2.60 -5.44
N ILE B 100 8.96 3.26 -5.62
CA ILE B 100 9.17 4.59 -5.07
C ILE B 100 8.87 5.66 -6.10
N ARG B 101 7.94 6.54 -5.77
CA ARG B 101 7.56 7.63 -6.67
C ARG B 101 7.69 8.97 -5.95
N VAL B 102 7.46 10.06 -6.67
CA VAL B 102 7.57 11.39 -6.10
C VAL B 102 6.32 12.22 -6.40
N GLU B 103 5.85 12.94 -5.40
CA GLU B 103 4.68 13.79 -5.55
C GLU B 103 5.08 15.25 -5.33
N GLY B 104 4.14 16.16 -5.56
CA GLY B 104 4.41 17.57 -5.38
C GLY B 104 5.18 18.18 -6.55
N ASN B 105 6.38 17.67 -6.79
CA ASN B 105 7.21 18.17 -7.88
C ASN B 105 6.84 17.49 -9.19
N LEU B 106 6.55 18.30 -10.20
CA LEU B 106 6.19 17.79 -11.52
C LEU B 106 7.42 17.26 -12.25
N ARG B 107 8.59 17.71 -11.82
CA ARG B 107 9.85 17.28 -12.41
C ARG B 107 10.29 15.96 -11.81
N VAL B 108 9.43 14.95 -11.92
CA VAL B 108 9.72 13.64 -11.39
C VAL B 108 10.28 12.71 -12.47
N GLU B 109 11.55 12.37 -12.34
CA GLU B 109 12.21 11.49 -13.29
C GLU B 109 12.55 10.17 -12.62
N TYR B 110 12.76 9.15 -13.42
CA TYR B 110 13.08 7.82 -12.89
C TYR B 110 14.33 7.26 -13.55
N LEU B 111 15.08 6.47 -12.81
CA LEU B 111 16.29 5.86 -13.30
C LEU B 111 16.14 4.36 -13.34
N ASP B 112 16.19 3.79 -14.54
CA ASP B 112 16.06 2.36 -14.71
C ASP B 112 17.40 1.77 -15.14
N ASP B 113 18.14 1.26 -14.18
CA ASP B 113 19.44 0.65 -14.45
C ASP B 113 19.26 -0.68 -15.18
N ARG B 114 20.15 -0.97 -16.13
CA ARG B 114 20.08 -2.19 -16.89
C ARG B 114 21.22 -3.15 -16.53
N ASN B 115 22.03 -2.78 -15.55
CA ASN B 115 23.14 -3.64 -15.14
C ASN B 115 22.67 -4.64 -14.09
N THR B 116 21.87 -4.16 -13.15
CA THR B 116 21.33 -5.01 -12.09
C THR B 116 19.84 -4.76 -11.94
N PHE B 117 19.28 -4.03 -12.91
CA PHE B 117 17.86 -3.69 -12.90
C PHE B 117 17.52 -2.84 -11.69
N ARG B 118 18.43 -1.93 -11.35
CA ARG B 118 18.26 -1.06 -10.20
C ARG B 118 17.29 0.07 -10.50
N HIS B 119 16.02 -0.18 -10.20
CA HIS B 119 14.98 0.83 -10.40
C HIS B 119 15.07 1.87 -9.29
N SER B 120 15.33 3.11 -9.67
CA SER B 120 15.45 4.19 -8.70
C SER B 120 14.77 5.45 -9.21
N VAL B 121 14.57 6.41 -8.32
CA VAL B 121 13.94 7.67 -8.70
C VAL B 121 14.97 8.80 -8.64
N VAL B 122 14.83 9.77 -9.52
CA VAL B 122 15.75 10.91 -9.57
C VAL B 122 14.99 12.21 -9.80
N VAL B 123 15.20 13.16 -8.91
CA VAL B 123 14.54 14.46 -9.01
C VAL B 123 15.57 15.59 -8.90
N PRO B 124 15.33 16.70 -9.61
CA PRO B 124 16.22 17.86 -9.56
C PRO B 124 16.09 18.57 -8.22
N TYR B 125 17.21 19.07 -7.72
CA TYR B 125 17.20 19.78 -6.45
C TYR B 125 16.63 21.18 -6.62
N GLU B 126 15.44 21.38 -6.07
CA GLU B 126 14.78 22.67 -6.13
C GLU B 126 15.37 23.59 -5.06
N PRO B 127 15.73 24.82 -5.44
CA PRO B 127 16.33 25.80 -4.52
C PRO B 127 15.40 26.12 -3.34
N PRO B 128 15.98 26.33 -2.14
CA PRO B 128 15.21 26.65 -0.94
C PRO B 128 14.32 27.87 -1.13
N GLU B 129 13.02 27.66 -1.00
CA GLU B 129 12.06 28.74 -1.16
C GLU B 129 11.90 29.53 0.13
N VAL B 130 11.36 30.74 0.00
CA VAL B 130 11.14 31.61 1.16
C VAL B 130 10.24 30.92 2.17
N GLY B 131 10.81 30.56 3.31
CA GLY B 131 10.05 29.89 4.35
C GLY B 131 10.50 28.46 4.53
N SER B 132 11.12 27.91 3.50
CA SER B 132 11.62 26.55 3.53
C SER B 132 13.13 26.56 3.65
N ASP B 133 13.62 26.42 4.88
CA ASP B 133 15.06 26.40 5.15
C ASP B 133 15.74 25.25 4.43
N CYS B 134 15.09 24.11 4.42
CA CYS B 134 15.60 22.93 3.76
C CYS B 134 14.57 22.40 2.76
N THR B 135 15.04 22.07 1.56
CA THR B 135 14.18 21.55 0.51
C THR B 135 13.46 20.28 0.94
N THR B 136 12.14 20.26 0.76
CA THR B 136 11.32 19.12 1.13
C THR B 136 10.81 18.40 -0.12
N ILE B 137 11.09 17.11 -0.20
CA ILE B 137 10.65 16.30 -1.33
C ILE B 137 9.64 15.27 -0.86
N HIS B 138 8.53 15.15 -1.58
CA HIS B 138 7.50 14.20 -1.23
C HIS B 138 7.68 12.88 -1.97
N TYR B 139 7.97 11.83 -1.21
CA TYR B 139 8.17 10.50 -1.79
C TYR B 139 6.95 9.64 -1.53
N ASN B 140 6.64 8.76 -2.47
CA ASN B 140 5.48 7.88 -2.34
C ASN B 140 5.88 6.42 -2.41
N TYR B 141 5.44 5.66 -1.42
CA TYR B 141 5.71 4.23 -1.39
C TYR B 141 4.45 3.48 -1.82
N MET B 142 4.51 2.90 -3.01
CA MET B 142 3.35 2.20 -3.58
C MET B 142 3.22 0.74 -3.12
N CYS B 143 3.94 0.37 -2.08
CA CYS B 143 3.88 -0.99 -1.56
C CYS B 143 4.27 -1.04 -0.09
N ASN B 144 3.95 -2.14 0.56
CA ASN B 144 4.25 -2.32 1.97
C ASN B 144 5.48 -3.21 2.12
N SER B 145 6.16 -3.11 3.25
CA SER B 145 7.35 -3.92 3.49
C SER B 145 6.98 -5.39 3.68
N SER B 146 5.71 -5.64 3.94
CA SER B 146 5.22 -6.99 4.13
C SER B 146 4.79 -7.62 2.81
N CYS B 147 4.81 -6.81 1.74
CA CYS B 147 4.41 -7.28 0.42
C CYS B 147 5.23 -8.50 -0.02
N MET B 148 4.55 -9.63 -0.13
CA MET B 148 5.18 -10.88 -0.53
C MET B 148 5.74 -10.79 -1.94
N GLY B 149 6.65 -11.68 -2.29
CA GLY B 149 7.24 -11.67 -3.62
C GLY B 149 8.44 -10.76 -3.71
N GLY B 150 8.22 -9.46 -3.56
CA GLY B 150 9.31 -8.51 -3.63
C GLY B 150 10.01 -8.37 -2.29
N MET B 151 9.50 -7.49 -1.44
CA MET B 151 10.08 -7.28 -0.13
C MET B 151 9.97 -8.53 0.72
N ASN B 152 8.79 -9.14 0.72
CA ASN B 152 8.54 -10.38 1.46
C ASN B 152 8.84 -10.25 2.95
N ARG B 153 8.25 -9.24 3.58
CA ARG B 153 8.43 -8.98 5.01
C ARG B 153 9.91 -8.77 5.37
N ARG B 154 10.58 -7.94 4.58
CA ARG B 154 11.98 -7.64 4.81
C ARG B 154 12.18 -6.14 4.88
N PRO B 155 12.96 -5.65 5.86
CA PRO B 155 13.23 -4.23 6.03
C PRO B 155 14.09 -3.68 4.88
N ILE B 156 13.77 -2.49 4.41
CA ILE B 156 14.50 -1.89 3.32
C ILE B 156 15.28 -0.64 3.75
N LEU B 157 16.33 -0.35 3.01
CA LEU B 157 17.17 0.81 3.28
C LEU B 157 17.18 1.71 2.05
N THR B 158 16.59 2.89 2.16
CA THR B 158 16.55 3.81 1.05
C THR B 158 17.77 4.73 1.06
N ILE B 159 18.58 4.63 0.02
CA ILE B 159 19.77 5.44 -0.11
C ILE B 159 19.46 6.73 -0.86
N ILE B 160 19.53 7.84 -0.16
CA ILE B 160 19.27 9.16 -0.75
C ILE B 160 20.62 9.78 -1.09
N THR B 161 20.88 9.97 -2.37
CA THR B 161 22.13 10.54 -2.79
C THR B 161 21.94 11.83 -3.58
N LEU B 162 22.93 12.70 -3.52
CA LEU B 162 22.91 13.97 -4.22
C LEU B 162 24.13 14.10 -5.10
N GLU B 163 23.91 14.03 -6.40
CA GLU B 163 24.99 14.14 -7.37
C GLU B 163 24.76 15.37 -8.23
N ASP B 164 25.83 15.87 -8.84
CA ASP B 164 25.73 17.03 -9.71
C ASP B 164 25.08 16.62 -11.04
N SER B 165 24.86 17.59 -11.92
CA SER B 165 24.24 17.31 -13.21
C SER B 165 25.03 16.30 -14.03
N SER B 166 26.35 16.27 -13.83
CA SER B 166 27.20 15.34 -14.54
C SER B 166 27.13 13.95 -13.92
N GLY B 167 27.32 13.88 -12.61
CA GLY B 167 27.27 12.60 -11.92
C GLY B 167 28.27 12.50 -10.78
N ASN B 168 28.72 13.66 -10.29
CA ASN B 168 29.69 13.72 -9.21
C ASN B 168 29.00 13.62 -7.87
N LEU B 169 29.42 12.66 -7.06
CA LEU B 169 28.86 12.44 -5.74
C LEU B 169 29.21 13.60 -4.80
N LEU B 170 28.20 14.35 -4.40
CA LEU B 170 28.40 15.49 -3.52
C LEU B 170 28.04 15.12 -2.08
N GLY B 171 27.05 14.23 -1.96
CA GLY B 171 26.60 13.79 -0.66
C GLY B 171 25.72 12.56 -0.78
N ARG B 172 25.72 11.71 0.23
CA ARG B 172 24.93 10.48 0.20
C ARG B 172 24.54 10.05 1.60
N ASN B 173 23.25 9.83 1.82
CA ASN B 173 22.74 9.40 3.11
C ASN B 173 21.85 8.17 2.95
N SER B 174 21.46 7.55 4.05
CA SER B 174 20.62 6.35 3.98
C SER B 174 19.80 6.17 5.27
N PHE B 175 18.63 5.57 5.15
CA PHE B 175 17.76 5.34 6.29
C PHE B 175 16.91 4.08 6.06
N GLU B 176 16.47 3.46 7.15
CA GLU B 176 15.66 2.26 7.07
C GLU B 176 14.18 2.63 6.93
N VAL B 177 13.44 1.86 6.14
CA VAL B 177 12.04 2.15 5.92
C VAL B 177 11.15 0.92 6.15
N ARG B 178 9.98 1.16 6.70
CA ARG B 178 9.00 0.12 6.95
C ARG B 178 7.61 0.65 6.58
N VAL B 179 7.09 0.17 5.46
CA VAL B 179 5.79 0.61 4.99
C VAL B 179 4.72 -0.39 5.40
N CYS B 180 3.67 0.11 6.05
CA CYS B 180 2.58 -0.74 6.51
C CYS B 180 1.25 0.00 6.40
N ALA B 181 0.35 -0.27 7.34
CA ALA B 181 -0.95 0.39 7.35
C ALA B 181 -1.12 1.25 8.60
N CYS B 182 -0.28 1.01 9.60
CA CYS B 182 -0.35 1.76 10.84
C CYS B 182 1.06 2.03 11.37
N PRO B 183 1.66 3.16 10.96
CA PRO B 183 3.02 3.53 11.37
C PRO B 183 3.20 3.56 12.89
N GLY B 184 2.20 4.07 13.59
CA GLY B 184 2.27 4.14 15.04
C GLY B 184 2.24 2.76 15.68
N ARG B 185 1.47 1.87 15.08
CA ARG B 185 1.33 0.51 15.59
C ARG B 185 2.62 -0.28 15.37
N ASP B 186 3.08 -0.29 14.13
CA ASP B 186 4.29 -1.01 13.77
C ASP B 186 5.54 -0.47 14.46
N ARG B 187 5.53 0.82 14.77
CA ARG B 187 6.67 1.45 15.45
C ARG B 187 6.85 0.87 16.85
N ARG B 188 5.75 0.48 17.47
CA ARG B 188 5.78 -0.10 18.80
C ARG B 188 6.40 -1.48 18.78
N THR B 189 6.23 -2.21 17.69
CA THR B 189 6.78 -3.55 17.55
C THR B 189 8.27 -3.53 17.20
N GLU B 190 8.81 -2.35 16.94
CA GLU B 190 10.22 -2.22 16.59
C GLU B 190 10.97 -1.28 17.53
N GLU B 191 10.73 0.02 17.37
CA GLU B 191 11.41 1.03 18.19
C GLU B 191 11.07 0.88 19.67
N GLU B 192 9.78 0.78 19.97
CA GLU B 192 9.31 0.63 21.34
C GLU B 192 9.69 -0.74 21.90
N ASN B 193 9.95 -1.69 21.01
CA ASN B 193 10.32 -3.04 21.41
C ASN B 193 11.80 -3.13 21.74
N LEU B 194 12.60 -2.25 21.16
CA LEU B 194 14.04 -2.25 21.39
C LEU B 194 14.44 -1.46 22.63
N ARG B 195 13.54 -1.39 23.59
CA ARG B 195 13.81 -0.69 24.84
C ARG B 195 12.96 -1.28 25.95
ZN ZN C . 2.68 -4.95 -3.13
N MET A 4 -31.37 -25.05 8.31
CA MET A 4 -30.51 -23.87 8.07
C MET A 4 -29.47 -24.20 7.01
N SER A 5 -29.81 -23.92 5.76
CA SER A 5 -28.93 -24.19 4.64
C SER A 5 -27.74 -23.23 4.65
N GLN A 6 -27.96 -22.01 5.13
CA GLN A 6 -26.93 -20.99 5.18
C GLN A 6 -26.40 -20.66 3.79
N SER A 7 -27.32 -20.57 2.84
CA SER A 7 -26.99 -20.26 1.46
C SER A 7 -26.29 -18.91 1.34
N ASN A 8 -26.59 -18.03 2.29
CA ASN A 8 -25.98 -16.70 2.30
C ASN A 8 -24.51 -16.81 2.68
N ARG A 9 -24.25 -17.45 3.82
CA ARG A 9 -22.87 -17.63 4.28
C ARG A 9 -22.04 -18.40 3.25
N GLU A 10 -22.63 -19.43 2.68
CA GLU A 10 -21.94 -20.26 1.70
C GLU A 10 -21.49 -19.43 0.50
N LEU A 11 -22.37 -18.59 0.00
CA LEU A 11 -22.07 -17.75 -1.15
C LEU A 11 -21.04 -16.67 -0.80
N VAL A 12 -21.19 -16.08 0.39
CA VAL A 12 -20.28 -15.03 0.83
C VAL A 12 -18.83 -15.55 0.91
N VAL A 13 -18.66 -16.68 1.59
CA VAL A 13 -17.32 -17.26 1.73
C VAL A 13 -16.80 -17.80 0.40
N ASP A 14 -17.73 -18.20 -0.47
CA ASP A 14 -17.39 -18.71 -1.79
C ASP A 14 -16.78 -17.60 -2.64
N PHE A 15 -17.50 -16.49 -2.73
CA PHE A 15 -17.06 -15.33 -3.48
C PHE A 15 -15.74 -14.80 -2.93
N LEU A 16 -15.63 -14.80 -1.61
CA LEU A 16 -14.43 -14.34 -0.94
C LEU A 16 -13.23 -15.21 -1.32
N SER A 17 -13.41 -16.52 -1.26
CA SER A 17 -12.35 -17.45 -1.61
C SER A 17 -11.98 -17.31 -3.08
N TYR A 18 -12.98 -17.05 -3.91
CA TYR A 18 -12.79 -16.89 -5.35
C TYR A 18 -11.85 -15.70 -5.62
N LYS A 19 -11.97 -14.67 -4.81
CA LYS A 19 -11.12 -13.49 -4.97
C LYS A 19 -9.78 -13.69 -4.28
N LEU A 20 -9.80 -14.37 -3.15
CA LEU A 20 -8.58 -14.66 -2.39
C LEU A 20 -7.63 -15.56 -3.17
N SER A 21 -8.14 -16.17 -4.24
CA SER A 21 -7.34 -17.06 -5.07
C SER A 21 -6.97 -16.43 -6.41
N GLN A 22 -7.08 -15.11 -6.50
CA GLN A 22 -6.73 -14.41 -7.74
C GLN A 22 -5.23 -14.43 -7.98
N LYS A 23 -4.49 -13.65 -7.20
CA LYS A 23 -3.05 -13.57 -7.33
C LYS A 23 -2.44 -13.09 -6.01
N GLY A 24 -1.31 -13.66 -5.64
CA GLY A 24 -0.67 -13.29 -4.39
C GLY A 24 -1.22 -14.06 -3.22
N TYR A 25 -1.75 -15.24 -3.50
CA TYR A 25 -2.32 -16.10 -2.45
C TYR A 25 -1.26 -16.96 -1.79
N SER A 26 -0.91 -16.63 -0.56
CA SER A 26 0.08 -17.39 0.18
C SER A 26 -0.57 -18.46 1.05
N TRP A 27 -1.05 -18.05 2.21
CA TRP A 27 -1.69 -18.97 3.14
C TRP A 27 -3.09 -19.39 2.67
N SER A 28 -3.71 -18.56 1.84
CA SER A 28 -5.04 -18.85 1.33
C SER A 28 -5.06 -20.08 0.43
N GLN A 29 -3.87 -20.44 -0.07
CA GLN A 29 -3.74 -21.60 -0.94
C GLN A 29 -3.79 -22.89 -0.13
N PHE A 30 -3.52 -22.78 1.17
CA PHE A 30 -3.51 -23.94 2.05
C PHE A 30 -4.70 -23.92 3.00
N SER A 31 -4.97 -22.77 3.60
CA SER A 31 -6.06 -22.64 4.55
C SER A 31 -7.41 -22.32 3.89
N MET A 86 -32.22 -24.09 -9.05
CA MET A 86 -31.29 -23.13 -8.47
C MET A 86 -31.29 -21.83 -9.27
N ALA A 87 -31.00 -20.73 -8.58
CA ALA A 87 -30.98 -19.42 -9.22
C ALA A 87 -29.58 -19.09 -9.71
N ALA A 88 -28.63 -20.00 -9.45
CA ALA A 88 -27.24 -19.82 -9.86
C ALA A 88 -26.66 -18.53 -9.28
N VAL A 89 -26.95 -18.29 -8.02
CA VAL A 89 -26.47 -17.09 -7.32
C VAL A 89 -24.95 -16.98 -7.34
N LYS A 90 -24.27 -18.11 -7.25
CA LYS A 90 -22.82 -18.14 -7.28
C LYS A 90 -22.28 -17.59 -8.59
N GLN A 91 -22.92 -17.99 -9.70
CA GLN A 91 -22.51 -17.53 -11.02
C GLN A 91 -22.90 -16.07 -11.22
N ALA A 92 -24.09 -15.70 -10.76
CA ALA A 92 -24.57 -14.33 -10.89
C ALA A 92 -23.62 -13.36 -10.20
N LEU A 93 -23.19 -13.73 -9.00
CA LEU A 93 -22.27 -12.90 -8.23
C LEU A 93 -20.86 -12.96 -8.82
N ARG A 94 -20.55 -14.08 -9.46
CA ARG A 94 -19.25 -14.25 -10.09
C ARG A 94 -19.07 -13.30 -11.26
N GLU A 95 -20.09 -13.23 -12.11
CA GLU A 95 -20.05 -12.36 -13.28
C GLU A 95 -19.84 -10.90 -12.87
N ALA A 96 -20.77 -10.37 -12.11
CA ALA A 96 -20.68 -8.98 -11.65
C ALA A 96 -19.44 -8.74 -10.82
N GLY A 97 -19.12 -9.70 -9.95
CA GLY A 97 -17.97 -9.59 -9.08
C GLY A 97 -16.65 -9.53 -9.83
N ASP A 98 -16.47 -10.40 -10.81
CA ASP A 98 -15.24 -10.43 -11.59
C ASP A 98 -15.08 -9.16 -12.42
N GLU A 99 -16.17 -8.72 -13.04
CA GLU A 99 -16.16 -7.52 -13.86
C GLU A 99 -15.87 -6.28 -13.01
N PHE A 100 -16.41 -6.26 -11.81
CA PHE A 100 -16.21 -5.13 -10.91
C PHE A 100 -14.83 -5.16 -10.25
N GLU A 101 -14.35 -6.35 -9.94
CA GLU A 101 -13.04 -6.52 -9.29
C GLU A 101 -11.92 -5.92 -10.11
N LEU A 102 -11.91 -6.20 -11.41
CA LEU A 102 -10.87 -5.69 -12.30
C LEU A 102 -10.84 -4.15 -12.33
N ARG A 103 -11.94 -3.54 -11.94
CA ARG A 103 -12.03 -2.09 -11.89
C ARG A 103 -11.55 -1.59 -10.52
N TYR A 104 -11.77 -2.41 -9.51
CA TYR A 104 -11.37 -2.08 -8.14
C TYR A 104 -9.88 -2.31 -7.92
N ARG A 105 -9.32 -3.30 -8.61
CA ARG A 105 -7.89 -3.61 -8.47
C ARG A 105 -7.02 -2.65 -9.28
N ARG A 106 -7.53 -1.46 -9.53
CA ARG A 106 -6.79 -0.46 -10.30
C ARG A 106 -5.83 0.31 -9.40
N ALA A 107 -5.93 0.06 -8.08
CA ALA A 107 -5.09 0.70 -7.07
C ALA A 107 -5.43 2.18 -6.88
N PHE A 108 -6.35 2.68 -7.70
CA PHE A 108 -6.78 4.06 -7.63
C PHE A 108 -8.28 4.13 -7.88
N SER A 109 -9.01 3.23 -7.22
CA SER A 109 -10.45 3.16 -7.36
C SER A 109 -11.13 3.66 -6.09
N ASP A 110 -12.44 3.40 -5.99
CA ASP A 110 -13.25 3.81 -4.84
C ASP A 110 -12.80 3.09 -3.57
N LEU A 111 -12.24 1.89 -3.75
CA LEU A 111 -11.77 1.09 -2.62
C LEU A 111 -10.69 1.86 -1.85
N THR A 112 -9.75 2.45 -2.58
CA THR A 112 -8.67 3.21 -1.99
C THR A 112 -9.19 4.40 -1.20
N SER A 113 -10.20 5.07 -1.74
CA SER A 113 -10.79 6.22 -1.09
C SER A 113 -11.62 5.82 0.13
N GLN A 114 -12.27 4.67 0.03
CA GLN A 114 -13.10 4.15 1.11
C GLN A 114 -12.23 3.76 2.31
N LEU A 115 -11.21 2.94 2.05
CA LEU A 115 -10.32 2.50 3.11
C LEU A 115 -9.38 3.60 3.56
N HIS A 116 -8.68 4.21 2.60
CA HIS A 116 -7.72 5.29 2.87
C HIS A 116 -6.62 4.86 3.82
N ILE A 117 -6.42 3.56 3.93
CA ILE A 117 -5.41 2.98 4.82
C ILE A 117 -5.66 3.43 6.26
N THR A 118 -6.71 2.87 6.85
CA THR A 118 -7.10 3.19 8.21
C THR A 118 -6.09 2.66 9.22
N PRO A 119 -5.75 3.49 10.23
CA PRO A 119 -4.78 3.12 11.28
C PRO A 119 -5.39 2.12 12.27
N GLY A 120 -5.94 1.04 11.74
CA GLY A 120 -6.55 0.02 12.54
C GLY A 120 -7.33 -0.93 11.65
N THR A 121 -6.61 -1.49 10.67
CA THR A 121 -7.20 -2.39 9.69
C THR A 121 -7.51 -3.78 10.25
N ALA A 122 -7.67 -3.86 11.57
CA ALA A 122 -7.98 -5.12 12.22
C ALA A 122 -9.42 -5.10 12.73
N TYR A 123 -10.05 -3.92 12.64
CA TYR A 123 -11.43 -3.77 13.11
C TYR A 123 -12.12 -2.57 12.45
N GLN A 124 -11.39 -1.46 12.32
CA GLN A 124 -11.95 -0.25 11.71
C GLN A 124 -12.28 -0.47 10.24
N SER A 125 -11.52 -1.33 9.60
CA SER A 125 -11.73 -1.65 8.19
C SER A 125 -13.08 -2.33 8.01
N PHE A 126 -13.41 -3.21 8.94
CA PHE A 126 -14.67 -3.94 8.91
C PHE A 126 -15.84 -2.97 8.98
N GLU A 127 -15.76 -2.03 9.91
CA GLU A 127 -16.81 -1.03 10.09
C GLU A 127 -16.99 -0.22 8.82
N GLN A 128 -15.89 0.26 8.27
CA GLN A 128 -15.92 1.07 7.06
C GLN A 128 -16.60 0.35 5.89
N VAL A 129 -16.31 -0.94 5.74
CA VAL A 129 -16.89 -1.74 4.67
C VAL A 129 -18.38 -1.99 4.89
N VAL A 130 -18.73 -2.46 6.10
CA VAL A 130 -20.12 -2.76 6.42
C VAL A 130 -20.98 -1.49 6.48
N ASN A 131 -20.37 -0.40 6.90
CA ASN A 131 -21.05 0.89 7.00
C ASN A 131 -21.61 1.32 5.66
N GLU A 132 -20.92 0.91 4.58
CA GLU A 132 -21.32 1.22 3.22
C GLU A 132 -22.75 0.74 2.95
N LEU A 133 -23.11 -0.40 3.51
CA LEU A 133 -24.43 -0.96 3.32
C LEU A 133 -25.48 -0.14 4.09
N PHE A 134 -25.08 0.36 5.25
CA PHE A 134 -25.97 1.16 6.08
C PHE A 134 -26.15 2.56 5.51
N ARG A 135 -25.28 2.92 4.57
CA ARG A 135 -25.33 4.22 3.93
C ARG A 135 -26.35 4.23 2.80
N ASP A 136 -27.10 3.14 2.69
CA ASP A 136 -28.11 3.00 1.66
C ASP A 136 -29.30 2.21 2.19
N GLY A 137 -29.03 1.00 2.64
CA GLY A 137 -30.07 0.13 3.16
C GLY A 137 -30.15 -1.15 2.37
N VAL A 138 -31.36 -1.69 2.23
CA VAL A 138 -31.56 -2.92 1.47
C VAL A 138 -31.62 -2.60 -0.02
N ASN A 139 -30.48 -2.25 -0.59
CA ASN A 139 -30.38 -1.92 -1.99
C ASN A 139 -29.65 -3.02 -2.75
N TRP A 140 -30.31 -3.57 -3.74
CA TRP A 140 -29.74 -4.63 -4.56
C TRP A 140 -28.55 -4.14 -5.38
N GLY A 141 -28.51 -2.83 -5.62
CA GLY A 141 -27.42 -2.25 -6.38
C GLY A 141 -26.24 -1.92 -5.50
N ARG A 142 -26.52 -1.72 -4.21
CA ARG A 142 -25.47 -1.38 -3.26
C ARG A 142 -24.71 -2.63 -2.80
N ILE A 143 -25.42 -3.75 -2.74
CA ILE A 143 -24.81 -5.02 -2.32
C ILE A 143 -23.70 -5.44 -3.28
N VAL A 144 -23.84 -5.07 -4.55
CA VAL A 144 -22.84 -5.39 -5.56
C VAL A 144 -21.53 -4.68 -5.22
N ALA A 145 -21.64 -3.40 -4.88
CA ALA A 145 -20.49 -2.60 -4.52
C ALA A 145 -19.86 -3.14 -3.24
N PHE A 146 -20.72 -3.57 -2.31
CA PHE A 146 -20.28 -4.12 -1.03
C PHE A 146 -19.36 -5.32 -1.27
N PHE A 147 -19.81 -6.24 -2.10
CA PHE A 147 -19.04 -7.43 -2.43
C PHE A 147 -17.75 -7.05 -3.16
N SER A 148 -17.83 -6.00 -3.97
CA SER A 148 -16.69 -5.53 -4.74
C SER A 148 -15.61 -4.96 -3.81
N PHE A 149 -16.03 -4.19 -2.81
CA PHE A 149 -15.12 -3.58 -1.84
C PHE A 149 -14.34 -4.66 -1.10
N GLY A 150 -15.05 -5.58 -0.48
CA GLY A 150 -14.42 -6.64 0.27
C GLY A 150 -13.63 -7.60 -0.62
N GLY A 151 -14.15 -7.85 -1.81
CA GLY A 151 -13.51 -8.74 -2.75
C GLY A 151 -12.11 -8.30 -3.12
N ALA A 152 -11.98 -7.05 -3.58
CA ALA A 152 -10.68 -6.53 -3.98
C ALA A 152 -9.77 -6.36 -2.78
N LEU A 153 -10.35 -5.99 -1.64
CA LEU A 153 -9.59 -5.78 -0.43
C LEU A 153 -8.94 -7.07 0.08
N CYS A 154 -9.69 -8.16 0.08
CA CYS A 154 -9.17 -9.44 0.56
C CYS A 154 -7.95 -9.92 -0.24
N VAL A 155 -7.97 -9.68 -1.55
CA VAL A 155 -6.86 -10.09 -2.41
C VAL A 155 -5.58 -9.38 -2.01
N GLU A 156 -5.67 -8.07 -1.84
CA GLU A 156 -4.51 -7.27 -1.46
C GLU A 156 -4.14 -7.48 0.01
N SER A 157 -5.03 -8.10 0.76
CA SER A 157 -4.78 -8.37 2.17
C SER A 157 -3.80 -9.53 2.32
N VAL A 158 -3.89 -10.50 1.42
CA VAL A 158 -3.01 -11.65 1.45
C VAL A 158 -1.76 -11.38 0.60
N ASP A 159 -1.96 -10.70 -0.52
CA ASP A 159 -0.88 -10.35 -1.44
C ASP A 159 0.16 -9.45 -0.76
N LYS A 160 -0.29 -8.67 0.21
CA LYS A 160 0.61 -7.78 0.95
C LYS A 160 1.05 -8.41 2.25
N GLU A 161 0.73 -9.69 2.42
CA GLU A 161 1.09 -10.46 3.61
C GLU A 161 0.60 -9.81 4.91
N MET A 162 -0.54 -9.13 4.85
CA MET A 162 -1.09 -8.51 6.04
C MET A 162 -1.85 -9.52 6.87
N GLN A 163 -2.66 -10.33 6.17
CA GLN A 163 -3.45 -11.40 6.79
C GLN A 163 -4.56 -10.89 7.72
N VAL A 164 -4.17 -10.26 8.82
CA VAL A 164 -5.10 -9.74 9.83
C VAL A 164 -6.30 -8.99 9.24
N LEU A 165 -6.06 -8.27 8.15
CA LEU A 165 -7.11 -7.51 7.48
C LEU A 165 -8.31 -8.40 7.12
N VAL A 166 -8.07 -9.35 6.21
CA VAL A 166 -9.12 -10.26 5.77
C VAL A 166 -9.49 -11.27 6.85
N SER A 167 -8.49 -11.75 7.60
CA SER A 167 -8.72 -12.72 8.66
C SER A 167 -9.73 -12.24 9.69
N ARG A 168 -9.69 -10.96 10.02
CA ARG A 168 -10.62 -10.41 10.99
C ARG A 168 -11.95 -10.02 10.36
N ILE A 169 -11.91 -9.32 9.23
CA ILE A 169 -13.12 -8.89 8.54
C ILE A 169 -14.02 -10.08 8.22
N ALA A 170 -13.43 -11.14 7.68
CA ALA A 170 -14.19 -12.34 7.32
C ALA A 170 -14.86 -12.96 8.53
N ALA A 171 -14.12 -13.02 9.65
CA ALA A 171 -14.64 -13.59 10.88
C ALA A 171 -15.81 -12.77 11.41
N TRP A 172 -15.64 -11.45 11.47
CA TRP A 172 -16.68 -10.56 11.94
C TRP A 172 -17.89 -10.63 11.03
N MET A 173 -17.64 -10.59 9.73
CA MET A 173 -18.70 -10.63 8.72
C MET A 173 -19.49 -11.93 8.80
N ALA A 174 -18.79 -13.05 8.92
CA ALA A 174 -19.43 -14.36 9.00
C ALA A 174 -20.32 -14.44 10.23
N THR A 175 -19.88 -13.80 11.31
CA THR A 175 -20.65 -13.78 12.55
C THR A 175 -21.88 -12.90 12.40
N TYR A 176 -21.67 -11.67 11.92
CA TYR A 176 -22.75 -10.71 11.72
C TYR A 176 -23.78 -11.23 10.74
N LEU A 177 -23.30 -11.95 9.73
CA LEU A 177 -24.17 -12.52 8.71
C LEU A 177 -25.16 -13.52 9.31
N ASN A 178 -24.66 -14.56 9.94
CA ASN A 178 -25.52 -15.57 10.53
C ASN A 178 -26.32 -15.01 11.71
N ASP A 179 -25.78 -13.97 12.33
CA ASP A 179 -26.41 -13.32 13.47
C ASP A 179 -27.80 -12.80 13.12
N HIS A 180 -27.88 -11.95 12.10
CA HIS A 180 -29.18 -11.38 11.70
C HIS A 180 -29.26 -11.09 10.21
N LEU A 181 -28.12 -10.95 9.54
CA LEU A 181 -28.10 -10.65 8.12
C LEU A 181 -28.77 -11.76 7.28
N GLU A 182 -28.44 -13.01 7.59
CA GLU A 182 -29.03 -14.14 6.88
C GLU A 182 -30.56 -14.14 6.96
N PRO A 183 -31.15 -14.14 8.18
CA PRO A 183 -32.61 -14.11 8.34
C PRO A 183 -33.24 -12.90 7.65
N TRP A 184 -32.56 -11.76 7.68
CA TRP A 184 -33.06 -10.54 7.05
C TRP A 184 -33.21 -10.74 5.54
N ILE A 185 -32.17 -11.31 4.92
CA ILE A 185 -32.18 -11.58 3.50
C ILE A 185 -33.28 -12.58 3.16
N GLN A 186 -33.40 -13.61 4.00
CA GLN A 186 -34.40 -14.64 3.80
C GLN A 186 -35.76 -14.26 4.38
N GLU A 187 -36.07 -12.96 4.31
CA GLU A 187 -37.34 -12.45 4.82
C GLU A 187 -37.78 -11.24 4.00
N ASN A 188 -36.87 -10.28 3.84
CA ASN A 188 -37.17 -9.08 3.07
C ASN A 188 -36.81 -9.28 1.61
N GLY A 189 -35.74 -10.04 1.37
CA GLY A 189 -35.29 -10.30 0.03
C GLY A 189 -33.88 -9.79 -0.18
N GLY A 190 -33.04 -10.64 -0.75
CA GLY A 190 -31.67 -10.26 -1.00
C GLY A 190 -31.19 -10.78 -2.33
N TRP A 191 -30.23 -11.70 -2.30
CA TRP A 191 -29.67 -12.28 -3.53
C TRP A 191 -30.73 -13.02 -4.33
N ASP A 192 -31.74 -13.52 -3.64
CA ASP A 192 -32.83 -14.26 -4.27
C ASP A 192 -33.60 -13.36 -5.22
N THR A 193 -33.76 -12.10 -4.83
CA THR A 193 -34.46 -11.13 -5.64
C THR A 193 -33.50 -10.45 -6.62
N PHE A 194 -32.21 -10.46 -6.26
CA PHE A 194 -31.18 -9.86 -7.10
C PHE A 194 -31.08 -10.59 -8.43
N VAL A 195 -31.15 -11.92 -8.36
CA VAL A 195 -31.07 -12.77 -9.55
C VAL A 195 -32.20 -12.43 -10.52
N GLU A 196 -33.36 -12.10 -9.97
CA GLU A 196 -34.54 -11.76 -10.77
C GLU A 196 -34.24 -10.57 -11.67
N LEU A 197 -33.75 -9.49 -11.07
CA LEU A 197 -33.43 -8.27 -11.81
C LEU A 197 -32.06 -8.34 -12.47
N TYR A 198 -31.44 -9.52 -12.46
CA TYR A 198 -30.13 -9.69 -13.05
C TYR A 198 -30.17 -10.58 -14.29
N GLY A 199 -30.69 -11.79 -14.13
CA GLY A 199 -30.75 -12.72 -15.25
C GLY A 199 -32.05 -13.48 -15.33
N ASN A 200 -33.08 -12.97 -14.66
CA ASN A 200 -34.37 -13.63 -14.67
C ASN A 200 -35.47 -12.65 -15.07
N ASN A 201 -35.06 -11.58 -15.75
CA ASN A 201 -35.99 -10.55 -16.20
C ASN A 201 -35.70 -10.20 -17.65
N SER B 1 24.61 -5.88 -7.77
CA SER B 1 25.48 -4.73 -7.59
C SER B 1 24.95 -3.82 -6.48
N VAL B 2 25.59 -3.87 -5.32
CA VAL B 2 25.18 -3.05 -4.18
C VAL B 2 25.99 -1.76 -4.13
N PRO B 3 25.31 -0.62 -4.26
CA PRO B 3 25.96 0.70 -4.21
C PRO B 3 26.50 1.01 -2.81
N SER B 4 27.32 2.04 -2.72
CA SER B 4 27.90 2.44 -1.44
C SER B 4 26.83 3.08 -0.56
N GLN B 5 26.63 2.51 0.62
CA GLN B 5 25.64 3.02 1.55
C GLN B 5 26.34 3.77 2.68
N LYS B 6 27.63 4.00 2.50
CA LYS B 6 28.44 4.72 3.48
C LYS B 6 27.99 6.17 3.59
N THR B 7 27.92 6.67 4.81
CA THR B 7 27.51 8.04 5.05
C THR B 7 28.53 9.02 4.51
N TYR B 8 28.16 9.76 3.48
CA TYR B 8 29.03 10.73 2.85
C TYR B 8 28.39 12.11 2.93
N GLN B 9 28.84 12.91 3.89
CA GLN B 9 28.32 14.25 4.10
C GLN B 9 28.82 15.19 3.01
N GLY B 10 30.05 14.97 2.58
CA GLY B 10 30.63 15.79 1.55
C GLY B 10 30.94 17.19 2.02
N SER B 11 31.20 18.09 1.09
CA SER B 11 31.51 19.47 1.41
C SER B 11 30.24 20.31 1.44
N TYR B 12 29.10 19.64 1.40
CA TYR B 12 27.81 20.33 1.43
C TYR B 12 27.02 19.95 2.68
N GLY B 13 27.58 19.03 3.47
CA GLY B 13 26.91 18.59 4.67
C GLY B 13 25.54 18.00 4.37
N PHE B 14 25.53 16.94 3.57
CA PHE B 14 24.30 16.28 3.18
C PHE B 14 23.70 15.47 4.32
N ARG B 15 22.74 16.07 5.02
CA ARG B 15 22.07 15.38 6.12
C ARG B 15 20.61 15.12 5.75
N LEU B 16 19.99 14.18 6.43
CA LEU B 16 18.61 13.84 6.15
C LEU B 16 17.71 14.30 7.30
N GLY B 17 16.60 14.94 6.95
CA GLY B 17 15.67 15.41 7.95
C GLY B 17 14.27 14.90 7.69
N PHE B 18 13.61 14.46 8.74
CA PHE B 18 12.26 13.93 8.62
C PHE B 18 11.36 14.58 9.66
N LEU B 19 10.07 14.61 9.38
CA LEU B 19 9.10 15.21 10.29
C LEU B 19 8.72 14.24 11.41
N HIS B 20 8.90 14.68 12.64
CA HIS B 20 8.57 13.86 13.79
C HIS B 20 7.12 14.07 14.20
N SER B 21 6.27 13.13 13.81
CA SER B 21 4.86 13.20 14.13
C SER B 21 4.60 12.62 15.52
N GLY B 22 5.24 11.51 15.82
CA GLY B 22 5.08 10.86 17.11
C GLY B 22 4.72 9.39 16.97
N THR B 23 4.48 8.74 18.11
CA THR B 23 4.11 7.33 18.13
C THR B 23 2.59 7.16 18.07
N ALA B 24 1.93 8.17 17.51
CA ALA B 24 0.47 8.18 17.39
C ALA B 24 -0.03 7.04 16.53
N LYS B 25 -1.20 6.53 16.89
CA LYS B 25 -1.83 5.44 16.17
C LYS B 25 -2.32 5.92 14.81
N SER B 26 -3.05 7.03 14.83
CA SER B 26 -3.58 7.62 13.61
C SER B 26 -2.58 8.61 13.02
N VAL B 27 -1.76 8.13 12.10
CA VAL B 27 -0.77 8.97 11.44
C VAL B 27 -0.43 8.43 10.06
N THR B 28 -0.17 9.33 9.12
CA THR B 28 0.16 8.96 7.76
C THR B 28 1.60 8.43 7.66
N CYS B 29 2.50 9.04 8.40
CA CYS B 29 3.90 8.64 8.39
C CYS B 29 4.61 9.12 9.64
N THR B 30 5.58 8.36 10.10
CA THR B 30 6.34 8.71 11.29
C THR B 30 7.80 8.29 11.13
N TYR B 31 8.69 8.91 11.87
CA TYR B 31 10.11 8.59 11.79
C TYR B 31 10.71 8.29 13.15
N SER B 32 11.47 7.21 13.22
CA SER B 32 12.13 6.80 14.45
C SER B 32 13.59 7.22 14.41
N PRO B 33 13.98 8.20 15.24
CA PRO B 33 15.36 8.68 15.29
C PRO B 33 16.25 7.74 16.10
N ALA B 34 15.63 6.86 16.87
CA ALA B 34 16.35 5.92 17.71
C ALA B 34 17.05 4.85 16.86
N LEU B 35 16.38 4.41 15.81
CA LEU B 35 16.96 3.38 14.94
C LEU B 35 17.09 3.87 13.51
N ASN B 36 16.80 5.15 13.28
CA ASN B 36 16.87 5.75 11.94
C ASN B 36 15.99 4.97 10.98
N LYS B 37 14.73 4.81 11.37
CA LYS B 37 13.77 4.06 10.57
C LYS B 37 12.49 4.85 10.38
N MET B 38 12.08 4.99 9.12
CA MET B 38 10.87 5.72 8.79
C MET B 38 9.72 4.74 8.53
N PHE B 39 8.57 5.02 9.11
CA PHE B 39 7.41 4.17 8.95
C PHE B 39 6.38 4.88 8.07
N CYS B 40 6.01 4.26 6.96
CA CYS B 40 5.06 4.87 6.04
C CYS B 40 3.85 3.97 5.82
N GLN B 41 2.83 4.52 5.16
CA GLN B 41 1.62 3.78 4.86
C GLN B 41 1.57 3.44 3.38
N LEU B 42 0.66 2.55 3.00
CA LEU B 42 0.50 2.15 1.61
C LEU B 42 -0.08 3.27 0.76
N ALA B 43 0.64 3.66 -0.29
CA ALA B 43 0.21 4.70 -1.22
C ALA B 43 0.08 6.06 -0.54
N LYS B 44 0.90 6.28 0.47
CA LYS B 44 0.87 7.55 1.19
C LYS B 44 2.15 8.34 0.93
N THR B 45 2.04 9.65 0.99
CA THR B 45 3.17 10.53 0.76
C THR B 45 3.99 10.76 2.02
N CYS B 46 5.31 10.67 1.87
CA CYS B 46 6.24 10.87 2.98
C CYS B 46 7.13 12.08 2.70
N PRO B 47 7.07 13.09 3.57
CA PRO B 47 7.86 14.31 3.42
C PRO B 47 9.30 14.15 3.91
N VAL B 48 10.24 14.12 2.98
CA VAL B 48 11.66 13.98 3.30
C VAL B 48 12.36 15.32 3.04
N GLN B 49 13.06 15.84 4.03
CA GLN B 49 13.75 17.11 3.89
C GLN B 49 15.24 16.94 3.76
N LEU B 50 15.83 17.60 2.77
CA LEU B 50 17.26 17.54 2.55
C LEU B 50 17.95 18.59 3.41
N TRP B 51 18.37 18.18 4.60
CA TRP B 51 19.03 19.08 5.53
C TRP B 51 20.49 19.29 5.14
N VAL B 52 20.71 20.06 4.09
CA VAL B 52 22.07 20.34 3.62
C VAL B 52 22.67 21.49 4.40
N ASP B 53 23.94 21.34 4.78
CA ASP B 53 24.65 22.37 5.53
C ASP B 53 25.09 23.50 4.61
N SER B 54 25.29 23.16 3.35
CA SER B 54 25.72 24.12 2.33
C SER B 54 24.85 23.97 1.09
N THR B 55 24.51 25.07 0.45
CA THR B 55 23.68 25.04 -0.73
C THR B 55 24.46 24.57 -1.95
N PRO B 56 24.06 23.43 -2.53
CA PRO B 56 24.71 22.85 -3.70
C PRO B 56 24.35 23.60 -4.98
N PRO B 57 25.11 23.38 -6.07
CA PRO B 57 24.86 24.03 -7.37
C PRO B 57 23.46 23.71 -7.91
N PRO B 58 22.79 24.72 -8.49
CA PRO B 58 21.45 24.54 -9.05
C PRO B 58 21.46 23.59 -10.24
N GLY B 59 20.60 22.59 -10.20
CA GLY B 59 20.53 21.63 -11.27
C GLY B 59 21.12 20.29 -10.87
N THR B 60 21.24 20.08 -9.56
CA THR B 60 21.77 18.84 -9.04
C THR B 60 20.71 17.75 -9.15
N ARG B 61 21.13 16.49 -9.04
CA ARG B 61 20.21 15.37 -9.16
C ARG B 61 20.15 14.53 -7.88
N VAL B 62 18.97 14.46 -7.30
CA VAL B 62 18.74 13.68 -6.09
C VAL B 62 18.26 12.29 -6.50
N ARG B 63 19.04 11.27 -6.18
CA ARG B 63 18.70 9.92 -6.53
C ARG B 63 18.34 9.11 -5.30
N ALA B 64 17.25 8.36 -5.37
CA ALA B 64 16.81 7.53 -4.26
C ALA B 64 16.66 6.08 -4.70
N MET B 65 17.50 5.23 -4.14
CA MET B 65 17.47 3.80 -4.44
C MET B 65 17.30 3.01 -3.15
N ALA B 66 16.32 2.14 -3.11
CA ALA B 66 16.06 1.35 -1.92
C ALA B 66 16.65 -0.06 -2.03
N ILE B 67 17.29 -0.49 -0.96
CA ILE B 67 17.87 -1.84 -0.90
C ILE B 67 17.30 -2.55 0.32
N TYR B 68 17.74 -3.78 0.55
CA TYR B 68 17.25 -4.54 1.69
C TYR B 68 18.21 -4.43 2.86
N LYS B 69 17.70 -4.62 4.08
CA LYS B 69 18.53 -4.55 5.28
C LYS B 69 19.49 -5.74 5.34
N GLN B 70 19.03 -6.88 4.84
CA GLN B 70 19.84 -8.08 4.82
C GLN B 70 20.92 -7.98 3.76
N SER B 71 22.18 -8.02 4.20
CA SER B 71 23.32 -7.91 3.30
C SER B 71 23.31 -8.99 2.21
N GLN B 72 22.86 -10.19 2.58
CA GLN B 72 22.81 -11.30 1.63
C GLN B 72 21.66 -11.11 0.63
N HIS B 73 20.77 -10.18 0.93
CA HIS B 73 19.62 -9.91 0.07
C HIS B 73 19.72 -8.53 -0.56
N MET B 74 20.83 -7.84 -0.31
CA MET B 74 21.04 -6.51 -0.86
C MET B 74 21.22 -6.54 -2.36
N THR B 75 21.47 -7.73 -2.88
CA THR B 75 21.66 -7.92 -4.31
C THR B 75 20.31 -7.91 -5.02
N GLU B 76 19.23 -8.06 -4.26
CA GLU B 76 17.89 -8.06 -4.81
C GLU B 76 17.39 -6.62 -4.96
N VAL B 77 16.45 -6.42 -5.86
CA VAL B 77 15.89 -5.10 -6.10
C VAL B 77 14.51 -5.02 -5.46
N VAL B 78 14.21 -3.87 -4.86
CA VAL B 78 12.92 -3.67 -4.21
C VAL B 78 11.81 -3.47 -5.25
N ARG B 79 10.93 -4.45 -5.37
CA ARG B 79 9.84 -4.38 -6.32
C ARG B 79 8.49 -4.61 -5.63
N ARG B 80 7.42 -4.54 -6.40
CA ARG B 80 6.07 -4.72 -5.87
C ARG B 80 5.72 -6.18 -5.63
N CYS B 81 4.55 -6.40 -5.07
CA CYS B 81 4.05 -7.74 -4.79
C CYS B 81 3.41 -8.35 -6.05
N PRO B 82 3.15 -9.68 -6.04
CA PRO B 82 2.55 -10.38 -7.18
C PRO B 82 1.31 -9.69 -7.72
N HIS B 83 0.44 -9.22 -6.85
CA HIS B 83 -0.76 -8.52 -7.27
C HIS B 83 -0.66 -7.02 -6.96
N HIS B 84 0.00 -6.30 -7.85
CA HIS B 84 0.18 -4.85 -7.68
C HIS B 84 0.69 -4.20 -8.96
N GLU B 85 1.50 -4.93 -9.72
CA GLU B 85 2.05 -4.42 -10.96
C GLU B 85 0.98 -4.35 -12.05
N ARG B 86 0.21 -5.41 -12.18
CA ARG B 86 -0.85 -5.50 -13.18
C ARG B 86 -2.03 -4.60 -12.82
N CYS B 87 -1.98 -4.01 -11.63
CA CYS B 87 -3.03 -3.12 -11.18
C CYS B 87 -3.14 -1.90 -12.08
N SER B 88 -2.01 -1.55 -12.71
CA SER B 88 -1.93 -0.42 -13.62
C SER B 88 -2.30 0.89 -12.92
N ASP B 89 -1.54 1.23 -11.90
CA ASP B 89 -1.76 2.45 -11.12
C ASP B 89 -0.94 3.61 -11.68
N SER B 90 -0.48 3.42 -12.92
CA SER B 90 0.32 4.43 -13.60
C SER B 90 -0.52 5.67 -13.89
N ASP B 91 -0.04 6.82 -13.44
CA ASP B 91 -0.75 8.09 -13.64
C ASP B 91 -0.43 8.69 -15.01
N GLY B 92 0.68 8.24 -15.59
CA GLY B 92 1.09 8.74 -16.88
C GLY B 92 2.58 9.07 -16.87
N LEU B 93 3.06 9.47 -15.70
CA LEU B 93 4.46 9.82 -15.52
C LEU B 93 5.13 8.76 -14.67
N ALA B 94 4.39 8.26 -13.69
CA ALA B 94 4.89 7.25 -12.79
C ALA B 94 4.50 5.85 -13.27
N PRO B 95 5.50 5.04 -13.65
CA PRO B 95 5.28 3.67 -14.14
C PRO B 95 4.79 2.75 -13.01
N PRO B 96 3.98 1.73 -13.35
CA PRO B 96 3.44 0.78 -12.38
C PRO B 96 4.50 -0.18 -11.83
N GLN B 97 5.69 -0.15 -12.39
CA GLN B 97 6.75 -1.03 -11.93
C GLN B 97 7.58 -0.37 -10.83
N HIS B 98 7.47 0.94 -10.71
CA HIS B 98 8.23 1.67 -9.70
C HIS B 98 7.49 1.71 -8.36
N LEU B 99 8.20 1.37 -7.30
CA LEU B 99 7.64 1.35 -5.97
C LEU B 99 7.69 2.73 -5.32
N ILE B 100 8.81 3.42 -5.51
CA ILE B 100 8.99 4.74 -4.93
C ILE B 100 8.77 5.82 -5.98
N ARG B 101 7.81 6.69 -5.72
CA ARG B 101 7.49 7.78 -6.63
C ARG B 101 7.67 9.12 -5.94
N VAL B 102 7.50 10.21 -6.67
CA VAL B 102 7.64 11.55 -6.11
C VAL B 102 6.39 12.38 -6.34
N GLU B 103 5.94 13.06 -5.30
CA GLU B 103 4.75 13.89 -5.37
C GLU B 103 5.14 15.36 -5.20
N GLY B 104 4.22 16.25 -5.56
CA GLY B 104 4.48 17.67 -5.42
C GLY B 104 5.30 18.24 -6.56
N ASN B 105 6.42 17.61 -6.86
CA ASN B 105 7.29 18.07 -7.94
C ASN B 105 6.91 17.42 -9.27
N LEU B 106 6.70 18.24 -10.27
CA LEU B 106 6.34 17.76 -11.61
C LEU B 106 7.60 17.28 -12.33
N ARG B 107 8.74 17.72 -11.83
CA ARG B 107 10.02 17.35 -12.40
C ARG B 107 10.49 16.03 -11.82
N VAL B 108 9.71 14.99 -12.02
CA VAL B 108 10.04 13.67 -11.51
C VAL B 108 10.44 12.71 -12.62
N GLU B 109 11.69 12.25 -12.57
CA GLU B 109 12.20 11.33 -13.56
C GLU B 109 12.64 10.03 -12.88
N TYR B 110 12.54 8.93 -13.59
CA TYR B 110 12.93 7.63 -13.05
C TYR B 110 14.08 7.05 -13.84
N LEU B 111 15.09 6.56 -13.14
CA LEU B 111 16.26 5.98 -13.77
C LEU B 111 16.30 4.48 -13.54
N ASP B 112 16.08 3.72 -14.60
CA ASP B 112 16.08 2.27 -14.53
C ASP B 112 17.42 1.72 -15.01
N ASP B 113 18.24 1.25 -14.08
CA ASP B 113 19.54 0.69 -14.41
C ASP B 113 19.38 -0.60 -15.21
N ARG B 114 20.28 -0.84 -16.16
CA ARG B 114 20.21 -2.02 -16.99
C ARG B 114 21.29 -3.04 -16.64
N ASN B 115 22.12 -2.72 -15.66
CA ASN B 115 23.19 -3.62 -15.23
C ASN B 115 22.64 -4.68 -14.28
N THR B 116 21.87 -4.23 -13.31
CA THR B 116 21.28 -5.13 -12.34
C THR B 116 19.80 -4.81 -12.14
N PHE B 117 19.27 -4.01 -13.07
CA PHE B 117 17.87 -3.60 -13.03
C PHE B 117 17.54 -2.82 -11.75
N ARG B 118 18.46 -1.94 -11.37
CA ARG B 118 18.29 -1.13 -10.18
C ARG B 118 17.35 0.04 -10.46
N HIS B 119 16.09 -0.11 -10.06
CA HIS B 119 15.10 0.95 -10.25
C HIS B 119 15.33 2.04 -9.21
N SER B 120 15.57 3.25 -9.68
CA SER B 120 15.81 4.38 -8.77
C SER B 120 15.21 5.66 -9.32
N VAL B 121 14.61 6.45 -8.44
CA VAL B 121 14.01 7.72 -8.85
C VAL B 121 15.06 8.82 -8.75
N VAL B 122 15.01 9.76 -9.68
CA VAL B 122 15.96 10.86 -9.71
C VAL B 122 15.29 12.19 -10.06
N VAL B 123 15.29 13.09 -9.10
CA VAL B 123 14.67 14.40 -9.29
C VAL B 123 15.71 15.51 -9.12
N PRO B 124 15.49 16.67 -9.74
CA PRO B 124 16.42 17.79 -9.64
C PRO B 124 16.32 18.47 -8.28
N TYR B 125 17.43 19.05 -7.83
CA TYR B 125 17.45 19.74 -6.55
C TYR B 125 16.76 21.09 -6.66
N GLU B 126 15.63 21.20 -5.98
CA GLU B 126 14.86 22.43 -5.98
C GLU B 126 15.45 23.42 -4.97
N PRO B 127 15.75 24.65 -5.40
CA PRO B 127 16.33 25.68 -4.53
C PRO B 127 15.35 26.10 -3.45
N PRO B 128 15.83 26.16 -2.18
CA PRO B 128 15.01 26.56 -1.04
C PRO B 128 14.39 27.94 -1.23
N GLU B 129 13.09 28.04 -1.00
CA GLU B 129 12.38 29.29 -1.16
C GLU B 129 12.14 29.99 0.17
N VAL B 130 11.39 31.07 0.13
CA VAL B 130 11.08 31.85 1.32
C VAL B 130 10.27 31.01 2.31
N GLY B 131 10.88 30.69 3.44
CA GLY B 131 10.23 29.89 4.45
C GLY B 131 10.64 28.44 4.39
N SER B 132 11.42 28.09 3.38
CA SER B 132 11.88 26.72 3.21
C SER B 132 13.39 26.65 3.47
N ASP B 133 13.75 26.21 4.67
CA ASP B 133 15.15 26.09 5.04
C ASP B 133 15.79 24.89 4.35
N CYS B 134 15.04 23.80 4.31
CA CYS B 134 15.51 22.59 3.68
C CYS B 134 14.53 22.11 2.61
N THR B 135 15.05 21.73 1.45
CA THR B 135 14.22 21.26 0.36
C THR B 135 13.41 20.04 0.79
N THR B 136 12.10 20.18 0.76
CA THR B 136 11.21 19.09 1.14
C THR B 136 10.73 18.33 -0.08
N ILE B 137 11.08 17.06 -0.16
CA ILE B 137 10.67 16.21 -1.27
C ILE B 137 9.66 15.18 -0.78
N HIS B 138 8.55 15.06 -1.47
CA HIS B 138 7.52 14.13 -1.09
C HIS B 138 7.67 12.81 -1.86
N TYR B 139 7.94 11.75 -1.13
CA TYR B 139 8.10 10.43 -1.73
C TYR B 139 6.86 9.59 -1.49
N ASN B 140 6.49 8.79 -2.48
CA ASN B 140 5.32 7.94 -2.37
C ASN B 140 5.70 6.47 -2.40
N TYR B 141 5.35 5.75 -1.35
CA TYR B 141 5.63 4.32 -1.27
C TYR B 141 4.39 3.55 -1.68
N MET B 142 4.41 3.02 -2.89
CA MET B 142 3.26 2.30 -3.44
C MET B 142 3.16 0.84 -2.99
N CYS B 143 3.98 0.45 -2.03
CA CYS B 143 3.95 -0.92 -1.52
C CYS B 143 4.40 -0.99 -0.08
N ASN B 144 4.02 -2.07 0.60
CA ASN B 144 4.37 -2.26 2.00
C ASN B 144 5.60 -3.17 2.10
N SER B 145 6.31 -3.09 3.20
CA SER B 145 7.49 -3.91 3.42
C SER B 145 7.11 -5.37 3.63
N SER B 146 5.85 -5.58 3.98
CA SER B 146 5.34 -6.92 4.22
C SER B 146 4.92 -7.58 2.91
N CYS B 147 4.76 -6.79 1.85
CA CYS B 147 4.34 -7.27 0.55
C CYS B 147 5.18 -8.46 0.07
N MET B 148 4.52 -9.60 -0.08
CA MET B 148 5.17 -10.83 -0.51
C MET B 148 5.74 -10.70 -1.92
N GLY B 149 6.65 -11.60 -2.26
CA GLY B 149 7.24 -11.58 -3.59
C GLY B 149 8.43 -10.64 -3.68
N GLY B 150 8.14 -9.34 -3.74
CA GLY B 150 9.21 -8.36 -3.82
C GLY B 150 9.97 -8.24 -2.52
N MET B 151 9.42 -7.48 -1.59
CA MET B 151 10.04 -7.28 -0.30
C MET B 151 9.97 -8.56 0.53
N ASN B 152 8.79 -9.18 0.52
CA ASN B 152 8.56 -10.44 1.23
C ASN B 152 8.85 -10.34 2.72
N ARG B 153 8.23 -9.37 3.40
CA ARG B 153 8.40 -9.17 4.83
C ARG B 153 9.85 -8.85 5.20
N ARG B 154 10.55 -8.15 4.31
CA ARG B 154 11.94 -7.77 4.55
C ARG B 154 12.08 -6.26 4.66
N PRO B 155 12.76 -5.78 5.71
CA PRO B 155 12.99 -4.35 5.92
C PRO B 155 13.90 -3.76 4.83
N ILE B 156 13.60 -2.56 4.40
CA ILE B 156 14.38 -1.91 3.36
C ILE B 156 15.14 -0.69 3.85
N LEU B 157 16.17 -0.32 3.09
CA LEU B 157 17.00 0.83 3.39
C LEU B 157 17.05 1.73 2.16
N THR B 158 16.44 2.90 2.25
CA THR B 158 16.42 3.83 1.14
C THR B 158 17.66 4.71 1.16
N ILE B 159 18.46 4.62 0.10
CA ILE B 159 19.66 5.40 -0.03
C ILE B 159 19.38 6.70 -0.77
N ILE B 160 19.47 7.80 -0.06
CA ILE B 160 19.24 9.12 -0.65
C ILE B 160 20.60 9.72 -0.99
N THR B 161 20.85 9.90 -2.27
CA THR B 161 22.11 10.45 -2.70
C THR B 161 21.92 11.71 -3.56
N LEU B 162 22.91 12.58 -3.53
CA LEU B 162 22.87 13.81 -4.28
C LEU B 162 24.07 13.89 -5.22
N GLU B 163 23.81 13.78 -6.50
CA GLU B 163 24.85 13.84 -7.50
C GLU B 163 24.72 15.13 -8.32
N ASP B 164 25.82 15.55 -8.92
CA ASP B 164 25.81 16.74 -9.75
C ASP B 164 25.14 16.45 -11.10
N SER B 165 24.94 17.47 -11.91
CA SER B 165 24.30 17.32 -13.21
C SER B 165 25.02 16.29 -14.08
N SER B 166 26.32 16.12 -13.86
CA SER B 166 27.11 15.16 -14.62
C SER B 166 26.97 13.76 -14.03
N GLY B 167 27.21 13.64 -12.73
CA GLY B 167 27.11 12.36 -12.07
C GLY B 167 28.10 12.21 -10.93
N ASN B 168 28.62 13.33 -10.45
CA ASN B 168 29.59 13.32 -9.36
C ASN B 168 28.88 13.27 -8.01
N LEU B 169 29.33 12.35 -7.17
CA LEU B 169 28.75 12.19 -5.85
C LEU B 169 29.08 13.38 -4.94
N LEU B 170 28.06 14.14 -4.57
CA LEU B 170 28.25 15.31 -3.71
C LEU B 170 27.88 14.98 -2.27
N GLY B 171 26.89 14.12 -2.11
CA GLY B 171 26.45 13.71 -0.79
C GLY B 171 25.65 12.44 -0.86
N ARG B 172 25.75 11.59 0.17
CA ARG B 172 25.03 10.34 0.18
C ARG B 172 24.69 9.89 1.59
N ASN B 173 23.43 9.57 1.83
CA ASN B 173 22.97 9.14 3.14
C ASN B 173 21.97 8.00 2.97
N SER B 174 21.56 7.36 4.07
CA SER B 174 20.62 6.25 4.00
C SER B 174 19.82 6.12 5.29
N PHE B 175 18.62 5.54 5.19
CA PHE B 175 17.76 5.34 6.35
C PHE B 175 16.89 4.10 6.13
N GLU B 176 16.46 3.48 7.23
CA GLU B 176 15.63 2.29 7.14
C GLU B 176 14.17 2.67 6.96
N VAL B 177 13.42 1.84 6.23
CA VAL B 177 12.01 2.13 5.98
C VAL B 177 11.14 0.90 6.23
N ARG B 178 9.98 1.14 6.81
CA ARG B 178 9.00 0.10 7.08
C ARG B 178 7.63 0.61 6.68
N VAL B 179 7.15 0.14 5.54
CA VAL B 179 5.86 0.55 5.04
C VAL B 179 4.79 -0.45 5.44
N CYS B 180 3.73 0.03 6.07
CA CYS B 180 2.65 -0.83 6.50
C CYS B 180 1.30 -0.09 6.39
N ALA B 181 0.39 -0.36 7.33
CA ALA B 181 -0.90 0.29 7.33
C ALA B 181 -1.08 1.15 8.56
N CYS B 182 -0.16 1.03 9.51
CA CYS B 182 -0.22 1.79 10.76
C CYS B 182 1.20 2.07 11.26
N PRO B 183 1.79 3.21 10.85
CA PRO B 183 3.15 3.59 11.24
C PRO B 183 3.34 3.66 12.75
N GLY B 184 2.38 4.27 13.44
CA GLY B 184 2.47 4.40 14.88
C GLY B 184 2.30 3.08 15.61
N ARG B 185 1.65 2.12 14.96
CA ARG B 185 1.42 0.81 15.55
C ARG B 185 2.65 -0.08 15.38
N ASP B 186 3.08 -0.22 14.15
CA ASP B 186 4.23 -1.07 13.82
C ASP B 186 5.51 -0.57 14.50
N ARG B 187 5.58 0.73 14.73
CA ARG B 187 6.74 1.33 15.37
C ARG B 187 6.90 0.80 16.80
N ARG B 188 5.77 0.50 17.43
CA ARG B 188 5.76 0.00 18.81
C ARG B 188 6.32 -1.42 18.89
N THR B 189 6.15 -2.18 17.83
CA THR B 189 6.63 -3.56 17.79
C THR B 189 8.14 -3.61 17.55
N GLU B 190 8.73 -2.48 17.18
CA GLU B 190 10.16 -2.42 16.93
C GLU B 190 10.88 -1.52 17.93
N GLU B 191 10.82 -0.22 17.68
CA GLU B 191 11.49 0.76 18.53
C GLU B 191 11.05 0.69 19.98
N GLU B 192 9.74 0.76 20.22
CA GLU B 192 9.19 0.74 21.57
C GLU B 192 9.26 -0.65 22.21
N ASN B 193 9.68 -1.64 21.45
CA ASN B 193 9.79 -3.00 21.97
C ASN B 193 11.24 -3.34 22.24
N LEU B 194 12.14 -2.63 21.57
CA LEU B 194 13.57 -2.85 21.73
C LEU B 194 14.14 -2.08 22.92
N ARG B 195 13.83 -0.79 22.99
CA ARG B 195 14.32 0.04 24.08
C ARG B 195 13.63 -0.29 25.38
ZN ZN C . 2.68 -4.96 -3.12
N MET A 4 -31.40 -25.04 8.43
CA MET A 4 -30.48 -23.94 8.07
C MET A 4 -29.54 -24.38 6.96
N SER A 5 -29.72 -23.81 5.78
CA SER A 5 -28.91 -24.15 4.62
C SER A 5 -27.66 -23.28 4.54
N GLN A 6 -27.74 -22.07 5.08
CA GLN A 6 -26.62 -21.12 5.07
C GLN A 6 -26.22 -20.78 3.64
N SER A 7 -27.20 -20.67 2.76
CA SER A 7 -26.95 -20.32 1.36
C SER A 7 -26.30 -18.95 1.24
N ASN A 8 -26.66 -18.06 2.15
CA ASN A 8 -26.11 -16.71 2.17
C ASN A 8 -24.65 -16.75 2.57
N ARG A 9 -24.37 -17.48 3.65
CA ARG A 9 -23.01 -17.64 4.14
C ARG A 9 -22.15 -18.35 3.10
N GLU A 10 -22.76 -19.30 2.41
CA GLU A 10 -22.08 -20.07 1.38
C GLU A 10 -21.61 -19.17 0.24
N LEU A 11 -22.50 -18.29 -0.21
CA LEU A 11 -22.19 -17.37 -1.30
C LEU A 11 -21.10 -16.38 -0.89
N VAL A 12 -21.19 -15.88 0.33
CA VAL A 12 -20.21 -14.92 0.84
C VAL A 12 -18.81 -15.52 0.89
N VAL A 13 -18.68 -16.72 1.45
CA VAL A 13 -17.37 -17.38 1.54
C VAL A 13 -16.88 -17.83 0.17
N ASP A 14 -17.81 -18.14 -0.74
CA ASP A 14 -17.44 -18.58 -2.08
C ASP A 14 -16.82 -17.44 -2.85
N PHE A 15 -17.48 -16.28 -2.84
CA PHE A 15 -16.99 -15.09 -3.53
C PHE A 15 -15.63 -14.69 -2.96
N LEU A 16 -15.49 -14.79 -1.65
CA LEU A 16 -14.25 -14.46 -0.97
C LEU A 16 -13.13 -15.38 -1.44
N SER A 17 -13.39 -16.68 -1.43
CA SER A 17 -12.41 -17.67 -1.85
C SER A 17 -12.06 -17.51 -3.33
N TYR A 18 -13.05 -17.09 -4.11
CA TYR A 18 -12.86 -16.88 -5.54
C TYR A 18 -11.90 -15.73 -5.80
N LYS A 19 -11.89 -14.76 -4.89
CA LYS A 19 -11.00 -13.62 -5.01
C LYS A 19 -9.66 -13.89 -4.32
N LEU A 20 -9.68 -14.69 -3.28
CA LEU A 20 -8.47 -15.04 -2.55
C LEU A 20 -7.55 -15.90 -3.41
N SER A 21 -8.09 -16.41 -4.51
CA SER A 21 -7.34 -17.23 -5.44
C SER A 21 -7.01 -16.44 -6.70
N GLN A 22 -7.01 -15.13 -6.58
CA GLN A 22 -6.71 -14.25 -7.71
C GLN A 22 -5.22 -14.29 -8.06
N LYS A 23 -4.42 -13.58 -7.28
CA LYS A 23 -2.99 -13.53 -7.49
C LYS A 23 -2.31 -13.06 -6.20
N GLY A 24 -1.20 -13.71 -5.86
CA GLY A 24 -0.49 -13.34 -4.65
C GLY A 24 -1.03 -14.05 -3.42
N TYR A 25 -1.49 -15.28 -3.62
CA TYR A 25 -2.04 -16.08 -2.55
C TYR A 25 -1.00 -17.02 -1.95
N SER A 26 -0.99 -17.11 -0.63
CA SER A 26 -0.04 -17.97 0.07
C SER A 26 -0.76 -18.95 1.01
N TRP A 27 -1.10 -18.48 2.21
CA TRP A 27 -1.76 -19.31 3.21
C TRP A 27 -3.21 -19.61 2.83
N SER A 28 -3.77 -18.80 1.94
CA SER A 28 -5.14 -18.97 1.49
C SER A 28 -5.31 -20.23 0.65
N GLN A 29 -4.20 -20.85 0.25
CA GLN A 29 -4.24 -22.06 -0.56
C GLN A 29 -4.39 -23.29 0.32
N PHE A 30 -3.83 -23.20 1.53
CA PHE A 30 -3.90 -24.31 2.46
C PHE A 30 -5.21 -24.31 3.23
N SER A 31 -5.50 -23.22 3.91
CA SER A 31 -6.71 -23.12 4.70
C SER A 31 -7.44 -21.81 4.43
N MET A 86 -31.83 -24.13 -9.10
CA MET A 86 -30.89 -23.20 -8.50
C MET A 86 -31.04 -21.82 -9.16
N ALA A 87 -30.98 -20.79 -8.33
CA ALA A 87 -31.11 -19.41 -8.81
C ALA A 87 -29.82 -18.96 -9.50
N ALA A 88 -28.78 -19.80 -9.40
CA ALA A 88 -27.49 -19.52 -10.01
C ALA A 88 -26.85 -18.25 -9.43
N VAL A 89 -27.14 -18.01 -8.16
CA VAL A 89 -26.63 -16.84 -7.45
C VAL A 89 -25.10 -16.86 -7.38
N LYS A 90 -24.52 -18.05 -7.24
CA LYS A 90 -23.07 -18.21 -7.16
C LYS A 90 -22.43 -17.82 -8.49
N GLN A 91 -23.15 -18.09 -9.58
CA GLN A 91 -22.65 -17.76 -10.90
C GLN A 91 -22.88 -16.29 -11.21
N ALA A 92 -24.07 -15.80 -10.87
CA ALA A 92 -24.44 -14.40 -11.09
C ALA A 92 -23.48 -13.46 -10.35
N LEU A 93 -23.18 -13.78 -9.10
CA LEU A 93 -22.28 -12.96 -8.30
C LEU A 93 -20.86 -13.03 -8.86
N ARG A 94 -20.52 -14.15 -9.48
CA ARG A 94 -19.21 -14.34 -10.06
C ARG A 94 -19.00 -13.37 -11.23
N GLU A 95 -20.00 -13.31 -12.11
CA GLU A 95 -19.94 -12.43 -13.28
C GLU A 95 -19.85 -10.96 -12.86
N ALA A 96 -20.83 -10.51 -12.10
CA ALA A 96 -20.88 -9.13 -11.64
C ALA A 96 -19.67 -8.78 -10.80
N GLY A 97 -19.28 -9.68 -9.90
CA GLY A 97 -18.16 -9.44 -9.03
C GLY A 97 -16.84 -9.30 -9.76
N ASP A 98 -16.58 -10.21 -10.70
CA ASP A 98 -15.34 -10.18 -11.47
C ASP A 98 -15.25 -8.92 -12.33
N GLU A 99 -16.38 -8.55 -12.92
CA GLU A 99 -16.46 -7.37 -13.77
C GLU A 99 -16.13 -6.10 -13.00
N PHE A 100 -16.44 -6.08 -11.72
CA PHE A 100 -16.16 -4.92 -10.88
C PHE A 100 -14.79 -5.00 -10.23
N GLU A 101 -14.38 -6.21 -9.83
CA GLU A 101 -13.10 -6.41 -9.18
C GLU A 101 -11.94 -5.89 -10.03
N LEU A 102 -11.97 -6.17 -11.33
CA LEU A 102 -10.92 -5.71 -12.23
C LEU A 102 -10.78 -4.19 -12.25
N ARG A 103 -11.83 -3.49 -11.85
CA ARG A 103 -11.81 -2.04 -11.81
C ARG A 103 -11.34 -1.56 -10.44
N TYR A 104 -11.53 -2.40 -9.44
CA TYR A 104 -11.13 -2.07 -8.07
C TYR A 104 -9.66 -2.38 -7.82
N ARG A 105 -9.11 -3.33 -8.55
CA ARG A 105 -7.71 -3.69 -8.40
C ARG A 105 -6.80 -2.75 -9.20
N ARG A 106 -7.25 -1.52 -9.38
CA ARG A 106 -6.49 -0.52 -10.14
C ARG A 106 -5.68 0.37 -9.21
N ALA A 107 -5.61 -0.03 -7.94
CA ALA A 107 -4.88 0.70 -6.90
C ALA A 107 -5.59 1.99 -6.48
N PHE A 108 -6.09 2.73 -7.45
CA PHE A 108 -6.81 3.98 -7.18
C PHE A 108 -8.27 3.84 -7.57
N SER A 109 -9.04 3.19 -6.71
CA SER A 109 -10.45 2.99 -6.95
C SER A 109 -11.27 3.43 -5.73
N ASP A 110 -12.57 3.12 -5.73
CA ASP A 110 -13.45 3.48 -4.63
C ASP A 110 -12.99 2.86 -3.32
N LEU A 111 -12.39 1.67 -3.42
CA LEU A 111 -11.89 0.97 -2.24
C LEU A 111 -10.78 1.79 -1.56
N THR A 112 -9.95 2.40 -2.39
CA THR A 112 -8.85 3.22 -1.90
C THR A 112 -9.36 4.40 -1.08
N SER A 113 -10.42 5.03 -1.55
CA SER A 113 -11.00 6.18 -0.87
C SER A 113 -11.81 5.75 0.37
N GLN A 114 -12.50 4.62 0.23
CA GLN A 114 -13.31 4.09 1.32
C GLN A 114 -12.42 3.70 2.50
N LEU A 115 -11.35 2.97 2.22
CA LEU A 115 -10.43 2.52 3.25
C LEU A 115 -9.48 3.64 3.67
N HIS A 116 -8.84 4.27 2.68
CA HIS A 116 -7.89 5.35 2.90
C HIS A 116 -6.74 4.94 3.84
N ILE A 117 -6.51 3.62 3.92
CA ILE A 117 -5.49 3.06 4.78
C ILE A 117 -5.74 3.47 6.23
N THR A 118 -6.83 2.94 6.78
CA THR A 118 -7.23 3.23 8.14
C THR A 118 -6.21 2.68 9.15
N PRO A 119 -5.89 3.46 10.19
CA PRO A 119 -4.94 3.07 11.25
C PRO A 119 -5.52 2.01 12.19
N GLY A 120 -6.15 1.01 11.60
CA GLY A 120 -6.75 -0.07 12.35
C GLY A 120 -7.39 -1.06 11.39
N THR A 121 -6.62 -1.42 10.37
CA THR A 121 -7.07 -2.33 9.33
C THR A 121 -7.19 -3.77 9.84
N ALA A 122 -8.22 -4.00 10.64
CA ALA A 122 -8.50 -5.30 11.22
C ALA A 122 -9.90 -5.28 11.82
N TYR A 123 -10.27 -4.14 12.39
CA TYR A 123 -11.58 -3.95 12.99
C TYR A 123 -12.25 -2.69 12.46
N GLN A 124 -11.45 -1.64 12.25
CA GLN A 124 -11.96 -0.38 11.73
C GLN A 124 -12.36 -0.52 10.27
N SER A 125 -11.58 -1.28 9.53
CA SER A 125 -11.84 -1.53 8.12
C SER A 125 -13.18 -2.24 7.94
N PHE A 126 -13.47 -3.16 8.86
CA PHE A 126 -14.71 -3.91 8.83
C PHE A 126 -15.89 -2.95 8.95
N GLU A 127 -15.84 -2.09 9.96
CA GLU A 127 -16.91 -1.13 10.20
C GLU A 127 -17.06 -0.19 9.01
N GLN A 128 -15.95 0.30 8.49
CA GLN A 128 -15.96 1.21 7.36
C GLN A 128 -16.62 0.60 6.12
N VAL A 129 -16.31 -0.67 5.85
CA VAL A 129 -16.88 -1.36 4.70
C VAL A 129 -18.35 -1.72 4.92
N VAL A 130 -18.66 -2.31 6.07
CA VAL A 130 -20.03 -2.70 6.38
C VAL A 130 -20.96 -1.49 6.46
N ASN A 131 -20.45 -0.40 6.99
CA ASN A 131 -21.25 0.83 7.13
C ASN A 131 -21.75 1.32 5.78
N GLU A 132 -20.98 1.01 4.73
CA GLU A 132 -21.33 1.42 3.36
C GLU A 132 -22.72 0.91 3.00
N LEU A 133 -23.06 -0.28 3.47
CA LEU A 133 -24.36 -0.88 3.19
C LEU A 133 -25.45 -0.16 3.99
N PHE A 134 -25.11 0.23 5.20
CA PHE A 134 -26.06 0.93 6.08
C PHE A 134 -26.30 2.36 5.58
N ARG A 135 -25.40 2.84 4.72
CA ARG A 135 -25.51 4.17 4.15
C ARG A 135 -26.53 4.19 3.01
N ASP A 136 -27.18 3.05 2.80
CA ASP A 136 -28.18 2.91 1.76
C ASP A 136 -29.37 2.13 2.31
N GLY A 137 -29.08 0.96 2.86
CA GLY A 137 -30.12 0.10 3.41
C GLY A 137 -30.41 -1.07 2.51
N VAL A 138 -31.59 -1.07 1.90
CA VAL A 138 -31.96 -2.14 0.99
C VAL A 138 -31.73 -1.71 -0.45
N ASN A 139 -30.59 -2.07 -0.99
CA ASN A 139 -30.22 -1.71 -2.35
C ASN A 139 -29.40 -2.82 -3.00
N TRP A 140 -29.97 -3.45 -4.02
CA TRP A 140 -29.30 -4.52 -4.73
C TRP A 140 -28.07 -4.00 -5.46
N GLY A 141 -28.09 -2.72 -5.81
CA GLY A 141 -26.96 -2.13 -6.49
C GLY A 141 -25.83 -1.81 -5.52
N ARG A 142 -26.19 -1.61 -4.27
CA ARG A 142 -25.22 -1.29 -3.23
C ARG A 142 -24.52 -2.54 -2.74
N ILE A 143 -25.26 -3.65 -2.68
CA ILE A 143 -24.69 -4.92 -2.22
C ILE A 143 -23.57 -5.40 -3.16
N VAL A 144 -23.70 -5.08 -4.44
CA VAL A 144 -22.69 -5.45 -5.43
C VAL A 144 -21.39 -4.71 -5.11
N ALA A 145 -21.52 -3.42 -4.84
CA ALA A 145 -20.37 -2.58 -4.49
C ALA A 145 -19.73 -3.09 -3.20
N PHE A 146 -20.58 -3.45 -2.25
CA PHE A 146 -20.13 -3.97 -0.96
C PHE A 146 -19.25 -5.21 -1.17
N PHE A 147 -19.74 -6.13 -1.98
CA PHE A 147 -19.00 -7.36 -2.28
C PHE A 147 -17.72 -7.03 -3.01
N SER A 148 -17.77 -6.05 -3.90
CA SER A 148 -16.60 -5.63 -4.67
C SER A 148 -15.52 -5.06 -3.74
N PHE A 149 -15.94 -4.28 -2.74
CA PHE A 149 -15.01 -3.70 -1.79
C PHE A 149 -14.23 -4.78 -1.06
N GLY A 150 -14.96 -5.70 -0.43
CA GLY A 150 -14.32 -6.78 0.30
C GLY A 150 -13.55 -7.72 -0.60
N GLY A 151 -14.09 -7.96 -1.79
CA GLY A 151 -13.45 -8.83 -2.74
C GLY A 151 -12.05 -8.37 -3.12
N ALA A 152 -11.93 -7.12 -3.53
CA ALA A 152 -10.64 -6.57 -3.93
C ALA A 152 -9.72 -6.42 -2.72
N LEU A 153 -10.30 -6.09 -1.58
CA LEU A 153 -9.55 -5.90 -0.34
C LEU A 153 -8.88 -7.20 0.12
N CYS A 154 -9.63 -8.30 0.06
CA CYS A 154 -9.09 -9.59 0.50
C CYS A 154 -7.87 -10.01 -0.31
N VAL A 155 -7.89 -9.72 -1.61
CA VAL A 155 -6.78 -10.08 -2.49
C VAL A 155 -5.50 -9.35 -2.07
N GLU A 156 -5.61 -8.05 -1.86
CA GLU A 156 -4.47 -7.25 -1.46
C GLU A 156 -4.08 -7.50 -0.02
N SER A 157 -4.95 -8.18 0.73
CA SER A 157 -4.67 -8.50 2.13
C SER A 157 -3.67 -9.65 2.24
N VAL A 158 -3.77 -10.60 1.31
CA VAL A 158 -2.85 -11.73 1.29
C VAL A 158 -1.63 -11.41 0.42
N ASP A 159 -1.88 -10.64 -0.63
CA ASP A 159 -0.82 -10.22 -1.56
C ASP A 159 0.22 -9.36 -0.84
N LYS A 160 -0.24 -8.56 0.13
CA LYS A 160 0.66 -7.71 0.90
C LYS A 160 1.06 -8.39 2.20
N GLU A 161 0.72 -9.68 2.31
CA GLU A 161 1.03 -10.49 3.49
C GLU A 161 0.65 -9.82 4.80
N MET A 162 -0.57 -9.28 4.86
CA MET A 162 -1.05 -8.62 6.06
C MET A 162 -1.78 -9.62 6.95
N GLN A 163 -2.54 -10.51 6.28
CA GLN A 163 -3.30 -11.56 6.94
C GLN A 163 -4.43 -11.06 7.85
N VAL A 164 -4.06 -10.42 8.95
CA VAL A 164 -5.00 -9.92 9.95
C VAL A 164 -6.18 -9.14 9.35
N LEU A 165 -5.92 -8.43 8.26
CA LEU A 165 -6.95 -7.63 7.59
C LEU A 165 -8.17 -8.49 7.22
N VAL A 166 -8.00 -9.36 6.24
CA VAL A 166 -9.07 -10.23 5.78
C VAL A 166 -9.45 -11.29 6.82
N SER A 167 -8.46 -11.80 7.54
CA SER A 167 -8.69 -12.83 8.54
C SER A 167 -9.61 -12.36 9.67
N ARG A 168 -9.64 -11.07 9.92
CA ARG A 168 -10.49 -10.53 10.97
C ARG A 168 -11.83 -10.05 10.41
N ILE A 169 -11.78 -9.35 9.29
CA ILE A 169 -13.01 -8.84 8.66
C ILE A 169 -13.96 -9.98 8.35
N ALA A 170 -13.44 -11.05 7.77
CA ALA A 170 -14.25 -12.21 7.42
C ALA A 170 -14.86 -12.84 8.66
N ALA A 171 -14.11 -12.84 9.76
CA ALA A 171 -14.55 -13.41 11.02
C ALA A 171 -15.74 -12.62 11.58
N TRP A 172 -15.59 -11.30 11.65
CA TRP A 172 -16.65 -10.46 12.17
C TRP A 172 -17.88 -10.55 11.26
N MET A 173 -17.63 -10.52 9.96
CA MET A 173 -18.68 -10.59 8.96
C MET A 173 -19.47 -11.89 9.07
N ALA A 174 -18.77 -13.02 9.19
CA ALA A 174 -19.40 -14.33 9.31
C ALA A 174 -20.29 -14.39 10.55
N THR A 175 -19.85 -13.74 11.62
CA THR A 175 -20.61 -13.73 12.87
C THR A 175 -21.93 -12.99 12.69
N TYR A 176 -21.85 -11.74 12.23
CA TYR A 176 -23.04 -10.93 12.03
C TYR A 176 -23.90 -11.45 10.87
N LEU A 177 -23.26 -12.14 9.94
CA LEU A 177 -23.94 -12.71 8.79
C LEU A 177 -25.06 -13.66 9.23
N ASN A 178 -24.68 -14.76 9.85
CA ASN A 178 -25.67 -15.74 10.29
C ASN A 178 -26.50 -15.21 11.46
N ASP A 179 -25.97 -14.19 12.14
CA ASP A 179 -26.64 -13.61 13.29
C ASP A 179 -27.83 -12.73 12.90
N HIS A 180 -27.71 -11.99 11.81
CA HIS A 180 -28.78 -11.11 11.37
C HIS A 180 -28.96 -11.08 9.85
N LEU A 181 -27.86 -10.93 9.13
CA LEU A 181 -27.91 -10.85 7.66
C LEU A 181 -28.62 -12.03 7.00
N GLU A 182 -28.19 -13.24 7.31
CA GLU A 182 -28.78 -14.45 6.72
C GLU A 182 -30.31 -14.51 6.89
N PRO A 183 -30.83 -14.48 8.13
CA PRO A 183 -32.27 -14.53 8.37
C PRO A 183 -33.01 -13.33 7.78
N TRP A 184 -32.34 -12.18 7.74
CA TRP A 184 -32.93 -10.96 7.18
C TRP A 184 -33.10 -11.09 5.67
N ILE A 185 -32.08 -11.62 5.01
CA ILE A 185 -32.12 -11.81 3.57
C ILE A 185 -33.25 -12.77 3.19
N GLN A 186 -33.43 -13.81 4.01
CA GLN A 186 -34.46 -14.80 3.77
C GLN A 186 -35.83 -14.34 4.26
N GLU A 187 -35.91 -13.08 4.70
CA GLU A 187 -37.17 -12.52 5.19
C GLU A 187 -37.59 -11.31 4.37
N ASN A 188 -36.65 -10.43 4.09
CA ASN A 188 -36.91 -9.22 3.32
C ASN A 188 -36.62 -9.44 1.84
N GLY A 189 -35.54 -10.15 1.57
CA GLY A 189 -35.14 -10.41 0.20
C GLY A 189 -33.76 -9.86 -0.07
N GLY A 190 -32.91 -10.65 -0.69
CA GLY A 190 -31.57 -10.21 -0.99
C GLY A 190 -31.08 -10.73 -2.33
N TRP A 191 -30.24 -11.75 -2.30
CA TRP A 191 -29.69 -12.33 -3.52
C TRP A 191 -30.78 -12.98 -4.37
N ASP A 192 -31.83 -13.43 -3.70
CA ASP A 192 -32.96 -14.08 -4.37
C ASP A 192 -33.63 -13.09 -5.32
N THR A 193 -33.81 -11.87 -4.85
CA THR A 193 -34.43 -10.83 -5.64
C THR A 193 -33.43 -10.22 -6.62
N PHE A 194 -32.16 -10.28 -6.25
CA PHE A 194 -31.08 -9.75 -7.10
C PHE A 194 -31.06 -10.48 -8.43
N VAL A 195 -31.16 -11.81 -8.37
CA VAL A 195 -31.16 -12.63 -9.58
C VAL A 195 -32.35 -12.28 -10.48
N GLU A 196 -33.46 -11.93 -9.85
CA GLU A 196 -34.69 -11.57 -10.57
C GLU A 196 -34.47 -10.38 -11.50
N LEU A 197 -33.79 -9.36 -11.01
CA LEU A 197 -33.53 -8.17 -11.81
C LEU A 197 -32.20 -8.26 -12.57
N TYR A 198 -31.44 -9.31 -12.31
CA TYR A 198 -30.16 -9.50 -12.96
C TYR A 198 -30.25 -10.43 -14.16
N GLY A 199 -30.61 -11.69 -13.90
CA GLY A 199 -30.69 -12.66 -14.97
C GLY A 199 -32.11 -13.02 -15.35
N ASN A 200 -33.05 -12.91 -14.41
CA ASN A 200 -34.44 -13.24 -14.68
C ASN A 200 -35.24 -12.03 -15.14
N ASN A 201 -34.61 -11.20 -15.96
CA ASN A 201 -35.27 -10.00 -16.47
C ASN A 201 -34.93 -9.81 -17.94
N SER B 1 24.67 -6.25 -7.75
CA SER B 1 25.54 -5.11 -7.51
C SER B 1 24.95 -4.20 -6.44
N VAL B 2 25.59 -4.17 -5.28
CA VAL B 2 25.14 -3.34 -4.17
C VAL B 2 25.82 -1.98 -4.22
N PRO B 3 25.03 -0.89 -4.32
CA PRO B 3 25.56 0.47 -4.37
C PRO B 3 26.23 0.87 -3.06
N SER B 4 27.01 1.94 -3.10
CA SER B 4 27.70 2.43 -1.92
C SER B 4 26.69 3.04 -0.95
N GLN B 5 26.56 2.41 0.22
CA GLN B 5 25.63 2.87 1.24
C GLN B 5 26.35 3.66 2.31
N LYS B 6 27.62 3.96 2.05
CA LYS B 6 28.44 4.71 2.99
C LYS B 6 27.91 6.12 3.19
N THR B 7 27.86 6.54 4.45
CA THR B 7 27.39 7.87 4.81
C THR B 7 28.41 8.91 4.35
N TYR B 8 28.09 9.61 3.27
CA TYR B 8 28.97 10.62 2.73
C TYR B 8 28.37 12.00 2.90
N GLN B 9 28.94 12.78 3.81
CA GLN B 9 28.46 14.13 4.06
C GLN B 9 28.93 15.08 2.97
N GLY B 10 30.18 14.90 2.55
CA GLY B 10 30.75 15.72 1.51
C GLY B 10 31.03 17.13 2.00
N SER B 11 31.25 18.04 1.05
CA SER B 11 31.54 19.43 1.37
C SER B 11 30.25 20.22 1.58
N TYR B 12 29.12 19.62 1.24
CA TYR B 12 27.84 20.30 1.38
C TYR B 12 27.11 19.83 2.62
N GLY B 13 27.66 18.85 3.31
CA GLY B 13 27.03 18.33 4.52
C GLY B 13 25.63 17.82 4.24
N PHE B 14 25.55 16.78 3.43
CA PHE B 14 24.26 16.20 3.07
C PHE B 14 23.68 15.35 4.20
N ARG B 15 22.81 15.96 4.99
CA ARG B 15 22.18 15.27 6.10
C ARG B 15 20.71 15.00 5.79
N LEU B 16 20.14 13.99 6.40
CA LEU B 16 18.74 13.65 6.18
C LEU B 16 17.88 14.14 7.33
N GLY B 17 16.74 14.74 6.99
CA GLY B 17 15.83 15.23 7.98
C GLY B 17 14.43 14.73 7.73
N PHE B 18 13.69 14.45 8.80
CA PHE B 18 12.33 13.95 8.67
C PHE B 18 11.45 14.61 9.71
N LEU B 19 10.14 14.55 9.49
CA LEU B 19 9.19 15.14 10.43
C LEU B 19 8.93 14.18 11.58
N HIS B 20 9.06 14.69 12.79
CA HIS B 20 8.85 13.88 13.98
C HIS B 20 7.38 13.94 14.41
N SER B 21 6.54 13.16 13.75
CA SER B 21 5.13 13.12 14.05
C SER B 21 4.88 12.52 15.44
N GLY B 22 5.42 11.34 15.66
CA GLY B 22 5.26 10.67 16.93
C GLY B 22 4.79 9.24 16.79
N THR B 23 4.32 8.66 17.89
CA THR B 23 3.84 7.27 17.88
C THR B 23 2.32 7.24 17.86
N ALA B 24 1.72 8.27 17.28
CA ALA B 24 0.27 8.39 17.18
C ALA B 24 -0.30 7.30 16.29
N LYS B 25 -1.44 6.77 16.69
CA LYS B 25 -2.11 5.72 15.95
C LYS B 25 -2.48 6.19 14.55
N SER B 26 -3.20 7.30 14.47
CA SER B 26 -3.61 7.86 13.20
C SER B 26 -2.53 8.76 12.61
N VAL B 27 -1.61 8.16 11.88
CA VAL B 27 -0.53 8.92 11.26
C VAL B 27 -0.21 8.38 9.86
N THR B 28 -0.05 9.30 8.93
CA THR B 28 0.26 8.94 7.54
C THR B 28 1.68 8.39 7.42
N CYS B 29 2.60 8.99 8.18
CA CYS B 29 3.99 8.58 8.16
C CYS B 29 4.70 9.09 9.41
N THR B 30 5.61 8.29 9.94
CA THR B 30 6.36 8.66 11.13
C THR B 30 7.83 8.27 10.96
N TYR B 31 8.70 8.85 11.76
CA TYR B 31 10.12 8.57 11.66
C TYR B 31 10.73 8.25 13.02
N SER B 32 11.49 7.17 13.07
CA SER B 32 12.16 6.74 14.28
C SER B 32 13.58 7.28 14.30
N PRO B 33 13.87 8.24 15.19
CA PRO B 33 15.20 8.84 15.30
C PRO B 33 16.17 7.93 16.06
N ALA B 34 15.63 6.91 16.71
CA ALA B 34 16.46 5.98 17.46
C ALA B 34 17.16 4.98 16.55
N LEU B 35 16.40 4.34 15.67
CA LEU B 35 16.96 3.36 14.75
C LEU B 35 17.15 3.94 13.36
N ASN B 36 16.69 5.18 13.17
CA ASN B 36 16.78 5.85 11.88
C ASN B 36 15.94 5.08 10.86
N LYS B 37 14.70 4.80 11.27
CA LYS B 37 13.77 4.05 10.44
C LYS B 37 12.49 4.84 10.22
N MET B 38 12.07 4.93 8.98
CA MET B 38 10.86 5.65 8.63
C MET B 38 9.71 4.67 8.44
N PHE B 39 8.57 4.96 9.05
CA PHE B 39 7.40 4.12 8.94
C PHE B 39 6.36 4.83 8.07
N CYS B 40 5.96 4.19 6.98
CA CYS B 40 5.01 4.80 6.07
C CYS B 40 3.80 3.90 5.83
N GLN B 41 2.79 4.47 5.19
CA GLN B 41 1.58 3.75 4.85
C GLN B 41 1.56 3.46 3.35
N LEU B 42 0.56 2.72 2.91
CA LEU B 42 0.42 2.37 1.50
C LEU B 42 -0.08 3.55 0.68
N ALA B 43 0.72 3.94 -0.32
CA ALA B 43 0.38 5.02 -1.25
C ALA B 43 0.31 6.40 -0.58
N LYS B 44 0.93 6.53 0.59
CA LYS B 44 0.92 7.80 1.30
C LYS B 44 2.15 8.62 1.01
N THR B 45 1.96 9.91 0.82
CA THR B 45 3.04 10.84 0.53
C THR B 45 3.87 11.14 1.77
N CYS B 46 5.13 10.70 1.75
CA CYS B 46 6.03 10.91 2.87
C CYS B 46 6.96 12.10 2.61
N PRO B 47 6.92 13.11 3.48
CA PRO B 47 7.75 14.32 3.36
C PRO B 47 9.16 14.12 3.93
N VAL B 48 10.16 14.24 3.06
CA VAL B 48 11.55 14.09 3.45
C VAL B 48 12.26 15.43 3.30
N GLN B 49 13.01 15.83 4.32
CA GLN B 49 13.73 17.09 4.30
C GLN B 49 15.22 16.88 4.04
N LEU B 50 15.77 17.69 3.17
CA LEU B 50 17.19 17.61 2.85
C LEU B 50 17.94 18.64 3.68
N TRP B 51 18.52 18.20 4.78
CA TRP B 51 19.27 19.09 5.65
C TRP B 51 20.70 19.27 5.13
N VAL B 52 20.88 20.24 4.27
CA VAL B 52 22.20 20.51 3.70
C VAL B 52 22.91 21.62 4.49
N ASP B 53 24.14 21.34 4.88
CA ASP B 53 24.94 22.32 5.62
C ASP B 53 25.43 23.42 4.69
N SER B 54 25.47 23.10 3.40
CA SER B 54 25.90 24.05 2.38
C SER B 54 25.00 23.89 1.16
N THR B 55 24.55 25.00 0.60
CA THR B 55 23.68 24.97 -0.57
C THR B 55 24.41 24.45 -1.80
N PRO B 56 23.95 23.32 -2.37
CA PRO B 56 24.53 22.72 -3.56
C PRO B 56 24.19 23.53 -4.81
N PRO B 57 25.00 23.41 -5.88
CA PRO B 57 24.77 24.14 -7.12
C PRO B 57 23.43 23.76 -7.75
N PRO B 58 22.58 24.77 -8.04
CA PRO B 58 21.27 24.54 -8.65
C PRO B 58 21.39 23.73 -9.93
N GLY B 59 20.62 22.66 -9.99
CA GLY B 59 20.65 21.79 -11.15
C GLY B 59 21.23 20.44 -10.80
N THR B 60 21.32 20.16 -9.50
CA THR B 60 21.85 18.91 -9.00
C THR B 60 20.80 17.81 -9.16
N ARG B 61 21.22 16.56 -9.00
CA ARG B 61 20.33 15.42 -9.14
C ARG B 61 20.19 14.63 -7.85
N VAL B 62 18.96 14.53 -7.36
CA VAL B 62 18.67 13.78 -6.14
C VAL B 62 18.24 12.38 -6.55
N ARG B 63 19.05 11.40 -6.20
CA ARG B 63 18.77 10.02 -6.56
C ARG B 63 18.39 9.20 -5.33
N ALA B 64 17.31 8.44 -5.43
CA ALA B 64 16.86 7.62 -4.33
C ALA B 64 16.68 6.17 -4.76
N MET B 65 17.45 5.28 -4.16
CA MET B 65 17.38 3.86 -4.47
C MET B 65 17.24 3.07 -3.18
N ALA B 66 16.28 2.16 -3.12
CA ALA B 66 16.06 1.37 -1.92
C ALA B 66 16.60 -0.05 -2.07
N ILE B 67 17.28 -0.50 -1.04
CA ILE B 67 17.84 -1.85 -0.98
C ILE B 67 17.28 -2.56 0.25
N TYR B 68 17.77 -3.75 0.54
CA TYR B 68 17.29 -4.49 1.71
C TYR B 68 18.27 -4.34 2.86
N LYS B 69 17.77 -4.43 4.08
CA LYS B 69 18.62 -4.30 5.27
C LYS B 69 19.63 -5.43 5.33
N GLN B 70 19.18 -6.63 4.98
CA GLN B 70 20.04 -7.80 4.97
C GLN B 70 21.06 -7.69 3.84
N SER B 71 22.34 -7.66 4.22
CA SER B 71 23.42 -7.55 3.25
C SER B 71 23.41 -8.70 2.27
N GLN B 72 23.03 -9.88 2.76
CA GLN B 72 22.98 -11.07 1.93
C GLN B 72 21.82 -11.01 0.95
N HIS B 73 20.88 -10.10 1.19
CA HIS B 73 19.71 -9.94 0.34
C HIS B 73 19.78 -8.63 -0.43
N MET B 74 20.88 -7.90 -0.27
CA MET B 74 21.06 -6.61 -0.95
C MET B 74 21.19 -6.77 -2.45
N THR B 75 21.39 -8.01 -2.90
CA THR B 75 21.51 -8.30 -4.32
C THR B 75 20.16 -8.18 -5.01
N GLU B 76 19.10 -8.44 -4.26
CA GLU B 76 17.75 -8.36 -4.79
C GLU B 76 17.32 -6.91 -4.97
N VAL B 77 16.34 -6.69 -5.84
CA VAL B 77 15.83 -5.36 -6.10
C VAL B 77 14.44 -5.22 -5.49
N VAL B 78 14.20 -4.11 -4.80
CA VAL B 78 12.92 -3.85 -4.16
C VAL B 78 11.85 -3.60 -5.22
N ARG B 79 10.87 -4.49 -5.30
CA ARG B 79 9.79 -4.37 -6.26
C ARG B 79 8.44 -4.62 -5.60
N ARG B 80 7.39 -4.55 -6.40
CA ARG B 80 6.04 -4.74 -5.90
C ARG B 80 5.73 -6.21 -5.67
N CYS B 81 4.55 -6.47 -5.13
CA CYS B 81 4.11 -7.83 -4.84
C CYS B 81 3.40 -8.42 -6.07
N PRO B 82 3.11 -9.75 -6.05
CA PRO B 82 2.45 -10.45 -7.17
C PRO B 82 1.25 -9.71 -7.76
N HIS B 83 0.37 -9.21 -6.90
CA HIS B 83 -0.81 -8.48 -7.36
C HIS B 83 -0.67 -6.98 -7.06
N HIS B 84 0.06 -6.29 -7.92
CA HIS B 84 0.28 -4.85 -7.75
C HIS B 84 0.82 -4.21 -9.03
N GLU B 85 1.55 -5.00 -9.80
CA GLU B 85 2.12 -4.51 -11.05
C GLU B 85 1.07 -4.38 -12.15
N ARG B 86 0.23 -5.41 -12.26
CA ARG B 86 -0.82 -5.43 -13.27
C ARG B 86 -1.98 -4.49 -12.92
N CYS B 87 -1.88 -3.84 -11.76
CA CYS B 87 -2.91 -2.92 -11.30
C CYS B 87 -3.06 -1.75 -12.27
N SER B 88 -1.96 -1.42 -12.95
CA SER B 88 -1.93 -0.34 -13.92
C SER B 88 -2.29 1.00 -13.27
N ASP B 89 -1.54 1.34 -12.23
CA ASP B 89 -1.74 2.58 -11.49
C ASP B 89 -0.84 3.69 -12.01
N SER B 90 -0.61 3.68 -13.31
CA SER B 90 0.24 4.67 -13.95
C SER B 90 -0.48 6.01 -14.08
N ASP B 91 0.06 7.04 -13.43
CA ASP B 91 -0.53 8.37 -13.49
C ASP B 91 -0.19 9.03 -14.82
N GLY B 92 0.83 8.50 -15.46
CA GLY B 92 1.27 9.02 -16.74
C GLY B 92 2.77 9.15 -16.76
N LEU B 93 3.33 9.53 -15.62
CA LEU B 93 4.76 9.69 -15.48
C LEU B 93 5.31 8.55 -14.63
N ALA B 94 4.59 8.25 -13.56
CA ALA B 94 4.98 7.18 -12.65
C ALA B 94 4.60 5.82 -13.20
N PRO B 95 5.60 4.97 -13.47
CA PRO B 95 5.38 3.62 -14.00
C PRO B 95 4.87 2.68 -12.91
N PRO B 96 4.09 1.65 -13.28
CA PRO B 96 3.53 0.69 -12.33
C PRO B 96 4.57 -0.27 -11.74
N GLN B 97 5.78 -0.24 -12.27
CA GLN B 97 6.84 -1.11 -11.79
C GLN B 97 7.64 -0.44 -10.67
N HIS B 98 7.55 0.88 -10.58
CA HIS B 98 8.29 1.62 -9.57
C HIS B 98 7.57 1.63 -8.22
N LEU B 99 8.32 1.27 -7.19
CA LEU B 99 7.78 1.22 -5.85
C LEU B 99 7.83 2.59 -5.19
N ILE B 100 8.90 3.33 -5.48
CA ILE B 100 9.09 4.66 -4.93
C ILE B 100 8.80 5.73 -5.98
N ARG B 101 7.81 6.55 -5.68
CA ARG B 101 7.44 7.63 -6.59
C ARG B 101 7.61 8.97 -5.89
N VAL B 102 7.40 10.05 -6.62
CA VAL B 102 7.54 11.40 -6.05
C VAL B 102 6.34 12.27 -6.38
N GLU B 103 5.81 12.93 -5.37
CA GLU B 103 4.67 13.83 -5.55
C GLU B 103 5.08 15.25 -5.20
N GLY B 104 4.26 16.21 -5.61
CA GLY B 104 4.58 17.61 -5.34
C GLY B 104 5.41 18.23 -6.44
N ASN B 105 6.45 17.52 -6.85
CA ASN B 105 7.33 18.01 -7.91
C ASN B 105 6.98 17.34 -9.23
N LEU B 106 6.61 18.16 -10.20
CA LEU B 106 6.24 17.67 -11.53
C LEU B 106 7.47 17.22 -12.31
N ARG B 107 8.65 17.65 -11.87
CA ARG B 107 9.90 17.30 -12.54
C ARG B 107 10.42 15.97 -12.02
N VAL B 108 9.51 15.03 -11.79
CA VAL B 108 9.88 13.71 -11.30
C VAL B 108 10.31 12.79 -12.43
N GLU B 109 11.54 12.30 -12.35
CA GLU B 109 12.07 11.40 -13.36
C GLU B 109 12.45 10.07 -12.71
N TYR B 110 12.43 9.01 -13.50
CA TYR B 110 12.76 7.69 -13.00
C TYR B 110 13.91 7.07 -13.80
N LEU B 111 14.92 6.60 -13.09
CA LEU B 111 16.08 6.01 -13.72
C LEU B 111 16.10 4.51 -13.47
N ASP B 112 15.94 3.74 -14.53
CA ASP B 112 15.93 2.30 -14.44
C ASP B 112 17.22 1.72 -14.97
N ASP B 113 18.06 1.21 -14.08
CA ASP B 113 19.33 0.61 -14.48
C ASP B 113 19.10 -0.71 -15.20
N ARG B 114 19.90 -0.99 -16.21
CA ARG B 114 19.76 -2.22 -16.97
C ARG B 114 20.85 -3.23 -16.62
N ASN B 115 21.81 -2.82 -15.79
CA ASN B 115 22.90 -3.70 -15.39
C ASN B 115 22.40 -4.70 -14.37
N THR B 116 21.84 -4.19 -13.29
CA THR B 116 21.33 -5.04 -12.22
C THR B 116 19.84 -4.79 -12.05
N PHE B 117 19.26 -4.06 -13.00
CA PHE B 117 17.84 -3.73 -13.00
C PHE B 117 17.46 -2.95 -11.74
N ARG B 118 18.33 -2.01 -11.36
CA ARG B 118 18.12 -1.20 -10.19
C ARG B 118 17.14 -0.06 -10.47
N HIS B 119 15.98 -0.12 -9.86
CA HIS B 119 14.97 0.91 -10.03
C HIS B 119 15.24 2.04 -9.05
N SER B 120 15.37 3.26 -9.56
CA SER B 120 15.64 4.41 -8.71
C SER B 120 15.00 5.67 -9.25
N VAL B 121 14.54 6.52 -8.35
CA VAL B 121 13.93 7.78 -8.75
C VAL B 121 14.97 8.88 -8.71
N VAL B 122 14.90 9.81 -9.65
CA VAL B 122 15.84 10.91 -9.72
C VAL B 122 15.14 12.22 -10.04
N VAL B 123 15.26 13.18 -9.13
CA VAL B 123 14.63 14.48 -9.32
C VAL B 123 15.67 15.59 -9.24
N PRO B 124 15.40 16.74 -9.88
CA PRO B 124 16.31 17.88 -9.85
C PRO B 124 16.25 18.59 -8.50
N TYR B 125 17.37 19.16 -8.07
CA TYR B 125 17.41 19.86 -6.80
C TYR B 125 16.67 21.19 -6.89
N GLU B 126 15.56 21.26 -6.19
CA GLU B 126 14.74 22.46 -6.17
C GLU B 126 15.34 23.49 -5.22
N PRO B 127 15.46 24.74 -5.69
CA PRO B 127 16.02 25.84 -4.89
C PRO B 127 15.10 26.21 -3.72
N PRO B 128 15.67 26.44 -2.53
CA PRO B 128 14.90 26.80 -1.33
C PRO B 128 14.05 28.05 -1.53
N GLU B 129 12.75 27.92 -1.36
CA GLU B 129 11.82 29.03 -1.51
C GLU B 129 11.87 29.95 -0.29
N VAL B 130 11.21 31.10 -0.39
CA VAL B 130 11.17 32.06 0.70
C VAL B 130 10.45 31.46 1.90
N GLY B 131 11.21 31.18 2.96
CA GLY B 131 10.62 30.60 4.15
C GLY B 131 10.85 29.10 4.23
N SER B 132 11.57 28.58 3.25
CA SER B 132 11.86 27.15 3.21
C SER B 132 13.27 26.88 3.75
N ASP B 133 13.33 26.41 4.99
CA ASP B 133 14.61 26.12 5.64
C ASP B 133 15.36 24.99 4.94
N CYS B 134 14.65 23.91 4.64
CA CYS B 134 15.27 22.77 3.98
C CYS B 134 14.39 22.23 2.86
N THR B 135 15.02 21.85 1.76
CA THR B 135 14.31 21.30 0.61
C THR B 135 13.50 20.07 1.01
N THR B 136 12.20 20.13 0.81
CA THR B 136 11.34 19.02 1.18
C THR B 136 10.82 18.29 -0.06
N ILE B 137 11.12 17.01 -0.14
CA ILE B 137 10.68 16.18 -1.25
C ILE B 137 9.69 15.15 -0.74
N HIS B 138 8.61 14.95 -1.48
CA HIS B 138 7.59 14.01 -1.09
C HIS B 138 7.71 12.70 -1.83
N TYR B 139 8.08 11.64 -1.11
CA TYR B 139 8.24 10.32 -1.68
C TYR B 139 7.00 9.48 -1.41
N ASN B 140 6.61 8.68 -2.38
CA ASN B 140 5.44 7.82 -2.24
C ASN B 140 5.81 6.36 -2.31
N TYR B 141 5.45 5.61 -1.28
CA TYR B 141 5.71 4.18 -1.25
C TYR B 141 4.47 3.43 -1.70
N MET B 142 4.52 2.87 -2.90
CA MET B 142 3.38 2.18 -3.48
C MET B 142 3.27 0.72 -3.06
N CYS B 143 3.99 0.33 -2.02
CA CYS B 143 3.95 -1.04 -1.52
C CYS B 143 4.34 -1.10 -0.05
N ASN B 144 4.02 -2.22 0.58
CA ASN B 144 4.32 -2.41 1.99
C ASN B 144 5.54 -3.30 2.14
N SER B 145 6.20 -3.23 3.29
CA SER B 145 7.38 -4.04 3.54
C SER B 145 7.03 -5.51 3.70
N SER B 146 5.76 -5.78 3.95
CA SER B 146 5.28 -7.14 4.12
C SER B 146 4.91 -7.75 2.78
N CYS B 147 4.86 -6.92 1.73
CA CYS B 147 4.50 -7.38 0.38
C CYS B 147 5.30 -8.61 -0.04
N MET B 148 4.60 -9.71 -0.23
CA MET B 148 5.21 -10.97 -0.61
C MET B 148 5.88 -10.88 -1.99
N GLY B 149 6.85 -11.74 -2.25
CA GLY B 149 7.53 -11.76 -3.53
C GLY B 149 8.71 -10.81 -3.55
N GLY B 150 8.43 -9.51 -3.54
CA GLY B 150 9.49 -8.52 -3.56
C GLY B 150 10.16 -8.38 -2.21
N MET B 151 9.64 -7.48 -1.40
CA MET B 151 10.19 -7.24 -0.07
C MET B 151 10.09 -8.50 0.79
N ASN B 152 8.93 -9.14 0.73
CA ASN B 152 8.68 -10.38 1.46
C ASN B 152 8.93 -10.27 2.95
N ARG B 153 8.27 -9.28 3.58
CA ARG B 153 8.38 -9.06 5.02
C ARG B 153 9.83 -8.75 5.44
N ARG B 154 10.52 -7.97 4.63
CA ARG B 154 11.90 -7.61 4.91
C ARG B 154 12.04 -6.09 4.97
N PRO B 155 12.84 -5.58 5.92
CA PRO B 155 13.07 -4.14 6.06
C PRO B 155 13.96 -3.62 4.94
N ILE B 156 13.65 -2.43 4.43
CA ILE B 156 14.42 -1.86 3.34
C ILE B 156 15.23 -0.66 3.78
N LEU B 157 16.25 -0.33 3.00
CA LEU B 157 17.12 0.80 3.27
C LEU B 157 17.11 1.72 2.06
N THR B 158 16.47 2.86 2.20
CA THR B 158 16.41 3.82 1.10
C THR B 158 17.63 4.73 1.12
N ILE B 159 18.41 4.64 0.06
CA ILE B 159 19.61 5.45 -0.07
C ILE B 159 19.31 6.75 -0.80
N ILE B 160 19.40 7.85 -0.09
CA ILE B 160 19.16 9.17 -0.66
C ILE B 160 20.51 9.79 -0.96
N THR B 161 20.79 9.98 -2.23
CA THR B 161 22.06 10.55 -2.63
C THR B 161 21.88 11.79 -3.50
N LEU B 162 22.89 12.65 -3.48
CA LEU B 162 22.87 13.87 -4.25
C LEU B 162 24.09 13.97 -5.15
N GLU B 163 23.86 13.87 -6.44
CA GLU B 163 24.92 13.96 -7.42
C GLU B 163 24.75 15.23 -8.24
N ASP B 164 25.81 15.66 -8.90
CA ASP B 164 25.74 16.86 -9.73
C ASP B 164 25.07 16.52 -11.07
N SER B 165 24.88 17.52 -11.92
CA SER B 165 24.24 17.33 -13.22
C SER B 165 24.98 16.30 -14.07
N SER B 166 26.28 16.13 -13.82
CA SER B 166 27.09 15.17 -14.56
C SER B 166 26.98 13.78 -13.94
N GLY B 167 27.22 13.70 -12.63
CA GLY B 167 27.15 12.43 -11.94
C GLY B 167 28.14 12.32 -10.80
N ASN B 168 28.70 13.45 -10.39
CA ASN B 168 29.68 13.47 -9.30
C ASN B 168 28.96 13.41 -7.96
N LEU B 169 29.38 12.46 -7.12
CA LEU B 169 28.78 12.29 -5.79
C LEU B 169 29.14 13.45 -4.88
N LEU B 170 28.13 14.18 -4.43
CA LEU B 170 28.33 15.32 -3.55
C LEU B 170 27.93 14.99 -2.11
N GLY B 171 26.92 14.12 -1.98
CA GLY B 171 26.43 13.72 -0.67
C GLY B 171 25.60 12.46 -0.77
N ARG B 172 25.67 11.61 0.25
CA ARG B 172 24.92 10.36 0.23
C ARG B 172 24.57 9.90 1.65
N ASN B 173 23.30 9.59 1.87
CA ASN B 173 22.84 9.14 3.17
C ASN B 173 21.86 7.98 3.00
N SER B 174 21.54 7.29 4.09
CA SER B 174 20.63 6.14 4.03
C SER B 174 19.84 5.97 5.32
N PHE B 175 18.65 5.39 5.22
CA PHE B 175 17.80 5.15 6.38
C PHE B 175 16.94 3.90 6.16
N GLU B 176 16.48 3.30 7.26
CA GLU B 176 15.66 2.09 7.17
C GLU B 176 14.19 2.49 6.99
N VAL B 177 13.44 1.65 6.30
CA VAL B 177 12.03 1.95 6.05
C VAL B 177 11.13 0.74 6.34
N ARG B 178 9.94 1.02 6.86
CA ARG B 178 8.94 0.00 7.15
C ARG B 178 7.58 0.52 6.73
N VAL B 179 7.08 0.02 5.61
CA VAL B 179 5.79 0.45 5.10
C VAL B 179 4.72 -0.55 5.46
N CYS B 180 3.66 -0.06 6.07
CA CYS B 180 2.55 -0.90 6.48
C CYS B 180 1.23 -0.15 6.35
N ALA B 181 0.33 -0.35 7.30
CA ALA B 181 -0.96 0.33 7.30
C ALA B 181 -1.15 1.15 8.56
N CYS B 182 -0.27 0.97 9.53
CA CYS B 182 -0.35 1.68 10.79
C CYS B 182 1.05 1.97 11.33
N PRO B 183 1.68 3.08 10.90
CA PRO B 183 3.03 3.45 11.33
C PRO B 183 3.13 3.64 12.84
N GLY B 184 2.06 4.17 13.44
CA GLY B 184 2.03 4.38 14.87
C GLY B 184 1.97 3.09 15.66
N ARG B 185 1.53 2.03 15.00
CA ARG B 185 1.42 0.72 15.64
C ARG B 185 2.73 -0.05 15.44
N ASP B 186 3.15 -0.16 14.19
CA ASP B 186 4.36 -0.89 13.84
C ASP B 186 5.62 -0.32 14.48
N ARG B 187 5.59 0.95 14.82
CA ARG B 187 6.74 1.59 15.46
C ARG B 187 6.92 1.05 16.86
N ARG B 188 5.83 0.58 17.45
CA ARG B 188 5.87 0.03 18.80
C ARG B 188 6.43 -1.38 18.81
N THR B 189 6.31 -2.06 17.68
CA THR B 189 6.82 -3.42 17.56
C THR B 189 8.31 -3.45 17.22
N GLU B 190 8.91 -2.27 17.08
CA GLU B 190 10.33 -2.18 16.77
C GLU B 190 11.06 -1.19 17.68
N GLU B 191 10.90 0.10 17.41
CA GLU B 191 11.56 1.13 18.22
C GLU B 191 11.10 1.08 19.67
N GLU B 192 9.79 1.03 19.87
CA GLU B 192 9.22 0.97 21.21
C GLU B 192 9.30 -0.43 21.80
N ASN B 193 9.95 -1.34 21.06
CA ASN B 193 10.11 -2.71 21.50
C ASN B 193 11.56 -2.97 21.90
N LEU B 194 12.42 -2.00 21.61
CA LEU B 194 13.84 -2.13 21.93
C LEU B 194 14.19 -1.32 23.17
N ARG B 195 13.18 -0.78 23.82
CA ARG B 195 13.37 0.02 25.02
C ARG B 195 12.18 -0.18 25.94
ZN ZN C . 2.68 -4.97 -3.08
N MET A 4 -31.86 -24.72 7.75
CA MET A 4 -31.02 -23.59 7.27
C MET A 4 -29.82 -24.11 6.50
N SER A 5 -29.77 -23.83 5.21
CA SER A 5 -28.67 -24.27 4.36
C SER A 5 -27.53 -23.26 4.39
N GLN A 6 -27.80 -22.07 4.94
CA GLN A 6 -26.82 -21.00 5.01
C GLN A 6 -26.39 -20.57 3.62
N SER A 7 -27.36 -20.46 2.72
CA SER A 7 -27.12 -20.07 1.35
C SER A 7 -26.41 -18.72 1.26
N ASN A 8 -26.69 -17.84 2.21
CA ASN A 8 -26.09 -16.52 2.24
C ASN A 8 -24.64 -16.63 2.70
N ARG A 9 -24.44 -17.27 3.85
CA ARG A 9 -23.11 -17.45 4.42
C ARG A 9 -22.20 -18.24 3.47
N GLU A 10 -22.78 -19.20 2.77
CA GLU A 10 -22.03 -20.03 1.83
C GLU A 10 -21.51 -19.22 0.66
N LEU A 11 -22.38 -18.40 0.07
CA LEU A 11 -21.99 -17.59 -1.07
C LEU A 11 -20.97 -16.52 -0.69
N VAL A 12 -21.13 -15.94 0.50
CA VAL A 12 -20.21 -14.92 0.97
C VAL A 12 -18.79 -15.45 1.10
N VAL A 13 -18.62 -16.60 1.73
CA VAL A 13 -17.31 -17.19 1.90
C VAL A 13 -16.75 -17.73 0.59
N ASP A 14 -17.64 -18.13 -0.31
CA ASP A 14 -17.23 -18.65 -1.61
C ASP A 14 -16.66 -17.53 -2.47
N PHE A 15 -17.43 -16.45 -2.60
CA PHE A 15 -17.01 -15.29 -3.39
C PHE A 15 -15.69 -14.73 -2.85
N LEU A 16 -15.57 -14.75 -1.52
CA LEU A 16 -14.37 -14.27 -0.87
C LEU A 16 -13.17 -15.11 -1.28
N SER A 17 -13.31 -16.42 -1.18
CA SER A 17 -12.23 -17.34 -1.54
C SER A 17 -11.92 -17.26 -3.03
N TYR A 18 -12.94 -16.97 -3.83
CA TYR A 18 -12.81 -16.84 -5.28
C TYR A 18 -11.83 -15.72 -5.61
N LYS A 19 -11.89 -14.65 -4.84
CA LYS A 19 -11.00 -13.51 -5.04
C LYS A 19 -9.70 -13.71 -4.29
N LEU A 20 -9.77 -14.41 -3.16
CA LEU A 20 -8.59 -14.69 -2.34
C LEU A 20 -7.60 -15.60 -3.06
N SER A 21 -8.00 -16.11 -4.22
CA SER A 21 -7.13 -16.98 -5.00
C SER A 21 -6.74 -16.31 -6.32
N GLN A 22 -6.86 -15.00 -6.38
CA GLN A 22 -6.53 -14.23 -7.59
C GLN A 22 -5.03 -14.29 -7.89
N LYS A 23 -4.25 -13.53 -7.12
CA LYS A 23 -2.81 -13.48 -7.28
C LYS A 23 -2.15 -13.07 -5.98
N GLY A 24 -1.08 -13.76 -5.61
CA GLY A 24 -0.38 -13.45 -4.37
C GLY A 24 -0.97 -14.17 -3.18
N TYR A 25 -1.69 -15.26 -3.45
CA TYR A 25 -2.31 -16.03 -2.38
C TYR A 25 -1.35 -17.07 -1.82
N SER A 26 -1.09 -16.97 -0.53
CA SER A 26 -0.20 -17.90 0.14
C SER A 26 -0.98 -18.87 1.03
N TRP A 27 -1.26 -18.45 2.25
CA TRP A 27 -1.97 -19.28 3.22
C TRP A 27 -3.41 -19.58 2.79
N SER A 28 -3.98 -18.71 1.97
CA SER A 28 -5.35 -18.88 1.50
C SER A 28 -5.49 -20.08 0.56
N GLN A 29 -4.36 -20.56 0.07
CA GLN A 29 -4.33 -21.71 -0.83
C GLN A 29 -4.29 -23.00 -0.02
N PHE A 30 -3.62 -22.94 1.13
CA PHE A 30 -3.49 -24.11 2.00
C PHE A 30 -4.62 -24.19 3.03
N SER A 31 -5.22 -23.06 3.32
CA SER A 31 -6.31 -23.00 4.30
C SER A 31 -7.67 -22.86 3.64
N MET A 86 -31.94 -23.97 -9.16
CA MET A 86 -31.06 -23.06 -8.44
C MET A 86 -31.20 -21.65 -9.00
N ALA A 87 -30.94 -20.67 -8.14
CA ALA A 87 -31.05 -19.26 -8.55
C ALA A 87 -29.78 -18.79 -9.25
N ALA A 88 -28.77 -19.66 -9.29
CA ALA A 88 -27.49 -19.34 -9.93
C ALA A 88 -26.82 -18.14 -9.27
N VAL A 89 -27.01 -18.02 -7.96
CA VAL A 89 -26.44 -16.93 -7.18
C VAL A 89 -24.91 -16.90 -7.26
N LYS A 90 -24.29 -18.07 -7.30
CA LYS A 90 -22.83 -18.16 -7.37
C LYS A 90 -22.33 -17.61 -8.69
N GLN A 91 -22.99 -17.98 -9.78
CA GLN A 91 -22.61 -17.53 -11.11
C GLN A 91 -22.91 -16.04 -11.27
N ALA A 92 -24.04 -15.61 -10.71
CA ALA A 92 -24.44 -14.20 -10.78
C ALA A 92 -23.39 -13.33 -10.10
N LEU A 93 -22.96 -13.74 -8.92
CA LEU A 93 -21.95 -13.02 -8.17
C LEU A 93 -20.60 -13.10 -8.87
N ARG A 94 -20.37 -14.21 -9.55
CA ARG A 94 -19.11 -14.41 -10.28
C ARG A 94 -19.05 -13.47 -11.48
N GLU A 95 -20.07 -13.50 -12.31
CA GLU A 95 -20.14 -12.68 -13.51
C GLU A 95 -20.04 -11.19 -13.21
N ALA A 96 -20.71 -10.74 -12.16
CA ALA A 96 -20.70 -9.34 -11.78
C ALA A 96 -19.44 -8.97 -10.99
N GLY A 97 -19.10 -9.81 -10.02
CA GLY A 97 -17.95 -9.57 -9.17
C GLY A 97 -16.64 -9.58 -9.92
N ASP A 98 -16.48 -10.51 -10.86
CA ASP A 98 -15.23 -10.61 -11.62
C ASP A 98 -15.01 -9.37 -12.49
N GLU A 99 -16.10 -8.81 -12.99
CA GLU A 99 -16.04 -7.64 -13.84
C GLU A 99 -15.81 -6.37 -13.02
N PHE A 100 -16.33 -6.36 -11.80
CA PHE A 100 -16.18 -5.22 -10.92
C PHE A 100 -14.81 -5.20 -10.26
N GLU A 101 -14.32 -6.38 -9.88
CA GLU A 101 -13.03 -6.53 -9.22
C GLU A 101 -11.89 -5.96 -10.05
N LEU A 102 -11.91 -6.20 -11.36
CA LEU A 102 -10.86 -5.71 -12.24
C LEU A 102 -10.76 -4.19 -12.22
N ARG A 103 -11.88 -3.55 -11.94
CA ARG A 103 -11.94 -2.09 -11.87
C ARG A 103 -11.50 -1.61 -10.49
N TYR A 104 -11.58 -2.51 -9.51
CA TYR A 104 -11.21 -2.19 -8.13
C TYR A 104 -9.73 -2.41 -7.88
N ARG A 105 -9.13 -3.35 -8.60
CA ARG A 105 -7.70 -3.65 -8.46
C ARG A 105 -6.85 -2.67 -9.27
N ARG A 106 -7.36 -1.46 -9.46
CA ARG A 106 -6.66 -0.45 -10.23
C ARG A 106 -5.82 0.45 -9.32
N ALA A 107 -5.88 0.18 -8.02
CA ALA A 107 -5.12 0.93 -7.00
C ALA A 107 -5.66 2.34 -6.75
N PHE A 108 -6.33 2.91 -7.74
CA PHE A 108 -6.89 4.26 -7.60
C PHE A 108 -8.40 4.22 -7.74
N SER A 109 -8.98 3.12 -7.28
CA SER A 109 -10.42 2.92 -7.35
C SER A 109 -11.12 3.44 -6.10
N ASP A 110 -12.42 3.16 -5.98
CA ASP A 110 -13.22 3.61 -4.84
C ASP A 110 -12.78 2.92 -3.55
N LEU A 111 -12.17 1.75 -3.70
CA LEU A 111 -11.69 1.00 -2.54
C LEU A 111 -10.65 1.82 -1.77
N THR A 112 -9.82 2.52 -2.53
CA THR A 112 -8.78 3.36 -1.93
C THR A 112 -9.38 4.50 -1.11
N SER A 113 -10.48 5.07 -1.61
CA SER A 113 -11.15 6.17 -0.92
C SER A 113 -11.95 5.63 0.26
N GLN A 114 -12.48 4.43 0.12
CA GLN A 114 -13.26 3.80 1.17
C GLN A 114 -12.37 3.44 2.35
N LEU A 115 -11.29 2.71 2.07
CA LEU A 115 -10.36 2.29 3.11
C LEU A 115 -9.47 3.45 3.57
N HIS A 116 -8.81 4.08 2.61
CA HIS A 116 -7.90 5.20 2.87
C HIS A 116 -6.75 4.81 3.81
N ILE A 117 -6.50 3.50 3.87
CA ILE A 117 -5.45 2.96 4.73
C ILE A 117 -5.67 3.37 6.18
N THR A 118 -6.69 2.80 6.79
CA THR A 118 -7.04 3.09 8.16
C THR A 118 -6.02 2.50 9.13
N PRO A 119 -5.62 3.28 10.16
CA PRO A 119 -4.65 2.84 11.17
C PRO A 119 -5.25 1.83 12.16
N GLY A 120 -5.99 0.88 11.61
CA GLY A 120 -6.64 -0.14 12.38
C GLY A 120 -7.29 -1.13 11.45
N THR A 121 -6.52 -1.57 10.47
CA THR A 121 -6.98 -2.51 9.46
C THR A 121 -7.19 -3.91 10.02
N ALA A 122 -8.26 -4.05 10.79
CA ALA A 122 -8.63 -5.31 11.41
C ALA A 122 -10.06 -5.18 11.94
N TYR A 123 -10.35 -4.03 12.52
CA TYR A 123 -11.68 -3.76 13.05
C TYR A 123 -12.27 -2.50 12.43
N GLN A 124 -11.44 -1.47 12.28
CA GLN A 124 -11.87 -0.21 11.70
C GLN A 124 -12.24 -0.40 10.22
N SER A 125 -11.49 -1.27 9.56
CA SER A 125 -11.73 -1.56 8.15
C SER A 125 -13.06 -2.29 7.97
N PHE A 126 -13.36 -3.18 8.91
CA PHE A 126 -14.59 -3.94 8.88
C PHE A 126 -15.79 -3.00 8.93
N GLU A 127 -15.80 -2.14 9.94
CA GLU A 127 -16.88 -1.18 10.11
C GLU A 127 -16.98 -0.26 8.90
N GLN A 128 -15.83 0.26 8.46
CA GLN A 128 -15.79 1.17 7.32
C GLN A 128 -16.45 0.57 6.07
N VAL A 129 -16.14 -0.69 5.79
CA VAL A 129 -16.69 -1.37 4.61
C VAL A 129 -18.16 -1.73 4.82
N VAL A 130 -18.48 -2.34 5.96
CA VAL A 130 -19.84 -2.75 6.26
C VAL A 130 -20.78 -1.54 6.36
N ASN A 131 -20.23 -0.43 6.86
CA ASN A 131 -21.00 0.80 7.01
C ASN A 131 -21.55 1.27 5.67
N GLU A 132 -20.84 0.93 4.58
CA GLU A 132 -21.26 1.30 3.24
C GLU A 132 -22.67 0.78 2.94
N LEU A 133 -22.96 -0.42 3.43
CA LEU A 133 -24.27 -1.02 3.25
C LEU A 133 -25.29 -0.29 4.10
N PHE A 134 -24.87 0.11 5.29
CA PHE A 134 -25.74 0.83 6.22
C PHE A 134 -25.94 2.28 5.78
N ARG A 135 -25.23 2.68 4.73
CA ARG A 135 -25.35 4.03 4.21
C ARG A 135 -26.43 4.07 3.13
N ASP A 136 -27.04 2.93 2.89
CA ASP A 136 -28.10 2.82 1.89
C ASP A 136 -29.24 1.95 2.41
N GLY A 137 -28.89 0.81 2.97
CA GLY A 137 -29.88 -0.09 3.51
C GLY A 137 -30.14 -1.26 2.58
N VAL A 138 -31.40 -1.46 2.23
CA VAL A 138 -31.77 -2.54 1.33
C VAL A 138 -31.66 -2.10 -0.13
N ASN A 139 -30.44 -2.09 -0.63
CA ASN A 139 -30.19 -1.71 -2.01
C ASN A 139 -29.44 -2.81 -2.73
N TRP A 140 -30.06 -3.36 -3.76
CA TRP A 140 -29.46 -4.44 -4.55
C TRP A 140 -28.22 -3.95 -5.29
N GLY A 141 -28.18 -2.67 -5.60
CA GLY A 141 -27.04 -2.11 -6.30
C GLY A 141 -25.89 -1.84 -5.36
N ARG A 142 -26.23 -1.46 -4.12
CA ARG A 142 -25.22 -1.15 -3.12
C ARG A 142 -24.52 -2.42 -2.65
N ILE A 143 -25.26 -3.54 -2.60
CA ILE A 143 -24.68 -4.80 -2.17
C ILE A 143 -23.60 -5.29 -3.14
N VAL A 144 -23.78 -4.97 -4.42
CA VAL A 144 -22.82 -5.36 -5.44
C VAL A 144 -21.50 -4.65 -5.18
N ALA A 145 -21.58 -3.36 -4.90
CA ALA A 145 -20.40 -2.56 -4.59
C ALA A 145 -19.75 -3.06 -3.31
N PHE A 146 -20.59 -3.39 -2.32
CA PHE A 146 -20.13 -3.89 -1.04
C PHE A 146 -19.28 -5.15 -1.22
N PHE A 147 -19.79 -6.09 -2.00
CA PHE A 147 -19.07 -7.33 -2.27
C PHE A 147 -17.78 -7.07 -3.02
N SER A 148 -17.82 -6.08 -3.92
CA SER A 148 -16.66 -5.70 -4.70
C SER A 148 -15.58 -5.08 -3.81
N PHE A 149 -16.01 -4.27 -2.84
CA PHE A 149 -15.09 -3.62 -1.91
C PHE A 149 -14.31 -4.68 -1.14
N GLY A 150 -15.03 -5.59 -0.51
CA GLY A 150 -14.39 -6.65 0.25
C GLY A 150 -13.60 -7.60 -0.62
N GLY A 151 -14.13 -7.88 -1.80
CA GLY A 151 -13.46 -8.77 -2.73
C GLY A 151 -12.09 -8.29 -3.12
N ALA A 152 -11.99 -7.03 -3.52
CA ALA A 152 -10.70 -6.46 -3.92
C ALA A 152 -9.77 -6.31 -2.73
N LEU A 153 -10.34 -5.99 -1.58
CA LEU A 153 -9.56 -5.80 -0.35
C LEU A 153 -8.91 -7.10 0.11
N CYS A 154 -9.65 -8.19 0.06
CA CYS A 154 -9.14 -9.49 0.50
C CYS A 154 -7.92 -9.93 -0.30
N VAL A 155 -7.93 -9.64 -1.60
CA VAL A 155 -6.81 -10.01 -2.47
C VAL A 155 -5.53 -9.30 -2.05
N GLU A 156 -5.63 -8.00 -1.86
CA GLU A 156 -4.48 -7.19 -1.46
C GLU A 156 -4.10 -7.44 0.01
N SER A 157 -4.95 -8.17 0.72
CA SER A 157 -4.69 -8.49 2.12
C SER A 157 -3.70 -9.65 2.24
N VAL A 158 -3.83 -10.62 1.35
CA VAL A 158 -2.93 -11.77 1.34
C VAL A 158 -1.70 -11.47 0.51
N ASP A 159 -1.91 -10.73 -0.57
CA ASP A 159 -0.84 -10.33 -1.48
C ASP A 159 0.21 -9.49 -0.76
N LYS A 160 -0.22 -8.75 0.25
CA LYS A 160 0.70 -7.91 1.03
C LYS A 160 1.02 -8.55 2.37
N GLU A 161 0.75 -9.86 2.47
CA GLU A 161 1.01 -10.66 3.68
C GLU A 161 0.54 -9.98 4.96
N MET A 162 -0.68 -9.44 4.94
CA MET A 162 -1.22 -8.78 6.12
C MET A 162 -1.96 -9.77 7.01
N GLN A 163 -2.75 -10.64 6.37
CA GLN A 163 -3.52 -11.67 7.07
C GLN A 163 -4.63 -11.12 7.97
N VAL A 164 -4.23 -10.48 9.06
CA VAL A 164 -5.14 -9.93 10.07
C VAL A 164 -6.29 -9.12 9.44
N LEU A 165 -6.01 -8.43 8.34
CA LEU A 165 -7.02 -7.62 7.66
C LEU A 165 -8.24 -8.46 7.29
N VAL A 166 -8.03 -9.46 6.44
CA VAL A 166 -9.12 -10.32 5.99
C VAL A 166 -9.55 -11.32 7.06
N SER A 167 -8.58 -11.82 7.83
CA SER A 167 -8.85 -12.80 8.88
C SER A 167 -9.80 -12.25 9.95
N ARG A 168 -9.82 -10.93 10.11
CA ARG A 168 -10.69 -10.32 11.09
C ARG A 168 -12.02 -9.92 10.48
N ILE A 169 -11.97 -9.23 9.34
CA ILE A 169 -13.17 -8.78 8.65
C ILE A 169 -14.10 -9.96 8.35
N ALA A 170 -13.54 -11.03 7.79
CA ALA A 170 -14.32 -12.22 7.45
C ALA A 170 -14.96 -12.83 8.68
N ALA A 171 -14.21 -12.86 9.78
CA ALA A 171 -14.70 -13.42 11.03
C ALA A 171 -15.88 -12.63 11.57
N TRP A 172 -15.71 -11.32 11.72
CA TRP A 172 -16.76 -10.46 12.23
C TRP A 172 -17.97 -10.48 11.29
N MET A 173 -17.69 -10.46 10.00
CA MET A 173 -18.73 -10.48 8.99
C MET A 173 -19.56 -11.76 9.08
N ALA A 174 -18.87 -12.90 9.16
CA ALA A 174 -19.55 -14.19 9.25
C ALA A 174 -20.39 -14.28 10.52
N THR A 175 -19.93 -13.63 11.59
CA THR A 175 -20.65 -13.64 12.85
C THR A 175 -21.98 -12.89 12.73
N TYR A 176 -21.92 -11.63 12.28
CA TYR A 176 -23.13 -10.82 12.12
C TYR A 176 -23.99 -11.32 10.96
N LEU A 177 -23.34 -11.96 10.00
CA LEU A 177 -24.02 -12.50 8.82
C LEU A 177 -25.14 -13.43 9.22
N ASN A 178 -24.82 -14.52 9.90
CA ASN A 178 -25.83 -15.48 10.31
C ASN A 178 -26.68 -14.96 11.46
N ASP A 179 -26.17 -13.94 12.15
CA ASP A 179 -26.88 -13.36 13.28
C ASP A 179 -28.07 -12.51 12.86
N HIS A 180 -27.89 -11.68 11.84
CA HIS A 180 -28.97 -10.80 11.38
C HIS A 180 -29.11 -10.75 9.87
N LEU A 181 -27.99 -10.68 9.16
CA LEU A 181 -28.02 -10.58 7.69
C LEU A 181 -28.72 -11.75 7.01
N GLU A 182 -28.35 -12.97 7.36
CA GLU A 182 -28.95 -14.17 6.76
C GLU A 182 -30.48 -14.20 6.90
N PRO A 183 -31.02 -14.17 8.14
CA PRO A 183 -32.47 -14.19 8.36
C PRO A 183 -33.18 -13.00 7.67
N TRP A 184 -32.53 -11.84 7.66
CA TRP A 184 -33.09 -10.66 7.04
C TRP A 184 -33.27 -10.87 5.53
N ILE A 185 -32.21 -11.35 4.89
CA ILE A 185 -32.24 -11.61 3.45
C ILE A 185 -33.22 -12.75 3.16
N GLN A 186 -33.28 -13.72 4.06
CA GLN A 186 -34.16 -14.87 3.93
C GLN A 186 -35.61 -14.53 4.26
N GLU A 187 -35.92 -13.25 4.34
CA GLU A 187 -37.28 -12.80 4.63
C GLU A 187 -37.67 -11.65 3.73
N ASN A 188 -36.89 -10.59 3.76
CA ASN A 188 -37.16 -9.41 2.94
C ASN A 188 -36.68 -9.62 1.50
N GLY A 189 -35.64 -10.42 1.35
CA GLY A 189 -35.10 -10.70 0.04
C GLY A 189 -33.78 -9.98 -0.18
N GLY A 190 -32.87 -10.63 -0.87
CA GLY A 190 -31.58 -10.04 -1.15
C GLY A 190 -31.00 -10.51 -2.46
N TRP A 191 -30.13 -11.50 -2.40
CA TRP A 191 -29.50 -12.05 -3.60
C TRP A 191 -30.53 -12.70 -4.50
N ASP A 192 -31.56 -13.28 -3.88
CA ASP A 192 -32.63 -13.94 -4.59
C ASP A 192 -33.40 -12.93 -5.43
N THR A 193 -33.62 -11.75 -4.87
CA THR A 193 -34.33 -10.69 -5.55
C THR A 193 -33.42 -10.03 -6.59
N PHE A 194 -32.12 -9.98 -6.28
CA PHE A 194 -31.14 -9.39 -7.17
C PHE A 194 -31.09 -10.18 -8.47
N VAL A 195 -31.04 -11.51 -8.36
CA VAL A 195 -31.01 -12.38 -9.53
C VAL A 195 -32.27 -12.21 -10.36
N GLU A 196 -33.39 -11.94 -9.68
CA GLU A 196 -34.67 -11.74 -10.35
C GLU A 196 -34.64 -10.54 -11.31
N LEU A 197 -33.77 -9.58 -11.02
CA LEU A 197 -33.66 -8.40 -11.87
C LEU A 197 -32.31 -8.35 -12.57
N TYR A 198 -31.59 -9.47 -12.56
CA TYR A 198 -30.29 -9.55 -13.20
C TYR A 198 -30.22 -10.70 -14.20
N GLY A 199 -30.60 -11.88 -13.76
CA GLY A 199 -30.57 -13.04 -14.62
C GLY A 199 -31.95 -13.48 -15.05
N ASN A 200 -32.96 -13.07 -14.29
CA ASN A 200 -34.34 -13.43 -14.59
C ASN A 200 -35.12 -12.19 -15.02
N ASN A 201 -34.43 -11.29 -15.70
CA ASN A 201 -35.05 -10.05 -16.17
C ASN A 201 -34.45 -9.67 -17.52
N SER B 1 24.79 -6.39 -7.51
CA SER B 1 25.65 -5.24 -7.29
C SER B 1 25.01 -4.29 -6.27
N VAL B 2 25.64 -4.18 -5.10
CA VAL B 2 25.14 -3.32 -4.04
C VAL B 2 25.82 -1.96 -4.10
N PRO B 3 25.04 -0.89 -4.29
CA PRO B 3 25.59 0.47 -4.37
C PRO B 3 26.20 0.90 -3.04
N SER B 4 27.07 1.90 -3.08
CA SER B 4 27.72 2.40 -1.88
C SER B 4 26.70 3.02 -0.94
N GLN B 5 26.38 2.30 0.13
CA GLN B 5 25.40 2.75 1.12
C GLN B 5 26.10 3.49 2.27
N LYS B 6 27.40 3.68 2.11
CA LYS B 6 28.19 4.38 3.12
C LYS B 6 27.82 5.86 3.14
N THR B 7 27.57 6.39 4.33
CA THR B 7 27.20 7.78 4.51
C THR B 7 28.32 8.72 4.08
N TYR B 8 27.96 9.75 3.32
CA TYR B 8 28.90 10.73 2.82
C TYR B 8 28.29 12.12 2.90
N GLN B 9 28.77 12.91 3.85
CA GLN B 9 28.24 14.25 4.05
C GLN B 9 28.73 15.21 2.97
N GLY B 10 29.98 15.01 2.55
CA GLY B 10 30.57 15.86 1.53
C GLY B 10 30.81 17.27 2.01
N SER B 11 31.20 18.14 1.10
CA SER B 11 31.48 19.53 1.45
C SER B 11 30.19 20.36 1.45
N TYR B 12 29.05 19.68 1.50
CA TYR B 12 27.76 20.35 1.51
C TYR B 12 26.98 20.00 2.76
N GLY B 13 27.48 19.02 3.51
CA GLY B 13 26.82 18.60 4.73
C GLY B 13 25.44 18.02 4.45
N PHE B 14 25.40 16.98 3.64
CA PHE B 14 24.15 16.34 3.26
C PHE B 14 23.62 15.45 4.39
N ARG B 15 22.69 15.99 5.16
CA ARG B 15 22.06 15.25 6.25
C ARG B 15 20.60 14.98 5.91
N LEU B 16 20.03 13.95 6.53
CA LEU B 16 18.64 13.61 6.29
C LEU B 16 17.76 14.05 7.45
N GLY B 17 16.66 14.71 7.11
CA GLY B 17 15.73 15.16 8.11
C GLY B 17 14.32 14.69 7.78
N PHE B 18 13.55 14.36 8.81
CA PHE B 18 12.20 13.89 8.61
C PHE B 18 11.27 14.52 9.63
N LEU B 19 9.98 14.47 9.36
CA LEU B 19 8.99 15.04 10.27
C LEU B 19 8.75 14.10 11.45
N HIS B 20 8.97 14.62 12.65
CA HIS B 20 8.78 13.84 13.87
C HIS B 20 7.34 13.95 14.35
N SER B 21 6.48 13.09 13.83
CA SER B 21 5.08 13.10 14.22
C SER B 21 4.91 12.49 15.62
N GLY B 22 5.50 11.31 15.83
CA GLY B 22 5.40 10.66 17.12
C GLY B 22 4.99 9.20 16.99
N THR B 23 4.40 8.66 18.06
CA THR B 23 3.97 7.28 18.09
C THR B 23 2.45 7.19 17.92
N ALA B 24 1.88 8.24 17.33
CA ALA B 24 0.44 8.32 17.10
C ALA B 24 -0.06 7.17 16.22
N LYS B 25 -1.24 6.69 16.55
CA LYS B 25 -1.85 5.60 15.80
C LYS B 25 -2.29 6.10 14.42
N SER B 26 -3.06 7.16 14.42
CA SER B 26 -3.57 7.75 13.19
C SER B 26 -2.55 8.71 12.58
N VAL B 27 -1.49 8.15 12.02
CA VAL B 27 -0.45 8.95 11.39
C VAL B 27 -0.17 8.46 9.98
N THR B 28 0.06 9.40 9.07
CA THR B 28 0.36 9.08 7.68
C THR B 28 1.77 8.51 7.53
N CYS B 29 2.70 9.06 8.29
CA CYS B 29 4.08 8.63 8.26
C CYS B 29 4.80 9.11 9.50
N THR B 30 5.75 8.32 10.00
CA THR B 30 6.49 8.69 11.19
C THR B 30 7.95 8.24 11.06
N TYR B 31 8.85 8.93 11.74
CA TYR B 31 10.26 8.60 11.70
C TYR B 31 10.80 8.31 13.10
N SER B 32 11.50 7.19 13.22
CA SER B 32 12.10 6.79 14.48
C SER B 32 13.60 7.08 14.45
N PRO B 33 14.03 8.15 15.15
CA PRO B 33 15.43 8.57 15.20
C PRO B 33 16.31 7.62 16.01
N ALA B 34 15.69 6.88 16.93
CA ALA B 34 16.43 5.95 17.78
C ALA B 34 17.11 4.85 16.96
N LEU B 35 16.44 4.39 15.91
CA LEU B 35 16.99 3.32 15.08
C LEU B 35 17.16 3.76 13.63
N ASN B 36 16.92 5.05 13.37
CA ASN B 36 17.01 5.60 12.01
C ASN B 36 16.13 4.80 11.06
N LYS B 37 14.85 4.75 11.39
CA LYS B 37 13.89 4.00 10.59
C LYS B 37 12.63 4.82 10.36
N MET B 38 12.16 4.84 9.13
CA MET B 38 10.96 5.59 8.77
C MET B 38 9.80 4.63 8.51
N PHE B 39 8.67 4.91 9.13
CA PHE B 39 7.48 4.09 8.97
C PHE B 39 6.49 4.81 8.06
N CYS B 40 6.16 4.19 6.94
CA CYS B 40 5.25 4.79 5.98
C CYS B 40 4.00 3.96 5.79
N GLN B 41 3.02 4.56 5.11
CA GLN B 41 1.76 3.88 4.83
C GLN B 41 1.69 3.52 3.34
N LEU B 42 0.73 2.69 2.99
CA LEU B 42 0.55 2.26 1.60
C LEU B 42 -0.01 3.40 0.75
N ALA B 43 0.75 3.78 -0.27
CA ALA B 43 0.36 4.83 -1.22
C ALA B 43 0.16 6.19 -0.53
N LYS B 44 0.91 6.44 0.52
CA LYS B 44 0.80 7.70 1.24
C LYS B 44 2.04 8.57 1.03
N THR B 45 1.81 9.88 0.94
CA THR B 45 2.89 10.84 0.73
C THR B 45 3.77 10.99 1.97
N CYS B 46 5.05 10.71 1.81
CA CYS B 46 6.02 10.82 2.90
C CYS B 46 6.98 11.97 2.62
N PRO B 47 6.89 13.06 3.40
CA PRO B 47 7.75 14.24 3.25
C PRO B 47 9.15 14.03 3.82
N VAL B 48 10.14 14.10 2.95
CA VAL B 48 11.54 13.95 3.36
C VAL B 48 12.27 15.27 3.19
N GLN B 49 13.06 15.66 4.18
CA GLN B 49 13.78 16.92 4.13
C GLN B 49 15.28 16.72 3.98
N LEU B 50 15.86 17.46 3.06
CA LEU B 50 17.29 17.41 2.82
C LEU B 50 17.96 18.49 3.66
N TRP B 51 18.49 18.09 4.80
CA TRP B 51 19.14 19.03 5.70
C TRP B 51 20.59 19.27 5.26
N VAL B 52 20.76 20.22 4.37
CA VAL B 52 22.09 20.55 3.87
C VAL B 52 22.63 21.79 4.58
N ASP B 53 23.90 21.75 4.93
CA ASP B 53 24.55 22.86 5.61
C ASP B 53 25.08 23.87 4.61
N SER B 54 25.37 23.40 3.41
CA SER B 54 25.87 24.26 2.35
C SER B 54 24.96 24.16 1.14
N THR B 55 24.56 25.30 0.61
CA THR B 55 23.67 25.37 -0.54
C THR B 55 24.35 24.81 -1.80
N PRO B 56 23.82 23.69 -2.33
CA PRO B 56 24.35 23.04 -3.52
C PRO B 56 23.95 23.80 -4.79
N PRO B 57 24.73 23.65 -5.88
CA PRO B 57 24.46 24.31 -7.15
C PRO B 57 23.12 23.86 -7.74
N PRO B 58 22.31 24.81 -8.24
CA PRO B 58 21.01 24.52 -8.83
C PRO B 58 21.11 23.55 -10.00
N GLY B 59 20.19 22.59 -10.04
CA GLY B 59 20.19 21.62 -11.11
C GLY B 59 20.87 20.32 -10.68
N THR B 60 21.00 20.13 -9.39
CA THR B 60 21.61 18.93 -8.85
C THR B 60 20.63 17.75 -8.98
N ARG B 61 21.12 16.53 -8.81
CA ARG B 61 20.26 15.36 -8.95
C ARG B 61 20.13 14.57 -7.65
N VAL B 62 18.90 14.41 -7.19
CA VAL B 62 18.62 13.64 -5.99
C VAL B 62 18.20 12.24 -6.39
N ARG B 63 19.10 11.29 -6.21
CA ARG B 63 18.85 9.91 -6.58
C ARG B 63 18.46 9.08 -5.36
N ALA B 64 17.30 8.44 -5.42
CA ALA B 64 16.83 7.62 -4.33
C ALA B 64 16.68 6.16 -4.76
N MET B 65 17.52 5.30 -4.20
CA MET B 65 17.48 3.89 -4.52
C MET B 65 17.26 3.10 -3.25
N ALA B 66 16.42 2.08 -3.30
CA ALA B 66 16.13 1.29 -2.11
C ALA B 66 16.70 -0.13 -2.21
N ILE B 67 17.30 -0.56 -1.12
CA ILE B 67 17.86 -1.90 -1.02
C ILE B 67 17.23 -2.61 0.16
N TYR B 68 17.73 -3.78 0.51
CA TYR B 68 17.19 -4.54 1.64
C TYR B 68 18.10 -4.42 2.86
N LYS B 69 17.53 -4.63 4.04
CA LYS B 69 18.28 -4.55 5.29
C LYS B 69 19.31 -5.67 5.36
N GLN B 70 18.89 -6.87 4.97
CA GLN B 70 19.76 -8.03 4.96
C GLN B 70 20.85 -7.88 3.92
N SER B 71 22.10 -7.83 4.39
CA SER B 71 23.25 -7.66 3.52
C SER B 71 23.34 -8.74 2.43
N GLN B 72 22.97 -9.96 2.77
CA GLN B 72 23.03 -11.07 1.84
C GLN B 72 21.87 -11.00 0.84
N HIS B 73 20.92 -10.12 1.12
CA HIS B 73 19.75 -9.96 0.27
C HIS B 73 19.77 -8.61 -0.44
N MET B 74 20.84 -7.85 -0.22
CA MET B 74 20.96 -6.51 -0.81
C MET B 74 21.12 -6.57 -2.33
N THR B 75 21.39 -7.75 -2.84
CA THR B 75 21.55 -7.96 -4.28
C THR B 75 20.22 -7.87 -4.99
N GLU B 76 19.13 -8.11 -4.25
CA GLU B 76 17.79 -8.05 -4.81
C GLU B 76 17.32 -6.61 -4.94
N VAL B 77 16.38 -6.39 -5.84
CA VAL B 77 15.82 -5.06 -6.06
C VAL B 77 14.44 -4.99 -5.44
N VAL B 78 14.13 -3.87 -4.79
CA VAL B 78 12.85 -3.67 -4.16
C VAL B 78 11.74 -3.52 -5.21
N ARG B 79 10.93 -4.56 -5.36
CA ARG B 79 9.86 -4.56 -6.32
C ARG B 79 8.51 -4.73 -5.65
N ARG B 80 7.44 -4.62 -6.43
CA ARG B 80 6.08 -4.72 -5.91
C ARG B 80 5.69 -6.17 -5.60
N CYS B 81 4.50 -6.32 -5.05
CA CYS B 81 3.96 -7.63 -4.70
C CYS B 81 3.35 -8.31 -5.93
N PRO B 82 3.10 -9.64 -5.85
CA PRO B 82 2.51 -10.41 -6.94
C PRO B 82 1.29 -9.75 -7.57
N HIS B 83 0.40 -9.23 -6.74
CA HIS B 83 -0.78 -8.54 -7.26
C HIS B 83 -0.66 -7.04 -7.01
N HIS B 84 0.02 -6.37 -7.93
CA HIS B 84 0.23 -4.93 -7.85
C HIS B 84 0.82 -4.40 -9.14
N GLU B 85 1.57 -5.25 -9.83
CA GLU B 85 2.19 -4.89 -11.09
C GLU B 85 1.15 -4.65 -12.18
N ARG B 86 0.25 -5.62 -12.33
CA ARG B 86 -0.80 -5.56 -13.34
C ARG B 86 -1.93 -4.62 -12.93
N CYS B 87 -1.80 -4.00 -11.76
CA CYS B 87 -2.82 -3.08 -11.27
C CYS B 87 -2.99 -1.89 -12.21
N SER B 88 -1.94 -1.58 -12.96
CA SER B 88 -1.96 -0.46 -13.90
C SER B 88 -2.27 0.85 -13.20
N ASP B 89 -1.52 1.14 -12.13
CA ASP B 89 -1.72 2.34 -11.34
C ASP B 89 -0.87 3.49 -11.89
N SER B 90 -0.44 3.35 -13.13
CA SER B 90 0.36 4.35 -13.80
C SER B 90 -0.46 5.60 -14.07
N ASP B 91 0.04 6.74 -13.60
CA ASP B 91 -0.65 8.01 -13.80
C ASP B 91 -0.33 8.58 -15.18
N GLY B 92 0.75 8.10 -15.76
CA GLY B 92 1.18 8.55 -17.06
C GLY B 92 2.67 8.81 -17.04
N LEU B 93 3.13 9.41 -15.95
CA LEU B 93 4.53 9.72 -15.76
C LEU B 93 5.12 8.64 -14.86
N ALA B 94 4.37 8.28 -13.83
CA ALA B 94 4.78 7.27 -12.88
C ALA B 94 4.50 5.88 -13.44
N PRO B 95 5.53 5.05 -13.60
CA PRO B 95 5.40 3.69 -14.13
C PRO B 95 4.91 2.72 -13.05
N PRO B 96 4.12 1.72 -13.44
CA PRO B 96 3.59 0.70 -12.51
C PRO B 96 4.67 -0.28 -12.04
N GLN B 97 5.86 -0.16 -12.62
CA GLN B 97 6.98 -1.03 -12.27
C GLN B 97 7.77 -0.46 -11.10
N HIS B 98 7.66 0.85 -10.89
CA HIS B 98 8.38 1.52 -9.83
C HIS B 98 7.60 1.51 -8.52
N LEU B 99 8.33 1.35 -7.42
CA LEU B 99 7.73 1.30 -6.09
C LEU B 99 7.78 2.68 -5.42
N ILE B 100 8.88 3.38 -5.62
CA ILE B 100 9.06 4.69 -5.02
C ILE B 100 8.79 5.79 -6.05
N ARG B 101 7.83 6.64 -5.75
CA ARG B 101 7.48 7.74 -6.63
C ARG B 101 7.66 9.07 -5.91
N VAL B 102 7.47 10.16 -6.63
CA VAL B 102 7.62 11.50 -6.06
C VAL B 102 6.40 12.36 -6.35
N GLU B 103 5.97 13.12 -5.35
CA GLU B 103 4.82 14.00 -5.48
C GLU B 103 5.24 15.45 -5.26
N GLY B 104 4.31 16.38 -5.46
CA GLY B 104 4.61 17.79 -5.27
C GLY B 104 5.37 18.39 -6.44
N ASN B 105 6.54 17.84 -6.72
CA ASN B 105 7.38 18.33 -7.81
C ASN B 105 6.96 17.70 -9.12
N LEU B 106 6.83 18.53 -10.15
CA LEU B 106 6.43 18.06 -11.47
C LEU B 106 7.63 17.44 -12.19
N ARG B 107 8.82 17.75 -11.69
CA ARG B 107 10.05 17.23 -12.26
C ARG B 107 10.39 15.89 -11.63
N VAL B 108 9.61 14.88 -11.99
CA VAL B 108 9.83 13.55 -11.47
C VAL B 108 10.34 12.60 -12.55
N GLU B 109 11.63 12.32 -12.52
CA GLU B 109 12.24 11.43 -13.48
C GLU B 109 12.63 10.11 -12.83
N TYR B 110 12.57 9.04 -13.59
CA TYR B 110 12.90 7.72 -13.07
C TYR B 110 14.15 7.18 -13.73
N LEU B 111 14.94 6.44 -12.97
CA LEU B 111 16.18 5.87 -13.47
C LEU B 111 16.12 4.35 -13.45
N ASP B 112 15.91 3.76 -14.61
CA ASP B 112 15.84 2.31 -14.73
C ASP B 112 17.20 1.76 -15.13
N ASP B 113 17.96 1.32 -14.14
CA ASP B 113 19.28 0.75 -14.41
C ASP B 113 19.16 -0.55 -15.18
N ARG B 114 19.97 -0.72 -16.21
CA ARG B 114 19.91 -1.92 -17.03
C ARG B 114 21.04 -2.89 -16.69
N ASN B 115 21.87 -2.53 -15.72
CA ASN B 115 22.96 -3.40 -15.31
C ASN B 115 22.47 -4.48 -14.36
N THR B 116 21.92 -4.05 -13.24
CA THR B 116 21.40 -4.96 -12.23
C THR B 116 19.90 -4.75 -12.05
N PHE B 117 19.34 -3.90 -12.91
CA PHE B 117 17.92 -3.56 -12.89
C PHE B 117 17.55 -2.81 -11.63
N ARG B 118 18.43 -1.90 -11.23
CA ARG B 118 18.21 -1.09 -10.04
C ARG B 118 17.22 0.04 -10.31
N HIS B 119 15.94 -0.25 -10.15
CA HIS B 119 14.90 0.76 -10.37
C HIS B 119 14.99 1.82 -9.27
N SER B 120 15.34 3.03 -9.65
CA SER B 120 15.45 4.13 -8.70
C SER B 120 14.83 5.41 -9.25
N VAL B 121 14.55 6.35 -8.38
CA VAL B 121 13.97 7.62 -8.81
C VAL B 121 15.01 8.74 -8.68
N VAL B 122 15.01 9.67 -9.63
CA VAL B 122 15.96 10.77 -9.62
C VAL B 122 15.28 12.09 -9.97
N VAL B 123 15.21 12.97 -8.99
CA VAL B 123 14.58 14.28 -9.18
C VAL B 123 15.59 15.41 -9.04
N PRO B 124 15.37 16.53 -9.74
CA PRO B 124 16.27 17.69 -9.68
C PRO B 124 16.16 18.40 -8.33
N TYR B 125 17.25 18.98 -7.89
CA TYR B 125 17.29 19.71 -6.64
C TYR B 125 16.67 21.09 -6.80
N GLU B 126 15.54 21.31 -6.16
CA GLU B 126 14.84 22.58 -6.22
C GLU B 126 15.49 23.59 -5.27
N PRO B 127 15.62 24.84 -5.72
CA PRO B 127 16.21 25.91 -4.90
C PRO B 127 15.35 26.21 -3.68
N PRO B 128 15.99 26.48 -2.53
CA PRO B 128 15.30 26.78 -1.27
C PRO B 128 14.26 27.88 -1.45
N GLU B 129 12.99 27.50 -1.33
CA GLU B 129 11.88 28.44 -1.47
C GLU B 129 11.80 29.40 -0.29
N VAL B 130 11.02 30.44 -0.45
CA VAL B 130 10.84 31.44 0.59
C VAL B 130 10.15 30.82 1.80
N GLY B 131 10.93 30.52 2.81
CA GLY B 131 10.40 29.92 4.02
C GLY B 131 10.86 28.48 4.19
N SER B 132 11.58 27.98 3.20
CA SER B 132 12.09 26.62 3.23
C SER B 132 13.50 26.58 3.80
N ASP B 133 13.61 26.08 5.03
CA ASP B 133 14.91 25.96 5.68
C ASP B 133 15.68 24.81 5.04
N CYS B 134 14.95 23.76 4.73
CA CYS B 134 15.53 22.58 4.10
C CYS B 134 14.63 22.11 2.96
N THR B 135 15.24 21.62 1.88
CA THR B 135 14.51 21.14 0.74
C THR B 135 13.64 19.93 1.10
N THR B 136 12.33 20.13 1.05
CA THR B 136 11.39 19.07 1.38
C THR B 136 10.84 18.42 0.11
N ILE B 137 11.04 17.12 -0.02
CA ILE B 137 10.58 16.38 -1.18
C ILE B 137 9.56 15.33 -0.75
N HIS B 138 8.49 15.18 -1.51
CA HIS B 138 7.45 14.22 -1.18
C HIS B 138 7.69 12.90 -1.89
N TYR B 139 7.90 11.84 -1.12
CA TYR B 139 8.12 10.51 -1.67
C TYR B 139 6.90 9.63 -1.45
N ASN B 140 6.57 8.80 -2.42
CA ASN B 140 5.41 7.93 -2.31
C ASN B 140 5.81 6.46 -2.38
N TYR B 141 5.47 5.71 -1.36
CA TYR B 141 5.75 4.28 -1.32
C TYR B 141 4.49 3.53 -1.75
N MET B 142 4.51 3.02 -2.97
CA MET B 142 3.35 2.31 -3.52
C MET B 142 3.22 0.87 -3.06
N CYS B 143 4.03 0.45 -2.09
CA CYS B 143 3.96 -0.92 -1.59
C CYS B 143 4.43 -1.01 -0.14
N ASN B 144 3.89 -1.98 0.58
CA ASN B 144 4.24 -2.20 1.98
C ASN B 144 5.49 -3.08 2.04
N SER B 145 6.14 -3.11 3.19
CA SER B 145 7.33 -3.92 3.37
C SER B 145 6.98 -5.38 3.62
N SER B 146 5.71 -5.63 3.91
CA SER B 146 5.23 -6.98 4.17
C SER B 146 4.83 -7.70 2.88
N CYS B 147 4.80 -6.95 1.77
CA CYS B 147 4.42 -7.50 0.48
C CYS B 147 5.26 -8.72 0.12
N MET B 148 4.58 -9.81 -0.20
CA MET B 148 5.24 -11.06 -0.56
C MET B 148 5.87 -10.94 -1.95
N GLY B 149 6.67 -11.92 -2.33
CA GLY B 149 7.31 -11.91 -3.63
C GLY B 149 8.53 -11.01 -3.67
N GLY B 150 8.31 -9.71 -3.67
CA GLY B 150 9.42 -8.78 -3.72
C GLY B 150 10.11 -8.61 -2.38
N MET B 151 9.55 -7.74 -1.54
CA MET B 151 10.13 -7.49 -0.22
C MET B 151 10.11 -8.74 0.64
N ASN B 152 8.99 -9.46 0.62
CA ASN B 152 8.83 -10.70 1.36
C ASN B 152 9.04 -10.51 2.87
N ARG B 153 8.36 -9.50 3.43
CA ARG B 153 8.44 -9.20 4.86
C ARG B 153 9.86 -8.84 5.30
N ARG B 154 10.60 -8.16 4.41
CA ARG B 154 11.96 -7.75 4.73
C ARG B 154 12.08 -6.24 4.73
N PRO B 155 12.77 -5.66 5.74
CA PRO B 155 12.96 -4.22 5.85
C PRO B 155 13.83 -3.70 4.72
N ILE B 156 13.53 -2.49 4.26
CA ILE B 156 14.28 -1.90 3.17
C ILE B 156 15.10 -0.70 3.63
N LEU B 157 16.14 -0.39 2.87
CA LEU B 157 17.01 0.74 3.16
C LEU B 157 17.02 1.68 1.97
N THR B 158 16.49 2.87 2.15
CA THR B 158 16.45 3.85 1.08
C THR B 158 17.68 4.75 1.11
N ILE B 159 18.47 4.70 0.05
CA ILE B 159 19.67 5.50 -0.07
C ILE B 159 19.39 6.78 -0.82
N ILE B 160 19.51 7.90 -0.13
CA ILE B 160 19.28 9.21 -0.73
C ILE B 160 20.63 9.82 -1.07
N THR B 161 20.96 9.86 -2.34
CA THR B 161 22.23 10.42 -2.76
C THR B 161 22.04 11.67 -3.61
N LEU B 162 22.95 12.62 -3.43
CA LEU B 162 22.89 13.88 -4.16
C LEU B 162 24.11 14.00 -5.07
N GLU B 163 23.88 13.97 -6.36
CA GLU B 163 24.94 14.09 -7.34
C GLU B 163 24.70 15.33 -8.19
N ASP B 164 25.73 15.77 -8.89
CA ASP B 164 25.60 16.95 -9.76
C ASP B 164 24.86 16.58 -11.04
N SER B 165 24.62 17.56 -11.89
CA SER B 165 23.92 17.36 -13.15
C SER B 165 24.64 16.34 -14.04
N SER B 166 25.95 16.27 -13.92
CA SER B 166 26.76 15.35 -14.70
C SER B 166 26.74 13.94 -14.09
N GLY B 167 27.05 13.86 -12.80
CA GLY B 167 27.06 12.57 -12.12
C GLY B 167 28.13 12.47 -11.04
N ASN B 168 28.54 13.61 -10.51
CA ASN B 168 29.55 13.66 -9.46
C ASN B 168 28.89 13.61 -8.09
N LEU B 169 29.35 12.70 -7.26
CA LEU B 169 28.80 12.52 -5.92
C LEU B 169 29.14 13.70 -5.01
N LEU B 170 28.12 14.39 -4.53
CA LEU B 170 28.31 15.53 -3.64
C LEU B 170 27.94 15.18 -2.21
N GLY B 171 26.91 14.35 -2.07
CA GLY B 171 26.47 13.92 -0.75
C GLY B 171 25.66 12.65 -0.85
N ARG B 172 25.62 11.87 0.24
CA ARG B 172 24.88 10.62 0.24
C ARG B 172 24.50 10.21 1.67
N ASN B 173 23.22 9.89 1.86
CA ASN B 173 22.73 9.47 3.16
C ASN B 173 21.82 8.26 3.00
N SER B 174 21.46 7.61 4.10
CA SER B 174 20.60 6.43 4.03
C SER B 174 19.79 6.25 5.32
N PHE B 175 18.69 5.50 5.21
CA PHE B 175 17.82 5.23 6.36
C PHE B 175 16.96 3.99 6.08
N GLU B 176 16.54 3.31 7.15
CA GLU B 176 15.72 2.12 7.02
C GLU B 176 14.25 2.51 6.90
N VAL B 177 13.49 1.75 6.13
CA VAL B 177 12.08 2.05 5.94
C VAL B 177 11.19 0.82 6.18
N ARG B 178 10.05 1.05 6.79
CA ARG B 178 9.07 0.01 7.05
C ARG B 178 7.69 0.52 6.66
N VAL B 179 7.21 0.09 5.51
CA VAL B 179 5.92 0.52 5.02
C VAL B 179 4.84 -0.47 5.42
N CYS B 180 3.80 0.04 6.07
CA CYS B 180 2.71 -0.80 6.53
C CYS B 180 1.38 -0.06 6.40
N ALA B 181 0.42 -0.42 7.24
CA ALA B 181 -0.88 0.23 7.22
C ALA B 181 -1.08 1.08 8.47
N CYS B 182 -0.19 0.93 9.43
CA CYS B 182 -0.25 1.68 10.67
C CYS B 182 1.15 1.96 11.19
N PRO B 183 1.78 3.08 10.74
CA PRO B 183 3.14 3.45 11.15
C PRO B 183 3.30 3.55 12.66
N GLY B 184 2.31 4.14 13.31
CA GLY B 184 2.35 4.30 14.75
C GLY B 184 2.27 2.98 15.48
N ARG B 185 1.54 2.03 14.89
CA ARG B 185 1.38 0.71 15.48
C ARG B 185 2.65 -0.12 15.32
N ASP B 186 3.14 -0.18 14.09
CA ASP B 186 4.34 -0.95 13.78
C ASP B 186 5.58 -0.42 14.50
N ARG B 187 5.61 0.89 14.74
CA ARG B 187 6.73 1.51 15.44
C ARG B 187 6.85 0.95 16.85
N ARG B 188 5.71 0.50 17.40
CA ARG B 188 5.66 -0.05 18.74
C ARG B 188 6.19 -1.48 18.77
N THR B 189 6.39 -2.05 17.60
CA THR B 189 6.89 -3.42 17.49
C THR B 189 8.41 -3.42 17.28
N GLU B 190 8.97 -2.24 17.04
CA GLU B 190 10.40 -2.13 16.82
C GLU B 190 11.05 -1.13 17.79
N GLU B 191 10.86 0.16 17.53
CA GLU B 191 11.44 1.20 18.39
C GLU B 191 10.88 1.11 19.81
N GLU B 192 9.58 0.91 19.91
CA GLU B 192 8.91 0.80 21.22
C GLU B 192 8.96 -0.63 21.73
N ASN B 193 9.98 -1.36 21.32
CA ASN B 193 10.16 -2.74 21.72
C ASN B 193 11.60 -3.01 22.15
N LEU B 194 12.53 -2.30 21.52
CA LEU B 194 13.94 -2.44 21.82
C LEU B 194 14.37 -1.45 22.92
N ARG B 195 13.40 -1.01 23.71
CA ARG B 195 13.65 -0.06 24.79
C ARG B 195 12.64 -0.29 25.90
ZN ZN C . 2.70 -4.98 -3.13
N MET A 4 -31.70 -24.14 8.13
CA MET A 4 -30.91 -23.06 7.49
C MET A 4 -29.66 -23.64 6.81
N SER A 5 -29.68 -23.66 5.49
CA SER A 5 -28.57 -24.19 4.71
C SER A 5 -27.42 -23.20 4.67
N GLN A 6 -27.70 -21.96 5.06
CA GLN A 6 -26.70 -20.89 5.07
C GLN A 6 -26.23 -20.58 3.65
N SER A 7 -27.18 -20.59 2.71
CA SER A 7 -26.89 -20.31 1.32
C SER A 7 -26.33 -18.90 1.15
N ASN A 8 -26.69 -18.03 2.10
CA ASN A 8 -26.23 -16.65 2.09
C ASN A 8 -24.78 -16.60 2.56
N ARG A 9 -24.49 -17.26 3.68
CA ARG A 9 -23.15 -17.31 4.23
C ARG A 9 -22.21 -18.05 3.30
N GLU A 10 -22.74 -19.09 2.65
CA GLU A 10 -21.95 -19.89 1.71
C GLU A 10 -21.50 -19.03 0.53
N LEU A 11 -22.43 -18.22 0.02
CA LEU A 11 -22.14 -17.34 -1.11
C LEU A 11 -21.03 -16.36 -0.75
N VAL A 12 -21.11 -15.80 0.46
CA VAL A 12 -20.13 -14.83 0.92
C VAL A 12 -18.73 -15.44 1.01
N VAL A 13 -18.61 -16.59 1.68
CA VAL A 13 -17.31 -17.23 1.83
C VAL A 13 -16.77 -17.75 0.50
N ASP A 14 -17.66 -18.20 -0.38
CA ASP A 14 -17.25 -18.71 -1.67
C ASP A 14 -16.71 -17.59 -2.55
N PHE A 15 -17.45 -16.48 -2.60
CA PHE A 15 -17.03 -15.32 -3.39
C PHE A 15 -15.69 -14.80 -2.89
N LEU A 16 -15.52 -14.80 -1.57
CA LEU A 16 -14.28 -14.34 -0.96
C LEU A 16 -13.13 -15.24 -1.38
N SER A 17 -13.38 -16.54 -1.40
CA SER A 17 -12.37 -17.52 -1.79
C SER A 17 -12.04 -17.38 -3.28
N TYR A 18 -13.06 -17.04 -4.07
CA TYR A 18 -12.90 -16.85 -5.50
C TYR A 18 -11.90 -15.73 -5.78
N LYS A 19 -11.96 -14.68 -4.97
CA LYS A 19 -11.05 -13.55 -5.11
C LYS A 19 -9.71 -13.84 -4.43
N LEU A 20 -9.76 -14.60 -3.35
CA LEU A 20 -8.55 -14.95 -2.61
C LEU A 20 -7.63 -15.82 -3.46
N SER A 21 -8.19 -16.43 -4.50
CA SER A 21 -7.42 -17.28 -5.39
C SER A 21 -7.11 -16.56 -6.70
N GLN A 22 -6.92 -15.25 -6.62
CA GLN A 22 -6.61 -14.43 -7.80
C GLN A 22 -5.12 -14.50 -8.15
N LYS A 23 -4.34 -13.68 -7.44
CA LYS A 23 -2.89 -13.62 -7.67
C LYS A 23 -2.23 -13.04 -6.43
N GLY A 24 -1.27 -13.77 -5.88
CA GLY A 24 -0.59 -13.29 -4.69
C GLY A 24 -1.16 -13.91 -3.43
N TYR A 25 -1.53 -15.18 -3.53
CA TYR A 25 -2.11 -15.90 -2.41
C TYR A 25 -1.12 -16.92 -1.86
N SER A 26 -1.03 -17.00 -0.53
CA SER A 26 -0.15 -17.94 0.11
C SER A 26 -0.94 -18.87 1.04
N TRP A 27 -1.21 -18.41 2.25
CA TRP A 27 -1.95 -19.19 3.23
C TRP A 27 -3.37 -19.47 2.76
N SER A 28 -3.87 -18.64 1.87
CA SER A 28 -5.22 -18.79 1.34
C SER A 28 -5.35 -20.06 0.51
N GLN A 29 -4.21 -20.63 0.10
CA GLN A 29 -4.20 -21.85 -0.68
C GLN A 29 -4.10 -23.05 0.23
N PHE A 30 -3.51 -22.86 1.40
CA PHE A 30 -3.33 -23.92 2.37
C PHE A 30 -4.57 -24.10 3.25
N SER A 31 -5.19 -22.99 3.62
CA SER A 31 -6.38 -23.02 4.45
C SER A 31 -7.56 -22.35 3.75
N MET A 86 -31.37 -24.54 -9.24
CA MET A 86 -32.06 -23.46 -8.54
C MET A 86 -31.28 -22.31 -9.18
N ALA A 87 -31.69 -21.09 -8.89
CA ALA A 87 -31.00 -19.92 -9.43
C ALA A 87 -29.56 -19.86 -8.92
N ALA A 88 -28.60 -20.01 -9.84
CA ALA A 88 -27.19 -20.00 -9.49
C ALA A 88 -26.72 -18.59 -9.10
N VAL A 89 -26.88 -18.28 -7.82
CA VAL A 89 -26.48 -16.99 -7.29
C VAL A 89 -24.96 -16.78 -7.40
N LYS A 90 -24.20 -17.86 -7.24
CA LYS A 90 -22.74 -17.77 -7.33
C LYS A 90 -22.30 -17.34 -8.73
N GLN A 91 -23.03 -17.80 -9.74
CA GLN A 91 -22.73 -17.46 -11.12
C GLN A 91 -22.97 -15.99 -11.37
N ALA A 92 -24.11 -15.48 -10.91
CA ALA A 92 -24.44 -14.07 -11.07
C ALA A 92 -23.44 -13.19 -10.33
N LEU A 93 -23.10 -13.60 -9.10
CA LEU A 93 -22.15 -12.85 -8.30
C LEU A 93 -20.75 -12.92 -8.92
N ARG A 94 -20.45 -14.04 -9.56
CA ARG A 94 -19.15 -14.23 -10.20
C ARG A 94 -18.97 -13.24 -11.35
N GLU A 95 -19.94 -13.19 -12.25
CA GLU A 95 -19.88 -12.29 -13.39
C GLU A 95 -19.77 -10.82 -12.96
N ALA A 96 -20.71 -10.39 -12.12
CA ALA A 96 -20.72 -9.02 -11.65
C ALA A 96 -19.49 -8.71 -10.79
N GLY A 97 -19.17 -9.62 -9.89
CA GLY A 97 -18.03 -9.44 -9.01
C GLY A 97 -16.70 -9.36 -9.74
N ASP A 98 -16.51 -10.24 -10.70
CA ASP A 98 -15.27 -10.25 -11.47
C ASP A 98 -15.11 -8.98 -12.27
N GLU A 99 -16.22 -8.53 -12.87
CA GLU A 99 -16.24 -7.33 -13.68
C GLU A 99 -15.92 -6.09 -12.83
N PHE A 100 -16.38 -6.10 -11.59
CA PHE A 100 -16.15 -4.97 -10.69
C PHE A 100 -14.74 -5.02 -10.08
N GLU A 101 -14.29 -6.23 -9.74
CA GLU A 101 -12.97 -6.41 -9.13
C GLU A 101 -11.86 -5.81 -9.99
N LEU A 102 -11.87 -6.11 -11.29
CA LEU A 102 -10.84 -5.61 -12.19
C LEU A 102 -10.80 -4.08 -12.23
N ARG A 103 -11.90 -3.45 -11.84
CA ARG A 103 -11.99 -2.00 -11.82
C ARG A 103 -11.53 -1.46 -10.45
N TYR A 104 -11.64 -2.30 -9.44
CA TYR A 104 -11.25 -1.93 -8.09
C TYR A 104 -9.75 -2.16 -7.87
N ARG A 105 -9.21 -3.19 -8.52
CA ARG A 105 -7.79 -3.52 -8.39
C ARG A 105 -6.90 -2.57 -9.20
N ARG A 106 -7.39 -1.38 -9.48
CA ARG A 106 -6.63 -0.40 -10.25
C ARG A 106 -5.78 0.45 -9.29
N ALA A 107 -5.84 0.11 -8.00
CA ALA A 107 -5.09 0.83 -6.95
C ALA A 107 -5.69 2.19 -6.63
N PHE A 108 -6.12 2.90 -7.65
CA PHE A 108 -6.74 4.20 -7.49
C PHE A 108 -8.22 4.12 -7.86
N SER A 109 -9.00 3.51 -6.97
CA SER A 109 -10.43 3.35 -7.20
C SER A 109 -11.22 3.76 -5.95
N ASP A 110 -12.49 3.39 -5.91
CA ASP A 110 -13.35 3.71 -4.77
C ASP A 110 -12.87 3.03 -3.50
N LEU A 111 -12.20 1.88 -3.67
CA LEU A 111 -11.68 1.12 -2.54
C LEU A 111 -10.63 1.94 -1.79
N THR A 112 -9.81 2.67 -2.55
CA THR A 112 -8.76 3.50 -1.97
C THR A 112 -9.35 4.62 -1.13
N SER A 113 -10.42 5.22 -1.63
CA SER A 113 -11.08 6.31 -0.93
C SER A 113 -11.87 5.78 0.27
N GLN A 114 -12.49 4.62 0.09
CA GLN A 114 -13.28 3.99 1.14
C GLN A 114 -12.39 3.61 2.32
N LEU A 115 -11.39 2.79 2.07
CA LEU A 115 -10.47 2.34 3.11
C LEU A 115 -9.58 3.49 3.57
N HIS A 116 -8.91 4.12 2.61
CA HIS A 116 -8.01 5.25 2.88
C HIS A 116 -6.82 4.83 3.74
N ILE A 117 -6.59 3.52 3.81
CA ILE A 117 -5.51 2.95 4.62
C ILE A 117 -5.70 3.36 6.08
N THR A 118 -6.77 2.85 6.68
CA THR A 118 -7.10 3.15 8.05
C THR A 118 -6.06 2.56 9.01
N PRO A 119 -5.70 3.32 10.07
CA PRO A 119 -4.71 2.90 11.07
C PRO A 119 -5.27 1.82 12.02
N GLY A 120 -5.98 0.88 11.43
CA GLY A 120 -6.59 -0.19 12.17
C GLY A 120 -7.24 -1.14 11.21
N THR A 121 -6.48 -1.51 10.18
CA THR A 121 -6.95 -2.40 9.12
C THR A 121 -7.15 -3.83 9.61
N ALA A 122 -8.15 -4.00 10.45
CA ALA A 122 -8.51 -5.28 11.02
C ALA A 122 -9.92 -5.19 11.55
N TYR A 123 -10.18 -4.13 12.30
CA TYR A 123 -11.50 -3.90 12.87
C TYR A 123 -12.16 -2.67 12.26
N GLN A 124 -11.36 -1.63 12.00
CA GLN A 124 -11.87 -0.40 11.41
C GLN A 124 -12.31 -0.64 9.98
N SER A 125 -11.54 -1.45 9.27
CA SER A 125 -11.84 -1.78 7.89
C SER A 125 -13.17 -2.53 7.79
N PHE A 126 -13.41 -3.40 8.78
CA PHE A 126 -14.64 -4.16 8.83
C PHE A 126 -15.84 -3.21 8.92
N GLU A 127 -15.78 -2.31 9.88
CA GLU A 127 -16.85 -1.34 10.08
C GLU A 127 -16.98 -0.43 8.87
N GLN A 128 -15.86 0.01 8.34
CA GLN A 128 -15.84 0.90 7.18
C GLN A 128 -16.55 0.29 5.97
N VAL A 129 -16.32 -0.99 5.74
CA VAL A 129 -16.93 -1.69 4.61
C VAL A 129 -18.40 -2.03 4.88
N VAL A 130 -18.67 -2.60 6.05
CA VAL A 130 -20.03 -2.98 6.42
C VAL A 130 -20.95 -1.76 6.53
N ASN A 131 -20.42 -0.67 7.05
CA ASN A 131 -21.20 0.57 7.21
C ASN A 131 -21.71 1.07 5.86
N GLU A 132 -21.00 0.70 4.79
CA GLU A 132 -21.38 1.11 3.44
C GLU A 132 -22.77 0.59 3.09
N LEU A 133 -23.08 -0.62 3.56
CA LEU A 133 -24.37 -1.22 3.31
C LEU A 133 -25.47 -0.48 4.08
N PHE A 134 -25.13 -0.02 5.28
CA PHE A 134 -26.07 0.70 6.12
C PHE A 134 -26.26 2.12 5.60
N ARG A 135 -25.30 2.60 4.82
CA ARG A 135 -25.36 3.94 4.25
C ARG A 135 -26.44 4.02 3.17
N ASP A 136 -26.87 2.87 2.70
CA ASP A 136 -27.91 2.79 1.67
C ASP A 136 -29.15 2.11 2.22
N GLY A 137 -28.97 0.92 2.74
CA GLY A 137 -30.07 0.15 3.29
C GLY A 137 -30.29 -1.11 2.49
N VAL A 138 -31.48 -1.28 1.93
CA VAL A 138 -31.80 -2.45 1.13
C VAL A 138 -31.71 -2.09 -0.34
N ASN A 139 -30.49 -2.07 -0.86
CA ASN A 139 -30.26 -1.74 -2.25
C ASN A 139 -29.42 -2.82 -2.92
N TRP A 140 -30.02 -3.49 -3.91
CA TRP A 140 -29.37 -4.56 -4.64
C TRP A 140 -28.17 -4.03 -5.42
N GLY A 141 -28.25 -2.77 -5.83
CA GLY A 141 -27.15 -2.18 -6.57
C GLY A 141 -25.99 -1.84 -5.65
N ARG A 142 -26.27 -1.82 -4.35
CA ARG A 142 -25.25 -1.50 -3.35
C ARG A 142 -24.57 -2.77 -2.85
N ILE A 143 -25.33 -3.88 -2.78
CA ILE A 143 -24.78 -5.14 -2.33
C ILE A 143 -23.65 -5.61 -3.24
N VAL A 144 -23.78 -5.30 -4.53
CA VAL A 144 -22.75 -5.68 -5.51
C VAL A 144 -21.46 -4.94 -5.18
N ALA A 145 -21.58 -3.64 -4.92
CA ALA A 145 -20.44 -2.81 -4.58
C ALA A 145 -19.83 -3.29 -3.26
N PHE A 146 -20.69 -3.64 -2.31
CA PHE A 146 -20.26 -4.13 -1.01
C PHE A 146 -19.36 -5.35 -1.17
N PHE A 147 -19.80 -6.29 -2.00
CA PHE A 147 -19.03 -7.50 -2.25
C PHE A 147 -17.74 -7.17 -2.99
N SER A 148 -17.79 -6.16 -3.84
CA SER A 148 -16.63 -5.75 -4.61
C SER A 148 -15.58 -5.10 -3.69
N PHE A 149 -16.03 -4.32 -2.72
CA PHE A 149 -15.15 -3.67 -1.77
C PHE A 149 -14.34 -4.71 -1.00
N GLY A 150 -15.04 -5.66 -0.39
CA GLY A 150 -14.37 -6.70 0.38
C GLY A 150 -13.62 -7.67 -0.50
N GLY A 151 -14.15 -7.92 -1.70
CA GLY A 151 -13.51 -8.83 -2.62
C GLY A 151 -12.15 -8.36 -3.07
N ALA A 152 -12.05 -7.11 -3.49
CA ALA A 152 -10.78 -6.57 -3.96
C ALA A 152 -9.82 -6.39 -2.78
N LEU A 153 -10.38 -6.14 -1.61
CA LEU A 153 -9.59 -5.94 -0.40
C LEU A 153 -8.94 -7.24 0.07
N CYS A 154 -9.69 -8.35 0.01
CA CYS A 154 -9.17 -9.64 0.46
C CYS A 154 -7.94 -10.06 -0.34
N VAL A 155 -7.96 -9.79 -1.64
CA VAL A 155 -6.83 -10.13 -2.50
C VAL A 155 -5.58 -9.38 -2.07
N GLU A 156 -5.74 -8.08 -1.85
CA GLU A 156 -4.63 -7.23 -1.44
C GLU A 156 -4.21 -7.52 0.00
N SER A 157 -5.09 -8.17 0.75
CA SER A 157 -4.81 -8.52 2.14
C SER A 157 -3.75 -9.62 2.23
N VAL A 158 -3.83 -10.57 1.30
CA VAL A 158 -2.87 -11.67 1.26
C VAL A 158 -1.67 -11.31 0.40
N ASP A 159 -1.94 -10.52 -0.65
CA ASP A 159 -0.91 -10.07 -1.57
C ASP A 159 0.14 -9.23 -0.84
N LYS A 160 -0.31 -8.40 0.09
CA LYS A 160 0.59 -7.57 0.88
C LYS A 160 0.99 -8.29 2.16
N GLU A 161 0.65 -9.58 2.23
CA GLU A 161 0.94 -10.42 3.39
C GLU A 161 0.62 -9.75 4.71
N MET A 162 -0.61 -9.26 4.83
CA MET A 162 -1.05 -8.61 6.06
C MET A 162 -1.73 -9.63 6.96
N GLN A 163 -2.50 -10.52 6.34
CA GLN A 163 -3.22 -11.58 7.03
C GLN A 163 -4.35 -11.08 7.94
N VAL A 164 -3.99 -10.38 9.01
CA VAL A 164 -4.93 -9.85 10.00
C VAL A 164 -6.10 -9.08 9.38
N LEU A 165 -5.86 -8.44 8.24
CA LEU A 165 -6.88 -7.66 7.55
C LEU A 165 -8.12 -8.50 7.26
N VAL A 166 -8.00 -9.44 6.33
CA VAL A 166 -9.11 -10.29 5.95
C VAL A 166 -9.47 -11.32 7.02
N SER A 167 -8.47 -11.76 7.78
CA SER A 167 -8.68 -12.76 8.83
C SER A 167 -9.58 -12.25 9.96
N ARG A 168 -9.72 -10.94 10.08
CA ARG A 168 -10.56 -10.37 11.11
C ARG A 168 -11.92 -9.97 10.56
N ILE A 169 -11.91 -9.30 9.40
CA ILE A 169 -13.15 -8.86 8.77
C ILE A 169 -14.07 -10.04 8.48
N ALA A 170 -13.51 -11.08 7.89
CA ALA A 170 -14.28 -12.28 7.54
C ALA A 170 -14.96 -12.90 8.75
N ALA A 171 -14.23 -12.99 9.86
CA ALA A 171 -14.76 -13.57 11.08
C ALA A 171 -15.95 -12.77 11.61
N TRP A 172 -15.74 -11.47 11.80
CA TRP A 172 -16.78 -10.60 12.31
C TRP A 172 -17.98 -10.56 11.36
N MET A 173 -17.69 -10.44 10.08
CA MET A 173 -18.73 -10.38 9.05
C MET A 173 -19.57 -11.66 9.03
N ALA A 174 -18.90 -12.81 9.05
CA ALA A 174 -19.59 -14.10 9.03
C ALA A 174 -20.48 -14.26 10.26
N THR A 175 -20.02 -13.75 11.39
CA THR A 175 -20.78 -13.84 12.63
C THR A 175 -22.03 -12.97 12.56
N TYR A 176 -21.85 -11.71 12.19
CA TYR A 176 -22.96 -10.77 12.07
C TYR A 176 -23.92 -11.20 10.97
N LEU A 177 -23.36 -11.79 9.93
CA LEU A 177 -24.14 -12.28 8.79
C LEU A 177 -25.15 -13.32 9.24
N ASN A 178 -24.67 -14.45 9.74
CA ASN A 178 -25.56 -15.52 10.18
C ASN A 178 -26.48 -15.09 11.31
N ASP A 179 -25.99 -14.17 12.14
CA ASP A 179 -26.76 -13.69 13.27
C ASP A 179 -27.99 -12.86 12.87
N HIS A 180 -27.80 -11.92 11.96
CA HIS A 180 -28.91 -11.06 11.56
C HIS A 180 -29.09 -10.95 10.04
N LEU A 181 -28.00 -10.75 9.32
CA LEU A 181 -28.05 -10.60 7.87
C LEU A 181 -28.70 -11.77 7.13
N GLU A 182 -28.29 -12.99 7.45
CA GLU A 182 -28.85 -14.18 6.80
C GLU A 182 -30.38 -14.25 6.92
N PRO A 183 -30.93 -14.28 8.16
CA PRO A 183 -32.39 -14.33 8.35
C PRO A 183 -33.09 -13.11 7.74
N TRP A 184 -32.40 -11.98 7.72
CA TRP A 184 -32.94 -10.75 7.15
C TRP A 184 -33.10 -10.90 5.64
N ILE A 185 -32.07 -11.45 5.01
CA ILE A 185 -32.08 -11.68 3.57
C ILE A 185 -33.16 -12.72 3.23
N GLN A 186 -33.23 -13.75 4.06
CA GLN A 186 -34.20 -14.83 3.87
C GLN A 186 -35.62 -14.42 4.27
N GLU A 187 -35.92 -13.14 4.14
CA GLU A 187 -37.23 -12.62 4.49
C GLU A 187 -37.54 -11.37 3.67
N ASN A 188 -36.66 -10.38 3.79
CA ASN A 188 -36.84 -9.10 3.09
C ASN A 188 -36.44 -9.25 1.62
N GLY A 189 -35.57 -10.20 1.34
CA GLY A 189 -35.12 -10.41 -0.02
C GLY A 189 -33.71 -9.87 -0.23
N GLY A 190 -32.81 -10.74 -0.65
CA GLY A 190 -31.45 -10.33 -0.89
C GLY A 190 -30.93 -10.81 -2.23
N TRP A 191 -30.08 -11.83 -2.20
CA TRP A 191 -29.52 -12.40 -3.41
C TRP A 191 -30.60 -13.00 -4.29
N ASP A 192 -31.67 -13.45 -3.65
CA ASP A 192 -32.80 -14.05 -4.34
C ASP A 192 -33.46 -13.04 -5.28
N THR A 193 -33.75 -11.86 -4.76
CA THR A 193 -34.37 -10.82 -5.55
C THR A 193 -33.37 -10.21 -6.52
N PHE A 194 -32.09 -10.36 -6.22
CA PHE A 194 -31.04 -9.85 -7.08
C PHE A 194 -31.05 -10.59 -8.41
N VAL A 195 -31.21 -11.91 -8.34
CA VAL A 195 -31.26 -12.73 -9.54
C VAL A 195 -32.49 -12.36 -10.37
N GLU A 196 -33.56 -12.00 -9.69
CA GLU A 196 -34.81 -11.61 -10.34
C GLU A 196 -34.62 -10.39 -11.22
N LEU A 197 -33.77 -9.46 -10.78
CA LEU A 197 -33.50 -8.25 -11.54
C LEU A 197 -32.14 -8.31 -12.25
N TYR A 198 -31.69 -9.51 -12.56
CA TYR A 198 -30.41 -9.70 -13.23
C TYR A 198 -30.49 -10.82 -14.26
N GLY A 199 -30.71 -12.05 -13.78
CA GLY A 199 -30.79 -13.19 -14.68
C GLY A 199 -32.21 -13.55 -15.05
N ASN A 200 -33.15 -13.24 -14.16
CA ASN A 200 -34.56 -13.54 -14.41
C ASN A 200 -35.27 -12.31 -14.96
N ASN A 201 -34.49 -11.30 -15.33
CA ASN A 201 -35.03 -10.07 -15.86
C ASN A 201 -34.70 -9.95 -17.33
N SER B 1 24.56 -6.46 -7.52
CA SER B 1 25.52 -5.40 -7.25
C SER B 1 25.00 -4.45 -6.17
N VAL B 2 25.65 -4.44 -5.03
CA VAL B 2 25.27 -3.58 -3.93
C VAL B 2 25.88 -2.19 -4.09
N PRO B 3 25.04 -1.15 -4.16
CA PRO B 3 25.51 0.23 -4.32
C PRO B 3 26.23 0.73 -3.08
N SER B 4 27.03 1.78 -3.24
CA SER B 4 27.78 2.37 -2.15
C SER B 4 26.84 3.06 -1.17
N GLN B 5 26.61 2.41 -0.03
CA GLN B 5 25.73 2.94 1.00
C GLN B 5 26.51 3.70 2.07
N LYS B 6 27.80 3.86 1.82
CA LYS B 6 28.67 4.58 2.76
C LYS B 6 28.22 6.02 2.91
N THR B 7 27.99 6.42 4.16
CA THR B 7 27.55 7.78 4.47
C THR B 7 28.56 8.80 3.97
N TYR B 8 28.07 9.74 3.18
CA TYR B 8 28.92 10.78 2.61
C TYR B 8 28.27 12.14 2.85
N GLN B 9 28.86 12.91 3.75
CA GLN B 9 28.33 14.23 4.07
C GLN B 9 28.79 15.24 3.03
N GLY B 10 30.06 15.12 2.65
CA GLY B 10 30.61 16.01 1.66
C GLY B 10 30.84 17.41 2.19
N SER B 11 31.28 18.31 1.32
CA SER B 11 31.53 19.69 1.70
C SER B 11 30.22 20.45 1.93
N TYR B 12 29.15 19.95 1.35
CA TYR B 12 27.84 20.58 1.47
C TYR B 12 27.05 20.05 2.66
N GLY B 13 27.60 19.04 3.33
CA GLY B 13 26.94 18.46 4.49
C GLY B 13 25.54 17.94 4.20
N PHE B 14 25.46 16.87 3.42
CA PHE B 14 24.19 16.28 3.06
C PHE B 14 23.64 15.41 4.19
N ARG B 15 22.71 15.97 4.95
CA ARG B 15 22.10 15.25 6.07
C ARG B 15 20.63 14.98 5.76
N LEU B 16 20.04 14.04 6.49
CA LEU B 16 18.64 13.70 6.28
C LEU B 16 17.76 14.22 7.39
N GLY B 17 16.67 14.88 7.01
CA GLY B 17 15.74 15.42 7.97
C GLY B 17 14.35 14.85 7.76
N PHE B 18 13.62 14.63 8.84
CA PHE B 18 12.28 14.07 8.74
C PHE B 18 11.33 14.80 9.69
N LEU B 19 10.04 14.55 9.51
CA LEU B 19 9.04 15.17 10.35
C LEU B 19 8.71 14.26 11.54
N HIS B 20 9.00 14.74 12.73
CA HIS B 20 8.75 13.98 13.95
C HIS B 20 7.29 14.10 14.35
N SER B 21 6.44 13.32 13.70
CA SER B 21 5.02 13.33 13.98
C SER B 21 4.71 12.78 15.37
N GLY B 22 5.31 11.64 15.69
CA GLY B 22 5.09 11.04 16.99
C GLY B 22 4.74 9.57 16.87
N THR B 23 4.41 8.95 17.99
CA THR B 23 4.06 7.54 18.04
C THR B 23 2.55 7.35 17.91
N ALA B 24 1.89 8.33 17.32
CA ALA B 24 0.44 8.29 17.12
C ALA B 24 0.05 7.11 16.23
N LYS B 25 -0.97 6.37 16.66
CA LYS B 25 -1.45 5.21 15.93
C LYS B 25 -2.00 5.64 14.57
N SER B 26 -2.81 6.68 14.58
CA SER B 26 -3.40 7.20 13.36
C SER B 26 -2.53 8.31 12.77
N VAL B 27 -1.59 7.92 11.92
CA VAL B 27 -0.69 8.89 11.30
C VAL B 27 -0.29 8.42 9.90
N THR B 28 -0.08 9.37 9.01
CA THR B 28 0.30 9.08 7.63
C THR B 28 1.70 8.47 7.57
N CYS B 29 2.62 9.03 8.34
CA CYS B 29 3.98 8.54 8.38
C CYS B 29 4.66 8.99 9.66
N THR B 30 5.61 8.20 10.13
CA THR B 30 6.34 8.51 11.35
C THR B 30 7.80 8.11 11.20
N TYR B 31 8.68 8.82 11.88
CA TYR B 31 10.11 8.54 11.81
C TYR B 31 10.68 8.24 13.19
N SER B 32 11.39 7.13 13.29
CA SER B 32 12.00 6.71 14.53
C SER B 32 13.47 7.13 14.55
N PRO B 33 13.80 8.20 15.30
CA PRO B 33 15.16 8.71 15.38
C PRO B 33 16.08 7.84 16.24
N ALA B 34 15.50 6.89 16.95
CA ALA B 34 16.27 6.01 17.82
C ALA B 34 16.98 4.92 17.02
N LEU B 35 16.39 4.54 15.88
CA LEU B 35 16.98 3.50 15.04
C LEU B 35 17.11 3.96 13.59
N ASN B 36 16.80 5.24 13.35
CA ASN B 36 16.86 5.81 12.00
C ASN B 36 15.98 5.01 11.03
N LYS B 37 14.74 4.79 11.44
CA LYS B 37 13.80 4.01 10.64
C LYS B 37 12.53 4.81 10.40
N MET B 38 12.08 4.85 9.15
CA MET B 38 10.89 5.57 8.78
C MET B 38 9.74 4.61 8.51
N PHE B 39 8.60 4.85 9.15
CA PHE B 39 7.42 4.01 8.98
C PHE B 39 6.41 4.74 8.11
N CYS B 40 6.16 4.21 6.93
CA CYS B 40 5.22 4.82 6.00
C CYS B 40 3.99 3.96 5.79
N GLN B 41 2.97 4.54 5.18
CA GLN B 41 1.74 3.83 4.90
C GLN B 41 1.66 3.50 3.41
N LEU B 42 0.68 2.68 3.04
CA LEU B 42 0.52 2.28 1.65
C LEU B 42 -0.07 3.41 0.81
N ALA B 43 0.66 3.80 -0.22
CA ALA B 43 0.24 4.86 -1.15
C ALA B 43 0.10 6.22 -0.47
N LYS B 44 0.81 6.40 0.63
CA LYS B 44 0.77 7.66 1.36
C LYS B 44 2.05 8.45 1.17
N THR B 45 1.91 9.72 0.82
CA THR B 45 3.05 10.59 0.58
C THR B 45 3.83 10.84 1.87
N CYS B 46 5.14 10.64 1.80
CA CYS B 46 6.02 10.83 2.94
C CYS B 46 6.98 12.00 2.66
N PRO B 47 6.91 13.06 3.48
CA PRO B 47 7.75 14.23 3.33
C PRO B 47 9.16 14.04 3.93
N VAL B 48 10.17 14.09 3.07
CA VAL B 48 11.55 13.93 3.48
C VAL B 48 12.28 15.27 3.27
N GLN B 49 13.09 15.67 4.23
CA GLN B 49 13.81 16.92 4.12
C GLN B 49 15.31 16.71 3.92
N LEU B 50 15.89 17.51 3.04
CA LEU B 50 17.31 17.44 2.77
C LEU B 50 18.02 18.51 3.58
N TRP B 51 18.54 18.13 4.74
CA TRP B 51 19.23 19.07 5.61
C TRP B 51 20.66 19.27 5.17
N VAL B 52 20.86 20.20 4.24
CA VAL B 52 22.19 20.51 3.73
C VAL B 52 22.85 21.59 4.58
N ASP B 53 24.16 21.47 4.75
CA ASP B 53 24.92 22.44 5.53
C ASP B 53 25.34 23.62 4.66
N SER B 54 25.38 23.38 3.36
CA SER B 54 25.74 24.41 2.40
C SER B 54 24.87 24.28 1.16
N THR B 55 24.54 25.41 0.55
CA THR B 55 23.70 25.44 -0.63
C THR B 55 24.40 24.78 -1.82
N PRO B 56 23.86 23.65 -2.29
CA PRO B 56 24.43 22.90 -3.41
C PRO B 56 24.19 23.61 -4.74
N PRO B 57 25.10 23.44 -5.70
CA PRO B 57 25.00 24.06 -7.03
C PRO B 57 23.70 23.67 -7.73
N PRO B 58 23.02 24.64 -8.36
CA PRO B 58 21.76 24.40 -9.08
C PRO B 58 21.93 23.37 -10.19
N GLY B 59 20.89 22.58 -10.42
CA GLY B 59 20.95 21.55 -11.43
C GLY B 59 21.48 20.24 -10.88
N THR B 60 21.38 20.09 -9.57
CA THR B 60 21.82 18.88 -8.90
C THR B 60 20.78 17.77 -9.05
N ARG B 61 21.22 16.54 -8.91
CA ARG B 61 20.34 15.39 -9.05
C ARG B 61 20.18 14.62 -7.75
N VAL B 62 18.94 14.51 -7.29
CA VAL B 62 18.63 13.77 -6.07
C VAL B 62 18.19 12.37 -6.46
N ARG B 63 19.03 11.39 -6.16
CA ARG B 63 18.72 10.01 -6.50
C ARG B 63 18.36 9.21 -5.27
N ALA B 64 17.30 8.42 -5.37
CA ALA B 64 16.85 7.60 -4.27
C ALA B 64 16.71 6.14 -4.71
N MET B 65 17.52 5.28 -4.12
CA MET B 65 17.49 3.85 -4.43
C MET B 65 17.29 3.05 -3.15
N ALA B 66 16.36 2.12 -3.17
CA ALA B 66 16.07 1.32 -1.99
C ALA B 66 16.62 -0.10 -2.12
N ILE B 67 17.24 -0.56 -1.05
CA ILE B 67 17.79 -1.91 -0.98
C ILE B 67 17.26 -2.59 0.27
N TYR B 68 17.61 -3.84 0.48
CA TYR B 68 17.14 -4.56 1.66
C TYR B 68 18.09 -4.38 2.83
N LYS B 69 17.58 -4.51 4.04
CA LYS B 69 18.41 -4.35 5.24
C LYS B 69 19.40 -5.50 5.36
N GLN B 70 18.96 -6.69 4.99
CA GLN B 70 19.80 -7.87 5.04
C GLN B 70 20.92 -7.77 4.01
N SER B 71 22.16 -7.80 4.49
CA SER B 71 23.34 -7.70 3.64
C SER B 71 23.34 -8.73 2.51
N GLN B 72 22.95 -9.96 2.83
CA GLN B 72 22.92 -11.03 1.83
C GLN B 72 21.75 -10.89 0.87
N HIS B 73 20.83 -9.99 1.16
CA HIS B 73 19.67 -9.77 0.31
C HIS B 73 19.76 -8.41 -0.37
N MET B 74 20.84 -7.68 -0.10
CA MET B 74 21.05 -6.35 -0.68
C MET B 74 21.22 -6.41 -2.19
N THR B 75 21.60 -7.58 -2.68
CA THR B 75 21.82 -7.80 -4.10
C THR B 75 20.48 -7.86 -4.85
N GLU B 76 19.40 -8.07 -4.10
CA GLU B 76 18.07 -8.17 -4.68
C GLU B 76 17.48 -6.77 -4.88
N VAL B 77 16.55 -6.65 -5.81
CA VAL B 77 15.91 -5.38 -6.09
C VAL B 77 14.52 -5.33 -5.48
N VAL B 78 14.22 -4.25 -4.78
CA VAL B 78 12.92 -4.08 -4.14
C VAL B 78 11.85 -3.78 -5.19
N ARG B 79 10.89 -4.67 -5.31
CA ARG B 79 9.81 -4.51 -6.28
C ARG B 79 8.45 -4.70 -5.62
N ARG B 80 7.40 -4.71 -6.45
CA ARG B 80 6.04 -4.84 -5.96
C ARG B 80 5.67 -6.30 -5.71
N CYS B 81 4.41 -6.53 -5.36
CA CYS B 81 3.90 -7.86 -5.08
C CYS B 81 3.09 -8.40 -6.26
N PRO B 82 2.77 -9.72 -6.26
CA PRO B 82 2.01 -10.38 -7.32
C PRO B 82 0.72 -9.67 -7.74
N HIS B 83 0.08 -8.95 -6.83
CA HIS B 83 -1.12 -8.22 -7.18
C HIS B 83 -0.92 -6.74 -6.93
N HIS B 84 -0.13 -6.12 -7.81
CA HIS B 84 0.18 -4.70 -7.72
C HIS B 84 0.75 -4.19 -9.04
N GLU B 85 1.47 -5.05 -9.74
CA GLU B 85 2.08 -4.70 -11.02
C GLU B 85 1.00 -4.55 -12.08
N ARG B 86 0.09 -5.52 -12.14
CA ARG B 86 -0.99 -5.51 -13.12
C ARG B 86 -2.11 -4.55 -12.72
N CYS B 87 -1.93 -3.90 -11.58
CA CYS B 87 -2.93 -2.96 -11.09
C CYS B 87 -3.05 -1.76 -12.03
N SER B 88 -1.93 -1.42 -12.68
CA SER B 88 -1.87 -0.30 -13.62
C SER B 88 -2.23 1.02 -12.94
N ASP B 89 -1.46 1.37 -11.91
CA ASP B 89 -1.67 2.59 -11.16
C ASP B 89 -0.78 3.71 -11.70
N SER B 90 -0.52 3.66 -12.99
CA SER B 90 0.30 4.65 -13.65
C SER B 90 -0.48 5.94 -13.91
N ASP B 91 0.03 7.04 -13.39
CA ASP B 91 -0.62 8.34 -13.56
C ASP B 91 -0.33 8.93 -14.94
N GLY B 92 0.65 8.35 -15.61
CA GLY B 92 1.03 8.81 -16.93
C GLY B 92 2.51 9.09 -16.98
N LEU B 93 3.07 9.48 -15.85
CA LEU B 93 4.50 9.76 -15.76
C LEU B 93 5.16 8.67 -14.93
N ALA B 94 4.55 8.35 -13.80
CA ALA B 94 5.08 7.33 -12.91
C ALA B 94 4.80 5.94 -13.46
N PRO B 95 5.83 5.09 -13.54
CA PRO B 95 5.70 3.73 -14.04
C PRO B 95 5.10 2.80 -12.99
N PRO B 96 4.18 1.91 -13.39
CA PRO B 96 3.53 0.97 -12.48
C PRO B 96 4.50 -0.04 -11.87
N GLN B 97 5.70 -0.10 -12.43
CA GLN B 97 6.73 -1.01 -11.93
C GLN B 97 7.53 -0.38 -10.80
N HIS B 98 7.44 0.95 -10.69
CA HIS B 98 8.19 1.67 -9.66
C HIS B 98 7.46 1.68 -8.32
N LEU B 99 8.19 1.31 -7.28
CA LEU B 99 7.65 1.26 -5.93
C LEU B 99 7.69 2.63 -5.28
N ILE B 100 8.79 3.35 -5.46
CA ILE B 100 8.96 4.67 -4.89
C ILE B 100 8.78 5.74 -5.96
N ARG B 101 7.78 6.59 -5.75
CA ARG B 101 7.50 7.67 -6.69
C ARG B 101 7.62 9.01 -5.97
N VAL B 102 7.48 10.10 -6.72
CA VAL B 102 7.59 11.43 -6.14
C VAL B 102 6.33 12.25 -6.42
N GLU B 103 5.84 12.93 -5.39
CA GLU B 103 4.65 13.77 -5.52
C GLU B 103 4.99 15.20 -5.14
N GLY B 104 4.10 16.13 -5.47
CA GLY B 104 4.33 17.52 -5.16
C GLY B 104 5.13 18.24 -6.22
N ASN B 105 6.21 17.60 -6.66
CA ASN B 105 7.06 18.18 -7.70
C ASN B 105 6.67 17.63 -9.06
N LEU B 106 6.49 18.52 -10.03
CA LEU B 106 6.14 18.11 -11.39
C LEU B 106 7.37 17.59 -12.12
N ARG B 107 8.54 17.99 -11.64
CA ARG B 107 9.80 17.57 -12.24
C ARG B 107 10.23 16.22 -11.67
N VAL B 108 9.51 15.18 -12.03
CA VAL B 108 9.81 13.85 -11.54
C VAL B 108 10.33 12.95 -12.67
N GLU B 109 11.50 12.37 -12.45
CA GLU B 109 12.11 11.49 -13.41
C GLU B 109 12.49 10.17 -12.74
N TYR B 110 12.55 9.11 -13.53
CA TYR B 110 12.88 7.79 -13.01
C TYR B 110 14.04 7.19 -13.78
N LEU B 111 14.95 6.54 -13.07
CA LEU B 111 16.11 5.92 -13.70
C LEU B 111 16.08 4.42 -13.50
N ASP B 112 15.95 3.69 -14.61
CA ASP B 112 15.91 2.25 -14.57
C ASP B 112 17.23 1.67 -15.01
N ASP B 113 18.05 1.25 -14.06
CA ASP B 113 19.35 0.67 -14.37
C ASP B 113 19.17 -0.69 -15.06
N ARG B 114 20.03 -0.97 -16.01
CA ARG B 114 19.96 -2.22 -16.74
C ARG B 114 21.07 -3.18 -16.31
N ASN B 115 22.03 -2.68 -15.54
CA ASN B 115 23.14 -3.50 -15.08
C ASN B 115 22.65 -4.58 -14.13
N THR B 116 21.92 -4.15 -13.10
CA THR B 116 21.38 -5.07 -12.12
C THR B 116 19.88 -4.85 -11.97
N PHE B 117 19.32 -4.08 -12.90
CA PHE B 117 17.90 -3.76 -12.90
C PHE B 117 17.52 -2.94 -11.68
N ARG B 118 18.40 -2.02 -11.30
CA ARG B 118 18.19 -1.17 -10.14
C ARG B 118 17.23 -0.03 -10.46
N HIS B 119 15.97 -0.22 -10.12
CA HIS B 119 14.96 0.80 -10.33
C HIS B 119 15.13 1.89 -9.27
N SER B 120 15.33 3.13 -9.70
CA SER B 120 15.50 4.22 -8.77
C SER B 120 14.88 5.50 -9.30
N VAL B 121 14.56 6.42 -8.40
CA VAL B 121 13.96 7.69 -8.79
C VAL B 121 15.02 8.79 -8.71
N VAL B 122 14.96 9.74 -9.64
CA VAL B 122 15.91 10.84 -9.68
C VAL B 122 15.22 12.14 -10.05
N VAL B 123 15.26 13.10 -9.15
CA VAL B 123 14.63 14.40 -9.37
C VAL B 123 15.65 15.52 -9.23
N PRO B 124 15.40 16.66 -9.89
CA PRO B 124 16.29 17.82 -9.81
C PRO B 124 16.19 18.47 -8.42
N TYR B 125 17.31 19.00 -7.95
CA TYR B 125 17.33 19.67 -6.65
C TYR B 125 16.62 21.01 -6.72
N GLU B 126 15.55 21.13 -5.94
CA GLU B 126 14.78 22.36 -5.88
C GLU B 126 15.48 23.38 -5.01
N PRO B 127 15.57 24.63 -5.47
CA PRO B 127 16.23 25.72 -4.73
C PRO B 127 15.42 26.11 -3.50
N PRO B 128 16.10 26.63 -2.46
CA PRO B 128 15.44 27.08 -1.23
C PRO B 128 14.49 28.24 -1.50
N GLU B 129 13.19 27.95 -1.50
CA GLU B 129 12.17 28.95 -1.74
C GLU B 129 11.96 29.82 -0.51
N VAL B 130 11.05 30.79 -0.62
CA VAL B 130 10.75 31.69 0.49
C VAL B 130 10.20 30.92 1.68
N GLY B 131 10.98 30.86 2.76
CA GLY B 131 10.57 30.17 3.95
C GLY B 131 10.84 28.67 3.86
N SER B 132 11.64 28.28 2.89
CA SER B 132 11.98 26.87 2.69
C SER B 132 13.49 26.67 2.78
N ASP B 133 13.99 26.63 4.01
CA ASP B 133 15.41 26.44 4.25
C ASP B 133 15.81 25.00 4.02
N CYS B 134 14.93 24.09 4.40
CA CYS B 134 15.20 22.67 4.25
C CYS B 134 14.35 22.08 3.11
N THR B 135 15.00 21.78 2.00
CA THR B 135 14.34 21.22 0.83
C THR B 135 13.49 19.99 1.21
N THR B 136 12.19 20.11 1.03
CA THR B 136 11.28 19.03 1.36
C THR B 136 10.75 18.34 0.10
N ILE B 137 11.04 17.04 -0.01
CA ILE B 137 10.60 16.26 -1.15
C ILE B 137 9.58 15.23 -0.67
N HIS B 138 8.53 15.03 -1.44
CA HIS B 138 7.49 14.07 -1.08
C HIS B 138 7.65 12.77 -1.84
N TYR B 139 7.90 11.69 -1.12
CA TYR B 139 8.07 10.38 -1.73
C TYR B 139 6.82 9.53 -1.51
N ASN B 140 6.46 8.71 -2.48
CA ASN B 140 5.29 7.86 -2.37
C ASN B 140 5.67 6.39 -2.41
N TYR B 141 5.36 5.68 -1.35
CA TYR B 141 5.64 4.25 -1.28
C TYR B 141 4.38 3.48 -1.70
N MET B 142 4.40 2.96 -2.91
CA MET B 142 3.25 2.26 -3.48
C MET B 142 3.18 0.79 -3.06
N CYS B 143 3.96 0.39 -2.07
CA CYS B 143 3.96 -0.99 -1.59
C CYS B 143 4.39 -1.06 -0.14
N ASN B 144 3.96 -2.13 0.53
CA ASN B 144 4.29 -2.34 1.93
C ASN B 144 5.51 -3.25 2.06
N SER B 145 6.21 -3.16 3.18
CA SER B 145 7.39 -3.98 3.40
C SER B 145 7.02 -5.44 3.63
N SER B 146 5.74 -5.68 3.88
CA SER B 146 5.24 -7.02 4.12
C SER B 146 4.81 -7.67 2.79
N CYS B 147 4.70 -6.86 1.74
CA CYS B 147 4.27 -7.32 0.42
C CYS B 147 5.06 -8.55 -0.03
N MET B 148 4.35 -9.67 -0.15
CA MET B 148 4.94 -10.93 -0.59
C MET B 148 5.42 -10.83 -2.03
N GLY B 149 6.42 -11.62 -2.39
CA GLY B 149 6.93 -11.60 -3.74
C GLY B 149 8.07 -10.61 -3.88
N GLY B 150 7.81 -9.37 -3.50
CA GLY B 150 8.84 -8.34 -3.58
C GLY B 150 9.66 -8.30 -2.31
N MET B 151 9.25 -7.41 -1.40
CA MET B 151 9.95 -7.26 -0.13
C MET B 151 9.84 -8.54 0.70
N ASN B 152 8.66 -9.16 0.66
CA ASN B 152 8.39 -10.40 1.36
C ASN B 152 8.72 -10.33 2.86
N ARG B 153 8.10 -9.38 3.54
CA ARG B 153 8.30 -9.20 4.99
C ARG B 153 9.76 -8.91 5.35
N ARG B 154 10.40 -8.05 4.57
CA ARG B 154 11.79 -7.68 4.81
C ARG B 154 11.93 -6.16 4.83
N PRO B 155 12.64 -5.62 5.84
CA PRO B 155 12.86 -4.18 5.96
C PRO B 155 13.81 -3.68 4.89
N ILE B 156 13.63 -2.44 4.46
CA ILE B 156 14.46 -1.88 3.41
C ILE B 156 15.25 -0.66 3.89
N LEU B 157 16.22 -0.28 3.08
CA LEU B 157 17.07 0.87 3.34
C LEU B 157 17.08 1.77 2.12
N THR B 158 16.50 2.94 2.24
CA THR B 158 16.46 3.88 1.13
C THR B 158 17.69 4.78 1.15
N ILE B 159 18.48 4.68 0.10
CA ILE B 159 19.69 5.48 -0.04
C ILE B 159 19.39 6.77 -0.79
N ILE B 160 19.47 7.88 -0.07
CA ILE B 160 19.23 9.19 -0.66
C ILE B 160 20.58 9.81 -0.98
N THR B 161 20.83 10.06 -2.24
CA THR B 161 22.10 10.63 -2.66
C THR B 161 21.91 11.88 -3.51
N LEU B 162 22.92 12.74 -3.51
CA LEU B 162 22.89 13.97 -4.26
C LEU B 162 24.13 14.09 -5.13
N GLU B 163 23.94 14.01 -6.44
CA GLU B 163 25.03 14.12 -7.39
C GLU B 163 24.81 15.34 -8.26
N ASP B 164 25.85 15.75 -8.98
CA ASP B 164 25.74 16.89 -9.88
C ASP B 164 25.11 16.46 -11.20
N SER B 165 24.99 17.38 -12.14
CA SER B 165 24.41 17.08 -13.44
C SER B 165 25.20 16.00 -14.18
N SER B 166 26.50 15.96 -13.95
CA SER B 166 27.36 14.97 -14.58
C SER B 166 27.26 13.63 -13.86
N GLY B 167 27.44 13.66 -12.54
CA GLY B 167 27.36 12.45 -11.76
C GLY B 167 28.38 12.42 -10.64
N ASN B 168 28.81 13.58 -10.19
CA ASN B 168 29.80 13.67 -9.11
C ASN B 168 29.09 13.61 -7.77
N LEU B 169 29.52 12.69 -6.92
CA LEU B 169 28.93 12.50 -5.60
C LEU B 169 29.23 13.68 -4.69
N LEU B 170 28.18 14.40 -4.30
CA LEU B 170 28.33 15.55 -3.41
C LEU B 170 27.89 15.19 -1.99
N GLY B 171 26.92 14.29 -1.90
CA GLY B 171 26.42 13.85 -0.61
C GLY B 171 25.59 12.59 -0.74
N ARG B 172 25.59 11.77 0.29
CA ARG B 172 24.84 10.52 0.28
C ARG B 172 24.52 10.06 1.70
N ASN B 173 23.27 9.70 1.94
CA ASN B 173 22.85 9.23 3.25
C ASN B 173 21.86 8.07 3.09
N SER B 174 21.60 7.32 4.15
CA SER B 174 20.69 6.19 4.07
C SER B 174 19.93 5.99 5.36
N PHE B 175 18.67 5.60 5.25
CA PHE B 175 17.81 5.36 6.40
C PHE B 175 16.98 4.10 6.19
N GLU B 176 16.53 3.50 7.29
CA GLU B 176 15.74 2.28 7.22
C GLU B 176 14.27 2.62 7.01
N VAL B 177 13.56 1.79 6.25
CA VAL B 177 12.15 2.05 5.97
C VAL B 177 11.31 0.79 6.19
N ARG B 178 10.12 0.99 6.73
CA ARG B 178 9.17 -0.09 6.96
C ARG B 178 7.77 0.40 6.62
N VAL B 179 7.33 0.11 5.42
CA VAL B 179 6.00 0.54 4.97
C VAL B 179 4.95 -0.45 5.45
N CYS B 180 4.01 0.03 6.25
CA CYS B 180 2.96 -0.81 6.80
C CYS B 180 1.61 -0.14 6.65
N ALA B 181 0.61 -0.63 7.38
CA ALA B 181 -0.72 -0.07 7.34
C ALA B 181 -0.94 0.89 8.49
N CYS B 182 -0.19 0.68 9.57
CA CYS B 182 -0.29 1.52 10.75
C CYS B 182 1.10 1.87 11.27
N PRO B 183 1.68 2.99 10.81
CA PRO B 183 3.02 3.43 11.20
C PRO B 183 3.18 3.53 12.71
N GLY B 184 2.19 4.11 13.37
CA GLY B 184 2.25 4.27 14.81
C GLY B 184 2.23 2.95 15.55
N ARG B 185 1.48 1.99 15.01
CA ARG B 185 1.37 0.67 15.62
C ARG B 185 2.64 -0.13 15.40
N ASP B 186 3.03 -0.26 14.14
CA ASP B 186 4.21 -1.03 13.76
C ASP B 186 5.48 -0.50 14.43
N ARG B 187 5.54 0.80 14.67
CA ARG B 187 6.69 1.41 15.31
C ARG B 187 6.86 0.88 16.74
N ARG B 188 5.74 0.50 17.36
CA ARG B 188 5.75 -0.01 18.71
C ARG B 188 6.26 -1.46 18.76
N THR B 189 6.34 -2.08 17.59
CA THR B 189 6.81 -3.46 17.49
C THR B 189 8.32 -3.51 17.31
N GLU B 190 8.93 -2.38 16.95
CA GLU B 190 10.36 -2.34 16.72
C GLU B 190 11.07 -1.36 17.66
N GLU B 191 10.96 -0.06 17.36
CA GLU B 191 11.62 0.98 18.16
C GLU B 191 11.22 0.90 19.63
N GLU B 192 9.93 0.71 19.87
CA GLU B 192 9.41 0.64 21.23
C GLU B 192 9.76 -0.68 21.92
N ASN B 193 10.00 -1.72 21.12
CA ASN B 193 10.33 -3.03 21.66
C ASN B 193 11.80 -3.11 22.06
N LEU B 194 12.61 -2.22 21.52
CA LEU B 194 14.04 -2.21 21.81
C LEU B 194 14.38 -1.25 22.96
N ARG B 195 13.40 -1.00 23.83
CA ARG B 195 13.59 -0.12 24.96
C ARG B 195 12.56 -0.41 26.04
ZN ZN C . 2.67 -4.94 -3.09
N MET A 4 -31.39 -24.44 8.14
CA MET A 4 -30.43 -23.36 7.78
C MET A 4 -29.30 -23.92 6.93
N SER A 5 -29.42 -23.75 5.63
CA SER A 5 -28.41 -24.23 4.69
C SER A 5 -27.26 -23.24 4.60
N GLN A 6 -27.53 -22.01 5.02
CA GLN A 6 -26.53 -20.93 5.00
C GLN A 6 -26.19 -20.56 3.57
N SER A 7 -27.20 -20.55 2.71
CA SER A 7 -27.04 -20.20 1.31
C SER A 7 -26.49 -18.78 1.16
N ASN A 8 -26.69 -17.97 2.18
CA ASN A 8 -26.22 -16.60 2.18
C ASN A 8 -24.74 -16.56 2.58
N ARG A 9 -24.44 -17.15 3.73
CA ARG A 9 -23.07 -17.18 4.25
C ARG A 9 -22.14 -17.97 3.32
N GLU A 10 -22.66 -19.06 2.75
CA GLU A 10 -21.88 -19.90 1.85
C GLU A 10 -21.43 -19.11 0.62
N LEU A 11 -22.36 -18.39 0.01
CA LEU A 11 -22.06 -17.61 -1.18
C LEU A 11 -21.02 -16.52 -0.88
N VAL A 12 -21.12 -15.93 0.30
CA VAL A 12 -20.19 -14.88 0.70
C VAL A 12 -18.76 -15.42 0.78
N VAL A 13 -18.56 -16.53 1.49
CA VAL A 13 -17.23 -17.12 1.63
C VAL A 13 -16.76 -17.70 0.30
N ASP A 14 -17.70 -18.19 -0.50
CA ASP A 14 -17.39 -18.76 -1.80
C ASP A 14 -16.85 -17.68 -2.72
N PHE A 15 -17.53 -16.54 -2.72
CA PHE A 15 -17.13 -15.40 -3.54
C PHE A 15 -15.78 -14.86 -3.06
N LEU A 16 -15.60 -14.84 -1.73
CA LEU A 16 -14.36 -14.37 -1.13
C LEU A 16 -13.20 -15.24 -1.57
N SER A 17 -13.38 -16.56 -1.51
CA SER A 17 -12.36 -17.51 -1.90
C SER A 17 -12.03 -17.36 -3.40
N TYR A 18 -13.03 -16.99 -4.17
CA TYR A 18 -12.89 -16.80 -5.60
C TYR A 18 -11.94 -15.62 -5.88
N LYS A 19 -11.88 -14.68 -4.95
CA LYS A 19 -11.00 -13.52 -5.10
C LYS A 19 -9.67 -13.77 -4.41
N LEU A 20 -9.70 -14.50 -3.31
CA LEU A 20 -8.49 -14.82 -2.55
C LEU A 20 -7.54 -15.67 -3.38
N SER A 21 -8.08 -16.37 -4.37
CA SER A 21 -7.30 -17.22 -5.24
C SER A 21 -6.94 -16.50 -6.55
N GLN A 22 -6.88 -15.17 -6.49
CA GLN A 22 -6.54 -14.35 -7.65
C GLN A 22 -5.05 -14.46 -7.99
N LYS A 23 -4.24 -13.74 -7.22
CA LYS A 23 -2.79 -13.73 -7.40
C LYS A 23 -2.15 -13.22 -6.12
N GLY A 24 -1.06 -13.85 -5.72
CA GLY A 24 -0.37 -13.45 -4.50
C GLY A 24 -0.95 -14.14 -3.29
N TYR A 25 -1.51 -15.33 -3.50
CA TYR A 25 -2.12 -16.09 -2.43
C TYR A 25 -1.12 -17.07 -1.81
N SER A 26 -0.93 -16.97 -0.51
CA SER A 26 -0.02 -17.85 0.20
C SER A 26 -0.79 -18.85 1.06
N TRP A 27 -1.18 -18.41 2.25
CA TRP A 27 -1.93 -19.25 3.18
C TRP A 27 -3.32 -19.57 2.65
N SER A 28 -3.83 -18.70 1.80
CA SER A 28 -5.16 -18.88 1.22
C SER A 28 -5.21 -20.09 0.31
N GLN A 29 -4.04 -20.54 -0.15
CA GLN A 29 -3.96 -21.71 -1.02
C GLN A 29 -4.04 -22.97 -0.19
N PHE A 30 -3.68 -22.87 1.08
CA PHE A 30 -3.70 -24.00 1.99
C PHE A 30 -5.05 -24.06 2.70
N SER A 31 -5.46 -22.95 3.28
CA SER A 31 -6.73 -22.88 3.99
C SER A 31 -7.56 -21.70 3.51
N MET A 86 -32.45 -23.62 -8.94
CA MET A 86 -31.38 -22.78 -8.44
C MET A 86 -31.46 -21.37 -9.03
N ALA A 87 -31.34 -20.37 -8.18
CA ALA A 87 -31.42 -18.98 -8.62
C ALA A 87 -30.13 -18.54 -9.32
N ALA A 88 -29.11 -19.40 -9.29
CA ALA A 88 -27.82 -19.12 -9.92
C ALA A 88 -27.15 -17.92 -9.26
N VAL A 89 -27.23 -17.88 -7.94
CA VAL A 89 -26.64 -16.79 -7.16
C VAL A 89 -25.12 -16.75 -7.30
N LYS A 90 -24.50 -17.93 -7.30
CA LYS A 90 -23.05 -18.01 -7.44
C LYS A 90 -22.62 -17.57 -8.83
N GLN A 91 -23.45 -17.90 -9.81
CA GLN A 91 -23.18 -17.54 -11.20
C GLN A 91 -23.31 -16.03 -11.38
N ALA A 92 -24.43 -15.49 -10.92
CA ALA A 92 -24.69 -14.06 -11.03
C ALA A 92 -23.64 -13.24 -10.29
N LEU A 93 -23.29 -13.68 -9.08
CA LEU A 93 -22.29 -12.98 -8.27
C LEU A 93 -20.92 -13.07 -8.89
N ARG A 94 -20.64 -14.16 -9.60
CA ARG A 94 -19.36 -14.35 -10.25
C ARG A 94 -19.19 -13.36 -11.38
N GLU A 95 -20.18 -13.29 -12.26
CA GLU A 95 -20.14 -12.38 -13.41
C GLU A 95 -19.98 -10.94 -12.96
N ALA A 96 -20.86 -10.50 -12.08
CA ALA A 96 -20.82 -9.12 -11.58
C ALA A 96 -19.58 -8.87 -10.74
N GLY A 97 -19.22 -9.83 -9.90
CA GLY A 97 -18.07 -9.70 -9.03
C GLY A 97 -16.77 -9.56 -9.79
N ASP A 98 -16.55 -10.42 -10.78
CA ASP A 98 -15.33 -10.36 -11.57
C ASP A 98 -15.26 -9.07 -12.36
N GLU A 99 -16.40 -8.67 -12.91
CA GLU A 99 -16.49 -7.43 -13.69
C GLU A 99 -16.14 -6.21 -12.86
N PHE A 100 -16.50 -6.24 -11.59
CA PHE A 100 -16.21 -5.11 -10.71
C PHE A 100 -14.80 -5.20 -10.14
N GLU A 101 -14.39 -6.41 -9.76
CA GLU A 101 -13.07 -6.64 -9.18
C GLU A 101 -11.95 -6.09 -10.06
N LEU A 102 -12.03 -6.36 -11.36
CA LEU A 102 -11.01 -5.89 -12.31
C LEU A 102 -10.85 -4.37 -12.29
N ARG A 103 -11.91 -3.67 -11.91
CA ARG A 103 -11.86 -2.21 -11.85
C ARG A 103 -11.38 -1.74 -10.47
N TYR A 104 -11.62 -2.57 -9.46
CA TYR A 104 -11.22 -2.25 -8.09
C TYR A 104 -9.75 -2.56 -7.86
N ARG A 105 -9.23 -3.54 -8.58
CA ARG A 105 -7.82 -3.94 -8.45
C ARG A 105 -6.90 -3.00 -9.22
N ARG A 106 -7.38 -1.80 -9.50
CA ARG A 106 -6.58 -0.82 -10.22
C ARG A 106 -5.86 0.11 -9.25
N ALA A 107 -5.90 -0.26 -7.97
CA ALA A 107 -5.25 0.50 -6.89
C ALA A 107 -5.98 1.81 -6.60
N PHE A 108 -5.94 2.74 -7.54
CA PHE A 108 -6.61 4.03 -7.39
C PHE A 108 -8.08 3.94 -7.78
N SER A 109 -8.82 3.15 -7.02
CA SER A 109 -10.24 2.97 -7.25
C SER A 109 -11.03 3.46 -6.05
N ASP A 110 -12.27 2.97 -5.89
CA ASP A 110 -13.11 3.38 -4.77
C ASP A 110 -12.58 2.79 -3.47
N LEU A 111 -11.80 1.72 -3.58
CA LEU A 111 -11.22 1.06 -2.42
C LEU A 111 -10.34 2.01 -1.63
N THR A 112 -9.51 2.78 -2.34
CA THR A 112 -8.62 3.74 -1.71
C THR A 112 -9.39 4.84 -1.00
N SER A 113 -10.52 5.24 -1.58
CA SER A 113 -11.35 6.29 -1.02
C SER A 113 -12.15 5.78 0.18
N GLN A 114 -12.58 4.53 0.10
CA GLN A 114 -13.35 3.90 1.16
C GLN A 114 -12.48 3.57 2.36
N LEU A 115 -11.45 2.76 2.15
CA LEU A 115 -10.55 2.36 3.21
C LEU A 115 -9.63 3.51 3.61
N HIS A 116 -8.89 4.01 2.63
CA HIS A 116 -7.95 5.13 2.84
C HIS A 116 -6.81 4.73 3.78
N ILE A 117 -6.64 3.43 3.99
CA ILE A 117 -5.61 2.90 4.86
C ILE A 117 -5.80 3.42 6.29
N THR A 118 -6.89 2.98 6.91
CA THR A 118 -7.23 3.36 8.26
C THR A 118 -6.26 2.75 9.26
N PRO A 119 -5.87 3.52 10.30
CA PRO A 119 -4.93 3.06 11.35
C PRO A 119 -5.58 2.03 12.27
N GLY A 120 -6.16 1.01 11.68
CA GLY A 120 -6.81 -0.05 12.42
C GLY A 120 -7.41 -1.05 11.45
N THR A 121 -6.62 -1.42 10.45
CA THR A 121 -7.03 -2.35 9.41
C THR A 121 -7.15 -3.78 9.93
N ALA A 122 -8.17 -4.01 10.75
CA ALA A 122 -8.46 -5.31 11.34
C ALA A 122 -9.88 -5.29 11.87
N TYR A 123 -10.29 -4.13 12.37
CA TYR A 123 -11.62 -3.96 12.91
C TYR A 123 -12.32 -2.77 12.26
N GLN A 124 -11.60 -1.66 12.14
CA GLN A 124 -12.15 -0.46 11.51
C GLN A 124 -12.48 -0.70 10.06
N SER A 125 -11.67 -1.51 9.41
CA SER A 125 -11.87 -1.84 8.00
C SER A 125 -13.20 -2.57 7.80
N PHE A 126 -13.53 -3.44 8.74
CA PHE A 126 -14.77 -4.21 8.68
C PHE A 126 -15.97 -3.27 8.79
N GLU A 127 -15.94 -2.40 9.78
CA GLU A 127 -17.02 -1.44 9.98
C GLU A 127 -17.14 -0.51 8.79
N GLN A 128 -16.00 -0.08 8.26
CA GLN A 128 -15.97 0.82 7.11
C GLN A 128 -16.69 0.22 5.90
N VAL A 129 -16.46 -1.06 5.64
CA VAL A 129 -17.10 -1.74 4.52
C VAL A 129 -18.59 -1.92 4.77
N VAL A 130 -18.94 -2.38 5.96
CA VAL A 130 -20.34 -2.59 6.32
C VAL A 130 -21.09 -1.27 6.38
N ASN A 131 -20.39 -0.20 6.76
CA ASN A 131 -20.96 1.13 6.84
C ASN A 131 -21.53 1.55 5.49
N GLU A 132 -20.85 1.14 4.42
CA GLU A 132 -21.26 1.46 3.06
C GLU A 132 -22.66 0.92 2.77
N LEU A 133 -22.94 -0.27 3.28
CA LEU A 133 -24.25 -0.90 3.09
C LEU A 133 -25.30 -0.16 3.91
N PHE A 134 -24.92 0.26 5.11
CA PHE A 134 -25.83 0.98 6.00
C PHE A 134 -26.06 2.41 5.51
N ARG A 135 -25.30 2.83 4.52
CA ARG A 135 -25.44 4.16 3.94
C ARG A 135 -26.52 4.15 2.87
N ASP A 136 -27.18 3.00 2.72
CA ASP A 136 -28.23 2.86 1.71
C ASP A 136 -29.38 2.01 2.25
N GLY A 137 -29.04 0.85 2.80
CA GLY A 137 -30.06 -0.04 3.33
C GLY A 137 -30.22 -1.25 2.43
N VAL A 138 -31.45 -1.57 2.07
CA VAL A 138 -31.71 -2.71 1.20
C VAL A 138 -31.55 -2.31 -0.26
N ASN A 139 -30.31 -2.31 -0.73
CA ASN A 139 -30.00 -1.95 -2.10
C ASN A 139 -29.30 -3.11 -2.79
N TRP A 140 -29.99 -3.72 -3.75
CA TRP A 140 -29.44 -4.85 -4.49
C TRP A 140 -28.36 -4.43 -5.49
N GLY A 141 -28.26 -3.12 -5.71
CA GLY A 141 -27.25 -2.61 -6.61
C GLY A 141 -26.00 -2.25 -5.86
N ARG A 142 -26.18 -1.72 -4.65
CA ARG A 142 -25.06 -1.32 -3.81
C ARG A 142 -24.41 -2.52 -3.14
N ILE A 143 -25.18 -3.60 -2.98
CA ILE A 143 -24.66 -4.83 -2.38
C ILE A 143 -23.53 -5.40 -3.24
N VAL A 144 -23.60 -5.13 -4.54
CA VAL A 144 -22.58 -5.60 -5.48
C VAL A 144 -21.26 -4.90 -5.15
N ALA A 145 -21.34 -3.59 -4.94
CA ALA A 145 -20.17 -2.80 -4.60
C ALA A 145 -19.63 -3.24 -3.25
N PHE A 146 -20.53 -3.55 -2.33
CA PHE A 146 -20.17 -4.02 -0.99
C PHE A 146 -19.30 -5.25 -1.09
N PHE A 147 -19.74 -6.21 -1.89
CA PHE A 147 -18.99 -7.45 -2.09
C PHE A 147 -17.69 -7.18 -2.84
N SER A 148 -17.73 -6.23 -3.76
CA SER A 148 -16.56 -5.86 -4.54
C SER A 148 -15.48 -5.26 -3.64
N PHE A 149 -15.90 -4.43 -2.68
CA PHE A 149 -14.97 -3.81 -1.74
C PHE A 149 -14.19 -4.87 -0.98
N GLY A 150 -14.93 -5.79 -0.37
CA GLY A 150 -14.30 -6.86 0.38
C GLY A 150 -13.52 -7.80 -0.50
N GLY A 151 -14.07 -8.08 -1.68
CA GLY A 151 -13.41 -8.97 -2.62
C GLY A 151 -12.05 -8.47 -3.05
N ALA A 152 -11.99 -7.21 -3.46
CA ALA A 152 -10.72 -6.62 -3.90
C ALA A 152 -9.76 -6.47 -2.73
N LEU A 153 -10.30 -6.13 -1.57
CA LEU A 153 -9.50 -5.95 -0.37
C LEU A 153 -8.86 -7.25 0.10
N CYS A 154 -9.61 -8.34 0.04
CA CYS A 154 -9.10 -9.64 0.47
C CYS A 154 -7.87 -10.07 -0.33
N VAL A 155 -7.87 -9.77 -1.63
CA VAL A 155 -6.74 -10.13 -2.48
C VAL A 155 -5.50 -9.36 -2.05
N GLU A 156 -5.66 -8.06 -1.83
CA GLU A 156 -4.54 -7.22 -1.43
C GLU A 156 -4.12 -7.51 0.01
N SER A 157 -4.99 -8.19 0.76
CA SER A 157 -4.70 -8.55 2.13
C SER A 157 -3.67 -9.67 2.19
N VAL A 158 -3.76 -10.60 1.27
CA VAL A 158 -2.83 -11.72 1.21
C VAL A 158 -1.61 -11.35 0.37
N ASP A 159 -1.86 -10.55 -0.67
CA ASP A 159 -0.80 -10.08 -1.57
C ASP A 159 0.23 -9.24 -0.81
N LYS A 160 -0.24 -8.54 0.22
CA LYS A 160 0.65 -7.72 1.03
C LYS A 160 1.03 -8.43 2.33
N GLU A 161 0.69 -9.72 2.39
CA GLU A 161 0.99 -10.56 3.56
C GLU A 161 0.57 -9.92 4.89
N MET A 162 -0.60 -9.30 4.91
CA MET A 162 -1.11 -8.68 6.11
C MET A 162 -1.81 -9.69 6.98
N GLN A 163 -2.57 -10.58 6.32
CA GLN A 163 -3.32 -11.66 6.98
C GLN A 163 -4.44 -11.16 7.89
N VAL A 164 -4.06 -10.57 9.03
CA VAL A 164 -5.02 -10.08 10.03
C VAL A 164 -6.17 -9.27 9.42
N LEU A 165 -5.89 -8.55 8.34
CA LEU A 165 -6.91 -7.75 7.66
C LEU A 165 -8.11 -8.61 7.26
N VAL A 166 -7.89 -9.54 6.34
CA VAL A 166 -8.96 -10.41 5.85
C VAL A 166 -9.37 -11.44 6.89
N SER A 167 -8.41 -11.95 7.66
CA SER A 167 -8.69 -12.95 8.69
C SER A 167 -9.65 -12.44 9.75
N ARG A 168 -9.69 -11.13 9.95
CA ARG A 168 -10.58 -10.55 10.93
C ARG A 168 -11.89 -10.09 10.32
N ILE A 169 -11.81 -9.45 9.16
CA ILE A 169 -13.01 -8.96 8.48
C ILE A 169 -13.96 -10.13 8.20
N ALA A 170 -13.40 -11.23 7.68
CA ALA A 170 -14.19 -12.41 7.37
C ALA A 170 -14.83 -12.98 8.63
N ALA A 171 -14.07 -12.98 9.72
CA ALA A 171 -14.55 -13.49 10.99
C ALA A 171 -15.73 -12.66 11.51
N TRP A 172 -15.54 -11.34 11.57
CA TRP A 172 -16.59 -10.45 12.04
C TRP A 172 -17.79 -10.51 11.11
N MET A 173 -17.52 -10.53 9.81
CA MET A 173 -18.57 -10.59 8.81
C MET A 173 -19.42 -11.84 8.97
N ALA A 174 -18.77 -13.00 9.02
CA ALA A 174 -19.47 -14.28 9.18
C ALA A 174 -20.32 -14.31 10.43
N THR A 175 -19.80 -13.74 11.52
CA THR A 175 -20.51 -13.70 12.79
C THR A 175 -21.78 -12.86 12.69
N TYR A 176 -21.66 -11.65 12.17
CA TYR A 176 -22.79 -10.74 12.01
C TYR A 176 -23.73 -11.21 10.90
N LEU A 177 -23.17 -11.87 9.90
CA LEU A 177 -23.93 -12.38 8.77
C LEU A 177 -24.98 -13.38 9.23
N ASN A 178 -24.53 -14.46 9.87
CA ASN A 178 -25.46 -15.48 10.34
C ASN A 178 -26.30 -14.99 11.51
N ASP A 179 -25.82 -13.93 12.16
CA ASP A 179 -26.51 -13.36 13.31
C ASP A 179 -27.87 -12.79 12.91
N HIS A 180 -27.87 -11.87 11.96
CA HIS A 180 -29.11 -11.24 11.51
C HIS A 180 -29.19 -11.08 10.00
N LEU A 181 -28.05 -10.91 9.35
CA LEU A 181 -28.02 -10.70 7.90
C LEU A 181 -28.67 -11.85 7.12
N GLU A 182 -28.29 -13.09 7.43
CA GLU A 182 -28.86 -14.26 6.76
C GLU A 182 -30.39 -14.31 6.85
N PRO A 183 -30.97 -14.32 8.08
CA PRO A 183 -32.43 -14.33 8.23
C PRO A 183 -33.10 -13.10 7.62
N TRP A 184 -32.38 -11.98 7.59
CA TRP A 184 -32.92 -10.75 7.01
C TRP A 184 -33.05 -10.88 5.49
N ILE A 185 -32.03 -11.47 4.87
CA ILE A 185 -32.03 -11.68 3.43
C ILE A 185 -33.18 -12.59 3.03
N GLN A 186 -33.42 -13.61 3.86
CA GLN A 186 -34.49 -14.56 3.60
C GLN A 186 -35.82 -14.03 4.14
N GLU A 187 -35.81 -12.79 4.59
CA GLU A 187 -37.00 -12.15 5.12
C GLU A 187 -37.54 -11.11 4.14
N ASN A 188 -36.70 -10.15 3.79
CA ASN A 188 -37.10 -9.10 2.86
C ASN A 188 -36.67 -9.41 1.44
N GLY A 189 -35.53 -10.05 1.29
CA GLY A 189 -35.03 -10.39 -0.03
C GLY A 189 -33.65 -9.81 -0.28
N GLY A 190 -32.73 -10.66 -0.71
CA GLY A 190 -31.38 -10.21 -0.99
C GLY A 190 -30.91 -10.70 -2.34
N TRP A 191 -29.99 -11.66 -2.34
CA TRP A 191 -29.47 -12.22 -3.57
C TRP A 191 -30.58 -12.81 -4.43
N ASP A 192 -31.61 -13.34 -3.76
CA ASP A 192 -32.75 -13.94 -4.43
C ASP A 192 -33.51 -12.89 -5.23
N THR A 193 -33.59 -11.67 -4.68
CA THR A 193 -34.28 -10.58 -5.33
C THR A 193 -33.36 -9.90 -6.34
N PHE A 194 -32.06 -10.00 -6.11
CA PHE A 194 -31.08 -9.42 -7.00
C PHE A 194 -31.10 -10.13 -8.34
N VAL A 195 -31.13 -11.46 -8.31
CA VAL A 195 -31.16 -12.24 -9.53
C VAL A 195 -32.48 -12.05 -10.28
N GLU A 196 -33.52 -11.64 -9.55
CA GLU A 196 -34.84 -11.40 -10.13
C GLU A 196 -34.76 -10.32 -11.20
N LEU A 197 -33.86 -9.35 -11.00
CA LEU A 197 -33.69 -8.26 -11.93
C LEU A 197 -32.41 -8.42 -12.74
N TYR A 198 -31.76 -9.58 -12.58
CA TYR A 198 -30.51 -9.86 -13.26
C TYR A 198 -30.63 -11.06 -14.19
N GLY A 199 -30.70 -12.25 -13.60
CA GLY A 199 -30.80 -13.47 -14.38
C GLY A 199 -32.22 -13.83 -14.76
N ASN A 200 -33.18 -13.39 -13.96
CA ASN A 200 -34.59 -13.68 -14.22
C ASN A 200 -35.25 -12.53 -14.96
N ASN A 201 -34.44 -11.63 -15.51
CA ASN A 201 -34.96 -10.49 -16.24
C ASN A 201 -34.25 -10.35 -17.58
N SER B 1 24.62 -6.06 -7.65
CA SER B 1 25.43 -4.86 -7.46
C SER B 1 24.93 -4.06 -6.27
N VAL B 2 25.75 -4.01 -5.23
CA VAL B 2 25.40 -3.26 -4.02
C VAL B 2 26.05 -1.87 -4.07
N PRO B 3 25.23 -0.82 -4.19
CA PRO B 3 25.73 0.56 -4.25
C PRO B 3 26.34 1.01 -2.93
N SER B 4 27.20 2.01 -2.99
CA SER B 4 27.85 2.56 -1.81
C SER B 4 26.81 3.20 -0.89
N GLN B 5 26.53 2.54 0.21
CA GLN B 5 25.54 3.02 1.18
C GLN B 5 26.23 3.75 2.33
N LYS B 6 27.54 3.99 2.18
CA LYS B 6 28.31 4.68 3.20
C LYS B 6 27.90 6.15 3.28
N THR B 7 27.72 6.64 4.51
CA THR B 7 27.34 8.03 4.74
C THR B 7 28.41 8.95 4.16
N TYR B 8 27.99 9.84 3.29
CA TYR B 8 28.91 10.78 2.67
C TYR B 8 28.39 12.20 2.83
N GLN B 9 28.93 12.92 3.80
CA GLN B 9 28.52 14.29 4.04
C GLN B 9 29.01 15.17 2.91
N GLY B 10 30.16 14.82 2.36
CA GLY B 10 30.74 15.56 1.27
C GLY B 10 31.14 16.96 1.67
N SER B 11 31.08 17.88 0.73
CA SER B 11 31.43 19.26 0.98
C SER B 11 30.19 20.13 1.11
N TYR B 12 29.03 19.51 1.17
CA TYR B 12 27.78 20.25 1.29
C TYR B 12 26.99 19.86 2.52
N GLY B 13 27.47 18.86 3.25
CA GLY B 13 26.78 18.41 4.45
C GLY B 13 25.38 17.90 4.16
N PHE B 14 25.30 16.72 3.55
CA PHE B 14 24.02 16.13 3.20
C PHE B 14 23.43 15.35 4.38
N ARG B 15 22.61 16.03 5.16
CA ARG B 15 21.96 15.40 6.30
C ARG B 15 20.51 15.06 5.95
N LEU B 16 19.98 14.02 6.57
CA LEU B 16 18.61 13.62 6.31
C LEU B 16 17.70 14.08 7.45
N GLY B 17 16.68 14.85 7.09
CA GLY B 17 15.75 15.35 8.07
C GLY B 17 14.34 14.88 7.78
N PHE B 18 13.62 14.51 8.82
CA PHE B 18 12.26 14.03 8.65
C PHE B 18 11.35 14.67 9.70
N LEU B 19 10.06 14.66 9.44
CA LEU B 19 9.09 15.24 10.34
C LEU B 19 8.78 14.28 11.49
N HIS B 20 9.04 14.71 12.71
CA HIS B 20 8.78 13.90 13.89
C HIS B 20 7.32 13.99 14.29
N SER B 21 6.49 13.19 13.62
CA SER B 21 5.07 13.16 13.89
C SER B 21 4.76 12.59 15.28
N GLY B 22 5.55 11.61 15.69
CA GLY B 22 5.35 10.99 16.98
C GLY B 22 4.98 9.53 16.88
N THR B 23 4.60 8.93 17.99
CA THR B 23 4.21 7.52 18.02
C THR B 23 2.70 7.38 18.15
N ALA B 24 1.98 8.26 17.47
CA ALA B 24 0.53 8.25 17.49
C ALA B 24 -0.02 7.16 16.56
N LYS B 25 -1.16 6.58 16.94
CA LYS B 25 -1.78 5.52 16.16
C LYS B 25 -2.23 6.03 14.79
N SER B 26 -2.98 7.13 14.78
CA SER B 26 -3.47 7.70 13.54
C SER B 26 -2.43 8.61 12.90
N VAL B 27 -1.68 8.06 11.97
CA VAL B 27 -0.65 8.82 11.28
C VAL B 27 -0.32 8.18 9.93
N THR B 28 -0.09 9.01 8.92
CA THR B 28 0.21 8.52 7.59
C THR B 28 1.69 8.12 7.47
N CYS B 29 2.55 8.81 8.21
CA CYS B 29 3.97 8.53 8.17
C CYS B 29 4.66 9.08 9.42
N THR B 30 5.63 8.34 9.93
CA THR B 30 6.36 8.75 11.11
C THR B 30 7.82 8.35 10.97
N TYR B 31 8.70 8.99 11.72
CA TYR B 31 10.12 8.70 11.66
C TYR B 31 10.69 8.43 13.05
N SER B 32 11.42 7.33 13.17
CA SER B 32 12.05 6.94 14.41
C SER B 32 13.52 7.33 14.38
N PRO B 33 13.90 8.34 15.18
CA PRO B 33 15.29 8.80 15.25
C PRO B 33 16.14 7.91 16.14
N ALA B 34 15.49 6.90 16.73
CA ALA B 34 16.17 5.97 17.61
C ALA B 34 17.02 5.00 16.81
N LEU B 35 16.45 4.45 15.74
CA LEU B 35 17.17 3.51 14.90
C LEU B 35 17.27 4.00 13.47
N ASN B 36 16.89 5.26 13.25
CA ASN B 36 16.92 5.88 11.92
C ASN B 36 16.04 5.08 10.95
N LYS B 37 14.78 4.90 11.35
CA LYS B 37 13.83 4.15 10.55
C LYS B 37 12.54 4.94 10.36
N MET B 38 12.10 5.02 9.11
CA MET B 38 10.88 5.74 8.78
C MET B 38 9.75 4.74 8.53
N PHE B 39 8.58 5.05 9.06
CA PHE B 39 7.41 4.19 8.90
C PHE B 39 6.39 4.90 8.04
N CYS B 40 6.02 4.29 6.93
CA CYS B 40 5.06 4.89 6.01
C CYS B 40 3.86 3.99 5.77
N GLN B 41 2.81 4.56 5.22
CA GLN B 41 1.61 3.81 4.91
C GLN B 41 1.58 3.46 3.43
N LEU B 42 0.58 2.71 3.01
CA LEU B 42 0.45 2.31 1.62
C LEU B 42 -0.09 3.45 0.76
N ALA B 43 0.69 3.84 -0.24
CA ALA B 43 0.31 4.91 -1.17
C ALA B 43 0.14 6.26 -0.49
N LYS B 44 0.94 6.51 0.55
CA LYS B 44 0.85 7.76 1.28
C LYS B 44 2.09 8.61 1.04
N THR B 45 1.87 9.91 0.94
CA THR B 45 2.93 10.88 0.70
C THR B 45 3.81 11.06 1.94
N CYS B 46 5.08 10.74 1.79
CA CYS B 46 6.05 10.86 2.87
C CYS B 46 6.97 12.06 2.62
N PRO B 47 6.86 13.11 3.45
CA PRO B 47 7.67 14.31 3.33
C PRO B 47 9.10 14.12 3.84
N VAL B 48 10.06 14.18 2.93
CA VAL B 48 11.47 14.04 3.27
C VAL B 48 12.16 15.39 3.13
N GLN B 49 12.95 15.77 4.11
CA GLN B 49 13.65 17.06 4.06
C GLN B 49 15.15 16.89 3.97
N LEU B 50 15.75 17.55 3.01
CA LEU B 50 17.19 17.51 2.82
C LEU B 50 17.84 18.62 3.62
N TRP B 51 18.47 18.26 4.71
CA TRP B 51 19.13 19.24 5.58
C TRP B 51 20.58 19.41 5.12
N VAL B 52 20.82 20.46 4.35
CA VAL B 52 22.15 20.72 3.83
C VAL B 52 22.92 21.71 4.69
N ASP B 53 24.22 21.46 4.82
CA ASP B 53 25.09 22.34 5.60
C ASP B 53 25.56 23.49 4.72
N SER B 54 25.56 23.25 3.42
CA SER B 54 25.97 24.25 2.44
C SER B 54 25.05 24.18 1.24
N THR B 55 24.68 25.33 0.71
CA THR B 55 23.80 25.42 -0.45
C THR B 55 24.44 24.82 -1.71
N PRO B 56 23.88 23.72 -2.20
CA PRO B 56 24.38 23.04 -3.40
C PRO B 56 23.95 23.77 -4.67
N PRO B 57 24.73 23.64 -5.75
CA PRO B 57 24.41 24.29 -7.03
C PRO B 57 23.12 23.74 -7.64
N PRO B 58 22.18 24.63 -8.03
CA PRO B 58 20.91 24.24 -8.64
C PRO B 58 21.14 23.38 -9.88
N GLY B 59 20.23 22.44 -10.11
CA GLY B 59 20.37 21.56 -11.26
C GLY B 59 21.00 20.24 -10.87
N THR B 60 21.09 20.00 -9.57
CA THR B 60 21.66 18.76 -9.07
C THR B 60 20.64 17.63 -9.18
N ARG B 61 21.10 16.39 -9.08
CA ARG B 61 20.23 15.25 -9.19
C ARG B 61 20.14 14.46 -7.89
N VAL B 62 18.94 14.37 -7.35
CA VAL B 62 18.69 13.63 -6.14
C VAL B 62 18.25 12.22 -6.50
N ARG B 63 19.14 11.26 -6.34
CA ARG B 63 18.85 9.88 -6.68
C ARG B 63 18.47 9.09 -5.44
N ALA B 64 17.35 8.41 -5.49
CA ALA B 64 16.88 7.61 -4.37
C ALA B 64 16.73 6.15 -4.77
N MET B 65 17.56 5.30 -4.19
CA MET B 65 17.52 3.87 -4.47
C MET B 65 17.41 3.10 -3.16
N ALA B 66 16.48 2.16 -3.08
CA ALA B 66 16.30 1.39 -1.87
C ALA B 66 16.83 -0.03 -2.00
N ILE B 67 17.45 -0.49 -0.93
CA ILE B 67 17.99 -1.84 -0.86
C ILE B 67 17.37 -2.56 0.33
N TYR B 68 17.84 -3.76 0.64
CA TYR B 68 17.30 -4.52 1.76
C TYR B 68 18.24 -4.46 2.96
N LYS B 69 17.67 -4.62 4.15
CA LYS B 69 18.46 -4.59 5.38
C LYS B 69 19.41 -5.77 5.42
N GLN B 70 18.95 -6.92 4.95
CA GLN B 70 19.76 -8.12 4.92
C GLN B 70 20.83 -8.00 3.83
N SER B 71 22.09 -7.97 4.27
CA SER B 71 23.22 -7.84 3.36
C SER B 71 23.25 -8.94 2.31
N GLN B 72 22.89 -10.16 2.73
CA GLN B 72 22.87 -11.30 1.83
C GLN B 72 21.78 -11.16 0.77
N HIS B 73 20.82 -10.29 1.04
CA HIS B 73 19.71 -10.06 0.12
C HIS B 73 19.80 -8.67 -0.51
N MET B 74 20.93 -7.99 -0.30
CA MET B 74 21.11 -6.64 -0.84
C MET B 74 21.19 -6.64 -2.37
N THR B 75 21.44 -7.81 -2.95
CA THR B 75 21.52 -7.96 -4.40
C THR B 75 20.12 -7.86 -5.01
N GLU B 76 19.10 -8.10 -4.19
CA GLU B 76 17.72 -8.04 -4.63
C GLU B 76 17.29 -6.59 -4.83
N VAL B 77 16.23 -6.40 -5.59
CA VAL B 77 15.73 -5.07 -5.85
C VAL B 77 14.31 -4.94 -5.31
N VAL B 78 14.06 -3.84 -4.60
CA VAL B 78 12.75 -3.59 -4.01
C VAL B 78 11.70 -3.38 -5.11
N ARG B 79 10.82 -4.37 -5.26
CA ARG B 79 9.78 -4.31 -6.27
C ARG B 79 8.41 -4.57 -5.65
N ARG B 80 7.37 -4.44 -6.47
CA ARG B 80 6.00 -4.64 -5.99
C ARG B 80 5.67 -6.12 -5.85
N CYS B 81 4.53 -6.38 -5.24
CA CYS B 81 4.05 -7.73 -5.00
C CYS B 81 3.26 -8.27 -6.21
N PRO B 82 3.02 -9.60 -6.26
CA PRO B 82 2.29 -10.26 -7.36
C PRO B 82 1.01 -9.54 -7.81
N HIS B 83 0.28 -8.98 -6.86
CA HIS B 83 -0.94 -8.25 -7.20
C HIS B 83 -0.77 -6.77 -6.90
N HIS B 84 0.03 -6.10 -7.71
CA HIS B 84 0.29 -4.68 -7.53
C HIS B 84 0.86 -4.07 -8.81
N GLU B 85 1.73 -4.79 -9.48
CA GLU B 85 2.35 -4.32 -10.72
C GLU B 85 1.35 -4.34 -11.87
N ARG B 86 0.51 -5.37 -11.89
CA ARG B 86 -0.50 -5.51 -12.91
C ARG B 86 -1.74 -4.68 -12.61
N CYS B 87 -1.71 -3.97 -11.49
CA CYS B 87 -2.83 -3.13 -11.08
C CYS B 87 -3.04 -1.96 -12.04
N SER B 88 -1.95 -1.54 -12.67
CA SER B 88 -1.98 -0.42 -13.62
C SER B 88 -2.42 0.87 -12.94
N ASP B 89 -1.62 1.31 -11.98
CA ASP B 89 -1.89 2.52 -11.23
C ASP B 89 -1.02 3.67 -11.74
N SER B 90 -0.51 3.51 -12.95
CA SER B 90 0.33 4.49 -13.57
C SER B 90 -0.50 5.71 -14.01
N ASP B 91 -0.07 6.90 -13.59
CA ASP B 91 -0.76 8.12 -13.96
C ASP B 91 -0.35 8.54 -15.36
N GLY B 92 0.83 8.10 -15.75
CA GLY B 92 1.37 8.42 -17.05
C GLY B 92 2.87 8.58 -16.96
N LEU B 93 3.31 9.29 -15.93
CA LEU B 93 4.74 9.51 -15.71
C LEU B 93 5.25 8.49 -14.72
N ALA B 94 4.43 8.17 -13.73
CA ALA B 94 4.80 7.19 -12.71
C ALA B 94 4.55 5.77 -13.21
N PRO B 95 5.62 4.99 -13.40
CA PRO B 95 5.54 3.62 -13.89
C PRO B 95 4.91 2.69 -12.86
N PRO B 96 4.10 1.72 -13.31
CA PRO B 96 3.43 0.75 -12.43
C PRO B 96 4.40 -0.26 -11.83
N GLN B 97 5.63 -0.27 -12.32
CA GLN B 97 6.65 -1.20 -11.82
C GLN B 97 7.49 -0.56 -10.72
N HIS B 98 7.47 0.77 -10.66
CA HIS B 98 8.23 1.50 -9.66
C HIS B 98 7.51 1.56 -8.33
N LEU B 99 8.23 1.21 -7.27
CA LEU B 99 7.68 1.20 -5.92
C LEU B 99 7.80 2.58 -5.28
N ILE B 100 8.91 3.25 -5.53
CA ILE B 100 9.16 4.57 -4.97
C ILE B 100 8.87 5.65 -6.00
N ARG B 101 7.88 6.47 -5.72
CA ARG B 101 7.51 7.55 -6.62
C ARG B 101 7.67 8.88 -5.90
N VAL B 102 7.51 9.98 -6.62
CA VAL B 102 7.65 11.31 -6.03
C VAL B 102 6.40 12.14 -6.32
N GLU B 103 5.91 12.82 -5.29
CA GLU B 103 4.73 13.67 -5.41
C GLU B 103 5.13 15.12 -5.16
N GLY B 104 4.20 16.04 -5.38
CA GLY B 104 4.47 17.45 -5.17
C GLY B 104 5.24 18.07 -6.32
N ASN B 105 6.40 17.51 -6.62
CA ASN B 105 7.24 18.00 -7.70
C ASN B 105 6.88 17.31 -9.01
N LEU B 106 6.56 18.09 -10.03
CA LEU B 106 6.19 17.54 -11.32
C LEU B 106 7.42 17.09 -12.10
N ARG B 107 8.59 17.50 -11.64
CA ARG B 107 9.86 17.13 -12.27
C ARG B 107 10.32 15.76 -11.76
N VAL B 108 9.39 14.84 -11.64
CA VAL B 108 9.68 13.50 -11.15
C VAL B 108 10.13 12.58 -12.27
N GLU B 109 11.41 12.27 -12.28
CA GLU B 109 11.98 11.39 -13.29
C GLU B 109 12.43 10.08 -12.66
N TYR B 110 12.29 8.99 -13.40
CA TYR B 110 12.68 7.69 -12.90
C TYR B 110 13.85 7.14 -13.70
N LEU B 111 14.74 6.45 -13.01
CA LEU B 111 15.92 5.89 -13.65
C LEU B 111 15.98 4.38 -13.43
N ASP B 112 15.89 3.63 -14.52
CA ASP B 112 15.94 2.17 -14.46
C ASP B 112 17.30 1.69 -14.92
N ASP B 113 18.10 1.19 -13.98
CA ASP B 113 19.43 0.67 -14.31
C ASP B 113 19.29 -0.61 -15.14
N ARG B 114 20.16 -0.77 -16.12
CA ARG B 114 20.11 -1.95 -16.97
C ARG B 114 21.15 -2.98 -16.58
N ASN B 115 22.06 -2.61 -15.68
CA ASN B 115 23.12 -3.52 -15.25
C ASN B 115 22.59 -4.58 -14.31
N THR B 116 21.84 -4.16 -13.31
CA THR B 116 21.27 -5.08 -12.34
C THR B 116 19.78 -4.80 -12.15
N PHE B 117 19.23 -4.03 -13.09
CA PHE B 117 17.81 -3.65 -13.05
C PHE B 117 17.48 -2.91 -11.77
N ARG B 118 18.35 -1.98 -11.40
CA ARG B 118 18.17 -1.17 -10.21
C ARG B 118 17.17 -0.05 -10.47
N HIS B 119 15.96 -0.22 -9.97
CA HIS B 119 14.93 0.78 -10.14
C HIS B 119 15.13 1.89 -9.11
N SER B 120 15.24 3.11 -9.58
CA SER B 120 15.44 4.24 -8.69
C SER B 120 14.79 5.50 -9.24
N VAL B 121 14.52 6.46 -8.36
CA VAL B 121 13.92 7.71 -8.78
C VAL B 121 14.96 8.83 -8.68
N VAL B 122 14.90 9.77 -9.59
CA VAL B 122 15.85 10.87 -9.62
C VAL B 122 15.15 12.20 -9.94
N VAL B 123 15.16 13.11 -8.99
CA VAL B 123 14.53 14.41 -9.18
C VAL B 123 15.57 15.51 -9.09
N PRO B 124 15.32 16.65 -9.76
CA PRO B 124 16.23 17.80 -9.74
C PRO B 124 16.18 18.50 -8.38
N TYR B 125 17.32 19.03 -7.95
CA TYR B 125 17.38 19.73 -6.68
C TYR B 125 16.71 21.08 -6.77
N GLU B 126 15.59 21.22 -6.07
CA GLU B 126 14.84 22.47 -6.04
C GLU B 126 15.49 23.43 -5.07
N PRO B 127 15.76 24.67 -5.51
CA PRO B 127 16.39 25.70 -4.67
C PRO B 127 15.49 26.10 -3.50
N PRO B 128 16.11 26.37 -2.34
CA PRO B 128 15.38 26.78 -1.12
C PRO B 128 14.52 28.01 -1.38
N GLU B 129 13.22 27.88 -1.13
CA GLU B 129 12.29 28.98 -1.33
C GLU B 129 12.13 29.82 -0.08
N VAL B 130 11.16 30.74 -0.12
CA VAL B 130 10.91 31.63 1.01
C VAL B 130 10.41 30.86 2.22
N GLY B 131 11.22 30.83 3.27
CA GLY B 131 10.85 30.14 4.49
C GLY B 131 11.23 28.67 4.46
N SER B 132 11.65 28.20 3.31
CA SER B 132 12.04 26.81 3.16
C SER B 132 13.56 26.65 3.30
N ASP B 133 13.98 26.28 4.50
CA ASP B 133 15.41 26.09 4.77
C ASP B 133 15.87 24.74 4.25
N CYS B 134 15.09 23.71 4.52
CA CYS B 134 15.42 22.36 4.09
C CYS B 134 14.59 21.96 2.88
N THR B 135 15.26 21.47 1.83
CA THR B 135 14.57 21.04 0.62
C THR B 135 13.62 19.88 0.93
N THR B 136 12.33 20.12 0.79
CA THR B 136 11.34 19.11 1.08
C THR B 136 10.85 18.40 -0.19
N ILE B 137 11.03 17.09 -0.23
CA ILE B 137 10.61 16.29 -1.35
C ILE B 137 9.62 15.24 -0.86
N HIS B 138 8.53 15.06 -1.60
CA HIS B 138 7.50 14.12 -1.22
C HIS B 138 7.71 12.76 -1.91
N TYR B 139 8.01 11.75 -1.12
CA TYR B 139 8.22 10.40 -1.64
C TYR B 139 7.00 9.55 -1.37
N ASN B 140 6.59 8.76 -2.36
CA ASN B 140 5.41 7.92 -2.22
C ASN B 140 5.78 6.44 -2.35
N TYR B 141 5.53 5.69 -1.29
CA TYR B 141 5.79 4.26 -1.29
C TYR B 141 4.52 3.53 -1.70
N MET B 142 4.54 2.94 -2.88
CA MET B 142 3.38 2.24 -3.43
C MET B 142 3.23 0.80 -2.96
N CYS B 143 4.04 0.39 -1.99
CA CYS B 143 3.97 -0.98 -1.48
C CYS B 143 4.42 -1.05 -0.03
N ASN B 144 3.91 -2.06 0.68
CA ASN B 144 4.24 -2.25 2.08
C ASN B 144 5.46 -3.16 2.18
N SER B 145 6.13 -3.11 3.33
CA SER B 145 7.32 -3.94 3.54
C SER B 145 6.97 -5.41 3.70
N SER B 146 5.70 -5.67 4.02
CA SER B 146 5.23 -7.02 4.20
C SER B 146 4.85 -7.66 2.87
N CYS B 147 4.78 -6.84 1.82
CA CYS B 147 4.41 -7.30 0.48
C CYS B 147 5.27 -8.46 0.02
N MET B 148 4.64 -9.62 -0.13
CA MET B 148 5.32 -10.83 -0.56
C MET B 148 5.79 -10.70 -2.00
N GLY B 149 6.80 -11.47 -2.38
CA GLY B 149 7.33 -11.41 -3.73
C GLY B 149 8.43 -10.39 -3.87
N GLY B 150 8.14 -9.16 -3.51
CA GLY B 150 9.13 -8.10 -3.59
C GLY B 150 9.92 -7.99 -2.29
N MET B 151 9.45 -7.13 -1.40
CA MET B 151 10.11 -6.93 -0.11
C MET B 151 10.07 -8.23 0.70
N ASN B 152 8.95 -8.93 0.62
CA ASN B 152 8.75 -10.20 1.32
C ASN B 152 9.00 -10.11 2.81
N ARG B 153 8.33 -9.16 3.46
CA ARG B 153 8.42 -8.96 4.90
C ARG B 153 9.86 -8.68 5.34
N ARG B 154 10.56 -7.86 4.58
CA ARG B 154 11.93 -7.50 4.88
C ARG B 154 12.08 -5.98 4.87
N PRO B 155 12.68 -5.41 5.93
CA PRO B 155 12.90 -3.97 6.03
C PRO B 155 13.86 -3.48 4.97
N ILE B 156 13.59 -2.31 4.41
CA ILE B 156 14.44 -1.76 3.35
C ILE B 156 15.25 -0.56 3.82
N LEU B 157 16.28 -0.25 3.06
CA LEU B 157 17.16 0.87 3.34
C LEU B 157 17.19 1.79 2.13
N THR B 158 16.54 2.94 2.23
CA THR B 158 16.52 3.88 1.12
C THR B 158 17.73 4.79 1.16
N ILE B 159 18.53 4.73 0.09
CA ILE B 159 19.72 5.53 -0.03
C ILE B 159 19.42 6.82 -0.79
N ILE B 160 19.48 7.94 -0.09
CA ILE B 160 19.24 9.24 -0.68
C ILE B 160 20.58 9.87 -1.01
N THR B 161 20.87 10.02 -2.29
CA THR B 161 22.13 10.59 -2.70
C THR B 161 21.95 11.83 -3.57
N LEU B 162 22.89 12.75 -3.47
CA LEU B 162 22.86 13.99 -4.23
C LEU B 162 24.06 14.04 -5.16
N GLU B 163 23.81 13.81 -6.44
CA GLU B 163 24.86 13.84 -7.44
C GLU B 163 24.70 15.08 -8.31
N ASP B 164 25.80 15.56 -8.87
CA ASP B 164 25.77 16.73 -9.73
C ASP B 164 25.11 16.42 -11.07
N SER B 165 24.93 17.43 -11.90
CA SER B 165 24.30 17.27 -13.20
C SER B 165 25.04 16.23 -14.05
N SER B 166 26.35 16.14 -13.89
CA SER B 166 27.16 15.18 -14.63
C SER B 166 27.02 13.79 -14.02
N GLY B 167 27.33 13.68 -12.73
CA GLY B 167 27.24 12.41 -12.04
C GLY B 167 28.24 12.28 -10.91
N ASN B 168 28.64 13.41 -10.34
CA ASN B 168 29.60 13.43 -9.25
C ASN B 168 28.90 13.40 -7.91
N LEU B 169 29.35 12.53 -7.02
CA LEU B 169 28.76 12.39 -5.70
C LEU B 169 29.14 13.57 -4.80
N LEU B 170 28.15 14.35 -4.39
CA LEU B 170 28.39 15.51 -3.53
C LEU B 170 28.00 15.18 -2.10
N GLY B 171 26.96 14.38 -1.95
CA GLY B 171 26.48 13.99 -0.64
C GLY B 171 25.61 12.75 -0.73
N ARG B 172 25.63 11.92 0.29
CA ARG B 172 24.86 10.69 0.29
C ARG B 172 24.52 10.24 1.71
N ASN B 173 23.26 9.85 1.92
CA ASN B 173 22.82 9.40 3.23
C ASN B 173 21.84 8.24 3.06
N SER B 174 21.49 7.56 4.15
CA SER B 174 20.57 6.43 4.07
C SER B 174 19.74 6.30 5.35
N PHE B 175 18.58 5.65 5.23
CA PHE B 175 17.70 5.42 6.37
C PHE B 175 16.86 4.17 6.12
N GLU B 176 16.44 3.51 7.20
CA GLU B 176 15.63 2.31 7.09
C GLU B 176 14.16 2.67 6.93
N VAL B 177 13.43 1.87 6.17
CA VAL B 177 12.02 2.14 5.94
C VAL B 177 11.16 0.91 6.21
N ARG B 178 10.00 1.14 6.84
CA ARG B 178 9.04 0.09 7.13
C ARG B 178 7.65 0.56 6.72
N VAL B 179 7.23 0.15 5.53
CA VAL B 179 5.93 0.54 5.03
C VAL B 179 4.88 -0.43 5.56
N CYS B 180 3.88 0.09 6.25
CA CYS B 180 2.85 -0.73 6.84
C CYS B 180 1.47 -0.06 6.67
N ALA B 181 0.52 -0.49 7.50
CA ALA B 181 -0.81 0.08 7.45
C ALA B 181 -1.02 1.04 8.62
N CYS B 182 -0.21 0.90 9.65
CA CYS B 182 -0.29 1.75 10.83
C CYS B 182 1.11 2.04 11.35
N PRO B 183 1.74 3.13 10.84
CA PRO B 183 3.09 3.53 11.24
C PRO B 183 3.25 3.67 12.75
N GLY B 184 2.24 4.23 13.41
CA GLY B 184 2.31 4.42 14.85
C GLY B 184 2.26 3.10 15.60
N ARG B 185 1.55 2.13 15.04
CA ARG B 185 1.42 0.82 15.67
C ARG B 185 2.69 0.01 15.44
N ASP B 186 3.10 -0.08 14.17
CA ASP B 186 4.28 -0.85 13.80
C ASP B 186 5.56 -0.27 14.41
N ARG B 187 5.55 1.03 14.68
CA ARG B 187 6.70 1.67 15.30
C ARG B 187 6.92 1.10 16.70
N ARG B 188 5.82 0.71 17.33
CA ARG B 188 5.85 0.15 18.67
C ARG B 188 6.32 -1.29 18.63
N THR B 189 6.22 -1.90 17.46
CA THR B 189 6.63 -3.28 17.26
C THR B 189 8.14 -3.39 17.05
N GLU B 190 8.78 -2.25 16.81
CA GLU B 190 10.22 -2.21 16.60
C GLU B 190 10.92 -1.29 17.60
N GLU B 191 10.70 0.02 17.45
CA GLU B 191 11.32 1.01 18.31
C GLU B 191 10.91 0.82 19.77
N GLU B 192 9.60 0.75 20.01
CA GLU B 192 9.08 0.57 21.36
C GLU B 192 9.24 -0.87 21.85
N ASN B 193 9.83 -1.71 21.01
CA ASN B 193 10.03 -3.11 21.36
C ASN B 193 11.50 -3.37 21.70
N LEU B 194 12.37 -2.47 21.26
CA LEU B 194 13.80 -2.62 21.51
C LEU B 194 14.21 -1.87 22.79
N ARG B 195 13.39 -0.93 23.22
CA ARG B 195 13.68 -0.17 24.42
C ARG B 195 12.80 -0.64 25.57
ZN ZN C . 2.69 -4.97 -3.07
N MET A 4 -31.63 -24.56 8.23
CA MET A 4 -30.67 -23.49 7.88
C MET A 4 -29.54 -24.05 7.02
N SER A 5 -29.63 -23.82 5.73
CA SER A 5 -28.62 -24.27 4.78
C SER A 5 -27.46 -23.29 4.70
N GLN A 6 -27.73 -22.07 5.15
CA GLN A 6 -26.73 -20.99 5.13
C GLN A 6 -26.37 -20.61 3.70
N SER A 7 -27.40 -20.45 2.87
CA SER A 7 -27.20 -20.08 1.47
C SER A 7 -26.46 -18.75 1.36
N ASN A 8 -26.68 -17.87 2.34
CA ASN A 8 -26.04 -16.57 2.35
C ASN A 8 -24.59 -16.71 2.80
N ARG A 9 -24.41 -17.40 3.92
CA ARG A 9 -23.08 -17.62 4.49
C ARG A 9 -22.17 -18.33 3.49
N GLU A 10 -22.72 -19.31 2.79
CA GLU A 10 -21.97 -20.08 1.81
C GLU A 10 -21.50 -19.20 0.66
N LEU A 11 -22.39 -18.35 0.16
CA LEU A 11 -22.06 -17.47 -0.96
C LEU A 11 -21.05 -16.39 -0.57
N VAL A 12 -21.17 -15.90 0.66
CA VAL A 12 -20.26 -14.86 1.16
C VAL A 12 -18.81 -15.37 1.15
N VAL A 13 -18.60 -16.56 1.70
CA VAL A 13 -17.26 -17.13 1.75
C VAL A 13 -16.84 -17.63 0.38
N ASP A 14 -17.81 -18.04 -0.42
CA ASP A 14 -17.57 -18.53 -1.78
C ASP A 14 -16.95 -17.44 -2.64
N PHE A 15 -17.63 -16.29 -2.70
CA PHE A 15 -17.15 -15.15 -3.48
C PHE A 15 -15.80 -14.67 -2.95
N LEU A 16 -15.65 -14.70 -1.64
CA LEU A 16 -14.41 -14.27 -1.00
C LEU A 16 -13.25 -15.14 -1.47
N SER A 17 -13.47 -16.46 -1.46
CA SER A 17 -12.45 -17.41 -1.89
C SER A 17 -12.16 -17.26 -3.39
N TYR A 18 -13.19 -16.91 -4.14
CA TYR A 18 -13.07 -16.72 -5.59
C TYR A 18 -12.08 -15.59 -5.88
N LYS A 19 -12.03 -14.60 -5.00
CA LYS A 19 -11.13 -13.47 -5.17
C LYS A 19 -9.79 -13.76 -4.49
N LEU A 20 -9.83 -14.48 -3.38
CA LEU A 20 -8.63 -14.83 -2.64
C LEU A 20 -7.70 -15.74 -3.46
N SER A 21 -8.21 -16.27 -4.54
CA SER A 21 -7.43 -17.14 -5.41
C SER A 21 -6.96 -16.40 -6.67
N GLN A 22 -7.02 -15.07 -6.63
CA GLN A 22 -6.60 -14.24 -7.75
C GLN A 22 -5.08 -14.32 -7.96
N LYS A 23 -4.35 -13.51 -7.21
CA LYS A 23 -2.90 -13.48 -7.29
C LYS A 23 -2.33 -13.00 -5.96
N GLY A 24 -1.14 -13.47 -5.62
CA GLY A 24 -0.53 -13.08 -4.37
C GLY A 24 -1.07 -13.92 -3.23
N TYR A 25 -1.68 -15.04 -3.59
CA TYR A 25 -2.27 -15.95 -2.62
C TYR A 25 -1.23 -16.92 -2.06
N SER A 26 -1.16 -16.99 -0.75
CA SER A 26 -0.24 -17.88 -0.07
C SER A 26 -1.00 -18.80 0.88
N TRP A 27 -1.32 -18.30 2.06
CA TRP A 27 -2.04 -19.08 3.05
C TRP A 27 -3.51 -19.21 2.72
N SER A 28 -3.98 -18.38 1.79
CA SER A 28 -5.38 -18.40 1.38
C SER A 28 -5.75 -19.70 0.68
N GLN A 29 -4.76 -20.35 0.07
CA GLN A 29 -4.99 -21.60 -0.64
C GLN A 29 -4.67 -22.80 0.24
N PHE A 30 -3.68 -22.64 1.10
CA PHE A 30 -3.25 -23.72 2.00
C PHE A 30 -4.19 -23.86 3.21
N SER A 31 -5.09 -22.90 3.35
CA SER A 31 -6.05 -22.92 4.46
C SER A 31 -7.45 -22.61 3.94
N MET A 86 -32.07 -23.98 -9.87
CA MET A 86 -31.47 -23.07 -8.91
C MET A 86 -31.40 -21.66 -9.52
N ALA A 87 -31.26 -20.66 -8.67
CA ALA A 87 -31.18 -19.27 -9.14
C ALA A 87 -29.79 -18.94 -9.64
N ALA A 88 -28.84 -19.84 -9.36
CA ALA A 88 -27.45 -19.67 -9.77
C ALA A 88 -26.86 -18.39 -9.19
N VAL A 89 -26.98 -18.26 -7.87
CA VAL A 89 -26.48 -17.09 -7.16
C VAL A 89 -24.95 -17.00 -7.24
N LYS A 90 -24.27 -18.14 -7.22
CA LYS A 90 -22.82 -18.18 -7.30
C LYS A 90 -22.36 -17.67 -8.67
N GLN A 91 -23.13 -18.05 -9.69
CA GLN A 91 -22.83 -17.63 -11.06
C GLN A 91 -23.08 -16.14 -11.21
N ALA A 92 -24.22 -15.67 -10.69
CA ALA A 92 -24.58 -14.26 -10.75
C ALA A 92 -23.53 -13.39 -10.06
N LEU A 93 -23.06 -13.83 -8.90
CA LEU A 93 -22.06 -13.10 -8.15
C LEU A 93 -20.71 -13.12 -8.87
N ARG A 94 -20.47 -14.19 -9.61
CA ARG A 94 -19.21 -14.33 -10.35
C ARG A 94 -19.15 -13.29 -11.46
N GLU A 95 -20.24 -13.19 -12.23
CA GLU A 95 -20.32 -12.26 -13.35
C GLU A 95 -20.09 -10.82 -12.89
N ALA A 96 -20.98 -10.31 -12.06
CA ALA A 96 -20.90 -8.94 -11.57
C ALA A 96 -19.65 -8.72 -10.71
N GLY A 97 -19.31 -9.72 -9.91
CA GLY A 97 -18.15 -9.61 -9.03
C GLY A 97 -16.86 -9.40 -9.79
N ASP A 98 -16.66 -10.17 -10.85
CA ASP A 98 -15.44 -10.05 -11.65
C ASP A 98 -15.46 -8.77 -12.48
N GLU A 99 -16.65 -8.38 -12.92
CA GLU A 99 -16.83 -7.17 -13.71
C GLU A 99 -16.49 -5.93 -12.90
N PHE A 100 -16.63 -6.02 -11.59
CA PHE A 100 -16.34 -4.92 -10.70
C PHE A 100 -14.89 -4.97 -10.21
N GLU A 101 -14.44 -6.18 -9.85
CA GLU A 101 -13.09 -6.38 -9.35
C GLU A 101 -12.03 -5.84 -10.30
N LEU A 102 -12.24 -6.04 -11.60
CA LEU A 102 -11.29 -5.57 -12.62
C LEU A 102 -11.04 -4.07 -12.53
N ARG A 103 -12.02 -3.32 -12.03
CA ARG A 103 -11.89 -1.88 -11.89
C ARG A 103 -11.33 -1.52 -10.51
N TYR A 104 -11.64 -2.35 -9.53
CA TYR A 104 -11.17 -2.12 -8.17
C TYR A 104 -9.69 -2.46 -8.00
N ARG A 105 -9.22 -3.41 -8.79
CA ARG A 105 -7.81 -3.82 -8.74
C ARG A 105 -6.90 -2.82 -9.45
N ARG A 106 -7.38 -1.61 -9.66
CA ARG A 106 -6.61 -0.58 -10.33
C ARG A 106 -5.93 0.33 -9.30
N ALA A 107 -6.02 -0.09 -8.04
CA ALA A 107 -5.43 0.64 -6.91
C ALA A 107 -6.18 1.93 -6.58
N PHE A 108 -6.02 2.93 -7.43
CA PHE A 108 -6.66 4.23 -7.20
C PHE A 108 -8.12 4.25 -7.64
N SER A 109 -8.92 3.44 -6.97
CA SER A 109 -10.35 3.36 -7.27
C SER A 109 -11.16 3.63 -6.00
N ASP A 110 -12.38 3.10 -5.93
CA ASP A 110 -13.25 3.29 -4.76
C ASP A 110 -12.61 2.73 -3.49
N LEU A 111 -11.74 1.74 -3.67
CA LEU A 111 -11.06 1.09 -2.56
C LEU A 111 -10.23 2.10 -1.78
N THR A 112 -9.47 2.92 -2.49
CA THR A 112 -8.62 3.93 -1.88
C THR A 112 -9.43 4.97 -1.11
N SER A 113 -10.60 5.31 -1.62
CA SER A 113 -11.47 6.30 -0.99
C SER A 113 -12.14 5.73 0.25
N GLN A 114 -12.66 4.52 0.14
CA GLN A 114 -13.35 3.86 1.24
C GLN A 114 -12.41 3.49 2.38
N LEU A 115 -11.34 2.76 2.04
CA LEU A 115 -10.38 2.33 3.05
C LEU A 115 -9.49 3.49 3.49
N HIS A 116 -8.85 4.14 2.52
CA HIS A 116 -7.96 5.27 2.77
C HIS A 116 -6.77 4.86 3.65
N ILE A 117 -6.53 3.55 3.72
CA ILE A 117 -5.45 3.00 4.53
C ILE A 117 -5.66 3.38 6.00
N THR A 118 -6.65 2.74 6.60
CA THR A 118 -7.00 2.99 7.99
C THR A 118 -5.95 2.45 8.95
N PRO A 119 -5.59 3.23 9.98
CA PRO A 119 -4.62 2.84 11.00
C PRO A 119 -5.21 1.84 12.00
N GLY A 120 -5.87 0.83 11.45
CA GLY A 120 -6.50 -0.20 12.24
C GLY A 120 -7.17 -1.19 11.32
N THR A 121 -6.41 -1.65 10.34
CA THR A 121 -6.88 -2.58 9.34
C THR A 121 -7.10 -3.99 9.91
N ALA A 122 -8.15 -4.10 10.73
CA ALA A 122 -8.52 -5.35 11.37
C ALA A 122 -9.95 -5.25 11.86
N TYR A 123 -10.26 -4.13 12.49
CA TYR A 123 -11.60 -3.90 13.01
C TYR A 123 -12.25 -2.66 12.37
N GLN A 124 -11.47 -1.59 12.24
CA GLN A 124 -11.97 -0.35 11.66
C GLN A 124 -12.31 -0.55 10.19
N SER A 125 -11.48 -1.32 9.49
CA SER A 125 -11.70 -1.60 8.08
C SER A 125 -13.01 -2.35 7.87
N PHE A 126 -13.27 -3.31 8.75
CA PHE A 126 -14.49 -4.10 8.69
C PHE A 126 -15.71 -3.20 8.83
N GLU A 127 -15.71 -2.36 9.86
CA GLU A 127 -16.81 -1.45 10.11
C GLU A 127 -17.03 -0.50 8.94
N GLN A 128 -15.93 0.06 8.42
CA GLN A 128 -16.00 0.99 7.31
C GLN A 128 -16.65 0.37 6.08
N VAL A 129 -16.33 -0.88 5.80
CA VAL A 129 -16.89 -1.59 4.65
C VAL A 129 -18.36 -1.92 4.86
N VAL A 130 -18.70 -2.47 6.02
CA VAL A 130 -20.08 -2.85 6.33
C VAL A 130 -20.99 -1.63 6.44
N ASN A 131 -20.46 -0.54 6.99
CA ASN A 131 -21.21 0.70 7.17
C ASN A 131 -21.67 1.24 5.82
N GLU A 132 -20.89 0.95 4.77
CA GLU A 132 -21.21 1.39 3.43
C GLU A 132 -22.57 0.85 2.98
N LEU A 133 -22.84 -0.40 3.34
CA LEU A 133 -24.11 -1.03 3.00
C LEU A 133 -25.26 -0.37 3.76
N PHE A 134 -25.00 -0.07 5.02
CA PHE A 134 -26.00 0.57 5.88
C PHE A 134 -26.28 2.00 5.44
N ARG A 135 -25.35 2.57 4.69
CA ARG A 135 -25.50 3.94 4.18
C ARG A 135 -26.60 4.00 3.13
N ASP A 136 -26.97 2.84 2.59
CA ASP A 136 -28.03 2.77 1.58
C ASP A 136 -29.19 1.95 2.12
N GLY A 137 -28.89 0.74 2.56
CA GLY A 137 -29.91 -0.14 3.08
C GLY A 137 -30.00 -1.40 2.26
N VAL A 138 -31.21 -1.93 2.12
CA VAL A 138 -31.41 -3.14 1.33
C VAL A 138 -31.44 -2.78 -0.15
N ASN A 139 -30.26 -2.50 -0.69
CA ASN A 139 -30.12 -2.14 -2.09
C ASN A 139 -29.36 -3.22 -2.85
N TRP A 140 -29.99 -3.73 -3.90
CA TRP A 140 -29.41 -4.78 -4.73
C TRP A 140 -28.18 -4.28 -5.48
N GLY A 141 -28.12 -2.97 -5.70
CA GLY A 141 -26.98 -2.41 -6.38
C GLY A 141 -25.83 -2.16 -5.42
N ARG A 142 -26.17 -1.68 -4.23
CA ARG A 142 -25.17 -1.38 -3.21
C ARG A 142 -24.52 -2.66 -2.70
N ILE A 143 -25.28 -3.76 -2.63
CA ILE A 143 -24.75 -5.04 -2.16
C ILE A 143 -23.62 -5.53 -3.06
N VAL A 144 -23.72 -5.20 -4.36
CA VAL A 144 -22.70 -5.60 -5.32
C VAL A 144 -21.40 -4.87 -4.99
N ALA A 145 -21.52 -3.58 -4.72
CA ALA A 145 -20.36 -2.75 -4.37
C ALA A 145 -19.76 -3.25 -3.07
N PHE A 146 -20.62 -3.62 -2.12
CA PHE A 146 -20.19 -4.13 -0.82
C PHE A 146 -19.30 -5.36 -1.01
N PHE A 147 -19.75 -6.31 -1.83
CA PHE A 147 -18.98 -7.51 -2.10
C PHE A 147 -17.71 -7.18 -2.85
N SER A 148 -17.79 -6.20 -3.75
CA SER A 148 -16.63 -5.78 -4.53
C SER A 148 -15.54 -5.20 -3.64
N PHE A 149 -15.95 -4.43 -2.63
CA PHE A 149 -15.02 -3.82 -1.69
C PHE A 149 -14.22 -4.89 -0.96
N GLY A 150 -14.94 -5.85 -0.38
CA GLY A 150 -14.28 -6.93 0.34
C GLY A 150 -13.51 -7.85 -0.58
N GLY A 151 -14.04 -8.05 -1.78
CA GLY A 151 -13.40 -8.91 -2.76
C GLY A 151 -12.04 -8.42 -3.17
N ALA A 152 -11.93 -7.13 -3.50
CA ALA A 152 -10.64 -6.57 -3.91
C ALA A 152 -9.71 -6.41 -2.71
N LEU A 153 -10.30 -6.17 -1.55
CA LEU A 153 -9.53 -5.97 -0.33
C LEU A 153 -8.85 -7.27 0.13
N CYS A 154 -9.59 -8.37 0.10
CA CYS A 154 -9.05 -9.66 0.54
C CYS A 154 -7.82 -10.08 -0.26
N VAL A 155 -7.84 -9.81 -1.56
CA VAL A 155 -6.73 -10.16 -2.43
C VAL A 155 -5.46 -9.43 -1.97
N GLU A 156 -5.58 -8.13 -1.80
CA GLU A 156 -4.45 -7.30 -1.39
C GLU A 156 -4.09 -7.54 0.08
N SER A 157 -4.94 -8.27 0.80
CA SER A 157 -4.69 -8.58 2.19
C SER A 157 -3.67 -9.70 2.32
N VAL A 158 -3.74 -10.66 1.40
CA VAL A 158 -2.82 -11.78 1.39
C VAL A 158 -1.61 -11.46 0.50
N ASP A 159 -1.87 -10.73 -0.57
CA ASP A 159 -0.85 -10.32 -1.53
C ASP A 159 0.21 -9.46 -0.84
N LYS A 160 -0.23 -8.63 0.10
CA LYS A 160 0.69 -7.76 0.82
C LYS A 160 1.07 -8.39 2.15
N GLU A 161 0.71 -9.67 2.31
CA GLU A 161 1.00 -10.44 3.53
C GLU A 161 0.71 -9.66 4.81
N MET A 162 -0.56 -9.41 5.08
CA MET A 162 -0.95 -8.69 6.27
C MET A 162 -1.61 -9.60 7.30
N GLN A 163 -2.09 -10.74 6.83
CA GLN A 163 -2.73 -11.75 7.69
C GLN A 163 -4.00 -11.26 8.40
N VAL A 164 -3.79 -10.56 9.52
CA VAL A 164 -4.86 -10.04 10.37
C VAL A 164 -5.97 -9.29 9.60
N LEU A 165 -5.61 -8.62 8.52
CA LEU A 165 -6.57 -7.84 7.72
C LEU A 165 -7.83 -8.64 7.36
N VAL A 166 -7.71 -9.57 6.44
CA VAL A 166 -8.85 -10.36 6.00
C VAL A 166 -9.30 -11.37 7.06
N SER A 167 -8.36 -11.85 7.87
CA SER A 167 -8.66 -12.83 8.90
C SER A 167 -9.73 -12.32 9.90
N ARG A 168 -9.58 -11.06 10.30
CA ARG A 168 -10.52 -10.48 11.25
C ARG A 168 -11.84 -10.09 10.58
N ILE A 169 -11.76 -9.46 9.42
CA ILE A 169 -12.95 -9.03 8.68
C ILE A 169 -13.87 -10.21 8.38
N ALA A 170 -13.30 -11.29 7.87
CA ALA A 170 -14.09 -12.48 7.54
C ALA A 170 -14.77 -13.06 8.77
N ALA A 171 -14.04 -13.09 9.88
CA ALA A 171 -14.57 -13.62 11.13
C ALA A 171 -15.74 -12.80 11.64
N TRP A 172 -15.57 -11.48 11.66
CA TRP A 172 -16.61 -10.58 12.14
C TRP A 172 -17.83 -10.59 11.20
N MET A 173 -17.57 -10.62 9.92
CA MET A 173 -18.63 -10.62 8.92
C MET A 173 -19.45 -11.91 8.99
N ALA A 174 -18.76 -13.04 9.06
CA ALA A 174 -19.42 -14.35 9.12
C ALA A 174 -20.28 -14.52 10.37
N THR A 175 -19.87 -13.90 11.48
CA THR A 175 -20.60 -14.01 12.73
C THR A 175 -21.88 -13.17 12.71
N TYR A 176 -21.77 -11.93 12.25
CA TYR A 176 -22.93 -11.03 12.19
C TYR A 176 -23.88 -11.46 11.09
N LEU A 177 -23.32 -12.02 10.02
CA LEU A 177 -24.10 -12.48 8.87
C LEU A 177 -25.11 -13.53 9.30
N ASN A 178 -24.64 -14.60 9.91
CA ASN A 178 -25.51 -15.70 10.35
C ASN A 178 -26.48 -15.26 11.45
N ASP A 179 -26.17 -14.16 12.12
CA ASP A 179 -27.00 -13.65 13.20
C ASP A 179 -28.15 -12.78 12.71
N HIS A 180 -27.84 -11.78 11.89
CA HIS A 180 -28.85 -10.84 11.41
C HIS A 180 -29.06 -10.89 9.89
N LEU A 181 -27.98 -10.77 9.14
CA LEU A 181 -28.05 -10.74 7.68
C LEU A 181 -28.77 -11.93 7.05
N GLU A 182 -28.37 -13.14 7.41
CA GLU A 182 -28.96 -14.36 6.85
C GLU A 182 -30.50 -14.39 6.96
N PRO A 183 -31.07 -14.33 8.18
CA PRO A 183 -32.54 -14.36 8.35
C PRO A 183 -33.23 -13.12 7.77
N TRP A 184 -32.50 -12.02 7.66
CA TRP A 184 -33.05 -10.78 7.13
C TRP A 184 -33.14 -10.83 5.60
N ILE A 185 -32.09 -11.33 4.97
CA ILE A 185 -32.04 -11.44 3.52
C ILE A 185 -33.16 -12.33 2.99
N GLN A 186 -33.38 -13.46 3.66
CA GLN A 186 -34.43 -14.39 3.26
C GLN A 186 -35.81 -13.93 3.70
N GLU A 187 -35.87 -12.77 4.36
CA GLU A 187 -37.13 -12.22 4.84
C GLU A 187 -37.55 -11.02 3.98
N ASN A 188 -36.62 -10.08 3.81
CA ASN A 188 -36.90 -8.88 3.03
C ASN A 188 -36.56 -9.06 1.55
N GLY A 189 -35.55 -9.88 1.29
CA GLY A 189 -35.14 -10.10 -0.08
C GLY A 189 -33.74 -9.56 -0.34
N GLY A 190 -32.85 -10.43 -0.77
CA GLY A 190 -31.49 -10.03 -1.07
C GLY A 190 -31.02 -10.57 -2.40
N TRP A 191 -30.13 -11.55 -2.36
CA TRP A 191 -29.61 -12.17 -3.58
C TRP A 191 -30.73 -12.83 -4.38
N ASP A 192 -31.75 -13.27 -3.67
CA ASP A 192 -32.91 -13.91 -4.27
C ASP A 192 -33.59 -12.97 -5.25
N THR A 193 -33.77 -11.73 -4.83
CA THR A 193 -34.41 -10.73 -5.65
C THR A 193 -33.41 -10.10 -6.61
N PHE A 194 -32.13 -10.25 -6.30
CA PHE A 194 -31.07 -9.72 -7.13
C PHE A 194 -31.01 -10.49 -8.45
N VAL A 195 -31.16 -11.81 -8.36
CA VAL A 195 -31.14 -12.67 -9.54
C VAL A 195 -32.27 -12.27 -10.49
N GLU A 196 -33.38 -11.82 -9.91
CA GLU A 196 -34.54 -11.41 -10.68
C GLU A 196 -34.16 -10.24 -11.61
N LEU A 197 -33.58 -9.20 -11.04
CA LEU A 197 -33.18 -8.03 -11.82
C LEU A 197 -31.78 -8.17 -12.41
N TYR A 198 -31.38 -9.40 -12.71
CA TYR A 198 -30.07 -9.64 -13.28
C TYR A 198 -30.09 -10.74 -14.34
N GLY A 199 -30.68 -11.87 -14.00
CA GLY A 199 -30.74 -12.98 -14.94
C GLY A 199 -32.15 -13.38 -15.34
N ASN A 200 -33.13 -13.07 -14.50
CA ASN A 200 -34.51 -13.43 -14.81
C ASN A 200 -35.18 -12.39 -15.71
N ASN A 201 -35.15 -11.14 -15.28
CA ASN A 201 -35.76 -10.05 -16.02
C ASN A 201 -34.87 -9.64 -17.19
N SER B 1 24.72 -6.17 -7.63
CA SER B 1 25.58 -5.04 -7.32
C SER B 1 24.97 -4.19 -6.20
N VAL B 2 25.67 -4.11 -5.08
CA VAL B 2 25.20 -3.34 -3.93
C VAL B 2 25.78 -1.93 -4.00
N PRO B 3 24.90 -0.91 -4.07
CA PRO B 3 25.31 0.50 -4.15
C PRO B 3 25.99 0.97 -2.87
N SER B 4 26.83 1.99 -3.00
CA SER B 4 27.54 2.55 -1.87
C SER B 4 26.57 3.17 -0.87
N GLN B 5 26.46 2.55 0.30
CA GLN B 5 25.57 3.03 1.34
C GLN B 5 26.36 3.74 2.43
N LYS B 6 27.62 4.05 2.12
CA LYS B 6 28.49 4.73 3.06
C LYS B 6 28.03 6.17 3.26
N THR B 7 28.04 6.61 4.52
CA THR B 7 27.65 7.97 4.85
C THR B 7 28.66 8.96 4.27
N TYR B 8 28.21 9.79 3.35
CA TYR B 8 29.06 10.76 2.71
C TYR B 8 28.45 12.15 2.84
N GLN B 9 28.92 12.90 3.82
CA GLN B 9 28.43 14.25 4.03
C GLN B 9 28.86 15.16 2.88
N GLY B 10 30.05 14.90 2.37
CA GLY B 10 30.56 15.66 1.26
C GLY B 10 30.95 17.06 1.64
N SER B 11 31.07 17.92 0.65
CA SER B 11 31.44 19.31 0.86
C SER B 11 30.21 20.17 1.14
N TYR B 12 29.04 19.55 1.18
CA TYR B 12 27.80 20.29 1.42
C TYR B 12 27.07 19.82 2.67
N GLY B 13 27.60 18.80 3.32
CA GLY B 13 26.97 18.27 4.52
C GLY B 13 25.57 17.78 4.25
N PHE B 14 25.48 16.72 3.45
CA PHE B 14 24.19 16.15 3.08
C PHE B 14 23.61 15.31 4.20
N ARG B 15 22.74 15.93 4.99
CA ARG B 15 22.08 15.26 6.10
C ARG B 15 20.62 15.01 5.77
N LEU B 16 20.00 14.05 6.43
CA LEU B 16 18.61 13.74 6.20
C LEU B 16 17.72 14.18 7.35
N GLY B 17 16.66 14.88 7.03
CA GLY B 17 15.73 15.34 8.05
C GLY B 17 14.33 14.85 7.77
N PHE B 18 13.63 14.44 8.81
CA PHE B 18 12.27 13.94 8.67
C PHE B 18 11.37 14.57 9.72
N LEU B 19 10.07 14.44 9.51
CA LEU B 19 9.10 15.00 10.45
C LEU B 19 8.89 14.05 11.61
N HIS B 20 8.88 14.60 12.82
CA HIS B 20 8.71 13.81 14.01
C HIS B 20 7.26 13.86 14.49
N SER B 21 6.41 13.11 13.81
CA SER B 21 4.99 13.05 14.14
C SER B 21 4.79 12.40 15.51
N GLY B 22 5.45 11.27 15.72
CA GLY B 22 5.33 10.58 16.99
C GLY B 22 4.80 9.17 16.84
N THR B 23 4.52 8.54 17.97
CA THR B 23 4.01 7.19 18.00
C THR B 23 2.48 7.17 17.92
N ALA B 24 1.94 8.13 17.19
CA ALA B 24 0.50 8.26 17.02
C ALA B 24 -0.05 7.15 16.14
N LYS B 25 -1.13 6.53 16.58
CA LYS B 25 -1.76 5.45 15.83
C LYS B 25 -2.29 5.96 14.50
N SER B 26 -3.06 7.05 14.56
CA SER B 26 -3.62 7.65 13.37
C SER B 26 -2.67 8.69 12.77
N VAL B 27 -1.79 8.23 11.88
CA VAL B 27 -0.83 9.11 11.23
C VAL B 27 -0.47 8.56 9.85
N THR B 28 -0.10 9.45 8.94
CA THR B 28 0.26 9.03 7.58
C THR B 28 1.67 8.46 7.52
N CYS B 29 2.57 9.03 8.30
CA CYS B 29 3.95 8.57 8.33
C CYS B 29 4.62 9.01 9.63
N THR B 30 5.65 8.29 10.03
CA THR B 30 6.40 8.61 11.24
C THR B 30 7.86 8.17 11.09
N TYR B 31 8.76 8.85 11.78
CA TYR B 31 10.18 8.53 11.70
C TYR B 31 10.79 8.35 13.08
N SER B 32 11.61 7.34 13.23
CA SER B 32 12.29 7.04 14.47
C SER B 32 13.75 7.46 14.38
N PRO B 33 14.15 8.48 15.14
CA PRO B 33 15.54 8.96 15.15
C PRO B 33 16.45 8.05 15.96
N ALA B 34 15.84 7.21 16.78
CA ALA B 34 16.59 6.28 17.63
C ALA B 34 17.21 5.16 16.81
N LEU B 35 16.47 4.67 15.83
CA LEU B 35 16.97 3.58 14.99
C LEU B 35 17.14 4.01 13.54
N ASN B 36 16.83 5.28 13.26
CA ASN B 36 16.93 5.83 11.92
C ASN B 36 16.06 5.00 10.97
N LYS B 37 14.79 4.86 11.34
CA LYS B 37 13.85 4.07 10.57
C LYS B 37 12.56 4.86 10.36
N MET B 38 12.08 4.86 9.13
CA MET B 38 10.85 5.57 8.79
C MET B 38 9.73 4.59 8.52
N PHE B 39 8.55 4.88 9.07
CA PHE B 39 7.39 4.04 8.89
C PHE B 39 6.37 4.78 8.03
N CYS B 40 6.16 4.29 6.82
CA CYS B 40 5.25 4.92 5.89
C CYS B 40 4.03 4.05 5.64
N GLN B 41 2.96 4.67 5.15
CA GLN B 41 1.74 3.95 4.83
C GLN B 41 1.71 3.58 3.35
N LEU B 42 0.68 2.84 2.96
CA LEU B 42 0.54 2.42 1.58
C LEU B 42 0.00 3.55 0.69
N ALA B 43 0.78 3.92 -0.33
CA ALA B 43 0.40 4.97 -1.27
C ALA B 43 0.23 6.34 -0.61
N LYS B 44 0.95 6.56 0.48
CA LYS B 44 0.86 7.83 1.19
C LYS B 44 2.11 8.67 0.99
N THR B 45 1.92 9.98 0.92
CA THR B 45 3.01 10.91 0.73
C THR B 45 3.90 11.00 1.97
N CYS B 46 5.20 10.84 1.75
CA CYS B 46 6.18 10.91 2.83
C CYS B 46 7.13 12.08 2.60
N PRO B 47 6.99 13.15 3.40
CA PRO B 47 7.82 14.35 3.29
C PRO B 47 9.23 14.15 3.85
N VAL B 48 10.21 14.13 2.95
CA VAL B 48 11.61 13.97 3.33
C VAL B 48 12.34 15.30 3.12
N GLN B 49 13.11 15.72 4.11
CA GLN B 49 13.83 16.98 4.00
C GLN B 49 15.33 16.78 3.83
N LEU B 50 15.91 17.55 2.94
CA LEU B 50 17.34 17.50 2.70
C LEU B 50 18.03 18.56 3.55
N TRP B 51 18.53 18.14 4.70
CA TRP B 51 19.21 19.06 5.61
C TRP B 51 20.65 19.26 5.19
N VAL B 52 20.85 20.08 4.16
CA VAL B 52 22.18 20.37 3.67
C VAL B 52 22.84 21.45 4.50
N ASP B 53 24.08 21.22 4.89
CA ASP B 53 24.81 22.19 5.70
C ASP B 53 25.31 23.35 4.85
N SER B 54 25.49 23.08 3.56
CA SER B 54 25.94 24.08 2.61
C SER B 54 25.02 24.05 1.39
N THR B 55 24.84 25.21 0.76
CA THR B 55 23.98 25.32 -0.40
C THR B 55 24.63 24.70 -1.64
N PRO B 56 24.01 23.63 -2.18
CA PRO B 56 24.51 22.96 -3.37
C PRO B 56 24.19 23.75 -4.63
N PRO B 57 24.98 23.57 -5.71
CA PRO B 57 24.76 24.26 -6.97
C PRO B 57 23.46 23.81 -7.64
N PRO B 58 22.57 24.76 -7.99
CA PRO B 58 21.29 24.47 -8.64
C PRO B 58 21.46 23.59 -9.88
N GLY B 59 20.56 22.64 -10.04
CA GLY B 59 20.63 21.74 -11.19
C GLY B 59 21.25 20.42 -10.80
N THR B 60 21.28 20.16 -9.49
CA THR B 60 21.82 18.92 -8.97
C THR B 60 20.80 17.79 -9.12
N ARG B 61 21.25 16.56 -8.98
CA ARG B 61 20.36 15.41 -9.11
C ARG B 61 20.22 14.63 -7.80
N VAL B 62 19.00 14.58 -7.29
CA VAL B 62 18.71 13.86 -6.05
C VAL B 62 18.20 12.47 -6.44
N ARG B 63 18.99 11.46 -6.18
CA ARG B 63 18.62 10.10 -6.52
C ARG B 63 18.28 9.29 -5.28
N ALA B 64 17.21 8.53 -5.36
CA ALA B 64 16.76 7.70 -4.26
C ALA B 64 16.64 6.24 -4.68
N MET B 65 17.51 5.41 -4.15
CA MET B 65 17.50 3.98 -4.46
C MET B 65 17.37 3.19 -3.17
N ALA B 66 16.43 2.25 -3.13
CA ALA B 66 16.20 1.45 -1.94
C ALA B 66 16.69 0.02 -2.12
N ILE B 67 17.36 -0.48 -1.09
CA ILE B 67 17.86 -1.84 -1.08
C ILE B 67 17.28 -2.56 0.14
N TYR B 68 17.75 -3.77 0.42
CA TYR B 68 17.24 -4.51 1.56
C TYR B 68 18.17 -4.37 2.76
N LYS B 69 17.61 -4.48 3.96
CA LYS B 69 18.40 -4.36 5.18
C LYS B 69 19.42 -5.49 5.28
N GLN B 70 19.00 -6.69 4.90
CA GLN B 70 19.87 -7.85 4.94
C GLN B 70 20.94 -7.76 3.85
N SER B 71 22.20 -7.79 4.25
CA SER B 71 23.32 -7.71 3.32
C SER B 71 23.29 -8.86 2.31
N GLN B 72 22.79 -10.00 2.75
CA GLN B 72 22.69 -11.19 1.90
C GLN B 72 21.58 -11.02 0.87
N HIS B 73 20.63 -10.13 1.16
CA HIS B 73 19.50 -9.90 0.27
C HIS B 73 19.61 -8.55 -0.42
N MET B 74 20.74 -7.87 -0.22
CA MET B 74 20.96 -6.56 -0.82
C MET B 74 21.09 -6.67 -2.34
N THR B 75 21.29 -7.88 -2.82
CA THR B 75 21.42 -8.14 -4.23
C THR B 75 20.05 -8.08 -4.92
N GLU B 76 19.00 -8.17 -4.12
CA GLU B 76 17.64 -8.12 -4.65
C GLU B 76 17.19 -6.67 -4.81
N VAL B 77 16.14 -6.48 -5.60
CA VAL B 77 15.61 -5.16 -5.85
C VAL B 77 14.23 -5.02 -5.19
N VAL B 78 13.98 -3.86 -4.61
CA VAL B 78 12.70 -3.60 -3.95
C VAL B 78 11.60 -3.44 -5.00
N ARG B 79 10.69 -4.40 -5.04
CA ARG B 79 9.60 -4.37 -6.00
C ARG B 79 8.26 -4.58 -5.34
N ARG B 80 7.20 -4.51 -6.15
CA ARG B 80 5.85 -4.67 -5.67
C ARG B 80 5.49 -6.14 -5.43
N CYS B 81 4.26 -6.37 -5.00
CA CYS B 81 3.77 -7.71 -4.73
C CYS B 81 3.21 -8.34 -6.01
N PRO B 82 2.96 -9.67 -6.01
CA PRO B 82 2.42 -10.39 -7.18
C PRO B 82 1.19 -9.72 -7.77
N HIS B 83 0.33 -9.18 -6.91
CA HIS B 83 -0.86 -8.49 -7.37
C HIS B 83 -0.77 -6.99 -7.05
N HIS B 84 -0.02 -6.27 -7.87
CA HIS B 84 0.17 -4.83 -7.69
C HIS B 84 0.78 -4.21 -8.93
N GLU B 85 1.61 -4.97 -9.61
CA GLU B 85 2.27 -4.52 -10.83
C GLU B 85 1.26 -4.40 -11.97
N ARG B 86 0.44 -5.43 -12.12
CA ARG B 86 -0.57 -5.48 -13.15
C ARG B 86 -1.79 -4.64 -12.80
N CYS B 87 -1.74 -3.98 -11.64
CA CYS B 87 -2.84 -3.15 -11.20
C CYS B 87 -3.03 -1.96 -12.14
N SER B 88 -1.96 -1.57 -12.81
CA SER B 88 -1.98 -0.46 -13.75
C SER B 88 -2.36 0.84 -13.05
N ASP B 89 -1.61 1.18 -12.00
CA ASP B 89 -1.86 2.39 -11.23
C ASP B 89 -1.04 3.55 -11.76
N SER B 90 -0.54 3.40 -12.97
CA SER B 90 0.26 4.42 -13.62
C SER B 90 -0.58 5.66 -13.95
N ASP B 91 -0.09 6.82 -13.55
CA ASP B 91 -0.78 8.08 -13.81
C ASP B 91 -0.48 8.55 -15.23
N GLY B 92 0.67 8.14 -15.74
CA GLY B 92 1.10 8.53 -17.06
C GLY B 92 2.58 8.81 -17.07
N LEU B 93 3.08 9.33 -15.95
CA LEU B 93 4.49 9.65 -15.81
C LEU B 93 5.15 8.65 -14.87
N ALA B 94 4.40 8.22 -13.85
CA ALA B 94 4.90 7.27 -12.89
C ALA B 94 4.61 5.83 -13.34
N PRO B 95 5.67 5.06 -13.65
CA PRO B 95 5.54 3.68 -14.10
C PRO B 95 4.97 2.77 -13.01
N PRO B 96 4.17 1.76 -13.39
CA PRO B 96 3.56 0.81 -12.43
C PRO B 96 4.57 -0.17 -11.84
N GLN B 97 5.77 -0.19 -12.39
CA GLN B 97 6.83 -1.09 -11.91
C GLN B 97 7.61 -0.44 -10.77
N HIS B 98 7.62 0.89 -10.74
CA HIS B 98 8.35 1.62 -9.71
C HIS B 98 7.59 1.64 -8.40
N LEU B 99 8.33 1.36 -7.32
CA LEU B 99 7.75 1.34 -5.99
C LEU B 99 7.83 2.71 -5.32
N ILE B 100 8.90 3.43 -5.58
CA ILE B 100 9.11 4.75 -5.00
C ILE B 100 8.80 5.84 -6.02
N ARG B 101 7.83 6.65 -5.71
CA ARG B 101 7.43 7.74 -6.58
C ARG B 101 7.61 9.09 -5.88
N VAL B 102 7.31 10.18 -6.57
CA VAL B 102 7.46 11.52 -5.99
C VAL B 102 6.22 12.37 -6.24
N GLU B 103 5.78 13.07 -5.20
CA GLU B 103 4.63 13.95 -5.28
C GLU B 103 5.06 15.40 -5.13
N GLY B 104 4.15 16.32 -5.39
CA GLY B 104 4.45 17.73 -5.27
C GLY B 104 5.24 18.26 -6.45
N ASN B 105 6.42 17.72 -6.66
CA ASN B 105 7.29 18.13 -7.76
C ASN B 105 6.90 17.39 -9.05
N LEU B 106 6.67 18.13 -10.11
CA LEU B 106 6.28 17.54 -11.38
C LEU B 106 7.51 17.10 -12.18
N ARG B 107 8.68 17.57 -11.76
CA ARG B 107 9.94 17.22 -12.42
C ARG B 107 10.47 15.90 -11.88
N VAL B 108 9.60 14.92 -11.76
CA VAL B 108 9.98 13.62 -11.26
C VAL B 108 10.43 12.69 -12.38
N GLU B 109 11.71 12.34 -12.37
CA GLU B 109 12.27 11.46 -13.37
C GLU B 109 12.59 10.10 -12.75
N TYR B 110 12.58 9.07 -13.57
CA TYR B 110 12.86 7.72 -13.10
C TYR B 110 14.08 7.14 -13.78
N LEU B 111 14.89 6.42 -13.00
CA LEU B 111 16.10 5.81 -13.52
C LEU B 111 16.06 4.30 -13.37
N ASP B 112 15.84 3.60 -14.48
CA ASP B 112 15.80 2.15 -14.48
C ASP B 112 17.14 1.61 -14.92
N ASP B 113 17.97 1.23 -13.97
CA ASP B 113 19.28 0.68 -14.27
C ASP B 113 19.16 -0.65 -15.01
N ARG B 114 19.90 -0.78 -16.10
CA ARG B 114 19.85 -1.99 -16.91
C ARG B 114 21.03 -2.91 -16.64
N ASN B 115 21.80 -2.61 -15.59
CA ASN B 115 22.96 -3.43 -15.25
C ASN B 115 22.58 -4.51 -14.25
N THR B 116 21.88 -4.11 -13.20
CA THR B 116 21.45 -5.02 -12.16
C THR B 116 19.97 -4.79 -11.85
N PHE B 117 19.28 -4.11 -12.78
CA PHE B 117 17.86 -3.80 -12.63
C PHE B 117 17.60 -2.92 -11.42
N ARG B 118 18.47 -1.95 -11.19
CA ARG B 118 18.33 -1.05 -10.05
C ARG B 118 17.34 0.07 -10.34
N HIS B 119 16.06 -0.20 -10.11
CA HIS B 119 15.01 0.78 -10.32
C HIS B 119 15.12 1.86 -9.24
N SER B 120 15.26 3.11 -9.66
CA SER B 120 15.38 4.22 -8.72
C SER B 120 14.74 5.48 -9.27
N VAL B 121 14.49 6.43 -8.39
CA VAL B 121 13.88 7.70 -8.78
C VAL B 121 14.92 8.82 -8.66
N VAL B 122 14.84 9.81 -9.55
CA VAL B 122 15.78 10.92 -9.53
C VAL B 122 15.07 12.23 -9.84
N VAL B 123 15.24 13.21 -8.97
CA VAL B 123 14.63 14.52 -9.14
C VAL B 123 15.68 15.61 -9.06
N PRO B 124 15.45 16.75 -9.74
CA PRO B 124 16.38 17.88 -9.74
C PRO B 124 16.33 18.60 -8.39
N TYR B 125 17.45 19.16 -7.98
CA TYR B 125 17.50 19.88 -6.72
C TYR B 125 16.88 21.26 -6.87
N GLU B 126 15.71 21.42 -6.29
CA GLU B 126 15.01 22.69 -6.33
C GLU B 126 15.63 23.66 -5.33
N PRO B 127 15.80 24.93 -5.75
CA PRO B 127 16.39 25.97 -4.89
C PRO B 127 15.52 26.21 -3.65
N PRO B 128 16.14 26.62 -2.53
CA PRO B 128 15.41 26.91 -1.28
C PRO B 128 14.28 27.90 -1.52
N GLU B 129 13.05 27.41 -1.38
CA GLU B 129 11.87 28.22 -1.59
C GLU B 129 11.71 29.28 -0.51
N VAL B 130 10.83 30.24 -0.78
CA VAL B 130 10.57 31.32 0.15
C VAL B 130 10.02 30.78 1.48
N GLY B 131 10.78 30.98 2.54
CA GLY B 131 10.36 30.49 3.84
C GLY B 131 10.58 29.01 3.99
N SER B 132 11.43 28.45 3.14
CA SER B 132 11.74 27.03 3.18
C SER B 132 13.24 26.83 3.37
N ASP B 133 13.65 26.62 4.61
CA ASP B 133 15.06 26.43 4.93
C ASP B 133 15.58 25.12 4.39
N CYS B 134 14.89 24.04 4.71
CA CYS B 134 15.28 22.72 4.28
C CYS B 134 14.43 22.24 3.11
N THR B 135 15.10 21.87 2.01
CA THR B 135 14.42 21.40 0.82
C THR B 135 13.59 20.16 1.15
N THR B 136 12.28 20.26 0.99
CA THR B 136 11.39 19.15 1.28
C THR B 136 10.90 18.47 0.00
N ILE B 137 11.07 17.16 -0.06
CA ILE B 137 10.64 16.37 -1.21
C ILE B 137 9.61 15.35 -0.76
N HIS B 138 8.51 15.26 -1.48
CA HIS B 138 7.46 14.31 -1.15
C HIS B 138 7.65 12.99 -1.89
N TYR B 139 7.96 11.94 -1.15
CA TYR B 139 8.17 10.62 -1.73
C TYR B 139 6.94 9.75 -1.50
N ASN B 140 6.72 8.78 -2.36
CA ASN B 140 5.56 7.90 -2.25
C ASN B 140 5.96 6.43 -2.30
N TYR B 141 5.52 5.67 -1.31
CA TYR B 141 5.79 4.24 -1.26
C TYR B 141 4.54 3.48 -1.70
N MET B 142 4.61 2.89 -2.88
CA MET B 142 3.46 2.19 -3.45
C MET B 142 3.26 0.77 -2.92
N CYS B 143 4.09 0.31 -2.01
CA CYS B 143 3.96 -1.04 -1.48
C CYS B 143 4.49 -1.15 -0.05
N ASN B 144 3.87 -2.05 0.72
CA ASN B 144 4.27 -2.29 2.10
C ASN B 144 5.48 -3.20 2.13
N SER B 145 6.23 -3.18 3.23
CA SER B 145 7.42 -4.02 3.36
C SER B 145 7.08 -5.48 3.61
N SER B 146 5.80 -5.77 3.79
CA SER B 146 5.36 -7.13 4.04
C SER B 146 4.91 -7.81 2.74
N CYS B 147 4.78 -7.03 1.67
CA CYS B 147 4.34 -7.55 0.36
C CYS B 147 5.15 -8.78 -0.06
N MET B 148 4.44 -9.89 -0.25
CA MET B 148 5.05 -11.15 -0.64
C MET B 148 5.72 -11.03 -2.01
N GLY B 149 6.71 -11.89 -2.27
CA GLY B 149 7.40 -11.87 -3.55
C GLY B 149 8.52 -10.85 -3.58
N GLY B 150 8.17 -9.58 -3.47
CA GLY B 150 9.16 -8.53 -3.49
C GLY B 150 9.90 -8.43 -2.17
N MET B 151 9.42 -7.56 -1.29
CA MET B 151 10.04 -7.38 0.02
C MET B 151 9.91 -8.64 0.87
N ASN B 152 8.74 -9.25 0.83
CA ASN B 152 8.46 -10.49 1.56
C ASN B 152 8.78 -10.38 3.05
N ARG B 153 8.23 -9.36 3.70
CA ARG B 153 8.45 -9.14 5.14
C ARG B 153 9.90 -8.85 5.47
N ARG B 154 10.54 -8.04 4.64
CA ARG B 154 11.94 -7.67 4.84
C ARG B 154 12.08 -6.15 4.81
N PRO B 155 12.74 -5.57 5.83
CA PRO B 155 12.95 -4.12 5.91
C PRO B 155 13.88 -3.64 4.80
N ILE B 156 13.64 -2.43 4.33
CA ILE B 156 14.44 -1.86 3.26
C ILE B 156 15.26 -0.67 3.71
N LEU B 157 16.30 -0.36 2.94
CA LEU B 157 17.18 0.75 3.23
C LEU B 157 17.18 1.70 2.04
N THR B 158 16.55 2.85 2.21
CA THR B 158 16.49 3.83 1.14
C THR B 158 17.70 4.76 1.19
N ILE B 159 18.49 4.73 0.14
CA ILE B 159 19.69 5.56 0.05
C ILE B 159 19.40 6.84 -0.75
N ILE B 160 19.51 7.97 -0.07
CA ILE B 160 19.27 9.25 -0.71
C ILE B 160 20.62 9.84 -1.06
N THR B 161 20.87 10.03 -2.35
CA THR B 161 22.14 10.55 -2.80
C THR B 161 21.98 11.84 -3.62
N LEU B 162 22.93 12.74 -3.45
CA LEU B 162 22.93 14.01 -4.16
C LEU B 162 24.14 14.08 -5.07
N GLU B 163 23.91 13.97 -6.36
CA GLU B 163 24.97 14.02 -7.35
C GLU B 163 24.80 15.22 -8.26
N ASP B 164 25.87 15.62 -8.91
CA ASP B 164 25.82 16.76 -9.83
C ASP B 164 25.06 16.39 -11.11
N SER B 165 24.87 17.38 -11.98
CA SER B 165 24.16 17.18 -13.24
C SER B 165 24.78 16.05 -14.08
N SER B 166 26.09 15.88 -13.94
CA SER B 166 26.80 14.84 -14.67
C SER B 166 26.71 13.51 -13.93
N GLY B 167 27.21 13.49 -12.68
CA GLY B 167 27.17 12.27 -11.90
C GLY B 167 28.20 12.23 -10.77
N ASN B 168 28.68 13.41 -10.37
CA ASN B 168 29.66 13.49 -9.30
C ASN B 168 28.97 13.47 -7.95
N LEU B 169 29.37 12.54 -7.09
CA LEU B 169 28.79 12.41 -5.77
C LEU B 169 29.18 13.58 -4.87
N LEU B 170 28.18 14.35 -4.45
CA LEU B 170 28.41 15.50 -3.58
C LEU B 170 28.03 15.17 -2.15
N GLY B 171 27.01 14.34 -1.99
CA GLY B 171 26.54 13.94 -0.68
C GLY B 171 25.67 12.71 -0.76
N ARG B 172 25.68 11.88 0.28
CA ARG B 172 24.88 10.66 0.28
C ARG B 172 24.55 10.21 1.71
N ASN B 173 23.29 9.90 1.95
CA ASN B 173 22.82 9.46 3.25
C ASN B 173 21.84 8.30 3.07
N SER B 174 21.42 7.65 4.15
CA SER B 174 20.49 6.53 4.05
C SER B 174 19.71 6.30 5.35
N PHE B 175 18.57 5.63 5.23
CA PHE B 175 17.73 5.33 6.39
C PHE B 175 16.92 4.06 6.14
N GLU B 176 16.49 3.40 7.20
CA GLU B 176 15.71 2.18 7.10
C GLU B 176 14.23 2.51 6.97
N VAL B 177 13.51 1.74 6.18
CA VAL B 177 12.09 1.99 5.97
C VAL B 177 11.26 0.73 6.19
N ARG B 178 10.08 0.92 6.77
CA ARG B 178 9.15 -0.16 7.02
C ARG B 178 7.75 0.31 6.64
N VAL B 179 7.38 0.08 5.39
CA VAL B 179 6.08 0.48 4.91
C VAL B 179 5.01 -0.46 5.45
N CYS B 180 4.00 0.11 6.07
CA CYS B 180 2.92 -0.67 6.65
C CYS B 180 1.59 0.03 6.46
N ALA B 181 0.58 -0.41 7.20
CA ALA B 181 -0.75 0.19 7.11
C ALA B 181 -1.02 1.07 8.33
N CYS B 182 -0.22 0.87 9.37
CA CYS B 182 -0.36 1.63 10.60
C CYS B 182 1.01 1.96 11.17
N PRO B 183 1.59 3.11 10.78
CA PRO B 183 2.92 3.53 11.23
C PRO B 183 3.04 3.57 12.75
N GLY B 184 2.03 4.11 13.41
CA GLY B 184 2.04 4.20 14.87
C GLY B 184 1.96 2.84 15.54
N ARG B 185 1.41 1.87 14.83
CA ARG B 185 1.28 0.51 15.36
C ARG B 185 2.57 -0.26 15.17
N ASP B 186 3.06 -0.28 13.93
CA ASP B 186 4.27 -1.01 13.58
C ASP B 186 5.51 -0.43 14.25
N ARG B 187 5.51 0.88 14.49
CA ARG B 187 6.65 1.52 15.14
C ARG B 187 6.85 0.96 16.54
N ARG B 188 5.74 0.64 17.20
CA ARG B 188 5.76 0.11 18.56
C ARG B 188 6.26 -1.33 18.56
N THR B 189 6.16 -1.99 17.42
CA THR B 189 6.60 -3.38 17.30
C THR B 189 8.11 -3.45 17.05
N GLU B 190 8.75 -2.30 16.91
CA GLU B 190 10.19 -2.25 16.67
C GLU B 190 10.89 -1.32 17.65
N GLU B 191 10.65 -0.02 17.53
CA GLU B 191 11.27 0.96 18.39
C GLU B 191 10.86 0.77 19.84
N GLU B 192 9.56 0.66 20.07
CA GLU B 192 9.03 0.47 21.42
C GLU B 192 9.30 -0.94 21.95
N ASN B 193 9.90 -1.76 21.12
CA ASN B 193 10.23 -3.13 21.50
C ASN B 193 11.70 -3.24 21.86
N LEU B 194 12.47 -2.23 21.46
CA LEU B 194 13.90 -2.22 21.73
C LEU B 194 14.21 -1.56 23.07
N ARG B 195 13.25 -0.81 23.58
CA ARG B 195 13.42 -0.09 24.84
C ARG B 195 12.37 -0.57 25.84
ZN ZN C . 2.67 -4.92 -3.09
N MET A 4 -31.06 -25.03 8.23
CA MET A 4 -30.31 -23.83 7.80
C MET A 4 -29.27 -24.21 6.76
N SER A 5 -29.58 -23.94 5.50
CA SER A 5 -28.66 -24.25 4.41
C SER A 5 -27.56 -23.21 4.30
N GLN A 6 -27.79 -22.04 4.91
CA GLN A 6 -26.83 -20.94 4.89
C GLN A 6 -26.59 -20.48 3.46
N SER A 7 -27.68 -20.29 2.73
CA SER A 7 -27.62 -19.86 1.33
C SER A 7 -26.89 -18.54 1.18
N ASN A 8 -26.84 -17.76 2.26
CA ASN A 8 -26.18 -16.47 2.25
C ASN A 8 -24.73 -16.61 2.64
N ARG A 9 -24.49 -17.25 3.79
CA ARG A 9 -23.13 -17.46 4.29
C ARG A 9 -22.28 -18.28 3.32
N GLU A 10 -22.90 -19.25 2.66
CA GLU A 10 -22.19 -20.09 1.71
C GLU A 10 -21.76 -19.32 0.48
N LEU A 11 -22.54 -18.32 0.10
CA LEU A 11 -22.22 -17.51 -1.08
C LEU A 11 -21.11 -16.53 -0.77
N VAL A 12 -21.21 -15.89 0.39
CA VAL A 12 -20.21 -14.90 0.81
C VAL A 12 -18.80 -15.49 0.88
N VAL A 13 -18.67 -16.65 1.52
CA VAL A 13 -17.37 -17.29 1.67
C VAL A 13 -16.83 -17.80 0.33
N ASP A 14 -17.74 -18.21 -0.56
CA ASP A 14 -17.34 -18.71 -1.87
C ASP A 14 -16.78 -17.56 -2.71
N PHE A 15 -17.45 -16.42 -2.67
CA PHE A 15 -17.02 -15.24 -3.42
C PHE A 15 -15.69 -14.74 -2.87
N LEU A 16 -15.55 -14.78 -1.55
CA LEU A 16 -14.32 -14.34 -0.90
C LEU A 16 -13.14 -15.20 -1.34
N SER A 17 -13.35 -16.51 -1.33
CA SER A 17 -12.33 -17.46 -1.73
C SER A 17 -11.99 -17.31 -3.21
N TYR A 18 -13.01 -16.99 -4.01
CA TYR A 18 -12.84 -16.79 -5.44
C TYR A 18 -11.83 -15.70 -5.73
N LYS A 19 -11.88 -14.63 -4.94
CA LYS A 19 -10.96 -13.51 -5.12
C LYS A 19 -9.62 -13.81 -4.48
N LEU A 20 -9.63 -14.62 -3.42
CA LEU A 20 -8.39 -14.99 -2.72
C LEU A 20 -7.52 -15.91 -3.58
N SER A 21 -8.08 -16.37 -4.71
CA SER A 21 -7.35 -17.25 -5.61
C SER A 21 -6.90 -16.49 -6.86
N GLN A 22 -6.93 -15.16 -6.78
CA GLN A 22 -6.52 -14.30 -7.90
C GLN A 22 -5.01 -14.32 -8.13
N LYS A 23 -4.30 -13.46 -7.40
CA LYS A 23 -2.86 -13.37 -7.53
C LYS A 23 -2.26 -12.94 -6.19
N GLY A 24 -1.27 -13.68 -5.71
CA GLY A 24 -0.65 -13.36 -4.44
C GLY A 24 -1.29 -14.09 -3.29
N TYR A 25 -1.45 -15.40 -3.45
CA TYR A 25 -2.07 -16.21 -2.41
C TYR A 25 -1.04 -17.10 -1.71
N SER A 26 -1.01 -17.04 -0.40
CA SER A 26 -0.09 -17.84 0.38
C SER A 26 -0.85 -18.83 1.26
N TRP A 27 -1.28 -18.36 2.42
CA TRP A 27 -2.03 -19.21 3.36
C TRP A 27 -3.40 -19.55 2.82
N SER A 28 -3.92 -18.69 1.95
CA SER A 28 -5.23 -18.90 1.34
C SER A 28 -5.20 -20.10 0.39
N GLN A 29 -3.99 -20.46 -0.03
CA GLN A 29 -3.80 -21.60 -0.92
C GLN A 29 -3.69 -22.89 -0.09
N PHE A 30 -3.14 -22.74 1.11
CA PHE A 30 -2.95 -23.86 2.01
C PHE A 30 -4.22 -24.21 2.77
N SER A 31 -4.98 -23.20 3.16
CA SER A 31 -6.22 -23.41 3.88
C SER A 31 -7.27 -22.36 3.50
N MET A 86 -32.35 -23.95 -8.94
CA MET A 86 -31.38 -23.05 -8.35
C MET A 86 -31.43 -21.69 -9.04
N ALA A 87 -31.21 -20.63 -8.27
CA ALA A 87 -31.23 -19.27 -8.80
C ALA A 87 -29.87 -18.92 -9.41
N ALA A 88 -28.90 -19.82 -9.23
CA ALA A 88 -27.54 -19.62 -9.75
C ALA A 88 -26.94 -18.32 -9.20
N VAL A 89 -27.16 -18.10 -7.92
CA VAL A 89 -26.65 -16.90 -7.24
C VAL A 89 -25.12 -16.84 -7.28
N LYS A 90 -24.49 -18.01 -7.25
CA LYS A 90 -23.03 -18.09 -7.28
C LYS A 90 -22.49 -17.53 -8.58
N GLN A 91 -23.11 -17.92 -9.70
CA GLN A 91 -22.68 -17.47 -11.00
C GLN A 91 -23.01 -15.98 -11.19
N ALA A 92 -24.17 -15.57 -10.70
CA ALA A 92 -24.59 -14.17 -10.80
C ALA A 92 -23.56 -13.27 -10.11
N LEU A 93 -23.10 -13.70 -8.95
CA LEU A 93 -22.12 -12.95 -8.19
C LEU A 93 -20.74 -13.07 -8.80
N ARG A 94 -20.47 -14.22 -9.44
CA ARG A 94 -19.18 -14.45 -10.09
C ARG A 94 -18.99 -13.46 -11.23
N GLU A 95 -19.99 -13.39 -12.10
CA GLU A 95 -19.94 -12.50 -13.25
C GLU A 95 -19.78 -11.04 -12.81
N ALA A 96 -20.72 -10.56 -12.00
CA ALA A 96 -20.70 -9.18 -11.52
C ALA A 96 -19.44 -8.90 -10.69
N GLY A 97 -19.04 -9.88 -9.89
CA GLY A 97 -17.86 -9.74 -9.05
C GLY A 97 -16.59 -9.54 -9.86
N ASP A 98 -16.37 -10.39 -10.85
CA ASP A 98 -15.18 -10.29 -11.69
C ASP A 98 -15.21 -9.00 -12.50
N GLU A 99 -16.40 -8.65 -12.97
CA GLU A 99 -16.60 -7.44 -13.76
C GLU A 99 -16.18 -6.19 -13.00
N PHE A 100 -16.49 -6.15 -11.72
CA PHE A 100 -16.16 -5.01 -10.88
C PHE A 100 -14.74 -5.09 -10.32
N GLU A 101 -14.32 -6.30 -9.94
CA GLU A 101 -12.99 -6.49 -9.37
C GLU A 101 -11.88 -5.97 -10.28
N LEU A 102 -11.99 -6.24 -11.58
CA LEU A 102 -10.99 -5.79 -12.54
C LEU A 102 -10.80 -4.28 -12.52
N ARG A 103 -11.83 -3.56 -12.08
CA ARG A 103 -11.77 -2.11 -12.00
C ARG A 103 -11.24 -1.67 -10.64
N TYR A 104 -11.52 -2.48 -9.62
CA TYR A 104 -11.10 -2.18 -8.26
C TYR A 104 -9.63 -2.53 -8.03
N ARG A 105 -9.12 -3.48 -8.81
CA ARG A 105 -7.73 -3.91 -8.69
C ARG A 105 -6.78 -2.94 -9.39
N ARG A 106 -7.25 -1.73 -9.64
CA ARG A 106 -6.44 -0.71 -10.30
C ARG A 106 -5.76 0.18 -9.25
N ALA A 107 -5.95 -0.20 -7.98
CA ALA A 107 -5.38 0.51 -6.84
C ALA A 107 -6.12 1.83 -6.60
N PHE A 108 -6.00 2.75 -7.55
CA PHE A 108 -6.65 4.05 -7.45
C PHE A 108 -8.12 3.94 -7.88
N SER A 109 -8.90 3.27 -7.06
CA SER A 109 -10.32 3.09 -7.33
C SER A 109 -11.13 3.57 -6.13
N ASP A 110 -12.33 3.03 -5.94
CA ASP A 110 -13.18 3.41 -4.83
C ASP A 110 -12.63 2.86 -3.51
N LEU A 111 -11.85 1.80 -3.62
CA LEU A 111 -11.25 1.17 -2.45
C LEU A 111 -10.35 2.15 -1.71
N THR A 112 -9.57 2.91 -2.46
CA THR A 112 -8.66 3.89 -1.89
C THR A 112 -9.39 4.99 -1.14
N SER A 113 -10.53 5.42 -1.69
CA SER A 113 -11.32 6.47 -1.06
C SER A 113 -12.10 5.95 0.14
N GLN A 114 -12.56 4.70 0.03
CA GLN A 114 -13.32 4.08 1.11
C GLN A 114 -12.45 3.74 2.32
N LEU A 115 -11.41 2.95 2.08
CA LEU A 115 -10.52 2.54 3.15
C LEU A 115 -9.58 3.67 3.57
N HIS A 116 -8.93 4.28 2.59
CA HIS A 116 -8.00 5.38 2.82
C HIS A 116 -6.81 4.96 3.68
N ILE A 117 -6.61 3.65 3.80
CA ILE A 117 -5.54 3.09 4.62
C ILE A 117 -5.73 3.55 6.06
N THR A 118 -6.81 3.08 6.66
CA THR A 118 -7.16 3.42 8.03
C THR A 118 -6.15 2.85 9.03
N PRO A 119 -5.75 3.67 10.01
CA PRO A 119 -4.80 3.27 11.06
C PRO A 119 -5.45 2.35 12.09
N GLY A 120 -5.94 1.22 11.60
CA GLY A 120 -6.59 0.24 12.44
C GLY A 120 -7.34 -0.75 11.56
N THR A 121 -6.63 -1.25 10.56
CA THR A 121 -7.19 -2.20 9.60
C THR A 121 -7.45 -3.59 10.19
N ALA A 122 -7.51 -3.67 11.51
CA ALA A 122 -7.76 -4.93 12.18
C ALA A 122 -9.20 -4.96 12.71
N TYR A 123 -9.88 -3.83 12.56
CA TYR A 123 -11.26 -3.70 13.03
C TYR A 123 -12.00 -2.55 12.34
N GLN A 124 -11.31 -1.42 12.14
CA GLN A 124 -11.91 -0.27 11.50
C GLN A 124 -12.26 -0.56 10.04
N SER A 125 -11.48 -1.44 9.43
CA SER A 125 -11.70 -1.82 8.05
C SER A 125 -13.06 -2.49 7.90
N PHE A 126 -13.35 -3.42 8.81
CA PHE A 126 -14.61 -4.13 8.81
C PHE A 126 -15.77 -3.15 8.95
N GLU A 127 -15.64 -2.23 9.90
CA GLU A 127 -16.66 -1.22 10.15
C GLU A 127 -16.88 -0.36 8.91
N GLN A 128 -15.79 0.14 8.34
CA GLN A 128 -15.84 0.99 7.16
C GLN A 128 -16.52 0.29 5.97
N VAL A 129 -16.19 -0.99 5.76
CA VAL A 129 -16.76 -1.75 4.66
C VAL A 129 -18.26 -2.01 4.87
N VAL A 130 -18.61 -2.53 6.05
CA VAL A 130 -20.01 -2.83 6.35
C VAL A 130 -20.84 -1.55 6.44
N ASN A 131 -20.19 -0.47 6.83
CA ASN A 131 -20.85 0.83 6.94
C ASN A 131 -21.42 1.26 5.61
N GLU A 132 -20.77 0.85 4.53
CA GLU A 132 -21.21 1.18 3.18
C GLU A 132 -22.62 0.65 2.93
N LEU A 133 -22.92 -0.52 3.47
CA LEU A 133 -24.23 -1.13 3.31
C LEU A 133 -25.28 -0.36 4.10
N PHE A 134 -24.86 0.16 5.25
CA PHE A 134 -25.76 0.93 6.11
C PHE A 134 -26.03 2.31 5.51
N ARG A 135 -25.24 2.68 4.52
CA ARG A 135 -25.38 3.97 3.85
C ARG A 135 -26.41 3.88 2.73
N ASP A 136 -27.22 2.82 2.75
CA ASP A 136 -28.25 2.62 1.74
C ASP A 136 -29.36 1.73 2.29
N GLY A 137 -28.97 0.59 2.84
CA GLY A 137 -29.94 -0.35 3.38
C GLY A 137 -30.14 -1.53 2.46
N VAL A 138 -31.36 -1.70 1.97
CA VAL A 138 -31.68 -2.80 1.07
C VAL A 138 -31.55 -2.33 -0.38
N ASN A 139 -30.32 -2.34 -0.86
CA ASN A 139 -30.05 -1.91 -2.23
C ASN A 139 -29.25 -2.97 -2.97
N TRP A 140 -29.89 -3.55 -3.98
CA TRP A 140 -29.27 -4.60 -4.78
C TRP A 140 -28.04 -4.09 -5.52
N GLY A 141 -28.03 -2.81 -5.84
CA GLY A 141 -26.89 -2.23 -6.52
C GLY A 141 -25.75 -1.96 -5.55
N ARG A 142 -26.11 -1.60 -4.32
CA ARG A 142 -25.12 -1.31 -3.29
C ARG A 142 -24.45 -2.60 -2.81
N ILE A 143 -25.21 -3.70 -2.77
CA ILE A 143 -24.65 -4.97 -2.33
C ILE A 143 -23.55 -5.45 -3.26
N VAL A 144 -23.65 -5.11 -4.54
CA VAL A 144 -22.63 -5.48 -5.51
C VAL A 144 -21.34 -4.77 -5.18
N ALA A 145 -21.44 -3.47 -4.91
CA ALA A 145 -20.29 -2.66 -4.55
C ALA A 145 -19.70 -3.17 -3.23
N PHE A 146 -20.58 -3.53 -2.31
CA PHE A 146 -20.18 -4.05 -1.00
C PHE A 146 -19.30 -5.29 -1.18
N PHE A 147 -19.77 -6.22 -2.00
CA PHE A 147 -19.03 -7.44 -2.27
C PHE A 147 -17.71 -7.13 -2.98
N SER A 148 -17.76 -6.16 -3.87
CA SER A 148 -16.58 -5.74 -4.62
C SER A 148 -15.51 -5.15 -3.70
N PHE A 149 -15.95 -4.35 -2.72
CA PHE A 149 -15.04 -3.74 -1.76
C PHE A 149 -14.27 -4.80 -0.99
N GLY A 150 -15.01 -5.74 -0.41
CA GLY A 150 -14.39 -6.81 0.35
C GLY A 150 -13.58 -7.74 -0.53
N GLY A 151 -14.09 -8.00 -1.73
CA GLY A 151 -13.41 -8.88 -2.66
C GLY A 151 -12.06 -8.36 -3.09
N ALA A 152 -12.00 -7.09 -3.46
CA ALA A 152 -10.74 -6.48 -3.88
C ALA A 152 -9.79 -6.29 -2.71
N LEU A 153 -10.38 -6.05 -1.54
CA LEU A 153 -9.61 -5.84 -0.32
C LEU A 153 -8.91 -7.12 0.14
N CYS A 154 -9.63 -8.24 0.07
CA CYS A 154 -9.07 -9.52 0.52
C CYS A 154 -7.84 -9.93 -0.31
N VAL A 155 -7.88 -9.66 -1.61
CA VAL A 155 -6.77 -10.00 -2.49
C VAL A 155 -5.52 -9.22 -2.08
N GLU A 156 -5.67 -7.92 -1.88
CA GLU A 156 -4.55 -7.08 -1.50
C GLU A 156 -4.13 -7.30 -0.04
N SER A 157 -4.96 -8.03 0.71
CA SER A 157 -4.67 -8.33 2.10
C SER A 157 -3.68 -9.49 2.20
N VAL A 158 -3.81 -10.45 1.29
CA VAL A 158 -2.93 -11.61 1.27
C VAL A 158 -1.70 -11.31 0.40
N ASP A 159 -1.94 -10.56 -0.67
CA ASP A 159 -0.88 -10.17 -1.60
C ASP A 159 0.18 -9.33 -0.90
N LYS A 160 -0.25 -8.56 0.09
CA LYS A 160 0.67 -7.72 0.85
C LYS A 160 1.01 -8.37 2.18
N GLU A 161 0.74 -9.68 2.27
CA GLU A 161 1.00 -10.48 3.47
C GLU A 161 0.65 -9.76 4.78
N MET A 162 -0.59 -9.34 4.89
CA MET A 162 -1.05 -8.67 6.10
C MET A 162 -1.80 -9.64 6.98
N GLN A 163 -2.61 -10.48 6.34
CA GLN A 163 -3.40 -11.51 7.00
C GLN A 163 -4.52 -10.95 7.89
N VAL A 164 -4.12 -10.33 9.00
CA VAL A 164 -5.05 -9.76 9.99
C VAL A 164 -6.21 -8.99 9.36
N LEU A 165 -5.92 -8.25 8.28
CA LEU A 165 -6.93 -7.46 7.59
C LEU A 165 -8.15 -8.30 7.21
N VAL A 166 -7.92 -9.29 6.35
CA VAL A 166 -9.00 -10.16 5.88
C VAL A 166 -9.45 -11.15 6.96
N SER A 167 -8.51 -11.67 7.74
CA SER A 167 -8.80 -12.64 8.79
C SER A 167 -9.81 -12.09 9.80
N ARG A 168 -9.68 -10.82 10.16
CA ARG A 168 -10.59 -10.21 11.12
C ARG A 168 -11.92 -9.84 10.48
N ILE A 169 -11.86 -9.26 9.29
CA ILE A 169 -13.07 -8.85 8.58
C ILE A 169 -13.98 -10.06 8.30
N ALA A 170 -13.39 -11.12 7.76
CA ALA A 170 -14.14 -12.33 7.43
C ALA A 170 -14.81 -12.91 8.67
N ALA A 171 -14.07 -12.95 9.77
CA ALA A 171 -14.59 -13.49 11.02
C ALA A 171 -15.78 -12.67 11.52
N TRP A 172 -15.57 -11.37 11.66
CA TRP A 172 -16.61 -10.47 12.15
C TRP A 172 -17.82 -10.47 11.21
N MET A 173 -17.55 -10.44 9.91
CA MET A 173 -18.61 -10.45 8.90
C MET A 173 -19.46 -11.70 8.98
N ALA A 174 -18.80 -12.86 9.04
CA ALA A 174 -19.50 -14.15 9.11
C ALA A 174 -20.35 -14.24 10.37
N THR A 175 -19.85 -13.66 11.46
CA THR A 175 -20.57 -13.69 12.73
C THR A 175 -21.89 -12.92 12.64
N TYR A 176 -21.82 -11.66 12.20
CA TYR A 176 -23.02 -10.84 12.07
C TYR A 176 -23.91 -11.32 10.93
N LEU A 177 -23.28 -11.92 9.92
CA LEU A 177 -24.00 -12.44 8.77
C LEU A 177 -25.04 -13.47 9.21
N ASN A 178 -24.59 -14.54 9.85
CA ASN A 178 -25.49 -15.58 10.31
C ASN A 178 -26.35 -15.10 11.48
N ASP A 179 -25.89 -14.07 12.17
CA ASP A 179 -26.60 -13.52 13.31
C ASP A 179 -27.86 -12.76 12.91
N HIS A 180 -27.74 -11.83 11.97
CA HIS A 180 -28.89 -11.03 11.56
C HIS A 180 -29.08 -10.98 10.05
N LEU A 181 -27.99 -10.84 9.30
CA LEU A 181 -28.07 -10.74 7.83
C LEU A 181 -28.76 -11.91 7.15
N GLU A 182 -28.38 -13.13 7.51
CA GLU A 182 -28.97 -14.33 6.90
C GLU A 182 -30.50 -14.37 7.00
N PRO A 183 -31.08 -14.34 8.22
CA PRO A 183 -32.54 -14.36 8.38
C PRO A 183 -33.21 -13.16 7.72
N TRP A 184 -32.50 -12.04 7.68
CA TRP A 184 -33.01 -10.81 7.07
C TRP A 184 -33.13 -10.97 5.56
N ILE A 185 -32.03 -11.39 4.94
CA ILE A 185 -31.99 -11.58 3.49
C ILE A 185 -32.99 -12.65 3.05
N GLN A 186 -33.09 -13.72 3.83
CA GLN A 186 -34.01 -14.81 3.50
C GLN A 186 -35.45 -14.50 3.94
N GLU A 187 -35.73 -13.24 4.18
CA GLU A 187 -37.06 -12.80 4.59
C GLU A 187 -37.51 -11.61 3.76
N ASN A 188 -36.76 -10.52 3.85
CA ASN A 188 -37.08 -9.30 3.11
C ASN A 188 -36.71 -9.46 1.65
N GLY A 189 -35.61 -10.15 1.41
CA GLY A 189 -35.14 -10.37 0.05
C GLY A 189 -33.78 -9.76 -0.17
N GLY A 190 -32.87 -10.55 -0.71
CA GLY A 190 -31.53 -10.06 -0.97
C GLY A 190 -31.02 -10.54 -2.31
N TRP A 191 -30.21 -11.60 -2.29
CA TRP A 191 -29.67 -12.16 -3.52
C TRP A 191 -30.77 -12.76 -4.38
N ASP A 192 -31.85 -13.18 -3.72
CA ASP A 192 -32.99 -13.76 -4.40
C ASP A 192 -33.61 -12.74 -5.35
N THR A 193 -33.93 -11.58 -4.79
CA THR A 193 -34.54 -10.50 -5.57
C THR A 193 -33.52 -9.89 -6.52
N PHE A 194 -32.24 -10.06 -6.19
CA PHE A 194 -31.16 -9.56 -7.02
C PHE A 194 -31.14 -10.30 -8.35
N VAL A 195 -31.23 -11.62 -8.28
CA VAL A 195 -31.22 -12.45 -9.47
C VAL A 195 -32.43 -12.11 -10.35
N GLU A 196 -33.54 -11.79 -9.69
CA GLU A 196 -34.79 -11.44 -10.37
C GLU A 196 -34.61 -10.22 -11.28
N LEU A 197 -33.74 -9.31 -10.87
CA LEU A 197 -33.49 -8.10 -11.67
C LEU A 197 -32.17 -8.21 -12.42
N TYR A 198 -31.52 -9.36 -12.30
CA TYR A 198 -30.25 -9.59 -12.95
C TYR A 198 -30.41 -10.50 -14.17
N GLY A 199 -30.41 -11.82 -13.94
CA GLY A 199 -30.55 -12.76 -15.03
C GLY A 199 -31.95 -13.33 -15.16
N ASN A 200 -32.78 -13.09 -14.16
CA ASN A 200 -34.15 -13.59 -14.18
C ASN A 200 -35.11 -12.47 -14.56
N ASN A 201 -34.57 -11.43 -15.17
CA ASN A 201 -35.36 -10.27 -15.58
C ASN A 201 -35.75 -10.40 -17.05
N SER B 1 24.81 -6.16 -7.92
CA SER B 1 25.60 -4.96 -7.65
C SER B 1 24.96 -4.14 -6.53
N VAL B 2 25.69 -3.96 -5.43
CA VAL B 2 25.20 -3.21 -4.29
C VAL B 2 25.89 -1.85 -4.23
N PRO B 3 25.12 -0.76 -4.38
CA PRO B 3 25.67 0.60 -4.34
C PRO B 3 26.24 0.95 -2.96
N SER B 4 27.12 1.95 -2.92
CA SER B 4 27.74 2.38 -1.68
C SER B 4 26.68 3.01 -0.78
N GLN B 5 26.39 2.36 0.34
CA GLN B 5 25.40 2.85 1.30
C GLN B 5 26.04 3.57 2.48
N LYS B 6 27.34 3.81 2.36
CA LYS B 6 28.09 4.49 3.40
C LYS B 6 27.72 5.98 3.43
N THR B 7 27.48 6.50 4.62
CA THR B 7 27.12 7.91 4.79
C THR B 7 28.23 8.81 4.28
N TYR B 8 27.88 9.73 3.40
CA TYR B 8 28.82 10.67 2.81
C TYR B 8 28.29 12.09 2.91
N GLN B 9 28.93 12.91 3.72
CA GLN B 9 28.50 14.28 3.89
C GLN B 9 29.15 15.19 2.85
N GLY B 10 30.39 14.89 2.52
CA GLY B 10 31.12 15.68 1.54
C GLY B 10 31.34 17.11 2.00
N SER B 11 31.44 18.02 1.04
CA SER B 11 31.65 19.42 1.35
C SER B 11 30.33 20.19 1.35
N TYR B 12 29.23 19.44 1.33
CA TYR B 12 27.90 20.04 1.32
C TYR B 12 27.13 19.69 2.59
N GLY B 13 27.56 18.66 3.28
CA GLY B 13 26.90 18.24 4.51
C GLY B 13 25.49 17.74 4.24
N PHE B 14 25.38 16.63 3.53
CA PHE B 14 24.10 16.05 3.18
C PHE B 14 23.49 15.26 4.35
N ARG B 15 22.68 15.93 5.16
CA ARG B 15 22.02 15.29 6.29
C ARG B 15 20.56 15.05 5.94
N LEU B 16 19.99 13.99 6.50
CA LEU B 16 18.60 13.67 6.24
C LEU B 16 17.71 14.09 7.41
N GLY B 17 16.66 14.82 7.10
CA GLY B 17 15.74 15.26 8.13
C GLY B 17 14.32 14.82 7.82
N PHE B 18 13.60 14.43 8.84
CA PHE B 18 12.23 13.97 8.66
C PHE B 18 11.32 14.59 9.72
N LEU B 19 10.02 14.48 9.50
CA LEU B 19 9.04 15.03 10.44
C LEU B 19 8.83 14.08 11.60
N HIS B 20 8.82 14.62 12.80
CA HIS B 20 8.63 13.83 14.00
C HIS B 20 7.15 13.83 14.40
N SER B 21 6.41 12.89 13.83
CA SER B 21 5.00 12.76 14.11
C SER B 21 4.75 12.13 15.48
N GLY B 22 5.64 11.23 15.87
CA GLY B 22 5.50 10.57 17.15
C GLY B 22 5.06 9.12 17.01
N THR B 23 4.48 8.58 18.06
CA THR B 23 4.02 7.20 18.07
C THR B 23 2.49 7.12 17.99
N ALA B 24 1.88 8.19 17.48
CA ALA B 24 0.43 8.26 17.32
C ALA B 24 -0.06 7.19 16.36
N LYS B 25 -1.08 6.46 16.78
CA LYS B 25 -1.66 5.40 15.96
C LYS B 25 -2.25 5.96 14.66
N SER B 26 -2.98 7.06 14.78
CA SER B 26 -3.59 7.69 13.63
C SER B 26 -2.62 8.66 12.96
N VAL B 27 -1.77 8.14 12.09
CA VAL B 27 -0.81 8.94 11.37
C VAL B 27 -0.48 8.31 10.02
N THR B 28 -0.21 9.15 9.03
CA THR B 28 0.11 8.68 7.69
C THR B 28 1.56 8.24 7.58
N CYS B 29 2.44 8.93 8.30
CA CYS B 29 3.86 8.62 8.26
C CYS B 29 4.55 9.15 9.52
N THR B 30 5.63 8.49 9.93
CA THR B 30 6.38 8.90 11.10
C THR B 30 7.82 8.44 10.99
N TYR B 31 8.73 9.14 11.67
CA TYR B 31 10.14 8.79 11.62
C TYR B 31 10.69 8.52 13.01
N SER B 32 11.47 7.46 13.13
CA SER B 32 12.09 7.08 14.37
C SER B 32 13.57 7.46 14.37
N PRO B 33 13.93 8.56 15.05
CA PRO B 33 15.32 9.01 15.12
C PRO B 33 16.16 8.11 16.03
N ALA B 34 15.47 7.27 16.80
CA ALA B 34 16.12 6.36 17.72
C ALA B 34 16.88 5.27 16.96
N LEU B 35 16.22 4.64 16.01
CA LEU B 35 16.85 3.57 15.23
C LEU B 35 17.08 3.99 13.78
N ASN B 36 16.82 5.26 13.49
CA ASN B 36 16.98 5.81 12.14
C ASN B 36 16.13 5.03 11.14
N LYS B 37 14.85 4.92 11.45
CA LYS B 37 13.91 4.19 10.61
C LYS B 37 12.64 5.00 10.40
N MET B 38 12.15 5.00 9.18
CA MET B 38 10.94 5.72 8.83
C MET B 38 9.79 4.75 8.59
N PHE B 39 8.62 5.08 9.11
CA PHE B 39 7.44 4.25 8.96
C PHE B 39 6.44 4.96 8.07
N CYS B 40 6.00 4.28 7.02
CA CYS B 40 5.05 4.88 6.08
C CYS B 40 3.84 3.99 5.86
N GLN B 41 2.83 4.56 5.22
CA GLN B 41 1.60 3.85 4.91
C GLN B 41 1.55 3.54 3.43
N LEU B 42 0.59 2.72 3.02
CA LEU B 42 0.44 2.35 1.62
C LEU B 42 -0.11 3.53 0.80
N ALA B 43 0.66 3.92 -0.23
CA ALA B 43 0.27 5.01 -1.13
C ALA B 43 0.09 6.34 -0.41
N LYS B 44 0.97 6.61 0.54
CA LYS B 44 0.89 7.86 1.30
C LYS B 44 2.14 8.71 1.08
N THR B 45 1.93 10.01 1.00
CA THR B 45 3.00 10.96 0.79
C THR B 45 3.90 11.08 2.01
N CYS B 46 5.19 10.82 1.82
CA CYS B 46 6.17 10.89 2.89
C CYS B 46 7.13 12.06 2.63
N PRO B 47 7.01 13.13 3.41
CA PRO B 47 7.86 14.32 3.27
C PRO B 47 9.27 14.12 3.82
N VAL B 48 10.25 14.16 2.94
CA VAL B 48 11.65 14.01 3.33
C VAL B 48 12.36 15.35 3.17
N GLN B 49 13.06 15.78 4.21
CA GLN B 49 13.76 17.06 4.19
C GLN B 49 15.26 16.86 3.99
N LEU B 50 15.85 17.64 3.11
CA LEU B 50 17.27 17.57 2.85
C LEU B 50 17.99 18.65 3.66
N TRP B 51 18.58 18.25 4.78
CA TRP B 51 19.27 19.19 5.64
C TRP B 51 20.73 19.33 5.22
N VAL B 52 20.96 20.17 4.23
CA VAL B 52 22.31 20.40 3.72
C VAL B 52 23.00 21.53 4.49
N ASP B 53 24.28 21.34 4.76
CA ASP B 53 25.07 22.35 5.46
C ASP B 53 25.39 23.49 4.52
N SER B 54 25.63 23.13 3.27
CA SER B 54 25.93 24.10 2.23
C SER B 54 25.06 23.82 1.02
N THR B 55 24.33 24.83 0.57
CA THR B 55 23.45 24.69 -0.58
C THR B 55 24.22 24.41 -1.86
N PRO B 56 23.90 23.31 -2.55
CA PRO B 56 24.55 22.93 -3.80
C PRO B 56 24.00 23.73 -5.00
N PRO B 57 24.72 23.71 -6.14
CA PRO B 57 24.29 24.45 -7.33
C PRO B 57 22.97 23.91 -7.89
N PRO B 58 22.06 24.80 -8.29
CA PRO B 58 20.77 24.41 -8.85
C PRO B 58 20.93 23.52 -10.07
N GLY B 59 20.03 22.56 -10.22
CA GLY B 59 20.11 21.64 -11.34
C GLY B 59 20.80 20.36 -10.94
N THR B 60 20.95 20.15 -9.64
CA THR B 60 21.58 18.96 -9.11
C THR B 60 20.61 17.79 -9.21
N ARG B 61 21.12 16.57 -9.05
CA ARG B 61 20.28 15.39 -9.15
C ARG B 61 20.23 14.58 -7.87
N VAL B 62 19.01 14.42 -7.35
CA VAL B 62 18.80 13.65 -6.14
C VAL B 62 18.31 12.25 -6.54
N ARG B 63 19.16 11.26 -6.33
CA ARG B 63 18.83 9.89 -6.68
C ARG B 63 18.44 9.09 -5.45
N ALA B 64 17.32 8.39 -5.54
CA ALA B 64 16.84 7.58 -4.44
C ALA B 64 16.67 6.12 -4.86
N MET B 65 17.50 5.26 -4.30
CA MET B 65 17.44 3.83 -4.61
C MET B 65 17.31 3.05 -3.30
N ALA B 66 16.35 2.14 -3.25
CA ALA B 66 16.13 1.36 -2.05
C ALA B 66 16.67 -0.06 -2.18
N ILE B 67 17.30 -0.52 -1.11
CA ILE B 67 17.85 -1.87 -1.04
C ILE B 67 17.28 -2.56 0.18
N TYR B 68 17.72 -3.78 0.45
CA TYR B 68 17.23 -4.52 1.60
C TYR B 68 18.19 -4.37 2.78
N LYS B 69 17.65 -4.49 3.99
CA LYS B 69 18.47 -4.38 5.20
C LYS B 69 19.45 -5.55 5.31
N GLN B 70 18.96 -6.73 4.97
CA GLN B 70 19.78 -7.94 5.00
C GLN B 70 20.92 -7.83 3.99
N SER B 71 22.14 -7.92 4.46
CA SER B 71 23.33 -7.82 3.62
C SER B 71 23.33 -8.85 2.49
N GLN B 72 22.92 -10.07 2.80
CA GLN B 72 22.89 -11.15 1.82
C GLN B 72 21.70 -11.01 0.87
N HIS B 73 20.76 -10.15 1.23
CA HIS B 73 19.56 -9.94 0.42
C HIS B 73 19.64 -8.64 -0.34
N MET B 74 20.75 -7.93 -0.19
CA MET B 74 20.95 -6.65 -0.87
C MET B 74 21.10 -6.83 -2.38
N THR B 75 21.33 -8.08 -2.79
CA THR B 75 21.48 -8.42 -4.18
C THR B 75 20.12 -8.38 -4.88
N GLU B 76 19.05 -8.46 -4.09
CA GLU B 76 17.70 -8.42 -4.61
C GLU B 76 17.27 -6.99 -4.86
N VAL B 77 16.35 -6.81 -5.79
CA VAL B 77 15.85 -5.49 -6.12
C VAL B 77 14.44 -5.32 -5.55
N VAL B 78 14.16 -4.13 -5.03
CA VAL B 78 12.85 -3.84 -4.45
C VAL B 78 11.79 -3.77 -5.54
N ARG B 79 10.92 -4.76 -5.55
CA ARG B 79 9.84 -4.83 -6.53
C ARG B 79 8.50 -4.94 -5.83
N ARG B 80 7.42 -4.83 -6.58
CA ARG B 80 6.08 -4.92 -6.03
C ARG B 80 5.69 -6.37 -5.80
N CYS B 81 4.54 -6.58 -5.19
CA CYS B 81 4.04 -7.92 -4.91
C CYS B 81 3.27 -8.48 -6.11
N PRO B 82 3.00 -9.80 -6.10
CA PRO B 82 2.27 -10.50 -7.18
C PRO B 82 1.04 -9.76 -7.71
N HIS B 83 0.29 -9.10 -6.85
CA HIS B 83 -0.89 -8.37 -7.28
C HIS B 83 -0.70 -6.87 -7.01
N HIS B 84 0.06 -6.22 -7.89
CA HIS B 84 0.32 -4.79 -7.77
C HIS B 84 0.85 -4.23 -9.08
N GLU B 85 1.64 -5.02 -9.78
CA GLU B 85 2.22 -4.61 -11.05
C GLU B 85 1.14 -4.54 -12.13
N ARG B 86 0.24 -5.52 -12.13
CA ARG B 86 -0.84 -5.58 -13.10
C ARG B 86 -1.98 -4.65 -12.71
N CYS B 87 -1.83 -3.96 -11.58
CA CYS B 87 -2.86 -3.04 -11.11
C CYS B 87 -2.98 -1.86 -12.08
N SER B 88 -1.87 -1.54 -12.74
CA SER B 88 -1.83 -0.44 -13.70
C SER B 88 -2.23 0.87 -13.03
N ASP B 89 -1.52 1.20 -11.95
CA ASP B 89 -1.77 2.42 -11.19
C ASP B 89 -0.92 3.57 -11.72
N SER B 90 -0.48 3.42 -12.96
CA SER B 90 0.34 4.41 -13.62
C SER B 90 -0.49 5.67 -13.93
N ASP B 91 0.01 6.82 -13.49
CA ASP B 91 -0.67 8.08 -13.73
C ASP B 91 -0.30 8.64 -15.09
N GLY B 92 0.80 8.13 -15.62
CA GLY B 92 1.29 8.58 -16.90
C GLY B 92 2.78 8.79 -16.85
N LEU B 93 3.23 9.48 -15.81
CA LEU B 93 4.65 9.75 -15.63
C LEU B 93 5.27 8.71 -14.72
N ALA B 94 4.49 8.25 -13.76
CA ALA B 94 4.92 7.23 -12.82
C ALA B 94 4.61 5.85 -13.35
N PRO B 95 5.64 5.02 -13.61
CA PRO B 95 5.47 3.67 -14.12
C PRO B 95 4.96 2.71 -13.04
N PRO B 96 4.15 1.71 -13.43
CA PRO B 96 3.58 0.73 -12.50
C PRO B 96 4.62 -0.24 -11.94
N GLN B 97 5.82 -0.21 -12.51
CA GLN B 97 6.89 -1.09 -12.07
C GLN B 97 7.64 -0.50 -10.88
N HIS B 98 7.64 0.83 -10.79
CA HIS B 98 8.33 1.51 -9.71
C HIS B 98 7.55 1.49 -8.40
N LEU B 99 8.27 1.23 -7.31
CA LEU B 99 7.67 1.17 -6.00
C LEU B 99 7.72 2.53 -5.31
N ILE B 100 8.82 3.25 -5.52
CA ILE B 100 8.99 4.57 -4.94
C ILE B 100 8.75 5.65 -5.98
N ARG B 101 7.79 6.51 -5.73
CA ARG B 101 7.47 7.59 -6.65
C ARG B 101 7.59 8.93 -5.95
N VAL B 102 7.56 10.00 -6.73
CA VAL B 102 7.66 11.35 -6.17
C VAL B 102 6.38 12.13 -6.45
N GLU B 103 5.85 12.77 -5.42
CA GLU B 103 4.64 13.54 -5.54
C GLU B 103 4.95 15.04 -5.41
N GLY B 104 4.00 15.87 -5.81
CA GLY B 104 4.18 17.31 -5.72
C GLY B 104 5.06 17.89 -6.82
N ASN B 105 6.30 17.44 -6.88
CA ASN B 105 7.24 17.94 -7.88
C ASN B 105 6.88 17.44 -9.27
N LEU B 106 6.86 18.36 -10.24
CA LEU B 106 6.56 18.02 -11.62
C LEU B 106 7.80 17.46 -12.30
N ARG B 107 8.96 17.77 -11.74
CA ARG B 107 10.24 17.30 -12.27
C ARG B 107 10.54 15.88 -11.76
N VAL B 108 9.52 15.05 -11.74
CA VAL B 108 9.67 13.69 -11.28
C VAL B 108 10.15 12.76 -12.40
N GLU B 109 11.44 12.46 -12.39
CA GLU B 109 12.03 11.59 -13.39
C GLU B 109 12.51 10.29 -12.74
N TYR B 110 12.48 9.21 -13.50
CA TYR B 110 12.89 7.92 -12.99
C TYR B 110 14.11 7.39 -13.75
N LEU B 111 14.84 6.50 -13.10
CA LEU B 111 16.03 5.92 -13.70
C LEU B 111 16.06 4.41 -13.45
N ASP B 112 15.89 3.65 -14.50
CA ASP B 112 15.90 2.20 -14.41
C ASP B 112 17.25 1.66 -14.89
N ASP B 113 18.06 1.21 -13.95
CA ASP B 113 19.39 0.67 -14.27
C ASP B 113 19.27 -0.60 -15.12
N ARG B 114 20.17 -0.74 -16.09
CA ARG B 114 20.14 -1.90 -16.97
C ARG B 114 21.19 -2.93 -16.60
N ASN B 115 22.05 -2.59 -15.64
CA ASN B 115 23.10 -3.51 -15.22
C ASN B 115 22.55 -4.58 -14.29
N THR B 116 21.82 -4.16 -13.28
CA THR B 116 21.24 -5.08 -12.32
C THR B 116 19.75 -4.82 -12.16
N PHE B 117 19.20 -4.03 -13.08
CA PHE B 117 17.78 -3.68 -13.08
C PHE B 117 17.40 -2.93 -11.80
N ARG B 118 18.28 -2.05 -11.37
CA ARG B 118 18.05 -1.27 -10.16
C ARG B 118 17.12 -0.09 -10.44
N HIS B 119 15.86 -0.25 -10.08
CA HIS B 119 14.87 0.80 -10.29
C HIS B 119 15.09 1.90 -9.25
N SER B 120 15.21 3.14 -9.72
CA SER B 120 15.42 4.26 -8.82
C SER B 120 14.80 5.54 -9.36
N VAL B 121 14.52 6.48 -8.49
CA VAL B 121 13.95 7.74 -8.89
C VAL B 121 15.01 8.85 -8.79
N VAL B 122 14.96 9.80 -9.69
CA VAL B 122 15.92 10.90 -9.69
C VAL B 122 15.25 12.23 -10.00
N VAL B 123 15.23 13.10 -9.00
CA VAL B 123 14.62 14.41 -9.16
C VAL B 123 15.65 15.51 -8.96
N PRO B 124 15.48 16.65 -9.64
CA PRO B 124 16.39 17.79 -9.51
C PRO B 124 16.30 18.42 -8.13
N TYR B 125 17.40 18.98 -7.67
CA TYR B 125 17.44 19.63 -6.36
C TYR B 125 16.74 20.98 -6.41
N GLU B 126 15.59 21.06 -5.75
CA GLU B 126 14.82 22.27 -5.70
C GLU B 126 15.46 23.25 -4.72
N PRO B 127 15.75 24.48 -5.17
CA PRO B 127 16.37 25.52 -4.34
C PRO B 127 15.47 25.92 -3.18
N PRO B 128 16.06 26.30 -2.03
CA PRO B 128 15.31 26.71 -0.83
C PRO B 128 14.39 27.89 -1.11
N GLU B 129 13.09 27.65 -1.05
CA GLU B 129 12.09 28.67 -1.29
C GLU B 129 11.85 29.49 -0.02
N VAL B 130 11.06 30.55 -0.14
CA VAL B 130 10.75 31.42 0.97
C VAL B 130 10.08 30.65 2.11
N GLY B 131 10.75 30.61 3.26
CA GLY B 131 10.20 29.92 4.42
C GLY B 131 10.69 28.49 4.52
N SER B 132 11.31 27.99 3.47
CA SER B 132 11.81 26.62 3.45
C SER B 132 13.33 26.59 3.34
N ASP B 133 14.01 26.50 4.48
CA ASP B 133 15.47 26.46 4.51
C ASP B 133 15.99 25.10 4.10
N CYS B 134 15.15 24.08 4.19
CA CYS B 134 15.52 22.73 3.81
C CYS B 134 14.60 22.21 2.71
N THR B 135 15.21 21.75 1.63
CA THR B 135 14.46 21.22 0.51
C THR B 135 13.65 19.98 0.91
N THR B 136 12.34 20.10 0.87
CA THR B 136 11.46 19.01 1.23
C THR B 136 10.91 18.31 -0.02
N ILE B 137 11.17 17.01 -0.11
CA ILE B 137 10.71 16.22 -1.26
C ILE B 137 9.65 15.24 -0.80
N HIS B 138 8.60 15.09 -1.59
CA HIS B 138 7.52 14.18 -1.26
C HIS B 138 7.71 12.83 -1.93
N TYR B 139 8.03 11.82 -1.14
CA TYR B 139 8.23 10.46 -1.65
C TYR B 139 7.00 9.61 -1.34
N ASN B 140 6.56 8.84 -2.32
CA ASN B 140 5.39 8.00 -2.14
C ASN B 140 5.72 6.52 -2.31
N TYR B 141 5.46 5.74 -1.27
CA TYR B 141 5.70 4.31 -1.31
C TYR B 141 4.43 3.59 -1.75
N MET B 142 4.48 2.98 -2.92
CA MET B 142 3.32 2.29 -3.48
C MET B 142 3.20 0.84 -3.05
N CYS B 143 3.95 0.45 -2.03
CA CYS B 143 3.90 -0.92 -1.53
C CYS B 143 4.28 -0.98 -0.06
N ASN B 144 3.99 -2.12 0.57
CA ASN B 144 4.29 -2.31 1.98
C ASN B 144 5.53 -3.19 2.12
N SER B 145 6.15 -3.16 3.29
CA SER B 145 7.33 -3.97 3.54
C SER B 145 6.96 -5.44 3.70
N SER B 146 5.69 -5.70 3.92
CA SER B 146 5.20 -7.05 4.09
C SER B 146 4.79 -7.65 2.74
N CYS B 147 4.82 -6.84 1.69
CA CYS B 147 4.44 -7.29 0.35
C CYS B 147 5.19 -8.54 -0.08
N MET B 148 4.46 -9.65 -0.14
CA MET B 148 5.03 -10.94 -0.51
C MET B 148 5.66 -10.89 -1.91
N GLY B 149 6.64 -11.75 -2.15
CA GLY B 149 7.30 -11.79 -3.44
C GLY B 149 8.48 -10.84 -3.49
N GLY B 150 8.20 -9.55 -3.46
CA GLY B 150 9.25 -8.55 -3.51
C GLY B 150 9.96 -8.41 -2.18
N MET B 151 9.45 -7.49 -1.36
CA MET B 151 10.03 -7.25 -0.04
C MET B 151 9.90 -8.51 0.82
N ASN B 152 8.73 -9.12 0.78
CA ASN B 152 8.44 -10.34 1.52
C ASN B 152 8.75 -10.25 3.01
N ARG B 153 8.13 -9.27 3.67
CA ARG B 153 8.31 -9.06 5.11
C ARG B 153 9.76 -8.75 5.49
N ARG B 154 10.42 -7.96 4.66
CA ARG B 154 11.81 -7.59 4.90
C ARG B 154 11.96 -6.07 4.90
N PRO B 155 12.70 -5.52 5.88
CA PRO B 155 12.92 -4.08 5.97
C PRO B 155 13.86 -3.59 4.87
N ILE B 156 13.59 -2.40 4.36
CA ILE B 156 14.39 -1.84 3.29
C ILE B 156 15.19 -0.61 3.74
N LEU B 157 16.19 -0.28 2.96
CA LEU B 157 17.06 0.86 3.22
C LEU B 157 17.05 1.78 2.01
N THR B 158 16.48 2.95 2.15
CA THR B 158 16.43 3.90 1.05
C THR B 158 17.68 4.78 1.02
N ILE B 159 18.45 4.63 -0.04
CA ILE B 159 19.67 5.40 -0.22
C ILE B 159 19.38 6.69 -0.96
N ILE B 160 19.50 7.80 -0.26
CA ILE B 160 19.27 9.11 -0.83
C ILE B 160 20.62 9.74 -1.15
N THR B 161 20.94 9.84 -2.43
CA THR B 161 22.21 10.39 -2.83
C THR B 161 22.02 11.68 -3.64
N LEU B 162 22.97 12.59 -3.49
CA LEU B 162 22.93 13.86 -4.17
C LEU B 162 24.13 14.00 -5.09
N GLU B 163 23.87 13.97 -6.38
CA GLU B 163 24.90 14.11 -7.39
C GLU B 163 24.68 15.39 -8.20
N ASP B 164 25.72 15.85 -8.87
CA ASP B 164 25.62 17.06 -9.67
C ASP B 164 24.91 16.78 -10.99
N SER B 165 24.82 17.78 -11.86
CA SER B 165 24.15 17.64 -13.15
C SER B 165 24.86 16.59 -14.02
N SER B 166 26.16 16.43 -13.81
CA SER B 166 26.95 15.46 -14.56
C SER B 166 26.83 14.08 -13.93
N GLY B 167 27.20 13.96 -12.65
CA GLY B 167 27.13 12.70 -11.96
C GLY B 167 28.19 12.53 -10.90
N ASN B 168 28.58 13.63 -10.26
CA ASN B 168 29.59 13.60 -9.21
C ASN B 168 28.92 13.51 -7.85
N LEU B 169 29.47 12.66 -6.99
CA LEU B 169 28.93 12.45 -5.65
C LEU B 169 29.21 13.66 -4.74
N LEU B 170 28.16 14.39 -4.42
CA LEU B 170 28.28 15.56 -3.56
C LEU B 170 27.90 15.20 -2.13
N GLY B 171 26.92 14.31 -2.01
CA GLY B 171 26.48 13.86 -0.71
C GLY B 171 25.65 12.60 -0.82
N ARG B 172 25.58 11.82 0.24
CA ARG B 172 24.81 10.58 0.23
C ARG B 172 24.45 10.14 1.63
N ASN B 173 23.19 9.80 1.82
CA ASN B 173 22.69 9.35 3.12
C ASN B 173 21.76 8.15 2.91
N SER B 174 21.44 7.43 3.98
CA SER B 174 20.56 6.28 3.89
C SER B 174 19.83 6.04 5.21
N PHE B 175 18.59 5.57 5.12
CA PHE B 175 17.80 5.29 6.30
C PHE B 175 16.94 4.04 6.10
N GLU B 176 16.52 3.44 7.21
CA GLU B 176 15.70 2.24 7.16
C GLU B 176 14.24 2.61 7.01
N VAL B 177 13.47 1.82 6.27
CA VAL B 177 12.06 2.10 6.05
C VAL B 177 11.18 0.87 6.29
N ARG B 178 10.00 1.12 6.85
CA ARG B 178 9.01 0.07 7.09
C ARG B 178 7.63 0.61 6.69
N VAL B 179 7.11 0.11 5.59
CA VAL B 179 5.83 0.56 5.10
C VAL B 179 4.73 -0.44 5.49
N CYS B 180 3.68 0.05 6.12
CA CYS B 180 2.57 -0.79 6.54
C CYS B 180 1.26 -0.04 6.41
N ALA B 181 0.33 -0.30 7.32
CA ALA B 181 -0.96 0.37 7.31
C ALA B 181 -1.17 1.19 8.57
N CYS B 182 -0.26 1.05 9.52
CA CYS B 182 -0.34 1.78 10.78
C CYS B 182 1.06 2.09 11.31
N PRO B 183 1.65 3.22 10.88
CA PRO B 183 2.99 3.63 11.31
C PRO B 183 3.11 3.76 12.82
N GLY B 184 2.06 4.26 13.45
CA GLY B 184 2.07 4.43 14.89
C GLY B 184 2.00 3.13 15.64
N ARG B 185 1.47 2.10 14.98
CA ARG B 185 1.33 0.78 15.59
C ARG B 185 2.63 -0.01 15.42
N ASP B 186 3.05 -0.14 14.17
CA ASP B 186 4.25 -0.90 13.83
C ASP B 186 5.51 -0.32 14.46
N ARG B 187 5.49 0.99 14.74
CA ARG B 187 6.65 1.62 15.37
C ARG B 187 6.84 1.08 16.78
N ARG B 188 5.73 0.67 17.39
CA ARG B 188 5.76 0.13 18.74
C ARG B 188 6.23 -1.32 18.72
N THR B 189 6.10 -1.95 17.57
CA THR B 189 6.51 -3.34 17.40
C THR B 189 8.04 -3.44 17.24
N GLU B 190 8.66 -2.34 16.84
CA GLU B 190 10.10 -2.31 16.66
C GLU B 190 10.80 -1.39 17.66
N GLU B 191 10.59 -0.10 17.51
CA GLU B 191 11.22 0.91 18.37
C GLU B 191 10.85 0.73 19.85
N GLU B 192 9.56 0.75 20.13
CA GLU B 192 9.07 0.61 21.51
C GLU B 192 9.32 -0.78 22.08
N ASN B 193 9.72 -1.71 21.22
CA ASN B 193 9.99 -3.08 21.64
C ASN B 193 11.49 -3.34 21.70
N LEU B 194 12.28 -2.28 21.61
CA LEU B 194 13.73 -2.40 21.67
C LEU B 194 14.29 -1.59 22.84
N ARG B 195 13.40 -1.24 23.76
CA ARG B 195 13.76 -0.46 24.93
C ARG B 195 12.78 -0.76 26.05
ZN ZN C . 2.67 -4.97 -3.11
N MET A 4 -31.90 -24.49 7.96
CA MET A 4 -30.87 -23.47 7.69
C MET A 4 -29.84 -24.00 6.70
N SER A 5 -29.99 -23.62 5.44
CA SER A 5 -29.08 -24.05 4.39
C SER A 5 -27.85 -23.15 4.35
N GLN A 6 -27.97 -21.96 4.92
CA GLN A 6 -26.88 -20.99 4.97
C GLN A 6 -26.46 -20.57 3.56
N SER A 7 -27.43 -20.43 2.67
CA SER A 7 -27.17 -20.04 1.30
C SER A 7 -26.44 -18.70 1.23
N ASN A 8 -26.72 -17.84 2.20
CA ASN A 8 -26.08 -16.52 2.25
C ASN A 8 -24.64 -16.66 2.73
N ARG A 9 -24.46 -17.33 3.85
CA ARG A 9 -23.13 -17.54 4.43
C ARG A 9 -22.24 -18.33 3.47
N GLU A 10 -22.84 -19.28 2.76
CA GLU A 10 -22.12 -20.11 1.81
C GLU A 10 -21.62 -19.29 0.63
N LEU A 11 -22.49 -18.45 0.07
CA LEU A 11 -22.12 -17.63 -1.08
C LEU A 11 -21.09 -16.58 -0.69
N VAL A 12 -21.21 -16.04 0.52
CA VAL A 12 -20.28 -15.01 0.98
C VAL A 12 -18.85 -15.56 1.04
N VAL A 13 -18.68 -16.73 1.68
CA VAL A 13 -17.36 -17.35 1.78
C VAL A 13 -16.90 -17.87 0.43
N ASP A 14 -17.86 -18.26 -0.41
CA ASP A 14 -17.57 -18.78 -1.75
C ASP A 14 -16.96 -17.68 -2.62
N PHE A 15 -17.68 -16.56 -2.70
CA PHE A 15 -17.23 -15.42 -3.50
C PHE A 15 -15.89 -14.90 -2.99
N LEU A 16 -15.72 -14.91 -1.67
CA LEU A 16 -14.48 -14.45 -1.05
C LEU A 16 -13.32 -15.35 -1.47
N SER A 17 -13.51 -16.66 -1.33
CA SER A 17 -12.48 -17.63 -1.69
C SER A 17 -12.15 -17.53 -3.19
N TYR A 18 -13.16 -17.21 -3.99
CA TYR A 18 -13.00 -17.07 -5.43
C TYR A 18 -12.06 -15.92 -5.75
N LYS A 19 -12.18 -14.83 -5.00
CA LYS A 19 -11.32 -13.67 -5.21
C LYS A 19 -9.93 -13.90 -4.63
N LEU A 20 -9.87 -14.67 -3.55
CA LEU A 20 -8.60 -14.99 -2.90
C LEU A 20 -7.72 -15.86 -3.77
N SER A 21 -8.27 -16.31 -4.90
CA SER A 21 -7.54 -17.16 -5.83
C SER A 21 -7.00 -16.35 -7.01
N GLN A 22 -7.03 -15.02 -6.88
CA GLN A 22 -6.54 -14.13 -7.94
C GLN A 22 -5.03 -14.23 -8.10
N LYS A 23 -4.30 -13.55 -7.22
CA LYS A 23 -2.85 -13.56 -7.24
C LYS A 23 -2.32 -13.07 -5.90
N GLY A 24 -1.23 -13.66 -5.45
CA GLY A 24 -0.65 -13.27 -4.17
C GLY A 24 -1.26 -14.08 -3.04
N TYR A 25 -1.68 -15.30 -3.37
CA TYR A 25 -2.29 -16.18 -2.40
C TYR A 25 -1.25 -17.05 -1.68
N SER A 26 -0.84 -16.61 -0.50
CA SER A 26 0.14 -17.35 0.27
C SER A 26 -0.52 -18.45 1.09
N TRP A 27 -0.99 -18.11 2.28
CA TRP A 27 -1.62 -19.07 3.16
C TRP A 27 -3.05 -19.41 2.74
N SER A 28 -3.62 -18.58 1.87
CA SER A 28 -4.99 -18.79 1.39
C SER A 28 -5.06 -20.01 0.48
N GLN A 29 -3.92 -20.40 -0.07
CA GLN A 29 -3.85 -21.55 -0.96
C GLN A 29 -3.57 -22.82 -0.16
N PHE A 30 -3.30 -22.64 1.14
CA PHE A 30 -3.02 -23.76 2.02
C PHE A 30 -4.14 -23.95 3.04
N SER A 31 -4.80 -22.86 3.39
CA SER A 31 -5.87 -22.89 4.36
C SER A 31 -6.92 -21.83 4.03
N MET A 86 -32.22 -23.88 -8.76
CA MET A 86 -31.29 -22.95 -8.13
C MET A 86 -31.40 -21.57 -8.77
N ALA A 87 -31.18 -20.54 -7.97
CA ALA A 87 -31.25 -19.18 -8.45
C ALA A 87 -29.97 -18.77 -9.19
N ALA A 88 -28.96 -19.64 -9.13
CA ALA A 88 -27.67 -19.40 -9.79
C ALA A 88 -27.00 -18.15 -9.22
N VAL A 89 -27.13 -17.97 -7.90
CA VAL A 89 -26.56 -16.82 -7.21
C VAL A 89 -25.03 -16.79 -7.35
N LYS A 90 -24.41 -17.97 -7.34
CA LYS A 90 -22.97 -18.06 -7.48
C LYS A 90 -22.54 -17.53 -8.85
N GLN A 91 -23.30 -17.89 -9.88
CA GLN A 91 -23.01 -17.46 -11.24
C GLN A 91 -23.20 -15.95 -11.36
N ALA A 92 -24.32 -15.47 -10.82
CA ALA A 92 -24.64 -14.04 -10.87
C ALA A 92 -23.56 -13.20 -10.18
N LEU A 93 -23.15 -13.65 -9.00
CA LEU A 93 -22.12 -12.96 -8.23
C LEU A 93 -20.77 -13.01 -8.93
N ARG A 94 -20.49 -14.12 -9.59
CA ARG A 94 -19.22 -14.31 -10.29
C ARG A 94 -19.11 -13.34 -11.47
N GLU A 95 -20.12 -13.35 -12.33
CA GLU A 95 -20.13 -12.51 -13.52
C GLU A 95 -20.06 -11.02 -13.18
N ALA A 96 -20.85 -10.59 -12.21
CA ALA A 96 -20.87 -9.19 -11.82
C ALA A 96 -19.65 -8.79 -10.99
N GLY A 97 -19.30 -9.66 -10.04
CA GLY A 97 -18.16 -9.39 -9.17
C GLY A 97 -16.84 -9.29 -9.90
N ASP A 98 -16.64 -10.13 -10.91
CA ASP A 98 -15.40 -10.14 -11.66
C ASP A 98 -15.20 -8.84 -12.43
N GLU A 99 -16.28 -8.34 -13.03
CA GLU A 99 -16.23 -7.11 -13.81
C GLU A 99 -15.95 -5.91 -12.92
N PHE A 100 -16.43 -5.96 -11.69
CA PHE A 100 -16.21 -4.88 -10.74
C PHE A 100 -14.82 -4.96 -10.12
N GLU A 101 -14.40 -6.19 -9.80
CA GLU A 101 -13.11 -6.43 -9.18
C GLU A 101 -11.96 -5.89 -10.03
N LEU A 102 -11.99 -6.17 -11.34
CA LEU A 102 -10.94 -5.71 -12.24
C LEU A 102 -10.77 -4.19 -12.22
N ARG A 103 -11.84 -3.49 -11.88
CA ARG A 103 -11.79 -2.03 -11.81
C ARG A 103 -11.39 -1.59 -10.39
N TYR A 104 -11.71 -2.41 -9.40
CA TYR A 104 -11.40 -2.11 -8.02
C TYR A 104 -9.92 -2.34 -7.69
N ARG A 105 -9.30 -3.30 -8.37
CA ARG A 105 -7.89 -3.58 -8.14
C ARG A 105 -7.00 -2.69 -8.99
N ARG A 106 -7.41 -1.45 -9.19
CA ARG A 106 -6.65 -0.50 -9.99
C ARG A 106 -5.76 0.36 -9.12
N ALA A 107 -5.86 0.16 -7.79
CA ALA A 107 -5.08 0.89 -6.80
C ALA A 107 -5.54 2.34 -6.61
N PHE A 108 -6.30 2.86 -7.57
CA PHE A 108 -6.81 4.22 -7.50
C PHE A 108 -8.32 4.21 -7.66
N SER A 109 -8.94 3.12 -7.25
CA SER A 109 -10.38 2.96 -7.34
C SER A 109 -11.08 3.48 -6.10
N ASP A 110 -12.37 3.20 -5.97
CA ASP A 110 -13.17 3.65 -4.83
C ASP A 110 -12.78 2.92 -3.55
N LEU A 111 -12.22 1.73 -3.70
CA LEU A 111 -11.78 0.92 -2.56
C LEU A 111 -10.75 1.70 -1.73
N THR A 112 -9.80 2.31 -2.44
CA THR A 112 -8.75 3.09 -1.80
C THR A 112 -9.33 4.31 -1.08
N SER A 113 -10.39 4.87 -1.64
CA SER A 113 -11.05 6.03 -1.05
C SER A 113 -11.85 5.63 0.18
N GLN A 114 -12.53 4.49 0.09
CA GLN A 114 -13.33 3.97 1.19
C GLN A 114 -12.46 3.67 2.40
N LEU A 115 -11.42 2.86 2.18
CA LEU A 115 -10.51 2.49 3.25
C LEU A 115 -9.63 3.66 3.68
N HIS A 116 -8.95 4.27 2.69
CA HIS A 116 -8.06 5.41 2.92
C HIS A 116 -6.87 5.01 3.80
N ILE A 117 -6.68 3.70 3.93
CA ILE A 117 -5.60 3.14 4.75
C ILE A 117 -5.77 3.57 6.20
N THR A 118 -6.81 3.03 6.84
CA THR A 118 -7.12 3.34 8.21
C THR A 118 -6.10 2.72 9.16
N PRO A 119 -5.67 3.47 10.19
CA PRO A 119 -4.71 2.98 11.19
C PRO A 119 -5.33 1.99 12.16
N GLY A 120 -5.94 0.95 11.60
CA GLY A 120 -6.59 -0.07 12.39
C GLY A 120 -7.25 -1.08 11.48
N THR A 121 -6.47 -1.59 10.53
CA THR A 121 -6.96 -2.57 9.57
C THR A 121 -7.18 -3.94 10.22
N ALA A 122 -8.21 -4.00 11.06
CA ALA A 122 -8.58 -5.21 11.77
C ALA A 122 -10.01 -5.07 12.28
N TYR A 123 -10.36 -3.85 12.67
CA TYR A 123 -11.70 -3.56 13.17
C TYR A 123 -12.30 -2.34 12.49
N GLN A 124 -11.49 -1.30 12.29
CA GLN A 124 -11.96 -0.08 11.64
C GLN A 124 -12.27 -0.34 10.18
N SER A 125 -11.46 -1.20 9.56
CA SER A 125 -11.65 -1.56 8.16
C SER A 125 -12.95 -2.32 7.97
N PHE A 126 -13.26 -3.18 8.93
CA PHE A 126 -14.48 -3.97 8.90
C PHE A 126 -15.70 -3.06 8.91
N GLU A 127 -15.71 -2.14 9.86
CA GLU A 127 -16.79 -1.19 9.99
C GLU A 127 -16.95 -0.34 8.75
N GLN A 128 -15.83 0.19 8.26
CA GLN A 128 -15.84 1.04 7.06
C GLN A 128 -16.52 0.36 5.87
N VAL A 129 -16.26 -0.94 5.71
CA VAL A 129 -16.84 -1.70 4.61
C VAL A 129 -18.32 -2.02 4.84
N VAL A 130 -18.63 -2.60 6.00
CA VAL A 130 -20.00 -2.98 6.32
C VAL A 130 -20.91 -1.77 6.45
N ASN A 131 -20.36 -0.67 6.94
CA ASN A 131 -21.11 0.57 7.12
C ASN A 131 -21.66 1.05 5.79
N GLU A 132 -20.94 0.76 4.71
CA GLU A 132 -21.34 1.15 3.36
C GLU A 132 -22.74 0.64 3.02
N LEU A 133 -23.04 -0.58 3.46
CA LEU A 133 -24.34 -1.18 3.21
C LEU A 133 -25.42 -0.48 4.02
N PHE A 134 -25.06 -0.12 5.26
CA PHE A 134 -26.00 0.54 6.16
C PHE A 134 -26.22 2.00 5.75
N ARG A 135 -25.41 2.46 4.80
CA ARG A 135 -25.52 3.83 4.30
C ARG A 135 -26.59 3.92 3.22
N ASP A 136 -27.17 2.77 2.87
CA ASP A 136 -28.21 2.72 1.84
C ASP A 136 -29.39 1.88 2.31
N GLY A 137 -29.09 0.67 2.76
CA GLY A 137 -30.11 -0.24 3.22
C GLY A 137 -30.13 -1.49 2.36
N VAL A 138 -31.31 -2.07 2.17
CA VAL A 138 -31.44 -3.27 1.35
C VAL A 138 -31.47 -2.90 -0.12
N ASN A 139 -30.32 -2.49 -0.64
CA ASN A 139 -30.20 -2.09 -2.03
C ASN A 139 -29.34 -3.08 -2.80
N TRP A 140 -29.90 -3.64 -3.87
CA TRP A 140 -29.19 -4.60 -4.69
C TRP A 140 -28.00 -3.96 -5.39
N GLY A 141 -28.14 -2.70 -5.78
CA GLY A 141 -27.05 -2.01 -6.43
C GLY A 141 -25.91 -1.71 -5.47
N ARG A 142 -26.26 -1.57 -4.20
CA ARG A 142 -25.27 -1.27 -3.17
C ARG A 142 -24.56 -2.55 -2.71
N ILE A 143 -25.31 -3.66 -2.66
CA ILE A 143 -24.74 -4.94 -2.24
C ILE A 143 -23.65 -5.40 -3.20
N VAL A 144 -23.81 -5.09 -4.48
CA VAL A 144 -22.82 -5.46 -5.49
C VAL A 144 -21.50 -4.76 -5.19
N ALA A 145 -21.60 -3.46 -4.92
CA ALA A 145 -20.43 -2.66 -4.60
C ALA A 145 -19.80 -3.15 -3.29
N PHE A 146 -20.67 -3.48 -2.34
CA PHE A 146 -20.22 -3.98 -1.04
C PHE A 146 -19.34 -5.22 -1.20
N PHE A 147 -19.81 -6.16 -2.01
CA PHE A 147 -19.06 -7.39 -2.27
C PHE A 147 -17.78 -7.08 -3.02
N SER A 148 -17.84 -6.08 -3.90
CA SER A 148 -16.68 -5.68 -4.67
C SER A 148 -15.61 -5.07 -3.77
N PHE A 149 -16.04 -4.29 -2.79
CA PHE A 149 -15.14 -3.67 -1.83
C PHE A 149 -14.33 -4.71 -1.09
N GLY A 150 -15.03 -5.66 -0.48
CA GLY A 150 -14.38 -6.71 0.27
C GLY A 150 -13.60 -7.65 -0.63
N GLY A 151 -14.14 -7.91 -1.81
CA GLY A 151 -13.49 -8.80 -2.77
C GLY A 151 -12.10 -8.34 -3.15
N ALA A 152 -11.97 -7.10 -3.59
CA ALA A 152 -10.68 -6.57 -4.00
C ALA A 152 -9.77 -6.39 -2.79
N LEU A 153 -10.36 -6.05 -1.65
CA LEU A 153 -9.61 -5.84 -0.43
C LEU A 153 -8.94 -7.11 0.07
N CYS A 154 -9.70 -8.22 0.09
CA CYS A 154 -9.18 -9.50 0.57
C CYS A 154 -7.96 -9.96 -0.23
N VAL A 155 -7.97 -9.70 -1.53
CA VAL A 155 -6.86 -10.09 -2.39
C VAL A 155 -5.58 -9.37 -1.97
N GLU A 156 -5.66 -8.05 -1.85
CA GLU A 156 -4.51 -7.26 -1.47
C GLU A 156 -4.12 -7.48 -0.02
N SER A 157 -5.04 -8.05 0.76
CA SER A 157 -4.78 -8.33 2.17
C SER A 157 -3.79 -9.48 2.32
N VAL A 158 -3.89 -10.46 1.43
CA VAL A 158 -3.00 -11.61 1.46
C VAL A 158 -1.79 -11.38 0.57
N ASP A 159 -2.01 -10.66 -0.53
CA ASP A 159 -0.94 -10.33 -1.48
C ASP A 159 0.14 -9.48 -0.81
N LYS A 160 -0.27 -8.70 0.18
CA LYS A 160 0.67 -7.85 0.92
C LYS A 160 1.09 -8.52 2.22
N GLU A 161 0.72 -9.80 2.36
CA GLU A 161 1.05 -10.60 3.55
C GLU A 161 0.66 -9.89 4.85
N MET A 162 -0.50 -9.27 4.85
CA MET A 162 -0.99 -8.57 6.04
C MET A 162 -1.72 -9.53 6.95
N GLN A 163 -2.53 -10.40 6.33
CA GLN A 163 -3.30 -11.42 7.04
C GLN A 163 -4.42 -10.83 7.90
N VAL A 164 -4.03 -10.17 8.99
CA VAL A 164 -4.96 -9.57 9.95
C VAL A 164 -6.17 -8.87 9.31
N LEU A 165 -5.95 -8.20 8.19
CA LEU A 165 -7.01 -7.50 7.49
C LEU A 165 -8.18 -8.42 7.16
N VAL A 166 -7.95 -9.36 6.26
CA VAL A 166 -8.99 -10.30 5.84
C VAL A 166 -9.34 -11.31 6.92
N SER A 167 -8.34 -11.74 7.67
CA SER A 167 -8.53 -12.72 8.74
C SER A 167 -9.47 -12.22 9.85
N ARG A 168 -9.60 -10.91 9.96
CA ARG A 168 -10.47 -10.34 10.98
C ARG A 168 -11.83 -9.94 10.41
N ILE A 169 -11.81 -9.20 9.30
CA ILE A 169 -13.05 -8.75 8.66
C ILE A 169 -13.98 -9.93 8.34
N ALA A 170 -13.42 -10.96 7.72
CA ALA A 170 -14.20 -12.13 7.34
C ALA A 170 -14.78 -12.84 8.57
N ALA A 171 -14.02 -12.83 9.66
CA ALA A 171 -14.44 -13.47 10.89
C ALA A 171 -15.66 -12.76 11.49
N TRP A 172 -15.55 -11.44 11.65
CA TRP A 172 -16.64 -10.66 12.23
C TRP A 172 -17.86 -10.70 11.31
N MET A 173 -17.60 -10.58 10.01
CA MET A 173 -18.66 -10.59 9.01
C MET A 173 -19.43 -11.91 9.03
N ALA A 174 -18.70 -13.03 9.03
CA ALA A 174 -19.34 -14.34 9.04
C ALA A 174 -20.16 -14.56 10.31
N THR A 175 -19.70 -13.98 11.40
CA THR A 175 -20.39 -14.11 12.68
C THR A 175 -21.71 -13.32 12.69
N TYR A 176 -21.65 -12.06 12.26
CA TYR A 176 -22.84 -11.22 12.23
C TYR A 176 -23.77 -11.62 11.09
N LEU A 177 -23.19 -12.25 10.07
CA LEU A 177 -23.96 -12.69 8.90
C LEU A 177 -25.10 -13.60 9.31
N ASN A 178 -24.78 -14.75 9.88
CA ASN A 178 -25.80 -15.70 10.29
C ASN A 178 -26.61 -15.18 11.48
N ASP A 179 -26.01 -14.25 12.21
CA ASP A 179 -26.63 -13.67 13.39
C ASP A 179 -27.83 -12.77 13.04
N HIS A 180 -27.74 -12.02 11.96
CA HIS A 180 -28.82 -11.12 11.58
C HIS A 180 -29.03 -11.01 10.06
N LEU A 181 -27.94 -10.87 9.33
CA LEU A 181 -28.01 -10.71 7.88
C LEU A 181 -28.70 -11.87 7.15
N GLU A 182 -28.30 -13.10 7.45
CA GLU A 182 -28.87 -14.28 6.81
C GLU A 182 -30.41 -14.31 6.86
N PRO A 183 -31.03 -14.32 8.06
CA PRO A 183 -32.48 -14.34 8.18
C PRO A 183 -33.15 -13.12 7.54
N TRP A 184 -32.51 -11.96 7.68
CA TRP A 184 -33.03 -10.72 7.12
C TRP A 184 -33.11 -10.80 5.59
N ILE A 185 -32.05 -11.31 4.98
CA ILE A 185 -32.01 -11.46 3.53
C ILE A 185 -33.06 -12.45 3.05
N GLN A 186 -33.27 -13.51 3.82
CA GLN A 186 -34.24 -14.54 3.47
C GLN A 186 -35.67 -14.10 3.75
N GLU A 187 -35.81 -12.95 4.41
CA GLU A 187 -37.13 -12.41 4.73
C GLU A 187 -37.53 -11.31 3.75
N ASN A 188 -36.76 -10.22 3.73
CA ASN A 188 -37.05 -9.09 2.86
C ASN A 188 -36.61 -9.35 1.43
N GLY A 189 -35.57 -10.15 1.26
CA GLY A 189 -35.07 -10.45 -0.06
C GLY A 189 -33.72 -9.82 -0.31
N GLY A 190 -32.80 -10.61 -0.83
CA GLY A 190 -31.47 -10.12 -1.12
C GLY A 190 -30.98 -10.62 -2.46
N TRP A 191 -30.18 -11.68 -2.44
CA TRP A 191 -29.65 -12.26 -3.67
C TRP A 191 -30.77 -12.84 -4.51
N ASP A 192 -31.82 -13.29 -3.84
CA ASP A 192 -32.98 -13.87 -4.50
C ASP A 192 -33.67 -12.84 -5.38
N THR A 193 -33.81 -11.63 -4.85
CA THR A 193 -34.45 -10.56 -5.59
C THR A 193 -33.48 -9.93 -6.58
N PHE A 194 -32.18 -10.06 -6.29
CA PHE A 194 -31.16 -9.52 -7.18
C PHE A 194 -31.17 -10.28 -8.50
N VAL A 195 -31.20 -11.60 -8.43
CA VAL A 195 -31.22 -12.44 -9.62
C VAL A 195 -32.50 -12.16 -10.42
N GLU A 196 -33.56 -11.80 -9.71
CA GLU A 196 -34.84 -11.50 -10.33
C GLU A 196 -34.73 -10.41 -11.38
N LEU A 197 -33.92 -9.40 -11.11
CA LEU A 197 -33.74 -8.29 -12.04
C LEU A 197 -32.44 -8.43 -12.83
N TYR A 198 -31.70 -9.49 -12.54
CA TYR A 198 -30.43 -9.75 -13.22
C TYR A 198 -30.57 -10.78 -14.33
N GLY A 199 -31.01 -11.98 -13.97
CA GLY A 199 -31.15 -13.04 -14.96
C GLY A 199 -32.57 -13.53 -15.11
N ASN A 200 -33.44 -13.15 -14.17
CA ASN A 200 -34.84 -13.58 -14.21
C ASN A 200 -35.69 -12.51 -14.89
N ASN A 201 -35.03 -11.55 -15.52
CA ASN A 201 -35.69 -10.47 -16.22
C ASN A 201 -34.82 -10.06 -17.39
N SER B 1 25.02 -6.27 -7.58
CA SER B 1 25.76 -5.04 -7.32
C SER B 1 25.12 -4.23 -6.20
N VAL B 2 25.81 -4.14 -5.08
CA VAL B 2 25.32 -3.40 -3.94
C VAL B 2 25.82 -1.95 -3.98
N PRO B 3 24.90 -0.98 -4.02
CA PRO B 3 25.25 0.43 -4.06
C PRO B 3 25.96 0.89 -2.78
N SER B 4 26.78 1.92 -2.90
CA SER B 4 27.52 2.45 -1.77
C SER B 4 26.56 3.09 -0.75
N GLN B 5 26.38 2.42 0.37
CA GLN B 5 25.49 2.91 1.43
C GLN B 5 26.28 3.64 2.50
N LYS B 6 27.50 4.01 2.16
CA LYS B 6 28.36 4.74 3.09
C LYS B 6 27.90 6.19 3.24
N THR B 7 27.73 6.62 4.49
CA THR B 7 27.31 7.98 4.77
C THR B 7 28.38 8.97 4.33
N TYR B 8 28.13 9.66 3.23
CA TYR B 8 29.06 10.64 2.69
C TYR B 8 28.45 12.02 2.76
N GLN B 9 28.90 12.81 3.73
CA GLN B 9 28.38 14.16 3.91
C GLN B 9 29.02 15.12 2.93
N GLY B 10 30.31 14.90 2.67
CA GLY B 10 31.03 15.75 1.76
C GLY B 10 31.18 17.17 2.29
N SER B 11 31.53 18.09 1.41
CA SER B 11 31.71 19.48 1.78
C SER B 11 30.37 20.23 1.77
N TYR B 12 29.34 19.56 1.29
CA TYR B 12 28.02 20.17 1.20
C TYR B 12 27.16 19.80 2.41
N GLY B 13 27.55 18.76 3.12
CA GLY B 13 26.82 18.33 4.30
C GLY B 13 25.43 17.86 3.97
N PHE B 14 25.33 16.78 3.21
CA PHE B 14 24.04 16.23 2.83
C PHE B 14 23.42 15.42 3.97
N ARG B 15 22.67 16.09 4.82
CA ARG B 15 22.02 15.43 5.94
C ARG B 15 20.54 15.20 5.63
N LEU B 16 19.94 14.23 6.30
CA LEU B 16 18.55 13.91 6.09
C LEU B 16 17.70 14.35 7.28
N GLY B 17 16.56 14.94 6.97
CA GLY B 17 15.65 15.39 8.00
C GLY B 17 14.25 14.89 7.73
N PHE B 18 13.52 14.58 8.79
CA PHE B 18 12.17 14.08 8.64
C PHE B 18 11.25 14.75 9.65
N LEU B 19 9.96 14.46 9.55
CA LEU B 19 8.98 15.04 10.45
C LEU B 19 8.72 14.10 11.61
N HIS B 20 9.06 14.53 12.81
CA HIS B 20 8.87 13.73 14.01
C HIS B 20 7.43 13.84 14.52
N SER B 21 6.53 13.12 13.87
CA SER B 21 5.13 13.13 14.23
C SER B 21 4.89 12.47 15.59
N GLY B 22 5.56 11.35 15.82
CA GLY B 22 5.42 10.64 17.08
C GLY B 22 4.90 9.24 16.89
N THR B 23 4.45 8.62 17.97
CA THR B 23 3.93 7.26 17.93
C THR B 23 2.41 7.26 17.85
N ALA B 24 1.86 8.32 17.26
CA ALA B 24 0.42 8.47 17.10
C ALA B 24 -0.15 7.36 16.24
N LYS B 25 -1.30 6.84 16.64
CA LYS B 25 -1.96 5.77 15.91
C LYS B 25 -2.39 6.24 14.53
N SER B 26 -3.20 7.29 14.50
CA SER B 26 -3.69 7.85 13.25
C SER B 26 -2.68 8.85 12.67
N VAL B 27 -1.70 8.33 11.95
CA VAL B 27 -0.68 9.16 11.33
C VAL B 27 -0.33 8.63 9.94
N THR B 28 -0.13 9.55 9.00
CA THR B 28 0.22 9.18 7.64
C THR B 28 1.63 8.60 7.54
N CYS B 29 2.55 9.17 8.30
CA CYS B 29 3.93 8.71 8.31
C CYS B 29 4.65 9.18 9.57
N THR B 30 5.64 8.42 10.01
CA THR B 30 6.40 8.76 11.19
C THR B 30 7.86 8.33 11.02
N TYR B 31 8.76 8.98 11.74
CA TYR B 31 10.18 8.67 11.64
C TYR B 31 10.78 8.39 13.01
N SER B 32 11.59 7.34 13.08
CA SER B 32 12.25 6.96 14.30
C SER B 32 13.68 7.51 14.33
N PRO B 33 13.95 8.49 15.20
CA PRO B 33 15.27 9.09 15.31
C PRO B 33 16.23 8.20 16.09
N ALA B 34 15.68 7.18 16.75
CA ALA B 34 16.48 6.26 17.53
C ALA B 34 17.06 5.14 16.67
N LEU B 35 16.26 4.65 15.74
CA LEU B 35 16.71 3.57 14.86
C LEU B 35 16.96 4.05 13.45
N ASN B 36 16.66 5.32 13.18
CA ASN B 36 16.83 5.90 11.84
C ASN B 36 15.97 5.13 10.84
N LYS B 37 14.75 4.85 11.25
CA LYS B 37 13.81 4.10 10.44
C LYS B 37 12.54 4.90 10.21
N MET B 38 12.10 4.96 8.96
CA MET B 38 10.90 5.69 8.61
C MET B 38 9.75 4.71 8.42
N PHE B 39 8.62 5.01 9.05
CA PHE B 39 7.44 4.17 8.96
C PHE B 39 6.41 4.87 8.09
N CYS B 40 6.10 4.28 6.96
CA CYS B 40 5.15 4.86 6.02
C CYS B 40 3.92 3.98 5.83
N GLN B 41 2.92 4.54 5.16
CA GLN B 41 1.69 3.82 4.88
C GLN B 41 1.63 3.48 3.40
N LEU B 42 0.63 2.70 3.01
CA LEU B 42 0.46 2.30 1.63
C LEU B 42 -0.10 3.44 0.78
N ALA B 43 0.66 3.84 -0.23
CA ALA B 43 0.26 4.91 -1.15
C ALA B 43 0.08 6.24 -0.45
N LYS B 44 0.94 6.53 0.51
CA LYS B 44 0.85 7.79 1.25
C LYS B 44 2.08 8.65 1.01
N THR B 45 1.85 9.96 0.93
CA THR B 45 2.91 10.93 0.70
C THR B 45 3.82 11.07 1.92
N CYS B 46 5.09 10.74 1.74
CA CYS B 46 6.06 10.85 2.82
C CYS B 46 7.04 11.99 2.55
N PRO B 47 6.93 13.07 3.33
CA PRO B 47 7.79 14.26 3.19
C PRO B 47 9.18 14.06 3.77
N VAL B 48 10.19 14.11 2.90
CA VAL B 48 11.58 13.96 3.32
C VAL B 48 12.29 15.30 3.13
N GLN B 49 13.01 15.75 4.14
CA GLN B 49 13.71 17.02 4.08
C GLN B 49 15.21 16.84 3.88
N LEU B 50 15.78 17.65 3.02
CA LEU B 50 17.21 17.61 2.76
C LEU B 50 17.90 18.69 3.58
N TRP B 51 18.49 18.30 4.69
CA TRP B 51 19.18 19.23 5.57
C TRP B 51 20.61 19.45 5.10
N VAL B 52 20.76 20.25 4.06
CA VAL B 52 22.07 20.53 3.49
C VAL B 52 22.81 21.59 4.33
N ASP B 53 23.95 21.19 4.86
CA ASP B 53 24.78 22.10 5.67
C ASP B 53 25.30 23.25 4.85
N SER B 54 25.56 22.96 3.58
CA SER B 54 26.03 23.96 2.64
C SER B 54 25.21 23.88 1.37
N THR B 55 24.71 25.02 0.91
CA THR B 55 23.89 25.08 -0.29
C THR B 55 24.66 24.66 -1.54
N PRO B 56 24.22 23.56 -2.18
CA PRO B 56 24.85 23.06 -3.39
C PRO B 56 24.23 23.71 -4.64
N PRO B 57 24.89 23.62 -5.80
CA PRO B 57 24.38 24.18 -7.05
C PRO B 57 23.00 23.62 -7.39
N PRO B 58 21.97 24.48 -7.41
CA PRO B 58 20.59 24.08 -7.71
C PRO B 58 20.47 23.44 -9.09
N GLY B 59 19.54 22.50 -9.22
CA GLY B 59 19.36 21.82 -10.49
C GLY B 59 20.14 20.52 -10.54
N THR B 60 20.70 20.14 -9.39
CA THR B 60 21.47 18.91 -9.28
C THR B 60 20.56 17.68 -9.36
N ARG B 61 21.11 16.49 -9.22
CA ARG B 61 20.30 15.28 -9.31
C ARG B 61 20.24 14.51 -8.00
N VAL B 62 19.03 14.40 -7.45
CA VAL B 62 18.81 13.66 -6.22
C VAL B 62 18.34 12.25 -6.58
N ARG B 63 19.19 11.27 -6.33
CA ARG B 63 18.87 9.89 -6.67
C ARG B 63 18.46 9.12 -5.42
N ALA B 64 17.34 8.42 -5.53
CA ALA B 64 16.84 7.62 -4.42
C ALA B 64 16.72 6.16 -4.84
N MET B 65 17.52 5.31 -4.21
CA MET B 65 17.51 3.88 -4.51
C MET B 65 17.39 3.09 -3.22
N ALA B 66 16.50 2.10 -3.19
CA ALA B 66 16.29 1.31 -1.99
C ALA B 66 16.81 -0.11 -2.14
N ILE B 67 17.39 -0.62 -1.07
CA ILE B 67 17.90 -1.98 -1.02
C ILE B 67 17.31 -2.68 0.19
N TYR B 68 17.78 -3.87 0.49
CA TYR B 68 17.26 -4.62 1.63
C TYR B 68 18.19 -4.51 2.84
N LYS B 69 17.61 -4.69 4.03
CA LYS B 69 18.37 -4.61 5.26
C LYS B 69 19.40 -5.74 5.35
N GLN B 70 18.97 -6.93 4.95
CA GLN B 70 19.83 -8.11 4.97
C GLN B 70 20.98 -7.95 3.98
N SER B 71 22.21 -8.00 4.48
CA SER B 71 23.39 -7.87 3.65
C SER B 71 23.44 -8.91 2.53
N GLN B 72 22.98 -10.11 2.85
CA GLN B 72 22.97 -11.21 1.89
C GLN B 72 21.78 -11.13 0.93
N HIS B 73 20.91 -10.15 1.14
CA HIS B 73 19.74 -9.98 0.30
C HIS B 73 19.76 -8.63 -0.40
N MET B 74 20.86 -7.91 -0.26
CA MET B 74 21.01 -6.59 -0.87
C MET B 74 21.13 -6.68 -2.39
N THR B 75 21.39 -7.88 -2.89
CA THR B 75 21.52 -8.10 -4.33
C THR B 75 20.16 -8.01 -5.01
N GLU B 76 19.10 -8.24 -4.23
CA GLU B 76 17.74 -8.19 -4.75
C GLU B 76 17.30 -6.74 -4.93
N VAL B 77 16.30 -6.54 -5.76
CA VAL B 77 15.77 -5.20 -6.02
C VAL B 77 14.39 -5.07 -5.39
N VAL B 78 14.14 -3.94 -4.76
CA VAL B 78 12.85 -3.69 -4.13
C VAL B 78 11.76 -3.54 -5.18
N ARG B 79 10.88 -4.53 -5.25
CA ARG B 79 9.79 -4.51 -6.21
C ARG B 79 8.45 -4.68 -5.53
N ARG B 80 7.38 -4.64 -6.31
CA ARG B 80 6.03 -4.76 -5.79
C ARG B 80 5.63 -6.21 -5.54
N CYS B 81 4.44 -6.40 -5.00
CA CYS B 81 3.91 -7.72 -4.72
C CYS B 81 3.33 -8.35 -5.99
N PRO B 82 3.07 -9.69 -5.97
CA PRO B 82 2.52 -10.41 -7.11
C PRO B 82 1.30 -9.72 -7.72
N HIS B 83 0.39 -9.26 -6.87
CA HIS B 83 -0.79 -8.58 -7.35
C HIS B 83 -0.71 -7.09 -7.01
N HIS B 84 0.03 -6.35 -7.81
CA HIS B 84 0.19 -4.92 -7.60
C HIS B 84 0.76 -4.24 -8.84
N GLU B 85 1.72 -4.88 -9.47
CA GLU B 85 2.34 -4.34 -10.67
C GLU B 85 1.34 -4.31 -11.83
N ARG B 86 0.59 -5.39 -11.97
CA ARG B 86 -0.40 -5.51 -13.04
C ARG B 86 -1.67 -4.72 -12.71
N CYS B 87 -1.71 -4.10 -11.54
CA CYS B 87 -2.87 -3.32 -11.12
C CYS B 87 -3.08 -2.12 -12.04
N SER B 88 -2.01 -1.72 -12.73
CA SER B 88 -2.06 -0.60 -13.67
C SER B 88 -2.40 0.71 -12.97
N ASP B 89 -1.56 1.12 -12.04
CA ASP B 89 -1.76 2.34 -11.28
C ASP B 89 -0.88 3.46 -11.83
N SER B 90 -0.54 3.35 -13.09
CA SER B 90 0.31 4.35 -13.74
C SER B 90 -0.49 5.57 -14.14
N ASP B 91 -0.08 6.73 -13.63
CA ASP B 91 -0.76 7.99 -13.93
C ASP B 91 -0.35 8.47 -15.33
N GLY B 92 0.84 8.06 -15.73
CA GLY B 92 1.38 8.44 -17.02
C GLY B 92 2.85 8.75 -16.91
N LEU B 93 3.26 9.25 -15.75
CA LEU B 93 4.65 9.58 -15.51
C LEU B 93 5.26 8.52 -14.59
N ALA B 94 4.46 8.05 -13.65
CA ALA B 94 4.90 7.04 -12.69
C ALA B 94 4.69 5.64 -13.25
N PRO B 95 5.80 4.89 -13.47
CA PRO B 95 5.76 3.52 -13.99
C PRO B 95 5.11 2.56 -13.01
N PRO B 96 4.43 1.52 -13.51
CA PRO B 96 3.75 0.52 -12.69
C PRO B 96 4.71 -0.38 -11.91
N GLN B 97 5.96 -0.45 -12.35
CA GLN B 97 6.95 -1.29 -11.68
C GLN B 97 7.63 -0.54 -10.55
N HIS B 98 7.69 0.79 -10.66
CA HIS B 98 8.34 1.61 -9.66
C HIS B 98 7.55 1.68 -8.35
N LEU B 99 8.22 1.35 -7.27
CA LEU B 99 7.62 1.34 -5.95
C LEU B 99 7.71 2.72 -5.30
N ILE B 100 8.86 3.37 -5.44
CA ILE B 100 9.07 4.69 -4.87
C ILE B 100 8.85 5.77 -5.90
N ARG B 101 7.81 6.55 -5.71
CA ARG B 101 7.47 7.63 -6.63
C ARG B 101 7.59 8.97 -5.93
N VAL B 102 7.43 10.05 -6.67
CA VAL B 102 7.53 11.39 -6.11
C VAL B 102 6.27 12.20 -6.40
N GLU B 103 5.82 12.95 -5.41
CA GLU B 103 4.63 13.78 -5.55
C GLU B 103 4.97 15.21 -5.15
N GLY B 104 4.12 16.16 -5.53
CA GLY B 104 4.36 17.55 -5.19
C GLY B 104 5.24 18.25 -6.21
N ASN B 105 6.22 17.54 -6.75
CA ASN B 105 7.13 18.10 -7.74
C ASN B 105 6.77 17.60 -9.13
N LEU B 106 6.70 18.52 -10.08
CA LEU B 106 6.39 18.16 -11.47
C LEU B 106 7.60 17.52 -12.14
N ARG B 107 8.78 17.89 -11.65
CA ARG B 107 10.02 17.37 -12.18
C ARG B 107 10.36 16.03 -11.52
N VAL B 108 9.71 14.98 -11.97
CA VAL B 108 9.95 13.66 -11.42
C VAL B 108 10.39 12.67 -12.50
N GLU B 109 11.68 12.44 -12.57
CA GLU B 109 12.23 11.52 -13.55
C GLU B 109 12.66 10.23 -12.88
N TYR B 110 12.50 9.12 -13.57
CA TYR B 110 12.86 7.82 -13.02
C TYR B 110 14.07 7.26 -13.75
N LEU B 111 14.86 6.44 -13.07
CA LEU B 111 16.05 5.86 -13.66
C LEU B 111 16.10 4.35 -13.43
N ASP B 112 15.98 3.60 -14.51
CA ASP B 112 16.02 2.15 -14.43
C ASP B 112 17.40 1.65 -14.85
N ASP B 113 18.19 1.22 -13.87
CA ASP B 113 19.53 0.72 -14.15
C ASP B 113 19.46 -0.61 -14.89
N ARG B 114 20.13 -0.69 -16.02
CA ARG B 114 20.12 -1.90 -16.84
C ARG B 114 21.31 -2.81 -16.52
N ASN B 115 22.03 -2.51 -15.46
CA ASN B 115 23.17 -3.33 -15.07
C ASN B 115 22.75 -4.42 -14.10
N THR B 116 22.00 -4.01 -13.07
CA THR B 116 21.53 -4.95 -12.06
C THR B 116 20.03 -4.78 -11.84
N PHE B 117 19.36 -4.14 -12.81
CA PHE B 117 17.91 -3.91 -12.75
C PHE B 117 17.54 -3.05 -11.55
N ARG B 118 18.38 -2.08 -11.25
CA ARG B 118 18.16 -1.20 -10.11
C ARG B 118 17.17 -0.10 -10.45
N HIS B 119 15.93 -0.28 -10.01
CA HIS B 119 14.89 0.70 -10.24
C HIS B 119 15.04 1.82 -9.22
N SER B 120 15.22 3.05 -9.69
CA SER B 120 15.39 4.18 -8.79
C SER B 120 14.78 5.44 -9.37
N VAL B 121 14.57 6.44 -8.52
CA VAL B 121 14.01 7.71 -8.95
C VAL B 121 15.08 8.79 -8.86
N VAL B 122 15.06 9.74 -9.79
CA VAL B 122 16.04 10.81 -9.80
C VAL B 122 15.37 12.16 -10.10
N VAL B 123 15.21 12.96 -9.06
CA VAL B 123 14.59 14.27 -9.20
C VAL B 123 15.62 15.37 -9.08
N PRO B 124 15.38 16.52 -9.75
CA PRO B 124 16.30 17.65 -9.70
C PRO B 124 16.26 18.33 -8.33
N TYR B 125 17.39 18.88 -7.91
CA TYR B 125 17.46 19.55 -6.63
C TYR B 125 16.78 20.91 -6.71
N GLU B 126 15.60 21.00 -6.13
CA GLU B 126 14.84 22.23 -6.11
C GLU B 126 15.50 23.23 -5.17
N PRO B 127 15.58 24.51 -5.58
CA PRO B 127 16.19 25.55 -4.76
C PRO B 127 15.36 25.83 -3.51
N PRO B 128 16.01 26.20 -2.40
CA PRO B 128 15.32 26.51 -1.13
C PRO B 128 14.18 27.50 -1.35
N GLU B 129 12.97 27.08 -1.00
CA GLU B 129 11.79 27.91 -1.16
C GLU B 129 11.77 29.06 -0.17
N VAL B 130 10.84 29.99 -0.39
CA VAL B 130 10.70 31.15 0.47
C VAL B 130 10.21 30.70 1.84
N GLY B 131 11.09 30.82 2.84
CA GLY B 131 10.74 30.42 4.18
C GLY B 131 10.98 28.94 4.42
N SER B 132 11.66 28.30 3.47
CA SER B 132 11.95 26.88 3.57
C SER B 132 13.43 26.60 3.28
N ASP B 133 14.23 26.61 4.33
CA ASP B 133 15.67 26.35 4.21
C ASP B 133 15.93 24.91 3.79
N CYS B 134 15.25 23.99 4.45
CA CYS B 134 15.41 22.57 4.16
C CYS B 134 14.49 22.13 3.02
N THR B 135 15.10 21.75 1.90
CA THR B 135 14.36 21.30 0.74
C THR B 135 13.51 20.08 1.10
N THR B 136 12.21 20.19 0.93
CA THR B 136 11.30 19.10 1.25
C THR B 136 10.81 18.40 0.00
N ILE B 137 11.10 17.10 -0.10
CA ILE B 137 10.67 16.30 -1.24
C ILE B 137 9.66 15.26 -0.76
N HIS B 138 8.57 15.12 -1.50
CA HIS B 138 7.53 14.18 -1.13
C HIS B 138 7.68 12.86 -1.88
N TYR B 139 7.99 11.80 -1.14
CA TYR B 139 8.15 10.47 -1.73
C TYR B 139 6.92 9.63 -1.43
N ASN B 140 6.46 8.89 -2.42
CA ASN B 140 5.27 8.07 -2.26
C ASN B 140 5.61 6.58 -2.40
N TYR B 141 5.41 5.84 -1.31
CA TYR B 141 5.66 4.40 -1.31
C TYR B 141 4.39 3.67 -1.73
N MET B 142 4.43 3.02 -2.88
CA MET B 142 3.26 2.33 -3.42
C MET B 142 3.15 0.87 -2.98
N CYS B 143 3.92 0.47 -1.97
CA CYS B 143 3.89 -0.90 -1.48
C CYS B 143 4.31 -0.98 -0.02
N ASN B 144 4.03 -2.12 0.61
CA ASN B 144 4.36 -2.33 2.01
C ASN B 144 5.58 -3.25 2.12
N SER B 145 6.27 -3.20 3.25
CA SER B 145 7.45 -4.01 3.46
C SER B 145 7.09 -5.49 3.64
N SER B 146 5.83 -5.75 3.96
CA SER B 146 5.37 -7.11 4.16
C SER B 146 4.95 -7.76 2.83
N CYS B 147 4.85 -6.95 1.79
CA CYS B 147 4.44 -7.44 0.47
C CYS B 147 5.33 -8.59 -0.02
N MET B 148 4.72 -9.75 -0.21
CA MET B 148 5.42 -10.94 -0.68
C MET B 148 5.95 -10.75 -2.09
N GLY B 149 6.86 -11.60 -2.51
CA GLY B 149 7.42 -11.50 -3.84
C GLY B 149 8.62 -10.58 -3.90
N GLY B 150 8.37 -9.29 -3.74
CA GLY B 150 9.43 -8.31 -3.76
C GLY B 150 10.14 -8.25 -2.42
N MET B 151 9.62 -7.43 -1.52
CA MET B 151 10.20 -7.27 -0.20
C MET B 151 10.09 -8.57 0.59
N ASN B 152 8.98 -9.26 0.42
CA ASN B 152 8.72 -10.54 1.07
C ASN B 152 8.87 -10.47 2.60
N ARG B 153 8.24 -9.46 3.20
CA ARG B 153 8.28 -9.26 4.65
C ARG B 153 9.69 -8.97 5.16
N ARG B 154 10.40 -8.11 4.44
CA ARG B 154 11.76 -7.74 4.82
C ARG B 154 11.93 -6.22 4.78
N PRO B 155 12.55 -5.65 5.82
CA PRO B 155 12.78 -4.20 5.89
C PRO B 155 13.76 -3.72 4.82
N ILE B 156 13.55 -2.52 4.31
CA ILE B 156 14.39 -1.97 3.26
C ILE B 156 15.20 -0.77 3.73
N LEU B 157 16.22 -0.44 2.93
CA LEU B 157 17.09 0.68 3.20
C LEU B 157 17.11 1.63 2.01
N THR B 158 16.51 2.79 2.17
CA THR B 158 16.47 3.77 1.09
C THR B 158 17.68 4.69 1.14
N ILE B 159 18.44 4.68 0.07
CA ILE B 159 19.63 5.50 -0.04
C ILE B 159 19.32 6.77 -0.82
N ILE B 160 19.45 7.90 -0.15
CA ILE B 160 19.21 9.20 -0.77
C ILE B 160 20.55 9.85 -1.07
N THR B 161 20.83 10.08 -2.34
CA THR B 161 22.09 10.67 -2.73
C THR B 161 21.91 11.91 -3.60
N LEU B 162 22.90 12.79 -3.55
CA LEU B 162 22.87 14.02 -4.32
C LEU B 162 24.10 14.09 -5.23
N GLU B 163 23.86 13.94 -6.52
CA GLU B 163 24.91 14.00 -7.50
C GLU B 163 24.77 15.25 -8.36
N ASP B 164 25.87 15.71 -8.92
CA ASP B 164 25.86 16.89 -9.78
C ASP B 164 25.25 16.54 -11.13
N SER B 165 25.00 17.57 -11.94
CA SER B 165 24.41 17.39 -13.26
C SER B 165 25.20 16.40 -14.13
N SER B 166 26.50 16.33 -13.92
CA SER B 166 27.35 15.43 -14.69
C SER B 166 27.37 14.02 -14.08
N GLY B 167 27.55 13.93 -12.77
CA GLY B 167 27.58 12.65 -12.11
C GLY B 167 28.56 12.58 -10.96
N ASN B 168 28.88 13.73 -10.41
CA ASN B 168 29.81 13.81 -9.28
C ASN B 168 29.06 13.68 -7.97
N LEU B 169 29.51 12.77 -7.11
CA LEU B 169 28.89 12.54 -5.82
C LEU B 169 29.18 13.68 -4.85
N LEU B 170 28.15 14.46 -4.53
CA LEU B 170 28.30 15.58 -3.62
C LEU B 170 27.98 15.17 -2.18
N GLY B 171 26.95 14.36 -2.03
CA GLY B 171 26.54 13.89 -0.72
C GLY B 171 25.64 12.67 -0.83
N ARG B 172 25.68 11.81 0.18
CA ARG B 172 24.86 10.60 0.17
C ARG B 172 24.55 10.13 1.59
N ASN B 173 23.29 9.78 1.83
CA ASN B 173 22.86 9.30 3.13
C ASN B 173 21.94 8.09 2.96
N SER B 174 21.65 7.38 4.03
CA SER B 174 20.78 6.21 3.96
C SER B 174 20.00 6.00 5.25
N PHE B 175 18.78 5.50 5.13
CA PHE B 175 17.93 5.26 6.29
C PHE B 175 17.08 4.00 6.07
N GLU B 176 16.61 3.41 7.15
CA GLU B 176 15.80 2.20 7.07
C GLU B 176 14.32 2.57 6.91
N VAL B 177 13.57 1.76 6.19
CA VAL B 177 12.15 2.04 5.95
C VAL B 177 11.27 0.83 6.24
N ARG B 178 10.10 1.10 6.80
CA ARG B 178 9.11 0.07 7.11
C ARG B 178 7.74 0.60 6.70
N VAL B 179 7.23 0.09 5.60
CA VAL B 179 5.93 0.52 5.09
C VAL B 179 4.85 -0.48 5.47
N CYS B 180 3.78 0.00 6.06
CA CYS B 180 2.67 -0.85 6.47
C CYS B 180 1.35 -0.10 6.33
N ALA B 181 0.41 -0.37 7.23
CA ALA B 181 -0.88 0.28 7.20
C ALA B 181 -1.09 1.11 8.47
N CYS B 182 -0.21 0.95 9.44
CA CYS B 182 -0.30 1.67 10.70
C CYS B 182 1.09 1.97 11.25
N PRO B 183 1.67 3.12 10.86
CA PRO B 183 3.02 3.53 11.30
C PRO B 183 3.12 3.63 12.82
N GLY B 184 2.06 4.15 13.44
CA GLY B 184 2.05 4.30 14.88
C GLY B 184 2.03 2.97 15.60
N ARG B 185 1.52 1.94 14.94
CA ARG B 185 1.44 0.61 15.52
C ARG B 185 2.74 -0.15 15.32
N ASP B 186 3.19 -0.20 14.07
CA ASP B 186 4.40 -0.92 13.71
C ASP B 186 5.65 -0.35 14.38
N ARG B 187 5.62 0.94 14.69
CA ARG B 187 6.76 1.57 15.35
C ARG B 187 6.98 0.98 16.74
N ARG B 188 5.91 0.43 17.30
CA ARG B 188 5.96 -0.17 18.63
C ARG B 188 6.52 -1.58 18.56
N THR B 189 6.56 -2.15 17.36
CA THR B 189 7.08 -3.49 17.16
C THR B 189 8.60 -3.48 17.06
N GLU B 190 9.18 -2.29 16.89
CA GLU B 190 10.63 -2.17 16.77
C GLU B 190 11.20 -1.15 17.76
N GLU B 191 10.95 0.13 17.52
CA GLU B 191 11.47 1.18 18.37
C GLU B 191 10.94 1.07 19.81
N GLU B 192 9.62 0.93 19.93
CA GLU B 192 8.98 0.84 21.23
C GLU B 192 9.11 -0.57 21.81
N ASN B 193 9.93 -1.40 21.18
CA ASN B 193 10.16 -2.76 21.63
C ASN B 193 11.62 -2.95 22.02
N LEU B 194 12.48 -2.08 21.52
CA LEU B 194 13.91 -2.15 21.81
C LEU B 194 14.26 -1.29 23.02
N ARG B 195 13.24 -0.90 23.76
CA ARG B 195 13.42 -0.08 24.95
C ARG B 195 12.32 -0.42 25.96
ZN ZN C . 2.73 -5.01 -3.07
#